data_7EI1
#
_entry.id   7EI1
#
_cell.length_a   98.763
_cell.length_b   180.473
_cell.length_c   338.847
_cell.angle_alpha   90.000
_cell.angle_beta   94.428
_cell.angle_gamma   90.000
#
_symmetry.space_group_name_H-M   'P 1 21 1'
#
loop_
_entity.id
_entity.type
_entity.pdbx_description
1 polymer 'CRISPR-associated endonuclease Cas1'
2 polymer 'CRISPR-associated endoribonuclease Cas2'
#
loop_
_entity_poly.entity_id
_entity_poly.type
_entity_poly.pdbx_seq_one_letter_code
_entity_poly.pdbx_strand_id
1 'polypeptide(L)'
;MRKKSLTIFSDGTLLRRENTLYFENVNGRKPLAIEGIYDIYIYGHVNITSQALHYIAQKGILIHFFNHYGYYDGTFYPRE
TLLSGDLIIKQAEHYLDKNKRLFLAKSFVVGGAKNMEKNLKNWGISSDFSNHLKELQGAKKVTEIMNVEGRIRQEYYARW
DESLPGEFRIGKRTRRPPKNEMNALISFLNSRLYATMISEIYNTQLAPTISYLHEPSERRFSLALDLSEIFKPIIADRIA
NRLVKKGIIKKDHFREDLNGVLLTDEGMKIVTKAYNQELEKTVKHPKLGKGVTRRRLIRLEAYKIIKHLVGVEEYSPLVA
WF
;
A,B,C,D,E,F,G,H,K,L,M,N,I,J,O,P
2 'polypeptide(L)'
;MYIVVVYDVGVERVNKVKKFLRMHLNWVQNSVFEGEVTLAEFERIKEGLKKIIDENSDSVIIYKLRSMPPRETLGIEKNP
IEEII
;
Q,R,S,T,U,V,W,X
#
# COMPACT_ATOMS: atom_id res chain seq x y z
N LYS A 3 -21.11 -17.56 62.58
CA LYS A 3 -21.75 -18.04 61.37
C LYS A 3 -20.99 -19.22 60.79
N LYS A 4 -21.55 -20.42 60.94
CA LYS A 4 -20.87 -21.64 60.55
C LYS A 4 -20.96 -21.84 59.04
N SER A 5 -20.32 -22.91 58.57
CA SER A 5 -20.33 -23.32 57.17
C SER A 5 -21.04 -24.67 57.09
N LEU A 6 -21.18 -25.19 55.87
CA LEU A 6 -21.79 -26.50 55.69
C LEU A 6 -20.96 -27.39 54.76
N THR A 7 -21.01 -28.69 55.06
CA THR A 7 -20.48 -29.75 54.20
C THR A 7 -21.61 -30.77 54.06
N ILE A 8 -22.13 -30.93 52.86
CA ILE A 8 -23.24 -31.85 52.64
C ILE A 8 -22.70 -33.05 51.88
N PHE A 9 -22.51 -34.16 52.60
CA PHE A 9 -22.02 -35.40 52.00
C PHE A 9 -23.13 -36.12 51.25
N SER A 10 -24.29 -36.26 51.89
CA SER A 10 -25.40 -37.00 51.29
C SER A 10 -25.75 -36.42 49.92
N ASP A 11 -26.13 -37.30 49.01
CA ASP A 11 -26.44 -36.91 47.63
C ASP A 11 -27.91 -36.52 47.57
N GLY A 12 -28.17 -35.22 47.52
CA GLY A 12 -29.51 -34.69 47.47
C GLY A 12 -29.63 -33.62 46.40
N THR A 13 -30.59 -32.71 46.60
CA THR A 13 -30.83 -31.61 45.68
C THR A 13 -31.07 -30.33 46.48
N LEU A 14 -30.26 -29.32 46.22
CA LEU A 14 -30.46 -28.01 46.84
C LEU A 14 -31.48 -27.22 46.02
N LEU A 15 -32.38 -26.53 46.72
CA LEU A 15 -33.40 -25.73 46.06
C LEU A 15 -33.87 -24.63 47.00
N ARG A 16 -34.77 -23.79 46.49
CA ARG A 16 -35.44 -22.76 47.28
C ARG A 16 -36.94 -22.80 46.95
N ARG A 17 -37.67 -23.70 47.61
CA ARG A 17 -39.10 -23.50 47.87
C ARG A 17 -39.06 -22.39 48.92
N GLU A 18 -40.20 -22.01 49.51
CA GLU A 18 -40.45 -20.64 50.01
C GLU A 18 -39.19 -19.88 50.41
N ASN A 19 -39.26 -18.64 50.83
CA ASN A 19 -38.00 -17.91 50.84
C ASN A 19 -37.07 -18.47 51.90
N THR A 20 -36.46 -19.62 51.57
CA THR A 20 -35.35 -20.26 52.29
C THR A 20 -34.77 -21.34 51.37
N LEU A 21 -33.55 -21.79 51.70
CA LEU A 21 -32.97 -22.95 51.02
C LEU A 21 -33.44 -24.24 51.69
N TYR A 22 -33.54 -25.30 50.90
CA TYR A 22 -33.95 -26.61 51.39
C TYR A 22 -33.17 -27.69 50.66
N PHE A 23 -32.83 -28.76 51.38
CA PHE A 23 -32.00 -29.84 50.87
C PHE A 23 -32.81 -31.14 50.90
N GLU A 24 -33.12 -31.67 49.71
CA GLU A 24 -33.77 -32.96 49.59
C GLU A 24 -32.69 -34.01 49.28
N ASN A 25 -32.44 -34.90 50.25
CA ASN A 25 -31.66 -36.10 49.97
C ASN A 25 -32.55 -37.08 49.21
N VAL A 26 -31.96 -38.16 48.69
CA VAL A 26 -32.79 -39.06 47.89
C VAL A 26 -33.93 -39.60 48.76
N ASN A 27 -33.65 -39.91 50.04
CA ASN A 27 -34.70 -40.51 50.86
C ASN A 27 -35.86 -39.53 51.03
N GLY A 28 -35.65 -38.43 51.75
CA GLY A 28 -36.62 -37.35 51.80
C GLY A 28 -36.75 -36.58 53.09
N ARG A 29 -36.62 -35.24 52.99
CA ARG A 29 -36.77 -34.29 54.09
C ARG A 29 -36.47 -32.89 53.53
N LYS A 30 -36.47 -31.85 54.40
CA LYS A 30 -36.10 -30.52 53.90
C LYS A 30 -35.57 -29.58 54.99
N PRO A 31 -34.31 -29.78 55.42
CA PRO A 31 -33.68 -28.92 56.44
C PRO A 31 -33.05 -27.62 55.94
N LEU A 32 -32.18 -27.02 56.75
CA LEU A 32 -31.33 -25.89 56.40
C LEU A 32 -31.89 -24.48 56.31
N ALA A 33 -32.06 -23.83 57.47
CA ALA A 33 -32.14 -22.38 57.50
C ALA A 33 -30.84 -21.74 56.99
N ILE A 34 -30.98 -20.76 56.09
CA ILE A 34 -29.80 -20.16 55.45
C ILE A 34 -29.07 -19.23 56.41
N GLU A 35 -29.74 -18.16 56.85
CA GLU A 35 -29.05 -17.11 57.59
C GLU A 35 -28.47 -17.69 58.88
N GLY A 36 -27.14 -17.75 58.93
CA GLY A 36 -26.46 -18.53 59.93
C GLY A 36 -25.43 -19.49 59.32
N ILE A 37 -25.51 -19.72 58.00
CA ILE A 37 -24.45 -20.43 57.29
C ILE A 37 -23.67 -19.41 56.49
N TYR A 38 -22.37 -19.66 56.35
CA TYR A 38 -21.47 -18.79 55.59
C TYR A 38 -20.93 -19.43 54.33
N ASP A 39 -20.54 -20.71 54.39
CA ASP A 39 -19.96 -21.40 53.26
C ASP A 39 -20.59 -22.77 53.12
N ILE A 40 -20.82 -23.19 51.88
CA ILE A 40 -21.31 -24.53 51.56
C ILE A 40 -20.19 -25.29 50.88
N TYR A 41 -19.89 -26.49 51.38
CA TYR A 41 -18.89 -27.36 50.81
C TYR A 41 -19.60 -28.62 50.30
N ILE A 42 -19.49 -28.87 49.00
CA ILE A 42 -20.18 -30.00 48.36
C ILE A 42 -19.17 -31.13 48.25
N TYR A 43 -19.28 -32.12 49.12
CA TYR A 43 -18.45 -33.32 49.06
C TYR A 43 -19.14 -34.48 48.35
N GLY A 44 -20.46 -34.40 48.15
CA GLY A 44 -21.20 -35.47 47.51
C GLY A 44 -21.61 -35.13 46.09
N HIS A 45 -22.53 -35.94 45.57
CA HIS A 45 -23.14 -35.70 44.25
C HIS A 45 -24.48 -35.01 44.52
N VAL A 46 -24.46 -33.68 44.47
CA VAL A 46 -25.59 -32.85 44.88
C VAL A 46 -25.98 -31.98 43.70
N ASN A 47 -27.24 -32.09 43.27
CA ASN A 47 -27.76 -31.21 42.25
C ASN A 47 -28.17 -29.88 42.85
N ILE A 48 -27.86 -28.79 42.14
CA ILE A 48 -28.21 -27.44 42.57
C ILE A 48 -29.20 -26.88 41.56
N THR A 49 -30.19 -26.14 42.06
CA THR A 49 -31.18 -25.50 41.22
C THR A 49 -30.82 -24.03 41.01
N SER A 50 -31.19 -23.52 39.83
CA SER A 50 -30.86 -22.14 39.49
C SER A 50 -31.45 -21.15 40.49
N GLN A 51 -32.57 -21.51 41.13
CA GLN A 51 -33.17 -20.62 42.13
C GLN A 51 -32.27 -20.50 43.36
N ALA A 52 -31.89 -21.64 43.95
CA ALA A 52 -30.97 -21.61 45.08
C ALA A 52 -29.57 -21.21 44.68
N LEU A 53 -29.22 -21.38 43.39
CA LEU A 53 -27.91 -20.96 42.91
C LEU A 53 -27.88 -19.45 42.67
N HIS A 54 -28.97 -18.89 42.13
CA HIS A 54 -29.11 -17.45 42.06
C HIS A 54 -29.34 -16.86 43.45
N TYR A 55 -30.08 -17.57 44.29
CA TYR A 55 -30.34 -17.08 45.64
C TYR A 55 -29.05 -17.04 46.46
N ILE A 56 -28.26 -18.12 46.41
CA ILE A 56 -26.99 -18.15 47.12
C ILE A 56 -26.11 -16.98 46.67
N ALA A 57 -26.06 -16.73 45.36
CA ALA A 57 -25.32 -15.57 44.88
C ALA A 57 -25.90 -14.28 45.42
N GLN A 58 -27.23 -14.15 45.42
CA GLN A 58 -27.87 -12.95 45.94
C GLN A 58 -27.59 -12.76 47.43
N LYS A 59 -27.34 -13.85 48.16
CA LYS A 59 -27.07 -13.78 49.59
C LYS A 59 -25.60 -13.63 49.92
N GLY A 60 -24.71 -13.71 48.92
CA GLY A 60 -23.29 -13.59 49.18
C GLY A 60 -22.62 -14.85 49.70
N ILE A 61 -23.29 -15.98 49.63
CA ILE A 61 -22.71 -17.26 50.00
C ILE A 61 -22.06 -17.87 48.77
N LEU A 62 -20.92 -18.53 48.97
CA LEU A 62 -20.23 -19.25 47.90
C LEU A 62 -20.32 -20.74 48.15
N ILE A 63 -20.26 -21.51 47.06
CA ILE A 63 -20.35 -22.97 47.12
C ILE A 63 -18.99 -23.52 46.74
N HIS A 64 -18.32 -24.17 47.68
CA HIS A 64 -17.05 -24.84 47.43
C HIS A 64 -17.32 -26.29 47.04
N PHE A 65 -16.92 -26.67 45.84
CA PHE A 65 -17.00 -28.06 45.41
C PHE A 65 -15.67 -28.75 45.65
N PHE A 66 -15.73 -30.06 45.87
CA PHE A 66 -14.55 -30.87 46.14
C PHE A 66 -14.66 -32.16 45.34
N ASN A 67 -13.53 -32.86 45.25
CA ASN A 67 -13.44 -34.04 44.39
C ASN A 67 -14.06 -35.25 45.06
N HIS A 68 -14.05 -36.37 44.33
CA HIS A 68 -14.40 -37.65 44.92
C HIS A 68 -13.47 -38.00 46.08
N TYR A 69 -12.20 -37.61 45.96
CA TYR A 69 -11.16 -38.02 46.90
C TYR A 69 -10.91 -36.99 47.99
N GLY A 70 -11.65 -35.88 47.99
CA GLY A 70 -11.44 -34.81 48.95
C GLY A 70 -10.61 -33.66 48.45
N TYR A 71 -10.13 -33.71 47.21
CA TYR A 71 -9.28 -32.67 46.67
C TYR A 71 -10.12 -31.54 46.08
N TYR A 72 -9.66 -30.32 46.30
CA TYR A 72 -10.40 -29.13 45.88
C TYR A 72 -10.61 -29.17 44.37
N ASP A 73 -11.89 -29.15 43.96
CA ASP A 73 -12.26 -29.20 42.56
C ASP A 73 -12.47 -27.82 41.96
N GLY A 74 -13.04 -26.90 42.73
CA GLY A 74 -13.30 -25.57 42.24
C GLY A 74 -14.10 -24.79 43.27
N THR A 75 -14.49 -23.57 42.86
CA THR A 75 -15.28 -22.70 43.73
C THR A 75 -16.30 -21.96 42.89
N PHE A 76 -17.48 -21.73 43.47
CA PHE A 76 -18.51 -20.88 42.89
C PHE A 76 -18.42 -19.52 43.57
N TYR A 77 -17.91 -18.52 42.83
CA TYR A 77 -17.69 -17.20 43.41
C TYR A 77 -18.84 -16.28 43.05
N PRO A 78 -19.65 -15.84 44.01
CA PRO A 78 -20.71 -14.88 43.72
C PRO A 78 -20.13 -13.48 43.55
N ARG A 79 -21.01 -12.52 43.29
CA ARG A 79 -20.57 -11.16 43.03
C ARG A 79 -20.13 -10.47 44.31
N GLU A 80 -19.33 -9.44 44.15
CA GLU A 80 -18.55 -8.88 45.24
C GLU A 80 -19.42 -7.91 46.03
N THR A 81 -19.80 -8.32 47.25
CA THR A 81 -20.69 -7.51 48.07
C THR A 81 -19.99 -6.26 48.57
N LEU A 82 -18.93 -6.44 49.35
CA LEU A 82 -18.19 -5.33 49.95
C LEU A 82 -16.80 -5.29 49.34
N LEU A 83 -16.49 -4.16 48.72
CA LEU A 83 -15.40 -4.05 47.77
C LEU A 83 -14.71 -2.70 47.94
N SER A 84 -13.50 -2.62 47.41
CA SER A 84 -12.75 -1.37 47.39
C SER A 84 -11.64 -1.52 46.37
N GLY A 85 -11.47 -0.51 45.53
CA GLY A 85 -10.41 -0.52 44.54
C GLY A 85 -9.23 0.30 44.98
N ASP A 86 -9.46 1.17 45.98
CA ASP A 86 -8.36 1.92 46.58
C ASP A 86 -7.45 1.01 47.38
N LEU A 87 -7.95 -0.14 47.85
CA LEU A 87 -7.09 -1.14 48.46
C LEU A 87 -6.48 -2.04 47.39
N ILE A 88 -7.26 -2.44 46.39
CA ILE A 88 -6.74 -3.33 45.35
C ILE A 88 -5.58 -2.67 44.61
N ILE A 89 -5.70 -1.37 44.33
CA ILE A 89 -4.61 -0.67 43.67
C ILE A 89 -3.33 -0.78 44.51
N LYS A 90 -3.47 -0.70 45.83
CA LYS A 90 -2.31 -0.89 46.69
C LYS A 90 -1.82 -2.33 46.65
N GLN A 91 -2.74 -3.31 46.64
CA GLN A 91 -2.34 -4.69 46.45
C GLN A 91 -1.43 -4.83 45.23
N ALA A 92 -1.83 -4.19 44.13
CA ALA A 92 -1.07 -4.29 42.89
C ALA A 92 0.23 -3.50 42.97
N GLU A 93 0.20 -2.34 43.63
CA GLU A 93 1.44 -1.58 43.81
C GLU A 93 2.46 -2.40 44.61
N HIS A 94 1.98 -3.14 45.61
CA HIS A 94 2.88 -3.96 46.41
C HIS A 94 3.39 -5.16 45.61
N TYR A 95 2.53 -5.75 44.78
CA TYR A 95 3.01 -6.80 43.89
C TYR A 95 4.01 -6.27 42.89
N LEU A 96 3.71 -5.11 42.29
CA LEU A 96 4.58 -4.57 41.24
C LEU A 96 5.93 -4.16 41.81
N ASP A 97 5.93 -3.34 42.85
CA ASP A 97 7.17 -2.97 43.53
C ASP A 97 7.76 -4.21 44.20
N LYS A 98 8.90 -4.68 43.71
CA LYS A 98 9.42 -5.96 44.17
C LYS A 98 9.91 -5.89 45.61
N ASN A 99 10.48 -4.76 46.03
CA ASN A 99 11.01 -4.65 47.38
C ASN A 99 9.90 -4.82 48.42
N LYS A 100 8.79 -4.09 48.25
CA LYS A 100 7.69 -4.19 49.21
C LYS A 100 6.94 -5.51 49.05
N ARG A 101 6.87 -6.04 47.82
CA ARG A 101 6.37 -7.40 47.65
C ARG A 101 7.28 -8.39 48.38
N LEU A 102 8.59 -8.18 48.27
CA LEU A 102 9.55 -9.08 48.90
C LEU A 102 9.31 -9.18 50.41
N PHE A 103 9.02 -8.04 51.06
CA PHE A 103 8.74 -8.04 52.49
C PHE A 103 7.58 -8.96 52.82
N LEU A 104 6.43 -8.73 52.19
CA LEU A 104 5.24 -9.50 52.54
C LEU A 104 5.35 -10.96 52.10
N ALA A 105 5.80 -11.19 50.86
CA ALA A 105 6.00 -12.56 50.39
C ALA A 105 6.90 -13.33 51.35
N LYS A 106 8.02 -12.71 51.75
CA LYS A 106 8.90 -13.32 52.74
C LYS A 106 8.21 -13.44 54.10
N SER A 107 7.41 -12.43 54.47
CA SER A 107 6.79 -12.43 55.79
C SER A 107 5.90 -13.65 55.98
N PHE A 108 5.24 -14.11 54.92
CA PHE A 108 4.37 -15.28 55.03
C PHE A 108 5.17 -16.51 55.43
N VAL A 109 6.29 -16.77 54.75
CA VAL A 109 7.14 -17.89 55.14
C VAL A 109 7.77 -17.60 56.49
N VAL A 110 8.11 -16.34 56.76
CA VAL A 110 8.63 -15.97 58.07
C VAL A 110 7.63 -16.32 59.17
N GLY A 111 6.34 -16.17 58.87
CA GLY A 111 5.31 -16.39 59.87
C GLY A 111 4.86 -17.83 60.01
N GLY A 112 4.80 -18.57 58.90
CA GLY A 112 4.27 -19.92 58.91
C GLY A 112 5.25 -20.98 59.35
N ALA A 113 6.40 -21.07 58.67
CA ALA A 113 7.48 -21.94 59.13
C ALA A 113 7.78 -21.70 60.60
N LYS A 114 7.46 -20.52 61.11
CA LYS A 114 7.65 -20.18 62.52
C LYS A 114 6.64 -20.94 63.39
N ASN A 115 5.39 -21.04 62.94
CA ASN A 115 4.43 -21.90 63.60
C ASN A 115 4.93 -23.34 63.66
N MET A 116 5.49 -23.83 62.55
CA MET A 116 5.92 -25.22 62.47
C MET A 116 6.92 -25.54 63.56
N GLU A 117 7.95 -24.70 63.71
CA GLU A 117 8.90 -24.88 64.80
C GLU A 117 8.20 -24.87 66.15
N LYS A 118 7.32 -23.89 66.36
CA LYS A 118 6.58 -23.81 67.61
C LYS A 118 5.51 -24.89 67.71
N ASN A 119 5.09 -25.47 66.58
CA ASN A 119 4.18 -26.60 66.62
C ASN A 119 4.91 -27.85 67.12
N LEU A 120 5.95 -28.24 66.38
CA LEU A 120 6.77 -29.37 66.75
C LEU A 120 7.35 -29.19 68.15
N LYS A 121 7.61 -27.93 68.55
CA LYS A 121 8.10 -27.64 69.89
C LYS A 121 7.07 -28.00 70.96
N ASN A 122 5.80 -27.72 70.71
CA ASN A 122 4.76 -28.10 71.66
C ASN A 122 4.68 -29.59 71.88
N TRP A 123 5.27 -30.38 70.99
CA TRP A 123 5.23 -31.84 71.05
C TRP A 123 6.50 -32.46 71.61
N GLY A 124 7.46 -31.65 72.06
CA GLY A 124 8.58 -32.16 72.84
C GLY A 124 9.71 -32.77 72.03
N ILE A 125 10.09 -32.10 70.95
CA ILE A 125 11.07 -32.57 69.96
C ILE A 125 12.05 -31.43 69.67
N SER A 126 13.16 -31.78 69.02
CA SER A 126 14.15 -30.79 68.63
C SER A 126 13.61 -29.88 67.54
N SER A 127 13.94 -28.59 67.64
CA SER A 127 13.49 -27.58 66.69
C SER A 127 14.61 -26.57 66.44
N ASP A 128 15.17 -26.59 65.22
CA ASP A 128 16.13 -25.58 64.78
C ASP A 128 15.81 -25.23 63.33
N PHE A 129 14.96 -24.21 63.15
CA PHE A 129 14.70 -23.63 61.84
C PHE A 129 15.36 -22.28 61.66
N SER A 130 15.88 -21.68 62.72
CA SER A 130 16.35 -20.29 62.65
C SER A 130 17.44 -20.10 61.61
N ASN A 131 18.29 -21.10 61.42
CA ASN A 131 19.41 -20.96 60.48
C ASN A 131 18.94 -20.87 59.03
N HIS A 132 17.74 -21.37 58.72
CA HIS A 132 17.22 -21.27 57.36
C HIS A 132 16.68 -19.89 57.06
N LEU A 133 16.12 -19.19 58.06
CA LEU A 133 15.56 -17.87 57.84
C LEU A 133 16.58 -16.94 57.18
N LYS A 134 17.85 -17.04 57.59
CA LYS A 134 18.88 -16.21 56.98
C LYS A 134 18.93 -16.43 55.47
N GLU A 135 18.85 -17.68 55.04
CA GLU A 135 18.86 -18.00 53.62
C GLU A 135 17.69 -17.32 52.89
N LEU A 136 16.55 -17.16 53.56
CA LEU A 136 15.44 -16.42 52.97
C LEU A 136 15.73 -14.94 52.92
N GLN A 137 16.12 -14.36 54.05
CA GLN A 137 16.29 -12.91 54.14
C GLN A 137 17.31 -12.39 53.15
N GLY A 138 18.25 -13.22 52.74
CA GLY A 138 19.22 -12.84 51.73
C GLY A 138 18.69 -12.97 50.33
N ALA A 139 17.93 -14.04 50.08
CA ALA A 139 17.37 -14.27 48.75
C ALA A 139 16.49 -13.10 48.34
N LYS A 140 16.68 -12.64 47.10
CA LYS A 140 15.90 -11.54 46.55
C LYS A 140 14.78 -12.01 45.63
N LYS A 141 15.07 -12.99 44.76
CA LYS A 141 14.11 -13.41 43.75
C LYS A 141 13.01 -14.28 44.37
N VAL A 142 11.84 -14.24 43.74
CA VAL A 142 10.70 -15.01 44.23
C VAL A 142 10.99 -16.50 44.18
N THR A 143 11.58 -16.97 43.07
CA THR A 143 11.79 -18.40 42.89
C THR A 143 12.66 -18.99 43.99
N GLU A 144 13.59 -18.21 44.55
CA GLU A 144 14.44 -18.72 45.61
C GLU A 144 13.66 -18.81 46.93
N ILE A 145 12.83 -17.81 47.22
CA ILE A 145 11.97 -17.88 48.40
C ILE A 145 11.10 -19.13 48.34
N MET A 146 10.72 -19.54 47.13
CA MET A 146 10.01 -20.81 46.96
C MET A 146 10.94 -21.99 47.18
N ASN A 147 12.11 -21.97 46.53
CA ASN A 147 13.09 -23.04 46.69
C ASN A 147 13.32 -23.37 48.16
N VAL A 148 13.19 -22.38 49.04
CA VAL A 148 13.35 -22.63 50.46
C VAL A 148 12.14 -23.36 51.03
N GLU A 149 10.94 -22.82 50.78
CA GLU A 149 9.74 -23.42 51.35
C GLU A 149 9.51 -24.82 50.78
N GLY A 150 9.94 -25.08 49.55
CA GLY A 150 9.94 -26.44 49.04
C GLY A 150 10.89 -27.35 49.79
N ARG A 151 11.90 -26.79 50.44
CA ARG A 151 12.80 -27.54 51.31
C ARG A 151 12.27 -27.60 52.74
N ILE A 152 11.89 -26.45 53.30
CA ILE A 152 11.38 -26.41 54.67
C ILE A 152 10.17 -27.32 54.82
N ARG A 153 9.25 -27.27 53.84
CA ARG A 153 8.04 -28.08 53.94
C ARG A 153 8.36 -29.56 53.98
N GLN A 154 9.35 -30.00 53.21
CA GLN A 154 9.65 -31.42 53.12
C GLN A 154 10.51 -31.91 54.28
N GLU A 155 11.32 -31.03 54.87
CA GLU A 155 12.13 -31.43 56.02
C GLU A 155 11.33 -31.41 57.32
N TYR A 156 10.36 -30.49 57.45
CA TYR A 156 9.48 -30.51 58.61
C TYR A 156 8.83 -31.88 58.75
N TYR A 157 8.27 -32.38 57.65
CA TYR A 157 7.70 -33.73 57.65
C TYR A 157 8.72 -34.75 58.15
N ALA A 158 9.92 -34.73 57.58
CA ALA A 158 10.92 -35.73 57.92
C ALA A 158 11.15 -35.83 59.44
N ARG A 159 11.25 -34.68 60.12
CA ARG A 159 11.50 -34.68 61.55
C ARG A 159 10.22 -34.67 62.38
N TRP A 160 9.06 -34.49 61.76
CA TRP A 160 7.81 -34.74 62.47
C TRP A 160 7.58 -36.24 62.65
N ASP A 161 8.09 -37.05 61.71
CA ASP A 161 7.78 -38.47 61.73
C ASP A 161 8.27 -39.19 62.97
N GLU A 162 9.26 -38.63 63.69
CA GLU A 162 9.77 -39.34 64.86
C GLU A 162 8.89 -39.09 66.08
N SER A 163 7.57 -39.20 65.89
CA SER A 163 6.58 -39.34 66.93
C SER A 163 5.57 -40.44 66.62
N LEU A 164 5.20 -40.61 65.35
CA LEU A 164 4.02 -41.34 64.92
C LEU A 164 4.37 -42.77 64.52
N PRO A 165 3.37 -43.65 64.47
CA PRO A 165 3.64 -45.03 64.07
C PRO A 165 3.88 -45.16 62.57
N GLY A 166 4.43 -46.31 62.18
CA GLY A 166 4.83 -46.51 60.80
C GLY A 166 3.69 -46.30 59.81
N GLU A 167 2.54 -46.90 60.08
CA GLU A 167 1.42 -46.82 59.14
C GLU A 167 1.11 -45.39 58.74
N PHE A 168 1.41 -44.42 59.61
CA PHE A 168 1.10 -43.02 59.38
C PHE A 168 2.32 -42.20 58.98
N ARG A 169 3.35 -42.84 58.42
CA ARG A 169 4.60 -42.14 58.15
C ARG A 169 4.50 -41.33 56.87
N ILE A 170 5.18 -40.18 56.87
CA ILE A 170 5.26 -39.27 55.73
C ILE A 170 6.71 -39.21 55.26
N GLY A 171 7.03 -39.95 54.21
CA GLY A 171 8.37 -39.90 53.66
C GLY A 171 8.60 -38.59 52.94
N LYS A 172 7.72 -38.31 51.98
CA LYS A 172 7.71 -37.07 51.23
C LYS A 172 6.25 -36.62 51.12
N ARG A 173 6.06 -35.36 50.75
CA ARG A 173 4.74 -34.97 50.26
C ARG A 173 4.54 -35.61 48.89
N THR A 174 3.34 -36.14 48.66
CA THR A 174 3.00 -36.79 47.40
C THR A 174 1.73 -36.12 46.89
N ARG A 175 1.89 -35.20 45.95
CA ARG A 175 0.76 -34.44 45.45
C ARG A 175 -0.17 -35.36 44.67
N ARG A 176 -1.38 -34.85 44.43
CA ARG A 176 -2.47 -35.67 43.90
C ARG A 176 -2.01 -36.50 42.70
N PRO A 177 -2.08 -37.84 42.77
CA PRO A 177 -2.46 -38.67 43.93
C PRO A 177 -1.29 -39.10 44.79
N PRO A 178 -1.44 -39.08 46.12
CA PRO A 178 -0.40 -39.66 46.99
C PRO A 178 -0.50 -41.17 47.03
N LYS A 179 0.67 -41.82 47.05
CA LYS A 179 0.76 -43.27 47.03
C LYS A 179 1.03 -43.88 48.40
N ASN A 180 1.03 -43.06 49.45
CA ASN A 180 1.22 -43.54 50.82
C ASN A 180 -0.01 -43.17 51.65
N GLU A 181 0.00 -43.61 52.91
CA GLU A 181 -1.00 -43.23 53.89
C GLU A 181 -0.58 -41.93 54.57
N MET A 182 -1.56 -41.28 55.20
CA MET A 182 -1.37 -40.06 55.98
C MET A 182 -1.11 -38.84 55.09
N ASN A 183 -0.88 -39.06 53.79
CA ASN A 183 -0.78 -37.93 52.87
C ASN A 183 -2.14 -37.55 52.29
N ALA A 184 -3.10 -38.47 52.32
CA ALA A 184 -4.48 -38.11 52.05
C ALA A 184 -5.02 -37.21 53.15
N LEU A 185 -4.94 -37.66 54.40
CA LEU A 185 -5.44 -36.88 55.53
C LEU A 185 -4.90 -35.45 55.51
N ILE A 186 -3.62 -35.29 55.16
CA ILE A 186 -3.03 -33.95 55.20
C ILE A 186 -3.48 -33.11 54.02
N SER A 187 -3.41 -33.67 52.81
CA SER A 187 -3.81 -32.91 51.63
C SER A 187 -5.32 -32.67 51.59
N PHE A 188 -6.10 -33.60 52.14
CA PHE A 188 -7.54 -33.40 52.24
C PHE A 188 -7.85 -32.35 53.31
N LEU A 189 -7.31 -32.55 54.51
CA LEU A 189 -7.43 -31.54 55.56
C LEU A 189 -6.93 -30.18 55.06
N ASN A 190 -5.89 -30.18 54.23
CA ASN A 190 -5.40 -28.93 53.66
C ASN A 190 -6.44 -28.30 52.73
N SER A 191 -7.08 -29.12 51.90
CA SER A 191 -8.06 -28.61 50.94
C SER A 191 -9.11 -27.76 51.64
N ARG A 192 -9.67 -28.26 52.74
CA ARG A 192 -10.70 -27.50 53.44
C ARG A 192 -10.14 -26.21 54.02
N LEU A 193 -8.90 -26.23 54.50
CA LEU A 193 -8.27 -24.99 54.93
C LEU A 193 -8.14 -24.01 53.77
N TYR A 194 -7.79 -24.51 52.58
CA TYR A 194 -7.82 -23.67 51.38
C TYR A 194 -9.19 -23.06 51.17
N ALA A 195 -10.23 -23.89 51.23
CA ALA A 195 -11.60 -23.40 51.10
C ALA A 195 -11.90 -22.34 52.15
N THR A 196 -11.81 -22.71 53.42
CA THR A 196 -12.04 -21.74 54.50
C THR A 196 -11.24 -20.47 54.27
N MET A 197 -10.07 -20.58 53.64
CA MET A 197 -9.28 -19.39 53.35
C MET A 197 -9.94 -18.55 52.26
N ILE A 198 -10.41 -19.20 51.19
CA ILE A 198 -11.07 -18.47 50.11
C ILE A 198 -12.34 -17.80 50.63
N SER A 199 -12.95 -18.36 51.67
CA SER A 199 -14.15 -17.76 52.25
C SER A 199 -13.79 -16.54 53.09
N GLU A 200 -12.96 -16.74 54.12
CA GLU A 200 -12.61 -15.65 55.03
C GLU A 200 -11.87 -14.52 54.33
N ILE A 201 -11.33 -14.77 53.14
CA ILE A 201 -10.76 -13.69 52.34
C ILE A 201 -11.86 -12.86 51.71
N TYR A 202 -12.86 -13.53 51.12
CA TYR A 202 -14.02 -12.84 50.56
C TYR A 202 -14.57 -11.81 51.55
N ASN A 203 -14.70 -12.20 52.82
CA ASN A 203 -15.31 -11.32 53.81
C ASN A 203 -14.57 -10.00 53.98
N THR A 204 -13.38 -9.85 53.40
CA THR A 204 -12.64 -8.60 53.45
C THR A 204 -12.76 -7.87 52.11
N GLN A 205 -12.05 -6.75 52.00
CA GLN A 205 -12.00 -5.98 50.77
C GLN A 205 -10.82 -6.38 49.89
N LEU A 206 -10.01 -7.34 50.33
CA LEU A 206 -8.86 -7.77 49.55
C LEU A 206 -9.30 -8.53 48.31
N ALA A 207 -8.67 -8.21 47.18
CA ALA A 207 -8.87 -8.98 45.96
C ALA A 207 -8.07 -10.28 46.07
N PRO A 208 -8.71 -11.45 45.98
CA PRO A 208 -7.98 -12.70 46.22
C PRO A 208 -6.99 -13.05 45.12
N THR A 209 -7.00 -12.34 44.00
CA THR A 209 -6.22 -12.70 42.83
C THR A 209 -4.97 -11.87 42.66
N ILE A 210 -4.57 -11.09 43.67
CA ILE A 210 -3.29 -10.39 43.68
C ILE A 210 -2.50 -10.91 44.87
N SER A 211 -1.38 -11.58 44.60
CA SER A 211 -0.62 -12.26 45.62
C SER A 211 0.86 -11.94 45.48
N TYR A 212 1.63 -12.40 46.46
CA TYR A 212 3.04 -12.05 46.59
C TYR A 212 3.95 -13.27 46.51
N LEU A 213 3.71 -14.29 47.32
CA LEU A 213 4.48 -15.52 47.28
C LEU A 213 3.88 -16.56 46.33
N HIS A 214 2.90 -16.17 45.52
CA HIS A 214 2.32 -17.05 44.52
C HIS A 214 1.90 -16.19 43.33
N GLU A 215 2.18 -16.68 42.13
CA GLU A 215 1.78 -15.96 40.92
C GLU A 215 0.29 -16.16 40.69
N PRO A 216 -0.52 -15.10 40.70
CA PRO A 216 -1.96 -15.28 40.48
C PRO A 216 -2.29 -15.47 39.00
N SER A 217 -3.36 -16.24 38.79
CA SER A 217 -3.96 -16.42 37.47
C SER A 217 -5.44 -16.10 37.59
N GLU A 218 -6.12 -16.02 36.43
CA GLU A 218 -7.53 -15.67 36.42
C GLU A 218 -8.32 -16.50 37.43
N ARG A 219 -8.35 -17.81 37.23
CA ARG A 219 -9.17 -18.70 38.03
C ARG A 219 -8.52 -19.10 39.35
N ARG A 220 -7.28 -18.69 39.59
CA ARG A 220 -6.54 -19.10 40.77
C ARG A 220 -6.73 -18.12 41.92
N PHE A 221 -6.91 -18.65 43.12
CA PHE A 221 -6.83 -17.88 44.35
C PHE A 221 -5.42 -18.08 44.92
N SER A 222 -4.56 -17.08 44.71
CA SER A 222 -3.19 -17.13 45.22
C SER A 222 -3.03 -16.41 46.55
N LEU A 223 -4.00 -15.59 46.94
CA LEU A 223 -3.96 -14.96 48.26
C LEU A 223 -4.29 -15.97 49.35
N ALA A 224 -5.26 -16.84 49.09
CA ALA A 224 -5.53 -17.96 49.99
C ALA A 224 -4.29 -18.85 50.11
N LEU A 225 -3.68 -19.18 48.97
CA LEU A 225 -2.48 -20.00 48.98
C LEU A 225 -1.37 -19.32 49.79
N ASP A 226 -1.15 -18.04 49.54
CA ASP A 226 -0.15 -17.28 50.30
C ASP A 226 -0.46 -17.36 51.79
N LEU A 227 -1.68 -17.01 52.18
CA LEU A 227 -2.05 -17.05 53.60
C LEU A 227 -2.06 -18.47 54.15
N SER A 228 -2.38 -19.45 53.31
CA SER A 228 -2.41 -20.84 53.77
C SER A 228 -1.08 -21.24 54.38
N GLU A 229 0.03 -20.75 53.82
CA GLU A 229 1.35 -21.08 54.35
C GLU A 229 1.43 -20.83 55.85
N ILE A 230 0.63 -19.91 56.37
CA ILE A 230 0.65 -19.60 57.79
C ILE A 230 -0.24 -20.55 58.59
N PHE A 231 -1.39 -20.93 58.03
CA PHE A 231 -2.42 -21.59 58.82
C PHE A 231 -2.41 -23.11 58.72
N LYS A 232 -1.73 -23.68 57.72
CA LYS A 232 -1.56 -25.13 57.70
C LYS A 232 -1.01 -25.68 59.01
N PRO A 233 0.10 -25.16 59.55
CA PRO A 233 0.62 -25.70 60.81
C PRO A 233 -0.26 -25.38 62.00
N ILE A 234 -1.12 -24.36 61.90
CA ILE A 234 -2.02 -24.03 63.00
C ILE A 234 -3.21 -24.98 63.03
N ILE A 235 -3.75 -25.30 61.87
CA ILE A 235 -4.97 -26.10 61.75
C ILE A 235 -4.69 -27.47 61.16
N ALA A 236 -4.15 -27.52 59.94
CA ALA A 236 -3.94 -28.79 59.25
C ALA A 236 -3.08 -29.73 60.09
N ASP A 237 -1.84 -29.32 60.35
CA ASP A 237 -0.91 -30.17 61.10
C ASP A 237 -1.49 -30.56 62.46
N ARG A 238 -2.02 -29.58 63.20
CA ARG A 238 -2.46 -29.85 64.56
C ARG A 238 -3.64 -30.83 64.58
N ILE A 239 -4.58 -30.69 63.66
CA ILE A 239 -5.66 -31.66 63.54
C ILE A 239 -5.10 -33.00 63.07
N ALA A 240 -4.41 -33.01 61.93
CA ALA A 240 -3.78 -34.23 61.44
C ALA A 240 -2.94 -34.91 62.50
N ASN A 241 -2.46 -34.16 63.49
CA ASN A 241 -1.74 -34.75 64.62
C ASN A 241 -2.71 -35.30 65.65
N ARG A 242 -3.54 -34.43 66.22
CA ARG A 242 -4.44 -34.81 67.30
C ARG A 242 -5.48 -35.84 66.88
N LEU A 243 -5.65 -36.08 65.58
CA LEU A 243 -6.50 -37.17 65.11
C LEU A 243 -5.74 -38.48 65.02
N VAL A 244 -4.47 -38.44 64.58
CA VAL A 244 -3.70 -39.65 64.42
C VAL A 244 -3.24 -40.20 65.76
N LYS A 245 -3.02 -39.34 66.75
CA LYS A 245 -2.44 -39.78 68.02
C LYS A 245 -3.46 -40.51 68.88
N LYS A 246 -4.53 -39.81 69.31
CA LYS A 246 -5.49 -40.44 70.20
C LYS A 246 -6.20 -41.62 69.55
N GLY A 247 -6.04 -41.83 68.26
CA GLY A 247 -6.47 -43.05 67.62
C GLY A 247 -7.87 -43.05 67.06
N ILE A 248 -8.39 -41.88 66.67
CA ILE A 248 -9.75 -41.81 66.16
C ILE A 248 -9.86 -42.24 64.70
N ILE A 249 -8.73 -42.37 64.00
CA ILE A 249 -8.73 -42.81 62.60
C ILE A 249 -7.70 -43.93 62.45
N LYS A 250 -8.10 -45.00 61.76
CA LYS A 250 -7.23 -46.15 61.53
C LYS A 250 -7.25 -46.55 60.06
N LYS A 251 -6.66 -47.71 59.74
CA LYS A 251 -6.68 -48.19 58.37
C LYS A 251 -8.09 -48.58 57.92
N ASP A 252 -8.98 -48.89 58.86
CA ASP A 252 -10.37 -49.14 58.49
C ASP A 252 -10.98 -47.92 57.79
N HIS A 253 -10.47 -46.73 58.08
CA HIS A 253 -10.97 -45.51 57.48
C HIS A 253 -10.29 -45.19 56.16
N PHE A 254 -9.06 -45.65 55.96
CA PHE A 254 -8.35 -45.44 54.71
C PHE A 254 -8.65 -46.59 53.76
N ARG A 255 -8.98 -46.26 52.51
CA ARG A 255 -9.11 -47.24 51.44
C ARG A 255 -8.20 -46.85 50.29
N GLU A 256 -7.88 -47.82 49.44
CA GLU A 256 -6.89 -47.64 48.39
C GLU A 256 -7.51 -47.81 47.01
N ASP A 257 -6.98 -47.04 46.06
CA ASP A 257 -7.19 -47.20 44.62
C ASP A 257 -5.82 -47.48 44.00
N LEU A 258 -5.74 -47.44 42.66
CA LEU A 258 -4.44 -47.62 42.03
C LEU A 258 -3.38 -46.79 42.73
N ASN A 259 -3.75 -45.57 43.14
CA ASN A 259 -2.84 -44.64 43.79
C ASN A 259 -2.91 -44.68 45.31
N GLY A 260 -3.84 -45.45 45.87
CA GLY A 260 -3.91 -45.57 47.31
C GLY A 260 -4.37 -44.36 48.06
N VAL A 261 -4.84 -43.31 47.37
CA VAL A 261 -5.40 -42.13 48.03
C VAL A 261 -6.90 -42.35 48.10
N LEU A 262 -7.48 -42.40 49.29
CA LEU A 262 -8.88 -42.06 49.50
C LEU A 262 -9.20 -42.27 50.97
N LEU A 263 -10.25 -41.59 51.43
CA LEU A 263 -10.80 -41.81 52.75
C LEU A 263 -12.22 -42.33 52.60
N THR A 264 -12.62 -43.21 53.50
CA THR A 264 -14.02 -43.61 53.57
C THR A 264 -14.84 -42.45 54.11
N ASP A 265 -16.14 -42.45 53.75
CA ASP A 265 -17.02 -41.40 54.22
C ASP A 265 -16.92 -41.19 55.72
N GLU A 266 -16.60 -42.24 56.48
CA GLU A 266 -16.39 -42.08 57.91
C GLU A 266 -15.09 -41.34 58.20
N GLY A 267 -14.04 -41.63 57.44
CA GLY A 267 -12.81 -40.86 57.59
C GLY A 267 -13.01 -39.41 57.21
N MET A 268 -13.64 -39.17 56.06
CA MET A 268 -13.94 -37.80 55.66
C MET A 268 -14.81 -37.10 56.69
N LYS A 269 -15.84 -37.79 57.20
CA LYS A 269 -16.76 -37.15 58.14
C LYS A 269 -16.10 -36.90 59.49
N ILE A 270 -15.31 -37.85 59.99
CA ILE A 270 -14.66 -37.65 61.27
C ILE A 270 -13.60 -36.54 61.16
N VAL A 271 -12.78 -36.58 60.11
CA VAL A 271 -11.84 -35.50 59.89
C VAL A 271 -12.58 -34.17 59.73
N THR A 272 -13.67 -34.18 58.97
CA THR A 272 -14.49 -32.98 58.82
C THR A 272 -15.01 -32.52 60.18
N LYS A 273 -15.52 -33.45 60.99
CA LYS A 273 -16.00 -33.10 62.31
C LYS A 273 -14.89 -32.51 63.16
N ALA A 274 -13.83 -33.29 63.40
CA ALA A 274 -12.71 -32.78 64.18
C ALA A 274 -12.23 -31.43 63.66
N TYR A 275 -12.22 -31.27 62.33
CA TYR A 275 -11.86 -29.99 61.74
C TYR A 275 -12.82 -28.89 62.16
N ASN A 276 -14.12 -29.10 61.92
CA ASN A 276 -15.11 -28.12 62.35
C ASN A 276 -15.06 -27.90 63.86
N GLN A 277 -14.73 -28.94 64.61
CA GLN A 277 -14.68 -28.80 66.07
C GLN A 277 -13.51 -27.93 66.51
N GLU A 278 -12.33 -28.19 65.97
CA GLU A 278 -11.13 -27.47 66.37
C GLU A 278 -10.93 -26.16 65.60
N LEU A 279 -11.60 -25.98 64.47
CA LEU A 279 -11.50 -24.70 63.77
C LEU A 279 -12.10 -23.55 64.57
N GLU A 280 -12.85 -23.85 65.64
CA GLU A 280 -13.36 -22.82 66.54
C GLU A 280 -13.43 -23.43 67.94
N LYS A 281 -12.43 -23.17 68.78
CA LYS A 281 -12.53 -23.47 70.20
C LYS A 281 -12.50 -22.21 71.04
N THR A 282 -11.37 -21.50 71.09
CA THR A 282 -11.26 -20.18 71.70
C THR A 282 -9.80 -19.74 71.67
N VAL A 283 -9.54 -18.45 71.83
CA VAL A 283 -8.16 -17.97 71.97
C VAL A 283 -8.15 -16.70 72.82
N VAL A 292 -12.40 -14.09 70.50
CA VAL A 292 -12.74 -15.33 71.19
C VAL A 292 -13.17 -16.40 70.19
N THR A 293 -12.35 -16.59 69.15
CA THR A 293 -12.63 -17.54 68.09
C THR A 293 -11.32 -17.86 67.38
N ARG A 294 -11.22 -19.10 66.89
CA ARG A 294 -10.11 -19.49 66.02
C ARG A 294 -10.44 -19.23 64.55
N ARG A 295 -11.72 -19.20 64.20
CA ARG A 295 -12.11 -18.92 62.82
C ARG A 295 -11.81 -17.46 62.47
N ARG A 296 -12.18 -16.53 63.34
CA ARG A 296 -11.94 -15.12 63.08
C ARG A 296 -10.46 -14.85 62.81
N LEU A 297 -9.57 -15.56 63.51
CA LEU A 297 -8.14 -15.40 63.29
C LEU A 297 -7.82 -15.48 61.79
N ILE A 298 -8.52 -16.33 61.06
CA ILE A 298 -8.37 -16.36 59.61
C ILE A 298 -8.64 -14.98 59.03
N ARG A 299 -9.67 -14.30 59.55
CA ARG A 299 -10.05 -12.99 59.05
C ARG A 299 -9.10 -11.91 59.57
N LEU A 300 -8.78 -11.94 60.87
CA LEU A 300 -7.90 -10.93 61.43
C LEU A 300 -6.53 -10.97 60.75
N GLU A 301 -5.97 -12.17 60.58
CA GLU A 301 -4.71 -12.29 59.85
C GLU A 301 -4.84 -11.67 58.46
N ALA A 302 -6.02 -11.72 57.86
CA ALA A 302 -6.24 -11.04 56.59
C ALA A 302 -6.33 -9.53 56.79
N TYR A 303 -6.95 -9.09 57.90
CA TYR A 303 -7.00 -7.67 58.20
C TYR A 303 -5.59 -7.09 58.36
N LYS A 304 -4.69 -7.86 58.98
CA LYS A 304 -3.31 -7.41 59.14
C LYS A 304 -2.71 -6.98 57.81
N ILE A 305 -3.04 -7.69 56.72
CA ILE A 305 -2.60 -7.23 55.41
C ILE A 305 -3.17 -5.85 55.12
N ILE A 306 -4.47 -5.66 55.38
CA ILE A 306 -5.07 -4.34 55.24
C ILE A 306 -4.30 -3.33 56.10
N LYS A 307 -3.86 -3.76 57.28
CA LYS A 307 -3.14 -2.84 58.16
C LYS A 307 -1.78 -2.45 57.58
N HIS A 308 -1.13 -3.35 56.85
CA HIS A 308 0.14 -3.04 56.20
C HIS A 308 -0.05 -2.38 54.85
N LEU A 309 -1.13 -2.73 54.14
CA LEU A 309 -1.29 -2.29 52.77
C LEU A 309 -1.62 -0.81 52.67
N VAL A 310 -2.26 -0.23 53.70
CA VAL A 310 -2.41 1.22 53.69
C VAL A 310 -1.10 1.87 54.12
N GLY A 311 -0.44 1.27 55.11
CA GLY A 311 0.58 1.94 55.87
C GLY A 311 0.13 2.37 57.25
N VAL A 312 -0.80 1.66 57.87
CA VAL A 312 -1.12 1.90 59.27
C VAL A 312 -0.07 1.23 60.17
N GLU A 313 0.03 -0.09 60.08
CA GLU A 313 0.99 -0.87 60.84
C GLU A 313 1.59 -1.94 59.94
N GLU A 314 2.88 -2.19 60.11
CA GLU A 314 3.55 -3.22 59.33
C GLU A 314 2.91 -4.59 59.59
N TYR A 315 2.97 -5.45 58.59
CA TYR A 315 2.38 -6.78 58.72
C TYR A 315 3.21 -7.61 59.69
N SER A 316 2.55 -8.13 60.73
CA SER A 316 3.15 -9.08 61.66
C SER A 316 2.37 -10.38 61.60
N PRO A 317 2.98 -11.51 61.23
CA PRO A 317 2.20 -12.76 61.13
C PRO A 317 1.84 -13.32 62.50
N LEU A 318 1.11 -14.43 62.49
CA LEU A 318 0.56 -15.05 63.69
C LEU A 318 1.42 -16.23 64.11
N VAL A 319 1.68 -16.35 65.41
CA VAL A 319 2.47 -17.48 65.90
C VAL A 319 1.60 -18.47 66.66
N ALA A 320 1.16 -18.10 67.86
CA ALA A 320 0.28 -18.96 68.64
C ALA A 320 -0.14 -18.26 69.93
N TRP A 321 -1.41 -18.41 70.31
CA TRP A 321 -1.86 -17.92 71.61
C TRP A 321 -1.58 -18.97 72.68
N LYS B 4 -15.17 -20.87 19.92
CA LYS B 4 -15.28 -19.67 20.75
C LYS B 4 -15.92 -20.03 22.10
N SER B 5 -16.98 -19.33 22.47
CA SER B 5 -17.71 -19.60 23.71
C SER B 5 -19.18 -19.79 23.37
N LEU B 6 -19.92 -20.39 24.31
CA LEU B 6 -21.33 -20.68 24.11
C LEU B 6 -22.17 -19.92 25.12
N THR B 7 -23.42 -19.64 24.73
CA THR B 7 -24.38 -18.96 25.58
C THR B 7 -25.68 -19.75 25.57
N ILE B 8 -26.18 -20.09 26.76
CA ILE B 8 -27.39 -20.89 26.92
C ILE B 8 -28.49 -19.97 27.40
N PHE B 9 -29.47 -19.70 26.52
CA PHE B 9 -30.64 -18.92 26.88
C PHE B 9 -31.75 -19.78 27.47
N SER B 10 -32.01 -20.94 26.87
CA SER B 10 -33.09 -21.79 27.33
C SER B 10 -32.87 -22.23 28.77
N ASP B 11 -33.98 -22.38 29.49
CA ASP B 11 -33.94 -22.82 30.89
C ASP B 11 -34.03 -24.35 30.92
N GLY B 12 -32.90 -24.99 31.22
CA GLY B 12 -32.83 -26.43 31.31
C GLY B 12 -32.12 -26.85 32.59
N THR B 13 -31.39 -27.95 32.48
CA THR B 13 -30.55 -28.44 33.58
C THR B 13 -29.26 -28.97 32.96
N LEU B 14 -28.12 -28.45 33.38
CA LEU B 14 -26.85 -29.03 32.95
C LEU B 14 -26.63 -30.35 33.68
N LEU B 15 -26.36 -31.40 32.92
CA LEU B 15 -26.34 -32.75 33.45
C LEU B 15 -25.17 -33.53 32.88
N ARG B 16 -24.74 -34.54 33.63
CA ARG B 16 -23.72 -35.48 33.20
C ARG B 16 -24.31 -36.88 33.26
N ARG B 17 -24.27 -37.59 32.14
CA ARG B 17 -24.81 -38.94 32.03
C ARG B 17 -23.72 -39.87 31.55
N GLU B 18 -23.18 -40.68 32.45
CA GLU B 18 -22.22 -41.73 32.11
C GLU B 18 -21.04 -41.16 31.32
N ASN B 19 -20.34 -40.22 31.95
CA ASN B 19 -19.03 -39.76 31.50
C ASN B 19 -19.08 -38.88 30.25
N THR B 20 -20.14 -38.09 30.08
CA THR B 20 -20.13 -37.07 29.04
C THR B 20 -21.25 -36.07 29.32
N LEU B 21 -20.96 -34.80 29.06
CA LEU B 21 -21.90 -33.73 29.40
C LEU B 21 -23.12 -33.76 28.50
N TYR B 22 -24.25 -33.31 29.05
CA TYR B 22 -25.50 -33.22 28.32
C TYR B 22 -26.30 -32.02 28.83
N PHE B 23 -27.35 -31.67 28.11
CA PHE B 23 -28.22 -30.56 28.47
C PHE B 23 -29.65 -31.09 28.60
N GLU B 24 -30.27 -30.83 29.75
CA GLU B 24 -31.56 -31.43 30.12
C GLU B 24 -32.74 -30.51 29.81
N ASN B 25 -32.66 -29.74 28.71
CA ASN B 25 -33.77 -28.91 28.26
C ASN B 25 -35.09 -29.65 28.41
N VAL B 26 -36.14 -28.92 28.82
CA VAL B 26 -37.38 -29.52 29.32
C VAL B 26 -37.74 -30.70 28.44
N ASN B 27 -37.78 -30.44 27.12
CA ASN B 27 -38.42 -31.32 26.17
C ASN B 27 -37.54 -32.49 25.74
N GLY B 28 -36.23 -32.38 25.91
CA GLY B 28 -35.34 -33.44 25.50
C GLY B 28 -33.91 -33.11 25.86
N ARG B 29 -33.08 -34.14 25.81
CA ARG B 29 -31.67 -34.03 26.15
C ARG B 29 -30.83 -33.88 24.89
N LYS B 30 -29.82 -33.01 24.97
CA LYS B 30 -28.85 -32.83 23.91
C LYS B 30 -27.44 -32.89 24.49
N PRO B 31 -26.49 -33.47 23.75
CA PRO B 31 -25.08 -33.35 24.16
C PRO B 31 -24.48 -32.02 23.73
N LEU B 32 -23.56 -31.54 24.55
CA LEU B 32 -22.80 -30.33 24.25
C LEU B 32 -21.35 -30.72 24.02
N ALA B 33 -20.86 -30.48 22.80
CA ALA B 33 -19.47 -30.72 22.45
C ALA B 33 -18.66 -29.48 22.82
N ILE B 34 -17.82 -29.61 23.85
CA ILE B 34 -17.15 -28.47 24.46
C ILE B 34 -15.66 -28.45 24.18
N GLU B 35 -15.13 -29.41 23.42
CA GLU B 35 -13.68 -29.52 23.29
C GLU B 35 -13.06 -28.20 22.82
N GLY B 36 -13.71 -27.52 21.88
CA GLY B 36 -13.22 -26.26 21.40
C GLY B 36 -13.61 -25.06 22.23
N ILE B 37 -14.34 -25.27 23.32
CA ILE B 37 -14.86 -24.20 24.16
C ILE B 37 -13.98 -24.04 25.39
N TYR B 38 -13.62 -22.80 25.71
CA TYR B 38 -12.87 -22.50 26.92
C TYR B 38 -13.64 -21.60 27.88
N ASP B 39 -14.85 -21.16 27.54
CA ASP B 39 -15.65 -20.34 28.42
C ASP B 39 -17.13 -20.58 28.16
N ILE B 40 -17.91 -20.60 29.23
CA ILE B 40 -19.36 -20.82 29.17
C ILE B 40 -20.05 -19.64 29.84
N TYR B 41 -21.05 -19.09 29.17
CA TYR B 41 -21.89 -18.02 29.71
C TYR B 41 -23.31 -18.54 29.81
N ILE B 42 -23.88 -18.50 31.02
CA ILE B 42 -25.19 -19.07 31.28
C ILE B 42 -26.08 -17.96 31.84
N TYR B 43 -27.10 -17.57 31.06
CA TYR B 43 -28.20 -16.77 31.59
C TYR B 43 -29.52 -17.45 31.26
N GLY B 44 -30.38 -17.53 32.27
CA GLY B 44 -31.62 -18.27 32.24
C GLY B 44 -31.78 -19.01 33.54
N HIS B 45 -32.76 -19.92 33.58
CA HIS B 45 -32.95 -20.82 34.73
C HIS B 45 -32.34 -22.17 34.34
N VAL B 46 -31.10 -22.38 34.77
CA VAL B 46 -30.33 -23.57 34.40
C VAL B 46 -29.84 -24.22 35.68
N ASN B 47 -30.36 -25.40 35.99
CA ASN B 47 -29.93 -26.14 37.17
C ASN B 47 -28.62 -26.86 36.89
N ILE B 48 -27.70 -26.77 37.85
CA ILE B 48 -26.40 -27.41 37.73
C ILE B 48 -26.41 -28.66 38.63
N THR B 49 -25.42 -29.53 38.43
CA THR B 49 -25.23 -30.66 39.32
C THR B 49 -23.73 -30.89 39.51
N SER B 50 -23.36 -31.25 40.74
CA SER B 50 -21.95 -31.42 41.08
C SER B 50 -21.27 -32.49 40.25
N GLN B 51 -22.04 -33.44 39.68
CA GLN B 51 -21.47 -34.39 38.75
C GLN B 51 -20.96 -33.68 37.50
N ALA B 52 -21.87 -32.99 36.81
CA ALA B 52 -21.50 -32.17 35.66
C ALA B 52 -21.00 -30.81 36.11
N LEU B 53 -20.06 -30.79 37.03
CA LEU B 53 -19.19 -29.65 37.31
C LEU B 53 -17.74 -30.08 37.42
N HIS B 54 -17.50 -31.25 38.02
CA HIS B 54 -16.19 -31.88 38.01
C HIS B 54 -15.70 -32.12 36.59
N TYR B 55 -16.62 -32.48 35.69
CA TYR B 55 -16.26 -32.69 34.29
C TYR B 55 -15.90 -31.38 33.61
N ILE B 56 -16.73 -30.35 33.82
CA ILE B 56 -16.43 -29.03 33.25
C ILE B 56 -15.14 -28.49 33.83
N ALA B 57 -14.93 -28.70 35.13
CA ALA B 57 -13.74 -28.16 35.79
C ALA B 57 -12.49 -28.89 35.36
N GLN B 58 -12.55 -30.22 35.24
CA GLN B 58 -11.36 -30.99 34.87
C GLN B 58 -10.79 -30.53 33.54
N LYS B 59 -11.64 -30.04 32.64
CA LYS B 59 -11.19 -29.49 31.37
C LYS B 59 -10.85 -28.02 31.46
N GLY B 60 -10.95 -27.42 32.64
CA GLY B 60 -10.55 -26.03 32.82
C GLY B 60 -11.51 -25.02 32.25
N ILE B 61 -12.78 -25.36 32.11
CA ILE B 61 -13.77 -24.46 31.56
C ILE B 61 -14.43 -23.67 32.69
N LEU B 62 -14.73 -22.41 32.42
CA LEU B 62 -15.32 -21.49 33.38
C LEU B 62 -16.74 -21.16 32.94
N ILE B 63 -17.66 -21.17 33.91
CA ILE B 63 -19.09 -20.94 33.64
C ILE B 63 -19.53 -19.70 34.40
N HIS B 64 -20.06 -18.72 33.68
CA HIS B 64 -20.59 -17.49 34.26
C HIS B 64 -22.11 -17.60 34.34
N PHE B 65 -22.66 -17.41 35.54
CA PHE B 65 -24.10 -17.49 35.75
C PHE B 65 -24.71 -16.09 35.76
N PHE B 66 -25.92 -15.98 35.21
CA PHE B 66 -26.62 -14.71 35.08
C PHE B 66 -28.11 -14.96 35.32
N ASN B 67 -28.86 -13.85 35.40
CA ASN B 67 -30.32 -13.88 35.43
C ASN B 67 -30.87 -14.10 34.02
N HIS B 68 -32.20 -14.09 33.89
CA HIS B 68 -32.80 -13.89 32.59
C HIS B 68 -32.26 -12.62 31.95
N TYR B 69 -32.11 -11.58 32.75
CA TYR B 69 -31.54 -10.30 32.36
C TYR B 69 -30.15 -10.17 32.97
N GLY B 70 -29.42 -9.16 32.52
CA GLY B 70 -27.98 -9.12 32.74
C GLY B 70 -27.46 -9.30 34.15
N TYR B 71 -28.32 -9.25 35.16
CA TYR B 71 -27.86 -9.27 36.54
C TYR B 71 -26.89 -10.41 36.79
N TYR B 72 -25.73 -10.07 37.34
CA TYR B 72 -24.69 -11.05 37.61
C TYR B 72 -24.96 -11.80 38.90
N ASP B 73 -24.96 -13.13 38.84
CA ASP B 73 -25.07 -13.98 40.02
C ASP B 73 -23.70 -14.43 40.53
N GLY B 74 -22.97 -15.19 39.71
CA GLY B 74 -21.71 -15.74 40.15
C GLY B 74 -20.97 -16.39 39.02
N THR B 75 -19.80 -16.94 39.36
CA THR B 75 -18.94 -17.64 38.41
C THR B 75 -18.29 -18.81 39.14
N PHE B 76 -18.22 -19.96 38.48
CA PHE B 76 -17.59 -21.14 39.07
C PHE B 76 -16.14 -21.20 38.62
N TYR B 77 -15.23 -20.74 39.49
CA TYR B 77 -13.81 -20.79 39.23
C TYR B 77 -13.27 -22.17 39.60
N PRO B 78 -12.95 -23.02 38.63
CA PRO B 78 -12.35 -24.31 38.97
C PRO B 78 -10.97 -24.12 39.57
N ARG B 79 -10.49 -25.18 40.22
CA ARG B 79 -9.09 -25.16 40.66
C ARG B 79 -8.16 -25.14 39.46
N GLU B 80 -8.56 -25.75 38.35
CA GLU B 80 -7.73 -25.84 37.16
C GLU B 80 -7.79 -24.53 36.40
N THR B 81 -6.63 -24.12 35.88
CA THR B 81 -6.51 -22.82 35.23
C THR B 81 -5.42 -22.89 34.18
N LEU B 82 -5.62 -22.19 33.08
CA LEU B 82 -4.62 -22.03 32.04
C LEU B 82 -3.89 -20.71 32.25
N LEU B 83 -2.85 -20.47 31.44
CA LEU B 83 -1.88 -19.42 31.73
C LEU B 83 -2.56 -18.12 32.18
N SER B 84 -3.27 -17.49 31.25
CA SER B 84 -4.25 -16.45 31.50
C SER B 84 -3.74 -15.09 31.94
N GLY B 85 -2.56 -15.01 32.55
CA GLY B 85 -2.09 -13.72 33.02
C GLY B 85 -3.09 -13.04 33.93
N ASP B 86 -2.70 -11.95 34.59
CA ASP B 86 -3.64 -11.11 35.33
C ASP B 86 -3.96 -9.85 34.54
N LEU B 87 -5.25 -9.60 34.31
CA LEU B 87 -5.68 -8.30 33.81
C LEU B 87 -5.79 -7.28 34.94
N ILE B 88 -6.14 -7.75 36.14
CA ILE B 88 -6.31 -6.86 37.29
C ILE B 88 -5.00 -6.13 37.58
N ILE B 89 -3.88 -6.83 37.50
CA ILE B 89 -2.59 -6.15 37.69
C ILE B 89 -2.35 -5.14 36.58
N LYS B 90 -2.70 -5.50 35.34
CA LYS B 90 -2.57 -4.57 34.22
C LYS B 90 -3.45 -3.34 34.45
N GLN B 91 -4.70 -3.56 34.87
CA GLN B 91 -5.57 -2.45 35.26
C GLN B 91 -4.88 -1.57 36.30
N ALA B 92 -4.23 -2.19 37.28
CA ALA B 92 -3.54 -1.45 38.32
C ALA B 92 -2.17 -0.96 37.84
N GLU B 93 -1.56 -1.64 36.86
CA GLU B 93 -0.37 -1.08 36.24
C GLU B 93 -0.69 0.26 35.59
N HIS B 94 -1.88 0.36 34.98
CA HIS B 94 -2.45 1.65 34.66
C HIS B 94 -2.94 2.32 35.95
N TYR B 95 -3.20 3.62 35.86
CA TYR B 95 -3.68 4.43 36.98
C TYR B 95 -2.59 4.69 38.00
N LEU B 96 -1.47 3.98 37.92
CA LEU B 96 -0.31 4.32 38.74
C LEU B 96 0.69 5.14 37.95
N ASP B 97 1.05 4.66 36.75
CA ASP B 97 1.70 5.51 35.76
C ASP B 97 0.67 6.53 35.32
N LYS B 98 0.77 7.75 35.83
CA LYS B 98 -0.24 8.75 35.57
C LYS B 98 -0.31 9.16 34.09
N ASN B 99 0.63 8.69 33.27
CA ASN B 99 0.63 9.03 31.85
C ASN B 99 -0.02 7.96 30.97
N LYS B 100 -0.49 6.88 31.57
CA LYS B 100 -1.44 5.97 30.93
C LYS B 100 -2.88 6.27 31.34
N ARG B 101 -3.08 6.58 32.62
CA ARG B 101 -4.38 7.01 33.11
C ARG B 101 -4.93 8.17 32.29
N LEU B 102 -4.22 9.29 32.28
CA LEU B 102 -4.71 10.50 31.61
C LEU B 102 -5.24 10.17 30.21
N PHE B 103 -4.55 9.28 29.49
CA PHE B 103 -4.99 8.91 28.15
C PHE B 103 -6.38 8.29 28.20
N LEU B 104 -6.50 7.14 28.86
CA LEU B 104 -7.79 6.45 28.94
C LEU B 104 -8.88 7.38 29.49
N ALA B 105 -8.55 8.18 30.50
CA ALA B 105 -9.49 9.15 31.01
C ALA B 105 -9.93 10.12 29.92
N LYS B 106 -8.97 10.86 29.34
CA LYS B 106 -9.27 11.75 28.24
C LYS B 106 -10.09 11.05 27.16
N SER B 107 -9.76 9.79 26.86
CA SER B 107 -10.49 9.05 25.85
C SER B 107 -11.95 8.91 26.22
N PHE B 108 -12.24 8.33 27.39
CA PHE B 108 -13.62 8.18 27.85
C PHE B 108 -14.40 9.48 27.67
N VAL B 109 -13.81 10.61 28.05
CA VAL B 109 -14.51 11.88 27.94
C VAL B 109 -14.72 12.26 26.49
N VAL B 110 -13.66 12.15 25.67
CA VAL B 110 -13.79 12.49 24.26
C VAL B 110 -14.87 11.63 23.61
N GLY B 111 -14.93 10.35 23.97
CA GLY B 111 -16.01 9.52 23.47
C GLY B 111 -17.37 9.99 23.97
N GLY B 112 -17.46 10.32 25.25
CA GLY B 112 -18.70 10.88 25.77
C GLY B 112 -19.15 12.10 25.00
N ALA B 113 -18.26 13.07 24.82
CA ALA B 113 -18.63 14.31 24.15
C ALA B 113 -18.86 14.11 22.66
N LYS B 114 -18.16 13.17 22.03
CA LYS B 114 -18.41 12.87 20.63
C LYS B 114 -19.76 12.19 20.45
N ASN B 115 -20.08 11.23 21.31
CA ASN B 115 -21.41 10.62 21.27
C ASN B 115 -22.49 11.66 21.51
N MET B 116 -22.28 12.54 22.50
CA MET B 116 -23.21 13.64 22.73
C MET B 116 -23.41 14.44 21.44
N GLU B 117 -22.31 14.79 20.78
CA GLU B 117 -22.40 15.52 19.51
C GLU B 117 -23.20 14.73 18.48
N LYS B 118 -22.86 13.45 18.29
CA LYS B 118 -23.53 12.65 17.27
C LYS B 118 -25.00 12.43 17.61
N ASN B 119 -25.36 12.48 18.90
CA ASN B 119 -26.77 12.44 19.25
C ASN B 119 -27.45 13.78 18.95
N LEU B 120 -26.85 14.88 19.42
CA LEU B 120 -27.38 16.20 19.13
C LEU B 120 -27.53 16.42 17.62
N LYS B 121 -26.65 15.81 16.82
CA LYS B 121 -26.73 15.97 15.38
C LYS B 121 -27.95 15.24 14.82
N ASN B 122 -28.26 14.05 15.34
CA ASN B 122 -29.42 13.31 14.87
C ASN B 122 -30.70 14.10 15.06
N TRP B 123 -30.72 15.06 15.97
CA TRP B 123 -31.89 15.87 16.26
C TRP B 123 -31.84 17.23 15.60
N GLY B 124 -30.76 17.54 14.87
CA GLY B 124 -30.69 18.74 14.09
C GLY B 124 -30.33 19.99 14.86
N ILE B 125 -29.50 19.88 15.90
CA ILE B 125 -29.13 21.00 16.74
C ILE B 125 -27.66 21.33 16.49
N SER B 126 -27.25 22.51 16.94
CA SER B 126 -25.95 23.09 16.60
C SER B 126 -24.75 22.20 16.88
N SER B 127 -24.44 22.03 18.16
CA SER B 127 -23.54 21.08 18.79
C SER B 127 -22.03 21.15 18.66
N ASP B 128 -21.48 21.60 17.54
CA ASP B 128 -20.15 22.21 17.45
C ASP B 128 -19.23 22.14 18.67
N PHE B 129 -18.89 20.96 19.20
CA PHE B 129 -18.09 20.94 20.43
C PHE B 129 -16.57 21.02 20.21
N SER B 130 -16.09 20.93 18.97
CA SER B 130 -14.66 20.75 18.74
C SER B 130 -13.81 21.78 19.47
N ASN B 131 -14.28 23.03 19.55
CA ASN B 131 -13.51 24.06 20.23
C ASN B 131 -13.55 23.95 21.75
N HIS B 132 -14.08 22.83 22.25
CA HIS B 132 -14.17 22.54 23.68
C HIS B 132 -13.31 21.35 24.08
N LEU B 133 -13.41 20.24 23.33
CA LEU B 133 -12.61 19.06 23.65
C LEU B 133 -11.14 19.42 23.84
N LYS B 134 -10.64 20.37 23.07
CA LYS B 134 -9.23 20.76 23.09
C LYS B 134 -8.70 20.88 24.51
N GLU B 135 -9.49 21.47 25.41
CA GLU B 135 -9.08 21.65 26.79
C GLU B 135 -8.63 20.35 27.44
N LEU B 136 -9.05 19.20 26.90
CA LEU B 136 -8.61 17.93 27.46
C LEU B 136 -7.16 17.65 27.11
N GLN B 137 -6.79 17.77 25.83
CA GLN B 137 -5.49 17.31 25.36
C GLN B 137 -4.34 18.09 25.99
N GLY B 138 -4.60 19.28 26.51
CA GLY B 138 -3.58 20.03 27.21
C GLY B 138 -3.66 19.85 28.71
N ALA B 139 -4.88 19.73 29.23
CA ALA B 139 -5.08 19.57 30.67
C ALA B 139 -4.32 18.36 31.19
N LYS B 140 -3.52 18.57 32.25
CA LYS B 140 -2.71 17.49 32.80
C LYS B 140 -3.48 16.63 33.80
N LYS B 141 -3.85 17.20 34.94
CA LYS B 141 -4.36 16.36 36.02
C LYS B 141 -5.83 16.03 35.79
N VAL B 142 -6.27 14.95 36.45
CA VAL B 142 -7.61 14.42 36.21
C VAL B 142 -8.67 15.44 36.60
N THR B 143 -8.49 16.12 37.73
CA THR B 143 -9.50 17.07 38.20
C THR B 143 -9.86 18.09 37.13
N GLU B 144 -8.91 18.44 36.27
CA GLU B 144 -9.19 19.39 35.20
C GLU B 144 -10.00 18.73 34.09
N ILE B 145 -9.62 17.52 33.68
CA ILE B 145 -10.40 16.78 32.70
C ILE B 145 -11.83 16.60 33.18
N MET B 146 -12.01 16.42 34.50
CA MET B 146 -13.34 16.27 35.06
C MET B 146 -14.12 17.58 34.98
N ASN B 147 -13.59 18.64 35.62
CA ASN B 147 -14.23 19.94 35.57
C ASN B 147 -14.58 20.34 34.14
N VAL B 148 -13.73 19.94 33.18
CA VAL B 148 -14.03 20.23 31.78
C VAL B 148 -15.18 19.36 31.29
N GLU B 149 -15.17 18.07 31.63
CA GLU B 149 -16.30 17.22 31.25
C GLU B 149 -17.58 17.69 31.92
N GLY B 150 -17.48 18.33 33.08
CA GLY B 150 -18.64 18.99 33.65
C GLY B 150 -19.12 20.13 32.80
N ARG B 151 -18.21 21.05 32.46
CA ARG B 151 -18.54 22.12 31.52
C ARG B 151 -19.22 21.56 30.26
N ILE B 152 -18.62 20.52 29.67
CA ILE B 152 -19.21 19.93 28.47
C ILE B 152 -20.62 19.43 28.76
N ARG B 153 -20.79 18.75 29.89
CA ARG B 153 -22.09 18.15 30.19
C ARG B 153 -23.17 19.22 30.34
N GLN B 154 -22.92 20.25 31.16
CA GLN B 154 -23.90 21.31 31.28
C GLN B 154 -24.08 22.07 29.97
N GLU B 155 -23.08 22.06 29.10
CA GLU B 155 -23.25 22.62 27.76
C GLU B 155 -24.15 21.72 26.91
N TYR B 156 -23.95 20.40 26.99
CA TYR B 156 -24.80 19.46 26.27
C TYR B 156 -26.26 19.62 26.68
N TYR B 157 -26.54 19.56 27.98
CA TYR B 157 -27.90 19.72 28.46
C TYR B 157 -28.45 21.10 28.11
N ALA B 158 -27.61 22.14 28.23
CA ALA B 158 -28.06 23.50 27.94
C ALA B 158 -28.60 23.61 26.53
N ARG B 159 -27.93 22.99 25.56
CA ARG B 159 -28.39 23.00 24.18
C ARG B 159 -29.25 21.79 23.83
N TRP B 160 -29.46 20.87 24.76
CA TRP B 160 -30.43 19.81 24.55
C TRP B 160 -31.85 20.29 24.85
N ASP B 161 -32.03 21.01 25.96
CA ASP B 161 -33.36 21.43 26.36
C ASP B 161 -34.03 22.34 25.33
N GLU B 162 -33.30 22.81 24.33
CA GLU B 162 -33.92 23.58 23.25
C GLU B 162 -34.84 22.72 22.40
N SER B 163 -34.59 21.41 22.35
CA SER B 163 -35.42 20.48 21.59
C SER B 163 -36.49 19.81 22.45
N LEU B 164 -36.50 20.06 23.76
CA LEU B 164 -37.43 19.38 24.66
C LEU B 164 -38.54 20.32 25.11
N PRO B 165 -39.71 19.78 25.45
CA PRO B 165 -40.81 20.63 25.91
C PRO B 165 -40.45 21.36 27.21
N GLY B 166 -41.03 22.55 27.39
CA GLY B 166 -40.81 23.29 28.61
C GLY B 166 -41.12 22.49 29.85
N GLU B 167 -42.18 21.69 29.80
CA GLU B 167 -42.54 20.84 30.93
C GLU B 167 -41.36 19.99 31.38
N PHE B 168 -40.54 19.55 30.43
CA PHE B 168 -39.44 18.63 30.68
C PHE B 168 -38.07 19.30 30.57
N ARG B 169 -38.01 20.60 30.78
CA ARG B 169 -36.73 21.30 30.76
C ARG B 169 -35.77 20.67 31.75
N ILE B 170 -34.51 20.51 31.33
CA ILE B 170 -33.44 20.07 32.22
C ILE B 170 -32.63 21.31 32.58
N GLY B 171 -32.72 21.73 33.83
CA GLY B 171 -31.97 22.88 34.30
C GLY B 171 -30.62 22.50 34.85
N LYS B 172 -30.33 22.92 36.08
CA LYS B 172 -29.05 22.63 36.70
C LYS B 172 -28.92 21.14 37.00
N ARG B 173 -27.76 20.76 37.53
CA ARG B 173 -27.44 19.34 37.72
C ARG B 173 -28.37 18.71 38.75
N THR B 174 -28.48 17.38 38.66
CA THR B 174 -29.30 16.59 39.56
C THR B 174 -29.30 15.13 39.12
N PRO B 178 -33.54 14.66 42.71
CA PRO B 178 -34.42 14.87 41.56
C PRO B 178 -35.33 16.10 41.72
N LYS B 179 -34.88 17.24 41.22
CA LYS B 179 -35.64 18.48 41.34
C LYS B 179 -36.54 18.76 40.14
N ASN B 180 -36.51 17.89 39.13
CA ASN B 180 -37.28 18.08 37.91
C ASN B 180 -37.96 16.78 37.53
N GLU B 181 -38.81 16.86 36.49
CA GLU B 181 -39.42 15.68 35.90
C GLU B 181 -38.45 14.96 34.98
N MET B 182 -38.01 15.64 33.93
CA MET B 182 -37.07 15.05 32.98
C MET B 182 -35.77 14.64 33.67
N ASN B 183 -35.29 15.48 34.59
CA ASN B 183 -34.05 15.16 35.28
C ASN B 183 -34.20 13.90 36.13
N ALA B 184 -35.41 13.63 36.63
CA ALA B 184 -35.64 12.38 37.35
C ALA B 184 -35.60 11.19 36.40
N LEU B 185 -36.39 11.26 35.31
CA LEU B 185 -36.41 10.18 34.34
C LEU B 185 -34.99 9.78 33.93
N ILE B 186 -34.21 10.72 33.41
CA ILE B 186 -32.84 10.39 33.02
C ILE B 186 -32.04 9.89 34.22
N SER B 187 -32.23 10.55 35.38
CA SER B 187 -31.55 10.11 36.59
C SER B 187 -31.88 8.65 36.90
N PHE B 188 -33.08 8.19 36.53
CA PHE B 188 -33.45 6.81 36.77
C PHE B 188 -32.78 5.86 35.78
N LEU B 189 -32.75 6.25 34.50
CA LEU B 189 -32.19 5.40 33.46
C LEU B 189 -30.68 5.29 33.58
N ASN B 190 -30.03 6.35 34.05
CA ASN B 190 -28.62 6.26 34.38
C ASN B 190 -28.37 5.15 35.41
N SER B 191 -29.25 5.03 36.40
CA SER B 191 -29.08 3.99 37.40
C SER B 191 -29.32 2.61 36.80
N ARG B 192 -30.38 2.46 35.99
CA ARG B 192 -30.63 1.18 35.35
C ARG B 192 -29.51 0.83 34.37
N LEU B 193 -28.93 1.82 33.71
CA LEU B 193 -27.76 1.57 32.87
C LEU B 193 -26.57 1.14 33.71
N TYR B 194 -26.39 1.77 34.87
CA TYR B 194 -25.35 1.35 35.81
C TYR B 194 -25.50 -0.12 36.14
N ALA B 195 -26.73 -0.55 36.47
CA ALA B 195 -26.99 -1.97 36.70
C ALA B 195 -26.53 -2.80 35.52
N THR B 196 -27.06 -2.51 34.33
CA THR B 196 -26.65 -3.23 33.13
C THR B 196 -25.14 -3.18 32.93
N MET B 197 -24.52 -2.07 33.31
CA MET B 197 -23.09 -1.92 33.09
C MET B 197 -22.29 -2.91 33.92
N ILE B 198 -22.61 -3.01 35.22
CA ILE B 198 -21.88 -3.94 36.07
C ILE B 198 -22.00 -5.36 35.52
N SER B 199 -23.12 -5.65 34.85
CA SER B 199 -23.35 -6.99 34.32
C SER B 199 -22.49 -7.25 33.09
N GLU B 200 -22.67 -6.45 32.04
CA GLU B 200 -21.90 -6.64 30.81
C GLU B 200 -20.40 -6.49 31.06
N ILE B 201 -20.01 -5.90 32.19
CA ILE B 201 -18.60 -5.87 32.57
C ILE B 201 -18.21 -7.18 33.25
N TYR B 202 -19.02 -7.61 34.23
CA TYR B 202 -18.73 -8.85 34.93
C TYR B 202 -18.69 -10.04 33.98
N ASN B 203 -19.33 -9.94 32.80
CA ASN B 203 -19.31 -11.04 31.85
C ASN B 203 -17.92 -11.33 31.31
N THR B 204 -16.97 -10.41 31.51
CA THR B 204 -15.57 -10.66 31.26
C THR B 204 -14.88 -10.97 32.59
N GLN B 205 -13.55 -11.12 32.57
CA GLN B 205 -12.77 -11.28 33.78
C GLN B 205 -12.18 -9.96 34.27
N LEU B 206 -12.57 -8.85 33.63
CA LEU B 206 -12.08 -7.53 34.04
C LEU B 206 -12.66 -7.15 35.39
N ALA B 207 -11.81 -6.62 36.27
CA ALA B 207 -12.25 -6.20 37.59
C ALA B 207 -12.91 -4.83 37.49
N PRO B 208 -14.14 -4.67 37.99
CA PRO B 208 -14.87 -3.41 37.76
C PRO B 208 -14.50 -2.27 38.69
N THR B 209 -13.72 -2.53 39.74
CA THR B 209 -13.50 -1.55 40.80
C THR B 209 -12.22 -0.73 40.62
N ILE B 210 -11.50 -0.92 39.52
CA ILE B 210 -10.32 -0.12 39.20
C ILE B 210 -10.68 0.75 37.99
N SER B 211 -10.62 2.07 38.17
CA SER B 211 -11.16 3.03 37.20
C SER B 211 -10.14 4.12 36.91
N TYR B 212 -10.42 4.90 35.85
CA TYR B 212 -9.49 5.94 35.41
C TYR B 212 -10.06 7.35 35.49
N LEU B 213 -11.15 7.64 34.77
CA LEU B 213 -11.69 9.00 34.78
C LEU B 213 -12.29 9.33 36.14
N HIS B 214 -12.88 8.34 36.79
CA HIS B 214 -13.34 8.45 38.16
C HIS B 214 -12.34 7.75 39.06
N GLU B 215 -11.94 8.42 40.13
CA GLU B 215 -10.99 7.82 41.05
C GLU B 215 -11.56 6.51 41.59
N PRO B 216 -10.88 5.37 41.40
CA PRO B 216 -11.34 4.15 42.08
C PRO B 216 -11.11 4.27 43.56
N SER B 217 -12.19 4.30 44.33
CA SER B 217 -12.14 4.64 45.74
C SER B 217 -13.04 3.67 46.48
N GLU B 218 -13.35 4.01 47.72
CA GLU B 218 -14.12 3.10 48.55
C GLU B 218 -15.53 2.92 48.01
N ARG B 219 -16.01 1.69 48.01
CA ARG B 219 -17.42 1.31 48.01
C ARG B 219 -18.21 1.13 46.72
N ARG B 220 -17.68 1.29 45.53
CA ARG B 220 -18.53 0.98 44.39
C ARG B 220 -17.73 0.75 43.12
N PHE B 221 -18.38 0.07 42.18
CA PHE B 221 -17.82 -0.22 40.87
C PHE B 221 -17.54 1.07 40.13
N SER B 222 -16.28 1.40 39.93
CA SER B 222 -15.90 2.68 39.34
C SER B 222 -15.63 2.61 37.84
N LEU B 223 -15.60 1.40 37.26
CA LEU B 223 -15.44 1.30 35.82
C LEU B 223 -16.74 1.60 35.09
N ALA B 224 -17.86 1.12 35.64
CA ALA B 224 -19.16 1.46 35.05
C ALA B 224 -19.36 2.97 35.02
N LEU B 225 -18.86 3.67 36.04
CA LEU B 225 -18.88 5.14 36.00
C LEU B 225 -18.15 5.65 34.77
N ASP B 226 -16.89 5.22 34.60
CA ASP B 226 -16.11 5.62 33.43
C ASP B 226 -16.83 5.27 32.13
N LEU B 227 -17.15 3.98 31.97
CA LEU B 227 -17.75 3.53 30.72
C LEU B 227 -19.08 4.21 30.46
N SER B 228 -19.85 4.51 31.52
CA SER B 228 -21.12 5.18 31.34
C SER B 228 -20.96 6.46 30.53
N GLU B 229 -19.86 7.18 30.75
CA GLU B 229 -19.61 8.42 30.02
C GLU B 229 -19.84 8.25 28.51
N ILE B 230 -19.53 7.06 27.98
CA ILE B 230 -19.70 6.84 26.55
C ILE B 230 -21.14 6.45 26.21
N PHE B 231 -21.78 5.68 27.08
CA PHE B 231 -22.99 4.97 26.71
C PHE B 231 -24.29 5.59 27.23
N LYS B 232 -24.25 6.46 28.24
CA LYS B 232 -25.47 7.17 28.59
C LYS B 232 -26.07 7.89 27.38
N PRO B 233 -25.31 8.69 26.63
CA PRO B 233 -25.90 9.37 25.47
C PRO B 233 -26.36 8.42 24.39
N ILE B 234 -25.82 7.21 24.32
CA ILE B 234 -26.28 6.24 23.33
C ILE B 234 -27.57 5.59 23.79
N ILE B 235 -27.65 5.20 25.07
CA ILE B 235 -28.77 4.44 25.61
C ILE B 235 -29.65 5.32 26.51
N ALA B 236 -29.09 5.82 27.60
CA ALA B 236 -29.88 6.53 28.59
C ALA B 236 -30.56 7.75 27.98
N ASP B 237 -29.77 8.68 27.44
CA ASP B 237 -30.33 9.94 26.96
C ASP B 237 -31.37 9.71 25.86
N ARG B 238 -31.08 8.81 24.91
CA ARG B 238 -31.94 8.70 23.73
C ARG B 238 -33.35 8.26 24.11
N ILE B 239 -33.48 7.21 24.93
CA ILE B 239 -34.82 6.73 25.26
C ILE B 239 -35.60 7.82 25.98
N ALA B 240 -34.92 8.56 26.87
CA ALA B 240 -35.57 9.71 27.51
C ALA B 240 -36.10 10.67 26.45
N ASN B 241 -35.26 11.00 25.47
CA ASN B 241 -35.69 11.86 24.38
C ASN B 241 -36.94 11.30 23.70
N ARG B 242 -36.83 10.08 23.17
CA ARG B 242 -37.95 9.47 22.45
C ARG B 242 -39.22 9.50 23.31
N LEU B 243 -39.12 8.99 24.54
CA LEU B 243 -40.29 8.95 25.41
C LEU B 243 -40.96 10.31 25.52
N VAL B 244 -40.16 11.38 25.53
CA VAL B 244 -40.71 12.72 25.66
C VAL B 244 -41.35 13.19 24.37
N LYS B 245 -40.60 13.10 23.26
CA LYS B 245 -41.08 13.66 21.99
C LYS B 245 -42.12 12.78 21.33
N LYS B 246 -42.13 11.48 21.61
CA LYS B 246 -43.20 10.62 21.10
C LYS B 246 -44.49 10.76 21.91
N GLY B 247 -44.40 11.28 23.13
CA GLY B 247 -45.59 11.52 23.93
C GLY B 247 -46.03 10.37 24.80
N ILE B 248 -45.11 9.46 25.16
CA ILE B 248 -45.48 8.28 25.94
C ILE B 248 -45.47 8.55 27.44
N ILE B 249 -44.99 9.71 27.88
CA ILE B 249 -44.96 10.09 29.30
C ILE B 249 -45.26 11.58 29.39
N LYS B 250 -46.24 11.95 30.23
CA LYS B 250 -46.45 13.38 30.41
C LYS B 250 -46.29 13.92 31.83
N LYS B 251 -47.26 13.67 32.71
CA LYS B 251 -47.14 14.02 34.12
C LYS B 251 -47.89 13.02 35.01
N ASP B 252 -48.80 12.25 34.41
CA ASP B 252 -49.56 11.26 35.17
C ASP B 252 -48.65 10.19 35.74
N HIS B 253 -47.45 10.03 35.18
CA HIS B 253 -46.50 9.03 35.62
C HIS B 253 -45.61 9.53 36.76
N PHE B 254 -45.51 10.84 36.94
CA PHE B 254 -44.55 11.44 37.85
C PHE B 254 -45.25 11.93 39.12
N ARG B 255 -44.67 11.63 40.28
CA ARG B 255 -45.11 12.16 41.55
C ARG B 255 -43.94 12.88 42.23
N GLU B 256 -44.26 13.73 43.20
CA GLU B 256 -43.29 14.61 43.83
C GLU B 256 -43.15 14.26 45.32
N ASP B 257 -42.02 13.68 45.70
CA ASP B 257 -41.74 13.35 47.09
C ASP B 257 -41.47 14.63 47.88
N LEU B 258 -41.15 14.47 49.17
CA LEU B 258 -40.81 15.62 50.00
C LEU B 258 -39.56 16.33 49.49
N ASN B 259 -38.58 15.55 49.00
CA ASN B 259 -37.33 16.12 48.51
C ASN B 259 -37.42 16.54 47.05
N GLY B 260 -37.71 15.58 46.17
CA GLY B 260 -37.71 15.82 44.75
C GLY B 260 -38.89 15.18 44.06
N VAL B 261 -38.74 14.89 42.77
CA VAL B 261 -39.74 14.21 41.98
C VAL B 261 -39.26 12.78 41.74
N LEU B 262 -40.15 11.93 41.26
CA LEU B 262 -39.82 10.55 40.91
C LEU B 262 -41.01 9.94 40.19
N LEU B 263 -40.87 8.68 39.79
CA LEU B 263 -41.85 8.00 38.97
C LEU B 263 -42.81 7.17 39.81
N THR B 264 -44.03 7.04 39.31
CA THR B 264 -45.01 6.16 39.94
C THR B 264 -44.70 4.71 39.61
N ASP B 265 -45.27 3.81 40.42
CA ASP B 265 -45.13 2.38 40.15
C ASP B 265 -45.49 2.04 38.72
N GLU B 266 -46.40 2.81 38.11
CA GLU B 266 -46.74 2.60 36.70
C GLU B 266 -45.63 3.10 35.78
N GLY B 267 -44.96 4.19 36.15
CA GLY B 267 -43.98 4.79 35.26
C GLY B 267 -42.72 3.95 35.12
N MET B 268 -42.22 3.41 36.24
CA MET B 268 -40.98 2.65 36.20
C MET B 268 -41.09 1.47 35.24
N LYS B 269 -42.26 0.84 35.18
CA LYS B 269 -42.45 -0.28 34.26
C LYS B 269 -42.44 0.20 32.81
N ILE B 270 -43.06 1.34 32.54
CA ILE B 270 -43.07 1.87 31.17
C ILE B 270 -41.65 2.19 30.73
N VAL B 271 -40.91 2.92 31.58
CA VAL B 271 -39.52 3.24 31.25
C VAL B 271 -38.71 1.95 31.11
N THR B 272 -38.91 1.00 32.03
CA THR B 272 -38.18 -0.26 31.95
C THR B 272 -38.47 -0.99 30.64
N LYS B 273 -39.73 -1.00 30.21
CA LYS B 273 -40.08 -1.61 28.93
C LYS B 273 -39.30 -0.95 27.79
N ALA B 274 -39.52 0.36 27.59
CA ALA B 274 -38.82 1.08 26.54
C ALA B 274 -37.31 0.86 26.64
N TYR B 275 -36.79 0.82 27.87
CA TYR B 275 -35.35 0.60 28.06
C TYR B 275 -34.94 -0.78 27.57
N ASN B 276 -35.54 -1.83 28.15
CA ASN B 276 -35.24 -3.19 27.71
C ASN B 276 -35.53 -3.36 26.22
N GLN B 277 -36.47 -2.58 25.68
CA GLN B 277 -36.76 -2.65 24.25
C GLN B 277 -35.67 -1.96 23.44
N GLU B 278 -35.11 -0.86 23.95
CA GLU B 278 -34.01 -0.19 23.27
C GLU B 278 -32.69 -0.94 23.45
N LEU B 279 -32.61 -1.83 24.44
CA LEU B 279 -31.39 -2.59 24.66
C LEU B 279 -31.25 -3.75 23.68
N GLU B 280 -32.35 -4.24 23.11
CA GLU B 280 -32.35 -5.33 22.15
C GLU B 280 -32.49 -4.85 20.72
N LYS B 281 -32.26 -3.56 20.47
CA LYS B 281 -32.44 -2.97 19.15
C LYS B 281 -31.16 -3.13 18.33
N THR B 282 -31.33 -3.42 17.05
CA THR B 282 -30.21 -3.65 16.15
C THR B 282 -29.90 -2.42 15.32
N VAL B 283 -28.64 -2.28 14.94
CA VAL B 283 -28.18 -1.15 14.14
C VAL B 283 -28.69 -1.28 12.71
N VAL B 292 -26.01 -4.56 15.70
CA VAL B 292 -26.29 -5.78 16.43
C VAL B 292 -27.01 -5.41 17.74
N THR B 293 -27.10 -6.36 18.66
CA THR B 293 -27.70 -6.08 19.96
C THR B 293 -27.03 -4.88 20.60
N ARG B 294 -27.82 -3.86 20.92
CA ARG B 294 -27.27 -2.66 21.55
C ARG B 294 -26.64 -2.97 22.90
N ARG B 295 -27.07 -4.06 23.54
CA ARG B 295 -26.46 -4.48 24.80
C ARG B 295 -25.01 -4.92 24.58
N ARG B 296 -24.77 -5.71 23.53
CA ARG B 296 -23.43 -6.28 23.34
C ARG B 296 -22.38 -5.18 23.15
N LEU B 297 -22.74 -4.11 22.42
CA LEU B 297 -21.81 -3.00 22.25
C LEU B 297 -21.18 -2.59 23.57
N ILE B 298 -21.94 -2.71 24.66
CA ILE B 298 -21.36 -2.51 25.99
C ILE B 298 -20.21 -3.47 26.20
N ARG B 299 -20.40 -4.73 25.79
CA ARG B 299 -19.36 -5.75 25.93
C ARG B 299 -18.21 -5.49 24.96
N LEU B 300 -18.52 -5.02 23.75
CA LEU B 300 -17.47 -4.78 22.77
C LEU B 300 -16.54 -3.66 23.22
N GLU B 301 -17.10 -2.56 23.73
CA GLU B 301 -16.27 -1.50 24.26
C GLU B 301 -15.38 -2.01 25.38
N ALA B 302 -15.90 -2.92 26.21
CA ALA B 302 -15.08 -3.53 27.24
C ALA B 302 -13.98 -4.40 26.63
N TYR B 303 -14.29 -5.09 25.53
CA TYR B 303 -13.27 -5.83 24.80
C TYR B 303 -12.19 -4.87 24.29
N LYS B 304 -12.60 -3.80 23.61
CA LYS B 304 -11.66 -2.79 23.16
C LYS B 304 -10.73 -2.35 24.28
N ILE B 305 -11.24 -2.30 25.51
CA ILE B 305 -10.38 -1.98 26.65
C ILE B 305 -9.42 -3.14 26.93
N ILE B 306 -9.95 -4.36 26.99
CA ILE B 306 -9.09 -5.51 27.24
C ILE B 306 -7.95 -5.56 26.23
N LYS B 307 -8.25 -5.31 24.97
CA LYS B 307 -7.20 -5.30 23.94
C LYS B 307 -6.24 -4.13 24.10
N HIS B 308 -6.63 -3.09 24.83
CA HIS B 308 -5.73 -1.98 25.13
C HIS B 308 -4.89 -2.24 26.36
N LEU B 309 -5.48 -2.84 27.39
CA LEU B 309 -4.76 -3.05 28.64
C LEU B 309 -3.53 -3.93 28.43
N VAL B 310 -3.63 -4.91 27.54
CA VAL B 310 -2.49 -5.77 27.23
C VAL B 310 -1.63 -5.22 26.10
N GLY B 311 -2.11 -4.21 25.38
CA GLY B 311 -1.29 -3.54 24.39
C GLY B 311 -1.38 -4.09 22.99
N VAL B 312 -2.47 -4.78 22.63
CA VAL B 312 -2.64 -5.21 21.25
C VAL B 312 -2.99 -4.02 20.37
N GLU B 313 -4.04 -3.30 20.72
CA GLU B 313 -4.50 -2.14 19.96
C GLU B 313 -4.82 -1.02 20.95
N GLU B 314 -4.47 0.21 20.56
CA GLU B 314 -4.78 1.36 21.40
C GLU B 314 -6.28 1.46 21.65
N TYR B 315 -6.64 2.10 22.76
CA TYR B 315 -8.05 2.23 23.11
C TYR B 315 -8.70 3.30 22.24
N SER B 316 -9.86 2.96 21.70
CA SER B 316 -10.70 3.91 20.98
C SER B 316 -12.06 4.01 21.69
N PRO B 317 -12.59 5.20 21.87
CA PRO B 317 -13.98 5.31 22.35
C PRO B 317 -14.94 4.89 21.25
N LEU B 318 -16.20 4.70 21.65
CA LEU B 318 -17.24 4.33 20.69
C LEU B 318 -17.95 5.59 20.20
N VAL B 319 -18.00 5.75 18.88
CA VAL B 319 -18.75 6.82 18.24
C VAL B 319 -20.02 6.24 17.65
N ALA B 320 -21.09 7.02 17.69
CA ALA B 320 -22.41 6.58 17.23
C ALA B 320 -22.58 7.01 15.78
N TRP B 321 -22.41 6.06 14.85
CA TRP B 321 -22.68 6.31 13.45
C TRP B 321 -24.17 6.28 13.13
N PHE B 322 -24.99 5.81 14.06
CA PHE B 322 -26.44 5.69 13.85
C PHE B 322 -27.18 6.84 14.49
N LYS C 3 36.16 45.67 -31.52
CA LYS C 3 36.29 45.09 -32.85
C LYS C 3 34.98 45.24 -33.64
N LYS C 4 35.11 45.27 -34.96
CA LYS C 4 33.97 45.48 -35.83
C LYS C 4 33.24 44.16 -36.10
N SER C 5 32.02 44.29 -36.59
CA SER C 5 31.14 43.15 -36.84
C SER C 5 30.84 43.06 -38.33
N LEU C 6 30.55 41.83 -38.79
CA LEU C 6 30.23 41.61 -40.19
C LEU C 6 28.73 41.39 -40.42
N THR C 7 28.31 41.71 -41.64
CA THR C 7 27.00 41.41 -42.18
C THR C 7 27.25 40.78 -43.54
N ILE C 8 27.07 39.46 -43.63
CA ILE C 8 27.34 38.73 -44.87
C ILE C 8 26.00 38.62 -45.60
N PHE C 9 25.76 39.56 -46.51
CA PHE C 9 24.48 39.65 -47.22
C PHE C 9 24.41 38.61 -48.33
N SER C 10 25.46 38.51 -49.14
CA SER C 10 25.45 37.59 -50.27
C SER C 10 25.35 36.15 -49.78
N ASP C 11 24.74 35.31 -50.62
CA ASP C 11 24.62 33.89 -50.33
C ASP C 11 25.93 33.19 -50.67
N GLY C 12 26.39 32.33 -49.77
CA GLY C 12 27.67 31.68 -49.96
C GLY C 12 27.96 30.59 -48.96
N THR C 13 29.24 30.37 -48.66
CA THR C 13 29.64 29.34 -47.73
C THR C 13 30.72 29.86 -46.79
N LEU C 14 30.49 29.71 -45.49
CA LEU C 14 31.51 29.99 -44.49
C LEU C 14 32.33 28.72 -44.26
N LEU C 15 33.64 28.88 -44.14
CA LEU C 15 34.54 27.75 -43.94
C LEU C 15 35.81 28.25 -43.26
N ARG C 16 36.69 27.31 -42.94
CA ARG C 16 38.00 27.63 -42.36
C ARG C 16 39.07 26.79 -43.06
N ARG C 17 39.74 27.39 -44.04
CA ARG C 17 41.00 26.84 -44.56
C ARG C 17 42.09 27.26 -43.57
N GLU C 18 43.36 27.24 -43.99
CA GLU C 18 44.46 26.83 -43.12
C GLU C 18 44.30 27.22 -41.65
N ASN C 19 44.28 28.51 -41.33
CA ASN C 19 43.79 28.95 -40.02
C ASN C 19 43.25 30.36 -40.19
N THR C 20 41.97 30.46 -40.54
CA THR C 20 41.24 31.71 -40.64
C THR C 20 39.85 31.36 -41.14
N LEU C 21 38.90 32.26 -40.93
CA LEU C 21 37.62 32.13 -41.60
C LEU C 21 37.71 32.66 -43.02
N TYR C 22 36.93 32.06 -43.91
CA TYR C 22 36.91 32.40 -45.32
C TYR C 22 35.47 32.34 -45.80
N PHE C 23 35.05 33.34 -46.57
CA PHE C 23 33.70 33.36 -47.13
C PHE C 23 33.77 33.05 -48.62
N GLU C 24 33.20 31.91 -49.00
CA GLU C 24 33.09 31.52 -50.40
C GLU C 24 31.65 31.74 -50.85
N ASN C 25 31.47 32.66 -51.80
CA ASN C 25 30.18 32.95 -52.41
C ASN C 25 30.09 32.19 -53.73
N VAL C 26 29.03 32.43 -54.51
CA VAL C 26 28.93 31.69 -55.76
C VAL C 26 30.11 32.04 -56.65
N ASN C 27 30.59 33.29 -56.57
CA ASN C 27 31.84 33.66 -57.22
C ASN C 27 33.03 33.27 -56.32
N GLY C 28 34.23 33.32 -56.89
CA GLY C 28 35.41 32.76 -56.24
C GLY C 28 36.02 33.63 -55.16
N ARG C 29 37.30 33.38 -54.86
CA ARG C 29 38.14 34.31 -54.11
C ARG C 29 37.62 34.66 -52.72
N LYS C 30 38.19 33.98 -51.68
CA LYS C 30 37.65 33.79 -50.34
C LYS C 30 38.29 34.71 -49.31
N PRO C 31 38.00 36.02 -49.31
CA PRO C 31 38.63 36.91 -48.34
C PRO C 31 37.84 37.08 -47.06
N LEU C 32 38.54 37.03 -45.94
CA LEU C 32 38.00 37.40 -44.62
C LEU C 32 39.11 37.29 -43.59
N ALA C 33 38.97 38.04 -42.49
CA ALA C 33 39.86 37.95 -41.34
C ALA C 33 39.04 37.91 -40.06
N ILE C 34 39.59 37.27 -39.03
CA ILE C 34 38.84 37.00 -37.82
C ILE C 34 39.48 37.66 -36.60
N GLU C 35 40.80 37.87 -36.63
CA GLU C 35 41.45 38.50 -35.49
C GLU C 35 40.92 39.90 -35.21
N GLY C 36 40.15 40.48 -36.14
CA GLY C 36 39.56 41.77 -35.92
C GLY C 36 38.04 41.76 -35.87
N ILE C 37 37.43 40.59 -35.63
CA ILE C 37 35.98 40.47 -35.78
C ILE C 37 35.31 40.17 -34.45
N TYR C 38 34.04 40.57 -34.37
CA TYR C 38 33.27 40.54 -33.13
C TYR C 38 32.07 39.61 -33.22
N ASP C 39 31.18 39.84 -34.18
CA ASP C 39 29.97 39.02 -34.33
C ASP C 39 29.50 39.13 -35.77
N ILE C 40 28.97 38.03 -36.30
CA ILE C 40 28.57 37.94 -37.71
C ILE C 40 27.05 37.93 -37.78
N TYR C 41 26.50 38.73 -38.69
CA TYR C 41 25.07 38.82 -38.93
C TYR C 41 24.77 38.25 -40.30
N ILE C 42 23.91 37.23 -40.36
CA ILE C 42 23.61 36.53 -41.60
C ILE C 42 22.23 36.98 -42.08
N TYR C 43 22.21 37.64 -43.24
CA TYR C 43 20.97 38.01 -43.90
C TYR C 43 20.63 37.12 -45.08
N GLY C 44 21.61 36.40 -45.62
CA GLY C 44 21.42 35.61 -46.82
C GLY C 44 21.32 34.13 -46.53
N HIS C 45 21.47 33.32 -47.58
CA HIS C 45 21.53 31.87 -47.48
C HIS C 45 22.99 31.47 -47.50
N VAL C 46 23.56 31.28 -46.32
CA VAL C 46 24.99 31.05 -46.15
C VAL C 46 25.17 29.71 -45.47
N ASN C 47 25.76 28.75 -46.20
CA ASN C 47 26.12 27.47 -45.59
C ASN C 47 27.30 27.66 -44.66
N ILE C 48 27.20 27.07 -43.46
CA ILE C 48 28.28 27.10 -42.48
C ILE C 48 28.90 25.72 -42.42
N THR C 49 30.23 25.67 -42.42
CA THR C 49 30.95 24.41 -42.29
C THR C 49 31.10 24.06 -40.82
N SER C 50 30.90 22.78 -40.50
CA SER C 50 30.98 22.35 -39.11
C SER C 50 32.29 22.74 -38.46
N GLN C 51 33.34 22.96 -39.25
CA GLN C 51 34.61 23.43 -38.71
C GLN C 51 34.56 24.93 -38.40
N ALA C 52 34.00 25.73 -39.32
CA ALA C 52 33.85 27.15 -39.06
C ALA C 52 32.88 27.40 -37.91
N LEU C 53 31.91 26.52 -37.72
CA LEU C 53 31.00 26.60 -36.58
C LEU C 53 31.62 26.04 -35.30
N HIS C 54 32.87 25.57 -35.36
CA HIS C 54 33.67 25.22 -34.20
C HIS C 54 34.76 26.24 -33.94
N TYR C 55 35.52 26.59 -34.99
CA TYR C 55 36.50 27.66 -34.90
C TYR C 55 35.85 28.96 -34.41
N ILE C 56 34.64 29.25 -34.88
CA ILE C 56 33.91 30.42 -34.39
C ILE C 56 33.64 30.29 -32.90
N ALA C 57 33.11 29.15 -32.48
CA ALA C 57 32.84 28.93 -31.05
C ALA C 57 34.13 29.04 -30.24
N GLN C 58 35.21 28.44 -30.73
CA GLN C 58 36.48 28.52 -30.02
C GLN C 58 36.96 29.97 -29.91
N LYS C 59 36.61 30.81 -30.88
CA LYS C 59 37.02 32.21 -30.87
C LYS C 59 35.99 33.13 -30.23
N GLY C 60 34.80 32.61 -29.89
CA GLY C 60 33.83 33.40 -29.18
C GLY C 60 33.00 34.35 -30.02
N ILE C 61 32.83 34.06 -31.31
CA ILE C 61 32.04 34.89 -32.20
C ILE C 61 30.58 34.44 -32.14
N LEU C 62 29.68 35.40 -32.37
CA LEU C 62 28.26 35.14 -32.44
C LEU C 62 27.79 35.21 -33.89
N ILE C 63 26.91 34.30 -34.28
CA ILE C 63 26.28 34.30 -35.59
C ILE C 63 24.80 34.57 -35.38
N HIS C 64 24.35 35.75 -35.82
CA HIS C 64 22.95 36.13 -35.72
C HIS C 64 22.28 35.90 -37.07
N PHE C 65 21.49 34.84 -37.16
CA PHE C 65 20.73 34.56 -38.37
C PHE C 65 19.45 35.39 -38.40
N PHE C 66 19.12 35.91 -39.57
CA PHE C 66 17.96 36.77 -39.76
C PHE C 66 17.01 36.16 -40.79
N ASN C 67 15.85 36.80 -40.94
CA ASN C 67 14.81 36.34 -41.83
C ASN C 67 15.03 36.88 -43.24
N HIS C 68 14.08 36.60 -44.14
CA HIS C 68 14.10 37.20 -45.47
C HIS C 68 14.05 38.72 -45.38
N TYR C 69 13.42 39.25 -44.34
CA TYR C 69 13.09 40.66 -44.24
C TYR C 69 14.17 41.49 -43.56
N GLY C 70 15.16 40.85 -42.94
CA GLY C 70 16.04 41.50 -42.01
C GLY C 70 15.57 41.42 -40.57
N TYR C 71 14.46 40.73 -40.31
CA TYR C 71 13.92 40.59 -38.97
C TYR C 71 14.71 39.55 -38.20
N TYR C 72 15.10 39.89 -36.96
CA TYR C 72 15.91 38.98 -36.15
C TYR C 72 15.26 37.61 -36.04
N ASP C 73 16.02 36.58 -36.40
CA ASP C 73 15.51 35.21 -36.44
C ASP C 73 16.02 34.38 -35.27
N GLY C 74 17.33 34.27 -35.09
CA GLY C 74 17.89 33.46 -34.05
C GLY C 74 19.29 33.91 -33.71
N THR C 75 19.94 33.14 -32.83
CA THR C 75 21.28 33.46 -32.39
C THR C 75 22.03 32.17 -32.09
N PHE C 76 23.32 32.15 -32.45
CA PHE C 76 24.22 31.06 -32.09
C PHE C 76 25.05 31.54 -30.89
N TYR C 77 24.78 30.96 -29.72
CA TYR C 77 25.48 31.36 -28.50
C TYR C 77 26.54 30.33 -28.17
N PRO C 78 27.84 30.64 -28.34
CA PRO C 78 28.88 29.67 -27.95
C PRO C 78 28.98 29.55 -26.43
N ARG C 79 29.91 28.74 -25.95
CA ARG C 79 30.08 28.61 -24.50
C ARG C 79 30.75 29.85 -23.94
N GLU C 80 30.53 30.06 -22.64
CA GLU C 80 30.79 31.35 -22.01
C GLU C 80 32.27 31.51 -21.70
N THR C 81 32.85 32.61 -22.20
CA THR C 81 34.30 32.83 -22.05
C THR C 81 34.66 33.30 -20.64
N LEU C 82 34.20 34.50 -20.27
CA LEU C 82 34.48 35.07 -18.96
C LEU C 82 33.18 35.00 -18.17
N LEU C 83 33.11 34.04 -17.24
CA LEU C 83 31.90 33.83 -16.46
C LEU C 83 32.12 34.24 -15.01
N SER C 84 31.00 34.45 -14.32
CA SER C 84 31.01 34.79 -12.90
C SER C 84 29.65 34.43 -12.33
N GLY C 85 29.65 33.76 -11.18
CA GLY C 85 28.41 33.32 -10.57
C GLY C 85 27.90 34.26 -9.50
N ASP C 86 28.83 34.86 -8.75
CA ASP C 86 28.44 35.78 -7.68
C ASP C 86 27.64 36.95 -8.25
N LEU C 87 28.00 37.42 -9.44
CA LEU C 87 27.20 38.46 -10.08
C LEU C 87 25.84 37.92 -10.47
N ILE C 88 25.78 36.67 -10.95
CA ILE C 88 24.50 36.09 -11.34
C ILE C 88 23.59 35.92 -10.14
N ILE C 89 24.14 35.53 -8.98
CA ILE C 89 23.34 35.47 -7.77
C ILE C 89 22.75 36.84 -7.45
N LYS C 90 23.61 37.86 -7.41
CA LYS C 90 23.13 39.22 -7.20
C LYS C 90 22.09 39.58 -8.25
N GLN C 91 22.37 39.28 -9.52
CA GLN C 91 21.41 39.55 -10.59
C GLN C 91 20.09 38.86 -10.31
N ALA C 92 20.14 37.58 -9.93
CA ALA C 92 18.91 36.85 -9.60
C ALA C 92 18.35 37.27 -8.25
N GLU C 93 19.22 37.66 -7.31
CA GLU C 93 18.75 38.13 -6.00
C GLU C 93 17.87 39.36 -6.15
N HIS C 94 18.22 40.25 -7.08
CA HIS C 94 17.41 41.43 -7.32
C HIS C 94 16.06 41.06 -7.94
N TYR C 95 16.06 40.09 -8.85
CA TYR C 95 14.80 39.65 -9.44
C TYR C 95 13.90 39.01 -8.41
N LEU C 96 14.44 38.09 -7.60
CA LEU C 96 13.62 37.36 -6.64
C LEU C 96 13.03 38.30 -5.60
N ASP C 97 13.87 39.04 -4.89
CA ASP C 97 13.38 40.04 -3.95
C ASP C 97 12.64 41.13 -4.71
N LYS C 98 11.38 41.37 -4.34
CA LYS C 98 10.50 42.18 -5.17
C LYS C 98 11.01 43.60 -5.34
N ASN C 99 11.84 44.10 -4.45
CA ASN C 99 12.47 45.40 -4.63
C ASN C 99 13.86 45.24 -5.22
N LYS C 100 14.31 46.30 -5.89
CA LYS C 100 15.56 46.35 -6.65
C LYS C 100 15.43 45.58 -7.96
N ARG C 101 14.36 44.77 -8.10
CA ARG C 101 13.85 44.46 -9.42
C ARG C 101 12.94 45.60 -9.87
N LEU C 102 12.09 46.06 -8.96
CA LEU C 102 11.19 47.14 -9.25
C LEU C 102 11.96 48.39 -9.67
N PHE C 103 12.95 48.78 -8.86
CA PHE C 103 13.75 49.96 -9.15
C PHE C 103 14.45 49.83 -10.50
N LEU C 104 15.16 48.72 -10.70
CA LEU C 104 15.87 48.54 -11.96
C LEU C 104 14.90 48.45 -13.14
N ALA C 105 13.73 47.85 -12.93
CA ALA C 105 12.71 47.84 -13.97
C ALA C 105 12.29 49.26 -14.32
N LYS C 106 11.97 50.07 -13.31
CA LYS C 106 11.64 51.47 -13.56
C LYS C 106 12.81 52.20 -14.24
N SER C 107 14.03 51.94 -13.77
CA SER C 107 15.17 52.73 -14.24
C SER C 107 15.34 52.64 -15.75
N PHE C 108 15.18 51.44 -16.31
CA PHE C 108 15.24 51.28 -17.76
C PHE C 108 14.22 52.18 -18.43
N VAL C 109 12.96 52.12 -17.97
CA VAL C 109 11.90 52.91 -18.59
C VAL C 109 12.23 54.39 -18.48
N VAL C 110 12.71 54.84 -17.32
CA VAL C 110 13.07 56.24 -17.15
C VAL C 110 14.12 56.65 -18.17
N GLY C 111 15.08 55.76 -18.45
CA GLY C 111 16.05 56.05 -19.48
C GLY C 111 15.42 56.19 -20.85
N GLY C 112 14.51 55.26 -21.19
CA GLY C 112 13.84 55.35 -22.46
C GLY C 112 13.09 56.66 -22.65
N ALA C 113 12.26 57.02 -21.65
CA ALA C 113 11.42 58.21 -21.76
C ALA C 113 12.21 59.50 -21.58
N LYS C 114 13.42 59.45 -21.01
CA LYS C 114 14.26 60.63 -20.95
C LYS C 114 14.98 60.86 -22.28
N ASN C 115 15.49 59.78 -22.88
CA ASN C 115 16.12 59.89 -24.19
C ASN C 115 15.14 60.44 -25.22
N MET C 116 13.89 59.98 -25.18
CA MET C 116 12.91 60.31 -26.21
C MET C 116 12.80 61.83 -26.39
N GLU C 117 12.47 62.55 -25.31
CA GLU C 117 12.39 63.99 -25.39
C GLU C 117 13.74 64.60 -25.76
N LYS C 118 14.80 64.15 -25.08
CA LYS C 118 16.14 64.68 -25.36
C LYS C 118 16.53 64.43 -26.82
N ASN C 119 15.99 63.37 -27.43
CA ASN C 119 16.18 63.17 -28.86
C ASN C 119 15.33 64.16 -29.66
N LEU C 120 14.04 64.26 -29.31
CA LEU C 120 13.15 65.18 -30.03
C LEU C 120 13.66 66.61 -29.97
N LYS C 121 14.36 66.98 -28.89
CA LYS C 121 14.87 68.35 -28.79
C LYS C 121 15.83 68.66 -29.93
N ASN C 122 16.71 67.71 -30.26
CA ASN C 122 17.57 67.89 -31.43
C ASN C 122 16.74 68.11 -32.69
N TRP C 123 15.51 67.61 -32.70
CA TRP C 123 14.59 67.78 -33.81
C TRP C 123 13.64 68.95 -33.61
N GLY C 124 13.62 69.54 -32.41
CA GLY C 124 12.88 70.76 -32.18
C GLY C 124 11.40 70.60 -31.98
N ILE C 125 10.98 69.51 -31.35
CA ILE C 125 9.57 69.15 -31.26
C ILE C 125 9.07 69.40 -29.85
N SER C 126 7.75 69.50 -29.72
CA SER C 126 7.10 69.85 -28.47
C SER C 126 6.42 68.63 -27.86
N SER C 127 6.74 68.34 -26.59
CA SER C 127 6.06 67.32 -25.83
C SER C 127 6.52 67.40 -24.38
N ASP C 128 5.58 67.28 -23.45
CA ASP C 128 5.89 67.25 -22.03
C ASP C 128 5.69 65.81 -21.54
N PHE C 129 6.78 65.05 -21.53
CA PHE C 129 6.77 63.69 -20.98
C PHE C 129 6.89 63.69 -19.47
N SER C 130 7.15 64.85 -18.85
CA SER C 130 7.32 64.91 -17.41
C SER C 130 6.06 64.47 -16.66
N ASN C 131 4.88 64.76 -17.20
CA ASN C 131 3.65 64.41 -16.51
C ASN C 131 3.39 62.91 -16.54
N HIS C 132 3.82 62.23 -17.61
CA HIS C 132 3.65 60.78 -17.67
C HIS C 132 4.59 60.08 -16.70
N LEU C 133 5.81 60.59 -16.54
CA LEU C 133 6.80 59.90 -15.73
C LEU C 133 6.35 59.74 -14.28
N LYS C 134 5.53 60.67 -13.78
CA LYS C 134 5.06 60.56 -12.40
C LYS C 134 4.16 59.34 -12.23
N GLU C 135 3.38 59.00 -13.26
CA GLU C 135 2.47 57.85 -13.19
C GLU C 135 3.21 56.54 -12.99
N LEU C 136 4.54 56.53 -13.12
CA LEU C 136 5.30 55.29 -12.96
C LEU C 136 5.26 54.77 -11.52
N GLN C 137 5.62 55.63 -10.57
CA GLN C 137 5.99 55.22 -9.22
C GLN C 137 5.11 54.11 -8.67
N GLY C 138 3.80 54.17 -8.93
CA GLY C 138 2.90 53.15 -8.45
C GLY C 138 3.08 51.84 -9.20
N ALA C 139 2.10 50.96 -9.01
CA ALA C 139 2.06 49.67 -9.70
C ALA C 139 3.32 48.86 -9.41
N LYS C 140 3.44 48.45 -8.15
CA LYS C 140 4.60 47.70 -7.68
C LYS C 140 5.06 46.67 -8.69
N LYS C 141 4.13 45.94 -9.31
CA LYS C 141 4.50 44.94 -10.30
C LYS C 141 4.68 45.58 -11.66
N VAL C 142 5.36 44.86 -12.56
CA VAL C 142 5.82 45.45 -13.81
C VAL C 142 4.71 45.60 -14.83
N THR C 143 3.70 44.72 -14.81
CA THR C 143 2.72 44.68 -15.88
C THR C 143 2.13 46.05 -16.19
N GLU C 144 1.99 46.90 -15.17
CA GLU C 144 1.46 48.24 -15.39
C GLU C 144 2.54 49.21 -15.84
N ILE C 145 3.74 49.12 -15.22
CA ILE C 145 4.84 49.98 -15.62
C ILE C 145 5.13 49.83 -17.10
N MET C 146 4.92 48.62 -17.64
CA MET C 146 5.08 48.42 -19.07
C MET C 146 3.95 49.05 -19.86
N ASN C 147 2.70 48.75 -19.48
CA ASN C 147 1.56 49.37 -20.14
C ASN C 147 1.68 50.88 -20.18
N VAL C 148 2.37 51.47 -19.20
CA VAL C 148 2.70 52.89 -19.28
C VAL C 148 3.69 53.14 -20.42
N GLU C 149 4.76 52.34 -20.46
CA GLU C 149 5.75 52.51 -21.52
C GLU C 149 5.15 52.26 -22.89
N GLY C 150 4.09 51.45 -22.98
CA GLY C 150 3.40 51.24 -24.23
C GLY C 150 2.74 52.52 -24.72
N ARG C 151 1.89 53.09 -23.87
CA ARG C 151 1.30 54.39 -24.18
C ARG C 151 2.38 55.42 -24.48
N ILE C 152 3.44 55.45 -23.68
CA ILE C 152 4.49 56.44 -23.86
C ILE C 152 5.08 56.33 -25.27
N ARG C 153 5.49 55.12 -25.67
CA ARG C 153 6.09 54.96 -26.98
C ARG C 153 5.08 55.21 -28.09
N GLN C 154 3.83 54.77 -27.91
CA GLN C 154 2.82 54.99 -28.93
C GLN C 154 2.46 56.47 -29.06
N GLU C 155 2.57 57.23 -27.97
CA GLU C 155 2.38 58.67 -28.07
C GLU C 155 3.60 59.34 -28.68
N TYR C 156 4.80 58.89 -28.31
CA TYR C 156 6.01 59.34 -28.99
C TYR C 156 5.88 59.13 -30.50
N TYR C 157 5.52 57.91 -30.90
CA TYR C 157 5.32 57.63 -32.32
C TYR C 157 4.24 58.54 -32.90
N ALA C 158 3.15 58.76 -32.15
CA ALA C 158 2.06 59.59 -32.66
C ALA C 158 2.55 60.97 -33.04
N ARG C 159 3.44 61.57 -32.23
CA ARG C 159 3.90 62.92 -32.47
C ARG C 159 5.31 62.98 -33.04
N TRP C 160 5.91 61.84 -33.38
CA TRP C 160 7.15 61.88 -34.15
C TRP C 160 6.87 62.26 -35.60
N ASP C 161 5.73 61.79 -36.13
CA ASP C 161 5.33 62.11 -37.50
C ASP C 161 5.10 63.60 -37.71
N GLU C 162 5.10 64.41 -36.64
CA GLU C 162 4.89 65.85 -36.79
C GLU C 162 5.99 66.50 -37.60
N SER C 163 7.15 65.84 -37.73
CA SER C 163 8.26 66.33 -38.55
C SER C 163 8.34 65.62 -39.89
N LEU C 164 8.28 64.28 -39.87
CA LEU C 164 8.49 63.50 -41.07
C LEU C 164 7.43 63.80 -42.12
N PRO C 165 7.69 63.44 -43.38
CA PRO C 165 6.70 63.65 -44.43
C PRO C 165 5.52 62.70 -44.30
N GLY C 166 4.42 63.08 -44.96
CA GLY C 166 3.19 62.32 -44.83
C GLY C 166 3.35 60.85 -45.13
N GLU C 167 3.92 60.52 -46.29
CA GLU C 167 4.00 59.14 -46.72
C GLU C 167 4.61 58.24 -45.65
N PHE C 168 5.49 58.78 -44.82
CA PHE C 168 6.20 58.01 -43.80
C PHE C 168 5.51 58.08 -42.44
N ARG C 169 4.20 58.25 -42.43
CA ARG C 169 3.44 58.22 -41.20
C ARG C 169 3.57 56.87 -40.51
N ILE C 170 3.72 56.90 -39.18
CA ILE C 170 3.55 55.72 -38.35
C ILE C 170 2.24 55.87 -37.58
N GLY C 171 1.15 55.39 -38.19
CA GLY C 171 -0.15 55.57 -37.54
C GLY C 171 -0.32 54.62 -36.38
N LYS C 172 0.11 53.38 -36.53
CA LYS C 172 0.18 52.38 -35.48
C LYS C 172 1.57 51.79 -35.49
N ARG C 173 1.99 51.25 -34.34
CA ARG C 173 3.17 50.39 -34.31
C ARG C 173 2.78 49.07 -34.96
N THR C 174 3.03 48.94 -36.26
CA THR C 174 2.59 47.78 -37.03
C THR C 174 3.81 46.89 -37.27
N ARG C 175 3.90 45.81 -36.49
CA ARG C 175 4.93 44.80 -36.68
C ARG C 175 4.39 43.76 -37.66
N ARG C 176 5.07 42.62 -37.76
CA ARG C 176 4.83 41.64 -38.81
C ARG C 176 3.35 41.45 -39.13
N PRO C 177 2.93 41.67 -40.39
CA PRO C 177 3.72 42.29 -41.46
C PRO C 177 3.62 43.80 -41.37
N PRO C 178 4.73 44.52 -41.39
CA PRO C 178 4.64 45.99 -41.49
C PRO C 178 4.08 46.37 -42.85
N LYS C 179 2.90 46.99 -42.84
CA LYS C 179 2.25 47.41 -44.08
C LYS C 179 2.45 48.89 -44.39
N ASN C 180 3.15 49.63 -43.52
CA ASN C 180 3.39 51.05 -43.70
C ASN C 180 4.87 51.32 -43.86
N GLU C 181 5.19 52.59 -44.14
CA GLU C 181 6.57 53.04 -44.15
C GLU C 181 7.03 53.33 -42.74
N MET C 182 8.35 53.32 -42.55
CA MET C 182 8.98 53.77 -41.31
C MET C 182 8.77 52.80 -40.17
N ASN C 183 7.90 51.81 -40.33
CA ASN C 183 7.72 50.80 -39.30
C ASN C 183 8.49 49.53 -39.61
N ALA C 184 8.73 49.27 -40.90
CA ALA C 184 9.68 48.23 -41.29
C ALA C 184 11.10 48.66 -40.95
N LEU C 185 11.52 49.83 -41.47
CA LEU C 185 12.85 50.35 -41.18
C LEU C 185 13.11 50.38 -39.67
N ILE C 186 12.09 50.68 -38.87
CA ILE C 186 12.26 50.69 -37.42
C ILE C 186 12.38 49.27 -36.90
N SER C 187 11.39 48.42 -37.19
CA SER C 187 11.45 47.04 -36.74
C SER C 187 12.74 46.36 -37.19
N PHE C 188 13.33 46.83 -38.28
CA PHE C 188 14.58 46.25 -38.77
C PHE C 188 15.78 46.79 -37.98
N LEU C 189 15.89 48.12 -37.85
CA LEU C 189 16.88 48.69 -36.94
C LEU C 189 16.67 48.15 -35.53
N ASN C 190 15.42 47.95 -35.13
CA ASN C 190 15.12 47.33 -33.85
C ASN C 190 15.78 45.96 -33.76
N SER C 191 15.55 45.11 -34.77
CA SER C 191 16.14 43.78 -34.76
C SER C 191 17.65 43.85 -34.65
N ARG C 192 18.27 44.74 -35.42
CA ARG C 192 19.73 44.84 -35.40
C ARG C 192 20.23 45.30 -34.04
N LEU C 193 19.66 46.39 -33.53
CA LEU C 193 20.05 46.85 -32.20
C LEU C 193 19.86 45.76 -31.17
N TYR C 194 18.77 44.99 -31.30
CA TYR C 194 18.58 43.81 -30.47
C TYR C 194 19.75 42.85 -30.62
N ALA C 195 20.09 42.51 -31.86
CA ALA C 195 21.22 41.61 -32.12
C ALA C 195 22.49 42.13 -31.47
N THR C 196 22.93 43.33 -31.86
CA THR C 196 24.10 43.93 -31.23
C THR C 196 23.98 43.93 -29.71
N MET C 197 22.76 43.99 -29.20
CA MET C 197 22.56 43.95 -27.75
C MET C 197 22.87 42.58 -27.18
N ILE C 198 22.37 41.52 -27.82
CA ILE C 198 22.67 40.17 -27.34
C ILE C 198 24.17 39.93 -27.40
N SER C 199 24.86 40.57 -28.34
CA SER C 199 26.29 40.35 -28.50
C SER C 199 27.11 41.13 -27.47
N GLU C 200 26.82 42.42 -27.32
CA GLU C 200 27.62 43.26 -26.43
C GLU C 200 27.51 42.82 -24.97
N ILE C 201 26.52 41.98 -24.64
CA ILE C 201 26.40 41.48 -23.27
C ILE C 201 27.41 40.36 -23.03
N TYR C 202 27.59 39.48 -24.01
CA TYR C 202 28.54 38.38 -23.89
C TYR C 202 29.87 38.83 -23.30
N ASN C 203 30.35 40.00 -23.74
CA ASN C 203 31.65 40.48 -23.26
C ASN C 203 31.64 40.87 -21.79
N THR C 204 30.50 40.85 -21.12
CA THR C 204 30.40 41.17 -19.71
C THR C 204 30.19 39.88 -18.91
N GLN C 205 30.03 40.04 -17.60
CA GLN C 205 29.72 38.93 -16.70
C GLN C 205 28.23 38.77 -16.46
N LEU C 206 27.41 39.58 -17.11
CA LEU C 206 25.96 39.51 -16.93
C LEU C 206 25.40 38.25 -17.56
N ALA C 207 24.47 37.61 -16.86
CA ALA C 207 23.71 36.51 -17.45
C ALA C 207 22.58 37.08 -18.29
N PRO C 208 22.51 36.79 -19.59
CA PRO C 208 21.52 37.46 -20.44
C PRO C 208 20.09 36.97 -20.23
N THR C 209 19.91 35.85 -19.55
CA THR C 209 18.59 35.24 -19.40
C THR C 209 17.88 35.66 -18.13
N ILE C 210 18.51 36.44 -17.27
CA ILE C 210 17.88 36.99 -16.07
C ILE C 210 17.60 38.47 -16.33
N SER C 211 16.33 38.84 -16.39
CA SER C 211 15.92 40.19 -16.73
C SER C 211 14.91 40.70 -15.70
N TYR C 212 14.64 42.01 -15.76
CA TYR C 212 13.77 42.66 -14.78
C TYR C 212 12.50 43.21 -15.40
N LEU C 213 12.59 44.11 -16.37
CA LEU C 213 11.38 44.72 -16.92
C LEU C 213 10.59 43.71 -17.74
N HIS C 214 11.26 42.74 -18.35
CA HIS C 214 10.63 41.69 -19.14
C HIS C 214 10.78 40.37 -18.39
N GLU C 215 9.69 39.64 -18.25
CA GLU C 215 9.76 38.33 -17.62
C GLU C 215 10.68 37.42 -18.42
N PRO C 216 11.65 36.79 -17.80
CA PRO C 216 12.69 36.09 -18.58
C PRO C 216 12.27 34.69 -18.98
N SER C 217 13.13 34.07 -19.80
CA SER C 217 13.00 32.68 -20.17
C SER C 217 14.40 32.11 -20.36
N GLU C 218 14.64 30.92 -19.80
CA GLU C 218 15.99 30.35 -19.83
C GLU C 218 16.59 30.34 -21.23
N ARG C 219 15.75 30.23 -22.27
CA ARG C 219 16.24 30.20 -23.64
C ARG C 219 16.32 31.59 -24.26
N ARG C 220 15.44 32.50 -23.84
CA ARG C 220 15.32 33.82 -24.45
C ARG C 220 16.19 34.83 -23.72
N PHE C 221 16.80 35.71 -24.50
CA PHE C 221 17.53 36.85 -23.94
C PHE C 221 16.54 37.99 -23.75
N SER C 222 16.07 38.18 -22.52
CA SER C 222 15.20 39.29 -22.19
C SER C 222 15.96 40.48 -21.60
N LEU C 223 17.25 40.30 -21.27
CA LEU C 223 18.06 41.41 -20.78
C LEU C 223 18.51 42.31 -21.92
N ALA C 224 18.79 41.72 -23.10
CA ALA C 224 19.01 42.53 -24.29
C ALA C 224 17.79 43.41 -24.57
N LEU C 225 16.58 42.85 -24.39
CA LEU C 225 15.37 43.65 -24.54
C LEU C 225 15.30 44.74 -23.49
N ASP C 226 15.46 44.37 -22.21
CA ASP C 226 15.46 45.34 -21.12
C ASP C 226 16.42 46.49 -21.42
N LEU C 227 17.67 46.16 -21.73
CA LEU C 227 18.66 47.20 -21.98
C LEU C 227 18.41 47.92 -23.31
N SER C 228 17.87 47.22 -24.30
CA SER C 228 17.58 47.87 -25.58
C SER C 228 16.56 49.00 -25.40
N GLU C 229 15.67 48.87 -24.42
CA GLU C 229 14.71 49.93 -24.14
C GLU C 229 15.38 51.29 -24.04
N ILE C 230 16.64 51.32 -23.59
CA ILE C 230 17.35 52.58 -23.45
C ILE C 230 17.92 53.06 -24.78
N PHE C 231 18.50 52.15 -25.56
CA PHE C 231 19.24 52.55 -26.75
C PHE C 231 18.37 52.66 -28.00
N LYS C 232 17.24 51.98 -28.04
CA LYS C 232 16.37 52.07 -29.20
C LYS C 232 16.05 53.51 -29.58
N PRO C 233 15.72 54.42 -28.65
CA PRO C 233 15.55 55.83 -29.04
C PRO C 233 16.86 56.53 -29.33
N ILE C 234 18.00 55.99 -28.90
CA ILE C 234 19.28 56.64 -29.14
C ILE C 234 19.81 56.28 -30.53
N ILE C 235 19.78 54.98 -30.86
CA ILE C 235 20.42 54.47 -32.07
C ILE C 235 19.37 54.16 -33.14
N ALA C 236 18.44 53.25 -32.83
CA ALA C 236 17.44 52.86 -33.83
C ALA C 236 16.64 54.06 -34.33
N ASP C 237 16.03 54.80 -33.40
CA ASP C 237 15.21 55.95 -33.80
C ASP C 237 16.06 57.04 -34.43
N ARG C 238 17.22 57.35 -33.84
CA ARG C 238 18.05 58.42 -34.38
C ARG C 238 18.53 58.08 -35.79
N ILE C 239 19.02 56.86 -35.99
CA ILE C 239 19.12 56.34 -37.34
C ILE C 239 17.69 56.26 -37.88
N ALA C 240 17.52 56.45 -39.19
CA ALA C 240 16.20 56.45 -39.79
C ALA C 240 15.45 57.73 -39.43
N ASN C 241 16.03 58.54 -38.54
CA ASN C 241 15.70 59.96 -38.47
C ASN C 241 16.67 60.77 -39.32
N ARG C 242 17.97 60.70 -39.00
CA ARG C 242 18.99 61.30 -39.85
C ARG C 242 19.40 60.35 -40.94
N LEU C 243 18.43 59.71 -41.56
CA LEU C 243 18.54 58.89 -42.76
C LEU C 243 17.44 59.22 -43.75
N VAL C 244 16.23 59.51 -43.25
CA VAL C 244 15.06 59.72 -44.09
C VAL C 244 15.01 61.16 -44.59
N LYS C 245 15.51 62.10 -43.80
CA LYS C 245 15.42 63.52 -44.15
C LYS C 245 16.49 63.92 -45.16
N LYS C 246 17.74 63.55 -44.89
CA LYS C 246 18.81 63.83 -45.83
C LYS C 246 18.53 63.28 -47.22
N GLY C 247 17.57 62.37 -47.35
CA GLY C 247 17.19 61.84 -48.64
C GLY C 247 17.86 60.55 -49.02
N ILE C 248 18.32 59.76 -48.05
CA ILE C 248 19.11 58.57 -48.35
C ILE C 248 18.24 57.38 -48.73
N ILE C 249 16.94 57.41 -48.42
CA ILE C 249 16.04 56.33 -48.82
C ILE C 249 14.73 56.92 -49.34
N LYS C 250 14.21 56.32 -50.41
CA LYS C 250 12.95 56.71 -51.02
C LYS C 250 12.03 55.50 -51.12
N LYS C 251 10.93 55.63 -51.86
CA LYS C 251 10.04 54.50 -52.06
C LYS C 251 10.67 53.40 -52.90
N ASP C 252 11.66 53.74 -53.74
CA ASP C 252 12.37 52.71 -54.49
C ASP C 252 13.04 51.70 -53.58
N HIS C 253 13.33 52.08 -52.33
CA HIS C 253 13.99 51.21 -51.37
C HIS C 253 13.01 50.35 -50.58
N PHE C 254 11.73 50.71 -50.57
CA PHE C 254 10.69 49.91 -49.94
C PHE C 254 9.84 49.27 -51.01
N ARG C 255 9.57 47.97 -50.88
CA ARG C 255 8.80 47.24 -51.87
C ARG C 255 7.61 46.55 -51.21
N GLU C 256 6.63 46.22 -52.04
CA GLU C 256 5.38 45.64 -51.58
C GLU C 256 5.47 44.11 -51.60
N ASP C 257 4.85 43.49 -50.61
CA ASP C 257 4.63 42.05 -50.57
C ASP C 257 3.13 41.79 -50.67
N LEU C 258 2.76 40.52 -50.62
CA LEU C 258 1.35 40.15 -50.69
C LEU C 258 0.64 40.37 -49.37
N ASN C 259 1.37 40.41 -48.26
CA ASN C 259 0.79 40.67 -46.94
C ASN C 259 1.06 42.10 -46.46
N GLY C 260 2.33 42.50 -46.42
CA GLY C 260 2.69 43.85 -46.01
C GLY C 260 3.87 44.39 -46.80
N VAL C 261 4.49 45.45 -46.31
CA VAL C 261 5.60 46.08 -47.01
C VAL C 261 6.91 45.71 -46.33
N LEU C 262 8.02 45.95 -47.03
CA LEU C 262 9.34 45.57 -46.56
C LEU C 262 10.37 46.47 -47.24
N LEU C 263 11.64 46.17 -47.03
CA LEU C 263 12.74 46.79 -47.76
C LEU C 263 13.15 45.88 -48.91
N THR C 264 13.43 46.48 -50.07
CA THR C 264 14.11 45.71 -51.10
C THR C 264 15.58 45.61 -50.76
N ASP C 265 16.25 44.62 -51.36
CA ASP C 265 17.67 44.41 -51.07
C ASP C 265 18.47 45.69 -51.22
N GLU C 266 18.06 46.59 -52.13
CA GLU C 266 18.80 47.83 -52.34
C GLU C 266 18.80 48.69 -51.08
N GLY C 267 17.65 48.84 -50.44
CA GLY C 267 17.58 49.64 -49.22
C GLY C 267 18.12 48.94 -48.00
N MET C 268 18.04 47.60 -47.98
CA MET C 268 18.46 46.86 -46.79
C MET C 268 19.93 47.12 -46.47
N LYS C 269 20.78 47.18 -47.50
CA LYS C 269 22.19 47.51 -47.25
C LYS C 269 22.33 48.93 -46.70
N ILE C 270 21.57 49.87 -47.27
CA ILE C 270 21.74 51.27 -46.90
C ILE C 270 21.42 51.49 -45.42
N VAL C 271 20.35 50.86 -44.93
CA VAL C 271 20.04 50.94 -43.51
C VAL C 271 21.21 50.41 -42.69
N THR C 272 21.79 49.28 -43.11
CA THR C 272 22.96 48.75 -42.44
C THR C 272 24.13 49.72 -42.50
N LYS C 273 24.39 50.28 -43.68
CA LYS C 273 25.50 51.21 -43.83
C LYS C 273 25.38 52.37 -42.85
N ALA C 274 24.28 53.11 -42.94
CA ALA C 274 24.04 54.18 -41.97
C ALA C 274 24.11 53.64 -40.54
N TYR C 275 23.66 52.41 -40.33
CA TYR C 275 23.63 51.85 -38.98
C TYR C 275 25.05 51.63 -38.46
N ASN C 276 25.80 50.75 -39.11
CA ASN C 276 27.16 50.47 -38.63
C ASN C 276 28.05 51.70 -38.70
N GLN C 277 27.72 52.66 -39.58
CA GLN C 277 28.40 53.94 -39.55
C GLN C 277 27.99 54.75 -38.33
N GLU C 278 26.72 54.65 -37.92
CA GLU C 278 26.26 55.37 -36.75
C GLU C 278 26.68 54.69 -35.45
N LEU C 279 26.85 53.37 -35.48
CA LEU C 279 27.29 52.66 -34.28
C LEU C 279 28.79 52.80 -34.05
N GLU C 280 29.55 53.19 -35.08
CA GLU C 280 30.99 53.38 -34.95
C GLU C 280 31.39 54.85 -35.06
N LYS C 281 30.47 55.77 -34.83
CA LYS C 281 30.78 57.18 -34.77
C LYS C 281 31.57 57.42 -33.49
N THR C 282 31.74 58.67 -33.09
CA THR C 282 32.29 58.99 -31.78
C THR C 282 31.45 60.08 -31.11
N VAL C 283 31.40 60.03 -29.78
CA VAL C 283 30.68 61.01 -28.98
C VAL C 283 31.67 62.00 -28.37
N VAL C 292 36.04 57.54 -29.60
CA VAL C 292 36.55 56.60 -28.60
C VAL C 292 35.43 55.72 -28.04
N THR C 293 34.16 56.08 -28.28
CA THR C 293 33.11 55.45 -27.49
C THR C 293 31.73 55.14 -28.10
N ARG C 294 31.53 55.19 -29.41
CA ARG C 294 30.16 55.02 -29.89
C ARG C 294 29.60 53.65 -29.51
N ARG C 295 30.31 52.57 -29.86
CA ARG C 295 29.86 51.24 -29.48
C ARG C 295 30.23 50.91 -28.05
N ARG C 296 31.33 51.46 -27.55
CA ARG C 296 31.78 51.15 -26.19
C ARG C 296 30.77 51.59 -25.14
N LEU C 297 29.92 52.57 -25.46
CA LEU C 297 28.82 52.92 -24.57
C LEU C 297 27.95 51.71 -24.26
N ILE C 298 27.81 50.79 -25.22
CA ILE C 298 26.86 49.70 -25.08
C ILE C 298 27.33 48.71 -24.01
N ARG C 299 28.65 48.63 -23.78
CA ARG C 299 29.13 47.85 -22.64
C ARG C 299 29.09 48.66 -21.35
N LEU C 300 29.23 49.99 -21.43
CA LEU C 300 29.27 50.81 -20.22
C LEU C 300 27.92 50.80 -19.52
N GLU C 301 26.83 51.08 -20.26
CA GLU C 301 25.51 51.02 -19.66
C GLU C 301 25.27 49.65 -19.01
N ALA C 302 25.88 48.60 -19.56
CA ALA C 302 25.83 47.30 -18.90
C ALA C 302 26.75 47.26 -17.70
N TYR C 303 27.93 47.88 -17.79
CA TYR C 303 28.84 47.92 -16.66
C TYR C 303 28.18 48.61 -15.46
N LYS C 304 27.52 49.75 -15.72
CA LYS C 304 26.79 50.45 -14.67
C LYS C 304 25.93 49.50 -13.85
N ILE C 305 25.27 48.55 -14.53
CA ILE C 305 24.51 47.54 -13.81
C ILE C 305 25.42 46.77 -12.88
N ILE C 306 26.58 46.31 -13.38
CA ILE C 306 27.55 45.65 -12.52
C ILE C 306 27.91 46.57 -11.35
N LYS C 307 28.08 47.87 -11.62
CA LYS C 307 28.40 48.80 -10.55
C LYS C 307 27.29 48.89 -9.51
N HIS C 308 26.05 48.56 -9.88
CA HIS C 308 24.94 48.57 -8.94
C HIS C 308 24.77 47.24 -8.22
N LEU C 309 24.94 46.13 -8.94
CA LEU C 309 24.75 44.81 -8.33
C LEU C 309 25.77 44.57 -7.23
N VAL C 310 26.98 45.12 -7.36
CA VAL C 310 27.96 45.00 -6.29
C VAL C 310 27.64 45.98 -5.16
N GLY C 311 27.10 47.14 -5.50
CA GLY C 311 27.02 48.23 -4.55
C GLY C 311 28.14 49.23 -4.68
N VAL C 312 28.66 49.44 -5.90
CA VAL C 312 29.62 50.52 -6.12
C VAL C 312 28.89 51.85 -6.23
N GLU C 313 28.02 51.98 -7.22
CA GLU C 313 27.16 53.14 -7.38
C GLU C 313 25.76 52.67 -7.71
N GLU C 314 24.75 53.38 -7.22
CA GLU C 314 23.38 53.10 -7.61
C GLU C 314 23.23 53.27 -9.11
N TYR C 315 22.30 52.50 -9.69
CA TYR C 315 22.17 52.47 -11.14
C TYR C 315 21.51 53.75 -11.64
N SER C 316 22.16 54.40 -12.62
CA SER C 316 21.61 55.55 -13.30
C SER C 316 21.53 55.26 -14.78
N PRO C 317 20.41 55.58 -15.46
CA PRO C 317 20.32 55.28 -16.89
C PRO C 317 21.23 56.14 -17.75
N LEU C 318 21.26 55.85 -19.06
CA LEU C 318 21.96 56.66 -20.03
C LEU C 318 20.96 57.64 -20.64
N VAL C 319 21.31 58.92 -20.65
CA VAL C 319 20.43 59.93 -21.21
C VAL C 319 20.91 60.24 -22.62
N ALA C 320 22.11 60.80 -22.73
CA ALA C 320 22.64 61.28 -24.00
C ALA C 320 24.10 61.70 -23.78
N TRP C 321 24.51 62.74 -24.51
CA TRP C 321 25.87 63.22 -24.64
C TRP C 321 26.68 63.28 -23.35
N PHE C 322 28.00 63.39 -23.50
CA PHE C 322 28.96 63.39 -22.39
C PHE C 322 28.41 64.19 -21.22
N LYS D 4 10.56 13.50 -27.97
CA LYS D 4 11.64 13.57 -26.99
C LYS D 4 12.73 14.53 -27.51
N SER D 5 13.96 14.06 -27.60
CA SER D 5 15.07 14.85 -28.13
C SER D 5 15.75 14.09 -29.26
N LEU D 6 16.49 14.82 -30.09
CA LEU D 6 17.14 14.27 -31.26
C LEU D 6 18.64 14.42 -31.14
N THR D 7 19.37 13.40 -31.58
CA THR D 7 20.84 13.39 -31.51
C THR D 7 21.39 12.89 -32.84
N ILE D 8 22.35 13.62 -33.40
CA ILE D 8 22.97 13.28 -34.67
C ILE D 8 24.45 13.00 -34.39
N PHE D 9 24.86 11.75 -34.60
CA PHE D 9 26.26 11.37 -34.46
C PHE D 9 27.00 11.40 -35.79
N SER D 10 26.34 10.98 -36.87
CA SER D 10 26.99 10.91 -38.17
C SER D 10 27.37 12.30 -38.66
N ASP D 11 28.47 12.35 -39.42
CA ASP D 11 28.94 13.60 -40.01
C ASP D 11 28.29 13.77 -41.38
N GLY D 12 27.35 14.69 -41.48
CA GLY D 12 26.64 14.98 -42.70
C GLY D 12 26.54 16.47 -42.94
N THR D 13 25.44 16.87 -43.56
CA THR D 13 25.10 18.28 -43.78
C THR D 13 23.61 18.44 -43.57
N LEU D 14 23.22 19.18 -42.54
CA LEU D 14 21.82 19.55 -42.38
C LEU D 14 21.47 20.65 -43.36
N LEU D 15 20.34 20.51 -44.03
CA LEU D 15 19.99 21.33 -45.18
C LEU D 15 18.48 21.29 -45.32
N ARG D 16 17.96 22.22 -46.11
CA ARG D 16 16.53 22.31 -46.37
C ARG D 16 16.31 22.29 -47.87
N ARG D 17 15.40 21.42 -48.31
CA ARG D 17 15.05 21.25 -49.72
C ARG D 17 13.83 22.07 -50.07
N GLU D 18 13.76 23.31 -49.56
CA GLU D 18 12.65 24.21 -49.87
C GLU D 18 11.33 23.75 -49.28
N ASN D 19 11.13 24.06 -47.99
CA ASN D 19 9.91 23.78 -47.24
C ASN D 19 9.85 22.35 -46.69
N THR D 20 11.00 21.85 -46.24
CA THR D 20 11.07 20.70 -45.35
C THR D 20 12.54 20.53 -44.95
N LEU D 21 12.77 19.90 -43.80
CA LEU D 21 14.11 19.69 -43.29
C LEU D 21 14.69 18.41 -43.88
N TYR D 22 15.99 18.44 -44.20
CA TYR D 22 16.64 17.31 -44.85
C TYR D 22 18.06 17.15 -44.30
N PHE D 23 18.50 15.89 -44.22
CA PHE D 23 19.86 15.55 -43.80
C PHE D 23 20.56 14.87 -44.98
N GLU D 24 21.52 15.59 -45.57
CA GLU D 24 22.36 15.19 -46.71
C GLU D 24 23.49 14.32 -46.14
N ASN D 25 24.75 14.53 -46.55
CA ASN D 25 25.81 13.55 -46.76
C ASN D 25 25.54 12.30 -45.93
N VAL D 26 26.46 11.75 -45.14
CA VAL D 26 26.92 10.36 -45.12
C VAL D 26 26.50 9.46 -46.29
N ASN D 27 26.20 10.04 -47.45
CA ASN D 27 25.94 9.28 -48.67
C ASN D 27 24.51 8.79 -48.69
N GLY D 28 23.61 9.77 -48.63
CA GLY D 28 22.19 9.57 -48.60
C GLY D 28 21.53 10.89 -48.24
N ARG D 29 20.23 10.99 -48.47
CA ARG D 29 19.47 12.16 -48.09
C ARG D 29 18.23 11.66 -47.35
N LYS D 30 18.12 12.07 -46.08
CA LYS D 30 17.07 11.59 -45.19
C LYS D 30 16.35 12.79 -44.61
N PRO D 31 15.03 12.92 -44.80
CA PRO D 31 14.31 14.00 -44.13
C PRO D 31 14.12 13.71 -42.65
N LEU D 32 14.18 14.76 -41.85
CA LEU D 32 14.10 14.65 -40.40
C LEU D 32 12.73 15.09 -39.93
N ALA D 33 12.09 14.26 -39.11
CA ALA D 33 10.80 14.57 -38.51
C ALA D 33 11.05 15.32 -37.20
N ILE D 34 10.89 16.63 -37.24
CA ILE D 34 11.13 17.50 -36.09
C ILE D 34 9.84 18.01 -35.46
N GLU D 35 8.68 17.64 -36.01
CA GLU D 35 7.43 18.26 -35.57
C GLU D 35 7.14 18.02 -34.10
N GLY D 36 7.75 17.01 -33.48
CA GLY D 36 7.46 16.70 -32.10
C GLY D 36 8.62 16.95 -31.16
N ILE D 37 9.73 17.47 -31.67
CA ILE D 37 10.96 17.64 -30.90
C ILE D 37 11.12 19.09 -30.50
N TYR D 38 11.65 19.31 -29.30
CA TYR D 38 12.00 20.63 -28.81
C TYR D 38 13.51 20.83 -28.69
N ASP D 39 14.31 19.80 -28.92
CA ASP D 39 15.75 19.87 -28.74
C ASP D 39 16.44 19.00 -29.79
N ILE D 40 17.53 19.52 -30.34
CA ILE D 40 18.41 18.76 -31.23
C ILE D 40 19.83 18.89 -30.69
N TYR D 41 20.54 17.77 -30.62
CA TYR D 41 21.92 17.72 -30.13
C TYR D 41 22.80 17.15 -31.24
N ILE D 42 23.81 17.92 -31.63
CA ILE D 42 24.71 17.53 -32.73
C ILE D 42 26.05 17.16 -32.11
N TYR D 43 26.43 15.88 -32.20
CA TYR D 43 27.69 15.39 -31.70
C TYR D 43 28.73 15.16 -32.79
N GLY D 44 28.36 15.31 -34.06
CA GLY D 44 29.25 15.06 -35.16
C GLY D 44 29.70 16.33 -35.86
N HIS D 45 30.22 16.15 -37.08
CA HIS D 45 30.57 17.27 -37.95
C HIS D 45 29.40 17.46 -38.92
N VAL D 46 28.57 18.46 -38.65
CA VAL D 46 27.34 18.71 -39.38
C VAL D 46 27.38 20.14 -39.89
N ASN D 47 27.48 20.30 -41.21
CA ASN D 47 27.41 21.63 -41.81
C ASN D 47 25.98 22.14 -41.78
N ILE D 48 25.81 23.39 -41.37
CA ILE D 48 24.50 23.99 -41.20
C ILE D 48 24.28 25.05 -42.28
N THR D 49 23.07 25.11 -42.81
CA THR D 49 22.67 26.12 -43.77
C THR D 49 21.70 27.09 -43.11
N SER D 50 21.91 28.38 -43.35
CA SER D 50 21.05 29.39 -42.74
C SER D 50 19.60 29.24 -43.20
N GLN D 51 19.37 28.64 -44.37
CA GLN D 51 17.99 28.45 -44.83
C GLN D 51 17.33 27.27 -44.12
N ALA D 52 18.11 26.27 -43.72
CA ALA D 52 17.60 25.19 -42.87
C ALA D 52 17.49 25.63 -41.41
N LEU D 53 18.06 26.78 -41.04
CA LEU D 53 17.94 27.29 -39.68
C LEU D 53 16.74 28.21 -39.51
N HIS D 54 16.60 29.22 -40.39
CA HIS D 54 15.41 30.05 -40.35
C HIS D 54 14.15 29.20 -40.41
N TYR D 55 14.26 27.98 -40.92
CA TYR D 55 13.17 27.02 -40.83
C TYR D 55 13.05 26.47 -39.41
N ILE D 56 14.17 26.04 -38.83
CA ILE D 56 14.14 25.49 -37.47
C ILE D 56 13.66 26.55 -36.49
N ALA D 57 14.10 27.80 -36.67
CA ALA D 57 13.66 28.87 -35.78
C ALA D 57 12.15 29.03 -35.81
N GLN D 58 11.51 28.78 -36.96
CA GLN D 58 10.07 28.89 -37.05
C GLN D 58 9.37 27.98 -36.05
N LYS D 59 9.96 26.82 -35.75
CA LYS D 59 9.39 25.88 -34.79
C LYS D 59 9.94 26.06 -33.39
N GLY D 60 10.91 26.96 -33.20
CA GLY D 60 11.41 27.26 -31.86
C GLY D 60 12.26 26.18 -31.24
N ILE D 61 12.95 25.40 -32.06
CA ILE D 61 13.78 24.31 -31.56
C ILE D 61 15.19 24.83 -31.30
N LEU D 62 15.83 24.27 -30.28
CA LEU D 62 17.20 24.62 -29.93
C LEU D 62 18.16 23.56 -30.47
N ILE D 63 19.34 24.00 -30.89
CA ILE D 63 20.37 23.12 -31.45
C ILE D 63 21.62 23.27 -30.61
N HIS D 64 22.04 22.18 -29.96
CA HIS D 64 23.27 22.15 -29.17
C HIS D 64 24.36 21.46 -29.99
N PHE D 65 25.43 22.19 -30.29
CA PHE D 65 26.53 21.68 -31.09
C PHE D 65 27.64 21.13 -30.20
N PHE D 66 28.36 20.14 -30.72
CA PHE D 66 29.46 19.52 -30.00
C PHE D 66 30.61 19.20 -30.95
N ASN D 67 31.77 18.88 -30.37
CA ASN D 67 32.97 18.47 -31.07
C ASN D 67 32.96 16.95 -31.22
N HIS D 68 34.08 16.38 -31.65
CA HIS D 68 34.21 14.93 -31.69
C HIS D 68 33.89 14.31 -30.33
N TYR D 69 34.40 14.91 -29.25
CA TYR D 69 34.21 14.36 -27.91
C TYR D 69 33.95 15.48 -26.91
N GLY D 70 32.67 15.64 -26.55
CA GLY D 70 32.29 16.38 -25.36
C GLY D 70 32.67 17.84 -25.25
N TYR D 71 33.36 18.39 -26.24
CA TYR D 71 33.72 19.81 -26.17
C TYR D 71 32.52 20.65 -26.62
N TYR D 72 31.96 21.42 -25.70
CA TYR D 72 30.80 22.25 -26.01
C TYR D 72 31.23 23.45 -26.85
N ASP D 73 30.65 23.57 -28.04
CA ASP D 73 30.93 24.72 -28.90
C ASP D 73 29.89 25.82 -28.68
N GLY D 74 28.63 25.52 -28.95
CA GLY D 74 27.59 26.54 -28.81
C GLY D 74 26.21 25.94 -28.97
N THR D 75 25.22 26.82 -28.86
CA THR D 75 23.81 26.44 -28.98
C THR D 75 23.08 27.51 -29.78
N PHE D 76 22.19 27.08 -30.66
CA PHE D 76 21.40 27.99 -31.47
C PHE D 76 20.11 28.30 -30.72
N TYR D 77 20.03 29.52 -30.17
CA TYR D 77 18.84 29.97 -29.47
C TYR D 77 17.97 30.74 -30.45
N PRO D 78 16.81 30.22 -30.86
CA PRO D 78 15.90 31.02 -31.68
C PRO D 78 15.48 32.29 -30.95
N ARG D 79 14.86 33.21 -31.70
CA ARG D 79 14.35 34.41 -31.05
C ARG D 79 13.20 34.08 -30.12
N GLU D 80 12.36 33.11 -30.51
CA GLU D 80 11.17 32.72 -29.77
C GLU D 80 11.32 31.25 -29.37
N THR D 81 11.84 31.02 -28.17
CA THR D 81 11.95 29.68 -27.62
C THR D 81 10.68 29.34 -26.85
N LEU D 82 10.35 28.06 -26.82
CA LEU D 82 9.10 27.62 -26.20
C LEU D 82 8.99 28.20 -24.79
N LEU D 83 7.80 28.71 -24.48
CA LEU D 83 7.59 29.41 -23.21
C LEU D 83 8.01 28.52 -22.04
N SER D 84 8.43 29.17 -20.96
CA SER D 84 8.94 28.45 -19.79
C SER D 84 9.14 29.44 -18.66
N GLY D 85 9.60 28.92 -17.52
CA GLY D 85 10.17 29.72 -16.46
C GLY D 85 11.64 29.39 -16.34
N ASP D 86 12.35 30.24 -15.59
CA ASP D 86 13.80 30.17 -15.56
C ASP D 86 14.30 29.18 -14.52
N LEU D 87 15.15 28.26 -14.98
CA LEU D 87 15.84 27.33 -14.10
C LEU D 87 16.97 28.00 -13.35
N ILE D 88 17.66 28.94 -14.00
CA ILE D 88 18.80 29.59 -13.38
C ILE D 88 18.36 30.37 -12.15
N ILE D 89 17.19 31.02 -12.20
CA ILE D 89 16.68 31.71 -11.03
C ILE D 89 16.54 30.74 -9.87
N LYS D 90 15.80 29.65 -10.09
CA LYS D 90 15.69 28.59 -9.08
C LYS D 90 17.07 28.09 -8.68
N GLN D 91 17.91 27.81 -9.66
CA GLN D 91 19.30 27.42 -9.39
C GLN D 91 19.95 28.38 -8.40
N ALA D 92 19.78 29.68 -8.62
CA ALA D 92 20.32 30.66 -7.68
C ALA D 92 19.52 30.71 -6.39
N GLU D 93 18.20 30.51 -6.48
CA GLU D 93 17.34 30.65 -5.30
C GLU D 93 17.77 29.72 -4.18
N HIS D 94 18.15 28.49 -4.52
CA HIS D 94 18.51 27.52 -3.48
C HIS D 94 19.77 27.95 -2.74
N TYR D 95 20.68 28.65 -3.42
CA TYR D 95 21.88 29.18 -2.75
C TYR D 95 21.51 30.28 -1.77
N LEU D 96 20.67 31.23 -2.19
CA LEU D 96 20.36 32.37 -1.34
C LEU D 96 19.84 31.92 0.03
N ASP D 97 18.68 31.25 0.05
CA ASP D 97 18.17 30.70 1.29
C ASP D 97 19.15 29.64 1.78
N LYS D 98 19.86 29.94 2.88
CA LYS D 98 20.97 29.12 3.32
C LYS D 98 20.55 27.72 3.76
N ASN D 99 19.25 27.43 3.83
CA ASN D 99 18.79 26.14 4.32
C ASN D 99 18.72 25.08 3.24
N LYS D 100 18.41 25.47 1.99
CA LYS D 100 18.40 24.50 0.90
C LYS D 100 19.79 24.23 0.38
N ARG D 101 20.66 25.25 0.39
CA ARG D 101 22.07 25.03 0.07
C ARG D 101 22.67 23.92 0.94
N LEU D 102 22.61 24.09 2.26
CA LEU D 102 23.13 23.10 3.18
C LEU D 102 22.65 21.70 2.80
N PHE D 103 21.37 21.56 2.46
CA PHE D 103 20.86 20.24 2.09
C PHE D 103 21.60 19.69 0.87
N LEU D 104 21.49 20.40 -0.27
CA LEU D 104 22.14 19.95 -1.49
C LEU D 104 23.63 19.69 -1.27
N ALA D 105 24.29 20.58 -0.51
CA ALA D 105 25.70 20.37 -0.20
C ALA D 105 25.90 19.07 0.57
N LYS D 106 25.28 18.98 1.76
CA LYS D 106 25.36 17.75 2.55
C LYS D 106 25.12 16.52 1.70
N SER D 107 24.12 16.59 0.81
CA SER D 107 23.83 15.48 -0.09
C SER D 107 25.03 15.15 -0.96
N PHE D 108 25.57 16.14 -1.68
CA PHE D 108 26.75 15.93 -2.49
C PHE D 108 27.84 15.22 -1.70
N VAL D 109 28.10 15.67 -0.47
CA VAL D 109 29.16 15.09 0.34
C VAL D 109 28.85 13.65 0.68
N VAL D 110 27.63 13.39 1.17
CA VAL D 110 27.24 12.03 1.53
C VAL D 110 27.42 11.10 0.34
N GLY D 111 26.98 11.53 -0.85
CA GLY D 111 27.23 10.75 -2.04
C GLY D 111 28.71 10.55 -2.30
N GLY D 112 29.49 11.61 -2.11
CA GLY D 112 30.93 11.49 -2.29
C GLY D 112 31.53 10.41 -1.41
N ALA D 113 31.24 10.47 -0.11
CA ALA D 113 31.84 9.53 0.84
C ALA D 113 31.20 8.15 0.76
N LYS D 114 29.94 8.06 0.31
CA LYS D 114 29.36 6.75 0.05
C LYS D 114 30.08 6.07 -1.12
N ASN D 115 30.26 6.81 -2.22
CA ASN D 115 30.98 6.26 -3.37
C ASN D 115 32.40 5.88 -2.99
N MET D 116 33.09 6.76 -2.27
CA MET D 116 34.42 6.44 -1.78
C MET D 116 34.42 5.11 -1.03
N GLU D 117 33.47 4.95 -0.09
CA GLU D 117 33.35 3.69 0.62
C GLU D 117 33.02 2.55 -0.33
N LYS D 118 32.15 2.80 -1.31
CA LYS D 118 31.77 1.74 -2.24
C LYS D 118 32.94 1.34 -3.12
N ASN D 119 33.87 2.26 -3.38
CA ASN D 119 35.09 1.88 -4.09
C ASN D 119 35.99 1.03 -3.20
N LEU D 120 36.26 1.50 -1.98
CA LEU D 120 37.02 0.71 -1.02
C LEU D 120 36.41 -0.68 -0.86
N LYS D 121 35.08 -0.76 -0.88
CA LYS D 121 34.42 -2.06 -0.85
C LYS D 121 34.71 -2.86 -2.12
N ASN D 122 34.65 -2.21 -3.28
CA ASN D 122 34.99 -2.87 -4.53
C ASN D 122 36.45 -3.30 -4.58
N TRP D 123 37.31 -2.66 -3.78
CA TRP D 123 38.73 -2.99 -3.74
C TRP D 123 39.10 -3.90 -2.58
N GLY D 124 38.15 -4.25 -1.72
CA GLY D 124 38.43 -5.17 -0.64
C GLY D 124 39.16 -4.55 0.53
N ILE D 125 38.80 -3.33 0.92
CA ILE D 125 39.46 -2.62 2.01
C ILE D 125 38.46 -2.44 3.14
N SER D 126 38.99 -2.18 4.34
CA SER D 126 38.17 -1.94 5.52
C SER D 126 37.53 -0.56 5.43
N SER D 127 36.26 -0.54 5.05
CA SER D 127 35.41 0.63 4.87
C SER D 127 34.65 0.95 6.16
N ASP D 128 33.47 1.55 6.03
CA ASP D 128 32.66 2.04 7.15
C ASP D 128 33.09 3.40 7.69
N PHE D 129 33.02 4.41 6.82
CA PHE D 129 33.16 5.81 7.19
C PHE D 129 31.98 6.35 7.99
N SER D 130 30.97 5.52 8.31
CA SER D 130 29.72 6.01 8.89
C SER D 130 29.94 7.02 10.01
N ASN D 131 30.66 6.62 11.07
CA ASN D 131 30.84 7.48 12.22
C ASN D 131 31.27 8.89 11.84
N HIS D 132 31.91 9.04 10.67
CA HIS D 132 32.20 10.38 10.15
C HIS D 132 30.94 11.02 9.60
N LEU D 133 30.17 10.29 8.80
CA LEU D 133 28.96 10.84 8.20
C LEU D 133 28.01 11.46 9.23
N LYS D 134 28.10 11.04 10.51
CA LYS D 134 27.15 11.53 11.49
C LYS D 134 27.37 13.01 11.80
N GLU D 135 28.60 13.40 12.10
CA GLU D 135 28.88 14.80 12.41
C GLU D 135 28.51 15.73 11.26
N LEU D 136 28.14 15.19 10.11
CA LEU D 136 27.66 16.01 9.00
C LEU D 136 26.28 16.58 9.28
N GLN D 137 25.30 15.71 9.50
CA GLN D 137 23.91 16.14 9.65
C GLN D 137 23.74 17.19 10.73
N GLY D 138 24.69 17.32 11.65
CA GLY D 138 24.63 18.32 12.69
C GLY D 138 25.58 19.48 12.48
N ALA D 139 25.69 19.94 11.24
CA ALA D 139 26.56 21.06 10.89
C ALA D 139 25.70 22.18 10.28
N LYS D 140 26.00 23.41 10.67
CA LYS D 140 25.19 24.57 10.28
C LYS D 140 25.84 25.44 9.22
N LYS D 141 27.13 25.74 9.33
CA LYS D 141 27.78 26.58 8.34
C LYS D 141 28.17 25.75 7.11
N VAL D 142 28.17 26.41 5.95
CA VAL D 142 28.55 25.72 4.72
C VAL D 142 29.98 25.20 4.84
N THR D 143 30.86 25.97 5.47
CA THR D 143 32.22 25.52 5.71
C THR D 143 32.28 24.35 6.68
N GLU D 144 31.26 24.17 7.52
CA GLU D 144 31.27 23.10 8.51
C GLU D 144 30.86 21.77 7.89
N ILE D 145 29.82 21.76 7.05
CA ILE D 145 29.54 20.56 6.27
C ILE D 145 30.71 20.26 5.34
N MET D 146 31.27 21.31 4.72
CA MET D 146 32.58 21.20 4.12
C MET D 146 33.62 21.09 5.22
N ASN D 147 34.87 20.79 4.83
CA ASN D 147 35.96 20.61 5.77
C ASN D 147 35.79 19.30 6.53
N VAL D 148 34.62 18.68 6.40
CA VAL D 148 34.48 17.27 6.72
C VAL D 148 35.03 16.43 5.58
N GLU D 149 34.59 16.73 4.35
CA GLU D 149 35.21 16.16 3.16
C GLU D 149 36.29 17.07 2.60
N GLY D 150 37.17 17.51 3.49
CA GLY D 150 38.58 17.69 3.17
C GLY D 150 39.30 16.74 4.11
N ARG D 151 38.66 16.52 5.26
CA ARG D 151 39.12 15.52 6.23
C ARG D 151 38.95 14.12 5.68
N ILE D 152 37.77 13.81 5.12
CA ILE D 152 37.51 12.45 4.64
C ILE D 152 38.55 12.03 3.60
N ARG D 153 39.16 13.00 2.91
CA ARG D 153 40.17 12.65 1.91
C ARG D 153 41.35 11.92 2.54
N GLN D 154 41.94 12.51 3.59
CA GLN D 154 43.09 11.87 4.22
C GLN D 154 42.71 10.54 4.86
N GLU D 155 41.45 10.41 5.29
CA GLU D 155 40.97 9.16 5.86
C GLU D 155 40.71 8.13 4.78
N TYR D 156 40.14 8.58 3.65
CA TYR D 156 39.97 7.71 2.50
C TYR D 156 41.31 7.22 1.97
N TYR D 157 42.20 8.16 1.64
CA TYR D 157 43.50 7.78 1.10
C TYR D 157 44.27 6.92 2.08
N ALA D 158 44.45 7.41 3.32
CA ALA D 158 45.20 6.66 4.32
C ALA D 158 44.66 5.25 4.51
N ARG D 159 43.41 5.00 4.09
CA ARG D 159 42.87 3.66 4.00
C ARG D 159 42.86 3.14 2.57
N TRP D 160 43.53 3.85 1.66
CA TRP D 160 43.71 3.44 0.26
C TRP D 160 45.12 2.91 0.00
N ASP D 161 46.14 3.65 0.44
CA ASP D 161 47.53 3.26 0.27
C ASP D 161 47.73 1.79 0.62
N GLU D 162 46.95 1.29 1.58
CA GLU D 162 47.04 -0.12 1.96
C GLU D 162 46.90 -1.06 0.77
N SER D 163 46.33 -0.57 -0.34
CA SER D 163 46.16 -1.39 -1.54
C SER D 163 47.03 -0.93 -2.70
N LEU D 164 47.76 0.18 -2.55
CA LEU D 164 48.59 0.69 -3.64
C LEU D 164 50.06 0.48 -3.34
N PRO D 165 50.90 0.32 -4.36
CA PRO D 165 52.33 0.16 -4.12
C PRO D 165 52.91 1.37 -3.40
N GLY D 166 53.92 1.11 -2.56
CA GLY D 166 54.60 2.21 -1.90
C GLY D 166 55.10 3.25 -2.89
N GLU D 167 55.58 2.80 -4.04
CA GLU D 167 56.00 3.72 -5.10
C GLU D 167 54.93 4.75 -5.40
N PHE D 168 53.66 4.34 -5.42
CA PHE D 168 52.54 5.20 -5.77
C PHE D 168 51.76 5.67 -4.56
N ARG D 169 52.35 5.60 -3.37
CA ARG D 169 51.63 5.95 -2.16
C ARG D 169 51.27 7.44 -2.17
N ILE D 170 50.12 7.75 -1.55
CA ILE D 170 49.59 9.10 -1.49
C ILE D 170 49.69 9.57 -0.04
N GLY D 171 50.63 10.48 0.22
CA GLY D 171 50.74 11.02 1.57
C GLY D 171 49.58 11.94 1.92
N LYS D 172 49.33 12.93 1.08
CA LYS D 172 48.19 13.82 1.22
C LYS D 172 47.94 14.46 -0.14
N ARG D 173 46.73 14.97 -0.33
CA ARG D 173 46.40 15.58 -1.61
C ARG D 173 47.26 16.82 -1.85
N THR D 174 47.58 17.06 -3.11
CA THR D 174 48.48 18.16 -3.48
C THR D 174 48.49 18.35 -4.99
N PRO D 178 51.69 19.39 -8.18
CA PRO D 178 51.75 18.07 -7.55
C PRO D 178 53.12 17.80 -6.95
N LYS D 179 53.22 16.81 -6.05
CA LYS D 179 54.50 16.35 -5.56
C LYS D 179 54.74 14.87 -5.81
N ASN D 180 53.81 14.01 -5.40
CA ASN D 180 53.96 12.58 -5.57
C ASN D 180 53.50 12.16 -6.96
N GLU D 181 53.75 10.89 -7.29
CA GLU D 181 53.41 10.39 -8.62
C GLU D 181 51.91 10.15 -8.75
N MET D 182 51.36 9.25 -7.93
CA MET D 182 49.93 8.97 -7.96
C MET D 182 49.12 10.25 -7.83
N ASN D 183 49.61 11.21 -7.05
CA ASN D 183 48.89 12.48 -6.90
C ASN D 183 48.83 13.24 -8.22
N ALA D 184 49.84 13.07 -9.08
CA ALA D 184 49.79 13.69 -10.40
C ALA D 184 48.82 12.94 -11.31
N LEU D 185 49.00 11.62 -11.45
CA LEU D 185 48.08 10.84 -12.25
C LEU D 185 46.64 11.14 -11.89
N ILE D 186 46.33 11.23 -10.60
CA ILE D 186 44.98 11.57 -10.17
C ILE D 186 44.62 12.98 -10.62
N SER D 187 45.40 13.96 -10.18
CA SER D 187 45.11 15.36 -10.51
C SER D 187 44.85 15.57 -11.98
N PHE D 188 45.50 14.78 -12.85
CA PHE D 188 45.29 14.94 -14.28
C PHE D 188 43.90 14.49 -14.69
N LEU D 189 43.45 13.35 -14.17
CA LEU D 189 42.13 12.85 -14.49
C LEU D 189 41.04 13.68 -13.82
N ASN D 190 41.35 14.27 -12.65
CA ASN D 190 40.45 15.25 -12.07
C ASN D 190 40.24 16.43 -13.02
N SER D 191 41.33 16.93 -13.60
CA SER D 191 41.21 18.01 -14.56
C SER D 191 40.40 17.58 -15.78
N ARG D 192 40.70 16.39 -16.31
CA ARG D 192 39.97 15.90 -17.48
C ARG D 192 38.51 15.66 -17.14
N LEU D 193 38.23 15.18 -15.93
CA LEU D 193 36.84 15.04 -15.51
C LEU D 193 36.16 16.40 -15.41
N TYR D 194 36.87 17.39 -14.87
CA TYR D 194 36.35 18.76 -14.85
C TYR D 194 35.90 19.16 -16.25
N ALA D 195 36.75 18.92 -17.25
CA ALA D 195 36.39 19.23 -18.63
C ALA D 195 35.12 18.52 -19.04
N THR D 196 35.11 17.19 -18.95
CA THR D 196 33.93 16.42 -19.32
C THR D 196 32.69 16.89 -18.57
N MET D 197 32.87 17.29 -17.31
CA MET D 197 31.73 17.67 -16.48
C MET D 197 31.12 18.98 -16.96
N ILE D 198 31.94 20.00 -17.20
CA ILE D 198 31.41 21.27 -17.68
C ILE D 198 30.64 21.09 -18.98
N SER D 199 30.94 20.02 -19.73
CA SER D 199 30.24 19.74 -20.98
C SER D 199 28.90 19.07 -20.71
N GLU D 200 28.90 17.94 -20.01
CA GLU D 200 27.66 17.22 -19.77
C GLU D 200 26.68 18.04 -18.93
N ILE D 201 27.17 19.06 -18.22
CA ILE D 201 26.25 20.03 -17.64
C ILE D 201 25.67 20.92 -18.73
N TYR D 202 26.55 21.47 -19.59
CA TYR D 202 26.09 22.33 -20.67
C TYR D 202 25.14 21.61 -21.62
N ASN D 203 25.22 20.27 -21.68
CA ASN D 203 24.26 19.53 -22.50
C ASN D 203 22.84 19.67 -21.98
N THR D 204 22.68 20.04 -20.71
CA THR D 204 21.39 20.42 -20.15
C THR D 204 21.27 21.93 -20.20
N GLN D 205 20.24 22.47 -19.55
CA GLN D 205 20.03 23.92 -19.48
C GLN D 205 20.50 24.53 -18.17
N LEU D 206 21.07 23.73 -17.27
CA LEU D 206 21.62 24.27 -16.03
C LEU D 206 22.76 25.23 -16.34
N ALA D 207 22.79 26.36 -15.63
CA ALA D 207 23.93 27.27 -15.70
C ALA D 207 25.02 26.74 -14.78
N PRO D 208 26.23 26.46 -15.29
CA PRO D 208 27.23 25.74 -14.48
C PRO D 208 27.94 26.61 -13.45
N THR D 209 27.73 27.92 -13.44
CA THR D 209 28.51 28.82 -12.61
C THR D 209 27.86 29.14 -11.28
N ILE D 210 26.73 28.50 -10.94
CA ILE D 210 26.08 28.66 -9.65
C ILE D 210 26.24 27.34 -8.90
N SER D 211 26.88 27.39 -7.72
CA SER D 211 27.24 26.20 -6.97
C SER D 211 26.83 26.35 -5.51
N TYR D 212 26.87 25.23 -4.79
CA TYR D 212 26.48 25.20 -3.38
C TYR D 212 27.63 24.83 -2.44
N LEU D 213 28.20 23.64 -2.60
CA LEU D 213 29.29 23.21 -1.71
C LEU D 213 30.53 24.06 -1.94
N HIS D 214 30.77 24.49 -3.18
CA HIS D 214 31.84 25.40 -3.52
C HIS D 214 31.24 26.75 -3.88
N GLU D 215 31.86 27.82 -3.40
CA GLU D 215 31.33 29.15 -3.66
C GLU D 215 31.49 29.49 -5.14
N PRO D 216 30.45 30.00 -5.80
CA PRO D 216 30.51 30.21 -7.26
C PRO D 216 31.23 31.48 -7.70
N SER D 217 31.86 32.22 -6.79
CA SER D 217 32.14 33.62 -7.03
C SER D 217 33.47 33.90 -7.73
N GLU D 218 34.36 32.92 -7.87
CA GLU D 218 35.77 33.21 -8.13
C GLU D 218 36.20 32.97 -9.58
N ARG D 219 35.37 33.36 -10.56
CA ARG D 219 35.80 33.44 -11.96
C ARG D 219 36.00 32.06 -12.57
N ARG D 220 35.22 31.06 -12.14
CA ARG D 220 35.30 29.71 -12.70
C ARG D 220 33.98 28.97 -12.55
N PHE D 221 33.74 27.99 -13.44
CA PHE D 221 32.58 27.11 -13.31
C PHE D 221 32.66 26.38 -11.97
N SER D 222 31.65 26.57 -11.12
CA SER D 222 31.68 25.96 -9.79
C SER D 222 30.70 24.82 -9.60
N LEU D 223 29.75 24.61 -10.52
CA LEU D 223 28.82 23.50 -10.37
C LEU D 223 29.49 22.17 -10.71
N ALA D 224 30.38 22.17 -11.72
CA ALA D 224 31.18 20.98 -11.99
C ALA D 224 32.05 20.63 -10.79
N LEU D 225 32.58 21.65 -10.10
CA LEU D 225 33.30 21.41 -8.87
C LEU D 225 32.41 20.74 -7.84
N ASP D 226 31.23 21.32 -7.60
CA ASP D 226 30.27 20.73 -6.67
C ASP D 226 29.92 19.30 -7.07
N LEU D 227 29.46 19.13 -8.30
CA LEU D 227 29.01 17.82 -8.77
C LEU D 227 30.15 16.82 -8.87
N SER D 228 31.39 17.29 -9.00
CA SER D 228 32.53 16.38 -9.13
C SER D 228 32.69 15.49 -7.90
N GLU D 229 32.34 15.99 -6.72
CA GLU D 229 32.53 15.21 -5.50
C GLU D 229 31.89 13.83 -5.58
N ILE D 230 30.84 13.68 -6.39
CA ILE D 230 30.16 12.40 -6.49
C ILE D 230 30.92 11.46 -7.43
N PHE D 231 31.39 11.98 -8.56
CA PHE D 231 31.90 11.11 -9.62
C PHE D 231 33.40 10.83 -9.51
N LYS D 232 34.16 11.67 -8.83
CA LYS D 232 35.60 11.42 -8.69
C LYS D 232 35.90 10.01 -8.22
N PRO D 233 35.24 9.48 -7.19
CA PRO D 233 35.48 8.07 -6.81
C PRO D 233 34.93 7.07 -7.82
N ILE D 234 33.97 7.47 -8.65
CA ILE D 234 33.39 6.56 -9.61
C ILE D 234 34.27 6.44 -10.85
N ILE D 235 34.72 7.57 -11.39
CA ILE D 235 35.40 7.59 -12.68
C ILE D 235 36.90 7.80 -12.50
N ALA D 236 37.27 8.94 -11.92
CA ALA D 236 38.69 9.28 -11.79
C ALA D 236 39.44 8.20 -11.01
N ASP D 237 39.04 7.96 -9.76
CA ASP D 237 39.78 7.06 -8.89
C ASP D 237 39.92 5.66 -9.51
N ARG D 238 38.84 5.13 -10.07
CA ARG D 238 38.85 3.73 -10.50
C ARG D 238 39.92 3.50 -11.57
N ILE D 239 39.95 4.33 -12.62
CA ILE D 239 40.90 4.10 -13.69
C ILE D 239 42.33 4.31 -13.18
N ALA D 240 42.53 5.34 -12.34
CA ALA D 240 43.85 5.56 -11.74
C ALA D 240 44.28 4.36 -10.90
N ASN D 241 43.34 3.56 -10.43
CA ASN D 241 43.68 2.35 -9.68
C ASN D 241 43.99 1.19 -10.61
N ARG D 242 43.05 0.85 -11.49
CA ARG D 242 43.27 -0.24 -12.44
C ARG D 242 44.45 0.02 -13.36
N LEU D 243 44.97 1.25 -13.41
CA LEU D 243 46.15 1.56 -14.19
C LEU D 243 47.44 1.30 -13.41
N VAL D 244 47.46 1.59 -12.12
CA VAL D 244 48.67 1.35 -11.34
C VAL D 244 48.83 -0.14 -11.02
N LYS D 245 47.73 -0.86 -10.84
CA LYS D 245 47.82 -2.27 -10.49
C LYS D 245 48.15 -3.13 -11.70
N LYS D 246 47.31 -3.09 -12.73
CA LYS D 246 47.56 -3.88 -13.94
C LYS D 246 48.95 -3.64 -14.52
N GLY D 247 49.60 -2.54 -14.12
CA GLY D 247 50.95 -2.28 -14.55
C GLY D 247 51.08 -1.47 -15.81
N ILE D 248 50.05 -0.72 -16.19
CA ILE D 248 50.08 0.07 -17.42
C ILE D 248 50.79 1.39 -17.24
N ILE D 249 51.09 1.79 -16.01
CA ILE D 249 51.80 3.03 -15.71
C ILE D 249 52.94 2.71 -14.75
N LYS D 250 54.14 3.18 -15.09
CA LYS D 250 55.31 2.98 -14.23
C LYS D 250 56.06 4.28 -14.01
N LYS D 251 57.22 4.22 -13.35
CA LYS D 251 58.08 5.38 -13.23
C LYS D 251 58.67 5.80 -14.56
N ASP D 252 58.70 4.90 -15.55
CA ASP D 252 59.22 5.22 -16.87
C ASP D 252 58.29 6.10 -17.69
N HIS D 253 57.13 6.46 -17.16
CA HIS D 253 56.23 7.38 -17.83
C HIS D 253 56.27 8.79 -17.27
N PHE D 254 56.82 8.98 -16.07
CA PHE D 254 56.64 10.22 -15.34
C PHE D 254 57.88 11.11 -15.44
N ARG D 255 57.66 12.38 -15.76
CA ARG D 255 58.67 13.43 -15.79
C ARG D 255 58.81 14.01 -14.40
N GLU D 256 59.88 14.79 -14.16
CA GLU D 256 59.82 15.47 -12.87
C GLU D 256 59.35 16.91 -12.98
N ASP D 257 60.25 17.89 -13.04
CA ASP D 257 60.03 19.24 -13.55
C ASP D 257 60.92 20.03 -12.58
N LEU D 258 60.83 21.36 -12.54
CA LEU D 258 61.40 22.06 -11.38
C LEU D 258 60.56 21.84 -10.11
N ASN D 259 59.22 21.89 -10.20
CA ASN D 259 58.42 22.00 -8.99
C ASN D 259 58.02 20.63 -8.42
N GLY D 260 57.26 19.85 -9.18
CA GLY D 260 56.75 18.59 -8.71
C GLY D 260 57.06 17.45 -9.66
N VAL D 261 56.06 16.63 -9.97
CA VAL D 261 56.24 15.47 -10.82
C VAL D 261 55.03 15.52 -11.76
N LEU D 262 55.15 14.92 -12.94
CA LEU D 262 54.07 14.97 -13.91
C LEU D 262 54.31 13.92 -15.00
N LEU D 263 53.38 13.85 -15.94
CA LEU D 263 53.32 12.77 -16.92
C LEU D 263 54.02 13.15 -18.21
N THR D 264 54.63 12.17 -18.86
CA THR D 264 55.24 12.36 -20.16
C THR D 264 54.16 12.33 -21.25
N ASP D 265 54.50 12.90 -22.41
CA ASP D 265 53.58 12.89 -23.54
C ASP D 265 53.10 11.48 -23.86
N GLU D 266 53.96 10.48 -23.62
CA GLU D 266 53.55 9.09 -23.83
C GLU D 266 52.49 8.67 -22.81
N GLY D 267 52.59 9.17 -21.58
CA GLY D 267 51.63 8.76 -20.57
C GLY D 267 50.27 9.41 -20.74
N MET D 268 50.24 10.67 -21.17
CA MET D 268 48.97 11.37 -21.33
C MET D 268 48.08 10.67 -22.35
N LYS D 269 48.66 10.07 -23.38
CA LYS D 269 47.85 9.33 -24.35
C LYS D 269 47.24 8.09 -23.73
N ILE D 270 48.01 7.38 -22.91
CA ILE D 270 47.49 6.17 -22.26
C ILE D 270 46.40 6.55 -21.26
N VAL D 271 46.66 7.56 -20.42
CA VAL D 271 45.66 8.00 -19.46
C VAL D 271 44.41 8.47 -20.19
N THR D 272 44.58 9.29 -21.22
CA THR D 272 43.44 9.77 -21.99
C THR D 272 42.64 8.61 -22.56
N LYS D 273 43.33 7.59 -23.09
CA LYS D 273 42.64 6.42 -23.63
C LYS D 273 41.85 5.71 -22.53
N ALA D 274 42.55 5.23 -21.50
CA ALA D 274 41.87 4.55 -20.39
C ALA D 274 40.72 5.38 -19.86
N TYR D 275 40.92 6.70 -19.76
CA TYR D 275 39.84 7.58 -19.31
C TYR D 275 38.65 7.54 -20.26
N ASN D 276 38.88 7.91 -21.53
CA ASN D 276 37.80 7.87 -22.50
C ASN D 276 37.23 6.47 -22.67
N GLN D 277 38.03 5.44 -22.37
CA GLN D 277 37.51 4.08 -22.42
C GLN D 277 36.56 3.81 -21.26
N GLU D 278 36.89 4.33 -20.07
CA GLU D 278 36.00 4.20 -18.93
C GLU D 278 34.74 5.04 -19.06
N LEU D 279 34.69 5.97 -20.02
CA LEU D 279 33.51 6.81 -20.19
C LEU D 279 32.44 6.14 -21.06
N GLU D 280 32.82 5.18 -21.91
CA GLU D 280 31.88 4.43 -22.72
C GLU D 280 31.58 3.05 -22.13
N LYS D 281 31.94 2.83 -20.87
CA LYS D 281 31.71 1.56 -20.20
C LYS D 281 30.30 1.55 -19.62
N THR D 282 29.41 0.76 -20.21
CA THR D 282 28.06 0.64 -19.67
C THR D 282 28.10 -0.10 -18.33
N VAL D 283 27.13 0.22 -17.48
CA VAL D 283 27.07 -0.35 -16.14
C VAL D 283 27.12 -1.88 -16.20
N VAL D 292 22.82 2.99 -20.85
CA VAL D 292 23.32 3.83 -19.76
C VAL D 292 24.84 3.89 -19.83
N THR D 293 25.36 4.64 -20.79
CA THR D 293 26.80 4.87 -20.84
C THR D 293 27.23 5.59 -19.58
N ARG D 294 28.39 5.19 -19.04
CA ARG D 294 28.91 5.86 -17.84
C ARG D 294 28.98 7.37 -18.05
N ARG D 295 29.20 7.79 -19.30
CA ARG D 295 29.10 9.21 -19.64
C ARG D 295 27.70 9.73 -19.37
N ARG D 296 26.67 8.96 -19.75
CA ARG D 296 25.30 9.39 -19.55
C ARG D 296 25.02 9.72 -18.09
N LEU D 297 25.50 8.88 -17.18
CA LEU D 297 25.24 9.09 -15.76
C LEU D 297 25.53 10.52 -15.33
N ILE D 298 26.52 11.17 -15.94
CA ILE D 298 26.75 12.58 -15.66
C ILE D 298 25.53 13.39 -16.04
N ARG D 299 24.94 13.09 -17.20
CA ARG D 299 23.74 13.78 -17.62
C ARG D 299 22.54 13.42 -16.74
N LEU D 300 22.46 12.15 -16.33
CA LEU D 300 21.40 11.74 -15.41
C LEU D 300 21.54 12.45 -14.07
N GLU D 301 22.74 12.42 -13.49
CA GLU D 301 22.98 13.16 -12.25
C GLU D 301 22.73 14.65 -12.43
N ALA D 302 22.98 15.16 -13.65
CA ALA D 302 22.68 16.57 -13.92
C ALA D 302 21.18 16.81 -14.00
N TYR D 303 20.43 15.83 -14.51
CA TYR D 303 18.97 15.97 -14.58
C TYR D 303 18.35 15.84 -13.20
N LYS D 304 18.71 14.80 -12.45
CA LYS D 304 18.15 14.60 -11.11
C LYS D 304 18.21 15.89 -10.30
N ILE D 305 19.25 16.70 -10.50
CA ILE D 305 19.29 18.01 -9.85
C ILE D 305 18.17 18.89 -10.38
N ILE D 306 17.99 18.93 -11.70
CA ILE D 306 16.92 19.73 -12.29
C ILE D 306 15.58 19.30 -11.72
N LYS D 307 15.35 18.00 -11.60
CA LYS D 307 14.09 17.52 -11.02
C LYS D 307 13.93 17.95 -9.56
N HIS D 308 15.02 18.29 -8.89
CA HIS D 308 14.95 18.83 -7.54
C HIS D 308 14.76 20.34 -7.52
N LEU D 309 15.37 21.05 -8.48
CA LEU D 309 15.34 22.51 -8.44
C LEU D 309 13.94 23.05 -8.67
N VAL D 310 13.15 22.41 -9.55
CA VAL D 310 11.81 22.88 -9.84
C VAL D 310 10.77 22.28 -8.91
N GLY D 311 11.16 21.36 -8.03
CA GLY D 311 10.26 20.83 -7.03
C GLY D 311 9.49 19.60 -7.44
N VAL D 312 10.05 18.75 -8.30
CA VAL D 312 9.39 17.49 -8.65
C VAL D 312 9.70 16.41 -7.60
N GLU D 313 10.98 16.08 -7.45
CA GLU D 313 11.42 15.04 -6.53
C GLU D 313 12.61 15.54 -5.73
N GLU D 314 12.68 15.13 -4.46
CA GLU D 314 13.82 15.48 -3.63
C GLU D 314 15.11 14.94 -4.24
N TYR D 315 16.22 15.59 -3.93
CA TYR D 315 17.50 15.20 -4.49
C TYR D 315 18.08 14.02 -3.70
N SER D 316 18.34 12.92 -4.40
CA SER D 316 19.06 11.80 -3.85
C SER D 316 20.42 11.71 -4.52
N PRO D 317 21.53 11.69 -3.79
CA PRO D 317 22.83 11.56 -4.43
C PRO D 317 22.98 10.21 -5.09
N LEU D 318 24.02 10.08 -5.92
CA LEU D 318 24.25 8.85 -6.66
C LEU D 318 25.27 7.99 -5.93
N VAL D 319 24.94 6.71 -5.77
CA VAL D 319 25.84 5.71 -5.22
C VAL D 319 26.17 4.73 -6.34
N ALA D 320 27.30 4.06 -6.19
CA ALA D 320 27.79 3.10 -7.20
C ALA D 320 27.37 1.70 -6.78
N TRP D 321 26.30 1.19 -7.41
CA TRP D 321 25.89 -0.19 -7.19
C TRP D 321 26.86 -1.18 -7.83
N PHE D 322 27.65 -0.73 -8.80
CA PHE D 322 28.55 -1.60 -9.54
C PHE D 322 29.96 -1.59 -8.96
N LYS E 3 31.36 -32.01 11.13
CA LYS E 3 31.45 -32.00 12.58
C LYS E 3 30.06 -32.08 13.21
N LYS E 4 29.66 -33.29 13.58
CA LYS E 4 28.33 -33.52 14.11
C LYS E 4 28.23 -33.07 15.56
N SER E 5 27.09 -33.32 16.18
CA SER E 5 26.86 -33.06 17.59
C SER E 5 26.33 -34.32 18.24
N LEU E 6 26.65 -34.51 19.53
CA LEU E 6 26.17 -35.69 20.24
C LEU E 6 25.52 -35.27 21.56
N THR E 7 24.51 -36.04 21.95
CA THR E 7 23.78 -35.85 23.19
C THR E 7 23.80 -37.15 23.96
N ILE E 8 24.25 -37.11 25.21
CA ILE E 8 24.48 -38.32 25.98
C ILE E 8 23.33 -38.49 26.97
N PHE E 9 22.54 -39.54 26.76
CA PHE E 9 21.48 -39.92 27.69
C PHE E 9 22.00 -40.82 28.81
N SER E 10 22.83 -41.82 28.45
CA SER E 10 23.42 -42.68 29.46
C SER E 10 24.15 -41.84 30.50
N ASP E 11 23.94 -42.19 31.77
CA ASP E 11 24.55 -41.49 32.89
C ASP E 11 25.99 -41.97 33.05
N GLY E 12 26.93 -41.27 32.44
CA GLY E 12 28.29 -41.79 32.41
C GLY E 12 29.33 -40.96 33.14
N THR E 13 30.59 -41.15 32.75
CA THR E 13 31.70 -40.38 33.29
C THR E 13 32.61 -40.00 32.14
N LEU E 14 32.75 -38.70 31.89
CA LEU E 14 33.66 -38.22 30.87
C LEU E 14 35.07 -38.14 31.46
N LEU E 15 36.05 -38.61 30.70
CA LEU E 15 37.44 -38.59 31.16
C LEU E 15 38.35 -38.53 29.95
N ARG E 16 39.65 -38.37 30.23
CA ARG E 16 40.67 -38.16 29.20
C ARG E 16 41.80 -39.15 29.41
N ARG E 17 41.96 -40.08 28.46
CA ARG E 17 43.13 -40.94 28.39
C ARG E 17 43.66 -40.89 26.96
N GLU E 18 44.97 -41.11 26.83
CA GLU E 18 45.61 -41.17 25.51
C GLU E 18 45.26 -39.96 24.65
N ASN E 19 45.10 -38.80 25.30
CA ASN E 19 44.78 -37.54 24.62
C ASN E 19 43.51 -37.69 23.76
N THR E 20 42.44 -38.12 24.41
CA THR E 20 41.13 -38.26 23.77
C THR E 20 40.09 -38.30 24.87
N LEU E 21 38.87 -37.88 24.54
CA LEU E 21 37.76 -38.01 25.47
C LEU E 21 37.19 -39.43 25.37
N TYR E 22 36.80 -39.98 26.53
CA TYR E 22 36.32 -41.36 26.59
C TYR E 22 35.15 -41.39 27.57
N PHE E 23 33.93 -41.47 27.04
CA PHE E 23 32.71 -41.45 27.83
C PHE E 23 32.53 -42.83 28.46
N GLU E 24 33.16 -43.01 29.61
CA GLU E 24 33.02 -44.24 30.39
C GLU E 24 31.58 -44.44 30.83
N ASN E 25 30.92 -45.47 30.29
CA ASN E 25 29.55 -45.81 30.65
C ASN E 25 29.52 -46.32 32.10
N VAL E 26 28.30 -46.57 32.62
CA VAL E 26 28.23 -47.08 33.99
C VAL E 26 28.34 -48.63 33.97
N ASN E 27 28.46 -49.25 32.79
CA ASN E 27 28.78 -50.67 32.70
C ASN E 27 30.17 -50.89 32.09
N GLY E 28 30.43 -50.36 30.90
CA GLY E 28 31.78 -50.46 30.34
C GLY E 28 31.88 -49.83 28.97
N ARG E 29 33.05 -50.03 28.34
CA ARG E 29 33.30 -49.72 26.93
C ARG E 29 33.32 -48.26 26.46
N LYS E 30 34.44 -47.60 26.67
CA LYS E 30 34.57 -46.15 26.41
C LYS E 30 34.86 -45.81 24.96
N PRO E 31 34.01 -44.95 24.27
CA PRO E 31 34.21 -44.74 22.83
C PRO E 31 34.68 -43.42 22.20
N LEU E 32 34.67 -42.29 22.89
CA LEU E 32 34.38 -41.01 22.22
C LEU E 32 35.52 -40.53 21.30
N ALA E 33 35.15 -39.71 20.31
CA ALA E 33 36.07 -39.18 19.30
C ALA E 33 36.20 -37.67 19.45
N ILE E 34 37.42 -37.21 19.71
CA ILE E 34 37.63 -35.87 20.26
C ILE E 34 37.53 -34.79 19.18
N GLU E 35 38.12 -35.02 18.01
CA GLU E 35 37.98 -34.04 16.93
C GLU E 35 36.55 -34.00 16.40
N GLY E 36 35.80 -35.09 16.54
CA GLY E 36 34.51 -35.18 15.88
C GLY E 36 33.47 -34.26 16.48
N ILE E 37 33.43 -34.16 17.81
CA ILE E 37 32.36 -33.40 18.46
C ILE E 37 32.43 -31.95 18.07
N TYR E 38 31.28 -31.29 18.13
CA TYR E 38 31.17 -29.86 17.97
C TYR E 38 30.51 -29.20 19.17
N ASP E 39 29.42 -29.79 19.67
CA ASP E 39 28.74 -29.30 20.87
C ASP E 39 28.14 -30.49 21.59
N ILE E 40 28.22 -30.47 22.92
CA ILE E 40 27.75 -31.57 23.76
C ILE E 40 26.49 -31.13 24.49
N TYR E 41 25.48 -32.00 24.50
CA TYR E 41 24.23 -31.77 25.23
C TYR E 41 24.04 -32.93 26.19
N ILE E 42 24.00 -32.62 27.49
CA ILE E 42 23.97 -33.63 28.54
C ILE E 42 22.56 -33.70 29.11
N TYR E 43 21.93 -34.88 28.99
CA TYR E 43 20.62 -35.13 29.56
C TYR E 43 20.67 -36.00 30.81
N GLY E 44 21.77 -36.70 31.05
CA GLY E 44 21.82 -37.71 32.10
C GLY E 44 22.59 -37.26 33.32
N HIS E 45 22.91 -38.23 34.16
CA HIS E 45 23.77 -38.02 35.33
C HIS E 45 25.19 -38.35 34.90
N VAL E 46 25.96 -37.32 34.56
CA VAL E 46 27.26 -37.50 33.93
C VAL E 46 28.29 -36.69 34.70
N ASN E 47 29.25 -37.37 35.29
CA ASN E 47 30.39 -36.69 35.91
C ASN E 47 31.40 -36.28 34.84
N ILE E 48 31.93 -35.08 34.97
CA ILE E 48 33.01 -34.59 34.13
C ILE E 48 34.26 -34.47 34.98
N THR E 49 35.40 -34.80 34.40
CA THR E 49 36.69 -34.71 35.08
C THR E 49 37.42 -33.45 34.62
N SER E 50 38.16 -32.84 35.54
CA SER E 50 38.82 -31.57 35.25
C SER E 50 39.72 -31.67 34.03
N GLN E 51 40.23 -32.87 33.72
CA GLN E 51 41.07 -33.03 32.54
C GLN E 51 40.23 -32.93 31.27
N ALA E 52 39.13 -33.68 31.20
CA ALA E 52 38.25 -33.61 30.04
C ALA E 52 37.50 -32.30 29.96
N LEU E 53 37.30 -31.61 31.09
CA LEU E 53 36.68 -30.29 31.07
C LEU E 53 37.71 -29.22 30.69
N HIS E 54 38.90 -29.29 31.28
CA HIS E 54 39.99 -28.42 30.82
C HIS E 54 40.32 -28.68 29.37
N TYR E 55 40.13 -29.92 28.91
CA TYR E 55 40.33 -30.21 27.50
C TYR E 55 39.17 -29.67 26.68
N ILE E 56 37.94 -30.07 27.01
CA ILE E 56 36.78 -29.64 26.23
C ILE E 56 36.82 -28.13 26.02
N ALA E 57 37.16 -27.40 27.08
CA ALA E 57 37.26 -25.94 26.96
C ALA E 57 38.38 -25.53 26.02
N GLN E 58 39.53 -26.21 26.10
CA GLN E 58 40.68 -25.80 25.32
C GLN E 58 40.43 -25.97 23.82
N LYS E 59 39.71 -27.01 23.43
CA LYS E 59 39.38 -27.21 22.02
C LYS E 59 38.10 -26.50 21.60
N GLY E 60 37.43 -25.81 22.52
CA GLY E 60 36.30 -24.98 22.16
C GLY E 60 34.97 -25.69 22.03
N ILE E 61 34.79 -26.83 22.69
CA ILE E 61 33.52 -27.54 22.67
C ILE E 61 32.65 -27.04 23.81
N LEU E 62 31.36 -26.91 23.57
CA LEU E 62 30.41 -26.49 24.59
C LEU E 62 29.72 -27.70 25.20
N ILE E 63 29.33 -27.57 26.46
CA ILE E 63 28.55 -28.59 27.16
C ILE E 63 27.27 -27.92 27.62
N HIS E 64 26.15 -28.26 26.97
CA HIS E 64 24.84 -27.78 27.36
C HIS E 64 24.14 -28.85 28.19
N PHE E 65 23.70 -28.48 29.38
CA PHE E 65 23.03 -29.43 30.27
C PHE E 65 21.53 -29.35 30.11
N PHE E 66 20.84 -30.34 30.70
CA PHE E 66 19.40 -30.43 30.62
C PHE E 66 18.84 -30.82 31.98
N ASN E 67 17.54 -30.60 32.14
CA ASN E 67 16.85 -30.92 33.38
C ASN E 67 16.47 -32.39 33.40
N HIS E 68 15.79 -32.80 34.48
CA HIS E 68 15.10 -34.09 34.46
C HIS E 68 14.11 -34.14 33.31
N TYR E 69 13.55 -32.99 32.94
CA TYR E 69 12.43 -32.89 32.02
C TYR E 69 12.86 -32.73 30.57
N GLY E 70 14.02 -32.11 30.34
CA GLY E 70 14.48 -31.78 29.01
C GLY E 70 14.52 -30.30 28.72
N TYR E 71 14.21 -29.46 29.70
CA TYR E 71 14.24 -28.01 29.52
C TYR E 71 15.68 -27.50 29.67
N TYR E 72 15.99 -26.47 28.88
CA TYR E 72 17.33 -25.92 28.87
C TYR E 72 17.78 -25.54 30.29
N ASP E 73 18.90 -26.12 30.71
CA ASP E 73 19.38 -25.98 32.08
C ASP E 73 20.52 -24.98 32.20
N GLY E 74 21.62 -25.21 31.48
CA GLY E 74 22.77 -24.33 31.59
C GLY E 74 23.75 -24.59 30.47
N THR E 75 24.85 -23.84 30.50
CA THR E 75 25.85 -23.93 29.45
C THR E 75 27.24 -23.72 30.05
N PHE E 76 28.20 -24.53 29.59
CA PHE E 76 29.61 -24.33 29.90
C PHE E 76 30.24 -23.59 28.72
N TYR E 77 30.53 -22.31 28.90
CA TYR E 77 31.01 -21.47 27.82
C TYR E 77 32.52 -21.37 27.89
N PRO E 78 33.27 -21.97 26.96
CA PRO E 78 34.73 -21.89 27.01
C PRO E 78 35.26 -20.52 26.64
N ARG E 79 36.59 -20.38 26.66
CA ARG E 79 37.22 -19.14 26.24
C ARG E 79 37.06 -18.97 24.74
N GLU E 80 36.63 -17.79 24.31
CA GLU E 80 36.10 -17.58 22.98
C GLU E 80 37.21 -17.24 22.00
N THR E 81 37.57 -18.21 21.16
CA THR E 81 38.40 -17.92 20.00
C THR E 81 37.52 -17.38 18.87
N LEU E 82 38.16 -16.86 17.83
CA LEU E 82 37.53 -16.22 16.68
C LEU E 82 37.04 -14.82 17.03
N LEU E 83 37.17 -14.40 18.29
CA LEU E 83 36.61 -13.15 18.77
C LEU E 83 37.17 -11.94 18.02
N SER E 84 36.54 -10.79 18.28
CA SER E 84 36.94 -9.52 17.69
C SER E 84 36.27 -8.41 18.47
N GLY E 85 36.84 -7.21 18.37
CA GLY E 85 36.35 -6.07 19.09
C GLY E 85 35.79 -4.97 18.20
N ASP E 86 36.08 -5.06 16.90
CA ASP E 86 35.47 -4.13 15.95
C ASP E 86 34.00 -4.48 15.71
N LEU E 87 33.61 -5.74 15.88
CA LEU E 87 32.21 -6.10 15.73
C LEU E 87 31.41 -5.70 16.96
N ILE E 88 31.79 -6.22 18.13
CA ILE E 88 30.97 -6.06 19.33
C ILE E 88 30.55 -4.59 19.48
N ILE E 89 31.44 -3.67 19.13
CA ILE E 89 31.10 -2.26 19.17
C ILE E 89 29.97 -1.96 18.20
N LYS E 90 30.05 -2.51 16.98
CA LYS E 90 29.00 -2.28 16.00
C LYS E 90 27.67 -2.89 16.46
N GLN E 91 27.71 -4.09 17.03
CA GLN E 91 26.52 -4.63 17.67
C GLN E 91 25.97 -3.66 18.71
N ALA E 92 26.86 -3.09 19.53
CA ALA E 92 26.43 -2.14 20.55
C ALA E 92 25.99 -0.83 19.92
N GLU E 93 26.64 -0.40 18.84
CA GLU E 93 26.17 0.79 18.13
C GLU E 93 24.77 0.57 17.57
N HIS E 94 24.45 -0.65 17.17
CA HIS E 94 23.11 -0.94 16.68
C HIS E 94 22.12 -1.04 17.85
N TYR E 95 22.54 -1.60 18.98
CA TYR E 95 21.65 -1.65 20.14
C TYR E 95 21.39 -0.25 20.69
N LEU E 96 22.46 0.51 20.96
CA LEU E 96 22.29 1.79 21.66
C LEU E 96 21.47 2.76 20.83
N ASP E 97 21.89 3.01 19.59
CA ASP E 97 21.10 3.87 18.70
C ASP E 97 19.75 3.22 18.44
N LYS E 98 18.68 3.88 18.88
CA LYS E 98 17.36 3.27 18.80
C LYS E 98 16.98 2.95 17.36
N ASN E 99 17.51 3.71 16.41
CA ASN E 99 17.31 3.40 14.99
C ASN E 99 18.34 2.38 14.53
N LYS E 100 17.90 1.49 13.64
CA LYS E 100 18.67 0.33 13.19
C LYS E 100 18.70 -0.75 14.27
N ARG E 101 18.27 -0.41 15.48
CA ARG E 101 17.85 -1.43 16.43
C ARG E 101 16.41 -1.83 16.13
N LEU E 102 15.52 -0.82 16.19
CA LEU E 102 14.12 -1.00 15.79
C LEU E 102 14.03 -1.75 14.48
N PHE E 103 14.96 -1.46 13.55
CA PHE E 103 15.01 -2.18 12.28
C PHE E 103 15.34 -3.65 12.48
N LEU E 104 16.55 -3.92 12.98
CA LEU E 104 16.99 -5.30 13.19
C LEU E 104 15.93 -6.10 13.96
N ALA E 105 15.36 -5.49 15.00
CA ALA E 105 14.26 -6.13 15.71
C ALA E 105 13.09 -6.41 14.77
N LYS E 106 12.57 -5.35 14.14
CA LYS E 106 11.49 -5.51 13.18
C LYS E 106 11.80 -6.63 12.17
N SER E 107 13.04 -6.67 11.69
CA SER E 107 13.42 -7.70 10.72
C SER E 107 13.32 -9.09 11.33
N PHE E 108 13.97 -9.29 12.48
CA PHE E 108 13.93 -10.60 13.14
C PHE E 108 12.50 -11.12 13.24
N VAL E 109 11.57 -10.29 13.71
CA VAL E 109 10.21 -10.76 13.92
C VAL E 109 9.49 -10.97 12.59
N VAL E 110 9.84 -10.20 11.57
CA VAL E 110 9.17 -10.34 10.28
C VAL E 110 9.79 -11.47 9.47
N GLY E 111 11.10 -11.65 9.55
CA GLY E 111 11.69 -12.84 8.95
C GLY E 111 10.95 -14.02 9.52
N GLY E 112 11.21 -14.33 10.78
CA GLY E 112 10.16 -14.55 11.74
C GLY E 112 8.88 -15.15 11.20
N ALA E 113 7.81 -14.35 11.30
CA ALA E 113 6.45 -14.78 11.05
C ALA E 113 6.18 -15.17 9.60
N LYS E 114 7.10 -14.89 8.67
CA LYS E 114 6.93 -15.41 7.33
C LYS E 114 7.04 -16.94 7.31
N ASN E 115 8.02 -17.47 8.04
CA ASN E 115 8.22 -18.91 8.08
C ASN E 115 7.01 -19.62 8.64
N MET E 116 6.44 -19.10 9.73
CA MET E 116 5.20 -19.66 10.25
C MET E 116 4.15 -19.75 9.16
N GLU E 117 4.00 -18.66 8.39
CA GLU E 117 3.05 -18.67 7.27
C GLU E 117 3.42 -19.74 6.26
N LYS E 118 4.69 -19.78 5.85
CA LYS E 118 5.12 -20.82 4.92
C LYS E 118 4.84 -22.21 5.47
N ASN E 119 5.08 -22.41 6.77
CA ASN E 119 4.76 -23.69 7.39
C ASN E 119 3.28 -24.03 7.24
N LEU E 120 2.41 -23.11 7.66
CA LEU E 120 0.99 -23.29 7.43
C LEU E 120 0.68 -23.51 5.96
N LYS E 121 1.46 -22.87 5.07
CA LYS E 121 1.25 -23.06 3.64
C LYS E 121 1.71 -24.45 3.20
N ASN E 122 2.87 -24.89 3.68
CA ASN E 122 3.31 -26.25 3.38
C ASN E 122 2.32 -27.28 3.89
N TRP E 123 1.61 -26.96 4.96
CA TRP E 123 0.62 -27.86 5.56
C TRP E 123 -0.78 -27.62 5.00
N GLY E 124 -0.95 -26.60 4.16
CA GLY E 124 -2.20 -26.44 3.45
C GLY E 124 -3.29 -25.70 4.20
N ILE E 125 -2.93 -24.77 5.08
CA ILE E 125 -3.89 -23.95 5.80
C ILE E 125 -3.80 -22.53 5.26
N SER E 126 -4.96 -21.91 5.04
CA SER E 126 -5.02 -20.53 4.58
C SER E 126 -5.01 -19.58 5.76
N SER E 127 -4.11 -18.61 5.74
CA SER E 127 -4.07 -17.55 6.74
C SER E 127 -3.55 -16.29 6.07
N ASP E 128 -4.21 -15.17 6.35
CA ASP E 128 -3.78 -13.86 5.84
C ASP E 128 -2.97 -13.18 6.93
N PHE E 129 -1.65 -13.33 6.85
CA PHE E 129 -0.75 -12.63 7.76
C PHE E 129 -0.41 -11.23 7.28
N SER E 130 -0.63 -10.95 5.98
CA SER E 130 -0.39 -9.61 5.47
C SER E 130 -1.13 -8.57 6.29
N ASN E 131 -2.34 -8.92 6.76
CA ASN E 131 -3.05 -8.02 7.66
C ASN E 131 -2.25 -7.78 8.94
N HIS E 132 -1.61 -8.83 9.47
CA HIS E 132 -0.77 -8.66 10.65
C HIS E 132 0.60 -8.08 10.31
N LEU E 133 1.16 -8.45 9.16
CA LEU E 133 2.53 -8.06 8.86
C LEU E 133 2.68 -6.55 8.83
N LYS E 134 1.72 -5.84 8.22
CA LYS E 134 1.78 -4.38 8.19
C LYS E 134 1.39 -3.76 9.52
N GLU E 135 0.62 -4.46 10.35
CA GLU E 135 0.36 -3.96 11.70
C GLU E 135 1.68 -3.59 12.36
N LEU E 136 1.71 -2.40 12.96
CA LEU E 136 2.92 -1.94 13.65
C LEU E 136 3.99 -1.63 12.61
N GLN E 137 3.53 -0.97 11.54
CA GLN E 137 4.31 -0.55 10.39
C GLN E 137 5.66 0.04 10.78
N GLY E 138 5.62 1.14 11.53
CA GLY E 138 6.83 1.80 11.99
C GLY E 138 6.84 1.94 13.50
N ALA E 139 6.08 1.08 14.17
CA ALA E 139 5.99 1.11 15.62
C ALA E 139 7.38 1.13 16.23
N LYS E 140 7.67 2.18 17.00
CA LYS E 140 9.01 2.36 17.56
C LYS E 140 9.19 1.55 18.83
N LYS E 141 8.14 1.42 19.65
CA LYS E 141 8.26 0.76 20.94
C LYS E 141 8.85 -0.63 20.79
N VAL E 142 10.03 -0.84 21.38
CA VAL E 142 10.65 -2.16 21.35
C VAL E 142 9.83 -3.14 22.19
N THR E 143 9.36 -2.71 23.35
CA THR E 143 8.59 -3.58 24.22
C THR E 143 7.32 -4.08 23.54
N GLU E 144 6.78 -3.30 22.61
CA GLU E 144 5.52 -3.68 21.97
C GLU E 144 5.72 -4.66 20.83
N ILE E 145 6.90 -4.65 20.19
CA ILE E 145 7.15 -5.57 19.08
C ILE E 145 7.00 -7.00 19.55
N MET E 146 7.37 -7.30 20.78
CA MET E 146 7.06 -8.60 21.35
C MET E 146 5.57 -8.77 21.55
N ASN E 147 4.92 -7.74 22.12
CA ASN E 147 3.50 -7.81 22.41
C ASN E 147 2.68 -8.22 21.18
N VAL E 148 3.09 -7.80 19.99
CA VAL E 148 2.41 -8.27 18.80
C VAL E 148 2.84 -9.70 18.48
N GLU E 149 4.13 -10.00 18.60
CA GLU E 149 4.59 -11.37 18.38
C GLU E 149 3.87 -12.33 19.31
N GLY E 150 3.34 -11.82 20.44
CA GLY E 150 2.45 -12.65 21.24
C GLY E 150 1.18 -13.00 20.51
N ARG E 151 0.49 -11.98 19.98
CA ARG E 151 -0.68 -12.22 19.14
C ARG E 151 -0.31 -13.12 17.96
N ILE E 152 0.75 -12.77 17.24
CA ILE E 152 1.19 -13.57 16.10
C ILE E 152 1.41 -15.02 16.52
N ARG E 153 2.15 -15.21 17.62
CA ARG E 153 2.47 -16.56 18.06
C ARG E 153 1.21 -17.33 18.44
N GLN E 154 0.35 -16.73 19.25
CA GLN E 154 -0.81 -17.48 19.75
C GLN E 154 -1.81 -17.76 18.63
N GLU E 155 -1.97 -16.83 17.68
CA GLU E 155 -2.86 -17.10 16.55
C GLU E 155 -2.22 -18.07 15.57
N TYR E 156 -0.89 -18.08 15.47
CA TYR E 156 -0.21 -19.06 14.64
C TYR E 156 -0.53 -20.48 15.11
N TYR E 157 -0.22 -20.79 16.36
CA TYR E 157 -0.54 -22.11 16.89
C TYR E 157 -2.04 -22.36 16.82
N ALA E 158 -2.85 -21.33 17.06
CA ALA E 158 -4.30 -21.48 17.01
C ALA E 158 -4.76 -21.90 15.61
N ARG E 159 -4.21 -21.27 14.57
CA ARG E 159 -4.56 -21.62 13.20
C ARG E 159 -3.73 -22.78 12.66
N TRP E 160 -2.65 -23.14 13.34
CA TRP E 160 -1.96 -24.40 13.05
C TRP E 160 -2.78 -25.58 13.56
N ASP E 161 -3.47 -25.41 14.68
CA ASP E 161 -4.07 -26.52 15.40
C ASP E 161 -5.21 -27.19 14.67
N GLU E 162 -5.72 -26.60 13.58
CA GLU E 162 -6.85 -27.19 12.88
C GLU E 162 -6.48 -28.43 12.09
N SER E 163 -5.20 -28.78 12.01
CA SER E 163 -4.73 -29.90 11.20
C SER E 163 -4.36 -31.12 12.01
N LEU E 164 -4.43 -31.06 13.35
CA LEU E 164 -3.95 -32.16 14.18
C LEU E 164 -5.09 -32.88 14.87
N PRO E 165 -4.92 -34.17 15.17
CA PRO E 165 -5.99 -34.91 15.85
C PRO E 165 -6.15 -34.47 17.29
N GLY E 166 -7.26 -34.92 17.89
CA GLY E 166 -7.62 -34.45 19.22
C GLY E 166 -6.49 -34.57 20.23
N GLU E 167 -5.86 -35.74 20.30
CA GLU E 167 -4.87 -35.99 21.34
C GLU E 167 -3.76 -34.95 21.33
N PHE E 168 -3.39 -34.47 20.14
CA PHE E 168 -2.20 -33.65 19.98
C PHE E 168 -2.51 -32.16 19.78
N ARG E 169 -3.72 -31.72 20.13
CA ARG E 169 -4.11 -30.34 19.87
C ARG E 169 -3.48 -29.39 20.89
N ILE E 170 -3.09 -28.21 20.41
CA ILE E 170 -2.40 -27.20 21.19
C ILE E 170 -3.36 -26.02 21.36
N GLY E 171 -3.94 -25.88 22.55
CA GLY E 171 -4.75 -24.70 22.80
C GLY E 171 -3.93 -23.43 22.73
N LYS E 172 -2.84 -23.38 23.50
CA LYS E 172 -1.83 -22.33 23.45
C LYS E 172 -0.55 -22.93 24.01
N ARG E 173 0.54 -22.23 23.83
CA ARG E 173 1.81 -22.71 24.36
C ARG E 173 1.79 -22.58 25.88
N THR E 174 1.94 -23.72 26.56
CA THR E 174 1.79 -23.81 28.01
C THR E 174 3.09 -23.53 28.74
N ARG E 175 3.94 -22.67 28.20
CA ARG E 175 5.38 -22.75 28.36
C ARG E 175 5.89 -23.32 29.67
N ARG E 176 5.58 -22.71 30.81
CA ARG E 176 6.02 -23.22 32.11
C ARG E 176 4.82 -23.41 33.03
N PRO E 177 4.52 -24.65 33.48
CA PRO E 177 5.11 -25.95 33.12
C PRO E 177 4.42 -26.55 31.91
N PRO E 178 4.92 -27.69 31.40
CA PRO E 178 4.21 -28.38 30.31
C PRO E 178 3.04 -29.19 30.85
N LYS E 179 1.83 -28.72 30.58
CA LYS E 179 0.62 -29.33 31.12
C LYS E 179 -0.22 -30.08 30.10
N ASN E 180 0.00 -29.84 28.80
CA ASN E 180 -0.78 -30.48 27.75
C ASN E 180 0.10 -31.36 26.89
N GLU E 181 -0.54 -32.12 26.00
CA GLU E 181 0.18 -32.86 24.98
C GLU E 181 0.71 -31.92 23.92
N MET E 182 1.83 -32.31 23.32
CA MET E 182 2.43 -31.57 22.21
C MET E 182 3.11 -30.29 22.67
N ASN E 183 2.92 -29.91 23.92
CA ASN E 183 3.61 -28.75 24.47
C ASN E 183 4.96 -29.13 25.07
N ALA E 184 5.10 -30.38 25.51
CA ALA E 184 6.41 -30.90 25.88
C ALA E 184 7.32 -30.97 24.66
N LEU E 185 6.89 -31.70 23.62
CA LEU E 185 7.68 -31.83 22.40
C LEU E 185 8.12 -30.48 21.87
N ILE E 186 7.26 -29.46 21.98
CA ILE E 186 7.61 -28.13 21.48
C ILE E 186 8.61 -27.46 22.42
N SER E 187 8.19 -27.20 23.67
CA SER E 187 9.07 -26.60 24.64
C SER E 187 10.38 -27.37 24.77
N PHE E 188 10.39 -28.64 24.40
CA PHE E 188 11.57 -29.48 24.46
C PHE E 188 12.43 -29.31 23.21
N LEU E 189 11.84 -29.51 22.03
CA LEU E 189 12.55 -29.20 20.79
C LEU E 189 13.10 -27.79 20.81
N ASN E 190 12.33 -26.85 21.36
CA ASN E 190 12.79 -25.47 21.46
C ASN E 190 14.09 -25.38 22.25
N SER E 191 14.19 -26.12 23.35
CA SER E 191 15.39 -26.10 24.17
C SER E 191 16.59 -26.61 23.37
N ARG E 192 16.42 -27.73 22.66
CA ARG E 192 17.52 -28.25 21.85
C ARG E 192 17.90 -27.27 20.75
N LEU E 193 16.90 -26.66 20.11
CA LEU E 193 17.20 -25.64 19.10
C LEU E 193 17.87 -24.43 19.73
N TYR E 194 17.45 -24.06 20.95
CA TYR E 194 18.14 -23.01 21.70
C TYR E 194 19.60 -23.39 21.91
N ALA E 195 19.84 -24.60 22.41
CA ALA E 195 21.20 -25.08 22.60
C ALA E 195 22.01 -25.00 21.31
N THR E 196 21.56 -25.71 20.28
CA THR E 196 22.22 -25.61 18.98
C THR E 196 22.44 -24.17 18.57
N MET E 197 21.56 -23.27 19.00
CA MET E 197 21.75 -21.85 18.70
C MET E 197 22.89 -21.27 19.51
N ILE E 198 23.04 -21.70 20.77
CA ILE E 198 24.18 -21.28 21.56
C ILE E 198 25.47 -21.75 20.93
N SER E 199 25.42 -22.82 20.13
CA SER E 199 26.62 -23.36 19.49
C SER E 199 26.92 -22.63 18.19
N GLU E 200 25.97 -22.64 17.24
CA GLU E 200 26.23 -22.07 15.93
C GLU E 200 26.54 -20.58 16.00
N ILE E 201 26.21 -19.91 17.10
CA ILE E 201 26.59 -18.51 17.26
C ILE E 201 28.06 -18.41 17.68
N TYR E 202 28.49 -19.30 18.58
CA TYR E 202 29.86 -19.26 19.08
C TYR E 202 30.88 -19.25 17.95
N ASN E 203 30.58 -19.93 16.84
CA ASN E 203 31.52 -20.03 15.73
C ASN E 203 31.68 -18.71 14.97
N THR E 204 30.91 -17.69 15.31
CA THR E 204 31.01 -16.39 14.66
C THR E 204 31.78 -15.42 15.57
N GLN E 205 31.84 -14.16 15.13
CA GLN E 205 32.42 -13.09 15.93
C GLN E 205 31.37 -12.34 16.75
N LEU E 206 30.11 -12.75 16.65
CA LEU E 206 29.03 -12.07 17.36
C LEU E 206 29.12 -12.36 18.86
N ALA E 207 28.95 -11.31 19.66
CA ALA E 207 28.80 -11.49 21.09
C ALA E 207 27.37 -11.92 21.39
N PRO E 208 27.16 -13.07 22.05
CA PRO E 208 25.79 -13.57 22.22
C PRO E 208 24.96 -12.77 23.20
N THR E 209 25.57 -11.87 23.97
CA THR E 209 24.88 -11.14 25.02
C THR E 209 24.35 -9.78 24.57
N ILE E 210 24.60 -9.39 23.32
CA ILE E 210 24.05 -8.16 22.75
C ILE E 210 22.94 -8.56 21.79
N SER E 211 21.71 -8.20 22.13
CA SER E 211 20.53 -8.56 21.36
C SER E 211 19.70 -7.31 21.09
N TYR E 212 18.71 -7.46 20.20
CA TYR E 212 17.85 -6.35 19.81
C TYR E 212 16.40 -6.57 20.20
N LEU E 213 15.78 -7.66 19.74
CA LEU E 213 14.38 -7.90 20.06
C LEU E 213 14.18 -8.15 21.55
N HIS E 214 15.15 -8.78 22.20
CA HIS E 214 15.05 -9.17 23.60
C HIS E 214 16.06 -8.38 24.42
N GLU E 215 15.62 -7.83 25.54
CA GLU E 215 16.53 -7.15 26.44
C GLU E 215 17.57 -8.13 26.94
N PRO E 216 18.87 -7.83 26.85
CA PRO E 216 19.89 -8.82 27.14
C PRO E 216 20.14 -9.00 28.62
N SER E 217 20.95 -10.01 28.92
CA SER E 217 21.48 -10.25 30.27
C SER E 217 22.84 -10.88 30.10
N GLU E 218 23.85 -10.37 30.82
CA GLU E 218 25.20 -10.88 30.65
C GLU E 218 25.26 -12.39 30.81
N ARG E 219 24.41 -12.94 31.68
CA ARG E 219 24.38 -14.37 31.96
C ARG E 219 23.37 -15.12 31.07
N ARG E 220 22.81 -14.46 30.06
CA ARG E 220 21.79 -15.05 29.20
C ARG E 220 22.12 -14.71 27.75
N PHE E 221 22.04 -15.72 26.88
CA PHE E 221 22.30 -15.55 25.46
C PHE E 221 20.97 -15.19 24.79
N SER E 222 20.76 -13.91 24.54
CA SER E 222 19.51 -13.43 23.96
C SER E 222 19.58 -13.27 22.45
N LEU E 223 20.76 -13.39 21.84
CA LEU E 223 20.83 -13.41 20.38
C LEU E 223 20.31 -14.73 19.84
N ALA E 224 20.64 -15.84 20.53
CA ALA E 224 19.98 -17.11 20.24
C ALA E 224 18.47 -16.97 20.39
N LEU E 225 18.02 -16.32 21.46
CA LEU E 225 16.60 -16.02 21.61
C LEU E 225 16.10 -15.22 20.41
N ASP E 226 16.87 -14.22 19.99
CA ASP E 226 16.44 -13.37 18.88
C ASP E 226 16.25 -14.17 17.60
N LEU E 227 17.32 -14.79 17.11
CA LEU E 227 17.24 -15.48 15.83
C LEU E 227 16.51 -16.82 15.91
N SER E 228 16.32 -17.38 17.12
CA SER E 228 15.53 -18.59 17.24
C SER E 228 14.12 -18.39 16.68
N GLU E 229 13.59 -17.17 16.79
CA GLU E 229 12.30 -16.87 16.18
C GLU E 229 12.29 -17.19 14.70
N ILE E 230 13.45 -17.13 14.05
CA ILE E 230 13.54 -17.43 12.63
C ILE E 230 13.52 -18.94 12.41
N PHE E 231 14.32 -19.68 13.17
CA PHE E 231 14.55 -21.10 12.91
C PHE E 231 13.59 -22.02 13.64
N LYS E 232 12.95 -21.54 14.71
CA LYS E 232 11.96 -22.37 15.38
C LYS E 232 10.86 -22.82 14.43
N PRO E 233 10.19 -21.94 13.68
CA PRO E 233 9.17 -22.42 12.73
C PRO E 233 9.77 -23.14 11.53
N ILE E 234 11.06 -22.95 11.24
CA ILE E 234 11.69 -23.70 10.16
C ILE E 234 12.03 -25.11 10.61
N ILE E 235 12.52 -25.26 11.84
CA ILE E 235 13.04 -26.53 12.34
C ILE E 235 12.10 -27.14 13.39
N ALA E 236 11.89 -26.43 14.50
CA ALA E 236 11.12 -26.99 15.60
C ALA E 236 9.72 -27.38 15.15
N ASP E 237 8.93 -26.40 14.69
CA ASP E 237 7.58 -26.69 14.23
C ASP E 237 7.58 -27.76 13.16
N ARG E 238 8.47 -27.66 12.18
CA ARG E 238 8.50 -28.62 11.08
C ARG E 238 8.77 -30.03 11.61
N ILE E 239 9.74 -30.16 12.53
CA ILE E 239 9.88 -31.42 13.26
C ILE E 239 8.57 -31.78 13.95
N ALA E 240 8.14 -30.89 14.84
CA ALA E 240 6.89 -31.08 15.57
C ALA E 240 5.73 -31.42 14.65
N ASN E 241 5.80 -31.07 13.37
CA ASN E 241 4.75 -31.45 12.44
C ASN E 241 4.96 -32.87 11.91
N ARG E 242 6.11 -33.13 11.29
CA ARG E 242 6.38 -34.44 10.72
C ARG E 242 6.43 -35.55 11.77
N LEU E 243 6.37 -35.21 13.06
CA LEU E 243 6.35 -36.22 14.11
C LEU E 243 4.94 -36.68 14.46
N VAL E 244 3.96 -35.77 14.46
CA VAL E 244 2.62 -36.12 14.92
C VAL E 244 1.88 -36.90 13.83
N LYS E 245 1.97 -36.45 12.58
CA LYS E 245 1.15 -37.04 11.52
C LYS E 245 1.60 -38.46 11.20
N LYS E 246 2.85 -38.62 10.80
CA LYS E 246 3.34 -39.94 10.37
C LYS E 246 3.16 -40.99 11.46
N GLY E 247 2.90 -40.59 12.71
CA GLY E 247 2.51 -41.52 13.74
C GLY E 247 3.64 -42.16 14.50
N ILE E 248 4.73 -41.44 14.73
CA ILE E 248 5.90 -42.05 15.36
C ILE E 248 5.80 -42.05 16.88
N ILE E 249 4.97 -41.19 17.47
CA ILE E 249 4.81 -41.15 18.92
C ILE E 249 3.33 -41.06 19.26
N LYS E 250 2.92 -41.85 20.25
CA LYS E 250 1.53 -41.91 20.70
C LYS E 250 1.48 -41.70 22.22
N LYS E 251 0.31 -41.95 22.83
CA LYS E 251 0.19 -41.80 24.27
C LYS E 251 1.15 -42.73 25.03
N ASP E 252 1.62 -43.80 24.39
CA ASP E 252 2.57 -44.69 25.05
C ASP E 252 3.90 -44.00 25.31
N HIS E 253 4.26 -43.02 24.48
CA HIS E 253 5.52 -42.32 24.65
C HIS E 253 5.44 -41.22 25.69
N PHE E 254 4.25 -40.67 25.93
CA PHE E 254 4.08 -39.54 26.82
C PHE E 254 3.83 -40.01 28.25
N ARG E 255 4.50 -39.35 29.19
CA ARG E 255 4.34 -39.60 30.61
C ARG E 255 3.70 -38.39 31.28
N GLU E 256 3.06 -38.64 32.42
CA GLU E 256 2.29 -37.63 33.14
C GLU E 256 2.99 -37.30 34.45
N ASP E 257 3.64 -36.14 34.50
CA ASP E 257 4.05 -35.59 35.78
C ASP E 257 2.80 -35.21 36.58
N LEU E 258 2.96 -35.14 37.90
CA LEU E 258 1.84 -34.72 38.74
C LEU E 258 1.58 -33.22 38.60
N ASN E 259 2.56 -32.46 38.13
CA ASN E 259 2.40 -31.05 37.82
C ASN E 259 2.35 -30.78 36.33
N GLY E 260 2.49 -31.81 35.50
CA GLY E 260 2.47 -31.61 34.06
C GLY E 260 2.74 -32.90 33.33
N VAL E 261 3.21 -32.79 32.09
CA VAL E 261 3.53 -33.95 31.26
C VAL E 261 4.93 -33.77 30.68
N LEU E 262 5.53 -34.89 30.28
CA LEU E 262 6.86 -34.91 29.70
C LEU E 262 7.00 -36.19 28.87
N LEU E 263 8.22 -36.47 28.42
CA LEU E 263 8.50 -37.59 27.54
C LEU E 263 9.31 -38.66 28.29
N THR E 264 9.15 -39.91 27.84
CA THR E 264 10.01 -40.99 28.29
C THR E 264 11.30 -41.01 27.48
N ASP E 265 12.30 -41.73 27.99
CA ASP E 265 13.57 -41.82 27.31
C ASP E 265 13.40 -42.27 25.85
N GLU E 266 12.39 -43.10 25.59
CA GLU E 266 12.13 -43.52 24.21
C GLU E 266 11.67 -42.34 23.36
N GLY E 267 10.75 -41.54 23.88
CA GLY E 267 10.35 -40.34 23.15
C GLY E 267 11.49 -39.35 23.01
N MET E 268 12.23 -39.12 24.09
CA MET E 268 13.37 -38.21 24.02
C MET E 268 14.42 -38.72 23.06
N LYS E 269 14.58 -40.03 22.91
CA LYS E 269 15.57 -40.56 21.98
C LYS E 269 15.14 -40.35 20.54
N ILE E 270 13.89 -40.68 20.21
CA ILE E 270 13.44 -40.52 18.84
C ILE E 270 13.35 -39.04 18.48
N VAL E 271 12.85 -38.21 19.41
CA VAL E 271 12.80 -36.76 19.15
C VAL E 271 14.20 -36.23 18.92
N THR E 272 15.17 -36.64 19.75
CA THR E 272 16.54 -36.21 19.53
C THR E 272 17.07 -36.72 18.19
N LYS E 273 16.76 -37.96 17.84
CA LYS E 273 17.15 -38.48 16.53
C LYS E 273 16.54 -37.64 15.42
N ALA E 274 15.21 -37.61 15.34
CA ALA E 274 14.53 -36.84 14.31
C ALA E 274 15.07 -35.41 14.23
N TYR E 275 15.35 -34.80 15.39
CA TYR E 275 15.93 -33.47 15.38
C TYR E 275 17.30 -33.48 14.74
N ASN E 276 18.20 -34.35 15.22
CA ASN E 276 19.52 -34.45 14.63
C ASN E 276 19.44 -34.79 13.14
N GLN E 277 18.36 -35.46 12.72
CA GLN E 277 18.23 -35.86 11.33
C GLN E 277 17.81 -34.70 10.44
N GLU E 278 16.72 -34.01 10.81
CA GLU E 278 16.24 -32.91 9.99
C GLU E 278 17.15 -31.69 10.06
N LEU E 279 18.06 -31.63 11.03
CA LEU E 279 19.02 -30.55 11.15
C LEU E 279 20.25 -30.77 10.28
N GLU E 280 20.37 -31.94 9.64
CA GLU E 280 21.48 -32.24 8.74
C GLU E 280 20.97 -32.64 7.36
N LYS E 281 19.79 -32.14 6.97
CA LYS E 281 19.18 -32.51 5.70
C LYS E 281 19.66 -31.57 4.58
N THR E 282 19.26 -31.91 3.36
CA THR E 282 19.69 -31.18 2.18
C THR E 282 18.92 -29.87 2.02
N VAL E 283 19.37 -29.07 1.06
CA VAL E 283 18.74 -27.79 0.73
C VAL E 283 19.11 -27.43 -0.71
N VAL E 292 23.65 -26.18 2.03
CA VAL E 292 23.97 -27.58 1.87
C VAL E 292 23.28 -28.40 2.96
N THR E 293 23.68 -28.15 4.21
CA THR E 293 23.10 -28.83 5.37
C THR E 293 22.29 -27.83 6.20
N ARG E 294 21.21 -28.32 6.81
CA ARG E 294 20.32 -27.44 7.56
C ARG E 294 21.05 -26.73 8.70
N ARG E 295 22.08 -27.37 9.28
CA ARG E 295 22.80 -26.74 10.37
C ARG E 295 23.53 -25.49 9.89
N ARG E 296 24.25 -25.59 8.76
CA ARG E 296 25.06 -24.47 8.31
C ARG E 296 24.22 -23.24 8.06
N LEU E 297 22.98 -23.41 7.61
CA LEU E 297 22.06 -22.29 7.51
C LEU E 297 21.99 -21.51 8.81
N ILE E 298 21.92 -22.22 9.95
CA ILE E 298 21.87 -21.55 11.24
C ILE E 298 23.02 -20.57 11.37
N ARG E 299 24.19 -20.96 10.87
CA ARG E 299 25.36 -20.08 10.90
C ARG E 299 25.29 -18.99 9.84
N LEU E 300 24.66 -19.28 8.70
CA LEU E 300 24.54 -18.27 7.64
C LEU E 300 23.68 -17.10 8.12
N GLU E 301 22.48 -17.40 8.64
CA GLU E 301 21.65 -16.34 9.21
C GLU E 301 22.42 -15.56 10.28
N ALA E 302 23.34 -16.24 10.98
CA ALA E 302 24.22 -15.53 11.91
C ALA E 302 25.26 -14.71 11.17
N TYR E 303 25.69 -15.16 9.97
CA TYR E 303 26.61 -14.37 9.17
C TYR E 303 25.92 -13.12 8.62
N LYS E 304 24.71 -13.29 8.08
CA LYS E 304 24.00 -12.17 7.48
C LYS E 304 23.97 -10.96 8.40
N ILE E 305 23.84 -11.17 9.70
CA ILE E 305 23.94 -10.06 10.65
C ILE E 305 25.30 -9.39 10.54
N ILE E 306 26.37 -10.21 10.58
CA ILE E 306 27.71 -9.67 10.43
C ILE E 306 27.82 -8.85 9.14
N LYS E 307 27.24 -9.37 8.06
CA LYS E 307 27.25 -8.65 6.79
C LYS E 307 26.48 -7.34 6.88
N HIS E 308 25.56 -7.22 7.82
CA HIS E 308 24.81 -5.99 8.01
C HIS E 308 25.52 -5.01 8.93
N LEU E 309 26.24 -5.51 9.94
CA LEU E 309 26.88 -4.61 10.90
C LEU E 309 28.03 -3.84 10.27
N VAL E 310 28.73 -4.42 9.27
CA VAL E 310 29.78 -3.64 8.61
C VAL E 310 29.17 -2.66 7.63
N GLY E 311 28.05 -3.03 7.00
CA GLY E 311 27.51 -2.28 5.88
C GLY E 311 27.84 -2.93 4.55
N VAL E 312 27.88 -4.26 4.50
CA VAL E 312 27.98 -4.96 3.23
C VAL E 312 26.62 -5.06 2.57
N GLU E 313 25.66 -5.69 3.26
CA GLU E 313 24.32 -5.89 2.76
C GLU E 313 23.31 -5.53 3.84
N GLU E 314 22.19 -4.94 3.42
CA GLU E 314 21.06 -4.80 4.32
C GLU E 314 20.66 -6.17 4.83
N TYR E 315 20.22 -6.24 6.09
CA TYR E 315 19.92 -7.53 6.68
C TYR E 315 18.66 -8.11 6.05
N SER E 316 18.82 -8.87 4.99
CA SER E 316 17.71 -9.64 4.44
C SER E 316 17.52 -10.90 5.26
N PRO E 317 16.29 -11.21 5.69
CA PRO E 317 16.08 -12.40 6.51
C PRO E 317 16.01 -13.66 5.66
N LEU E 318 16.26 -14.79 6.32
CA LEU E 318 15.99 -16.08 5.71
C LEU E 318 14.48 -16.25 5.59
N VAL E 319 14.02 -16.79 4.46
CA VAL E 319 12.58 -16.97 4.34
C VAL E 319 12.22 -18.46 4.37
N ALA E 320 12.49 -19.16 3.28
CA ALA E 320 12.40 -20.62 3.23
C ALA E 320 12.74 -21.10 1.83
N TRP E 321 13.34 -22.28 1.71
CA TRP E 321 13.44 -22.96 0.41
C TRP E 321 12.31 -23.95 0.22
N PHE E 322 12.10 -24.81 1.22
CA PHE E 322 11.00 -25.77 1.21
C PHE E 322 10.82 -26.33 2.62
N LYS F 4 29.93 -13.05 49.54
CA LYS F 4 30.66 -12.63 48.34
C LYS F 4 30.83 -13.83 47.39
N SER F 5 32.06 -14.18 47.02
CA SER F 5 32.32 -15.28 46.11
C SER F 5 33.20 -16.33 46.78
N LEU F 6 33.22 -17.52 46.18
CA LEU F 6 33.96 -18.66 46.72
C LEU F 6 35.04 -19.07 45.73
N THR F 7 36.15 -19.58 46.27
CA THR F 7 37.30 -19.99 45.49
C THR F 7 37.78 -21.35 45.95
N ILE F 8 38.05 -22.25 45.00
CA ILE F 8 38.49 -23.60 45.27
C ILE F 8 39.91 -23.74 44.77
N PHE F 9 40.86 -23.95 45.69
CA PHE F 9 42.25 -24.22 45.34
C PHE F 9 42.58 -25.71 45.35
N SER F 10 42.07 -26.45 46.33
CA SER F 10 42.38 -27.88 46.43
C SER F 10 41.78 -28.64 45.26
N ASP F 11 42.44 -29.75 44.90
CA ASP F 11 41.96 -30.63 43.84
C ASP F 11 41.06 -31.69 44.47
N GLY F 12 39.75 -31.57 44.22
CA GLY F 12 38.79 -32.52 44.75
C GLY F 12 37.76 -32.91 43.72
N THR F 13 36.54 -33.20 44.18
CA THR F 13 35.44 -33.58 43.31
C THR F 13 34.17 -32.94 43.85
N LEU F 14 33.57 -32.04 43.07
CA LEU F 14 32.28 -31.48 43.44
C LEU F 14 31.19 -32.53 43.26
N LEU F 15 30.30 -32.62 44.24
CA LEU F 15 29.33 -33.71 44.29
C LEU F 15 28.09 -33.27 45.03
N ARG F 16 26.98 -33.97 44.76
CA ARG F 16 25.70 -33.76 45.42
C ARG F 16 25.17 -35.14 45.79
N ARG F 17 25.29 -35.51 47.07
CA ARG F 17 24.80 -36.82 47.51
C ARG F 17 23.28 -36.83 47.64
N GLU F 18 22.75 -35.98 48.54
CA GLU F 18 21.30 -35.83 48.67
C GLU F 18 21.01 -34.37 49.05
N ASN F 19 20.52 -33.59 48.09
CA ASN F 19 20.06 -32.23 48.31
C ASN F 19 21.02 -31.42 49.17
N THR F 20 22.26 -31.33 48.68
CA THR F 20 23.26 -30.44 49.24
C THR F 20 24.51 -30.52 48.36
N LEU F 21 25.32 -29.48 48.39
CA LEU F 21 26.58 -29.45 47.66
C LEU F 21 27.69 -30.01 48.54
N TYR F 22 28.57 -30.80 47.93
CA TYR F 22 29.66 -31.45 48.64
C TYR F 22 30.92 -31.38 47.80
N PHE F 23 32.07 -31.18 48.46
CA PHE F 23 33.37 -31.13 47.81
C PHE F 23 34.23 -32.25 48.36
N GLU F 24 34.61 -33.19 47.50
CA GLU F 24 35.35 -34.37 47.91
C GLU F 24 36.84 -34.19 47.60
N ASN F 25 37.64 -34.08 48.65
CA ASN F 25 39.08 -34.23 48.61
C ASN F 25 39.47 -35.50 49.39
N VAL F 26 40.78 -35.70 49.63
CA VAL F 26 41.15 -36.80 50.51
C VAL F 26 40.27 -36.69 51.73
N ASN F 27 39.64 -37.78 52.13
CA ASN F 27 38.89 -37.76 53.38
C ASN F 27 37.89 -36.60 53.36
N GLY F 28 37.02 -36.63 52.36
CA GLY F 28 36.23 -35.48 51.99
C GLY F 28 34.91 -35.36 52.69
N ARG F 29 33.83 -35.28 51.91
CA ARG F 29 32.49 -35.05 52.46
C ARG F 29 32.44 -33.72 53.21
N LYS F 30 33.05 -32.69 52.62
CA LYS F 30 32.95 -31.34 53.17
C LYS F 30 31.74 -30.65 52.57
N PRO F 31 30.81 -30.15 53.39
CA PRO F 31 29.69 -29.39 52.82
C PRO F 31 30.13 -28.03 52.35
N LEU F 32 29.30 -27.44 51.48
CA LEU F 32 29.55 -26.11 50.95
C LEU F 32 28.28 -25.29 51.08
N ALA F 33 28.35 -24.18 51.82
CA ALA F 33 27.23 -23.27 52.00
C ALA F 33 27.22 -22.29 50.83
N ILE F 34 26.26 -22.46 49.91
CA ILE F 34 26.17 -21.65 48.71
C ILE F 34 25.07 -20.58 48.83
N GLU F 35 24.43 -20.48 50.00
CA GLU F 35 23.31 -19.56 50.15
C GLU F 35 23.72 -18.11 49.95
N GLY F 36 24.97 -17.78 50.24
CA GLY F 36 25.43 -16.41 50.12
C GLY F 36 26.33 -16.17 48.92
N ILE F 37 26.53 -17.21 48.12
CA ILE F 37 27.44 -17.15 46.98
C ILE F 37 26.63 -16.84 45.72
N TYR F 38 27.26 -16.10 44.80
CA TYR F 38 26.69 -15.79 43.50
C TYR F 38 27.51 -16.34 42.35
N ASP F 39 28.84 -16.36 42.47
CA ASP F 39 29.71 -16.95 41.47
C ASP F 39 30.87 -17.65 42.17
N ILE F 40 31.18 -18.86 41.71
CA ILE F 40 32.25 -19.68 42.27
C ILE F 40 33.39 -19.72 41.26
N TYR F 41 34.62 -19.67 41.77
CA TYR F 41 35.82 -19.69 40.93
C TYR F 41 36.61 -20.95 41.23
N ILE F 42 36.77 -21.79 40.21
CA ILE F 42 37.47 -23.07 40.34
C ILE F 42 38.86 -22.90 39.74
N TYR F 43 39.88 -23.08 40.58
CA TYR F 43 41.28 -22.98 40.15
C TYR F 43 41.94 -24.35 40.02
N GLY F 44 41.89 -25.15 41.09
CA GLY F 44 42.50 -26.46 41.06
C GLY F 44 41.80 -27.40 40.10
N HIS F 45 42.17 -28.68 40.19
CA HIS F 45 41.60 -29.73 39.36
C HIS F 45 40.41 -30.33 40.11
N VAL F 46 39.21 -30.04 39.65
CA VAL F 46 37.98 -30.41 40.34
C VAL F 46 37.02 -31.02 39.33
N ASN F 47 36.65 -32.28 39.56
CA ASN F 47 35.64 -32.94 38.74
C ASN F 47 34.25 -32.56 39.24
N ILE F 48 33.32 -32.37 38.30
CA ILE F 48 31.96 -31.95 38.63
C ILE F 48 30.99 -33.01 38.13
N THR F 49 29.93 -33.22 38.92
CA THR F 49 28.86 -34.14 38.57
C THR F 49 27.63 -33.36 38.10
N SER F 50 26.88 -33.97 37.18
CA SER F 50 25.70 -33.30 36.64
C SER F 50 24.67 -33.04 37.73
N GLN F 51 24.52 -33.95 38.69
CA GLN F 51 23.64 -33.70 39.82
C GLN F 51 24.02 -32.41 40.52
N ALA F 52 25.27 -32.35 41.02
CA ALA F 52 25.76 -31.16 41.70
C ALA F 52 25.92 -29.97 40.78
N LEU F 53 25.83 -30.16 39.47
CA LEU F 53 26.06 -29.06 38.53
C LEU F 53 24.76 -28.34 38.19
N HIS F 54 23.78 -29.04 37.64
CA HIS F 54 22.50 -28.39 37.42
C HIS F 54 21.71 -28.23 38.73
N TYR F 55 22.20 -28.79 39.83
CA TYR F 55 21.79 -28.31 41.15
C TYR F 55 22.25 -26.87 41.34
N ILE F 56 23.54 -26.61 41.05
CA ILE F 56 24.07 -25.26 41.10
C ILE F 56 23.35 -24.37 40.11
N ALA F 57 22.94 -24.92 38.96
CA ALA F 57 22.22 -24.12 37.98
C ALA F 57 20.88 -23.64 38.53
N GLN F 58 20.17 -24.51 39.27
CA GLN F 58 18.88 -24.13 39.81
C GLN F 58 18.99 -22.88 40.67
N LYS F 59 20.11 -22.70 41.37
CA LYS F 59 20.31 -21.53 42.22
C LYS F 59 20.87 -20.34 41.45
N GLY F 60 21.23 -20.51 40.18
CA GLY F 60 21.72 -19.40 39.38
C GLY F 60 23.13 -18.97 39.71
N ILE F 61 23.99 -19.91 40.13
CA ILE F 61 25.37 -19.61 40.47
C ILE F 61 26.22 -19.72 39.21
N LEU F 62 27.25 -18.89 39.14
CA LEU F 62 28.20 -18.87 38.02
C LEU F 62 29.48 -19.59 38.44
N ILE F 63 30.02 -20.41 37.55
CA ILE F 63 31.24 -21.17 37.82
C ILE F 63 32.28 -20.79 36.79
N HIS F 64 33.37 -20.18 37.25
CA HIS F 64 34.49 -19.80 36.39
C HIS F 64 35.63 -20.80 36.61
N PHE F 65 36.07 -21.44 35.54
CA PHE F 65 37.09 -22.47 35.61
C PHE F 65 38.46 -21.93 35.21
N PHE F 66 39.50 -22.49 35.84
CA PHE F 66 40.88 -22.26 35.44
C PHE F 66 41.64 -23.59 35.47
N ASN F 67 42.79 -23.61 34.81
CA ASN F 67 43.69 -24.76 34.82
C ASN F 67 44.77 -24.55 35.88
N HIS F 68 45.82 -25.37 35.85
CA HIS F 68 46.71 -25.46 37.01
C HIS F 68 47.23 -24.09 37.43
N TYR F 69 47.71 -23.28 36.48
CA TYR F 69 48.21 -21.94 36.82
C TYR F 69 47.72 -20.91 35.80
N GLY F 70 46.56 -20.32 36.09
CA GLY F 70 46.12 -19.07 35.47
C GLY F 70 45.36 -19.13 34.15
N TYR F 71 45.76 -20.01 33.25
CA TYR F 71 45.09 -20.13 31.96
C TYR F 71 43.59 -20.33 32.17
N TYR F 72 42.79 -19.66 31.34
CA TYR F 72 41.34 -19.65 31.46
C TYR F 72 40.73 -20.68 30.51
N ASP F 73 39.84 -21.52 31.05
CA ASP F 73 39.19 -22.55 30.26
C ASP F 73 37.76 -22.19 29.88
N GLY F 74 36.89 -21.98 30.86
CA GLY F 74 35.49 -21.75 30.55
C GLY F 74 34.72 -21.27 31.77
N THR F 75 33.42 -21.10 31.56
CA THR F 75 32.52 -20.63 32.61
C THR F 75 31.15 -21.25 32.38
N PHE F 76 30.47 -21.62 33.47
CA PHE F 76 29.16 -22.25 33.41
C PHE F 76 28.08 -21.18 33.58
N TYR F 77 27.32 -20.93 32.51
CA TYR F 77 26.22 -19.97 32.55
C TYR F 77 24.91 -20.72 32.60
N PRO F 78 24.17 -20.70 33.70
CA PRO F 78 22.85 -21.35 33.71
C PRO F 78 21.81 -20.51 32.96
N ARG F 79 20.62 -21.10 32.82
CA ARG F 79 19.48 -20.33 32.32
C ARG F 79 18.82 -19.53 33.44
N GLU F 80 18.86 -20.06 34.67
CA GLU F 80 18.14 -19.51 35.81
C GLU F 80 18.88 -18.36 36.45
N THR F 81 19.77 -17.72 35.70
CA THR F 81 20.67 -16.71 36.24
C THR F 81 19.92 -15.62 36.97
N LEU F 82 20.43 -15.25 38.15
CA LEU F 82 19.91 -14.10 38.87
C LEU F 82 20.07 -12.85 38.03
N LEU F 83 19.05 -11.98 38.05
CA LEU F 83 19.03 -10.81 37.18
C LEU F 83 20.30 -9.98 37.35
N SER F 84 20.65 -9.25 36.29
CA SER F 84 21.81 -8.38 36.32
C SER F 84 21.76 -7.46 35.10
N GLY F 85 22.44 -6.33 35.21
CA GLY F 85 22.63 -5.45 34.07
C GLY F 85 23.92 -5.78 33.33
N ASP F 86 23.95 -5.46 32.05
CA ASP F 86 25.03 -5.89 31.17
C ASP F 86 26.16 -4.87 31.15
N LEU F 87 27.38 -5.36 31.36
CA LEU F 87 28.58 -4.53 31.28
C LEU F 87 29.02 -4.31 29.84
N ILE F 88 28.74 -5.27 28.97
CA ILE F 88 29.34 -5.26 27.63
C ILE F 88 28.93 -4.01 26.86
N ILE F 89 27.64 -3.64 26.90
CA ILE F 89 27.23 -2.41 26.24
C ILE F 89 27.86 -1.21 26.92
N LYS F 90 27.99 -1.26 28.25
CA LYS F 90 28.63 -0.17 28.98
C LYS F 90 30.08 -0.02 28.57
N GLN F 91 30.82 -1.14 28.49
CA GLN F 91 32.19 -1.09 28.02
C GLN F 91 32.28 -0.35 26.68
N ALA F 92 31.38 -0.68 25.75
CA ALA F 92 31.33 0.06 24.50
C ALA F 92 30.89 1.50 24.74
N GLU F 93 29.77 1.70 25.42
CA GLU F 93 29.20 3.02 25.60
C GLU F 93 30.27 4.06 25.91
N HIS F 94 31.28 3.68 26.69
CA HIS F 94 32.38 4.60 26.95
C HIS F 94 33.30 4.74 25.74
N TYR F 95 33.39 3.69 24.92
CA TYR F 95 34.18 3.78 23.69
C TYR F 95 33.54 4.73 22.70
N LEU F 96 32.22 4.59 22.47
CA LEU F 96 31.57 5.35 21.41
C LEU F 96 31.59 6.84 21.71
N ASP F 97 31.07 7.24 22.87
CA ASP F 97 31.14 8.63 23.26
C ASP F 97 32.59 9.05 23.41
N LYS F 98 33.01 10.03 22.60
CA LYS F 98 34.42 10.40 22.54
C LYS F 98 34.93 10.95 23.87
N ASN F 99 34.05 11.55 24.67
CA ASN F 99 34.47 12.15 25.92
C ASN F 99 35.06 11.10 26.87
N LYS F 100 34.25 10.12 27.24
CA LYS F 100 34.65 9.17 28.29
C LYS F 100 35.81 8.30 27.84
N ARG F 101 35.90 8.03 26.54
CA ARG F 101 37.05 7.32 26.01
C ARG F 101 38.33 8.10 26.23
N LEU F 102 38.41 9.31 25.65
CA LEU F 102 39.60 10.14 25.78
C LEU F 102 40.04 10.23 27.24
N PHE F 103 39.08 10.32 28.16
CA PHE F 103 39.41 10.32 29.58
C PHE F 103 40.11 9.03 29.97
N LEU F 104 39.43 7.89 29.81
CA LEU F 104 40.02 6.60 30.16
C LEU F 104 41.38 6.42 29.50
N ALA F 105 41.52 6.85 28.25
CA ALA F 105 42.81 6.77 27.58
C ALA F 105 43.85 7.59 28.33
N LYS F 106 43.62 8.90 28.44
CA LYS F 106 44.55 9.76 29.19
C LYS F 106 44.90 9.16 30.53
N SER F 107 43.92 8.62 31.24
CA SER F 107 44.19 8.00 32.54
C SER F 107 45.16 6.84 32.40
N PHE F 108 44.86 5.88 31.52
CA PHE F 108 45.75 4.76 31.28
C PHE F 108 47.20 5.22 31.11
N VAL F 109 47.41 6.25 30.29
CA VAL F 109 48.76 6.74 30.03
C VAL F 109 49.35 7.36 31.29
N VAL F 110 48.56 8.19 32.00
CA VAL F 110 49.06 8.83 33.21
C VAL F 110 49.53 7.78 34.22
N GLY F 111 48.75 6.71 34.37
CA GLY F 111 49.19 5.62 35.23
C GLY F 111 50.47 4.97 34.74
N GLY F 112 50.56 4.74 33.44
CA GLY F 112 51.78 4.14 32.89
C GLY F 112 53.02 4.96 33.20
N ALA F 113 52.97 6.26 32.91
CA ALA F 113 54.14 7.11 33.08
C ALA F 113 54.36 7.54 34.53
N LYS F 114 53.31 7.52 35.36
CA LYS F 114 53.53 7.72 36.79
C LYS F 114 54.30 6.55 37.37
N ASN F 115 53.87 5.31 37.06
CA ASN F 115 54.62 4.14 37.47
C ASN F 115 56.04 4.19 36.94
N MET F 116 56.21 4.61 35.68
CA MET F 116 57.55 4.76 35.13
C MET F 116 58.38 5.73 35.97
N GLU F 117 57.86 6.93 36.20
CA GLU F 117 58.56 7.90 37.04
C GLU F 117 58.86 7.30 38.42
N LYS F 118 57.84 6.72 39.05
CA LYS F 118 58.05 6.11 40.36
C LYS F 118 59.04 4.96 40.29
N ASN F 119 59.10 4.27 39.15
CA ASN F 119 60.10 3.23 38.97
C ASN F 119 61.50 3.82 38.96
N LEU F 120 61.73 4.81 38.10
CA LEU F 120 63.03 5.46 38.04
C LEU F 120 63.41 6.08 39.38
N LYS F 121 62.42 6.60 40.11
CA LYS F 121 62.71 7.19 41.42
C LYS F 121 63.11 6.12 42.42
N ASN F 122 62.46 4.95 42.38
CA ASN F 122 62.85 3.86 43.25
C ASN F 122 64.27 3.40 42.98
N TRP F 123 64.81 3.66 41.80
CA TRP F 123 66.17 3.28 41.43
C TRP F 123 67.15 4.44 41.51
N GLY F 124 66.69 5.64 41.87
CA GLY F 124 67.58 6.76 42.08
C GLY F 124 68.02 7.45 40.82
N ILE F 125 67.14 7.58 39.83
CA ILE F 125 67.48 8.22 38.56
C ILE F 125 66.78 9.57 38.48
N SER F 126 67.39 10.51 37.75
CA SER F 126 66.83 11.83 37.52
C SER F 126 66.03 11.79 36.21
N SER F 127 64.70 11.65 36.32
CA SER F 127 63.86 11.59 35.12
C SER F 127 62.85 12.75 35.04
N ASP F 128 61.95 12.87 36.00
CA ASP F 128 60.93 13.92 36.02
C ASP F 128 60.22 14.07 34.66
N PHE F 129 59.44 13.02 34.34
CA PHE F 129 58.66 13.03 33.11
C PHE F 129 57.42 13.91 33.19
N SER F 130 57.10 14.47 34.35
CA SER F 130 55.92 15.33 34.47
C SER F 130 55.91 16.43 33.41
N ASN F 131 57.08 16.79 32.87
CA ASN F 131 57.14 17.82 31.84
C ASN F 131 56.41 17.37 30.57
N HIS F 132 56.50 16.08 30.23
CA HIS F 132 55.85 15.59 29.02
C HIS F 132 54.37 15.32 29.25
N LEU F 133 54.04 14.66 30.36
CA LEU F 133 52.65 14.22 30.59
C LEU F 133 51.65 15.36 30.46
N LYS F 134 52.09 16.61 30.57
CA LYS F 134 51.19 17.74 30.40
C LYS F 134 50.61 17.80 29.00
N GLU F 135 51.46 17.57 27.98
CA GLU F 135 51.07 17.89 26.61
C GLU F 135 49.87 17.07 26.14
N LEU F 136 49.70 15.84 26.62
CA LEU F 136 48.51 15.08 26.27
C LEU F 136 47.28 15.58 27.03
N GLN F 137 47.48 16.09 28.25
CA GLN F 137 46.35 16.59 29.03
C GLN F 137 45.55 17.64 28.26
N GLY F 138 46.19 18.32 27.32
CA GLY F 138 45.50 19.28 26.48
C GLY F 138 45.27 18.78 25.07
N ALA F 139 45.41 17.48 24.87
CA ALA F 139 45.23 16.86 23.56
C ALA F 139 43.85 16.23 23.44
N LYS F 140 43.45 15.96 22.19
CA LYS F 140 42.16 15.33 21.93
C LYS F 140 42.26 14.00 21.21
N LYS F 141 42.91 13.93 20.04
CA LYS F 141 42.82 12.73 19.22
C LYS F 141 43.57 11.57 19.84
N VAL F 142 43.01 10.36 19.67
CA VAL F 142 43.61 9.16 20.24
C VAL F 142 45.05 9.00 19.76
N THR F 143 45.28 9.19 18.45
CA THR F 143 46.63 9.08 17.92
C THR F 143 47.59 10.03 18.61
N GLU F 144 47.08 11.12 19.17
CA GLU F 144 47.95 12.08 19.86
C GLU F 144 48.31 11.59 21.26
N ILE F 145 47.34 11.03 22.00
CA ILE F 145 47.68 10.42 23.28
C ILE F 145 48.69 9.29 23.07
N MET F 146 48.58 8.56 21.94
CA MET F 146 49.54 7.52 21.63
C MET F 146 50.90 8.12 21.31
N ASN F 147 50.96 8.97 20.28
CA ASN F 147 52.21 9.63 19.93
C ASN F 147 52.84 10.32 21.13
N VAL F 148 52.03 10.83 22.06
CA VAL F 148 52.58 11.45 23.25
C VAL F 148 53.00 10.40 24.26
N GLU F 149 52.30 9.27 24.32
CA GLU F 149 52.79 8.16 25.14
C GLU F 149 54.09 7.60 24.56
N GLY F 150 54.24 7.65 23.24
CA GLY F 150 55.57 7.64 22.68
C GLY F 150 56.37 8.84 23.14
N ARG F 151 57.69 8.76 23.00
CA ARG F 151 58.56 9.85 23.43
C ARG F 151 58.69 9.93 24.94
N ILE F 152 57.82 9.19 25.63
CA ILE F 152 57.99 8.88 27.05
C ILE F 152 58.46 7.45 27.21
N ARG F 153 57.82 6.54 26.46
CA ARG F 153 58.27 5.16 26.40
C ARG F 153 59.72 5.06 25.97
N GLN F 154 60.15 5.95 25.06
CA GLN F 154 61.51 5.94 24.57
C GLN F 154 62.47 6.74 25.43
N GLU F 155 61.99 7.83 26.05
CA GLU F 155 62.82 8.57 26.99
C GLU F 155 63.04 7.77 28.27
N TYR F 156 61.99 7.07 28.74
CA TYR F 156 62.12 6.16 29.87
C TYR F 156 63.27 5.18 29.64
N TYR F 157 63.31 4.55 28.48
CA TYR F 157 64.41 3.65 28.16
C TYR F 157 65.73 4.40 28.13
N ALA F 158 65.75 5.59 27.51
CA ALA F 158 67.00 6.31 27.32
C ALA F 158 67.71 6.55 28.64
N ARG F 159 66.99 7.01 29.65
CA ARG F 159 67.57 7.30 30.96
C ARG F 159 67.43 6.14 31.94
N TRP F 160 66.74 5.06 31.56
CA TRP F 160 66.89 3.81 32.28
C TRP F 160 68.21 3.14 31.90
N ASP F 161 68.64 3.31 30.64
CA ASP F 161 69.87 2.72 30.14
C ASP F 161 71.12 3.18 30.89
N GLU F 162 71.00 4.14 31.79
CA GLU F 162 72.18 4.68 32.47
C GLU F 162 72.69 3.80 33.60
N SER F 163 71.84 2.93 34.15
CA SER F 163 72.19 2.15 35.33
C SER F 163 72.49 0.68 35.05
N LEU F 164 72.32 0.21 33.82
CA LEU F 164 72.49 -1.21 33.54
C LEU F 164 73.73 -1.50 32.70
N PRO F 165 74.19 -2.75 32.71
CA PRO F 165 75.40 -3.10 31.94
C PRO F 165 75.21 -2.92 30.44
N GLY F 166 76.34 -2.83 29.75
CA GLY F 166 76.36 -2.60 28.32
C GLY F 166 75.53 -3.55 27.49
N GLU F 167 75.83 -4.85 27.58
CA GLU F 167 75.16 -5.83 26.73
C GLU F 167 73.64 -5.75 26.88
N PHE F 168 73.15 -5.37 28.05
CA PHE F 168 71.72 -5.32 28.31
C PHE F 168 71.11 -3.95 28.03
N ARG F 169 71.85 -3.04 27.42
CA ARG F 169 71.34 -1.71 27.13
C ARG F 169 70.32 -1.76 26.01
N ILE F 170 69.32 -0.88 26.09
CA ILE F 170 68.21 -0.84 25.16
C ILE F 170 68.47 0.29 24.18
N GLY F 171 68.84 -0.06 22.95
CA GLY F 171 69.02 0.95 21.93
C GLY F 171 67.71 1.57 21.48
N LYS F 172 66.88 0.85 20.71
CA LYS F 172 65.57 1.43 20.45
C LYS F 172 64.36 0.57 20.82
N ARG F 173 63.93 -0.38 19.98
CA ARG F 173 62.99 -1.39 20.44
C ARG F 173 63.16 -2.77 19.82
N THR F 174 63.09 -2.84 18.50
CA THR F 174 62.82 -4.07 17.77
C THR F 174 61.93 -5.03 18.56
N PRO F 178 61.94 -9.66 18.02
CA PRO F 178 62.71 -8.92 19.02
C PRO F 178 64.23 -9.00 18.82
N LYS F 179 64.83 -7.90 18.38
CA LYS F 179 66.28 -7.80 18.21
C LYS F 179 66.89 -7.01 19.35
N ASN F 180 67.72 -7.65 20.14
CA ASN F 180 68.74 -6.98 20.96
C ASN F 180 69.29 -8.14 21.78
N GLU F 181 69.95 -7.88 22.90
CA GLU F 181 70.07 -8.90 23.93
C GLU F 181 68.97 -8.77 24.98
N MET F 182 68.88 -7.60 25.63
CA MET F 182 67.91 -7.41 26.70
C MET F 182 66.48 -7.31 26.17
N ASN F 183 66.30 -6.73 24.97
CA ASN F 183 64.95 -6.47 24.49
C ASN F 183 64.14 -7.75 24.34
N ALA F 184 64.80 -8.88 24.10
CA ALA F 184 64.08 -10.15 24.06
C ALA F 184 63.49 -10.50 25.42
N LEU F 185 64.34 -10.52 26.44
CA LEU F 185 63.86 -10.76 27.80
C LEU F 185 62.69 -9.85 28.14
N ILE F 186 62.82 -8.55 27.87
CA ILE F 186 61.71 -7.63 28.13
C ILE F 186 60.49 -8.03 27.30
N SER F 187 60.72 -8.45 26.04
CA SER F 187 59.61 -8.86 25.19
C SER F 187 59.00 -10.18 25.63
N PHE F 188 59.75 -11.01 26.36
CA PHE F 188 59.21 -12.28 26.83
C PHE F 188 58.39 -12.10 28.11
N LEU F 189 58.93 -11.36 29.08
CA LEU F 189 58.13 -10.99 30.24
C LEU F 189 56.78 -10.46 29.80
N ASN F 190 56.79 -9.59 28.80
CA ASN F 190 55.55 -9.03 28.26
C ASN F 190 54.60 -10.12 27.81
N SER F 191 55.11 -11.13 27.11
CA SER F 191 54.26 -12.20 26.62
C SER F 191 53.64 -12.96 27.79
N ARG F 192 54.47 -13.41 28.74
CA ARG F 192 53.93 -14.13 29.90
C ARG F 192 53.01 -13.24 30.72
N LEU F 193 53.34 -11.95 30.83
CA LEU F 193 52.44 -11.02 31.49
C LEU F 193 51.14 -10.88 30.71
N TYR F 194 51.22 -10.88 29.39
CA TYR F 194 50.00 -10.87 28.57
C TYR F 194 49.14 -12.08 28.88
N ALA F 195 49.75 -13.27 28.95
CA ALA F 195 49.04 -14.48 29.34
C ALA F 195 48.36 -14.28 30.69
N THR F 196 49.15 -14.00 31.73
CA THR F 196 48.58 -13.73 33.05
C THR F 196 47.53 -12.64 32.98
N MET F 197 47.73 -11.65 32.11
CA MET F 197 46.79 -10.55 32.02
C MET F 197 45.42 -11.02 31.54
N ILE F 198 45.40 -11.93 30.57
CA ILE F 198 44.11 -12.42 30.11
C ILE F 198 43.75 -13.60 31.00
N SER F 199 43.58 -13.33 32.30
CA SER F 199 42.89 -14.22 33.22
C SER F 199 42.09 -13.39 34.24
N GLU F 200 42.73 -12.31 34.71
CA GLU F 200 42.19 -11.51 35.80
C GLU F 200 41.16 -10.52 35.28
N ILE F 201 41.27 -10.12 34.01
CA ILE F 201 40.17 -9.46 33.33
C ILE F 201 39.03 -10.45 33.12
N TYR F 202 39.37 -11.65 32.63
CA TYR F 202 38.37 -12.69 32.44
C TYR F 202 37.74 -13.11 33.77
N ASN F 203 38.51 -13.08 34.86
CA ASN F 203 37.97 -13.46 36.16
C ASN F 203 36.80 -12.57 36.56
N THR F 204 36.68 -11.40 35.94
CA THR F 204 35.51 -10.55 36.08
C THR F 204 34.55 -10.84 34.93
N GLN F 205 33.53 -10.01 34.77
CA GLN F 205 32.60 -10.13 33.65
C GLN F 205 32.96 -9.22 32.49
N LEU F 206 34.06 -8.46 32.60
CA LEU F 206 34.47 -7.57 31.52
C LEU F 206 34.79 -8.36 30.26
N ALA F 207 34.28 -7.89 29.14
CA ALA F 207 34.69 -8.41 27.84
C ALA F 207 36.05 -7.82 27.49
N PRO F 208 37.10 -8.63 27.32
CA PRO F 208 38.45 -8.08 27.18
C PRO F 208 38.71 -7.45 25.81
N THR F 209 37.79 -7.59 24.87
CA THR F 209 38.03 -7.19 23.48
C THR F 209 37.64 -5.75 23.20
N ILE F 210 37.05 -5.05 24.16
CA ILE F 210 36.67 -3.64 24.00
C ILE F 210 37.69 -2.80 24.74
N SER F 211 38.48 -2.03 23.99
CA SER F 211 39.57 -1.22 24.54
C SER F 211 39.42 0.22 24.12
N TYR F 212 40.16 1.10 24.80
CA TYR F 212 40.05 2.55 24.59
C TYR F 212 41.34 3.16 24.06
N LEU F 213 42.45 3.03 24.79
CA LEU F 213 43.70 3.61 24.29
C LEU F 213 44.23 2.83 23.10
N HIS F 214 43.88 1.55 23.01
CA HIS F 214 44.24 0.69 21.89
C HIS F 214 42.98 0.34 21.11
N GLU F 215 43.07 0.44 19.79
CA GLU F 215 41.91 0.10 18.96
C GLU F 215 41.64 -1.40 19.05
N PRO F 216 40.37 -1.81 19.07
CA PRO F 216 40.03 -3.22 19.36
C PRO F 216 40.19 -4.17 18.19
N SER F 217 40.87 -3.76 17.12
CA SER F 217 40.57 -4.24 15.78
C SER F 217 40.33 -5.74 15.64
N GLU F 218 41.33 -6.58 15.89
CA GLU F 218 41.18 -8.00 15.61
C GLU F 218 41.91 -8.86 16.64
N ARG F 219 41.16 -9.73 17.30
CA ARG F 219 41.57 -11.01 17.88
C ARG F 219 42.32 -10.98 19.19
N ARG F 220 42.65 -9.84 19.77
CA ARG F 220 43.71 -9.88 20.77
C ARG F 220 43.41 -9.18 22.10
N PHE F 221 42.19 -9.20 22.59
CA PHE F 221 41.92 -8.76 23.96
C PHE F 221 42.56 -7.40 24.25
N SER F 222 42.11 -6.37 23.55
CA SER F 222 42.85 -5.12 23.60
C SER F 222 42.75 -4.40 24.94
N LEU F 223 42.00 -4.92 25.91
CA LEU F 223 41.98 -4.30 27.23
C LEU F 223 43.22 -4.69 28.04
N ALA F 224 43.70 -5.93 27.86
CA ALA F 224 44.94 -6.34 28.50
C ALA F 224 46.12 -5.49 28.03
N LEU F 225 46.06 -5.02 26.78
CA LEU F 225 47.08 -4.08 26.31
C LEU F 225 47.09 -2.81 27.16
N ASP F 226 45.92 -2.18 27.31
CA ASP F 226 45.81 -0.99 28.16
C ASP F 226 46.29 -1.30 29.57
N LEU F 227 45.74 -2.35 30.19
CA LEU F 227 46.16 -2.72 31.53
C LEU F 227 47.66 -3.03 31.56
N SER F 228 48.19 -3.63 30.49
CA SER F 228 49.63 -3.83 30.40
C SER F 228 50.36 -2.50 30.46
N GLU F 229 49.85 -1.49 29.75
CA GLU F 229 50.44 -0.16 29.82
C GLU F 229 50.45 0.36 31.25
N ILE F 230 49.48 -0.05 32.07
CA ILE F 230 49.49 0.32 33.49
C ILE F 230 50.40 -0.63 34.28
N PHE F 231 50.22 -1.93 34.09
CA PHE F 231 50.83 -2.92 34.97
C PHE F 231 52.22 -3.35 34.53
N LYS F 232 52.56 -3.22 33.24
CA LYS F 232 53.85 -3.75 32.81
C LYS F 232 55.02 -3.09 33.52
N PRO F 233 55.05 -1.79 33.82
CA PRO F 233 56.20 -1.24 34.55
C PRO F 233 56.22 -1.67 36.01
N ILE F 234 55.10 -2.17 36.53
CA ILE F 234 55.05 -2.64 37.91
C ILE F 234 55.55 -4.07 38.00
N ILE F 235 55.14 -4.93 37.06
CA ILE F 235 55.51 -6.34 37.09
C ILE F 235 56.66 -6.56 36.12
N ALA F 236 56.41 -6.35 34.83
CA ALA F 236 57.49 -6.34 33.86
C ALA F 236 58.38 -5.12 34.13
N ASP F 237 59.51 -5.08 33.45
CA ASP F 237 60.41 -3.93 33.54
C ASP F 237 61.04 -3.80 34.92
N ARG F 238 60.64 -4.64 35.86
CA ARG F 238 61.17 -4.62 37.22
C ARG F 238 61.93 -5.89 37.56
N ILE F 239 61.32 -7.06 37.35
CA ILE F 239 62.05 -8.30 37.58
C ILE F 239 63.23 -8.41 36.62
N ALA F 240 63.02 -8.02 35.36
CA ALA F 240 64.13 -7.96 34.41
C ALA F 240 65.22 -7.04 34.92
N ASN F 241 64.86 -6.02 35.72
CA ASN F 241 65.86 -5.12 36.28
C ASN F 241 66.64 -5.80 37.40
N ARG F 242 65.93 -6.26 38.44
CA ARG F 242 66.61 -7.02 39.48
C ARG F 242 67.19 -8.33 38.96
N LEU F 243 66.85 -8.73 37.73
CA LEU F 243 67.43 -9.91 37.11
C LEU F 243 68.75 -9.60 36.41
N VAL F 244 68.82 -8.48 35.68
CA VAL F 244 70.07 -8.13 35.00
C VAL F 244 71.10 -7.65 36.01
N LYS F 245 70.67 -7.00 37.09
CA LYS F 245 71.61 -6.42 38.04
C LYS F 245 72.17 -7.47 39.01
N LYS F 246 71.29 -8.08 39.80
CA LYS F 246 71.75 -9.02 40.82
C LYS F 246 72.51 -10.20 40.23
N GLY F 247 72.47 -10.37 38.90
CA GLY F 247 73.36 -11.29 38.24
C GLY F 247 72.85 -12.71 38.07
N ILE F 248 71.54 -12.92 38.13
CA ILE F 248 70.99 -14.26 37.90
C ILE F 248 70.91 -14.58 36.42
N ILE F 249 71.05 -13.58 35.55
CA ILE F 249 71.06 -13.78 34.11
C ILE F 249 72.31 -13.15 33.54
N LYS F 250 73.02 -13.91 32.71
CA LYS F 250 74.21 -13.47 31.99
C LYS F 250 73.95 -13.69 30.51
N LYS F 251 74.99 -13.54 29.69
CA LYS F 251 74.87 -14.01 28.31
C LYS F 251 74.78 -15.52 28.25
N ASP F 252 75.03 -16.21 29.36
CA ASP F 252 74.96 -17.67 29.38
C ASP F 252 73.57 -18.20 29.05
N HIS F 253 72.54 -17.35 29.16
CA HIS F 253 71.16 -17.81 29.02
C HIS F 253 70.56 -17.60 27.64
N PHE F 254 71.20 -16.82 26.78
CA PHE F 254 70.60 -16.40 25.52
C PHE F 254 71.17 -17.17 24.34
N ARG F 255 70.30 -17.54 23.40
CA ARG F 255 70.67 -18.11 22.12
C ARG F 255 70.34 -17.11 21.02
N GLU F 256 70.97 -17.30 19.85
CA GLU F 256 70.77 -16.41 18.71
C GLU F 256 70.13 -17.18 17.57
N ASP F 257 68.87 -16.88 17.28
CA ASP F 257 68.18 -17.44 16.13
C ASP F 257 68.69 -16.75 14.87
N LEU F 258 68.08 -17.00 13.72
CA LEU F 258 68.39 -16.17 12.56
C LEU F 258 67.73 -14.80 12.69
N ASN F 259 66.40 -14.80 12.86
CA ASN F 259 65.66 -13.54 12.94
C ASN F 259 66.30 -12.60 13.93
N GLY F 260 66.36 -13.00 15.17
CA GLY F 260 66.89 -12.18 16.25
C GLY F 260 67.40 -13.05 17.36
N VAL F 261 67.41 -12.48 18.56
CA VAL F 261 67.92 -13.15 19.75
C VAL F 261 66.75 -13.54 20.63
N LEU F 262 66.93 -14.62 21.37
CA LEU F 262 65.91 -15.13 22.27
C LEU F 262 66.60 -15.97 23.35
N LEU F 263 65.79 -16.49 24.27
CA LEU F 263 66.30 -17.15 25.47
C LEU F 263 66.44 -18.65 25.25
N THR F 264 67.31 -19.25 26.06
CA THR F 264 67.48 -20.70 26.05
C THR F 264 66.26 -21.38 26.65
N ASP F 265 66.06 -22.65 26.27
CA ASP F 265 65.16 -23.51 27.03
C ASP F 265 65.52 -23.46 28.51
N GLU F 266 66.81 -23.30 28.81
CA GLU F 266 67.25 -23.08 30.18
C GLU F 266 66.85 -21.69 30.69
N GLY F 267 66.80 -20.70 29.80
CA GLY F 267 66.49 -19.34 30.19
C GLY F 267 65.03 -19.10 30.52
N MET F 268 64.14 -19.45 29.59
CA MET F 268 62.71 -19.21 29.81
C MET F 268 62.24 -19.86 31.09
N LYS F 269 62.66 -21.11 31.35
CA LYS F 269 62.26 -21.78 32.58
C LYS F 269 62.75 -21.03 33.81
N ILE F 270 63.88 -20.34 33.70
CA ILE F 270 64.42 -19.59 34.84
C ILE F 270 63.72 -18.25 34.97
N VAL F 271 63.41 -17.58 33.85
CA VAL F 271 62.67 -16.33 33.92
C VAL F 271 61.29 -16.57 34.50
N THR F 272 60.66 -17.69 34.13
CA THR F 272 59.33 -18.01 34.64
C THR F 272 59.33 -18.04 36.16
N LYS F 273 60.41 -18.54 36.77
CA LYS F 273 60.50 -18.58 38.22
C LYS F 273 60.33 -17.19 38.81
N ALA F 274 61.27 -16.28 38.50
CA ALA F 274 61.21 -14.93 39.04
C ALA F 274 59.86 -14.28 38.79
N TYR F 275 59.33 -14.44 37.58
CA TYR F 275 58.04 -13.85 37.26
C TYR F 275 56.93 -14.43 38.14
N ASN F 276 56.71 -15.74 38.05
CA ASN F 276 55.67 -16.37 38.85
C ASN F 276 55.87 -16.10 40.34
N GLN F 277 57.10 -15.87 40.76
CA GLN F 277 57.34 -15.50 42.15
C GLN F 277 57.04 -14.02 42.40
N GLU F 278 57.37 -13.16 41.45
CA GLU F 278 57.03 -11.75 41.59
C GLU F 278 55.53 -11.54 41.63
N LEU F 279 54.76 -12.51 41.10
CA LEU F 279 53.31 -12.53 41.23
C LEU F 279 52.85 -13.28 42.47
N GLU F 280 53.69 -13.33 43.50
CA GLU F 280 53.33 -13.89 44.79
C GLU F 280 53.54 -12.91 45.94
N LYS F 281 54.70 -12.24 45.98
CA LYS F 281 55.07 -11.42 47.13
C LYS F 281 53.95 -10.47 47.52
N THR F 282 53.81 -10.25 48.82
CA THR F 282 52.83 -9.33 49.37
C THR F 282 53.39 -7.90 49.43
N VAL F 283 52.49 -6.93 49.40
CA VAL F 283 52.89 -5.52 49.47
C VAL F 283 53.42 -5.20 50.86
N VAL F 292 50.60 -9.11 46.88
CA VAL F 292 49.14 -9.17 46.79
C VAL F 292 48.70 -8.63 45.45
N THR F 293 48.61 -7.30 45.36
CA THR F 293 48.11 -6.66 44.15
C THR F 293 48.98 -6.91 42.93
N ARG F 294 50.15 -7.53 43.08
CA ARG F 294 50.97 -7.87 41.93
C ARG F 294 50.27 -8.94 41.08
N ARG F 295 50.06 -10.12 41.66
CA ARG F 295 49.18 -11.12 41.05
C ARG F 295 47.73 -10.76 41.30
N ARG F 296 47.36 -10.70 42.58
CA ARG F 296 46.00 -10.36 42.95
C ARG F 296 45.69 -8.94 42.52
N LEU F 297 44.41 -8.59 42.60
CA LEU F 297 43.93 -7.22 42.43
C LEU F 297 44.37 -6.58 41.11
N ILE F 298 44.86 -7.38 40.15
CA ILE F 298 44.83 -6.93 38.76
C ILE F 298 43.38 -6.81 38.33
N ARG F 299 42.54 -7.74 38.77
CA ARG F 299 41.09 -7.59 38.66
C ARG F 299 40.60 -6.38 39.45
N LEU F 300 41.30 -6.01 40.52
CA LEU F 300 40.89 -4.84 41.30
C LEU F 300 41.11 -3.55 40.50
N GLU F 301 42.29 -3.40 39.89
CA GLU F 301 42.46 -2.28 38.96
C GLU F 301 41.46 -2.39 37.81
N ALA F 302 41.13 -3.63 37.41
CA ALA F 302 40.03 -3.83 36.48
C ALA F 302 38.69 -3.56 37.17
N TYR F 303 38.61 -3.78 38.49
CA TYR F 303 37.40 -3.43 39.22
C TYR F 303 37.24 -1.91 39.28
N LYS F 304 38.31 -1.19 39.64
CA LYS F 304 38.26 0.26 39.58
C LYS F 304 37.68 0.73 38.25
N ILE F 305 37.88 -0.04 37.19
CA ILE F 305 37.22 0.24 35.91
C ILE F 305 35.75 -0.16 35.98
N ILE F 306 35.46 -1.36 36.51
CA ILE F 306 34.06 -1.78 36.56
C ILE F 306 33.24 -0.84 37.44
N LYS F 307 33.82 -0.39 38.55
CA LYS F 307 33.15 0.61 39.38
C LYS F 307 32.98 1.92 38.64
N HIS F 308 33.80 2.17 37.61
CA HIS F 308 33.67 3.36 36.78
C HIS F 308 32.69 3.15 35.62
N LEU F 309 32.67 1.95 35.04
CA LEU F 309 31.83 1.70 33.88
C LEU F 309 30.35 1.82 34.23
N VAL F 310 29.97 1.49 35.46
CA VAL F 310 28.58 1.61 35.88
C VAL F 310 28.23 3.01 36.39
N GLY F 311 29.23 3.87 36.57
CA GLY F 311 28.97 5.22 37.03
C GLY F 311 28.88 5.38 38.52
N VAL F 312 29.56 4.52 39.29
CA VAL F 312 29.57 4.66 40.74
C VAL F 312 30.62 5.68 41.17
N GLU F 313 31.88 5.43 40.81
CA GLU F 313 32.98 6.32 41.14
C GLU F 313 33.88 6.46 39.93
N GLU F 314 34.44 7.65 39.75
CA GLU F 314 35.30 7.93 38.62
C GLU F 314 36.55 7.04 38.66
N TYR F 315 37.16 6.84 37.50
CA TYR F 315 38.29 5.94 37.39
C TYR F 315 39.59 6.63 37.79
N SER F 316 40.40 5.91 38.58
CA SER F 316 41.74 6.34 38.93
C SER F 316 42.75 5.30 38.46
N PRO F 317 43.87 5.71 37.89
CA PRO F 317 44.93 4.75 37.57
C PRO F 317 45.67 4.32 38.83
N LEU F 318 46.51 3.31 38.68
CA LEU F 318 47.28 2.79 39.81
C LEU F 318 48.65 3.44 39.84
N VAL F 319 49.02 3.96 41.01
CA VAL F 319 50.37 4.44 41.27
C VAL F 319 51.07 3.39 42.13
N ALA F 320 52.25 2.96 41.71
CA ALA F 320 53.04 2.00 42.48
C ALA F 320 53.68 2.75 43.64
N TRP F 321 53.13 2.60 44.85
CA TRP F 321 53.74 3.21 46.01
C TRP F 321 55.00 2.46 46.44
N PHE F 322 55.20 1.24 45.94
CA PHE F 322 56.41 0.46 46.25
C PHE F 322 57.36 0.48 45.06
N LYS G 3 -32.64 29.04 -13.97
CA LYS G 3 -32.29 30.41 -14.30
C LYS G 3 -30.95 30.45 -15.02
N LYS G 4 -31.01 30.59 -16.35
CA LYS G 4 -29.82 30.52 -17.17
C LYS G 4 -29.07 31.86 -17.15
N SER G 5 -27.95 31.90 -17.86
CA SER G 5 -27.09 33.07 -17.94
C SER G 5 -26.95 33.50 -19.39
N LEU G 6 -26.69 34.79 -19.60
CA LEU G 6 -26.54 35.34 -20.94
C LEU G 6 -25.21 36.06 -21.07
N THR G 7 -24.80 36.25 -22.31
CA THR G 7 -23.49 36.81 -22.64
C THR G 7 -23.72 37.81 -23.76
N ILE G 8 -23.34 39.05 -23.54
CA ILE G 8 -23.68 40.15 -24.44
C ILE G 8 -22.43 40.47 -25.25
N PHE G 9 -22.41 39.99 -26.50
CA PHE G 9 -21.33 40.31 -27.41
C PHE G 9 -21.55 41.66 -28.08
N SER G 10 -22.73 41.86 -28.67
CA SER G 10 -23.01 43.09 -29.40
C SER G 10 -22.86 44.30 -28.49
N ASP G 11 -22.38 45.40 -29.06
CA ASP G 11 -22.12 46.62 -28.31
C ASP G 11 -23.42 47.42 -28.27
N GLY G 12 -24.10 47.39 -27.13
CA GLY G 12 -25.38 48.03 -26.96
C GLY G 12 -25.43 48.83 -25.67
N THR G 13 -26.64 48.93 -25.12
CA THR G 13 -26.89 49.74 -23.93
C THR G 13 -27.86 49.00 -23.03
N LEU G 14 -27.43 48.70 -21.80
CA LEU G 14 -28.33 48.18 -20.78
C LEU G 14 -29.07 49.32 -20.12
N LEU G 15 -30.37 49.14 -19.89
CA LEU G 15 -31.17 50.18 -19.26
C LEU G 15 -32.35 49.56 -18.54
N ARG G 16 -33.08 50.40 -17.81
CA ARG G 16 -34.32 49.99 -17.14
C ARG G 16 -35.36 51.08 -17.37
N ARG G 17 -36.05 51.01 -18.51
CA ARG G 17 -37.41 51.52 -18.64
C ARG G 17 -38.22 50.52 -17.83
N GLU G 18 -39.55 50.53 -17.92
CA GLU G 18 -40.43 50.16 -16.80
C GLU G 18 -39.72 49.25 -15.82
N ASN G 19 -40.40 48.52 -14.94
CA ASN G 19 -39.58 47.71 -14.03
C ASN G 19 -39.14 46.42 -14.73
N THR G 20 -38.15 46.55 -15.63
CA THR G 20 -37.49 45.43 -16.29
C THR G 20 -36.16 45.90 -16.88
N LEU G 21 -35.32 44.95 -17.27
CA LEU G 21 -34.08 45.24 -17.97
C LEU G 21 -34.29 45.18 -19.49
N TYR G 22 -33.49 45.97 -20.20
CA TYR G 22 -33.56 46.07 -21.65
C TYR G 22 -32.16 46.23 -22.21
N PHE G 23 -31.93 45.68 -23.40
CA PHE G 23 -30.67 45.82 -24.12
C PHE G 23 -30.91 46.64 -25.38
N GLU G 24 -30.16 47.72 -25.53
CA GLU G 24 -30.37 48.69 -26.60
C GLU G 24 -29.19 48.69 -27.56
N ASN G 25 -29.47 48.48 -28.84
CA ASN G 25 -28.53 48.74 -29.92
C ASN G 25 -29.37 48.98 -31.17
N VAL G 26 -28.73 48.92 -32.34
CA VAL G 26 -29.47 49.07 -33.59
C VAL G 26 -30.74 48.22 -33.56
N ASN G 27 -31.83 48.79 -34.05
CA ASN G 27 -33.15 48.20 -34.28
C ASN G 27 -34.07 48.13 -33.07
N GLY G 28 -33.67 48.58 -31.90
CA GLY G 28 -34.62 48.82 -30.82
C GLY G 28 -34.43 47.89 -29.64
N ARG G 29 -35.26 48.14 -28.62
CA ARG G 29 -35.14 47.45 -27.33
C ARG G 29 -35.24 45.95 -27.50
N LYS G 30 -34.43 45.22 -26.74
CA LYS G 30 -34.48 43.76 -26.66
C LYS G 30 -34.64 43.36 -25.20
N PRO G 31 -35.75 42.77 -24.79
CA PRO G 31 -35.94 42.47 -23.37
C PRO G 31 -35.10 41.28 -22.92
N LEU G 32 -34.86 41.23 -21.61
CA LEU G 32 -34.15 40.14 -20.96
C LEU G 32 -34.95 39.76 -19.73
N ALA G 33 -35.56 38.57 -19.75
CA ALA G 33 -36.41 38.16 -18.63
C ALA G 33 -35.63 38.29 -17.33
N ILE G 34 -36.03 39.25 -16.48
CA ILE G 34 -35.28 39.53 -15.27
C ILE G 34 -35.65 38.58 -14.14
N GLU G 35 -36.83 37.94 -14.23
CA GLU G 35 -37.14 36.84 -13.32
C GLU G 35 -36.30 35.60 -13.60
N GLY G 36 -35.50 35.61 -14.68
CA GLY G 36 -34.81 34.41 -15.11
C GLY G 36 -33.30 34.52 -15.30
N ILE G 37 -32.69 35.67 -15.01
CA ILE G 37 -31.25 35.80 -15.16
C ILE G 37 -30.58 35.51 -13.82
N TYR G 38 -29.37 34.95 -13.91
CA TYR G 38 -28.55 34.56 -12.77
C TYR G 38 -27.23 35.31 -12.75
N ASP G 39 -26.49 35.33 -13.85
CA ASP G 39 -25.24 36.06 -13.97
C ASP G 39 -25.08 36.51 -15.42
N ILE G 40 -24.54 37.72 -15.60
CA ILE G 40 -24.38 38.33 -16.91
C ILE G 40 -22.89 38.40 -17.24
N TYR G 41 -22.55 38.12 -18.49
CA TYR G 41 -21.18 38.15 -18.97
C TYR G 41 -21.07 39.18 -20.09
N ILE G 42 -20.16 40.14 -19.94
CA ILE G 42 -19.97 41.22 -20.89
C ILE G 42 -18.68 40.97 -21.65
N TYR G 43 -18.80 40.82 -22.98
CA TYR G 43 -17.64 40.72 -23.86
C TYR G 43 -17.43 41.96 -24.73
N GLY G 44 -18.41 42.85 -24.84
CA GLY G 44 -18.36 43.96 -25.74
C GLY G 44 -18.24 45.30 -25.04
N HIS G 45 -18.47 46.37 -25.81
CA HIS G 45 -18.65 47.70 -25.26
C HIS G 45 -20.14 47.89 -24.99
N VAL G 46 -20.53 47.88 -23.72
CA VAL G 46 -21.94 47.91 -23.33
C VAL G 46 -22.09 48.97 -22.25
N ASN G 47 -22.80 50.05 -22.57
CA ASN G 47 -23.06 51.10 -21.60
C ASN G 47 -24.14 50.67 -20.63
N ILE G 48 -23.89 50.86 -19.34
CA ILE G 48 -24.80 50.49 -18.28
C ILE G 48 -25.35 51.77 -17.66
N THR G 49 -26.63 51.74 -17.28
CA THR G 49 -27.26 52.85 -16.59
C THR G 49 -27.29 52.56 -15.09
N SER G 50 -27.03 53.60 -14.29
CA SER G 50 -26.96 53.42 -12.85
C SER G 50 -28.25 52.86 -12.27
N GLN G 51 -29.38 53.05 -12.97
CA GLN G 51 -30.63 52.45 -12.51
C GLN G 51 -30.59 50.93 -12.67
N ALA G 52 -30.26 50.46 -13.88
CA ALA G 52 -30.13 49.03 -14.11
C ALA G 52 -28.93 48.45 -13.38
N LEU G 53 -27.97 49.28 -12.98
CA LEU G 53 -26.80 48.79 -12.27
C LEU G 53 -27.07 48.66 -10.78
N HIS G 54 -27.79 49.63 -10.19
CA HIS G 54 -28.32 49.44 -8.85
C HIS G 54 -29.35 48.32 -8.83
N TYR G 55 -30.14 48.22 -9.90
CA TYR G 55 -31.11 47.15 -10.03
C TYR G 55 -30.42 45.79 -10.14
N ILE G 56 -29.40 45.70 -10.98
CA ILE G 56 -28.63 44.45 -11.10
C ILE G 56 -28.18 43.99 -9.72
N ALA G 57 -27.68 44.91 -8.90
CA ALA G 57 -27.25 44.56 -7.56
C ALA G 57 -28.43 44.15 -6.69
N GLN G 58 -29.57 44.85 -6.84
CA GLN G 58 -30.72 44.57 -5.99
C GLN G 58 -31.27 43.17 -6.25
N LYS G 59 -31.24 42.72 -7.51
CA LYS G 59 -31.76 41.40 -7.86
C LYS G 59 -30.77 40.28 -7.58
N GLY G 60 -29.56 40.60 -7.11
CA GLY G 60 -28.55 39.58 -6.89
C GLY G 60 -27.83 39.14 -8.14
N ILE G 61 -27.99 39.86 -9.25
CA ILE G 61 -27.25 39.57 -10.46
C ILE G 61 -25.88 40.23 -10.39
N LEU G 62 -24.86 39.52 -10.84
CA LEU G 62 -23.52 40.07 -10.96
C LEU G 62 -23.12 40.09 -12.43
N ILE G 63 -22.35 41.11 -12.81
CA ILE G 63 -21.95 41.33 -14.19
C ILE G 63 -20.46 41.05 -14.31
N HIS G 64 -20.11 40.03 -15.09
CA HIS G 64 -18.71 39.68 -15.35
C HIS G 64 -18.28 40.39 -16.63
N PHE G 65 -17.29 41.27 -16.52
CA PHE G 65 -16.70 41.95 -17.66
C PHE G 65 -15.46 41.20 -18.13
N PHE G 66 -15.26 41.15 -19.44
CA PHE G 66 -14.15 40.43 -20.03
C PHE G 66 -13.32 41.36 -20.91
N ASN G 67 -12.20 40.83 -21.39
CA ASN G 67 -11.20 41.64 -22.05
C ASN G 67 -11.48 41.79 -23.54
N HIS G 68 -10.60 42.54 -24.21
CA HIS G 68 -10.62 42.66 -25.66
C HIS G 68 -10.36 41.31 -26.32
N TYR G 69 -9.52 40.48 -25.71
CA TYR G 69 -9.11 39.22 -26.29
C TYR G 69 -9.99 38.05 -25.86
N GLY G 70 -10.83 38.23 -24.84
CA GLY G 70 -11.67 37.16 -24.33
C GLY G 70 -11.22 36.58 -23.01
N TYR G 71 -10.10 37.04 -22.46
CA TYR G 71 -9.60 36.53 -21.19
C TYR G 71 -10.34 37.19 -20.03
N TYR G 72 -10.72 36.39 -19.05
CA TYR G 72 -11.49 36.87 -17.91
C TYR G 72 -10.91 38.15 -17.33
N ASP G 73 -11.73 39.19 -17.31
CA ASP G 73 -11.44 40.42 -16.59
C ASP G 73 -12.25 40.43 -15.30
N GLY G 74 -12.30 41.60 -14.64
CA GLY G 74 -12.87 41.70 -13.31
C GLY G 74 -14.33 41.30 -13.16
N THR G 75 -14.87 41.52 -11.96
CA THR G 75 -16.20 41.08 -11.58
C THR G 75 -16.91 42.19 -10.81
N PHE G 76 -18.19 42.37 -11.08
CA PHE G 76 -19.05 43.28 -10.32
C PHE G 76 -19.80 42.45 -9.29
N TYR G 77 -19.42 42.59 -8.02
CA TYR G 77 -19.96 41.74 -6.96
C TYR G 77 -21.05 42.47 -6.22
N PRO G 78 -22.31 42.01 -6.29
CA PRO G 78 -23.38 42.70 -5.55
C PRO G 78 -23.32 42.43 -4.05
N ARG G 79 -24.24 43.03 -3.30
CA ARG G 79 -24.33 42.80 -1.86
C ARG G 79 -24.81 41.39 -1.59
N GLU G 80 -24.50 40.89 -0.40
CA GLU G 80 -24.64 39.48 -0.08
C GLU G 80 -26.04 39.18 0.42
N THR G 81 -26.78 38.35 -0.32
CA THR G 81 -28.13 37.96 0.06
C THR G 81 -28.10 36.87 1.13
N LEU G 82 -27.56 35.71 0.78
CA LEU G 82 -27.44 34.59 1.72
C LEU G 82 -26.06 34.65 2.37
N LEU G 83 -26.04 34.58 3.70
CA LEU G 83 -24.80 34.77 4.42
C LEU G 83 -24.90 34.12 5.80
N SER G 84 -23.73 33.90 6.40
CA SER G 84 -23.60 33.39 7.76
C SER G 84 -22.16 33.60 8.19
N GLY G 85 -21.97 33.76 9.50
CA GLY G 85 -20.65 33.98 10.05
C GLY G 85 -20.10 32.75 10.74
N ASP G 86 -21.00 31.88 11.20
CA ASP G 86 -20.59 30.60 11.78
C ASP G 86 -19.98 29.68 10.73
N LEU G 87 -20.30 29.90 9.46
CA LEU G 87 -19.64 29.17 8.38
C LEU G 87 -18.29 29.79 8.05
N ILE G 88 -18.25 31.12 7.89
CA ILE G 88 -17.01 31.78 7.48
C ILE G 88 -15.92 31.58 8.52
N ILE G 89 -16.28 31.60 9.80
CA ILE G 89 -15.32 31.31 10.85
C ILE G 89 -14.73 29.93 10.64
N LYS G 90 -15.59 28.94 10.38
CA LYS G 90 -15.11 27.59 10.11
C LYS G 90 -14.25 27.57 8.85
N GLN G 91 -14.68 28.29 7.81
CA GLN G 91 -13.88 28.39 6.60
C GLN G 91 -12.49 28.92 6.90
N ALA G 92 -12.39 29.92 7.79
CA ALA G 92 -11.10 30.44 8.19
C ALA G 92 -10.42 29.52 9.21
N GLU G 93 -11.19 28.79 10.01
CA GLU G 93 -10.59 27.90 10.99
C GLU G 93 -9.94 26.70 10.33
N HIS G 94 -10.52 26.19 9.25
CA HIS G 94 -9.90 25.12 8.49
C HIS G 94 -8.70 25.60 7.68
N TYR G 95 -8.34 26.87 7.81
CA TYR G 95 -7.16 27.46 7.18
C TYR G 95 -6.00 27.63 8.15
N LEU G 96 -6.29 28.10 9.37
CA LEU G 96 -5.25 28.40 10.35
C LEU G 96 -4.48 27.15 10.76
N ASP G 97 -5.14 26.21 11.44
CA ASP G 97 -4.50 24.95 11.78
C ASP G 97 -4.19 24.20 10.48
N LYS G 98 -2.91 23.93 10.25
CA LYS G 98 -2.50 23.44 8.94
C LYS G 98 -3.14 22.10 8.59
N ASN G 99 -3.64 21.36 9.58
CA ASN G 99 -4.46 20.20 9.30
C ASN G 99 -5.85 20.64 8.87
N LYS G 100 -6.51 19.79 8.09
CA LYS G 100 -7.82 20.06 7.52
C LYS G 100 -7.72 21.13 6.43
N ARG G 101 -6.59 21.82 6.36
CA ARG G 101 -6.23 22.61 5.19
C ARG G 101 -5.51 21.72 4.18
N LEU G 102 -4.45 21.05 4.64
CA LEU G 102 -3.74 20.11 3.79
C LEU G 102 -4.70 19.06 3.22
N PHE G 103 -5.63 18.57 4.04
CA PHE G 103 -6.58 17.57 3.58
C PHE G 103 -7.53 18.16 2.55
N LEU G 104 -8.01 19.39 2.78
CA LEU G 104 -8.91 20.01 1.80
C LEU G 104 -8.18 20.36 0.52
N ALA G 105 -6.95 20.88 0.63
CA ALA G 105 -6.14 21.11 -0.57
C ALA G 105 -5.85 19.80 -1.29
N LYS G 106 -5.41 18.78 -0.54
CA LYS G 106 -5.20 17.47 -1.14
C LYS G 106 -6.47 16.97 -1.82
N SER G 107 -7.63 17.17 -1.18
CA SER G 107 -8.88 16.68 -1.74
C SER G 107 -9.19 17.33 -3.08
N PHE G 108 -8.92 18.62 -3.21
CA PHE G 108 -9.13 19.29 -4.49
C PHE G 108 -8.25 18.67 -5.58
N VAL G 109 -6.97 18.47 -5.28
CA VAL G 109 -6.02 18.03 -6.30
C VAL G 109 -6.35 16.60 -6.74
N VAL G 110 -6.58 15.70 -5.78
CA VAL G 110 -6.85 14.31 -6.13
C VAL G 110 -8.16 14.19 -6.89
N GLY G 111 -9.16 14.98 -6.51
CA GLY G 111 -10.40 15.01 -7.28
C GLY G 111 -10.17 15.48 -8.70
N GLY G 112 -9.36 16.54 -8.86
CA GLY G 112 -9.04 17.00 -10.19
C GLY G 112 -8.30 15.96 -11.02
N ALA G 113 -7.23 15.40 -10.46
CA ALA G 113 -6.40 14.47 -11.21
C ALA G 113 -7.09 13.15 -11.52
N LYS G 114 -8.21 12.86 -10.84
CA LYS G 114 -8.98 11.67 -11.19
C LYS G 114 -9.88 11.94 -12.39
N ASN G 115 -10.61 13.06 -12.36
CA ASN G 115 -11.40 13.47 -13.51
C ASN G 115 -10.52 13.58 -14.75
N MET G 116 -9.36 14.22 -14.61
CA MET G 116 -8.38 14.24 -15.69
C MET G 116 -8.05 12.82 -16.14
N GLU G 117 -7.74 11.94 -15.18
CA GLU G 117 -7.50 10.54 -15.50
C GLU G 117 -8.69 9.93 -16.22
N LYS G 118 -9.88 10.04 -15.62
CA LYS G 118 -11.08 9.51 -16.26
C LYS G 118 -11.32 10.16 -17.62
N ASN G 119 -10.84 11.40 -17.80
CA ASN G 119 -11.00 12.08 -19.08
C ASN G 119 -10.12 11.43 -20.14
N LEU G 120 -8.82 11.31 -19.87
CA LEU G 120 -7.94 10.56 -20.76
C LEU G 120 -8.48 9.16 -21.00
N LYS G 121 -9.09 8.55 -19.98
CA LYS G 121 -9.63 7.21 -20.11
C LYS G 121 -10.94 7.21 -20.91
N ASN G 122 -11.75 8.26 -20.75
CA ASN G 122 -13.05 8.27 -21.39
C ASN G 122 -12.95 8.20 -22.91
N TRP G 123 -11.83 8.67 -23.47
CA TRP G 123 -11.60 8.61 -24.91
C TRP G 123 -10.51 7.60 -25.27
N GLY G 124 -10.35 6.57 -24.45
CA GLY G 124 -9.45 5.48 -24.78
C GLY G 124 -7.97 5.81 -24.74
N ILE G 125 -7.49 6.32 -23.61
CA ILE G 125 -6.07 6.50 -23.36
C ILE G 125 -5.81 6.18 -21.90
N SER G 126 -4.54 5.93 -21.57
CA SER G 126 -4.15 5.60 -20.21
C SER G 126 -2.76 6.16 -19.93
N SER G 127 -2.55 6.60 -18.68
CA SER G 127 -1.28 7.21 -18.31
C SER G 127 -0.78 6.78 -16.94
N ASP G 128 -1.41 5.80 -16.30
CA ASP G 128 -0.95 5.26 -15.01
C ASP G 128 -0.69 6.39 -14.00
N PHE G 129 -1.78 7.06 -13.65
CA PHE G 129 -1.71 8.19 -12.71
C PHE G 129 -1.49 7.75 -11.26
N SER G 130 -1.61 6.46 -10.96
CA SER G 130 -1.59 6.02 -9.56
C SER G 130 -0.33 6.47 -8.85
N ASN G 131 0.84 6.23 -9.46
CA ASN G 131 2.10 6.50 -8.78
C ASN G 131 2.33 7.98 -8.50
N HIS G 132 1.54 8.87 -9.10
CA HIS G 132 1.65 10.29 -8.76
C HIS G 132 1.01 10.60 -7.42
N LEU G 133 -0.03 9.85 -7.03
CA LEU G 133 -0.70 10.11 -5.76
C LEU G 133 0.29 10.12 -4.60
N LYS G 134 1.37 9.34 -4.71
CA LYS G 134 2.32 9.24 -3.61
C LYS G 134 2.89 10.60 -3.25
N GLU G 135 3.13 11.45 -4.25
CA GLU G 135 3.64 12.79 -3.98
C GLU G 135 2.71 13.57 -3.06
N LEU G 136 1.42 13.23 -3.08
CA LEU G 136 0.44 13.99 -2.30
C LEU G 136 0.50 13.64 -0.81
N GLN G 137 0.77 12.37 -0.49
CA GLN G 137 0.57 11.90 0.88
C GLN G 137 1.34 12.75 1.89
N GLY G 138 2.67 12.81 1.77
CA GLY G 138 3.42 13.56 2.75
C GLY G 138 3.24 15.06 2.68
N ALA G 139 3.85 15.68 1.67
CA ALA G 139 3.49 17.02 1.18
C ALA G 139 3.08 17.96 2.31
N LYS G 140 4.02 18.23 3.20
CA LYS G 140 3.69 19.03 4.38
C LYS G 140 3.19 20.42 3.99
N LYS G 141 3.98 21.18 3.23
CA LYS G 141 3.62 22.54 2.91
C LYS G 141 2.82 22.61 1.61
N VAL G 142 2.10 23.73 1.44
CA VAL G 142 1.23 23.90 0.28
C VAL G 142 2.02 23.86 -1.01
N THR G 143 3.22 24.43 -1.02
CA THR G 143 3.97 24.59 -2.26
C THR G 143 4.26 23.25 -2.92
N GLU G 144 4.40 22.17 -2.14
CA GLU G 144 4.74 20.88 -2.73
C GLU G 144 3.55 20.30 -3.47
N ILE G 145 2.36 20.31 -2.84
CA ILE G 145 1.16 19.88 -3.55
C ILE G 145 0.97 20.69 -4.82
N MET G 146 1.37 21.97 -4.78
CA MET G 146 1.21 22.84 -5.94
C MET G 146 2.16 22.44 -7.07
N ASN G 147 3.47 22.46 -6.79
CA ASN G 147 4.44 22.02 -7.79
C ASN G 147 4.10 20.64 -8.32
N VAL G 148 3.54 19.77 -7.47
CA VAL G 148 3.05 18.47 -7.95
C VAL G 148 1.87 18.67 -8.88
N GLU G 149 0.91 19.51 -8.46
CA GLU G 149 -0.19 19.86 -9.36
C GLU G 149 0.32 20.48 -10.64
N GLY G 150 1.49 21.11 -10.60
CA GLY G 150 2.11 21.64 -11.79
C GLY G 150 2.52 20.55 -12.76
N ARG G 151 3.34 19.60 -12.31
CA ARG G 151 3.74 18.52 -13.19
C ARG G 151 2.53 17.67 -13.62
N ILE G 152 1.62 17.40 -12.69
CA ILE G 152 0.43 16.64 -13.04
C ILE G 152 -0.33 17.34 -14.15
N ARG G 153 -0.53 18.66 -14.02
CA ARG G 153 -1.18 19.41 -15.09
C ARG G 153 -0.38 19.33 -16.38
N GLN G 154 0.95 19.39 -16.28
CA GLN G 154 1.80 19.32 -17.47
C GLN G 154 1.88 17.90 -18.01
N GLU G 155 1.70 16.90 -17.14
CA GLU G 155 1.67 15.51 -17.61
C GLU G 155 0.37 15.22 -18.34
N TYR G 156 -0.75 15.71 -17.79
CA TYR G 156 -2.03 15.59 -18.49
C TYR G 156 -1.96 16.23 -19.87
N TYR G 157 -1.52 17.49 -19.93
CA TYR G 157 -1.39 18.17 -21.21
C TYR G 157 -0.41 17.43 -22.12
N ALA G 158 0.74 17.02 -21.57
CA ALA G 158 1.77 16.39 -22.39
C ALA G 158 1.24 15.13 -23.06
N ARG G 159 0.54 14.28 -22.31
CA ARG G 159 0.05 13.01 -22.83
C ARG G 159 -1.34 13.11 -23.44
N TRP G 160 -1.97 14.29 -23.40
CA TRP G 160 -3.28 14.46 -24.02
C TRP G 160 -3.17 14.51 -25.54
N ASP G 161 -2.10 15.15 -26.05
CA ASP G 161 -2.03 15.53 -27.45
C ASP G 161 -1.99 14.35 -28.41
N GLU G 162 -1.82 13.13 -27.92
CA GLU G 162 -1.75 11.99 -28.83
C GLU G 162 -3.06 11.74 -29.57
N SER G 163 -4.18 12.21 -29.01
CA SER G 163 -5.49 11.99 -29.61
C SER G 163 -5.98 13.16 -30.43
N LEU G 164 -5.23 14.27 -30.48
CA LEU G 164 -5.70 15.48 -31.14
C LEU G 164 -4.90 15.74 -32.42
N PRO G 165 -5.53 16.31 -33.45
CA PRO G 165 -4.80 16.61 -34.69
C PRO G 165 -3.68 17.62 -34.47
N GLY G 166 -2.75 17.63 -35.43
CA GLY G 166 -1.57 18.46 -35.29
C GLY G 166 -1.89 19.93 -35.08
N GLU G 167 -2.77 20.48 -35.93
CA GLU G 167 -3.06 21.91 -35.86
C GLU G 167 -3.42 22.34 -34.44
N PHE G 168 -4.22 21.52 -33.76
CA PHE G 168 -4.67 21.82 -32.40
C PHE G 168 -3.76 21.23 -31.34
N ARG G 169 -2.49 21.01 -31.67
CA ARG G 169 -1.58 20.32 -30.77
C ARG G 169 -1.03 21.27 -29.71
N ILE G 170 -1.01 20.78 -28.48
CA ILE G 170 -0.51 21.50 -27.31
C ILE G 170 0.35 20.50 -26.54
N GLY G 171 0.60 20.80 -25.28
CA GLY G 171 1.35 19.90 -24.44
C GLY G 171 2.47 20.69 -23.83
N LYS G 172 2.48 21.98 -24.11
CA LYS G 172 3.46 22.83 -23.46
C LYS G 172 2.75 23.77 -22.50
N ARG G 173 2.22 24.90 -22.97
CA ARG G 173 0.93 25.51 -22.62
C ARG G 173 1.30 26.99 -22.78
N THR G 174 0.39 27.94 -22.54
CA THR G 174 0.91 29.31 -22.46
C THR G 174 0.44 30.15 -21.28
N ARG G 175 -0.87 30.16 -21.04
CA ARG G 175 -1.56 30.93 -20.03
C ARG G 175 -1.53 32.44 -20.19
N ARG G 176 -0.48 32.96 -20.81
CA ARG G 176 -0.41 34.32 -21.34
C ARG G 176 0.92 34.44 -22.07
N PRO G 177 0.95 34.78 -23.36
CA PRO G 177 -0.13 34.84 -24.37
C PRO G 177 -0.34 33.48 -25.03
N PRO G 178 -1.53 33.22 -25.58
CA PRO G 178 -1.80 31.90 -26.16
C PRO G 178 -1.06 31.64 -27.46
N LYS G 179 0.21 31.23 -27.31
CA LYS G 179 1.06 30.94 -28.46
C LYS G 179 0.45 29.90 -29.39
N ASN G 180 -0.21 28.87 -28.84
CA ASN G 180 -0.66 27.76 -29.67
C ASN G 180 -2.07 28.01 -30.23
N GLU G 181 -2.53 27.07 -31.04
CA GLU G 181 -3.89 27.14 -31.59
C GLU G 181 -4.92 26.76 -30.53
N MET G 182 -4.77 25.57 -29.94
CA MET G 182 -5.74 25.07 -28.99
C MET G 182 -5.64 25.74 -27.62
N ASN G 183 -4.45 26.20 -27.24
CA ASN G 183 -4.28 26.70 -25.86
C ASN G 183 -5.04 27.98 -25.62
N ALA G 184 -5.33 28.77 -26.66
CA ALA G 184 -6.24 29.90 -26.51
C ALA G 184 -7.62 29.41 -26.10
N LEU G 185 -8.15 28.39 -26.80
CA LEU G 185 -9.45 27.86 -26.49
C LEU G 185 -9.55 27.41 -25.04
N ILE G 186 -8.53 26.67 -24.56
CA ILE G 186 -8.53 26.23 -23.16
C ILE G 186 -8.46 27.44 -22.24
N SER G 187 -7.40 28.24 -22.37
CA SER G 187 -7.25 29.43 -21.56
C SER G 187 -8.48 30.33 -21.63
N PHE G 188 -9.30 30.19 -22.69
CA PHE G 188 -10.51 30.99 -22.80
C PHE G 188 -11.67 30.33 -22.06
N LEU G 189 -11.97 29.06 -22.38
CA LEU G 189 -13.01 28.35 -21.66
C LEU G 189 -12.77 28.39 -20.15
N ASN G 190 -11.51 28.36 -19.73
CA ASN G 190 -11.19 28.49 -18.31
C ASN G 190 -11.76 29.78 -17.74
N SER G 191 -11.65 30.89 -18.49
CA SER G 191 -12.18 32.16 -18.04
C SER G 191 -13.67 32.04 -17.72
N ARG G 192 -14.45 31.47 -18.63
CA ARG G 192 -15.88 31.37 -18.43
C ARG G 192 -16.22 30.46 -17.26
N LEU G 193 -15.55 29.30 -17.18
CA LEU G 193 -15.78 28.42 -16.04
C LEU G 193 -15.41 29.12 -14.74
N TYR G 194 -14.35 29.93 -14.76
CA TYR G 194 -14.02 30.77 -13.62
C TYR G 194 -15.18 31.70 -13.28
N ALA G 195 -15.70 32.39 -14.30
CA ALA G 195 -16.85 33.26 -14.10
C ALA G 195 -18.02 32.49 -13.49
N THR G 196 -18.50 31.46 -14.20
CA THR G 196 -19.59 30.64 -13.68
C THR G 196 -19.29 30.18 -12.25
N MET G 197 -18.03 29.91 -11.96
CA MET G 197 -17.66 29.48 -10.60
C MET G 197 -17.95 30.57 -9.59
N ILE G 198 -17.47 31.79 -9.86
CA ILE G 198 -17.70 32.89 -8.94
C ILE G 198 -19.20 33.17 -8.82
N SER G 199 -19.97 32.85 -9.86
CA SER G 199 -21.42 32.99 -9.79
C SER G 199 -22.02 31.97 -8.83
N GLU G 200 -21.68 30.69 -9.02
CA GLU G 200 -22.25 29.62 -8.21
C GLU G 200 -21.77 29.67 -6.76
N ILE G 201 -20.67 30.36 -6.48
CA ILE G 201 -20.24 30.53 -5.08
C ILE G 201 -21.07 31.62 -4.41
N TYR G 202 -21.24 32.76 -5.08
CA TYR G 202 -21.94 33.88 -4.48
C TYR G 202 -23.34 33.49 -4.02
N ASN G 203 -23.99 32.61 -4.77
CA ASN G 203 -25.35 32.19 -4.43
C ASN G 203 -25.40 31.33 -3.18
N THR G 204 -24.25 30.91 -2.65
CA THR G 204 -24.18 30.12 -1.45
C THR G 204 -23.82 31.02 -0.26
N GLN G 205 -23.55 30.41 0.89
CA GLN G 205 -23.13 31.11 2.09
C GLN G 205 -21.61 31.19 2.21
N LEU G 206 -20.87 30.60 1.28
CA LEU G 206 -19.42 30.60 1.35
C LEU G 206 -18.87 32.00 1.10
N ALA G 207 -17.92 32.40 1.93
CA ALA G 207 -17.10 33.57 1.62
C ALA G 207 -16.10 33.18 0.53
N PRO G 208 -16.15 33.82 -0.65
CA PRO G 208 -15.29 33.35 -1.76
C PRO G 208 -13.82 33.62 -1.56
N THR G 209 -13.44 34.37 -0.54
CA THR G 209 -12.09 34.90 -0.41
C THR G 209 -11.21 34.10 0.56
N ILE G 210 -11.76 33.10 1.24
CA ILE G 210 -10.96 32.19 2.06
C ILE G 210 -10.80 30.90 1.27
N SER G 211 -9.56 30.54 0.95
CA SER G 211 -9.29 29.42 0.07
C SER G 211 -8.19 28.54 0.61
N TYR G 212 -8.06 27.37 -0.01
CA TYR G 212 -7.03 26.39 0.27
C TYR G 212 -6.24 26.16 -1.01
N LEU G 213 -4.98 25.75 -0.87
CA LEU G 213 -4.15 25.42 -2.04
C LEU G 213 -3.78 26.66 -2.85
N HIS G 214 -4.38 27.79 -2.52
CA HIS G 214 -4.08 29.08 -3.16
C HIS G 214 -4.18 30.13 -2.08
N GLU G 215 -3.15 30.94 -1.92
CA GLU G 215 -3.15 31.92 -0.83
C GLU G 215 -4.24 32.95 -1.09
N PRO G 216 -5.11 33.24 -0.11
CA PRO G 216 -6.25 34.13 -0.36
C PRO G 216 -5.88 35.59 -0.36
N SER G 217 -6.90 36.43 -0.47
CA SER G 217 -6.76 37.89 -0.39
C SER G 217 -8.16 38.45 -0.21
N GLU G 218 -8.23 39.76 0.03
CA GLU G 218 -9.52 40.42 0.19
C GLU G 218 -10.08 40.93 -1.13
N ARG G 219 -9.25 41.03 -2.17
CA ARG G 219 -9.68 41.62 -3.43
C ARG G 219 -9.86 40.60 -4.55
N ARG G 220 -9.53 39.33 -4.33
CA ARG G 220 -9.68 38.32 -5.36
C ARG G 220 -10.32 37.06 -4.79
N PHE G 221 -11.21 36.46 -5.58
CA PHE G 221 -11.88 35.21 -5.22
C PHE G 221 -10.92 34.07 -5.54
N SER G 222 -10.31 33.49 -4.51
CA SER G 222 -9.37 32.39 -4.69
C SER G 222 -10.01 31.03 -4.48
N LEU G 223 -11.26 30.97 -3.99
CA LEU G 223 -11.94 29.70 -3.82
C LEU G 223 -12.48 29.19 -5.16
N ALA G 224 -13.00 30.09 -5.99
CA ALA G 224 -13.38 29.72 -7.34
C ALA G 224 -12.21 29.08 -8.08
N LEU G 225 -10.98 29.53 -7.81
CA LEU G 225 -9.80 28.86 -8.33
C LEU G 225 -9.73 27.43 -7.83
N ASP G 226 -9.88 27.25 -6.51
CA ASP G 226 -9.89 25.91 -5.92
C ASP G 226 -10.92 25.02 -6.60
N LEU G 227 -12.19 25.44 -6.56
CA LEU G 227 -13.24 24.62 -7.15
C LEU G 227 -13.01 24.43 -8.64
N SER G 228 -12.36 25.39 -9.30
CA SER G 228 -12.06 25.23 -10.72
C SER G 228 -11.19 24.02 -10.98
N GLU G 229 -10.26 23.74 -10.05
CA GLU G 229 -9.36 22.60 -10.22
C GLU G 229 -10.12 21.31 -10.50
N ILE G 230 -11.32 21.17 -9.93
CA ILE G 230 -12.09 19.94 -10.11
C ILE G 230 -12.88 19.98 -11.42
N PHE G 231 -13.46 21.13 -11.75
CA PHE G 231 -14.38 21.21 -12.86
C PHE G 231 -13.72 21.58 -14.18
N LYS G 232 -12.51 22.13 -14.15
CA LYS G 232 -11.82 22.44 -15.40
C LYS G 232 -11.67 21.22 -16.29
N PRO G 233 -11.28 20.04 -15.78
CA PRO G 233 -11.25 18.85 -16.64
C PRO G 233 -12.64 18.32 -17.01
N ILE G 234 -13.66 18.63 -16.21
CA ILE G 234 -14.99 18.10 -16.48
C ILE G 234 -15.67 18.89 -17.60
N ILE G 235 -15.55 20.20 -17.58
CA ILE G 235 -16.32 21.09 -18.45
C ILE G 235 -15.46 21.66 -19.58
N ALA G 236 -14.42 22.43 -19.23
CA ALA G 236 -13.63 23.11 -20.24
C ALA G 236 -13.00 22.12 -21.21
N ASP G 237 -12.14 21.23 -20.69
CA ASP G 237 -11.48 20.24 -21.54
C ASP G 237 -12.49 19.45 -22.34
N ARG G 238 -13.56 18.97 -21.69
CA ARG G 238 -14.54 18.12 -22.38
C ARG G 238 -15.16 18.86 -23.56
N ILE G 239 -15.47 20.14 -23.39
CA ILE G 239 -16.01 20.94 -24.49
C ILE G 239 -14.97 21.09 -25.59
N ALA G 240 -13.81 21.64 -25.23
CA ALA G 240 -12.74 21.83 -26.22
C ALA G 240 -12.45 20.55 -26.98
N ASN G 241 -12.66 19.39 -26.36
CA ASN G 241 -12.44 18.12 -27.05
C ASN G 241 -13.59 17.81 -28.00
N ARG G 242 -14.81 17.66 -27.46
CA ARG G 242 -15.98 17.44 -28.30
C ARG G 242 -16.19 18.56 -29.30
N LEU G 243 -15.45 19.66 -29.18
CA LEU G 243 -15.45 20.74 -30.14
C LEU G 243 -14.40 20.55 -31.23
N VAL G 244 -13.20 20.08 -30.87
CA VAL G 244 -12.14 19.91 -31.85
C VAL G 244 -12.37 18.66 -32.69
N LYS G 245 -12.90 17.59 -32.09
CA LYS G 245 -13.03 16.33 -32.81
C LYS G 245 -14.06 16.45 -33.93
N LYS G 246 -15.32 16.74 -33.57
CA LYS G 246 -16.36 16.88 -34.58
C LYS G 246 -16.04 17.99 -35.58
N GLY G 247 -15.12 18.89 -35.23
CA GLY G 247 -14.56 19.81 -36.21
C GLY G 247 -15.41 21.04 -36.49
N ILE G 248 -15.99 21.64 -35.45
CA ILE G 248 -16.82 22.83 -35.65
C ILE G 248 -16.00 24.10 -35.79
N ILE G 249 -14.71 24.06 -35.45
CA ILE G 249 -13.82 25.20 -35.65
C ILE G 249 -12.62 24.75 -36.46
N LYS G 250 -12.21 25.58 -37.42
CA LYS G 250 -11.08 25.29 -38.30
C LYS G 250 -10.11 26.47 -38.27
N LYS G 251 -9.11 26.44 -39.14
CA LYS G 251 -8.14 27.53 -39.22
C LYS G 251 -8.80 28.87 -39.53
N ASP G 252 -10.02 28.86 -40.08
CA ASP G 252 -10.68 30.11 -40.43
C ASP G 252 -11.14 30.89 -39.20
N HIS G 253 -11.31 30.22 -38.06
CA HIS G 253 -11.85 30.88 -36.87
C HIS G 253 -10.79 31.49 -35.98
N PHE G 254 -9.56 30.96 -36.00
CA PHE G 254 -8.48 31.51 -35.19
C PHE G 254 -7.71 32.56 -35.97
N ARG G 255 -7.34 33.64 -35.29
CA ARG G 255 -6.45 34.66 -35.82
C ARG G 255 -5.40 34.98 -34.77
N GLU G 256 -4.22 35.36 -35.23
CA GLU G 256 -3.04 35.62 -34.40
C GLU G 256 -2.71 37.10 -34.44
N ASP G 257 -2.24 37.67 -33.32
CA ASP G 257 -2.00 39.13 -33.30
C ASP G 257 -0.56 39.48 -33.66
N LEU G 258 0.40 39.22 -32.74
CA LEU G 258 1.69 38.59 -33.03
C LEU G 258 2.27 37.85 -31.83
N ASN G 259 1.78 38.14 -30.62
CA ASN G 259 2.25 37.48 -29.41
C ASN G 259 1.50 36.18 -29.15
N GLY G 260 0.21 36.17 -29.45
CA GLY G 260 -0.61 35.00 -29.24
C GLY G 260 -1.75 34.91 -30.22
N VAL G 261 -2.61 33.93 -30.02
CA VAL G 261 -3.76 33.71 -30.87
C VAL G 261 -5.01 34.12 -30.08
N LEU G 262 -6.14 34.16 -30.77
CA LEU G 262 -7.42 34.40 -30.14
C LEU G 262 -8.49 34.05 -31.17
N LEU G 263 -9.75 34.18 -30.76
CA LEU G 263 -10.87 33.79 -31.61
C LEU G 263 -11.51 35.01 -32.25
N THR G 264 -11.97 34.83 -33.48
CA THR G 264 -12.85 35.80 -34.10
C THR G 264 -14.22 35.74 -33.45
N ASP G 265 -14.96 36.85 -33.53
CA ASP G 265 -16.29 36.88 -32.93
C ASP G 265 -17.13 35.69 -33.38
N GLU G 266 -16.99 35.29 -34.65
CA GLU G 266 -17.67 34.08 -35.10
C GLU G 266 -17.17 32.85 -34.38
N GLY G 267 -15.92 32.87 -33.91
CA GLY G 267 -15.38 31.79 -33.11
C GLY G 267 -15.83 31.86 -31.67
N MET G 268 -15.78 33.05 -31.08
CA MET G 268 -16.27 33.21 -29.71
C MET G 268 -17.75 32.86 -29.61
N LYS G 269 -18.53 33.21 -30.63
CA LYS G 269 -19.96 32.99 -30.58
C LYS G 269 -20.30 31.50 -30.59
N ILE G 270 -19.54 30.71 -31.34
CA ILE G 270 -19.79 29.27 -31.38
C ILE G 270 -19.25 28.59 -30.12
N VAL G 271 -18.10 29.04 -29.62
CA VAL G 271 -17.59 28.47 -28.37
C VAL G 271 -18.55 28.78 -27.22
N THR G 272 -19.00 30.03 -27.12
CA THR G 272 -19.94 30.39 -26.08
C THR G 272 -21.23 29.58 -26.22
N LYS G 273 -21.73 29.43 -27.45
CA LYS G 273 -22.89 28.59 -27.68
C LYS G 273 -22.63 27.17 -27.17
N ALA G 274 -21.59 26.53 -27.71
CA ALA G 274 -21.25 25.18 -27.28
C ALA G 274 -21.11 25.09 -25.76
N TYR G 275 -20.55 26.13 -25.14
CA TYR G 275 -20.37 26.11 -23.69
C TYR G 275 -21.71 26.15 -22.96
N ASN G 276 -22.47 27.23 -23.16
CA ASN G 276 -23.81 27.31 -22.59
C ASN G 276 -24.63 26.10 -22.99
N GLN G 277 -24.35 25.52 -24.15
CA GLN G 277 -25.09 24.37 -24.65
C GLN G 277 -24.73 23.11 -23.89
N GLU G 278 -23.43 22.88 -23.67
CA GLU G 278 -22.95 21.70 -22.98
C GLU G 278 -22.93 21.84 -21.47
N LEU G 279 -23.13 23.05 -20.94
CA LEU G 279 -23.12 23.28 -19.50
C LEU G 279 -24.48 23.06 -18.86
N GLU G 280 -25.53 22.84 -19.64
CA GLU G 280 -26.85 22.51 -19.12
C GLU G 280 -27.30 21.14 -19.62
N LYS G 281 -26.34 20.28 -19.92
CA LYS G 281 -26.60 18.89 -20.28
C LYS G 281 -26.83 18.08 -19.02
N THR G 282 -27.96 17.38 -18.95
CA THR G 282 -28.36 16.71 -17.72
C THR G 282 -27.56 15.44 -17.49
N VAL G 283 -27.46 15.05 -16.22
CA VAL G 283 -26.77 13.82 -15.83
C VAL G 283 -27.61 13.10 -14.78
N VAL G 292 -30.71 16.60 -11.49
CA VAL G 292 -29.48 17.36 -11.49
C VAL G 292 -29.13 17.83 -12.90
N THR G 293 -28.68 19.08 -13.01
CA THR G 293 -28.22 19.64 -14.26
C THR G 293 -26.75 20.02 -14.14
N ARG G 294 -26.01 19.89 -15.24
CA ARG G 294 -24.57 20.13 -15.22
C ARG G 294 -24.23 21.45 -14.54
N ARG G 295 -25.08 22.46 -14.70
CA ARG G 295 -24.86 23.73 -14.01
C ARG G 295 -24.96 23.54 -12.49
N ARG G 296 -25.98 22.80 -12.03
CA ARG G 296 -26.19 22.62 -10.60
C ARG G 296 -24.95 22.03 -9.93
N LEU G 297 -24.34 21.01 -10.57
CA LEU G 297 -23.21 20.33 -9.98
C LEU G 297 -22.17 21.28 -9.42
N ILE G 298 -22.03 22.47 -10.03
CA ILE G 298 -21.04 23.43 -9.57
C ILE G 298 -21.33 23.84 -8.14
N ARG G 299 -22.61 24.02 -7.79
CA ARG G 299 -22.96 24.38 -6.42
C ARG G 299 -22.75 23.20 -5.47
N LEU G 300 -23.16 22.00 -5.88
CA LEU G 300 -23.16 20.86 -4.97
C LEU G 300 -21.75 20.59 -4.44
N GLU G 301 -20.75 20.57 -5.32
CA GLU G 301 -19.38 20.47 -4.85
C GLU G 301 -19.03 21.65 -3.95
N ALA G 302 -19.64 22.81 -4.20
CA ALA G 302 -19.49 23.93 -3.27
C ALA G 302 -20.30 23.68 -2.00
N TYR G 303 -21.41 22.93 -2.10
CA TYR G 303 -22.17 22.56 -0.91
C TYR G 303 -21.42 21.52 -0.10
N LYS G 304 -20.90 20.48 -0.76
CA LYS G 304 -20.17 19.43 -0.05
C LYS G 304 -19.12 20.01 0.88
N ILE G 305 -18.44 21.08 0.46
CA ILE G 305 -17.49 21.75 1.34
C ILE G 305 -18.17 22.16 2.63
N ILE G 306 -19.40 22.71 2.53
CA ILE G 306 -20.16 23.06 3.72
C ILE G 306 -20.29 21.84 4.63
N LYS G 307 -20.58 20.68 4.04
CA LYS G 307 -20.77 19.47 4.83
C LYS G 307 -19.50 19.07 5.57
N HIS G 308 -18.34 19.52 5.11
CA HIS G 308 -17.09 19.24 5.81
C HIS G 308 -16.75 20.32 6.83
N LEU G 309 -17.06 21.58 6.51
CA LEU G 309 -16.72 22.67 7.42
C LEU G 309 -17.49 22.58 8.74
N VAL G 310 -18.73 22.08 8.70
CA VAL G 310 -19.54 21.98 9.90
C VAL G 310 -19.51 20.58 10.51
N GLY G 311 -19.11 19.56 9.75
CA GLY G 311 -19.00 18.23 10.29
C GLY G 311 -20.21 17.35 10.08
N VAL G 312 -20.88 17.49 8.94
CA VAL G 312 -21.90 16.51 8.55
C VAL G 312 -21.23 15.25 8.03
N GLU G 313 -20.48 15.37 6.95
CA GLU G 313 -19.72 14.27 6.38
C GLU G 313 -18.36 14.79 5.93
N GLU G 314 -17.32 13.99 6.14
CA GLU G 314 -16.00 14.35 5.66
C GLU G 314 -16.04 14.67 4.17
N TYR G 315 -15.19 15.59 3.74
CA TYR G 315 -15.24 16.05 2.36
C TYR G 315 -14.79 14.95 1.42
N SER G 316 -15.67 14.53 0.52
CA SER G 316 -15.31 13.65 -0.58
C SER G 316 -15.34 14.44 -1.87
N PRO G 317 -14.27 14.43 -2.68
CA PRO G 317 -14.28 15.23 -3.90
C PRO G 317 -15.25 14.67 -4.92
N LEU G 318 -15.56 15.48 -5.92
CA LEU G 318 -16.47 15.08 -6.99
C LEU G 318 -15.65 14.43 -8.10
N VAL G 319 -15.51 13.11 -8.00
CA VAL G 319 -14.89 12.35 -9.08
C VAL G 319 -15.91 11.77 -10.04
N ALA G 320 -17.18 11.71 -9.64
CA ALA G 320 -18.18 11.00 -10.42
C ALA G 320 -18.49 11.71 -11.72
N TRP G 321 -18.60 10.93 -12.79
CA TRP G 321 -19.22 11.42 -14.03
C TRP G 321 -20.73 11.56 -13.90
N PHE G 322 -21.31 11.03 -12.82
CA PHE G 322 -22.74 11.07 -12.59
C PHE G 322 -23.05 11.72 -11.25
N LYS H 4 -4.80 59.07 -1.91
CA LYS H 4 -5.69 58.33 -1.02
C LYS H 4 -6.81 57.66 -1.83
N SER H 5 -8.05 58.03 -1.57
CA SER H 5 -9.20 57.47 -2.27
C SER H 5 -10.04 58.60 -2.86
N LEU H 6 -10.90 58.24 -3.81
CA LEU H 6 -11.72 59.20 -4.52
C LEU H 6 -13.20 58.90 -4.30
N THR H 7 -14.00 59.95 -4.28
CA THR H 7 -15.43 59.85 -4.03
C THR H 7 -16.16 60.75 -5.02
N ILE H 8 -17.19 60.20 -5.67
CA ILE H 8 -17.98 60.92 -6.66
C ILE H 8 -19.38 61.09 -6.09
N PHE H 9 -19.75 62.33 -5.77
CA PHE H 9 -21.09 62.65 -5.30
C PHE H 9 -22.03 63.02 -6.44
N SER H 10 -21.52 63.72 -7.45
CA SER H 10 -22.37 64.24 -8.51
C SER H 10 -22.90 63.11 -9.39
N ASP H 11 -24.05 63.35 -10.01
CA ASP H 11 -24.64 62.43 -10.96
C ASP H 11 -24.08 62.70 -12.36
N GLY H 12 -23.97 61.64 -13.14
CA GLY H 12 -23.45 61.79 -14.50
C GLY H 12 -23.19 60.45 -15.15
N THR H 13 -22.17 60.42 -16.01
CA THR H 13 -21.81 59.22 -16.76
C THR H 13 -20.30 59.06 -16.76
N LEU H 14 -19.82 57.98 -16.16
CA LEU H 14 -18.42 57.60 -16.28
C LEU H 14 -18.18 56.99 -17.67
N LEU H 15 -17.07 57.36 -18.30
CA LEU H 15 -16.82 56.96 -19.67
C LEU H 15 -15.35 57.15 -19.98
N ARG H 16 -14.90 56.49 -21.06
CA ARG H 16 -13.55 56.65 -21.56
C ARG H 16 -13.62 56.97 -23.05
N ARG H 17 -13.15 58.15 -23.45
CA ARG H 17 -13.18 58.52 -24.85
C ARG H 17 -11.99 57.93 -25.60
N GLU H 18 -10.77 58.33 -25.22
CA GLU H 18 -9.57 57.79 -25.86
C GLU H 18 -8.42 57.80 -24.85
N ASN H 19 -7.98 56.61 -24.44
CA ASN H 19 -6.75 56.41 -23.67
C ASN H 19 -6.69 57.27 -22.41
N THR H 20 -7.85 57.73 -21.94
CA THR H 20 -7.96 58.43 -20.67
C THR H 20 -9.41 58.30 -20.18
N LEU H 21 -9.59 58.38 -18.87
CA LEU H 21 -10.92 58.29 -18.28
C LEU H 21 -11.56 59.66 -18.21
N TYR H 22 -12.87 59.71 -18.43
CA TYR H 22 -13.61 60.97 -18.48
C TYR H 22 -14.94 60.82 -17.76
N PHE H 23 -15.41 61.94 -17.19
CA PHE H 23 -16.68 62.02 -16.47
C PHE H 23 -17.59 62.97 -17.24
N GLU H 24 -18.66 62.44 -17.79
CA GLU H 24 -19.56 63.17 -18.67
C GLU H 24 -20.88 63.48 -17.96
N ASN H 25 -21.80 64.09 -18.72
CA ASN H 25 -23.23 64.25 -18.44
C ASN H 25 -23.61 65.36 -17.46
N VAL H 26 -22.67 66.10 -16.88
CA VAL H 26 -23.04 67.26 -16.07
C VAL H 26 -22.84 68.48 -16.96
N ASN H 27 -22.93 68.26 -18.28
CA ASN H 27 -22.74 69.30 -19.28
C ASN H 27 -21.28 69.72 -19.37
N GLY H 28 -20.39 68.75 -19.17
CA GLY H 28 -18.95 69.01 -19.18
C GLY H 28 -18.22 67.70 -19.21
N ARG H 29 -16.97 67.76 -19.64
CA ARG H 29 -16.18 66.55 -19.87
C ARG H 29 -14.76 66.78 -19.37
N LYS H 30 -14.49 66.33 -18.15
CA LYS H 30 -13.18 66.41 -17.52
C LYS H 30 -12.69 65.01 -17.22
N PRO H 31 -11.39 64.82 -17.05
CA PRO H 31 -10.85 63.51 -16.73
C PRO H 31 -10.74 63.31 -15.23
N LEU H 32 -10.41 62.08 -14.84
CA LEU H 32 -10.10 61.75 -13.47
C LEU H 32 -8.64 61.35 -13.36
N ALA H 33 -8.06 61.65 -12.19
CA ALA H 33 -6.68 61.29 -11.87
C ALA H 33 -6.72 60.05 -11.00
N ILE H 34 -6.24 58.93 -11.54
CA ILE H 34 -6.30 57.64 -10.88
C ILE H 34 -4.93 57.09 -10.50
N GLU H 35 -3.86 57.82 -10.81
CA GLU H 35 -2.52 57.30 -10.58
C GLU H 35 -2.26 57.06 -9.09
N GLY H 36 -2.86 57.85 -8.21
CA GLY H 36 -2.66 57.72 -6.78
C GLY H 36 -3.82 57.07 -6.08
N ILE H 37 -4.82 56.60 -6.78
CA ILE H 37 -6.03 56.06 -6.19
C ILE H 37 -5.95 54.54 -6.23
N TYR H 38 -6.55 53.92 -5.21
CA TYR H 38 -6.71 52.47 -5.16
C TYR H 38 -8.16 52.03 -5.07
N ASP H 39 -8.99 52.76 -4.32
CA ASP H 39 -10.42 52.46 -4.21
C ASP H 39 -11.23 53.70 -4.55
N ILE H 40 -12.28 53.51 -5.35
CA ILE H 40 -13.20 54.58 -5.74
C ILE H 40 -14.54 54.29 -5.09
N TYR H 41 -15.19 55.35 -4.61
CA TYR H 41 -16.50 55.27 -3.98
C TYR H 41 -17.48 56.12 -4.76
N ILE H 42 -18.51 55.48 -5.31
CA ILE H 42 -19.54 56.15 -6.10
C ILE H 42 -20.75 56.34 -5.21
N TYR H 43 -21.06 57.59 -4.87
CA TYR H 43 -22.21 57.92 -4.04
C TYR H 43 -23.34 58.57 -4.83
N GLY H 44 -23.15 58.82 -6.13
CA GLY H 44 -24.18 59.42 -6.96
C GLY H 44 -24.83 58.43 -7.90
N HIS H 45 -25.58 58.99 -8.84
CA HIS H 45 -26.19 58.22 -9.93
C HIS H 45 -25.23 58.34 -11.13
N VAL H 46 -24.40 57.32 -11.32
CA VAL H 46 -23.31 57.37 -12.29
C VAL H 46 -23.42 56.16 -13.21
N ASN H 47 -23.61 56.42 -14.50
CA ASN H 47 -23.68 55.37 -15.50
C ASN H 47 -22.27 54.90 -15.86
N ILE H 48 -22.13 53.59 -16.09
CA ILE H 48 -20.84 52.98 -16.37
C ILE H 48 -20.84 52.43 -17.78
N THR H 49 -19.66 52.47 -18.40
CA THR H 49 -19.43 51.83 -19.69
C THR H 49 -18.52 50.62 -19.48
N SER H 50 -18.81 49.53 -20.20
CA SER H 50 -17.98 48.34 -20.10
C SER H 50 -16.58 48.59 -20.61
N GLN H 51 -16.38 49.58 -21.49
CA GLN H 51 -15.04 49.88 -21.98
C GLN H 51 -14.20 50.53 -20.89
N ALA H 52 -14.70 51.61 -20.28
CA ALA H 52 -13.98 52.25 -19.20
C ALA H 52 -13.89 51.38 -17.95
N LEU H 53 -14.63 50.28 -17.90
CA LEU H 53 -14.63 49.41 -16.72
C LEU H 53 -13.48 48.41 -16.77
N HIS H 54 -13.27 47.73 -17.89
CA HIS H 54 -12.06 46.93 -18.00
C HIS H 54 -10.82 47.80 -18.21
N TYR H 55 -11.00 49.08 -18.54
CA TYR H 55 -9.91 50.04 -18.42
C TYR H 55 -9.56 50.26 -16.95
N ILE H 56 -10.58 50.54 -16.13
CA ILE H 56 -10.36 50.66 -14.69
C ILE H 56 -9.80 49.36 -14.13
N ALA H 57 -10.23 48.23 -14.67
CA ALA H 57 -9.72 46.94 -14.21
C ALA H 57 -8.23 46.82 -14.47
N GLN H 58 -7.77 47.34 -15.61
CA GLN H 58 -6.35 47.28 -15.94
C GLN H 58 -5.49 47.92 -14.85
N LYS H 59 -6.02 48.96 -14.19
CA LYS H 59 -5.31 49.63 -13.12
C LYS H 59 -5.50 48.96 -11.76
N GLY H 60 -6.38 47.97 -11.67
CA GLY H 60 -6.62 47.29 -10.41
C GLY H 60 -7.47 48.04 -9.42
N ILE H 61 -8.21 49.05 -9.88
CA ILE H 61 -9.00 49.90 -8.99
C ILE H 61 -10.32 49.22 -8.68
N LEU H 62 -10.72 49.26 -7.41
CA LEU H 62 -12.03 48.79 -7.00
C LEU H 62 -13.01 49.96 -6.97
N ILE H 63 -14.25 49.69 -7.39
CA ILE H 63 -15.31 50.69 -7.39
C ILE H 63 -16.40 50.21 -6.46
N HIS H 64 -16.59 50.92 -5.35
CA HIS H 64 -17.69 50.63 -4.43
C HIS H 64 -18.88 51.50 -4.82
N PHE H 65 -19.97 50.85 -5.25
CA PHE H 65 -21.18 51.56 -5.65
C PHE H 65 -22.06 51.80 -4.44
N PHE H 66 -22.64 53.00 -4.37
CA PHE H 66 -23.55 53.38 -3.29
C PHE H 66 -24.72 54.14 -3.88
N ASN H 67 -25.80 54.23 -3.10
CA ASN H 67 -26.87 55.18 -3.39
C ASN H 67 -26.41 56.57 -2.93
N HIS H 68 -27.29 57.55 -3.00
CA HIS H 68 -26.95 58.86 -2.45
C HIS H 68 -26.71 58.77 -0.96
N TYR H 69 -27.47 57.92 -0.26
CA TYR H 69 -27.43 57.95 1.20
C TYR H 69 -26.66 56.82 1.87
N GLY H 70 -27.14 55.58 1.76
CA GLY H 70 -26.47 54.50 2.46
C GLY H 70 -26.44 53.14 1.79
N TYR H 71 -27.15 52.98 0.68
CA TYR H 71 -27.41 51.64 0.15
C TYR H 71 -26.22 51.17 -0.67
N TYR H 72 -25.56 50.13 -0.19
CA TYR H 72 -24.50 49.46 -0.94
C TYR H 72 -25.14 48.56 -2.00
N ASP H 73 -24.84 48.84 -3.27
CA ASP H 73 -25.36 48.01 -4.35
C ASP H 73 -24.37 46.91 -4.72
N GLY H 74 -23.19 47.30 -5.20
CA GLY H 74 -22.20 46.33 -5.64
C GLY H 74 -20.84 46.97 -5.71
N THR H 75 -19.84 46.12 -5.97
CA THR H 75 -18.46 46.55 -6.04
C THR H 75 -17.79 45.82 -7.19
N PHE H 76 -16.95 46.54 -7.94
CA PHE H 76 -16.21 45.93 -9.03
C PHE H 76 -14.87 45.42 -8.50
N TYR H 77 -14.71 44.10 -8.49
CA TYR H 77 -13.44 43.47 -8.17
C TYR H 77 -12.73 43.12 -9.46
N PRO H 78 -11.67 43.83 -9.85
CA PRO H 78 -10.96 43.48 -11.08
C PRO H 78 -10.26 42.13 -10.94
N ARG H 79 -9.89 41.56 -12.08
CA ARG H 79 -9.01 40.40 -12.05
C ARG H 79 -7.63 40.79 -11.55
N GLU H 80 -7.09 41.90 -12.08
CA GLU H 80 -5.77 42.39 -11.73
C GLU H 80 -5.85 43.13 -10.40
N THR H 81 -5.85 42.36 -9.32
CA THR H 81 -5.88 42.95 -7.99
C THR H 81 -4.50 43.48 -7.62
N LEU H 82 -4.49 44.45 -6.71
CA LEU H 82 -3.23 44.92 -6.12
C LEU H 82 -2.88 44.00 -4.95
N LEU H 83 -1.83 44.34 -4.21
CA LEU H 83 -1.43 43.53 -3.08
C LEU H 83 -2.29 43.83 -1.87
N SER H 84 -2.52 42.81 -1.05
CA SER H 84 -3.34 42.96 0.14
C SER H 84 -3.09 41.77 1.06
N GLY H 85 -3.38 41.98 2.35
CA GLY H 85 -3.44 40.91 3.31
C GLY H 85 -4.88 40.49 3.56
N ASP H 86 -5.04 39.38 4.26
CA ASP H 86 -6.36 38.81 4.52
C ASP H 86 -6.91 39.37 5.82
N LEU H 87 -7.79 40.37 5.70
CA LEU H 87 -8.52 40.85 6.89
C LEU H 87 -9.63 39.89 7.26
N ILE H 88 -10.27 39.27 6.26
CA ILE H 88 -11.38 38.35 6.53
C ILE H 88 -10.92 37.18 7.39
N ILE H 89 -9.67 36.74 7.22
CA ILE H 89 -9.10 35.78 8.16
C ILE H 89 -8.88 36.45 9.52
N LYS H 90 -8.29 37.64 9.52
CA LYS H 90 -7.95 38.31 10.77
C LYS H 90 -9.18 38.50 11.65
N GLN H 91 -10.30 38.90 11.05
CA GLN H 91 -11.54 39.01 11.82
C GLN H 91 -11.85 37.71 12.56
N ALA H 92 -11.64 36.57 11.90
CA ALA H 92 -11.85 35.28 12.55
C ALA H 92 -10.70 34.92 13.47
N GLU H 93 -9.48 35.38 13.18
CA GLU H 93 -8.35 35.07 14.03
C GLU H 93 -8.53 35.63 15.43
N HIS H 94 -9.07 36.85 15.53
CA HIS H 94 -9.32 37.44 16.84
C HIS H 94 -10.53 36.80 17.52
N TYR H 95 -11.52 36.38 16.73
CA TYR H 95 -12.66 35.68 17.31
C TYR H 95 -12.24 34.33 17.89
N LEU H 96 -11.43 33.58 17.15
CA LEU H 96 -11.09 32.23 17.56
C LEU H 96 -10.33 32.22 18.88
N ASP H 97 -9.18 32.91 18.92
CA ASP H 97 -8.41 33.00 20.15
C ASP H 97 -9.20 33.78 21.20
N LYS H 98 -9.54 33.12 22.30
CA LYS H 98 -10.41 33.72 23.31
C LYS H 98 -9.80 34.96 23.95
N ASN H 99 -8.47 35.11 23.91
CA ASN H 99 -7.80 36.21 24.58
C ASN H 99 -7.86 37.51 23.80
N LYS H 100 -8.45 37.50 22.61
CA LYS H 100 -8.62 38.68 21.77
C LYS H 100 -10.08 39.04 21.58
N ARG H 101 -10.94 38.02 21.42
CA ARG H 101 -12.37 38.26 21.44
C ARG H 101 -12.80 38.96 22.72
N LEU H 102 -12.51 38.34 23.88
CA LEU H 102 -12.85 38.93 25.16
C LEU H 102 -12.45 40.40 25.21
N PHE H 103 -11.26 40.73 24.70
CA PHE H 103 -10.79 42.10 24.69
C PHE H 103 -11.71 43.00 23.88
N LEU H 104 -11.82 42.71 22.58
CA LEU H 104 -12.67 43.52 21.71
C LEU H 104 -14.09 43.62 22.25
N ALA H 105 -14.61 42.52 22.82
CA ALA H 105 -15.93 42.56 23.44
C ALA H 105 -15.97 43.57 24.57
N LYS H 106 -15.14 43.35 25.60
CA LYS H 106 -15.09 44.27 26.74
C LYS H 106 -14.92 45.71 26.27
N SER H 107 -14.12 45.93 25.22
CA SER H 107 -13.96 47.27 24.68
C SER H 107 -15.28 47.84 24.20
N PHE H 108 -15.95 47.11 23.30
CA PHE H 108 -17.26 47.54 22.80
C PHE H 108 -18.17 47.97 23.95
N VAL H 109 -18.27 47.13 24.99
CA VAL H 109 -19.19 47.42 26.09
C VAL H 109 -18.72 48.66 26.85
N VAL H 110 -17.42 48.76 27.10
CA VAL H 110 -16.90 49.94 27.80
C VAL H 110 -17.24 51.20 27.04
N GLY H 111 -17.11 51.17 25.71
CA GLY H 111 -17.55 52.29 24.91
C GLY H 111 -19.03 52.56 25.06
N GLY H 112 -19.85 51.50 25.06
CA GLY H 112 -21.27 51.67 25.29
C GLY H 112 -21.56 52.34 26.62
N ALA H 113 -20.99 51.79 27.70
CA ALA H 113 -21.26 52.31 29.04
C ALA H 113 -20.53 53.62 29.33
N LYS H 114 -19.54 53.98 28.53
CA LYS H 114 -18.97 55.33 28.61
C LYS H 114 -19.90 56.34 27.95
N ASN H 115 -20.37 56.02 26.74
CA ASN H 115 -21.26 56.93 26.03
C ASN H 115 -22.57 57.10 26.78
N MET H 116 -23.14 56.00 27.26
CA MET H 116 -24.37 56.08 28.06
C MET H 116 -24.18 57.03 29.24
N GLU H 117 -23.08 56.86 29.98
CA GLU H 117 -22.79 57.77 31.09
C GLU H 117 -22.62 59.19 30.60
N LYS H 118 -21.88 59.38 29.50
CA LYS H 118 -21.71 60.72 28.94
C LYS H 118 -23.05 61.30 28.51
N ASN H 119 -23.99 60.44 28.10
CA ASN H 119 -25.33 60.91 27.77
C ASN H 119 -26.07 61.38 29.01
N LEU H 120 -26.15 60.51 30.02
CA LEU H 120 -26.82 60.88 31.26
C LEU H 120 -26.16 62.09 31.92
N LYS H 121 -24.84 62.22 31.78
CA LYS H 121 -24.15 63.37 32.37
C LYS H 121 -24.47 64.65 31.62
N ASN H 122 -24.46 64.60 30.29
CA ASN H 122 -24.81 65.78 29.49
C ASN H 122 -26.24 66.23 29.77
N TRP H 123 -27.09 65.34 30.26
CA TRP H 123 -28.48 65.67 30.59
C TRP H 123 -28.68 65.92 32.08
N GLY H 124 -27.63 65.80 32.89
CA GLY H 124 -27.71 66.17 34.29
C GLY H 124 -28.35 65.14 35.19
N ILE H 125 -28.09 63.86 34.94
CA ILE H 125 -28.67 62.78 35.72
C ILE H 125 -27.57 62.15 36.58
N SER H 126 -27.98 61.64 37.74
CA SER H 126 -27.10 60.87 38.61
C SER H 126 -27.03 59.44 38.07
N SER H 127 -25.94 59.12 37.37
CA SER H 127 -25.79 57.79 36.77
C SER H 127 -24.61 56.99 37.31
N ASP H 128 -23.40 57.48 37.11
CA ASP H 128 -22.11 57.04 37.63
C ASP H 128 -21.64 55.65 37.19
N PHE H 129 -22.55 54.71 37.01
CA PHE H 129 -22.36 53.46 36.28
C PHE H 129 -21.02 52.74 36.45
N SER H 130 -20.05 53.36 37.09
CA SER H 130 -18.68 52.85 36.96
C SER H 130 -18.40 51.70 37.90
N ASN H 131 -19.30 51.46 38.86
CA ASN H 131 -19.15 50.33 39.77
C ASN H 131 -19.26 49.01 39.02
N HIS H 132 -20.20 48.92 38.07
CA HIS H 132 -20.43 47.68 37.35
C HIS H 132 -19.17 47.20 36.64
N LEU H 133 -18.42 48.14 36.05
CA LEU H 133 -17.42 47.76 35.05
C LEU H 133 -16.43 46.72 35.58
N LYS H 134 -16.05 46.81 36.86
CA LYS H 134 -15.04 45.88 37.36
C LYS H 134 -15.54 44.44 37.30
N GLU H 135 -16.85 44.22 37.38
CA GLU H 135 -17.40 42.91 37.01
C GLU H 135 -16.98 42.55 35.60
N LEU H 136 -17.37 43.39 34.64
CA LEU H 136 -17.04 43.17 33.24
C LEU H 136 -15.54 43.04 33.03
N GLN H 137 -14.76 43.97 33.58
CA GLN H 137 -13.33 43.98 33.33
C GLN H 137 -12.66 42.68 33.75
N GLY H 138 -13.28 41.90 34.64
CA GLY H 138 -12.70 40.65 35.08
C GLY H 138 -13.36 39.42 34.47
N ALA H 139 -14.56 39.59 33.94
CA ALA H 139 -15.34 38.47 33.43
C ALA H 139 -14.51 37.60 32.49
N LYS H 140 -14.67 36.28 32.63
CA LYS H 140 -13.97 35.32 31.80
C LYS H 140 -14.72 35.01 30.50
N LYS H 141 -16.03 34.80 30.59
CA LYS H 141 -16.82 34.34 29.46
C LYS H 141 -17.58 35.48 28.80
N VAL H 142 -17.87 35.31 27.51
CA VAL H 142 -18.69 36.29 26.80
C VAL H 142 -20.10 36.33 27.39
N THR H 143 -20.64 35.16 27.74
CA THR H 143 -21.97 35.13 28.33
C THR H 143 -22.05 35.98 29.59
N GLU H 144 -20.92 36.14 30.30
CA GLU H 144 -20.90 37.00 31.47
C GLU H 144 -20.90 38.48 31.06
N ILE H 145 -20.19 38.81 29.99
CA ILE H 145 -20.11 40.20 29.55
C ILE H 145 -21.49 40.70 29.11
N MET H 146 -22.29 39.82 28.51
CA MET H 146 -23.60 40.25 28.02
C MET H 146 -24.53 40.62 29.18
N ASN H 147 -24.63 39.73 30.19
CA ASN H 147 -25.48 40.01 31.33
C ASN H 147 -25.16 41.36 31.95
N VAL H 148 -23.90 41.79 31.89
CA VAL H 148 -23.56 43.14 32.34
C VAL H 148 -24.19 44.18 31.43
N GLU H 149 -24.14 43.95 30.10
CA GLU H 149 -24.85 44.83 29.18
C GLU H 149 -26.34 44.87 29.51
N GLY H 150 -26.88 43.76 30.01
CA GLY H 150 -28.25 43.79 30.49
C GLY H 150 -28.40 44.70 31.70
N ARG H 151 -27.55 44.49 32.72
CA ARG H 151 -27.55 45.36 33.88
C ARG H 151 -27.41 46.82 33.47
N ILE H 152 -26.46 47.12 32.59
CA ILE H 152 -26.23 48.50 32.19
C ILE H 152 -27.41 49.03 31.37
N ARG H 153 -27.99 48.19 30.50
CA ARG H 153 -29.22 48.58 29.82
C ARG H 153 -30.28 48.98 30.84
N GLN H 154 -30.54 48.11 31.82
CA GLN H 154 -31.58 48.37 32.80
C GLN H 154 -31.27 49.60 33.65
N GLU H 155 -29.98 49.83 33.92
CA GLU H 155 -29.59 51.01 34.69
C GLU H 155 -29.68 52.28 33.85
N TYR H 156 -29.24 52.22 32.60
CA TYR H 156 -29.37 53.35 31.69
C TYR H 156 -30.83 53.74 31.50
N TYR H 157 -31.68 52.76 31.17
CA TYR H 157 -33.10 53.06 30.98
C TYR H 157 -33.77 53.48 32.28
N ALA H 158 -33.54 52.71 33.36
CA ALA H 158 -34.23 52.98 34.62
C ALA H 158 -33.96 54.40 35.11
N ARG H 159 -32.69 54.83 35.07
CA ARG H 159 -32.33 56.16 35.53
C ARG H 159 -32.45 57.22 34.43
N TRP H 160 -32.68 56.82 33.18
CA TRP H 160 -33.10 57.78 32.16
C TRP H 160 -34.57 58.15 32.31
N ASP H 161 -35.38 57.21 32.78
CA ASP H 161 -36.81 57.46 32.94
C ASP H 161 -37.12 58.63 33.87
N GLU H 162 -36.13 59.08 34.66
CA GLU H 162 -36.37 60.18 35.59
C GLU H 162 -36.45 61.53 34.89
N SER H 163 -35.93 61.65 33.67
CA SER H 163 -35.90 62.91 32.94
C SER H 163 -36.99 63.01 31.88
N LEU H 164 -37.79 61.96 31.68
CA LEU H 164 -38.73 61.94 30.57
C LEU H 164 -40.17 62.10 31.06
N PRO H 165 -41.05 62.66 30.23
CA PRO H 165 -42.47 62.72 30.60
C PRO H 165 -43.07 61.34 30.72
N GLY H 166 -43.99 61.18 31.68
CA GLY H 166 -44.62 59.90 31.94
C GLY H 166 -45.08 59.17 30.69
N GLU H 167 -45.71 59.90 29.77
CA GLU H 167 -46.26 59.28 28.57
C GLU H 167 -45.19 58.53 27.79
N PHE H 168 -44.01 59.11 27.63
CA PHE H 168 -42.98 58.57 26.76
C PHE H 168 -41.86 57.87 27.52
N ARG H 169 -42.12 57.39 28.74
CA ARG H 169 -41.08 56.76 29.54
C ARG H 169 -40.84 55.33 29.10
N ILE H 170 -39.62 54.86 29.30
CA ILE H 170 -39.20 53.52 28.90
C ILE H 170 -39.33 52.61 30.12
N GLY H 171 -40.29 51.71 30.09
CA GLY H 171 -40.44 50.73 31.15
C GLY H 171 -39.59 49.50 30.91
N LYS H 172 -39.71 48.92 29.72
CA LYS H 172 -38.92 47.76 29.33
C LYS H 172 -38.61 47.87 27.84
N ARG H 173 -38.13 46.78 27.26
CA ARG H 173 -37.74 46.76 25.85
C ARG H 173 -38.66 45.85 25.04
N PRO H 178 -41.72 46.23 21.27
CA PRO H 178 -42.38 47.21 20.39
C PRO H 178 -43.73 47.68 20.93
N LYS H 179 -43.98 47.46 22.22
CA LYS H 179 -45.30 47.70 22.78
C LYS H 179 -45.46 49.10 23.35
N ASN H 180 -44.43 49.65 23.99
CA ASN H 180 -44.53 50.98 24.55
C ASN H 180 -44.47 52.02 23.43
N GLU H 181 -44.62 53.29 23.80
CA GLU H 181 -44.55 54.36 22.80
C GLU H 181 -43.09 54.70 22.47
N MET H 182 -42.31 55.10 23.48
CA MET H 182 -40.90 55.38 23.25
C MET H 182 -40.17 54.15 22.74
N ASN H 183 -40.59 52.95 23.17
CA ASN H 183 -39.95 51.73 22.67
C ASN H 183 -40.07 51.61 21.17
N ALA H 184 -41.14 52.17 20.58
CA ALA H 184 -41.27 52.17 19.13
C ALA H 184 -40.26 53.13 18.50
N LEU H 185 -40.33 54.41 18.90
CA LEU H 185 -39.39 55.42 18.41
C LEU H 185 -37.94 54.92 18.49
N ILE H 186 -37.56 54.33 19.63
CA ILE H 186 -36.20 53.81 19.77
C ILE H 186 -35.99 52.62 18.84
N SER H 187 -36.78 51.56 19.03
CA SER H 187 -36.65 50.37 18.19
C SER H 187 -36.68 50.71 16.72
N PHE H 188 -37.33 51.82 16.35
CA PHE H 188 -37.33 52.26 14.96
C PHE H 188 -35.98 52.87 14.57
N LEU H 189 -35.47 53.79 15.40
CA LEU H 189 -34.20 54.44 15.07
C LEU H 189 -33.03 53.49 15.18
N ASN H 190 -33.10 52.52 16.10
CA ASN H 190 -32.15 51.44 16.08
C ASN H 190 -32.15 50.78 14.71
N SER H 191 -33.33 50.50 14.17
CA SER H 191 -33.41 49.92 12.84
C SER H 191 -32.85 50.88 11.79
N ARG H 192 -33.24 52.16 11.85
CA ARG H 192 -32.70 53.13 10.91
C ARG H 192 -31.19 53.27 11.07
N LEU H 193 -30.71 53.25 12.31
CA LEU H 193 -29.26 53.27 12.54
C LEU H 193 -28.61 52.01 11.98
N TYR H 194 -29.24 50.85 12.16
CA TYR H 194 -28.75 49.62 11.57
C TYR H 194 -28.58 49.76 10.07
N ALA H 195 -29.55 50.39 9.40
CA ALA H 195 -29.53 50.49 7.95
C ALA H 195 -28.28 51.16 7.42
N THR H 196 -27.56 51.91 8.26
CA THR H 196 -26.37 52.63 7.80
C THR H 196 -25.10 51.83 8.01
N MET H 197 -24.85 51.37 9.24
CA MET H 197 -23.59 50.71 9.54
C MET H 197 -23.42 49.37 8.83
N ILE H 198 -24.47 48.81 8.24
CA ILE H 198 -24.25 47.68 7.35
C ILE H 198 -23.40 48.12 6.17
N SER H 199 -23.56 49.37 5.75
CA SER H 199 -22.86 49.93 4.60
C SER H 199 -21.49 50.50 4.98
N GLU H 200 -21.46 51.37 5.99
CA GLU H 200 -20.21 51.99 6.39
C GLU H 200 -19.19 50.97 6.88
N ILE H 201 -19.64 49.79 7.31
CA ILE H 201 -18.74 48.66 7.45
C ILE H 201 -18.35 48.15 6.06
N TYR H 202 -19.36 47.90 5.22
CA TYR H 202 -19.10 47.52 3.83
C TYR H 202 -18.26 48.58 3.11
N ASN H 203 -18.37 49.84 3.53
CA ASN H 203 -17.54 50.89 2.92
C ASN H 203 -16.06 50.62 3.13
N THR H 204 -15.71 49.80 4.10
CA THR H 204 -14.38 49.25 4.26
C THR H 204 -14.35 47.86 3.61
N GLN H 205 -13.27 47.12 3.82
CA GLN H 205 -13.16 45.76 3.32
C GLN H 205 -13.53 44.71 4.37
N LEU H 206 -13.97 45.13 5.54
CA LEU H 206 -14.39 44.19 6.57
C LEU H 206 -15.61 43.41 6.11
N ALA H 207 -15.62 42.11 6.40
CA ALA H 207 -16.82 41.31 6.23
C ALA H 207 -17.71 41.50 7.45
N PRO H 208 -18.95 41.95 7.30
CA PRO H 208 -19.75 42.37 8.46
C PRO H 208 -20.33 41.23 9.28
N THR H 209 -20.17 39.98 8.86
CA THR H 209 -20.83 38.85 9.51
C THR H 209 -19.93 38.13 10.52
N ILE H 210 -18.74 38.64 10.79
CA ILE H 210 -17.83 38.09 11.79
C ILE H 210 -17.79 39.07 12.96
N SER H 211 -18.22 38.62 14.14
CA SER H 211 -18.45 39.52 15.27
C SER H 211 -17.88 38.92 16.55
N TYR H 212 -17.78 39.77 17.58
CA TYR H 212 -17.16 39.40 18.85
C TYR H 212 -18.11 39.43 20.04
N LEU H 213 -18.70 40.57 20.35
CA LEU H 213 -19.60 40.64 21.50
C LEU H 213 -20.89 39.87 21.21
N HIS H 214 -21.27 39.80 19.95
CA HIS H 214 -22.44 39.04 19.51
C HIS H 214 -21.96 37.84 18.71
N GLU H 215 -22.51 36.67 19.00
CA GLU H 215 -22.15 35.48 18.26
C GLU H 215 -22.60 35.64 16.80
N PRO H 216 -21.70 35.40 15.81
CA PRO H 216 -22.10 35.47 14.41
C PRO H 216 -22.85 34.21 13.95
N SER H 217 -23.82 33.79 14.75
CA SER H 217 -24.52 32.53 14.50
C SER H 217 -25.44 32.63 13.30
N GLU H 218 -26.36 33.57 13.32
CA GLU H 218 -27.53 33.54 12.45
C GLU H 218 -27.24 34.21 11.10
N ARG H 219 -28.30 34.49 10.35
CA ARG H 219 -28.24 34.89 8.95
C ARG H 219 -27.91 36.35 8.71
N ARG H 220 -27.59 37.13 9.74
CA ARG H 220 -27.55 38.57 9.58
C ARG H 220 -26.24 39.16 10.07
N PHE H 221 -25.93 40.34 9.54
CA PHE H 221 -24.72 41.07 9.86
C PHE H 221 -24.68 41.35 11.35
N SER H 222 -23.73 40.73 12.06
CA SER H 222 -23.62 40.88 13.50
C SER H 222 -22.53 41.87 13.91
N LEU H 223 -21.74 42.36 12.96
CA LEU H 223 -20.72 43.36 13.29
C LEU H 223 -21.36 44.73 13.45
N ALA H 224 -22.36 45.04 12.62
CA ALA H 224 -23.18 46.22 12.85
C ALA H 224 -23.79 46.21 14.25
N LEU H 225 -24.22 45.03 14.71
CA LEU H 225 -24.69 44.89 16.08
C LEU H 225 -23.61 45.33 17.07
N ASP H 226 -22.39 44.83 16.88
CA ASP H 226 -21.30 45.14 17.80
C ASP H 226 -21.07 46.64 17.88
N LEU H 227 -20.94 47.30 16.71
CA LEU H 227 -20.67 48.73 16.71
C LEU H 227 -21.85 49.54 17.24
N SER H 228 -23.07 49.07 17.00
CA SER H 228 -24.24 49.83 17.46
C SER H 228 -24.20 50.05 18.96
N GLU H 229 -23.64 49.10 19.71
CA GLU H 229 -23.48 49.29 21.14
C GLU H 229 -22.74 50.59 21.45
N ILE H 230 -21.80 50.99 20.57
CA ILE H 230 -21.08 52.23 20.77
C ILE H 230 -21.89 53.42 20.27
N PHE H 231 -22.59 53.26 19.15
CA PHE H 231 -23.20 54.39 18.48
C PHE H 231 -24.67 54.60 18.82
N LYS H 232 -25.38 53.56 19.31
CA LYS H 232 -26.78 53.75 19.65
C LYS H 232 -26.97 54.84 20.70
N PRO H 233 -26.10 55.00 21.70
CA PRO H 233 -26.29 56.13 22.64
C PRO H 233 -25.96 57.47 22.04
N ILE H 234 -25.19 57.50 20.95
CA ILE H 234 -24.79 58.76 20.33
C ILE H 234 -25.80 59.21 19.28
N ILE H 235 -26.32 58.28 18.47
CA ILE H 235 -27.17 58.64 17.33
C ILE H 235 -28.62 58.37 17.65
N ALA H 236 -28.95 57.09 17.90
CA ALA H 236 -30.34 56.71 18.12
C ALA H 236 -30.91 57.39 19.35
N ASP H 237 -30.31 57.13 20.52
CA ASP H 237 -30.85 57.64 21.78
C ASP H 237 -30.96 59.16 21.77
N ARG H 238 -29.89 59.83 21.35
CA ARG H 238 -29.80 61.27 21.56
C ARG H 238 -30.94 62.01 20.86
N ILE H 239 -31.18 61.70 19.59
CA ILE H 239 -32.28 62.38 18.91
C ILE H 239 -33.61 61.96 19.53
N ALA H 240 -33.77 60.65 19.78
CA ALA H 240 -34.98 60.16 20.41
C ALA H 240 -35.17 60.80 21.78
N ASN H 241 -34.11 61.36 22.35
CA ASN H 241 -34.20 62.05 23.63
C ASN H 241 -34.64 63.48 23.45
N ARG H 242 -33.89 64.26 22.65
CA ARG H 242 -34.25 65.66 22.42
C ARG H 242 -35.56 65.80 21.67
N LEU H 243 -36.09 64.71 21.09
CA LEU H 243 -37.35 64.80 20.36
C LEU H 243 -38.54 64.73 21.29
N VAL H 244 -38.52 63.82 22.27
CA VAL H 244 -39.59 63.80 23.28
C VAL H 244 -39.61 65.11 24.05
N LYS H 245 -38.44 65.73 24.25
CA LYS H 245 -38.37 66.96 25.05
C LYS H 245 -38.79 68.17 24.23
N LYS H 246 -38.10 68.43 23.11
CA LYS H 246 -38.45 69.57 22.28
C LYS H 246 -39.89 69.50 21.79
N GLY H 247 -40.50 68.32 21.85
CA GLY H 247 -41.93 68.21 21.64
C GLY H 247 -42.38 68.03 20.21
N ILE H 248 -41.58 67.38 19.37
CA ILE H 248 -41.92 67.23 17.96
C ILE H 248 -42.79 66.01 17.68
N ILE H 249 -42.91 65.08 18.62
CA ILE H 249 -43.81 63.94 18.49
C ILE H 249 -44.75 63.90 19.68
N LYS H 250 -46.02 63.64 19.41
CA LYS H 250 -47.03 63.52 20.45
C LYS H 250 -47.86 62.26 20.19
N LYS H 251 -48.95 62.09 20.94
CA LYS H 251 -49.81 60.92 20.77
C LYS H 251 -50.47 60.89 19.40
N ASP H 252 -50.46 61.99 18.66
CA ASP H 252 -51.09 62.00 17.34
C ASP H 252 -50.29 61.22 16.32
N HIS H 253 -48.97 61.15 16.48
CA HIS H 253 -48.12 60.48 15.51
C HIS H 253 -48.10 58.97 15.65
N PHE H 254 -48.42 58.45 16.85
CA PHE H 254 -48.35 57.01 17.09
C PHE H 254 -49.72 56.37 16.89
N ARG H 255 -49.76 55.33 16.06
CA ARG H 255 -50.93 54.47 15.88
C ARG H 255 -50.60 53.08 16.43
N GLU H 256 -51.62 52.40 16.94
CA GLU H 256 -51.44 51.12 17.63
C GLU H 256 -51.92 49.96 16.77
N ASP H 257 -51.24 48.83 16.91
CA ASP H 257 -51.50 47.62 16.16
C ASP H 257 -52.10 46.56 17.09
N LEU H 258 -52.31 45.36 16.54
CA LEU H 258 -52.86 44.27 17.35
C LEU H 258 -51.81 43.76 18.34
N ASN H 259 -50.53 43.88 18.00
CA ASN H 259 -49.45 43.43 18.88
C ASN H 259 -48.94 44.57 19.76
N GLY H 260 -48.45 45.63 19.14
CA GLY H 260 -47.93 46.77 19.86
C GLY H 260 -48.07 48.04 19.04
N VAL H 261 -47.52 49.14 19.56
CA VAL H 261 -47.61 50.41 18.86
C VAL H 261 -46.53 50.47 17.77
N LEU H 262 -46.70 51.43 16.87
CA LEU H 262 -45.73 51.67 15.80
C LEU H 262 -45.96 53.09 15.29
N LEU H 263 -45.17 53.50 14.32
CA LEU H 263 -45.23 54.86 13.82
C LEU H 263 -46.09 54.95 12.56
N THR H 264 -46.74 56.09 12.41
CA THR H 264 -47.47 56.40 11.20
C THR H 264 -46.51 56.84 10.11
N ASP H 265 -46.95 56.69 8.85
CA ASP H 265 -46.16 57.22 7.75
C ASP H 265 -45.75 58.66 8.01
N GLU H 266 -46.63 59.42 8.68
CA GLU H 266 -46.30 60.78 9.09
C GLU H 266 -45.19 60.77 10.13
N GLY H 267 -45.23 59.84 11.08
CA GLY H 267 -44.19 59.78 12.10
C GLY H 267 -42.86 59.29 11.53
N MET H 268 -42.90 58.21 10.74
CA MET H 268 -41.68 57.72 10.12
C MET H 268 -41.02 58.79 9.27
N LYS H 269 -41.83 59.53 8.50
CA LYS H 269 -41.28 60.56 7.62
C LYS H 269 -40.58 61.66 8.41
N ILE H 270 -41.13 62.03 9.57
CA ILE H 270 -40.51 63.07 10.39
C ILE H 270 -39.26 62.53 11.06
N VAL H 271 -39.35 61.34 11.62
CA VAL H 271 -38.21 60.73 12.30
C VAL H 271 -37.04 60.57 11.35
N THR H 272 -37.30 60.09 10.14
CA THR H 272 -36.23 59.95 9.15
C THR H 272 -35.46 61.24 8.99
N LYS H 273 -36.17 62.38 8.97
CA LYS H 273 -35.51 63.67 8.84
C LYS H 273 -34.57 63.92 10.01
N ALA H 274 -35.10 63.95 11.24
CA ALA H 274 -34.27 64.18 12.41
C ALA H 274 -33.06 63.25 12.42
N TYR H 275 -33.25 62.00 12.02
CA TYR H 275 -32.13 61.07 11.89
C TYR H 275 -31.11 61.60 10.89
N ASN H 276 -31.56 61.94 9.68
CA ASN H 276 -30.65 62.48 8.68
C ASN H 276 -30.03 63.80 9.13
N GLN H 277 -30.74 64.57 9.96
CA GLN H 277 -30.20 65.83 10.45
C GLN H 277 -29.09 65.59 11.46
N GLU H 278 -29.34 64.69 12.43
CA GLU H 278 -28.30 64.35 13.39
C GLU H 278 -27.19 63.52 12.74
N LEU H 279 -27.46 62.92 11.58
CA LEU H 279 -26.44 62.15 10.87
C LEU H 279 -25.52 63.02 10.05
N GLU H 280 -25.90 64.27 9.79
CA GLU H 280 -25.09 65.21 9.02
C GLU H 280 -24.53 66.35 9.88
N LYS H 281 -24.69 66.28 11.19
CA LYS H 281 -24.23 67.35 12.08
C LYS H 281 -22.80 67.06 12.52
N THR H 282 -21.87 67.92 12.11
CA THR H 282 -20.47 67.72 12.41
C THR H 282 -20.13 68.25 13.81
N VAL H 283 -19.01 67.76 14.35
CA VAL H 283 -18.54 68.16 15.66
C VAL H 283 -18.49 69.68 15.77
N THR H 293 -17.99 64.92 9.87
CA THR H 293 -19.43 64.79 10.08
C THR H 293 -19.74 63.66 11.06
N ARG H 294 -20.94 63.67 11.62
CA ARG H 294 -21.34 62.63 12.57
C ARG H 294 -21.43 61.27 11.89
N ARG H 295 -21.79 61.24 10.60
CA ARG H 295 -21.75 60.01 9.84
C ARG H 295 -20.33 59.46 9.76
N ARG H 296 -19.36 60.35 9.55
CA ARG H 296 -17.97 59.94 9.38
C ARG H 296 -17.50 59.05 10.52
N LEU H 297 -17.94 59.34 11.75
CA LEU H 297 -17.50 58.58 12.90
C LEU H 297 -17.63 57.08 12.69
N ILE H 298 -18.69 56.66 11.98
CA ILE H 298 -18.94 55.23 11.79
C ILE H 298 -17.75 54.57 11.10
N ARG H 299 -17.42 55.04 9.89
CA ARG H 299 -16.32 54.45 9.15
C ARG H 299 -14.98 54.69 9.85
N LEU H 300 -14.88 55.74 10.67
CA LEU H 300 -13.66 55.97 11.44
C LEU H 300 -13.50 54.93 12.54
N GLU H 301 -14.58 54.67 13.29
CA GLU H 301 -14.53 53.58 14.26
C GLU H 301 -14.29 52.24 13.56
N ALA H 302 -14.85 52.09 12.36
CA ALA H 302 -14.56 50.90 11.56
C ALA H 302 -13.09 50.86 11.16
N TYR H 303 -12.48 52.02 10.93
CA TYR H 303 -11.04 52.06 10.70
C TYR H 303 -10.28 51.65 11.95
N LYS H 304 -10.64 52.25 13.10
CA LYS H 304 -9.97 51.92 14.36
C LYS H 304 -9.94 50.42 14.61
N ILE H 305 -10.96 49.68 14.16
CA ILE H 305 -10.97 48.24 14.34
C ILE H 305 -9.90 47.59 13.47
N ILE H 306 -9.90 47.91 12.17
CA ILE H 306 -8.97 47.23 11.27
C ILE H 306 -7.53 47.59 11.63
N LYS H 307 -7.28 48.83 12.03
CA LYS H 307 -5.94 49.18 12.50
C LYS H 307 -5.56 48.38 13.73
N HIS H 308 -6.53 47.85 14.46
CA HIS H 308 -6.27 46.92 15.54
C HIS H 308 -6.18 45.48 15.06
N LEU H 309 -6.95 45.13 14.02
CA LEU H 309 -6.96 43.75 13.54
C LEU H 309 -5.62 43.34 12.94
N VAL H 310 -4.90 44.29 12.33
CA VAL H 310 -3.61 43.98 11.73
C VAL H 310 -2.47 44.01 12.74
N GLY H 311 -2.71 44.50 13.95
CA GLY H 311 -1.66 44.60 14.93
C GLY H 311 -0.86 45.87 14.85
N VAL H 312 -1.45 46.96 14.36
CA VAL H 312 -0.75 48.23 14.28
C VAL H 312 -0.84 48.98 15.60
N GLU H 313 -2.07 49.29 16.03
CA GLU H 313 -2.30 49.98 17.29
C GLU H 313 -3.42 49.28 18.06
N GLU H 314 -3.28 49.30 19.39
CA GLU H 314 -4.29 48.70 20.25
C GLU H 314 -5.63 49.40 20.05
N TYR H 315 -6.71 48.69 20.35
CA TYR H 315 -8.05 49.20 20.11
C TYR H 315 -8.47 50.15 21.22
N SER H 316 -9.02 51.31 20.82
CA SER H 316 -9.60 52.27 21.74
C SER H 316 -11.07 52.45 21.41
N PRO H 317 -11.95 52.51 22.40
CA PRO H 317 -13.36 52.79 22.14
C PRO H 317 -13.58 54.27 21.86
N LEU H 318 -14.75 54.57 21.30
CA LEU H 318 -15.12 55.94 20.96
C LEU H 318 -15.95 56.54 22.09
N VAL H 319 -15.54 57.71 22.55
CA VAL H 319 -16.25 58.43 23.60
C VAL H 319 -16.89 59.67 22.97
N ALA H 320 -17.93 60.18 23.63
CA ALA H 320 -18.63 61.37 23.18
C ALA H 320 -18.17 62.54 24.05
N TRP H 321 -17.16 63.28 23.55
CA TRP H 321 -16.75 64.51 24.22
C TRP H 321 -17.77 65.63 24.05
N PHE H 322 -18.66 65.49 23.08
CA PHE H 322 -19.66 66.52 22.78
C PHE H 322 -21.02 66.15 23.37
N MET I 1 -37.70 -40.17 61.97
CA MET I 1 -38.04 -39.29 63.13
C MET I 1 -36.77 -38.81 63.81
N TYR I 2 -36.71 -37.50 64.07
CA TYR I 2 -35.56 -36.87 64.70
C TYR I 2 -35.98 -36.36 66.08
N ILE I 3 -35.27 -36.82 67.11
CA ILE I 3 -35.54 -36.41 68.48
C ILE I 3 -34.33 -35.65 69.01
N VAL I 4 -34.57 -34.79 69.99
CA VAL I 4 -33.52 -34.17 70.79
C VAL I 4 -33.81 -34.52 72.25
N VAL I 5 -32.90 -35.27 72.87
CA VAL I 5 -33.10 -35.80 74.21
C VAL I 5 -32.36 -34.89 75.19
N VAL I 6 -33.12 -34.26 76.09
CA VAL I 6 -32.58 -33.45 77.17
C VAL I 6 -32.99 -34.10 78.48
N TYR I 7 -32.12 -34.03 79.49
CA TYR I 7 -32.40 -34.68 80.76
C TYR I 7 -31.75 -33.92 81.90
N ASP I 8 -32.12 -34.32 83.13
CA ASP I 8 -31.68 -33.65 84.36
C ASP I 8 -31.08 -34.61 85.37
N VAL I 9 -30.86 -35.88 85.01
CA VAL I 9 -30.34 -36.86 85.96
C VAL I 9 -29.17 -36.28 86.73
N GLY I 10 -29.22 -36.37 88.05
CA GLY I 10 -28.33 -35.61 88.91
C GLY I 10 -26.88 -36.02 89.01
N VAL I 11 -26.59 -37.14 89.69
CA VAL I 11 -25.22 -37.45 90.09
C VAL I 11 -25.10 -38.95 90.33
N GLU I 12 -23.89 -39.47 90.09
CA GLU I 12 -23.50 -40.85 90.38
C GLU I 12 -24.41 -41.87 89.70
N ARG I 13 -25.26 -41.40 88.77
CA ARG I 13 -26.08 -42.27 87.93
C ARG I 13 -25.89 -41.92 86.45
N VAL I 14 -25.61 -40.64 86.16
CA VAL I 14 -25.70 -40.14 84.78
C VAL I 14 -24.70 -40.82 83.86
N ASN I 15 -23.55 -41.24 84.38
CA ASN I 15 -22.49 -41.70 83.50
C ASN I 15 -22.89 -42.94 82.72
N LYS I 16 -23.74 -43.79 83.29
CA LYS I 16 -24.18 -44.96 82.53
C LYS I 16 -25.23 -44.59 81.48
N VAL I 17 -26.04 -43.57 81.75
CA VAL I 17 -27.00 -43.12 80.74
C VAL I 17 -26.30 -42.26 79.69
N LYS I 18 -25.28 -41.49 80.09
CA LYS I 18 -24.53 -40.71 79.13
C LYS I 18 -23.75 -41.60 78.17
N LYS I 19 -23.15 -42.67 78.69
CA LYS I 19 -22.52 -43.66 77.82
C LYS I 19 -23.55 -44.42 77.01
N PHE I 20 -24.80 -44.47 77.48
CA PHE I 20 -25.86 -45.14 76.73
C PHE I 20 -26.27 -44.32 75.51
N LEU I 21 -26.55 -43.03 75.72
CA LEU I 21 -27.03 -42.19 74.62
C LEU I 21 -25.95 -41.93 73.58
N ARG I 22 -24.67 -42.15 73.92
CA ARG I 22 -23.60 -41.95 72.96
C ARG I 22 -23.54 -43.07 71.91
N MET I 23 -24.09 -44.24 72.23
CA MET I 23 -24.11 -45.37 71.31
C MET I 23 -25.24 -45.29 70.30
N HIS I 24 -26.23 -44.42 70.51
CA HIS I 24 -27.38 -44.30 69.62
C HIS I 24 -27.48 -42.92 68.98
N LEU I 25 -27.44 -41.86 69.77
CA LEU I 25 -27.63 -40.50 69.29
C LEU I 25 -26.31 -39.73 69.35
N ASN I 26 -26.34 -38.52 68.80
CA ASN I 26 -25.18 -37.65 68.80
C ASN I 26 -25.12 -36.82 70.08
N TRP I 27 -24.01 -36.11 70.25
CA TRP I 27 -23.78 -35.26 71.40
C TRP I 27 -23.50 -33.84 70.91
N VAL I 28 -24.23 -32.88 71.45
CA VAL I 28 -24.10 -31.47 71.07
C VAL I 28 -23.42 -30.66 72.17
N GLN I 29 -24.01 -30.61 73.35
CA GLN I 29 -23.44 -29.93 74.50
C GLN I 29 -23.64 -30.80 75.73
N ASN I 30 -23.24 -30.29 76.89
CA ASN I 30 -23.43 -31.02 78.13
C ASN I 30 -24.91 -31.31 78.35
N SER I 31 -25.25 -32.60 78.44
CA SER I 31 -26.59 -33.05 78.77
C SER I 31 -27.60 -32.77 77.67
N VAL I 32 -27.18 -32.86 76.40
CA VAL I 32 -28.06 -32.71 75.26
C VAL I 32 -27.66 -33.72 74.20
N PHE I 33 -28.62 -34.52 73.76
CA PHE I 33 -28.40 -35.56 72.77
C PHE I 33 -29.48 -35.47 71.69
N GLU I 34 -29.07 -35.64 70.44
CA GLU I 34 -30.02 -35.72 69.33
C GLU I 34 -29.48 -36.68 68.29
N GLY I 35 -30.39 -37.18 67.46
CA GLY I 35 -30.03 -38.17 66.46
C GLY I 35 -31.26 -38.73 65.80
N GLU I 36 -31.02 -39.50 64.74
CA GLU I 36 -32.09 -40.06 63.92
C GLU I 36 -32.41 -41.47 64.40
N VAL I 37 -33.67 -41.70 64.75
CA VAL I 37 -34.11 -42.99 65.27
C VAL I 37 -35.27 -43.50 64.42
N THR I 38 -35.44 -44.82 64.43
CA THR I 38 -36.59 -45.47 63.83
C THR I 38 -37.65 -45.75 64.89
N LEU I 39 -38.83 -46.16 64.45
CA LEU I 39 -39.93 -46.42 65.37
C LEU I 39 -39.60 -47.54 66.34
N ALA I 40 -38.59 -48.36 66.04
CA ALA I 40 -38.13 -49.40 66.95
C ALA I 40 -37.10 -48.88 67.95
N GLU I 41 -36.19 -48.03 67.48
CA GLU I 41 -35.07 -47.58 68.32
C GLU I 41 -35.49 -46.54 69.33
N PHE I 42 -36.49 -45.71 69.00
CA PHE I 42 -37.06 -44.79 69.99
C PHE I 42 -37.53 -45.58 71.21
N GLU I 43 -38.25 -46.68 70.98
CA GLU I 43 -38.67 -47.54 72.08
C GLU I 43 -37.47 -48.05 72.86
N ARG I 44 -36.43 -48.51 72.15
CA ARG I 44 -35.24 -49.02 72.83
C ARG I 44 -34.64 -47.96 73.75
N ILE I 45 -34.57 -46.71 73.29
CA ILE I 45 -34.00 -45.65 74.11
C ILE I 45 -34.84 -45.45 75.36
N LYS I 46 -36.13 -45.16 75.19
CA LYS I 46 -36.99 -44.90 76.34
C LYS I 46 -37.06 -46.11 77.27
N GLU I 47 -36.98 -47.33 76.72
CA GLU I 47 -36.95 -48.52 77.56
C GLU I 47 -35.65 -48.57 78.37
N GLY I 48 -34.51 -48.56 77.68
CA GLY I 48 -33.24 -48.52 78.38
C GLY I 48 -33.19 -47.40 79.41
N LEU I 49 -33.58 -46.20 78.99
CA LEU I 49 -33.60 -45.07 79.92
C LEU I 49 -34.52 -45.37 81.11
N LYS I 50 -35.67 -45.97 80.86
CA LYS I 50 -36.60 -46.28 81.95
C LYS I 50 -35.96 -47.18 82.99
N LYS I 51 -35.19 -48.18 82.54
CA LYS I 51 -34.60 -49.15 83.45
C LYS I 51 -33.23 -48.73 83.99
N ILE I 52 -32.52 -47.84 83.30
CA ILE I 52 -31.26 -47.34 83.84
C ILE I 52 -31.52 -46.19 84.83
N ILE I 53 -32.53 -45.37 84.56
CA ILE I 53 -32.79 -44.18 85.36
C ILE I 53 -33.86 -44.48 86.40
N ASP I 54 -33.77 -43.81 87.54
CA ASP I 54 -34.73 -43.94 88.62
C ASP I 54 -35.67 -42.74 88.62
N GLU I 55 -36.97 -43.02 88.58
CA GLU I 55 -37.97 -41.96 88.54
C GLU I 55 -38.11 -41.34 89.92
N ASN I 56 -39.08 -40.44 90.07
CA ASN I 56 -39.40 -39.68 91.27
C ASN I 56 -38.17 -38.97 91.86
N SER I 57 -37.06 -38.95 91.12
CA SER I 57 -35.94 -38.08 91.45
C SER I 57 -35.55 -37.22 90.25
N ASP I 58 -35.40 -37.87 89.10
CA ASP I 58 -34.77 -37.28 87.93
C ASP I 58 -35.82 -36.86 86.91
N SER I 59 -35.36 -36.34 85.78
CA SER I 59 -36.24 -35.90 84.70
C SER I 59 -35.54 -36.08 83.37
N VAL I 60 -36.28 -36.59 82.39
CA VAL I 60 -35.79 -36.74 81.02
C VAL I 60 -36.88 -36.28 80.07
N ILE I 61 -36.52 -35.41 79.13
CA ILE I 61 -37.44 -34.91 78.12
C ILE I 61 -36.96 -35.37 76.76
N ILE I 62 -37.90 -35.78 75.91
CA ILE I 62 -37.61 -36.22 74.55
C ILE I 62 -38.58 -35.51 73.62
N TYR I 63 -38.08 -34.56 72.84
CA TYR I 63 -38.90 -33.87 71.86
C TYR I 63 -38.97 -34.71 70.58
N LYS I 64 -40.17 -34.82 70.03
CA LYS I 64 -40.41 -35.62 68.82
C LYS I 64 -40.55 -34.65 67.64
N LEU I 65 -39.50 -34.55 66.84
CA LEU I 65 -39.45 -33.64 65.71
C LEU I 65 -39.45 -34.42 64.40
N ARG I 66 -40.01 -33.79 63.36
CA ARG I 66 -40.13 -34.46 62.07
C ARG I 66 -38.83 -34.45 61.27
N SER I 67 -38.01 -33.43 61.42
CA SER I 67 -36.78 -33.31 60.65
C SER I 67 -35.80 -32.41 61.41
N MET I 68 -34.57 -32.36 60.92
CA MET I 68 -33.52 -31.63 61.61
C MET I 68 -33.90 -30.17 61.79
N PRO I 69 -33.99 -29.67 63.02
CA PRO I 69 -34.39 -28.27 63.22
C PRO I 69 -33.19 -27.35 63.08
N PRO I 70 -33.38 -26.17 62.49
CA PRO I 70 -32.31 -25.16 62.51
C PRO I 70 -32.10 -24.63 63.92
N ARG I 71 -30.87 -24.22 64.20
CA ARG I 71 -30.50 -23.79 65.55
C ARG I 71 -29.46 -22.69 65.48
N GLU I 72 -29.43 -21.88 66.54
CA GLU I 72 -28.44 -20.83 66.72
C GLU I 72 -27.79 -21.02 68.08
N THR I 73 -26.50 -21.36 68.09
CA THR I 73 -25.79 -21.66 69.31
C THR I 73 -24.86 -20.51 69.68
N LEU I 74 -24.65 -20.35 70.98
CA LEU I 74 -23.76 -19.34 71.54
C LEU I 74 -22.65 -20.04 72.34
N GLY I 75 -21.79 -19.24 72.95
CA GLY I 75 -20.65 -19.79 73.69
C GLY I 75 -19.85 -20.71 72.81
N ILE I 76 -19.12 -21.64 73.45
CA ILE I 76 -18.32 -22.61 72.70
C ILE I 76 -19.22 -23.73 72.20
N GLU I 77 -18.98 -24.13 70.96
CA GLU I 77 -19.71 -25.24 70.34
C GLU I 77 -18.83 -26.47 70.47
N LYS I 78 -19.10 -27.28 71.49
CA LYS I 78 -18.24 -28.41 71.81
C LYS I 78 -18.35 -29.51 70.76
N ASN I 79 -19.51 -29.61 70.10
CA ASN I 79 -19.65 -30.41 68.89
C ASN I 79 -20.67 -29.74 67.98
N PRO I 80 -20.32 -29.42 66.73
CA PRO I 80 -21.34 -28.93 65.79
C PRO I 80 -21.94 -30.07 64.98
N ILE I 81 -23.27 -30.19 64.99
CA ILE I 81 -23.95 -31.15 64.12
C ILE I 81 -24.50 -30.48 62.86
N GLU I 82 -24.39 -29.16 62.76
CA GLU I 82 -24.94 -28.43 61.62
C GLU I 82 -24.28 -28.82 60.31
N GLU I 83 -23.15 -29.52 60.35
CA GLU I 83 -22.31 -29.75 59.18
C GLU I 83 -22.59 -31.16 58.63
N ILE I 84 -23.72 -31.29 57.95
CA ILE I 84 -24.05 -32.55 57.29
C ILE I 84 -24.64 -32.24 55.91
N MET J 1 -43.24 -17.83 66.46
CA MET J 1 -41.97 -18.62 66.49
C MET J 1 -41.81 -19.31 67.85
N TYR J 2 -41.60 -20.62 67.82
CA TYR J 2 -41.45 -21.42 69.03
C TYR J 2 -40.02 -21.95 69.09
N ILE J 3 -39.31 -21.59 70.15
CA ILE J 3 -37.93 -22.03 70.36
C ILE J 3 -37.86 -22.78 71.68
N VAL J 4 -36.92 -23.71 71.78
CA VAL J 4 -36.55 -24.36 73.03
C VAL J 4 -35.08 -24.03 73.28
N VAL J 5 -34.80 -23.35 74.38
CA VAL J 5 -33.45 -22.91 74.71
C VAL J 5 -32.89 -23.87 75.75
N VAL J 6 -31.91 -24.67 75.36
CA VAL J 6 -31.17 -25.55 76.26
C VAL J 6 -29.75 -25.02 76.36
N TYR J 7 -29.16 -25.12 77.54
CA TYR J 7 -27.87 -24.49 77.75
C TYR J 7 -27.10 -25.20 78.88
N ASP J 8 -25.80 -24.96 78.89
CA ASP J 8 -24.91 -25.38 79.97
C ASP J 8 -24.06 -24.17 80.37
N VAL J 9 -24.44 -23.51 81.46
CA VAL J 9 -23.65 -22.42 82.03
C VAL J 9 -23.12 -22.88 83.38
N GLY J 10 -21.93 -22.40 83.72
CA GLY J 10 -21.31 -22.78 84.97
C GLY J 10 -22.08 -22.26 86.16
N VAL J 11 -21.48 -22.44 87.34
CA VAL J 11 -22.09 -22.08 88.61
C VAL J 11 -21.77 -20.62 88.91
N GLU J 12 -22.65 -19.98 89.69
CA GLU J 12 -22.56 -18.58 90.08
C GLU J 12 -22.89 -17.65 88.90
N ARG J 13 -23.06 -18.24 87.72
CA ARG J 13 -23.54 -17.53 86.54
C ARG J 13 -24.87 -18.08 86.05
N VAL J 14 -25.29 -19.23 86.58
CA VAL J 14 -26.52 -19.89 86.10
C VAL J 14 -27.76 -19.13 86.57
N ASN J 15 -27.74 -18.64 87.81
CA ASN J 15 -28.94 -18.04 88.38
C ASN J 15 -29.35 -16.78 87.63
N LYS J 16 -28.42 -16.13 86.93
CA LYS J 16 -28.75 -14.91 86.21
C LYS J 16 -29.44 -15.21 84.87
N VAL J 17 -29.01 -16.27 84.19
CA VAL J 17 -29.71 -16.67 82.97
C VAL J 17 -31.03 -17.35 83.31
N LYS J 18 -31.07 -18.11 84.41
CA LYS J 18 -32.33 -18.68 84.86
C LYS J 18 -33.35 -17.59 85.15
N LYS J 19 -32.91 -16.50 85.79
CA LYS J 19 -33.80 -15.39 86.07
C LYS J 19 -34.10 -14.55 84.83
N PHE J 20 -33.16 -14.50 83.88
CA PHE J 20 -33.37 -13.73 82.67
C PHE J 20 -34.39 -14.42 81.76
N LEU J 21 -34.13 -15.68 81.41
CA LEU J 21 -34.99 -16.41 80.47
C LEU J 21 -36.33 -16.79 81.09
N ARG J 22 -36.55 -16.51 82.37
CA ARG J 22 -37.81 -16.86 83.01
C ARG J 22 -38.90 -15.83 82.72
N MET J 23 -38.54 -14.57 82.56
CA MET J 23 -39.51 -13.53 82.26
C MET J 23 -39.83 -13.42 80.77
N HIS J 24 -39.25 -14.30 79.95
CA HIS J 24 -39.54 -14.33 78.52
C HIS J 24 -40.13 -15.66 78.07
N LEU J 25 -39.50 -16.77 78.41
CA LEU J 25 -39.93 -18.10 78.00
C LEU J 25 -40.40 -18.90 79.21
N ASN J 26 -41.07 -20.01 78.93
CA ASN J 26 -41.51 -20.90 80.00
C ASN J 26 -40.38 -21.86 80.38
N TRP J 27 -40.57 -22.55 81.50
CA TRP J 27 -39.57 -23.45 82.08
C TRP J 27 -40.13 -24.85 82.09
N VAL J 28 -39.35 -25.81 81.57
CA VAL J 28 -39.75 -27.21 81.47
C VAL J 28 -39.00 -28.06 82.48
N GLN J 29 -37.67 -28.05 82.42
CA GLN J 29 -36.83 -28.75 83.38
C GLN J 29 -35.60 -27.90 83.66
N ASN J 30 -34.69 -28.43 84.46
CA ASN J 30 -33.48 -27.71 84.81
C ASN J 30 -32.70 -27.34 83.56
N SER J 31 -32.47 -26.04 83.38
CA SER J 31 -31.70 -25.53 82.24
C SER J 31 -32.38 -25.79 80.91
N VAL J 32 -33.72 -25.73 80.90
CA VAL J 32 -34.49 -25.88 79.67
C VAL J 32 -35.63 -24.86 79.70
N PHE J 33 -35.66 -23.99 78.70
CA PHE J 33 -36.71 -22.99 78.54
C PHE J 33 -37.28 -23.08 77.13
N GLU J 34 -38.61 -22.99 77.01
CA GLU J 34 -39.25 -22.92 75.71
C GLU J 34 -40.45 -21.99 75.80
N GLY J 35 -40.93 -21.58 74.64
CA GLY J 35 -42.06 -20.67 74.58
C GLY J 35 -42.22 -20.09 73.19
N GLU J 36 -43.28 -19.30 73.05
CA GLU J 36 -43.62 -18.67 71.78
C GLU J 36 -43.08 -17.25 71.77
N VAL J 37 -42.19 -16.96 70.82
CA VAL J 37 -41.61 -15.64 70.67
C VAL J 37 -41.94 -15.12 69.28
N THR J 38 -42.01 -13.81 69.15
CA THR J 38 -42.00 -13.15 67.85
C THR J 38 -40.55 -12.90 67.45
N LEU J 39 -40.32 -12.71 66.15
CA LEU J 39 -38.96 -12.48 65.68
C LEU J 39 -38.56 -11.03 65.93
N ALA J 40 -38.81 -10.56 67.15
CA ALA J 40 -38.22 -9.37 67.74
C ALA J 40 -37.71 -9.61 69.15
N GLU J 41 -38.44 -10.40 69.94
CA GLU J 41 -38.02 -10.75 71.29
C GLU J 41 -36.99 -11.87 71.27
N PHE J 42 -37.02 -12.70 70.22
CA PHE J 42 -35.93 -13.64 70.00
C PHE J 42 -34.60 -12.90 69.93
N GLU J 43 -34.54 -11.85 69.10
CA GLU J 43 -33.33 -11.03 69.04
C GLU J 43 -32.98 -10.50 70.43
N ARG J 44 -33.98 -10.04 71.19
CA ARG J 44 -33.72 -9.56 72.54
C ARG J 44 -33.16 -10.69 73.41
N ILE J 45 -33.68 -11.90 73.27
CA ILE J 45 -33.20 -13.02 74.06
C ILE J 45 -31.74 -13.31 73.72
N LYS J 46 -31.48 -13.65 72.44
CA LYS J 46 -30.12 -13.96 72.03
C LYS J 46 -29.17 -12.80 72.30
N GLU J 47 -29.68 -11.57 72.25
CA GLU J 47 -28.85 -10.40 72.51
C GLU J 47 -28.57 -10.23 74.00
N GLY J 48 -29.63 -10.03 74.79
CA GLY J 48 -29.45 -9.89 76.22
C GLY J 48 -28.73 -11.08 76.82
N LEU J 49 -29.04 -12.28 76.33
CA LEU J 49 -28.39 -13.48 76.84
C LEU J 49 -26.89 -13.44 76.58
N LYS J 50 -26.47 -12.89 75.44
CA LYS J 50 -25.05 -12.86 75.10
C LYS J 50 -24.25 -12.09 76.15
N LYS J 51 -24.81 -10.99 76.66
CA LYS J 51 -24.09 -10.16 77.62
C LYS J 51 -24.15 -10.70 79.05
N ILE J 52 -25.08 -11.62 79.34
CA ILE J 52 -25.15 -12.19 80.67
C ILE J 52 -24.18 -13.36 80.82
N ILE J 53 -23.91 -14.10 79.74
CA ILE J 53 -23.08 -15.29 79.80
C ILE J 53 -21.67 -14.95 79.34
N ASP J 54 -20.73 -15.82 79.69
CA ASP J 54 -19.33 -15.69 79.31
C ASP J 54 -19.00 -16.76 78.29
N GLU J 55 -18.60 -16.33 77.08
CA GLU J 55 -18.19 -17.28 76.07
C GLU J 55 -16.82 -17.87 76.43
N ASN J 56 -16.33 -18.74 75.52
CA ASN J 56 -15.09 -19.50 75.67
C ASN J 56 -15.06 -20.33 76.95
N SER J 57 -16.16 -20.36 77.69
CA SER J 57 -16.32 -21.29 78.82
C SER J 57 -17.61 -22.10 78.68
N ASP J 58 -18.71 -21.42 78.38
CA ASP J 58 -20.05 -21.98 78.48
C ASP J 58 -20.62 -22.26 77.10
N SER J 59 -21.84 -22.80 77.07
CA SER J 59 -22.50 -23.16 75.83
C SER J 59 -24.00 -22.96 75.96
N VAL J 60 -24.61 -22.45 74.89
CA VAL J 60 -26.06 -22.27 74.82
C VAL J 60 -26.53 -22.73 73.45
N ILE J 61 -27.55 -23.59 73.42
CA ILE J 61 -28.16 -24.07 72.19
C ILE J 61 -29.57 -23.51 72.12
N ILE J 62 -29.95 -22.98 70.97
CA ILE J 62 -31.30 -22.51 70.71
C ILE J 62 -31.81 -23.23 69.47
N TYR J 63 -32.75 -24.15 69.67
CA TYR J 63 -33.44 -24.77 68.55
C TYR J 63 -34.59 -23.88 68.11
N LYS J 64 -34.68 -23.63 66.80
CA LYS J 64 -35.76 -22.81 66.24
C LYS J 64 -36.77 -23.74 65.59
N LEU J 65 -37.87 -23.97 66.29
CA LEU J 65 -38.94 -24.84 65.83
C LEU J 65 -40.10 -24.01 65.31
N ARG J 66 -40.84 -24.58 64.36
CA ARG J 66 -41.95 -23.86 63.75
C ARG J 66 -43.14 -23.77 64.70
N SER J 67 -43.39 -24.81 65.48
CA SER J 67 -44.54 -24.84 66.39
C SER J 67 -44.22 -25.75 67.57
N MET J 68 -45.09 -25.71 68.57
CA MET J 68 -44.88 -26.49 69.78
C MET J 68 -44.69 -27.96 69.42
N PRO J 69 -43.55 -28.57 69.77
CA PRO J 69 -43.29 -29.94 69.34
C PRO J 69 -43.95 -30.96 70.26
N PRO J 70 -44.39 -32.10 69.73
CA PRO J 70 -44.84 -33.18 70.61
C PRO J 70 -43.67 -33.75 71.40
N ARG J 71 -43.99 -34.26 72.59
CA ARG J 71 -42.94 -34.72 73.49
C ARG J 71 -43.46 -35.86 74.35
N GLU J 72 -42.52 -36.68 74.82
CA GLU J 72 -42.78 -37.73 75.80
C GLU J 72 -41.84 -37.53 76.98
N THR J 73 -42.42 -37.27 78.15
CA THR J 73 -41.64 -36.99 79.34
C THR J 73 -41.45 -38.25 80.16
N LEU J 74 -40.32 -38.30 80.86
CA LEU J 74 -40.02 -39.36 81.82
C LEU J 74 -39.76 -38.73 83.19
N GLY J 75 -39.47 -39.58 84.17
CA GLY J 75 -39.27 -39.11 85.52
C GLY J 75 -40.40 -38.20 85.97
N ILE J 76 -40.08 -37.26 86.84
CA ILE J 76 -41.06 -36.30 87.31
C ILE J 76 -41.17 -35.17 86.29
N GLU J 77 -42.41 -34.81 85.94
CA GLU J 77 -42.66 -33.66 85.09
C GLU J 77 -42.52 -32.40 85.93
N LYS J 78 -41.41 -31.66 85.75
CA LYS J 78 -41.22 -30.44 86.51
C LYS J 78 -42.28 -29.40 86.17
N ASN J 79 -42.82 -29.44 84.95
CA ASN J 79 -43.89 -28.55 84.52
C ASN J 79 -44.57 -29.13 83.28
N PRO J 80 -45.90 -29.30 83.30
CA PRO J 80 -46.60 -29.85 82.11
C PRO J 80 -47.03 -28.83 81.05
N ILE J 81 -46.10 -28.46 80.18
CA ILE J 81 -46.42 -27.57 79.07
C ILE J 81 -47.25 -28.27 78.00
N GLU J 82 -47.41 -29.59 78.09
CA GLU J 82 -48.12 -30.34 77.05
C GLU J 82 -49.62 -30.08 77.06
N GLU J 83 -50.12 -29.22 77.94
CA GLU J 83 -51.55 -28.90 78.03
C GLU J 83 -51.73 -27.41 77.79
N ILE J 84 -52.55 -27.07 76.81
CA ILE J 84 -52.80 -25.67 76.45
C ILE J 84 -53.49 -24.96 77.59
N MET K 1 38.50 41.92 -59.69
CA MET K 1 39.68 42.75 -59.28
C MET K 1 39.25 43.86 -58.34
N TYR K 2 39.92 43.93 -57.19
CA TYR K 2 39.65 44.91 -56.14
C TYR K 2 40.88 45.78 -55.97
N ILE K 3 40.73 47.09 -56.19
CA ILE K 3 41.84 48.02 -56.10
C ILE K 3 41.51 49.07 -55.03
N VAL K 4 42.55 49.65 -54.45
CA VAL K 4 42.43 50.78 -53.54
C VAL K 4 43.22 51.93 -54.14
N VAL K 5 42.55 53.05 -54.39
CA VAL K 5 43.15 54.22 -55.02
C VAL K 5 43.46 55.24 -53.93
N VAL K 6 44.74 55.49 -53.70
CA VAL K 6 45.20 56.53 -52.80
C VAL K 6 45.90 57.60 -53.65
N TYR K 7 45.75 58.86 -53.26
CA TYR K 7 46.31 59.93 -54.07
C TYR K 7 46.56 61.15 -53.21
N ASP K 8 47.35 62.08 -53.77
CA ASP K 8 47.55 63.42 -53.20
C ASP K 8 47.45 64.40 -54.36
N VAL K 9 46.26 64.97 -54.56
CA VAL K 9 46.04 66.00 -55.57
C VAL K 9 45.99 67.35 -54.88
N GLY K 10 46.48 68.37 -55.57
CA GLY K 10 46.50 69.72 -55.02
C GLY K 10 45.12 70.27 -54.76
N VAL K 11 45.05 71.47 -54.17
CA VAL K 11 43.79 72.08 -53.77
C VAL K 11 43.23 72.91 -54.92
N GLU K 12 41.92 73.14 -54.88
CA GLU K 12 41.13 73.98 -55.77
C GLU K 12 40.85 73.30 -57.11
N ARG K 13 41.45 72.15 -57.41
CA ARG K 13 41.05 71.35 -58.56
C ARG K 13 40.76 69.90 -58.16
N VAL K 14 40.89 69.57 -56.88
CA VAL K 14 40.66 68.21 -56.40
C VAL K 14 39.20 67.81 -56.53
N ASN K 15 38.29 68.78 -56.56
CA ASN K 15 36.87 68.47 -56.43
C ASN K 15 36.38 67.45 -57.47
N LYS K 16 37.08 67.30 -58.59
CA LYS K 16 36.57 66.48 -59.68
C LYS K 16 36.95 65.00 -59.53
N VAL K 17 38.11 64.69 -58.95
CA VAL K 17 38.44 63.28 -58.74
C VAL K 17 37.55 62.69 -57.66
N LYS K 18 37.16 63.49 -56.66
CA LYS K 18 36.27 62.99 -55.62
C LYS K 18 34.95 62.50 -56.20
N LYS K 19 34.35 63.30 -57.09
CA LYS K 19 33.10 62.89 -57.72
C LYS K 19 33.31 61.74 -58.69
N PHE K 20 34.46 61.69 -59.37
CA PHE K 20 34.69 60.66 -60.37
C PHE K 20 34.89 59.30 -59.71
N LEU K 21 35.80 59.22 -58.74
CA LEU K 21 36.06 57.95 -58.07
C LEU K 21 34.90 57.53 -57.17
N ARG K 22 33.95 58.42 -56.87
CA ARG K 22 32.80 58.06 -56.06
C ARG K 22 31.72 57.37 -56.89
N MET K 23 31.64 57.69 -58.18
CA MET K 23 30.67 57.08 -59.07
C MET K 23 31.10 55.70 -59.56
N HIS K 24 32.35 55.30 -59.28
CA HIS K 24 32.86 54.00 -59.66
C HIS K 24 33.24 53.15 -58.46
N LEU K 25 34.00 53.69 -57.53
CA LEU K 25 34.50 52.97 -56.37
C LEU K 25 33.85 53.50 -55.09
N ASN K 26 34.17 52.85 -53.98
CA ASN K 26 33.68 53.26 -52.68
C ASN K 26 34.61 54.33 -52.09
N TRP K 27 34.22 54.85 -50.93
CA TRP K 27 34.96 55.89 -50.22
C TRP K 27 35.29 55.39 -48.83
N VAL K 28 36.57 55.47 -48.45
CA VAL K 28 37.04 55.00 -47.15
C VAL K 28 37.45 56.17 -46.26
N GLN K 29 38.45 56.94 -46.68
CA GLN K 29 38.90 58.11 -45.96
C GLN K 29 39.20 59.21 -46.98
N ASN K 30 39.72 60.33 -46.49
CA ASN K 30 40.11 61.41 -47.38
C ASN K 30 41.17 60.93 -48.36
N SER K 31 40.85 61.02 -49.65
CA SER K 31 41.79 60.65 -50.72
C SER K 31 42.09 59.15 -50.72
N VAL K 32 41.07 58.33 -50.48
CA VAL K 32 41.20 56.87 -50.54
C VAL K 32 39.89 56.31 -51.09
N PHE K 33 39.99 55.56 -52.19
CA PHE K 33 38.84 54.96 -52.83
C PHE K 33 39.17 53.50 -53.16
N GLU K 34 38.23 52.60 -52.89
CA GLU K 34 38.39 51.21 -53.28
C GLU K 34 37.05 50.65 -53.72
N GLY K 35 37.11 49.54 -54.44
CA GLY K 35 35.91 48.94 -55.00
C GLY K 35 36.28 47.86 -55.99
N GLU K 36 35.24 47.15 -56.44
CA GLU K 36 35.40 46.02 -57.34
C GLU K 36 35.17 46.49 -58.77
N VAL K 37 36.20 46.35 -59.61
CA VAL K 37 36.14 46.76 -61.01
C VAL K 37 36.51 45.57 -61.89
N THR K 38 36.00 45.60 -63.12
CA THR K 38 36.38 44.63 -64.14
C THR K 38 37.49 45.21 -65.02
N LEU K 39 38.07 44.35 -65.86
CA LEU K 39 39.16 44.79 -66.72
C LEU K 39 38.73 45.88 -67.68
N ALA K 40 37.41 46.08 -67.86
CA ALA K 40 36.91 47.20 -68.65
C ALA K 40 36.75 48.46 -67.82
N GLU K 41 36.32 48.32 -66.56
CA GLU K 41 36.06 49.49 -65.72
C GLU K 41 37.35 50.14 -65.23
N PHE K 42 38.40 49.35 -65.02
CA PHE K 42 39.69 49.92 -64.68
C PHE K 42 40.11 50.97 -65.70
N GLU K 43 39.96 50.65 -66.99
CA GLU K 43 40.29 51.62 -68.03
C GLU K 43 39.40 52.85 -67.94
N ARG K 44 38.12 52.66 -67.62
CA ARG K 44 37.19 53.79 -67.54
C ARG K 44 37.61 54.74 -66.43
N ILE K 45 38.04 54.21 -65.28
CA ILE K 45 38.58 55.07 -64.22
C ILE K 45 39.86 55.74 -64.71
N LYS K 46 40.82 54.93 -65.14
CA LYS K 46 42.14 55.44 -65.49
C LYS K 46 42.07 56.47 -66.61
N GLU K 47 41.30 56.19 -67.65
CA GLU K 47 41.26 57.08 -68.80
C GLU K 47 40.74 58.46 -68.42
N GLY K 48 39.48 58.54 -67.99
CA GLY K 48 38.94 59.81 -67.56
C GLY K 48 39.77 60.47 -66.49
N LEU K 49 40.29 59.67 -65.55
CA LEU K 49 41.11 60.23 -64.47
C LEU K 49 42.40 60.81 -65.02
N LYS K 50 42.95 60.21 -66.08
CA LYS K 50 44.19 60.70 -66.65
C LYS K 50 44.06 62.14 -67.12
N LYS K 51 42.90 62.51 -67.66
CA LYS K 51 42.70 63.85 -68.19
C LYS K 51 42.27 64.86 -67.13
N ILE K 52 41.80 64.40 -65.98
CA ILE K 52 41.43 65.34 -64.91
C ILE K 52 42.67 65.81 -64.16
N ILE K 53 43.70 64.98 -64.07
CA ILE K 53 44.88 65.29 -63.28
C ILE K 53 45.89 66.03 -64.13
N ASP K 54 46.60 66.96 -63.50
CA ASP K 54 47.73 67.66 -64.12
C ASP K 54 49.01 66.99 -63.63
N GLU K 55 49.69 66.28 -64.53
CA GLU K 55 50.95 65.66 -64.17
C GLU K 55 52.01 66.74 -63.98
N ASN K 56 53.24 66.31 -63.71
CA ASN K 56 54.38 67.19 -63.40
C ASN K 56 54.21 67.84 -62.03
N SER K 57 53.08 67.64 -61.36
CA SER K 57 52.84 68.15 -60.02
C SER K 57 52.47 67.07 -59.01
N ASP K 58 51.52 66.20 -59.35
CA ASP K 58 50.81 65.39 -58.37
C ASP K 58 51.14 63.91 -58.51
N SER K 59 50.56 63.11 -57.62
CA SER K 59 50.80 61.67 -57.57
C SER K 59 49.50 60.96 -57.24
N VAL K 60 49.20 59.90 -57.99
CA VAL K 60 48.07 59.03 -57.72
C VAL K 60 48.57 57.59 -57.72
N ILE K 61 48.29 56.86 -56.65
CA ILE K 61 48.70 55.46 -56.50
C ILE K 61 47.46 54.59 -56.57
N ILE K 62 47.53 53.52 -57.35
CA ILE K 62 46.49 52.52 -57.43
C ILE K 62 47.13 51.17 -57.13
N TYR K 63 46.87 50.64 -55.93
CA TYR K 63 47.33 49.30 -55.59
C TYR K 63 46.40 48.27 -56.22
N LYS K 64 46.98 47.32 -56.95
CA LYS K 64 46.21 46.32 -57.68
C LYS K 64 46.15 45.06 -56.83
N LEU K 65 45.04 44.88 -56.12
CA LEU K 65 44.84 43.76 -55.22
C LEU K 65 43.86 42.77 -55.85
N ARG K 66 44.05 41.49 -55.53
CA ARG K 66 43.21 40.45 -56.12
C ARG K 66 41.87 40.32 -55.41
N SER K 67 41.80 40.69 -54.13
CA SER K 67 40.55 40.62 -53.38
C SER K 67 40.66 41.55 -52.18
N MET K 68 39.52 41.76 -51.53
CA MET K 68 39.45 42.70 -50.42
C MET K 68 40.41 42.28 -49.32
N PRO K 69 41.39 43.10 -48.94
CA PRO K 69 42.33 42.73 -47.89
C PRO K 69 41.76 43.03 -46.51
N PRO K 70 42.09 42.24 -45.51
CA PRO K 70 41.72 42.61 -44.13
C PRO K 70 42.62 43.71 -43.61
N ARG K 71 42.08 44.49 -42.67
CA ARG K 71 42.80 45.64 -42.15
C ARG K 71 42.38 45.91 -40.72
N GLU K 72 43.25 46.61 -40.00
CA GLU K 72 42.98 47.12 -38.66
C GLU K 72 43.02 48.64 -38.73
N THR K 73 41.87 49.28 -38.62
CA THR K 73 41.76 50.72 -38.73
C THR K 73 41.64 51.37 -37.37
N LEU K 74 42.19 52.56 -37.25
CA LEU K 74 42.18 53.35 -36.03
C LEU K 74 41.42 54.65 -36.28
N GLY K 75 41.34 55.49 -35.25
CA GLY K 75 40.60 56.74 -35.35
C GLY K 75 39.14 56.46 -35.73
N ILE K 76 38.48 57.52 -36.23
CA ILE K 76 37.07 57.41 -36.58
C ILE K 76 36.92 56.73 -37.93
N GLU K 77 35.93 55.85 -38.04
CA GLU K 77 35.55 55.25 -39.32
C GLU K 77 34.68 56.24 -40.07
N LYS K 78 35.23 56.87 -41.10
CA LYS K 78 34.41 57.73 -41.95
C LYS K 78 33.42 56.90 -42.77
N ASN K 79 33.83 55.69 -43.17
CA ASN K 79 32.92 54.70 -43.74
C ASN K 79 33.47 53.31 -43.46
N PRO K 80 32.70 52.45 -42.77
CA PRO K 80 33.17 51.06 -42.54
C PRO K 80 32.79 50.10 -43.67
N ILE K 81 33.57 50.14 -44.75
CA ILE K 81 33.36 49.22 -45.87
C ILE K 81 33.43 47.77 -45.41
N GLU K 82 34.00 47.51 -44.23
CA GLU K 82 34.23 46.16 -43.75
C GLU K 82 32.91 45.52 -43.31
N GLU K 83 32.05 45.29 -44.29
CA GLU K 83 30.79 44.56 -44.11
C GLU K 83 30.47 43.96 -45.48
N ILE K 84 30.48 42.64 -45.57
CA ILE K 84 30.38 41.98 -46.86
C ILE K 84 28.97 41.47 -47.12
N MET L 1 54.61 39.98 -42.74
CA MET L 1 53.86 40.20 -44.01
C MET L 1 54.20 41.56 -44.61
N TYR L 2 53.27 42.12 -45.38
CA TYR L 2 53.45 43.40 -46.07
C TYR L 2 52.21 44.24 -45.84
N ILE L 3 52.39 45.46 -45.31
CA ILE L 3 51.27 46.32 -44.99
C ILE L 3 51.40 47.64 -45.74
N VAL L 4 50.25 48.26 -46.01
CA VAL L 4 50.18 49.65 -46.46
C VAL L 4 49.55 50.41 -45.28
N VAL L 5 50.18 51.48 -44.83
CA VAL L 5 49.60 52.38 -43.82
C VAL L 5 49.23 53.67 -44.54
N VAL L 6 47.94 53.88 -44.75
CA VAL L 6 47.38 55.13 -45.23
C VAL L 6 46.66 55.79 -44.06
N TYR L 7 46.72 57.12 -44.00
CA TYR L 7 46.08 57.81 -42.88
C TYR L 7 45.63 59.19 -43.32
N ASP L 8 44.77 59.79 -42.48
CA ASP L 8 44.35 61.18 -42.60
C ASP L 8 44.49 61.79 -41.20
N VAL L 9 45.63 62.39 -40.91
CA VAL L 9 45.87 63.10 -39.66
C VAL L 9 45.82 64.59 -39.94
N GLY L 10 45.24 65.34 -39.02
CA GLY L 10 45.15 66.78 -39.17
C GLY L 10 46.52 67.44 -39.05
N VAL L 11 46.48 68.76 -38.94
CA VAL L 11 47.69 69.53 -38.74
C VAL L 11 48.12 69.45 -37.27
N GLU L 12 49.39 69.77 -37.02
CA GLU L 12 50.05 69.74 -35.73
C GLU L 12 50.42 68.32 -35.32
N ARG L 13 50.00 67.30 -36.06
CA ARG L 13 50.34 65.91 -35.77
C ARG L 13 50.90 65.18 -36.99
N VAL L 14 50.81 65.77 -38.18
CA VAL L 14 51.20 65.06 -39.40
C VAL L 14 52.71 64.85 -39.44
N ASN L 15 53.48 65.90 -39.14
CA ASN L 15 54.93 65.80 -39.26
C ASN L 15 55.53 64.82 -38.26
N LYS L 16 54.76 64.43 -37.23
CA LYS L 16 55.24 63.51 -36.21
C LYS L 16 55.05 62.05 -36.62
N VAL L 17 53.90 61.71 -37.19
CA VAL L 17 53.65 60.33 -37.59
C VAL L 17 54.50 59.96 -38.80
N LYS L 18 54.69 60.91 -39.73
CA LYS L 18 55.61 60.67 -40.84
C LYS L 18 56.99 60.30 -40.34
N LYS L 19 57.46 60.98 -39.29
CA LYS L 19 58.77 60.68 -38.73
C LYS L 19 58.76 59.37 -37.96
N PHE L 20 57.60 58.96 -37.43
CA PHE L 20 57.51 57.67 -36.76
C PHE L 20 57.56 56.53 -37.77
N LEU L 21 56.67 56.57 -38.78
CA LEU L 21 56.59 55.49 -39.75
C LEU L 21 57.78 55.46 -40.70
N ARG L 22 58.60 56.52 -40.72
CA ARG L 22 59.77 56.54 -41.59
C ARG L 22 60.86 55.62 -41.08
N MET L 23 60.96 55.46 -39.76
CA MET L 23 61.92 54.56 -39.14
C MET L 23 61.46 53.11 -39.15
N HIS L 24 60.24 52.85 -39.62
CA HIS L 24 59.69 51.50 -39.68
C HIS L 24 59.38 51.06 -41.11
N LEU L 25 58.66 51.88 -41.87
CA LEU L 25 58.23 51.54 -43.22
C LEU L 25 58.86 52.49 -44.23
N ASN L 26 58.65 52.17 -45.51
CA ASN L 26 59.10 53.04 -46.57
C ASN L 26 58.07 54.13 -46.85
N TRP L 27 58.43 55.06 -47.73
CA TRP L 27 57.60 56.20 -48.06
C TRP L 27 57.37 56.22 -49.57
N VAL L 28 56.10 56.31 -49.97
CA VAL L 28 55.71 56.34 -51.37
C VAL L 28 55.18 57.71 -51.77
N GLN L 29 54.11 58.16 -51.12
CA GLN L 29 53.56 59.49 -51.32
C GLN L 29 53.16 60.06 -49.96
N ASN L 30 52.55 61.24 -49.98
CA ASN L 30 52.11 61.87 -48.75
C ASN L 30 51.09 60.99 -48.03
N SER L 31 51.40 60.65 -46.77
CA SER L 31 50.48 59.88 -45.94
C SER L 31 50.29 58.46 -46.47
N VAL L 32 51.35 57.86 -46.99
CA VAL L 32 51.33 56.48 -47.47
C VAL L 32 52.66 55.84 -47.13
N PHE L 33 52.62 54.71 -46.42
CA PHE L 33 53.80 53.97 -46.02
C PHE L 33 53.59 52.49 -46.29
N GLU L 34 54.62 51.81 -46.79
CA GLU L 34 54.55 50.38 -46.99
C GLU L 34 55.91 49.75 -46.73
N GLY L 35 55.89 48.45 -46.50
CA GLY L 35 57.10 47.70 -46.19
C GLY L 35 56.75 46.34 -45.60
N GLU L 36 57.79 45.53 -45.42
CA GLU L 36 57.64 44.19 -44.89
C GLU L 36 57.93 44.21 -43.39
N VAL L 37 56.94 43.83 -42.59
CA VAL L 37 57.05 43.86 -41.14
C VAL L 37 56.71 42.49 -40.57
N THR L 38 57.32 42.18 -39.43
CA THR L 38 56.95 41.01 -38.64
C THR L 38 55.93 41.43 -37.58
N LEU L 39 55.33 40.43 -36.92
CA LEU L 39 54.30 40.72 -35.93
C LEU L 39 54.83 41.57 -34.79
N ALA L 40 56.11 41.43 -34.45
CA ALA L 40 56.69 42.25 -33.38
C ALA L 40 56.77 43.71 -33.82
N GLU L 41 57.35 43.96 -34.99
CA GLU L 41 57.44 45.32 -35.49
C GLU L 41 56.07 45.87 -35.86
N PHE L 42 55.16 45.01 -36.34
CA PHE L 42 53.80 45.46 -36.61
C PHE L 42 53.12 45.95 -35.34
N GLU L 43 53.15 45.13 -34.29
CA GLU L 43 52.56 45.54 -33.01
C GLU L 43 53.21 46.81 -32.49
N ARG L 44 54.55 46.90 -32.59
CA ARG L 44 55.23 48.12 -32.18
C ARG L 44 54.72 49.32 -32.98
N ILE L 45 54.47 49.15 -34.27
CA ILE L 45 53.96 50.25 -35.09
C ILE L 45 52.56 50.65 -34.63
N LYS L 46 51.61 49.71 -34.72
CA LYS L 46 50.23 50.05 -34.37
C LYS L 46 50.10 50.52 -32.93
N GLU L 47 50.91 49.95 -32.03
CA GLU L 47 50.87 50.37 -30.63
C GLU L 47 51.44 51.77 -30.45
N GLY L 48 52.72 51.93 -30.80
CA GLY L 48 53.32 53.26 -30.72
C GLY L 48 52.54 54.30 -31.49
N LEU L 49 51.95 53.91 -32.63
CA LEU L 49 51.20 54.86 -33.44
C LEU L 49 49.99 55.39 -32.69
N LYS L 50 49.31 54.52 -31.94
CA LYS L 50 48.13 54.95 -31.19
C LYS L 50 48.47 56.07 -30.22
N LYS L 51 49.65 55.99 -29.59
CA LYS L 51 50.04 56.99 -28.61
C LYS L 51 50.55 58.27 -29.25
N ILE L 52 50.92 58.24 -30.52
CA ILE L 52 51.31 59.45 -31.22
C ILE L 52 50.09 60.20 -31.75
N ILE L 53 49.05 59.47 -32.17
CA ILE L 53 47.88 60.07 -32.78
C ILE L 53 46.75 60.15 -31.75
N ASP L 54 45.92 61.18 -31.90
CA ASP L 54 44.75 61.39 -31.05
C ASP L 54 43.50 61.01 -31.84
N GLU L 55 42.71 60.09 -31.29
CA GLU L 55 41.52 59.61 -31.97
C GLU L 55 40.42 60.68 -31.90
N ASN L 56 39.23 60.33 -32.38
CA ASN L 56 38.04 61.16 -32.43
C ASN L 56 38.19 62.32 -33.43
N SER L 57 39.36 62.46 -34.06
CA SER L 57 39.60 63.44 -35.11
C SER L 57 40.07 62.81 -36.41
N ASP L 58 41.04 61.89 -36.33
CA ASP L 58 41.79 61.43 -37.48
C ASP L 58 41.28 60.08 -37.97
N SER L 59 41.94 59.56 -39.00
CA SER L 59 41.63 58.26 -39.57
C SER L 59 42.93 57.61 -40.05
N VAL L 60 43.12 56.35 -39.69
CA VAL L 60 44.30 55.59 -40.10
C VAL L 60 43.83 54.24 -40.61
N ILE L 61 44.24 53.89 -41.82
CA ILE L 61 43.95 52.59 -42.42
C ILE L 61 45.27 51.83 -42.51
N ILE L 62 45.25 50.56 -42.12
CA ILE L 62 46.40 49.67 -42.22
C ILE L 62 45.92 48.39 -42.90
N TYR L 63 46.25 48.24 -44.18
CA TYR L 63 45.92 47.02 -44.90
C TYR L 63 46.91 45.92 -44.58
N LYS L 64 46.40 44.72 -44.34
CA LYS L 64 47.23 43.55 -44.10
C LYS L 64 47.32 42.77 -45.41
N LEU L 65 48.44 42.94 -46.12
CA LEU L 65 48.68 42.26 -47.38
C LEU L 65 49.74 41.18 -47.19
N ARG L 66 49.60 40.11 -47.97
CA ARG L 66 50.48 38.96 -47.81
C ARG L 66 51.82 39.16 -48.51
N SER L 67 51.86 39.96 -49.56
CA SER L 67 53.09 40.20 -50.30
C SER L 67 52.98 41.52 -51.04
N MET L 68 54.12 42.00 -51.52
CA MET L 68 54.19 43.30 -52.18
C MET L 68 53.17 43.37 -53.31
N PRO L 69 52.19 44.27 -53.24
CA PRO L 69 51.13 44.29 -54.25
C PRO L 69 51.58 44.99 -55.51
N PRO L 70 51.10 44.56 -56.68
CA PRO L 70 51.38 45.31 -57.91
C PRO L 70 50.53 46.57 -57.96
N ARG L 71 51.10 47.61 -58.56
CA ARG L 71 50.46 48.92 -58.55
C ARG L 71 50.75 49.65 -59.86
N GLU L 72 49.88 50.60 -60.18
CA GLU L 72 50.06 51.48 -61.33
C GLU L 72 49.86 52.91 -60.85
N THR L 73 50.94 53.69 -60.83
CA THR L 73 50.91 55.07 -60.38
C THR L 73 50.86 56.02 -61.57
N LEU L 74 50.25 57.18 -61.35
CA LEU L 74 50.19 58.27 -62.32
C LEU L 74 50.90 59.49 -61.73
N GLY L 75 50.89 60.58 -62.48
CA GLY L 75 51.57 61.79 -62.05
C GLY L 75 53.03 61.51 -61.72
N ILE L 76 53.60 62.36 -60.87
CA ILE L 76 55.00 62.21 -60.48
C ILE L 76 55.12 61.15 -59.39
N GLU L 77 56.11 60.27 -59.54
CA GLU L 77 56.40 59.25 -58.53
C GLU L 77 57.48 59.80 -57.62
N LYS L 78 57.08 60.28 -56.44
CA LYS L 78 58.05 60.81 -55.49
C LYS L 78 59.10 59.77 -55.12
N ASN L 79 58.71 58.49 -55.09
CA ASN L 79 59.63 57.41 -54.77
C ASN L 79 59.16 56.16 -55.51
N PRO L 80 59.77 55.83 -56.66
CA PRO L 80 59.39 54.59 -57.35
C PRO L 80 59.98 53.35 -56.68
N ILE L 81 59.39 52.99 -55.54
CA ILE L 81 59.83 51.82 -54.79
C ILE L 81 59.40 50.50 -55.44
N GLU L 82 58.60 50.56 -56.50
CA GLU L 82 58.10 49.35 -57.15
C GLU L 82 59.20 48.53 -57.81
N GLU L 83 60.44 49.01 -57.80
CA GLU L 83 61.57 48.34 -58.45
C GLU L 83 62.62 48.05 -57.37
N ILE L 84 62.85 46.76 -57.12
CA ILE L 84 63.67 46.30 -56.02
C ILE L 84 65.01 47.01 -56.02
N MET M 1 28.63 -55.48 22.29
CA MET M 1 29.63 -55.88 21.25
C MET M 1 29.21 -55.29 19.89
N TYR M 2 29.63 -54.05 19.66
CA TYR M 2 29.29 -53.31 18.46
C TYR M 2 29.75 -54.05 17.21
N ILE M 3 28.79 -54.50 16.38
CA ILE M 3 29.13 -55.08 15.10
C ILE M 3 28.66 -54.13 14.00
N VAL M 4 29.25 -54.27 12.83
CA VAL M 4 28.82 -53.57 11.62
C VAL M 4 28.52 -54.63 10.58
N VAL M 5 27.24 -54.79 10.24
CA VAL M 5 26.79 -55.77 9.25
C VAL M 5 26.65 -55.05 7.93
N VAL M 6 27.56 -55.34 6.99
CA VAL M 6 27.51 -54.80 5.64
C VAL M 6 27.27 -55.97 4.69
N TYR M 7 26.53 -55.72 3.62
CA TYR M 7 26.16 -56.79 2.72
C TYR M 7 25.82 -56.21 1.34
N ASP M 8 25.70 -57.13 0.37
CA ASP M 8 25.24 -56.79 -0.98
C ASP M 8 24.34 -57.92 -1.46
N VAL M 9 23.02 -57.75 -1.33
CA VAL M 9 22.08 -58.72 -1.87
C VAL M 9 21.74 -58.30 -3.30
N GLY M 10 21.24 -59.25 -4.08
CA GLY M 10 20.47 -58.92 -5.26
C GLY M 10 19.09 -58.43 -4.85
N VAL M 11 18.29 -58.07 -5.84
CA VAL M 11 16.99 -57.48 -5.60
C VAL M 11 15.95 -58.59 -5.43
N GLU M 12 14.81 -58.22 -4.84
CA GLU M 12 13.65 -59.06 -4.51
C GLU M 12 13.90 -59.91 -3.26
N ARG M 13 15.11 -59.94 -2.71
CA ARG M 13 15.37 -60.52 -1.40
C ARG M 13 15.89 -59.48 -0.43
N VAL M 14 16.03 -58.22 -0.85
CA VAL M 14 16.74 -57.23 -0.05
C VAL M 14 15.89 -56.74 1.11
N ASN M 15 14.63 -56.39 0.85
CA ASN M 15 13.83 -55.78 1.91
C ASN M 15 13.60 -56.72 3.08
N LYS M 16 13.87 -58.02 2.91
CA LYS M 16 13.64 -58.99 3.97
C LYS M 16 14.74 -58.97 5.02
N VAL M 17 15.98 -58.67 4.62
CA VAL M 17 17.04 -58.55 5.62
C VAL M 17 16.87 -57.26 6.41
N LYS M 18 16.37 -56.20 5.77
CA LYS M 18 16.06 -54.98 6.50
C LYS M 18 15.01 -55.25 7.59
N LYS M 19 13.93 -55.92 7.20
CA LYS M 19 12.88 -56.24 8.18
C LYS M 19 13.37 -57.24 9.22
N PHE M 20 14.33 -58.10 8.86
CA PHE M 20 14.93 -58.99 9.85
C PHE M 20 15.86 -58.22 10.78
N LEU M 21 16.73 -57.38 10.22
CA LEU M 21 17.74 -56.71 11.02
C LEU M 21 17.22 -55.46 11.73
N ARG M 22 16.11 -54.89 11.27
CA ARG M 22 15.54 -53.73 11.95
C ARG M 22 14.88 -54.11 13.27
N MET M 23 14.49 -55.38 13.44
CA MET M 23 13.86 -55.84 14.66
C MET M 23 14.85 -56.18 15.76
N HIS M 24 16.15 -56.19 15.44
CA HIS M 24 17.18 -56.52 16.42
C HIS M 24 18.11 -55.35 16.71
N LEU M 25 18.74 -54.78 15.69
CA LEU M 25 19.71 -53.72 15.82
C LEU M 25 19.26 -52.51 15.01
N ASN M 26 20.08 -51.46 15.00
CA ASN M 26 19.72 -50.20 14.39
C ASN M 26 20.04 -50.18 12.90
N TRP M 27 19.54 -49.15 12.22
CA TRP M 27 19.71 -48.96 10.79
C TRP M 27 20.46 -47.66 10.55
N VAL M 28 21.43 -47.69 9.64
CA VAL M 28 22.30 -46.53 9.40
C VAL M 28 22.15 -46.05 7.96
N GLN M 29 22.53 -46.91 7.03
CA GLN M 29 22.59 -46.57 5.60
C GLN M 29 22.17 -47.82 4.83
N ASN M 30 21.94 -47.65 3.53
CA ASN M 30 21.63 -48.80 2.69
C ASN M 30 22.70 -49.87 2.86
N SER M 31 22.28 -51.04 3.35
CA SER M 31 23.18 -52.18 3.53
C SER M 31 24.27 -51.88 4.55
N VAL M 32 23.92 -51.12 5.58
CA VAL M 32 24.84 -50.82 6.68
C VAL M 32 24.04 -50.95 7.98
N PHE M 33 24.50 -51.82 8.87
CA PHE M 33 23.78 -52.12 10.10
C PHE M 33 24.78 -52.17 11.25
N GLU M 34 24.45 -51.51 12.36
CA GLU M 34 25.30 -51.58 13.55
C GLU M 34 24.45 -51.36 14.80
N GLY M 35 25.04 -51.69 15.93
CA GLY M 35 24.39 -51.62 17.22
C GLY M 35 25.07 -52.53 18.21
N GLU M 36 24.81 -52.29 19.49
CA GLU M 36 25.44 -53.08 20.55
C GLU M 36 24.73 -54.44 20.65
N VAL M 37 25.42 -55.50 20.23
CA VAL M 37 24.88 -56.85 20.27
C VAL M 37 25.49 -57.55 21.48
N THR M 38 24.65 -58.18 22.30
CA THR M 38 25.14 -59.22 23.19
C THR M 38 25.27 -60.49 22.34
N LEU M 39 26.24 -61.34 22.70
CA LEU M 39 26.52 -62.47 21.81
C LEU M 39 25.25 -63.28 21.55
N ALA M 40 24.52 -63.62 22.61
CA ALA M 40 23.31 -64.41 22.46
C ALA M 40 22.48 -63.89 21.28
N GLU M 41 22.41 -62.58 21.13
CA GLU M 41 21.73 -62.00 19.99
C GLU M 41 22.56 -62.12 18.72
N PHE M 42 23.88 -61.96 18.82
CA PHE M 42 24.75 -62.16 17.66
C PHE M 42 24.51 -63.53 17.05
N GLU M 43 24.51 -64.57 17.89
CA GLU M 43 24.20 -65.92 17.41
C GLU M 43 22.88 -65.94 16.65
N ARG M 44 21.87 -65.23 17.17
CA ARG M 44 20.57 -65.25 16.53
C ARG M 44 20.58 -64.51 15.20
N ILE M 45 21.26 -63.37 15.14
CA ILE M 45 21.35 -62.64 13.87
C ILE M 45 21.98 -63.53 12.80
N LYS M 46 23.20 -64.01 13.07
CA LYS M 46 23.91 -64.80 12.06
C LYS M 46 23.12 -66.05 11.67
N GLU M 47 22.51 -66.71 12.64
CA GLU M 47 21.68 -67.87 12.35
C GLU M 47 20.37 -67.42 11.70
N GLY M 48 19.96 -68.15 10.66
CA GLY M 48 18.73 -67.85 9.97
C GLY M 48 18.90 -66.79 8.90
N LEU M 49 19.82 -65.85 9.12
CA LEU M 49 20.07 -64.81 8.13
C LEU M 49 20.47 -65.42 6.79
N LYS M 50 21.32 -66.45 6.82
CA LYS M 50 21.70 -67.12 5.58
C LYS M 50 20.48 -67.69 4.86
N LYS M 51 19.48 -68.13 5.62
CA LYS M 51 18.29 -68.73 5.03
C LYS M 51 17.34 -67.68 4.44
N ILE M 52 17.40 -66.44 4.92
CA ILE M 52 16.59 -65.38 4.34
C ILE M 52 17.26 -64.81 3.10
N ILE M 53 18.58 -64.72 3.10
CA ILE M 53 19.33 -64.17 1.97
C ILE M 53 19.53 -65.27 0.93
N ASP M 54 19.64 -64.85 -0.33
CA ASP M 54 19.93 -65.80 -1.40
C ASP M 54 21.33 -66.38 -1.18
N GLU M 55 21.39 -67.63 -0.74
CA GLU M 55 22.66 -68.25 -0.41
C GLU M 55 23.45 -68.56 -1.66
N ASN M 56 24.77 -68.63 -1.50
CA ASN M 56 25.70 -68.99 -2.57
C ASN M 56 25.75 -67.93 -3.67
N SER M 57 25.08 -66.79 -3.46
CA SER M 57 25.05 -65.69 -4.41
C SER M 57 25.58 -64.39 -3.82
N ASP M 58 25.15 -64.04 -2.61
CA ASP M 58 25.40 -62.72 -2.04
C ASP M 58 26.56 -62.79 -1.04
N SER M 59 26.83 -61.67 -0.39
CA SER M 59 27.92 -61.57 0.57
C SER M 59 27.52 -60.65 1.72
N VAL M 60 27.87 -61.05 2.93
CA VAL M 60 27.60 -60.30 4.14
C VAL M 60 28.87 -60.28 4.98
N ILE M 61 29.28 -59.11 5.42
CA ILE M 61 30.40 -58.96 6.36
C ILE M 61 29.83 -58.60 7.71
N ILE M 62 30.40 -59.19 8.76
CA ILE M 62 30.03 -58.89 10.14
C ILE M 62 31.33 -58.63 10.90
N TYR M 63 31.54 -57.37 11.29
CA TYR M 63 32.74 -56.98 12.01
C TYR M 63 32.52 -57.17 13.51
N LYS M 64 33.54 -57.67 14.20
CA LYS M 64 33.52 -57.81 15.65
C LYS M 64 34.28 -56.64 16.25
N LEU M 65 33.55 -55.61 16.66
CA LEU M 65 34.11 -54.45 17.35
C LEU M 65 33.60 -54.42 18.78
N ARG M 66 34.51 -54.38 19.74
CA ARG M 66 34.12 -54.40 21.15
C ARG M 66 33.61 -53.05 21.64
N SER M 67 33.74 -51.99 20.85
CA SER M 67 33.32 -50.67 21.27
C SER M 67 32.97 -49.84 20.04
N MET M 68 32.33 -48.70 20.28
CA MET M 68 31.88 -47.84 19.19
C MET M 68 33.07 -47.35 18.37
N PRO M 69 33.12 -47.63 17.07
CA PRO M 69 34.18 -47.07 16.24
C PRO M 69 33.86 -45.64 15.85
N PRO M 70 34.79 -44.71 16.02
CA PRO M 70 34.55 -43.35 15.50
C PRO M 70 34.51 -43.35 13.99
N ARG M 71 33.74 -42.41 13.44
CA ARG M 71 33.56 -42.33 12.00
C ARG M 71 33.38 -40.88 11.58
N GLU M 72 33.77 -40.60 10.34
CA GLU M 72 33.56 -39.31 9.71
C GLU M 72 32.77 -39.53 8.43
N THR M 73 31.55 -38.99 8.39
CA THR M 73 30.66 -39.17 7.26
C THR M 73 30.73 -37.96 6.33
N LEU M 74 30.56 -38.22 5.04
CA LEU M 74 30.44 -37.19 4.02
C LEU M 74 29.07 -37.29 3.37
N GLY M 75 28.79 -36.38 2.45
CA GLY M 75 27.46 -36.34 1.87
C GLY M 75 26.41 -36.16 2.94
N ILE M 76 25.20 -36.63 2.64
CA ILE M 76 24.09 -36.54 3.58
C ILE M 76 24.16 -37.70 4.56
N GLU M 77 23.91 -37.40 5.83
CA GLU M 77 23.84 -38.43 6.87
C GLU M 77 22.43 -38.97 6.90
N LYS M 78 22.23 -40.16 6.30
CA LYS M 78 20.93 -40.80 6.34
C LYS M 78 20.41 -40.93 7.76
N ASN M 79 21.31 -41.11 8.73
CA ASN M 79 20.93 -41.18 10.14
C ASN M 79 22.16 -40.96 11.01
N PRO M 80 22.12 -39.97 11.93
CA PRO M 80 23.25 -39.74 12.86
C PRO M 80 23.18 -40.54 14.15
N ILE M 81 23.58 -41.81 14.08
CA ILE M 81 23.55 -42.67 15.27
C ILE M 81 24.47 -42.16 16.38
N GLU M 82 25.35 -41.21 16.10
CA GLU M 82 26.33 -40.74 17.08
C GLU M 82 25.63 -39.84 18.10
N GLU M 83 24.98 -40.48 19.05
CA GLU M 83 24.47 -39.82 20.26
C GLU M 83 24.24 -40.91 21.29
N ILE M 84 24.91 -40.82 22.43
CA ILE M 84 24.89 -41.91 23.39
C ILE M 84 24.36 -41.46 24.73
N MET N 1 46.38 -46.90 11.37
CA MET N 1 45.01 -46.39 11.06
C MET N 1 44.33 -47.30 10.04
N TYR N 2 43.41 -48.13 10.52
CA TYR N 2 42.62 -49.04 9.68
C TYR N 2 41.22 -48.46 9.54
N ILE N 3 40.80 -48.25 8.30
CA ILE N 3 39.46 -47.73 8.02
C ILE N 3 38.72 -48.72 7.14
N VAL N 4 37.40 -48.75 7.29
CA VAL N 4 36.51 -49.44 6.37
C VAL N 4 35.59 -48.37 5.77
N VAL N 5 35.68 -48.20 4.45
CA VAL N 5 34.91 -47.18 3.74
C VAL N 5 33.68 -47.85 3.15
N VAL N 6 32.52 -47.55 3.72
CA VAL N 6 31.23 -48.00 3.21
C VAL N 6 30.48 -46.77 2.71
N TYR N 7 29.75 -46.94 1.60
CA TYR N 7 29.09 -45.79 1.00
C TYR N 7 27.89 -46.25 0.17
N ASP N 8 27.07 -45.28 -0.22
CA ASP N 8 26.01 -45.46 -1.20
C ASP N 8 26.10 -44.27 -2.16
N VAL N 9 26.83 -44.44 -3.26
CA VAL N 9 26.95 -43.43 -4.28
C VAL N 9 26.02 -43.79 -5.44
N GLY N 10 25.47 -42.77 -6.08
CA GLY N 10 24.54 -42.98 -7.17
C GLY N 10 25.15 -43.69 -8.35
N VAL N 11 24.40 -43.82 -9.42
CA VAL N 11 24.82 -44.54 -10.62
C VAL N 11 25.53 -43.56 -11.56
N GLU N 12 26.43 -44.10 -12.38
CA GLU N 12 27.29 -43.35 -13.30
C GLU N 12 28.39 -42.61 -12.56
N ARG N 13 28.38 -42.65 -11.23
CA ARG N 13 29.38 -41.99 -10.40
C ARG N 13 30.13 -42.97 -9.50
N VAL N 14 29.65 -44.22 -9.40
CA VAL N 14 30.20 -45.17 -8.44
C VAL N 14 31.52 -45.74 -8.93
N ASN N 15 31.58 -46.19 -10.18
CA ASN N 15 32.80 -46.80 -10.68
C ASN N 15 33.98 -45.84 -10.64
N LYS N 16 33.70 -44.53 -10.58
CA LYS N 16 34.77 -43.53 -10.58
C LYS N 16 35.33 -43.31 -9.18
N VAL N 17 34.52 -43.50 -8.15
CA VAL N 17 35.09 -43.57 -6.81
C VAL N 17 35.74 -44.92 -6.58
N LYS N 18 35.23 -45.98 -7.21
CA LYS N 18 35.87 -47.28 -7.12
C LYS N 18 37.30 -47.24 -7.67
N LYS N 19 37.47 -46.60 -8.83
CA LYS N 19 38.81 -46.48 -9.41
C LYS N 19 39.70 -45.59 -8.55
N PHE N 20 39.12 -44.65 -7.81
CA PHE N 20 39.91 -43.84 -6.89
C PHE N 20 40.36 -44.67 -5.69
N LEU N 21 39.41 -45.36 -5.05
CA LEU N 21 39.73 -46.20 -3.90
C LEU N 21 40.45 -47.49 -4.29
N ARG N 22 40.61 -47.74 -5.60
CA ARG N 22 41.33 -48.93 -6.05
C ARG N 22 42.82 -48.80 -5.78
N MET N 23 43.34 -47.58 -5.74
CA MET N 23 44.76 -47.34 -5.59
C MET N 23 45.20 -47.16 -4.14
N HIS N 24 44.26 -47.14 -3.20
CA HIS N 24 44.57 -46.86 -1.80
C HIS N 24 44.22 -48.02 -0.88
N LEU N 25 42.99 -48.52 -0.92
CA LEU N 25 42.55 -49.57 -0.01
C LEU N 25 42.26 -50.86 -0.79
N ASN N 26 41.99 -51.92 -0.03
CA ASN N 26 41.64 -53.20 -0.62
C ASN N 26 40.15 -53.22 -0.97
N TRP N 27 39.77 -54.25 -1.74
CA TRP N 27 38.40 -54.39 -2.23
C TRP N 27 37.79 -55.67 -1.68
N VAL N 28 36.57 -55.57 -1.15
CA VAL N 28 35.88 -56.73 -0.61
C VAL N 28 34.53 -56.91 -1.29
N GLN N 29 33.66 -55.90 -1.19
CA GLN N 29 32.32 -55.99 -1.75
C GLN N 29 31.93 -54.63 -2.33
N ASN N 30 30.73 -54.58 -2.92
CA ASN N 30 30.17 -53.33 -3.41
C ASN N 30 30.16 -52.29 -2.30
N SER N 31 30.81 -51.16 -2.55
CA SER N 31 30.85 -50.06 -1.59
C SER N 31 31.45 -50.50 -0.26
N VAL N 32 32.50 -51.31 -0.32
CA VAL N 32 33.24 -51.72 0.87
C VAL N 32 34.73 -51.71 0.53
N PHE N 33 35.49 -50.87 1.22
CA PHE N 33 36.93 -50.77 1.06
C PHE N 33 37.56 -50.76 2.44
N GLU N 34 38.57 -51.59 2.64
CA GLU N 34 39.29 -51.64 3.90
C GLU N 34 40.79 -51.68 3.64
N GLY N 35 41.55 -51.32 4.64
CA GLY N 35 42.99 -51.26 4.53
C GLY N 35 43.59 -50.30 5.52
N GLU N 36 44.90 -50.43 5.70
CA GLU N 36 45.69 -49.54 6.55
C GLU N 36 46.26 -48.46 5.65
N VAL N 37 45.73 -47.24 5.71
CA VAL N 37 46.46 -46.10 5.19
C VAL N 37 46.69 -45.11 6.32
N THR N 38 47.57 -44.16 6.06
CA THR N 38 48.27 -43.42 7.07
C THR N 38 47.55 -42.13 7.44
N LEU N 39 47.81 -41.67 8.67
CA LEU N 39 47.14 -40.47 9.17
C LEU N 39 47.46 -39.26 8.31
N ALA N 40 48.63 -39.24 7.68
CA ALA N 40 48.98 -38.13 6.81
C ALA N 40 48.23 -38.19 5.49
N GLU N 41 48.16 -39.36 4.86
CA GLU N 41 47.53 -39.48 3.56
C GLU N 41 46.04 -39.79 3.65
N PHE N 42 45.54 -40.11 4.85
CA PHE N 42 44.10 -40.33 5.04
C PHE N 42 43.29 -39.19 4.43
N GLU N 43 43.67 -37.95 4.77
CA GLU N 43 42.90 -36.80 4.29
C GLU N 43 42.72 -36.82 2.78
N ARG N 44 43.77 -37.21 2.04
CA ARG N 44 43.67 -37.23 0.58
C ARG N 44 42.49 -38.08 0.12
N ILE N 45 42.26 -39.23 0.75
CA ILE N 45 41.03 -39.96 0.49
C ILE N 45 39.84 -39.04 0.77
N LYS N 46 39.69 -38.65 2.04
CA LYS N 46 38.58 -37.77 2.41
C LYS N 46 38.55 -36.51 1.56
N GLU N 47 39.72 -36.01 1.15
CA GLU N 47 39.77 -34.76 0.39
C GLU N 47 39.33 -34.98 -1.05
N GLY N 48 40.06 -35.80 -1.80
CA GLY N 48 39.63 -36.12 -3.15
C GLY N 48 38.23 -36.71 -3.18
N LEU N 49 37.93 -37.60 -2.23
CA LEU N 49 36.61 -38.20 -2.17
C LEU N 49 35.52 -37.14 -2.08
N LYS N 50 35.77 -36.05 -1.35
CA LYS N 50 34.81 -34.94 -1.32
C LYS N 50 34.61 -34.37 -2.72
N LYS N 51 35.68 -34.30 -3.52
CA LYS N 51 35.62 -33.67 -4.83
C LYS N 51 35.20 -34.63 -5.94
N ILE N 52 35.34 -35.94 -5.72
CA ILE N 52 34.89 -36.90 -6.71
C ILE N 52 33.39 -37.13 -6.59
N ILE N 53 32.83 -37.07 -5.38
CA ILE N 53 31.44 -37.40 -5.13
C ILE N 53 30.62 -36.12 -5.17
N ASP N 54 29.34 -36.27 -5.56
CA ASP N 54 28.38 -35.18 -5.56
C ASP N 54 27.57 -35.24 -4.27
N GLU N 55 27.72 -34.21 -3.43
CA GLU N 55 27.06 -34.19 -2.14
C GLU N 55 25.59 -33.83 -2.30
N ASN N 56 24.87 -33.77 -1.19
CA ASN N 56 23.44 -33.49 -1.13
C ASN N 56 22.65 -34.62 -1.77
N SER N 57 23.30 -35.67 -2.27
CA SER N 57 22.64 -36.85 -2.80
C SER N 57 23.08 -38.13 -2.10
N ASP N 58 24.38 -38.33 -1.94
CA ASP N 58 24.96 -39.61 -1.56
C ASP N 58 25.42 -39.59 -0.11
N SER N 59 25.95 -40.73 0.34
CA SER N 59 26.43 -40.89 1.70
C SER N 59 27.65 -41.79 1.70
N VAL N 60 28.66 -41.40 2.47
CA VAL N 60 29.86 -42.19 2.65
C VAL N 60 30.18 -42.24 4.14
N ILE N 61 30.46 -43.42 4.66
CA ILE N 61 30.87 -43.61 6.04
C ILE N 61 32.30 -44.13 6.05
N ILE N 62 33.13 -43.57 6.92
CA ILE N 62 34.50 -44.02 7.12
C ILE N 62 34.68 -44.31 8.60
N TYR N 63 34.76 -45.59 8.96
CA TYR N 63 35.05 -45.96 10.33
C TYR N 63 36.55 -45.85 10.58
N LYS N 64 36.91 -45.28 11.73
CA LYS N 64 38.30 -45.18 12.14
C LYS N 64 38.59 -46.32 13.11
N LEU N 65 39.22 -47.37 12.61
CA LEU N 65 39.57 -48.54 13.42
C LEU N 65 41.05 -48.53 13.73
N ARG N 66 41.39 -49.00 14.94
CA ARG N 66 42.77 -49.02 15.38
C ARG N 66 43.58 -50.10 14.67
N SER N 67 42.97 -51.23 14.35
CA SER N 67 43.68 -52.31 13.66
C SER N 67 42.65 -53.21 12.99
N MET N 68 43.15 -54.15 12.20
CA MET N 68 42.28 -55.02 11.41
C MET N 68 41.31 -55.75 12.34
N PRO N 69 40.00 -55.55 12.19
CA PRO N 69 39.04 -56.25 13.04
C PRO N 69 38.77 -57.64 12.48
N PRO N 70 38.51 -58.62 13.34
CA PRO N 70 38.06 -59.92 12.84
C PRO N 70 36.66 -59.82 12.24
N ARG N 71 36.42 -60.65 11.23
CA ARG N 71 35.15 -60.62 10.53
C ARG N 71 34.77 -62.04 10.12
N GLU N 72 33.46 -62.26 9.96
CA GLU N 72 32.92 -63.54 9.51
C GLU N 72 31.97 -63.27 8.35
N THR N 73 32.35 -63.68 7.15
CA THR N 73 31.54 -63.45 5.97
C THR N 73 30.68 -64.67 5.65
N LEU N 74 29.49 -64.39 5.13
CA LEU N 74 28.56 -65.42 4.69
C LEU N 74 28.34 -65.28 3.20
N GLY N 75 28.09 -66.42 2.53
CA GLY N 75 27.91 -66.42 1.10
C GLY N 75 29.21 -66.54 0.34
N ILE N 76 29.24 -66.00 -0.87
CA ILE N 76 30.40 -66.13 -1.74
C ILE N 76 31.50 -65.17 -1.30
N GLU N 77 32.74 -65.64 -1.37
CA GLU N 77 33.91 -64.82 -1.08
C GLU N 77 34.34 -64.08 -2.34
N LYS N 78 34.17 -62.77 -2.34
CA LYS N 78 34.73 -61.97 -3.43
C LYS N 78 36.22 -61.70 -3.21
N ASN N 79 36.67 -61.64 -1.96
CA ASN N 79 38.08 -61.49 -1.65
C ASN N 79 38.35 -61.86 -0.20
N PRO N 80 39.29 -62.78 0.06
CA PRO N 80 39.67 -63.12 1.46
C PRO N 80 40.79 -62.25 2.03
N ILE N 81 40.42 -61.05 2.47
CA ILE N 81 41.39 -60.11 3.02
C ILE N 81 42.06 -60.63 4.28
N GLU N 82 41.51 -61.68 4.90
CA GLU N 82 42.04 -62.20 6.16
C GLU N 82 43.35 -62.92 5.86
N GLU N 83 44.46 -62.26 6.19
CA GLU N 83 45.81 -62.75 5.92
C GLU N 83 46.74 -61.87 6.75
N ILE N 84 47.99 -62.28 6.86
CA ILE N 84 48.98 -61.66 7.75
C ILE N 84 48.32 -61.13 9.03
N MET O 1 -37.31 41.91 -38.14
CA MET O 1 -38.55 41.12 -37.90
C MET O 1 -38.18 39.70 -37.43
N TYR O 2 -38.86 39.25 -36.38
CA TYR O 2 -38.55 37.97 -35.75
C TYR O 2 -39.76 37.05 -35.89
N ILE O 3 -39.54 35.87 -36.47
CA ILE O 3 -40.56 34.84 -36.59
C ILE O 3 -40.10 33.60 -35.82
N VAL O 4 -41.07 32.83 -35.36
CA VAL O 4 -40.83 31.51 -34.75
C VAL O 4 -41.73 30.52 -35.48
N VAL O 5 -41.12 29.56 -36.17
CA VAL O 5 -41.85 28.62 -37.02
C VAL O 5 -41.86 27.27 -36.32
N VAL O 6 -43.06 26.80 -35.98
CA VAL O 6 -43.29 25.46 -35.46
C VAL O 6 -44.10 24.70 -36.50
N TYR O 7 -43.81 23.41 -36.67
CA TYR O 7 -44.50 22.63 -37.69
C TYR O 7 -44.63 21.18 -37.27
N ASP O 8 -45.51 20.46 -37.99
CA ASP O 8 -45.65 19.01 -37.86
C ASP O 8 -45.80 18.45 -39.27
N VAL O 9 -44.70 17.94 -39.83
CA VAL O 9 -44.69 17.34 -41.15
C VAL O 9 -44.39 15.85 -41.02
N GLY O 10 -44.91 15.07 -41.96
CA GLY O 10 -44.70 13.64 -41.97
C GLY O 10 -43.24 13.25 -42.03
N VAL O 11 -42.95 11.94 -41.97
CA VAL O 11 -41.59 11.45 -41.78
C VAL O 11 -40.95 11.15 -43.14
N GLU O 12 -39.64 11.43 -43.23
CA GLU O 12 -38.84 11.29 -44.45
C GLU O 12 -39.19 12.38 -45.45
N ARG O 13 -40.24 13.15 -45.14
CA ARG O 13 -40.51 14.42 -45.81
C ARG O 13 -40.22 15.61 -44.91
N VAL O 14 -40.17 15.40 -43.59
CA VAL O 14 -39.80 16.44 -42.65
C VAL O 14 -38.33 16.81 -42.80
N ASN O 15 -37.47 15.84 -43.12
CA ASN O 15 -36.04 16.09 -43.13
C ASN O 15 -35.65 17.14 -44.17
N LYS O 16 -36.42 17.25 -45.25
CA LYS O 16 -36.14 18.29 -46.24
C LYS O 16 -36.52 19.66 -45.71
N VAL O 17 -37.58 19.74 -44.90
CA VAL O 17 -37.94 21.00 -44.26
C VAL O 17 -36.95 21.32 -43.15
N LYS O 18 -36.56 20.30 -42.37
CA LYS O 18 -35.64 20.51 -41.27
C LYS O 18 -34.28 20.97 -41.77
N LYS O 19 -33.81 20.42 -42.89
CA LYS O 19 -32.56 20.90 -43.48
C LYS O 19 -32.72 22.25 -44.16
N PHE O 20 -33.94 22.61 -44.57
CA PHE O 20 -34.15 23.91 -45.19
C PHE O 20 -34.07 25.02 -44.15
N LEU O 21 -34.86 24.92 -43.08
CA LEU O 21 -34.87 25.98 -42.08
C LEU O 21 -33.54 26.10 -41.34
N ARG O 22 -32.63 25.14 -41.53
CA ARG O 22 -31.35 25.17 -40.82
C ARG O 22 -30.41 26.22 -41.38
N MET O 23 -30.55 26.54 -42.66
CA MET O 23 -29.71 27.54 -43.31
C MET O 23 -30.24 28.96 -43.18
N HIS O 24 -31.44 29.13 -42.61
CA HIS O 24 -32.03 30.44 -42.40
C HIS O 24 -32.17 30.81 -40.94
N LEU O 25 -32.81 29.94 -40.15
CA LEU O 25 -33.08 30.21 -38.75
C LEU O 25 -32.26 29.27 -37.86
N ASN O 26 -32.32 29.52 -36.56
CA ASN O 26 -31.64 28.69 -35.59
C ASN O 26 -32.49 27.45 -35.27
N TRP O 27 -31.82 26.43 -34.75
CA TRP O 27 -32.47 25.21 -34.29
C TRP O 27 -32.57 25.23 -32.77
N VAL O 28 -33.78 25.03 -32.25
CA VAL O 28 -34.03 25.15 -30.82
C VAL O 28 -34.48 23.81 -30.27
N GLN O 29 -35.59 23.30 -30.80
CA GLN O 29 -36.24 22.09 -30.31
C GLN O 29 -36.78 21.35 -31.52
N ASN O 30 -37.16 20.10 -31.32
CA ASN O 30 -37.73 19.30 -32.40
C ASN O 30 -38.84 20.07 -33.09
N SER O 31 -38.69 20.29 -34.39
CA SER O 31 -39.70 20.96 -35.20
C SER O 31 -39.94 22.39 -34.72
N VAL O 32 -38.87 23.08 -34.33
CA VAL O 32 -38.96 24.45 -33.86
C VAL O 32 -37.73 25.21 -34.39
N PHE O 33 -37.98 26.29 -35.12
CA PHE O 33 -36.92 27.16 -35.62
C PHE O 33 -37.29 28.60 -35.33
N GLU O 34 -36.30 29.39 -34.93
CA GLU O 34 -36.48 30.82 -34.74
C GLU O 34 -35.19 31.54 -35.09
N GLY O 35 -35.32 32.82 -35.41
CA GLY O 35 -34.18 33.62 -35.78
C GLY O 35 -34.63 34.98 -36.29
N GLU O 36 -33.64 35.78 -36.66
CA GLU O 36 -33.86 37.15 -37.12
C GLU O 36 -33.85 37.17 -38.63
N VAL O 37 -34.94 37.66 -39.23
CA VAL O 37 -35.09 37.67 -40.68
C VAL O 37 -35.37 39.09 -41.17
N THR O 38 -35.02 39.33 -42.42
CA THR O 38 -35.56 40.45 -43.17
C THR O 38 -36.83 39.98 -43.89
N LEU O 39 -37.62 40.95 -44.36
CA LEU O 39 -38.90 40.59 -44.96
C LEU O 39 -38.73 39.83 -46.27
N ALA O 40 -37.60 40.01 -46.97
CA ALA O 40 -37.36 39.25 -48.18
C ALA O 40 -37.05 37.79 -47.87
N GLU O 41 -36.25 37.55 -46.83
CA GLU O 41 -35.99 36.17 -46.42
C GLU O 41 -37.25 35.53 -45.85
N PHE O 42 -38.12 36.32 -45.21
CA PHE O 42 -39.41 35.80 -44.81
C PHE O 42 -40.19 35.30 -46.02
N GLU O 43 -40.26 36.13 -47.07
CA GLU O 43 -40.96 35.72 -48.28
C GLU O 43 -40.34 34.45 -48.87
N ARG O 44 -39.00 34.38 -48.90
CA ARG O 44 -38.35 33.20 -49.45
C ARG O 44 -38.62 31.97 -48.57
N ILE O 45 -38.67 32.15 -47.26
CA ILE O 45 -39.01 31.03 -46.39
C ILE O 45 -40.41 30.51 -46.74
N LYS O 46 -41.43 31.36 -46.61
CA LYS O 46 -42.78 30.92 -46.94
C LYS O 46 -42.88 30.44 -48.37
N GLU O 47 -42.07 31.01 -49.28
CA GLU O 47 -42.11 30.61 -50.68
C GLU O 47 -41.43 29.25 -50.89
N GLY O 48 -40.13 29.19 -50.63
CA GLY O 48 -39.42 27.93 -50.74
C GLY O 48 -40.07 26.84 -49.92
N LEU O 49 -40.53 27.19 -48.72
CA LEU O 49 -41.20 26.22 -47.86
C LEU O 49 -42.49 25.71 -48.50
N LYS O 50 -43.21 26.58 -49.21
CA LYS O 50 -44.48 26.18 -49.79
C LYS O 50 -44.29 25.06 -50.81
N LYS O 51 -43.20 25.09 -51.56
CA LYS O 51 -42.95 24.06 -52.55
C LYS O 51 -42.50 22.74 -51.92
N ILE O 52 -42.08 22.76 -50.66
CA ILE O 52 -41.61 21.54 -50.01
C ILE O 52 -42.75 20.73 -49.43
N ILE O 53 -43.87 21.37 -49.11
CA ILE O 53 -44.95 20.74 -48.35
C ILE O 53 -46.09 20.37 -49.29
N ASP O 54 -46.68 19.20 -49.04
CA ASP O 54 -47.97 18.83 -49.62
C ASP O 54 -49.06 19.41 -48.73
N GLU O 55 -49.87 20.32 -49.28
CA GLU O 55 -50.69 21.17 -48.44
C GLU O 55 -51.73 20.37 -47.67
N ASN O 56 -52.27 19.31 -48.25
CA ASN O 56 -53.33 18.54 -47.59
C ASN O 56 -52.79 17.34 -46.81
N SER O 57 -51.72 17.51 -46.04
CA SER O 57 -51.38 16.52 -45.04
C SER O 57 -50.98 17.15 -43.71
N ASP O 58 -50.23 18.25 -43.78
CA ASP O 58 -49.45 18.75 -42.67
C ASP O 58 -49.82 20.21 -42.38
N SER O 59 -49.16 20.77 -41.38
CA SER O 59 -49.46 22.13 -40.94
C SER O 59 -48.17 22.82 -40.51
N VAL O 60 -48.04 24.08 -40.91
CA VAL O 60 -46.95 24.94 -40.49
C VAL O 60 -47.53 26.29 -40.08
N ILE O 61 -47.23 26.72 -38.86
CA ILE O 61 -47.67 28.01 -38.35
C ILE O 61 -46.44 28.89 -38.19
N ILE O 62 -46.57 30.16 -38.57
CA ILE O 62 -45.48 31.13 -38.50
C ILE O 62 -45.99 32.33 -37.70
N TYR O 63 -45.44 32.53 -36.51
CA TYR O 63 -45.74 33.70 -35.72
C TYR O 63 -44.85 34.86 -36.15
N LYS O 64 -45.45 36.04 -36.27
CA LYS O 64 -44.73 37.24 -36.66
C LYS O 64 -44.56 38.10 -35.41
N LEU O 65 -43.36 38.09 -34.84
CA LEU O 65 -43.05 38.78 -33.60
C LEU O 65 -42.23 40.03 -33.88
N ARG O 66 -42.35 41.01 -32.99
CA ARG O 66 -41.64 42.27 -33.16
C ARG O 66 -40.16 42.11 -32.81
N SER O 67 -39.85 41.40 -31.74
CA SER O 67 -38.48 41.25 -31.28
C SER O 67 -38.40 39.98 -30.45
N MET O 68 -37.18 39.64 -30.06
CA MET O 68 -36.92 38.38 -29.36
C MET O 68 -37.73 38.32 -28.07
N PRO O 69 -38.66 37.38 -27.93
CA PRO O 69 -39.45 37.29 -26.70
C PRO O 69 -38.70 36.53 -25.62
N PRO O 70 -38.94 36.83 -24.35
CA PRO O 70 -38.37 35.99 -23.29
C PRO O 70 -39.11 34.67 -23.19
N ARG O 71 -38.40 33.65 -22.72
CA ARG O 71 -38.96 32.31 -22.66
C ARG O 71 -38.39 31.56 -21.45
N GLU O 72 -39.11 30.53 -21.02
CA GLU O 72 -38.72 29.71 -19.89
C GLU O 72 -38.81 28.25 -20.30
N THR O 73 -37.67 27.56 -20.30
CA THR O 73 -37.59 26.16 -20.68
C THR O 73 -37.58 25.29 -19.43
N LEU O 74 -38.12 24.08 -19.56
CA LEU O 74 -38.19 23.13 -18.45
C LEU O 74 -37.33 21.90 -18.69
N GLY O 75 -37.55 21.17 -19.77
CA GLY O 75 -36.73 20.02 -20.08
C GLY O 75 -35.34 20.45 -20.52
N ILE O 76 -34.63 19.58 -21.25
CA ILE O 76 -33.31 19.95 -21.75
C ILE O 76 -33.47 21.00 -22.84
N GLU O 77 -32.70 22.08 -22.74
CA GLU O 77 -32.76 23.13 -23.75
C GLU O 77 -32.39 22.58 -25.12
N LYS O 78 -31.30 21.84 -25.19
CA LYS O 78 -30.78 21.25 -26.43
C LYS O 78 -30.12 22.30 -27.31
N ASN O 79 -30.39 23.58 -27.04
CA ASN O 79 -29.60 24.71 -27.53
C ASN O 79 -30.14 25.97 -26.85
N PRO O 80 -29.31 26.74 -26.14
CA PRO O 80 -29.79 28.00 -25.56
C PRO O 80 -29.68 29.20 -26.49
N ILE O 81 -30.72 29.46 -27.29
CA ILE O 81 -30.74 30.63 -28.17
C ILE O 81 -30.72 31.93 -27.37
N GLU O 82 -30.66 31.81 -26.04
CA GLU O 82 -30.42 32.96 -25.18
C GLU O 82 -28.97 33.39 -25.38
N GLU O 83 -28.41 34.16 -24.45
CA GLU O 83 -27.02 34.60 -24.61
C GLU O 83 -26.87 35.51 -25.82
N ILE O 84 -27.45 36.71 -25.74
CA ILE O 84 -27.26 37.74 -26.76
C ILE O 84 -27.19 39.10 -26.07
N MET P 1 -51.35 38.12 -19.77
CA MET P 1 -50.12 37.55 -20.40
C MET P 1 -50.50 36.38 -21.31
N TYR P 2 -49.97 36.42 -22.53
CA TYR P 2 -50.25 35.41 -23.56
C TYR P 2 -48.99 34.59 -23.78
N ILE P 3 -49.14 33.27 -23.72
CA ILE P 3 -48.01 32.36 -23.92
C ILE P 3 -48.32 31.39 -25.04
N VAL P 4 -47.27 30.82 -25.61
CA VAL P 4 -47.36 29.71 -26.55
C VAL P 4 -46.46 28.60 -26.04
N VAL P 5 -47.04 27.42 -25.84
CA VAL P 5 -46.34 26.27 -25.27
C VAL P 5 -46.00 25.30 -26.41
N VAL P 6 -44.71 25.07 -26.62
CA VAL P 6 -44.23 24.06 -27.54
C VAL P 6 -43.42 23.05 -26.72
N TYR P 7 -43.47 21.79 -27.13
CA TYR P 7 -42.77 20.75 -26.38
C TYR P 7 -42.39 19.61 -27.31
N ASP P 8 -41.50 18.75 -26.80
CA ASP P 8 -41.13 17.49 -27.43
C ASP P 8 -41.16 16.40 -26.35
N VAL P 9 -42.26 15.68 -26.25
CA VAL P 9 -42.43 14.61 -25.29
C VAL P 9 -42.55 13.30 -26.03
N GLY P 10 -42.05 12.23 -25.42
CA GLY P 10 -42.16 10.90 -25.98
C GLY P 10 -43.59 10.40 -25.93
N VAL P 11 -43.74 9.14 -26.30
CA VAL P 11 -45.06 8.50 -26.35
C VAL P 11 -45.38 7.90 -24.99
N GLU P 12 -46.68 7.68 -24.75
CA GLU P 12 -47.23 7.27 -23.46
C GLU P 12 -47.07 8.35 -22.40
N ARG P 13 -46.58 9.53 -22.79
CA ARG P 13 -46.51 10.69 -21.90
C ARG P 13 -47.16 11.88 -22.60
N VAL P 14 -47.05 11.91 -23.93
CA VAL P 14 -47.66 12.98 -24.73
C VAL P 14 -49.14 13.10 -24.41
N ASN P 15 -49.82 11.96 -24.24
CA ASN P 15 -51.24 12.00 -23.88
C ASN P 15 -51.45 12.67 -22.53
N LYS P 16 -50.48 12.54 -21.62
CA LYS P 16 -50.62 13.12 -20.30
C LYS P 16 -50.39 14.63 -20.32
N VAL P 17 -49.36 15.08 -21.03
CA VAL P 17 -49.13 16.52 -21.16
C VAL P 17 -50.20 17.16 -22.02
N LYS P 18 -50.62 16.46 -23.09
CA LYS P 18 -51.68 16.99 -23.95
C LYS P 18 -52.98 17.11 -23.17
N LYS P 19 -53.29 16.13 -22.32
CA LYS P 19 -54.49 16.21 -21.51
C LYS P 19 -54.38 17.29 -20.44
N PHE P 20 -53.17 17.53 -19.92
CA PHE P 20 -53.01 18.57 -18.91
C PHE P 20 -53.14 19.97 -19.54
N LEU P 21 -52.45 20.20 -20.65
CA LEU P 21 -52.49 21.50 -21.29
C LEU P 21 -53.80 21.77 -22.03
N ARG P 22 -54.68 20.76 -22.12
CA ARG P 22 -55.93 20.93 -22.85
C ARG P 22 -56.97 21.68 -22.04
N MET P 23 -56.91 21.60 -20.71
CA MET P 23 -57.86 22.26 -19.83
C MET P 23 -57.48 23.68 -19.50
N HIS P 24 -56.32 24.15 -19.95
CA HIS P 24 -55.85 25.50 -19.68
C HIS P 24 -55.76 26.35 -20.95
N LEU P 25 -55.04 25.87 -21.96
CA LEU P 25 -54.77 26.62 -23.17
C LEU P 25 -55.43 25.96 -24.37
N ASN P 26 -55.51 26.69 -25.47
CA ASN P 26 -56.08 26.17 -26.70
C ASN P 26 -55.06 25.34 -27.47
N TRP P 27 -55.55 24.68 -28.52
CA TRP P 27 -54.74 23.77 -29.33
C TRP P 27 -54.72 24.28 -30.77
N VAL P 28 -53.52 24.41 -31.32
CA VAL P 28 -53.32 24.88 -32.69
C VAL P 28 -52.76 23.77 -33.57
N GLN P 29 -51.65 23.17 -33.18
CA GLN P 29 -50.94 22.17 -33.97
C GLN P 29 -50.45 21.09 -33.01
N ASN P 30 -50.06 19.95 -33.58
CA ASN P 30 -49.45 18.89 -32.78
C ASN P 30 -48.32 19.45 -31.93
N SER P 31 -48.46 19.32 -30.62
CA SER P 31 -47.45 19.77 -29.66
C SER P 31 -47.34 21.29 -29.61
N VAL P 32 -48.44 22.01 -29.82
CA VAL P 32 -48.44 23.47 -29.77
C VAL P 32 -49.74 23.91 -29.11
N PHE P 33 -49.62 24.58 -27.96
CA PHE P 33 -50.75 25.09 -27.19
C PHE P 33 -50.54 26.57 -26.93
N GLU P 34 -51.63 27.34 -26.92
CA GLU P 34 -51.54 28.76 -26.66
C GLU P 34 -52.79 29.24 -25.95
N GLY P 35 -52.67 30.40 -25.30
CA GLY P 35 -53.80 30.99 -24.62
C GLY P 35 -53.35 32.12 -23.73
N GLU P 36 -54.34 32.81 -23.15
CA GLU P 36 -54.10 33.93 -22.24
C GLU P 36 -54.20 33.41 -20.81
N VAL P 37 -53.13 33.58 -20.05
CA VAL P 37 -53.05 33.08 -18.68
C VAL P 37 -53.11 34.26 -17.71
N THR P 38 -53.30 33.92 -16.43
CA THR P 38 -53.15 34.86 -15.33
C THR P 38 -51.88 34.53 -14.57
N LEU P 39 -51.32 35.54 -13.89
CA LEU P 39 -50.03 35.38 -13.24
C LEU P 39 -50.02 34.25 -12.22
N ALA P 40 -51.19 33.76 -11.81
CA ALA P 40 -51.27 32.59 -10.94
C ALA P 40 -51.30 31.29 -11.73
N GLU P 41 -52.00 31.28 -12.87
CA GLU P 41 -52.20 30.05 -13.63
C GLU P 41 -50.98 29.71 -14.49
N PHE P 42 -50.24 30.72 -14.94
CA PHE P 42 -48.97 30.45 -15.61
C PHE P 42 -48.10 29.55 -14.75
N GLU P 43 -47.99 29.88 -13.46
CA GLU P 43 -47.24 29.04 -12.53
C GLU P 43 -47.87 27.66 -12.40
N ARG P 44 -49.21 27.60 -12.44
CA ARG P 44 -49.89 26.32 -12.26
C ARG P 44 -49.57 25.34 -13.37
N ILE P 45 -49.37 25.83 -14.59
CA ILE P 45 -49.05 24.94 -15.70
C ILE P 45 -47.70 24.28 -15.50
N LYS P 46 -46.66 25.10 -15.28
CA LYS P 46 -45.29 24.59 -15.31
C LYS P 46 -45.03 23.56 -14.22
N GLU P 47 -45.66 23.69 -13.06
CA GLU P 47 -45.40 22.74 -11.98
C GLU P 47 -45.92 21.35 -12.34
N GLY P 48 -47.16 21.28 -12.84
CA GLY P 48 -47.65 20.00 -13.34
C GLY P 48 -46.79 19.45 -14.44
N LEU P 49 -46.34 20.32 -15.36
CA LEU P 49 -45.40 19.90 -16.37
C LEU P 49 -44.12 19.36 -15.75
N LYS P 50 -43.64 20.00 -14.68
CA LYS P 50 -42.42 19.53 -14.02
C LYS P 50 -42.60 18.11 -13.49
N LYS P 51 -43.75 17.82 -12.88
CA LYS P 51 -43.97 16.53 -12.24
C LYS P 51 -44.52 15.48 -13.20
N ILE P 52 -45.13 15.89 -14.31
CA ILE P 52 -45.60 14.92 -15.31
C ILE P 52 -44.49 14.58 -16.30
N ILE P 53 -43.64 15.55 -16.64
CA ILE P 53 -42.62 15.37 -17.67
C ILE P 53 -41.29 15.06 -17.00
N ASP P 54 -40.47 14.28 -17.69
CA ASP P 54 -39.13 13.93 -17.24
C ASP P 54 -38.15 14.92 -17.87
N GLU P 55 -37.55 15.78 -17.06
CA GLU P 55 -36.65 16.79 -17.58
C GLU P 55 -35.37 16.17 -18.15
N ASN P 56 -34.97 15.01 -17.64
CA ASN P 56 -33.74 14.37 -18.09
C ASN P 56 -33.89 13.65 -19.43
N SER P 57 -35.11 13.61 -19.99
CA SER P 57 -35.34 13.03 -21.30
C SER P 57 -35.98 14.01 -22.28
N ASP P 58 -37.02 14.72 -21.86
CA ASP P 58 -37.86 15.49 -22.76
C ASP P 58 -37.42 16.96 -22.80
N SER P 59 -38.17 17.76 -23.56
CA SER P 59 -37.87 19.18 -23.71
C SER P 59 -39.18 19.94 -23.88
N VAL P 60 -39.31 21.06 -23.18
CA VAL P 60 -40.49 21.93 -23.26
C VAL P 60 -40.02 23.37 -23.26
N ILE P 61 -40.48 24.15 -24.24
CA ILE P 61 -40.19 25.58 -24.33
C ILE P 61 -41.50 26.33 -24.24
N ILE P 62 -41.51 27.40 -23.44
CA ILE P 62 -42.68 28.24 -23.26
C ILE P 62 -42.25 29.68 -23.47
N TYR P 63 -42.76 30.31 -24.53
CA TYR P 63 -42.45 31.69 -24.83
C TYR P 63 -43.35 32.62 -24.00
N LYS P 64 -42.75 33.62 -23.38
CA LYS P 64 -43.49 34.63 -22.61
C LYS P 64 -43.74 35.82 -23.53
N LEU P 65 -44.96 35.93 -24.03
CA LEU P 65 -45.35 36.98 -24.96
C LEU P 65 -46.26 37.98 -24.26
N ARG P 66 -46.20 39.24 -24.71
CA ARG P 66 -47.01 40.28 -24.08
C ARG P 66 -48.46 40.27 -24.58
N SER P 67 -48.70 39.81 -25.81
CA SER P 67 -50.04 39.77 -26.35
C SER P 67 -50.06 38.79 -27.52
N MET P 68 -51.27 38.43 -27.94
CA MET P 68 -51.47 37.44 -28.99
C MET P 68 -50.74 37.86 -30.26
N PRO P 69 -49.82 37.04 -30.79
CA PRO P 69 -49.11 37.41 -32.01
C PRO P 69 -49.92 37.07 -33.24
N PRO P 70 -49.61 37.68 -34.37
CA PRO P 70 -50.30 37.34 -35.62
C PRO P 70 -49.75 36.08 -36.26
N ARG P 71 -50.58 35.47 -37.10
CA ARG P 71 -50.34 34.13 -37.62
C ARG P 71 -50.32 34.11 -39.13
N GLU P 72 -49.49 33.21 -39.68
CA GLU P 72 -49.55 32.84 -41.09
C GLU P 72 -49.36 31.34 -41.16
N THR P 73 -50.39 30.62 -41.59
CA THR P 73 -50.38 29.17 -41.62
C THR P 73 -50.18 28.66 -43.05
N LEU P 74 -49.48 27.53 -43.16
CA LEU P 74 -49.26 26.85 -44.43
C LEU P 74 -49.82 25.45 -44.32
N GLY P 75 -50.56 25.02 -45.33
CA GLY P 75 -51.25 23.75 -45.28
C GLY P 75 -52.60 23.87 -44.61
N ILE P 76 -53.06 22.78 -43.99
CA ILE P 76 -54.36 22.77 -43.34
C ILE P 76 -54.26 23.44 -41.98
N GLU P 77 -55.20 24.34 -41.68
CA GLU P 77 -55.30 24.97 -40.37
C GLU P 77 -56.18 24.07 -39.50
N LYS P 78 -55.54 23.19 -38.72
CA LYS P 78 -56.29 22.26 -37.89
C LYS P 78 -57.21 22.99 -36.93
N ASN P 79 -56.86 24.22 -36.53
CA ASN P 79 -57.74 25.06 -35.71
C ASN P 79 -57.46 26.53 -35.98
N PRO P 80 -58.47 27.31 -36.38
CA PRO P 80 -58.25 28.75 -36.67
C PRO P 80 -58.47 29.72 -35.52
N ILE P 81 -57.50 29.79 -34.60
CA ILE P 81 -57.55 30.82 -33.57
C ILE P 81 -57.38 32.21 -34.17
N GLU P 82 -56.89 32.30 -35.41
CA GLU P 82 -56.57 33.59 -35.99
C GLU P 82 -57.79 34.50 -36.12
N GLU P 83 -59.00 33.94 -36.02
CA GLU P 83 -60.23 34.73 -35.96
C GLU P 83 -60.79 34.61 -34.55
N ILE P 84 -60.99 35.76 -33.90
CA ILE P 84 -61.44 35.81 -32.53
C ILE P 84 -62.67 34.93 -32.33
N LYS Q 3 55.40 52.39 -66.53
CA LYS Q 3 56.36 52.05 -67.56
C LYS Q 3 57.76 51.92 -66.97
N LYS Q 4 57.83 51.59 -65.68
CA LYS Q 4 59.11 51.62 -64.98
C LYS Q 4 60.00 50.47 -65.42
N SER Q 5 61.19 50.42 -64.82
CA SER Q 5 62.18 49.38 -65.03
C SER Q 5 62.46 48.72 -63.68
N LEU Q 6 62.98 47.48 -63.72
CA LEU Q 6 63.24 46.75 -62.50
C LEU Q 6 64.73 46.61 -62.23
N THR Q 7 65.09 46.64 -60.94
CA THR Q 7 66.41 46.32 -60.43
C THR Q 7 66.20 45.21 -59.41
N ILE Q 8 66.68 44.02 -59.71
CA ILE Q 8 66.40 42.85 -58.87
C ILE Q 8 67.71 42.48 -58.17
N PHE Q 9 67.83 42.91 -56.91
CA PHE Q 9 69.05 42.72 -56.14
C PHE Q 9 69.05 41.40 -55.38
N SER Q 10 67.92 41.00 -54.80
CA SER Q 10 67.83 39.70 -54.16
C SER Q 10 68.15 38.60 -55.17
N ASP Q 11 69.00 37.67 -54.78
CA ASP Q 11 69.41 36.57 -55.66
C ASP Q 11 68.38 35.46 -55.56
N GLY Q 12 67.46 35.42 -56.54
CA GLY Q 12 66.35 34.50 -56.54
C GLY Q 12 66.27 33.73 -57.85
N THR Q 13 65.03 33.39 -58.21
CA THR Q 13 64.75 32.62 -59.41
C THR Q 13 63.57 33.25 -60.14
N LEU Q 14 63.81 33.73 -61.36
CA LEU Q 14 62.73 34.22 -62.21
C LEU Q 14 62.01 33.04 -62.84
N LEU Q 15 60.68 33.13 -62.92
CA LEU Q 15 59.89 32.04 -63.46
C LEU Q 15 58.61 32.58 -64.08
N ARG Q 16 57.85 31.67 -64.69
CA ARG Q 16 56.61 32.00 -65.40
C ARG Q 16 55.56 30.95 -65.01
N ARG Q 17 54.63 31.33 -64.15
CA ARG Q 17 53.49 30.48 -63.79
C ARG Q 17 52.25 31.07 -64.45
N GLU Q 18 51.85 30.49 -65.59
CA GLU Q 18 50.58 30.78 -66.24
C GLU Q 18 50.43 32.27 -66.57
N ASN Q 19 51.30 32.71 -67.48
CA ASN Q 19 51.12 33.97 -68.22
C ASN Q 19 51.31 35.20 -67.32
N THR Q 20 52.35 35.16 -66.50
CA THR Q 20 52.86 36.32 -65.79
C THR Q 20 54.28 35.98 -65.36
N LEU Q 21 55.10 37.00 -65.15
CA LEU Q 21 56.40 36.78 -64.51
C LEU Q 21 56.24 36.79 -63.00
N TYR Q 22 57.01 35.95 -62.33
CA TYR Q 22 57.05 35.91 -60.87
C TYR Q 22 58.51 35.81 -60.47
N PHE Q 23 59.06 36.86 -59.88
CA PHE Q 23 60.38 36.74 -59.28
C PHE Q 23 60.22 35.96 -57.98
N GLU Q 24 60.60 34.69 -58.01
CA GLU Q 24 60.43 33.81 -56.85
C GLU Q 24 61.54 34.12 -55.89
N ASN Q 25 61.25 34.95 -54.89
CA ASN Q 25 62.28 35.36 -53.95
C ASN Q 25 62.96 34.14 -53.33
N VAL Q 26 64.14 34.36 -52.76
CA VAL Q 26 64.94 33.29 -52.20
C VAL Q 26 64.38 33.00 -50.80
N ASN Q 27 63.23 33.60 -50.48
CA ASN Q 27 62.40 33.17 -49.35
C ASN Q 27 60.94 33.55 -49.63
N GLY Q 28 60.19 32.59 -50.19
CA GLY Q 28 58.73 32.56 -50.13
C GLY Q 28 57.88 33.77 -50.47
N ARG Q 29 57.78 34.16 -51.73
CA ARG Q 29 56.78 35.14 -52.19
C ARG Q 29 56.77 35.18 -53.72
N LYS Q 30 55.75 35.85 -54.28
CA LYS Q 30 55.42 35.74 -55.71
C LYS Q 30 54.98 37.08 -56.29
N PRO Q 31 55.93 38.02 -56.47
CA PRO Q 31 55.64 39.35 -57.06
C PRO Q 31 55.74 39.48 -58.59
N LEU Q 32 55.86 40.73 -59.06
CA LEU Q 32 56.21 41.11 -60.43
C LEU Q 32 55.16 41.02 -61.53
N ALA Q 33 54.23 41.97 -61.53
CA ALA Q 33 53.36 42.18 -62.69
C ALA Q 33 54.17 42.53 -63.94
N ILE Q 34 53.86 41.83 -65.04
CA ILE Q 34 54.54 42.09 -66.31
C ILE Q 34 53.90 43.21 -67.11
N GLU Q 35 52.64 43.56 -66.84
CA GLU Q 35 51.94 44.55 -67.65
C GLU Q 35 52.52 45.95 -67.54
N GLY Q 36 53.45 46.18 -66.61
CA GLY Q 36 53.99 47.51 -66.42
C GLY Q 36 55.50 47.62 -66.53
N ILE Q 37 56.17 46.56 -66.98
CA ILE Q 37 57.62 46.53 -67.01
C ILE Q 37 58.12 46.82 -68.43
N TYR Q 38 59.27 47.48 -68.51
CA TYR Q 38 59.91 47.79 -69.78
C TYR Q 38 61.27 47.10 -69.91
N ASP Q 39 62.18 47.30 -68.97
CA ASP Q 39 63.52 46.75 -69.04
C ASP Q 39 63.98 46.35 -67.65
N ILE Q 40 64.72 45.25 -67.57
CA ILE Q 40 65.15 44.67 -66.30
C ILE Q 40 66.66 44.76 -66.18
N TYR Q 41 67.13 45.15 -65.00
CA TYR Q 41 68.55 45.17 -64.66
C TYR Q 41 68.79 44.17 -63.54
N ILE Q 42 69.69 43.21 -63.75
CA ILE Q 42 70.03 42.21 -62.75
C ILE Q 42 71.37 42.60 -62.13
N TYR Q 43 71.36 42.87 -60.82
CA TYR Q 43 72.58 43.05 -60.06
C TYR Q 43 72.95 41.84 -59.22
N GLY Q 44 72.06 40.86 -59.08
CA GLY Q 44 72.26 39.73 -58.21
C GLY Q 44 72.45 38.43 -58.96
N HIS Q 45 72.31 37.33 -58.23
CA HIS Q 45 72.39 35.97 -58.78
C HIS Q 45 70.96 35.49 -58.98
N VAL Q 46 70.50 35.53 -60.23
CA VAL Q 46 69.10 35.26 -60.56
C VAL Q 46 69.04 34.13 -61.57
N ASN Q 47 68.45 33.01 -61.17
CA ASN Q 47 68.24 31.89 -62.08
C ASN Q 47 67.00 32.15 -62.93
N ILE Q 48 67.16 32.00 -64.24
CA ILE Q 48 66.11 32.30 -65.20
C ILE Q 48 65.70 31.01 -65.91
N THR Q 49 64.42 30.89 -66.22
CA THR Q 49 63.89 29.75 -66.94
C THR Q 49 63.63 30.13 -68.39
N SER Q 50 63.80 29.15 -69.28
CA SER Q 50 63.58 29.40 -70.70
C SER Q 50 62.17 29.91 -70.98
N GLN Q 51 61.21 29.57 -70.11
CA GLN Q 51 59.87 30.11 -70.26
C GLN Q 51 59.84 31.58 -69.89
N ALA Q 52 60.37 31.94 -68.72
CA ALA Q 52 60.45 33.34 -68.34
C ALA Q 52 61.44 34.10 -69.21
N LEU Q 53 62.45 33.41 -69.75
CA LEU Q 53 63.38 34.06 -70.66
C LEU Q 53 62.76 34.26 -72.03
N HIS Q 54 61.90 33.34 -72.48
CA HIS Q 54 61.17 33.55 -73.72
C HIS Q 54 60.06 34.58 -73.54
N TYR Q 55 59.38 34.55 -72.39
CA TYR Q 55 58.36 35.55 -72.11
C TYR Q 55 58.97 36.95 -72.11
N ILE Q 56 60.08 37.12 -71.37
CA ILE Q 56 60.81 38.38 -71.39
C ILE Q 56 61.12 38.79 -72.83
N ALA Q 57 61.51 37.82 -73.65
CA ALA Q 57 61.80 38.11 -75.06
C ALA Q 57 60.53 38.40 -75.83
N GLN Q 58 59.46 37.65 -75.55
CA GLN Q 58 58.23 37.78 -76.34
C GLN Q 58 57.56 39.13 -76.12
N LYS Q 59 57.62 39.65 -74.91
CA LYS Q 59 56.98 40.93 -74.59
C LYS Q 59 57.89 42.13 -74.87
N GLY Q 60 59.06 41.92 -75.45
CA GLY Q 60 59.96 43.01 -75.72
C GLY Q 60 60.73 43.51 -74.53
N ILE Q 61 60.75 42.77 -73.44
CA ILE Q 61 61.58 43.12 -72.29
C ILE Q 61 63.00 42.66 -72.58
N LEU Q 62 63.95 43.57 -72.41
CA LEU Q 62 65.37 43.23 -72.43
C LEU Q 62 65.88 43.20 -70.99
N ILE Q 63 66.79 42.28 -70.71
CA ILE Q 63 67.24 42.02 -69.35
C ILE Q 63 68.75 42.23 -69.32
N HIS Q 64 69.17 43.33 -68.68
CA HIS Q 64 70.57 43.72 -68.63
C HIS Q 64 71.23 43.08 -67.41
N PHE Q 65 72.31 42.34 -67.63
CA PHE Q 65 73.06 41.74 -66.54
C PHE Q 65 74.23 42.63 -66.14
N PHE Q 66 74.55 42.61 -64.85
CA PHE Q 66 75.59 43.46 -64.27
C PHE Q 66 76.55 42.60 -63.47
N ASN Q 67 77.65 43.22 -63.04
CA ASN Q 67 78.79 42.51 -62.49
C ASN Q 67 78.67 42.31 -60.98
N HIS Q 68 79.66 41.62 -60.41
CA HIS Q 68 79.81 41.60 -58.95
C HIS Q 68 80.04 43.01 -58.42
N TYR Q 69 80.83 43.80 -59.15
CA TYR Q 69 81.14 45.17 -58.74
C TYR Q 69 79.99 46.12 -58.98
N GLY Q 70 79.03 45.74 -59.82
CA GLY Q 70 77.93 46.61 -60.20
C GLY Q 70 78.06 47.22 -61.57
N TYR Q 71 79.10 46.88 -62.31
CA TYR Q 71 79.40 47.53 -63.58
C TYR Q 71 78.86 46.72 -64.74
N TYR Q 72 78.43 47.44 -65.77
CA TYR Q 72 77.69 46.83 -66.87
C TYR Q 72 78.42 45.64 -67.46
N ASP Q 73 77.73 44.50 -67.51
CA ASP Q 73 78.31 43.26 -68.03
C ASP Q 73 77.75 42.87 -69.39
N GLY Q 74 76.44 42.69 -69.51
CA GLY Q 74 75.88 42.13 -70.73
C GLY Q 74 74.47 42.60 -70.98
N THR Q 75 73.89 42.07 -72.06
CA THR Q 75 72.54 42.44 -72.47
C THR Q 75 71.88 41.25 -73.16
N PHE Q 76 70.61 41.03 -72.85
CA PHE Q 76 69.77 40.10 -73.59
C PHE Q 76 68.92 40.93 -74.55
N TYR Q 77 69.28 40.93 -75.83
CA TYR Q 77 68.58 41.73 -76.82
C TYR Q 77 67.50 40.88 -77.47
N PRO Q 78 66.21 41.14 -77.21
CA PRO Q 78 65.17 40.35 -77.88
C PRO Q 78 65.10 40.65 -79.37
N ARG Q 79 64.20 40.00 -80.09
CA ARG Q 79 64.08 40.25 -81.52
C ARG Q 79 63.43 41.61 -81.76
N GLU Q 80 63.49 42.06 -83.01
CA GLU Q 80 63.22 43.45 -83.34
C GLU Q 80 61.71 43.71 -83.39
N THR Q 81 61.21 44.40 -82.38
CA THR Q 81 59.78 44.71 -82.33
C THR Q 81 59.44 45.87 -83.28
N LEU Q 82 59.97 47.05 -83.01
CA LEU Q 82 59.79 48.20 -83.87
C LEU Q 82 60.99 48.33 -84.79
N LEU Q 83 60.74 48.53 -86.08
CA LEU Q 83 61.86 48.62 -87.00
C LEU Q 83 61.46 49.26 -88.32
N SER Q 84 62.47 49.65 -89.08
CA SER Q 84 62.35 50.09 -90.46
C SER Q 84 63.73 49.93 -91.10
N GLY Q 85 63.74 49.70 -92.39
CA GLY Q 85 64.99 49.46 -93.09
C GLY Q 85 65.50 50.71 -93.78
N ASP Q 86 64.57 51.54 -94.27
CA ASP Q 86 64.97 52.76 -94.95
C ASP Q 86 65.59 53.78 -94.01
N LEU Q 87 65.33 53.69 -92.70
CA LEU Q 87 66.11 54.49 -91.76
C LEU Q 87 67.52 53.92 -91.63
N ILE Q 88 67.62 52.62 -91.40
CA ILE Q 88 68.94 52.01 -91.19
C ILE Q 88 69.85 52.31 -92.37
N ILE Q 89 69.29 52.38 -93.58
CA ILE Q 89 70.09 52.78 -94.74
C ILE Q 89 70.63 54.19 -94.54
N LYS Q 90 69.74 55.14 -94.28
CA LYS Q 90 70.17 56.52 -94.05
C LYS Q 90 71.14 56.59 -92.87
N GLN Q 91 70.81 55.89 -91.78
CA GLN Q 91 71.72 55.83 -90.64
C GLN Q 91 73.10 55.34 -91.08
N ALA Q 92 73.13 54.35 -91.97
CA ALA Q 92 74.40 53.86 -92.48
C ALA Q 92 74.99 54.78 -93.55
N GLU Q 93 74.13 55.48 -94.30
CA GLU Q 93 74.62 56.41 -95.31
C GLU Q 93 75.39 57.56 -94.67
N HIS Q 94 74.92 58.02 -93.50
CA HIS Q 94 75.61 59.11 -92.83
C HIS Q 94 76.96 58.67 -92.27
N TYR Q 95 77.04 57.42 -91.79
CA TYR Q 95 78.33 56.90 -91.33
C TYR Q 95 79.32 56.80 -92.48
N LEU Q 96 78.87 56.31 -93.63
CA LEU Q 96 79.78 56.11 -94.76
C LEU Q 96 80.20 57.45 -95.36
N ASP Q 97 79.27 58.39 -95.47
CA ASP Q 97 79.56 59.70 -96.07
C ASP Q 97 80.20 60.57 -94.99
N LYS Q 98 81.52 60.70 -95.04
CA LYS Q 98 82.25 61.37 -93.97
C LYS Q 98 81.75 62.79 -93.78
N ASN Q 99 81.46 63.50 -94.87
CA ASN Q 99 80.98 64.88 -94.75
C ASN Q 99 79.72 64.97 -93.90
N LYS Q 100 78.83 63.99 -94.02
CA LYS Q 100 77.63 63.97 -93.19
C LYS Q 100 77.91 63.36 -91.83
N ARG Q 101 78.83 62.40 -91.75
CA ARG Q 101 79.16 61.79 -90.47
C ARG Q 101 79.68 62.83 -89.49
N LEU Q 102 80.72 63.58 -89.88
CA LEU Q 102 81.42 64.41 -88.91
C LEU Q 102 80.49 65.47 -88.31
N PHE Q 103 79.49 65.93 -89.07
CA PHE Q 103 78.55 66.90 -88.50
C PHE Q 103 77.85 66.31 -87.28
N LEU Q 104 77.35 65.07 -87.42
CA LEU Q 104 76.73 64.41 -86.28
C LEU Q 104 77.76 64.04 -85.22
N ALA Q 105 79.00 63.74 -85.65
CA ALA Q 105 80.04 63.39 -84.69
C ALA Q 105 80.36 64.58 -83.78
N LYS Q 106 80.56 65.76 -84.36
CA LYS Q 106 80.80 66.95 -83.54
C LYS Q 106 79.62 67.19 -82.59
N SER Q 107 78.41 67.21 -83.13
CA SER Q 107 77.22 67.05 -82.29
C SER Q 107 77.39 65.77 -81.48
N PHE Q 108 76.75 65.66 -80.33
CA PHE Q 108 77.03 64.72 -79.26
C PHE Q 108 78.24 65.19 -78.46
N VAL Q 109 79.01 66.16 -78.95
CA VAL Q 109 80.03 66.86 -78.20
C VAL Q 109 79.70 68.33 -78.08
N VAL Q 110 79.28 68.95 -79.19
CA VAL Q 110 78.70 70.30 -79.13
C VAL Q 110 77.54 70.32 -78.16
N GLY Q 111 76.77 69.24 -78.12
CA GLY Q 111 75.66 69.12 -77.19
C GLY Q 111 76.09 68.62 -75.82
N GLY Q 112 76.97 67.62 -75.80
CA GLY Q 112 77.38 66.99 -74.57
C GLY Q 112 78.09 67.90 -73.59
N ALA Q 113 79.27 68.40 -73.96
CA ALA Q 113 80.02 69.28 -73.08
C ALA Q 113 79.37 70.66 -72.93
N LYS Q 114 78.25 70.88 -73.62
CA LYS Q 114 77.46 72.09 -73.48
C LYS Q 114 76.54 72.00 -72.27
N ASN Q 115 76.01 70.81 -72.00
CA ASN Q 115 75.32 70.57 -70.74
C ASN Q 115 76.27 70.71 -69.56
N MET Q 116 77.50 70.19 -69.71
CA MET Q 116 78.52 70.39 -68.67
C MET Q 116 78.63 71.86 -68.30
N GLU Q 117 78.61 72.74 -69.31
CA GLU Q 117 78.51 74.17 -69.06
C GLU Q 117 77.32 74.47 -68.16
N LYS Q 118 76.17 73.87 -68.45
CA LYS Q 118 74.97 74.07 -67.64
C LYS Q 118 75.08 73.38 -66.28
N ASN Q 119 75.92 72.35 -66.17
CA ASN Q 119 76.15 71.73 -64.87
C ASN Q 119 77.00 72.63 -63.99
N LEU Q 120 78.19 72.99 -64.47
CA LEU Q 120 79.08 73.85 -63.70
C LEU Q 120 78.43 75.20 -63.40
N LYS Q 121 77.58 75.70 -64.30
CA LYS Q 121 76.98 77.01 -64.11
C LYS Q 121 75.94 76.98 -63.00
N ASN Q 122 75.06 75.97 -63.00
CA ASN Q 122 74.02 75.89 -61.99
C ASN Q 122 74.57 75.73 -60.59
N TRP Q 123 75.81 75.24 -60.46
CA TRP Q 123 76.43 75.03 -59.16
C TRP Q 123 77.38 76.16 -58.79
N GLY Q 124 77.48 77.20 -59.61
CA GLY Q 124 78.26 78.37 -59.30
C GLY Q 124 79.72 78.32 -59.69
N ILE Q 125 80.21 77.18 -60.16
CA ILE Q 125 81.60 77.06 -60.58
C ILE Q 125 81.75 77.64 -61.98
N SER Q 126 82.97 78.06 -62.30
CA SER Q 126 83.24 78.73 -63.57
C SER Q 126 82.78 77.87 -64.74
N SER Q 127 82.11 78.53 -65.70
CA SER Q 127 81.44 77.83 -66.80
C SER Q 127 81.97 78.24 -68.17
N ASP Q 128 83.21 78.70 -68.25
CA ASP Q 128 83.76 79.22 -69.50
C ASP Q 128 84.36 78.07 -70.30
N PHE Q 129 83.65 77.63 -71.34
CA PHE Q 129 84.12 76.60 -72.26
C PHE Q 129 84.29 77.11 -73.68
N SER Q 130 84.02 78.39 -73.95
CA SER Q 130 83.75 78.82 -75.32
C SER Q 130 84.88 78.46 -76.28
N ASN Q 131 86.14 78.65 -75.87
CA ASN Q 131 87.22 78.49 -76.82
C ASN Q 131 87.51 77.04 -77.14
N HIS Q 132 87.33 76.12 -76.19
CA HIS Q 132 87.45 74.70 -76.53
C HIS Q 132 86.40 74.31 -77.55
N LEU Q 133 85.18 74.80 -77.38
CA LEU Q 133 84.13 74.56 -78.37
C LEU Q 133 84.57 75.08 -79.73
N LYS Q 134 85.04 76.32 -79.80
CA LYS Q 134 85.39 76.86 -81.11
C LYS Q 134 86.39 75.96 -81.83
N GLU Q 135 87.37 75.42 -81.09
CA GLU Q 135 88.40 74.59 -81.70
C GLU Q 135 87.86 73.34 -82.39
N LEU Q 136 86.65 72.88 -82.07
CA LEU Q 136 86.19 71.62 -82.65
C LEU Q 136 85.63 71.80 -84.06
N GLN Q 137 85.21 73.02 -84.39
CA GLN Q 137 84.54 73.27 -85.65
C GLN Q 137 85.40 72.92 -86.86
N GLY Q 138 86.72 72.95 -86.70
CA GLY Q 138 87.61 72.71 -87.82
C GLY Q 138 88.10 71.28 -87.93
N ALA Q 139 88.13 70.57 -86.81
CA ALA Q 139 88.66 69.21 -86.78
C ALA Q 139 87.97 68.34 -87.82
N LYS Q 140 88.78 67.64 -88.63
CA LYS Q 140 88.27 66.73 -89.64
C LYS Q 140 88.19 65.30 -89.12
N LYS Q 141 89.27 64.79 -88.54
CA LYS Q 141 89.32 63.42 -88.07
C LYS Q 141 88.60 63.27 -86.74
N VAL Q 142 87.95 62.12 -86.56
CA VAL Q 142 87.24 61.87 -85.32
C VAL Q 142 88.21 61.73 -84.16
N THR Q 143 89.40 61.18 -84.41
CA THR Q 143 90.39 61.02 -83.35
C THR Q 143 90.71 62.35 -82.67
N GLU Q 144 90.62 63.46 -83.42
CA GLU Q 144 90.87 64.77 -82.84
C GLU Q 144 89.70 65.25 -81.99
N ILE Q 145 88.47 65.07 -82.49
CA ILE Q 145 87.30 65.43 -81.70
C ILE Q 145 87.28 64.65 -80.39
N MET Q 146 87.74 63.41 -80.42
CA MET Q 146 87.85 62.61 -79.21
C MET Q 146 88.93 63.15 -78.29
N ASN Q 147 90.15 63.28 -78.82
CA ASN Q 147 91.25 63.85 -78.05
C ASN Q 147 90.84 65.16 -77.39
N VAL Q 148 90.04 65.97 -78.09
CA VAL Q 148 89.52 67.19 -77.49
C VAL Q 148 88.48 66.85 -76.43
N GLU Q 149 87.54 65.96 -76.76
CA GLU Q 149 86.50 65.59 -75.81
C GLU Q 149 87.12 65.07 -74.51
N GLY Q 150 88.12 64.20 -74.62
CA GLY Q 150 88.75 63.65 -73.43
C GLY Q 150 89.24 64.73 -72.48
N ARG Q 151 90.04 65.66 -73.00
CA ARG Q 151 90.52 66.76 -72.16
C ARG Q 151 89.36 67.52 -71.54
N ILE Q 152 88.28 67.75 -72.30
CA ILE Q 152 87.17 68.54 -71.78
C ILE Q 152 86.56 67.85 -70.56
N ARG Q 153 86.26 66.54 -70.66
CA ARG Q 153 85.60 65.88 -69.53
C ARG Q 153 86.55 65.76 -68.34
N GLN Q 154 87.84 65.49 -68.59
CA GLN Q 154 88.78 65.42 -67.48
C GLN Q 154 89.14 66.79 -66.93
N GLU Q 155 89.01 67.84 -67.74
CA GLU Q 155 89.12 69.20 -67.20
C GLU Q 155 87.87 69.57 -66.43
N TYR Q 156 86.70 69.19 -66.95
CA TYR Q 156 85.45 69.31 -66.21
C TYR Q 156 85.57 68.61 -64.86
N TYR Q 157 85.98 67.34 -64.87
CA TYR Q 157 86.22 66.63 -63.61
C TYR Q 157 87.26 67.36 -62.77
N ALA Q 158 88.35 67.81 -63.38
CA ALA Q 158 89.29 68.67 -62.68
C ALA Q 158 88.59 69.93 -62.19
N ARG Q 159 87.61 70.44 -62.95
CA ARG Q 159 86.83 71.59 -62.51
C ARG Q 159 85.68 71.19 -61.58
N TRP Q 160 85.33 69.90 -61.55
CA TRP Q 160 84.42 69.38 -60.53
C TRP Q 160 85.17 69.12 -59.23
N ASP Q 161 86.45 68.79 -59.32
CA ASP Q 161 87.29 68.53 -58.16
C ASP Q 161 87.32 69.68 -57.17
N GLU Q 162 86.82 70.86 -57.55
CA GLU Q 162 86.87 72.03 -56.68
C GLU Q 162 85.71 72.04 -55.70
N SER Q 163 84.48 71.99 -56.21
CA SER Q 163 83.30 72.22 -55.39
C SER Q 163 82.97 71.07 -54.45
N LEU Q 164 83.70 69.95 -54.53
CA LEU Q 164 83.27 68.80 -53.75
C LEU Q 164 84.16 68.62 -52.52
N PRO Q 165 83.60 68.06 -51.44
CA PRO Q 165 84.38 67.88 -50.22
C PRO Q 165 85.49 66.84 -50.41
N GLY Q 166 86.48 66.92 -49.52
CA GLY Q 166 87.50 65.90 -49.48
C GLY Q 166 86.90 64.52 -49.30
N GLU Q 167 87.70 63.48 -49.56
CA GLU Q 167 87.27 62.09 -49.50
C GLU Q 167 86.41 61.71 -50.70
N PHE Q 168 85.99 62.70 -51.50
CA PHE Q 168 85.23 62.43 -52.71
C PHE Q 168 85.90 63.05 -53.93
N ARG Q 169 87.17 63.43 -53.80
CA ARG Q 169 87.88 64.07 -54.90
C ARG Q 169 87.92 63.18 -56.12
N ILE Q 170 87.78 63.80 -57.29
CA ILE Q 170 87.91 63.12 -58.57
C ILE Q 170 89.14 63.69 -59.26
N GLY Q 171 90.29 63.04 -59.08
CA GLY Q 171 91.53 63.54 -59.62
C GLY Q 171 91.87 62.96 -60.98
N LYS Q 172 91.85 61.64 -61.09
CA LYS Q 172 92.11 60.94 -62.34
C LYS Q 172 91.04 59.86 -62.50
N ARG Q 173 90.23 59.97 -63.55
CA ARG Q 173 89.13 59.04 -63.72
C ARG Q 173 89.65 57.62 -63.91
N THR Q 174 89.14 56.70 -63.10
CA THR Q 174 89.51 55.28 -63.18
C THR Q 174 88.23 54.47 -63.27
N ARG Q 175 87.92 53.99 -64.48
CA ARG Q 175 86.84 53.03 -64.67
C ARG Q 175 87.37 51.61 -64.60
N ARG Q 176 88.45 51.33 -65.31
CA ARG Q 176 89.16 50.06 -65.16
C ARG Q 176 89.85 50.12 -63.79
N PRO Q 177 89.76 49.06 -63.00
CA PRO Q 177 88.89 49.13 -61.82
C PRO Q 177 88.96 50.48 -61.13
N PRO Q 178 87.81 51.00 -60.70
CA PRO Q 178 87.80 52.30 -60.02
C PRO Q 178 88.55 52.23 -58.70
N LYS Q 179 89.31 53.28 -58.43
CA LYS Q 179 90.34 53.28 -57.40
C LYS Q 179 90.30 54.60 -56.65
N ASN Q 180 89.10 55.06 -56.31
CA ASN Q 180 88.91 56.38 -55.73
C ASN Q 180 87.48 56.47 -55.27
N GLU Q 181 87.26 57.22 -54.18
CA GLU Q 181 85.99 57.18 -53.47
C GLU Q 181 84.81 57.45 -54.41
N MET Q 182 84.79 58.63 -55.03
CA MET Q 182 83.64 59.04 -55.83
C MET Q 182 83.67 58.47 -57.24
N ASN Q 183 84.85 58.14 -57.76
CA ASN Q 183 84.96 57.68 -59.14
C ASN Q 183 84.01 56.53 -59.43
N ALA Q 184 83.97 55.53 -58.53
CA ALA Q 184 83.10 54.38 -58.73
C ALA Q 184 81.66 54.81 -59.02
N LEU Q 185 81.09 55.57 -58.08
CA LEU Q 185 79.71 56.06 -58.22
C LEU Q 185 79.45 56.64 -59.60
N ILE Q 186 80.45 57.30 -60.20
CA ILE Q 186 80.30 57.81 -61.56
C ILE Q 186 80.32 56.68 -62.57
N SER Q 187 81.42 55.93 -62.62
CA SER Q 187 81.53 54.79 -63.51
C SER Q 187 80.34 53.85 -63.37
N PHE Q 188 79.66 53.90 -62.23
CA PHE Q 188 78.51 53.04 -61.97
C PHE Q 188 77.24 53.65 -62.55
N LEU Q 189 76.91 54.89 -62.17
CA LEU Q 189 75.77 55.57 -62.77
C LEU Q 189 75.89 55.61 -64.29
N ASN Q 190 77.12 55.74 -64.80
CA ASN Q 190 77.32 55.70 -66.24
C ASN Q 190 76.84 54.37 -66.82
N SER Q 191 77.15 53.26 -66.14
CA SER Q 191 76.68 51.96 -66.60
C SER Q 191 75.17 51.90 -66.63
N ARG Q 192 74.51 52.37 -65.57
CA ARG Q 192 73.05 52.41 -65.55
C ARG Q 192 72.52 53.24 -66.72
N LEU Q 193 73.05 54.45 -66.89
CA LEU Q 193 72.62 55.27 -68.02
C LEU Q 193 72.82 54.54 -69.34
N TYR Q 194 73.94 53.83 -69.47
CA TYR Q 194 74.17 53.00 -70.65
C TYR Q 194 73.07 51.96 -70.81
N ALA Q 195 72.76 51.25 -69.72
CA ALA Q 195 71.69 50.26 -69.76
C ALA Q 195 70.38 50.88 -70.22
N THR Q 196 69.88 51.88 -69.47
CA THR Q 196 68.71 52.61 -69.90
C THR Q 196 68.85 53.09 -71.34
N MET Q 197 70.08 53.37 -71.76
CA MET Q 197 70.30 53.86 -73.12
C MET Q 197 69.99 52.78 -74.14
N ILE Q 198 70.57 51.58 -73.95
CA ILE Q 198 70.28 50.48 -74.85
C ILE Q 198 68.80 50.14 -74.82
N SER Q 199 68.10 50.53 -73.76
CA SER Q 199 66.67 50.26 -73.65
C SER Q 199 65.86 51.27 -74.46
N GLU Q 200 65.99 52.55 -74.13
CA GLU Q 200 65.21 53.59 -74.79
C GLU Q 200 65.52 53.70 -76.28
N ILE Q 201 66.63 53.11 -76.74
CA ILE Q 201 66.90 53.05 -78.17
C ILE Q 201 66.03 51.97 -78.82
N TYR Q 202 65.83 50.85 -78.12
CA TYR Q 202 65.08 49.73 -78.68
C TYR Q 202 63.70 50.14 -79.17
N ASN Q 203 63.08 51.12 -78.51
CA ASN Q 203 61.74 51.55 -78.88
C ASN Q 203 61.69 52.37 -80.16
N THR Q 204 62.84 52.65 -80.77
CA THR Q 204 62.87 53.40 -82.03
C THR Q 204 63.14 52.45 -83.19
N GLN Q 205 63.21 53.02 -84.39
CA GLN Q 205 63.61 52.29 -85.59
C GLN Q 205 65.12 52.31 -85.80
N LEU Q 206 65.86 52.95 -84.90
CA LEU Q 206 67.29 53.08 -85.05
C LEU Q 206 67.99 51.73 -84.88
N ALA Q 207 68.96 51.46 -85.74
CA ALA Q 207 69.84 50.31 -85.55
C ALA Q 207 70.87 50.65 -84.47
N PRO Q 208 70.95 49.88 -83.38
CA PRO Q 208 71.76 50.29 -82.23
C PRO Q 208 73.26 50.12 -82.44
N THR Q 209 73.70 49.46 -83.50
CA THR Q 209 75.10 49.11 -83.68
C THR Q 209 75.85 50.08 -84.61
N ILE Q 210 75.20 51.12 -85.10
CA ILE Q 210 75.83 52.12 -85.96
C ILE Q 210 75.98 53.41 -85.17
N SER Q 211 77.23 53.83 -84.95
CA SER Q 211 77.53 55.10 -84.28
C SER Q 211 78.27 56.03 -85.23
N TYR Q 212 78.49 57.26 -84.77
CA TYR Q 212 79.24 58.27 -85.53
C TYR Q 212 80.51 58.70 -84.82
N LEU Q 213 80.40 59.22 -83.59
CA LEU Q 213 81.59 59.64 -82.86
C LEU Q 213 82.44 58.45 -82.43
N HIS Q 214 81.83 57.27 -82.33
CA HIS Q 214 82.52 56.04 -81.96
C HIS Q 214 82.52 55.08 -83.15
N GLU Q 215 83.66 54.44 -83.38
CA GLU Q 215 83.71 53.41 -84.41
C GLU Q 215 83.04 52.14 -83.89
N PRO Q 216 82.12 51.54 -84.65
CA PRO Q 216 81.40 50.37 -84.13
C PRO Q 216 82.21 49.10 -84.22
N SER Q 217 81.93 48.19 -83.28
CA SER Q 217 82.60 46.89 -83.23
C SER Q 217 81.72 45.74 -83.69
N GLU Q 218 80.50 46.02 -84.14
CA GLU Q 218 79.59 45.12 -84.82
C GLU Q 218 78.86 44.16 -83.89
N ARG Q 219 79.24 44.06 -82.62
CA ARG Q 219 78.54 43.18 -81.69
C ARG Q 219 78.38 43.83 -80.32
N ARG Q 220 78.63 45.12 -80.21
CA ARG Q 220 78.36 45.90 -79.01
C ARG Q 220 77.60 47.14 -79.44
N PHE Q 221 76.53 47.47 -78.73
CA PHE Q 221 75.72 48.60 -79.13
C PHE Q 221 76.55 49.86 -79.11
N SER Q 222 76.93 50.36 -80.29
CA SER Q 222 77.55 51.67 -80.41
C SER Q 222 76.50 52.60 -81.01
N LEU Q 223 75.54 53.02 -80.18
CA LEU Q 223 74.80 54.25 -80.38
C LEU Q 223 74.62 54.91 -79.01
N ALA Q 224 74.38 54.06 -78.01
CA ALA Q 224 74.15 54.53 -76.65
C ALA Q 224 75.34 55.32 -76.13
N LEU Q 225 76.56 54.87 -76.46
CA LEU Q 225 77.75 55.61 -76.07
C LEU Q 225 77.71 57.02 -76.62
N ASP Q 226 77.34 57.15 -77.90
CA ASP Q 226 77.21 58.47 -78.50
C ASP Q 226 76.15 59.31 -77.77
N LEU Q 227 74.95 58.76 -77.61
CA LEU Q 227 73.90 59.52 -76.94
C LEU Q 227 74.19 59.72 -75.46
N SER Q 228 74.84 58.74 -74.82
CA SER Q 228 75.24 58.94 -73.43
C SER Q 228 76.22 60.10 -73.31
N GLU Q 229 77.01 60.35 -74.36
CA GLU Q 229 77.87 61.52 -74.40
C GLU Q 229 77.08 62.78 -74.06
N ILE Q 230 75.80 62.82 -74.42
CA ILE Q 230 74.97 63.98 -74.10
C ILE Q 230 74.44 63.90 -72.68
N PHE Q 231 73.99 62.71 -72.26
CA PHE Q 231 73.21 62.59 -71.03
C PHE Q 231 74.05 62.27 -69.80
N LYS Q 232 75.27 61.77 -69.97
CA LYS Q 232 76.14 61.54 -68.83
C LYS Q 232 76.29 62.79 -67.97
N PRO Q 233 76.50 63.99 -68.53
CA PRO Q 233 76.50 65.20 -67.68
C PRO Q 233 75.12 65.59 -67.19
N ILE Q 234 74.05 65.20 -67.89
CA ILE Q 234 72.71 65.61 -67.49
C ILE Q 234 72.22 64.80 -66.30
N ILE Q 235 72.39 63.48 -66.36
CA ILE Q 235 71.79 62.55 -65.40
C ILE Q 235 72.82 62.01 -64.43
N ALA Q 236 73.83 61.29 -64.93
CA ALA Q 236 74.80 60.64 -64.06
C ALA Q 236 75.51 61.67 -63.18
N ASP Q 237 76.20 62.62 -63.80
CA ASP Q 237 76.92 63.64 -63.04
C ASP Q 237 76.00 64.32 -62.04
N ARG Q 238 74.80 64.70 -62.47
CA ARG Q 238 73.89 65.43 -61.60
C ARG Q 238 73.46 64.58 -60.42
N ILE Q 239 73.18 63.29 -60.65
CA ILE Q 239 72.79 62.41 -59.56
C ILE Q 239 73.94 62.26 -58.56
N ALA Q 240 75.11 61.83 -59.05
CA ALA Q 240 76.29 61.76 -58.18
C ALA Q 240 76.98 63.11 -58.05
N ASN Q 241 76.19 64.13 -57.84
CA ASN Q 241 76.52 65.44 -57.30
C ASN Q 241 75.56 65.79 -56.17
N ARG Q 242 74.27 65.47 -56.33
CA ARG Q 242 73.25 65.62 -55.32
C ARG Q 242 73.24 64.49 -54.30
N LEU Q 243 73.97 63.39 -54.59
CA LEU Q 243 74.16 62.33 -53.61
C LEU Q 243 75.32 62.64 -52.67
N VAL Q 244 76.40 63.23 -53.21
CA VAL Q 244 77.55 63.58 -52.39
C VAL Q 244 77.30 64.89 -51.65
N LYS Q 245 76.48 65.79 -52.21
CA LYS Q 245 76.21 67.06 -51.56
C LYS Q 245 75.31 66.88 -50.34
N LYS Q 246 74.08 66.39 -50.56
CA LYS Q 246 73.11 66.26 -49.49
C LYS Q 246 73.59 65.35 -48.37
N GLY Q 247 74.66 64.58 -48.59
CA GLY Q 247 75.20 63.74 -47.55
C GLY Q 247 74.55 62.38 -47.42
N ILE Q 248 73.98 61.87 -48.52
CA ILE Q 248 73.25 60.60 -48.46
C ILE Q 248 74.17 59.39 -48.49
N ILE Q 249 75.45 59.57 -48.81
CA ILE Q 249 76.41 58.47 -48.89
C ILE Q 249 77.67 58.87 -48.14
N LYS Q 250 78.15 57.98 -47.27
CA LYS Q 250 79.38 58.19 -46.51
C LYS Q 250 80.29 56.98 -46.75
N LYS Q 251 81.37 56.88 -45.96
CA LYS Q 251 82.37 55.86 -46.21
C LYS Q 251 81.85 54.44 -45.95
N ASP Q 252 80.84 54.29 -45.09
CA ASP Q 252 80.34 52.95 -44.77
C ASP Q 252 79.73 52.26 -46.00
N HIS Q 253 79.33 53.03 -47.01
CA HIS Q 253 78.75 52.45 -48.22
C HIS Q 253 79.80 51.94 -49.18
N PHE Q 254 81.06 52.38 -49.04
CA PHE Q 254 82.13 52.01 -49.95
C PHE Q 254 83.10 51.09 -49.23
N ARG Q 255 83.55 50.05 -49.92
CA ARG Q 255 84.51 49.09 -49.41
C ARG Q 255 85.87 49.34 -50.05
N GLU Q 256 86.86 48.55 -49.63
CA GLU Q 256 88.18 48.54 -50.25
C GLU Q 256 88.51 47.09 -50.58
N ASP Q 257 88.40 46.73 -51.86
CA ASP Q 257 88.79 45.40 -52.31
C ASP Q 257 90.30 45.42 -52.56
N LEU Q 258 90.82 44.36 -53.16
CA LEU Q 258 92.25 44.28 -53.40
C LEU Q 258 92.68 45.18 -54.56
N ASN Q 259 91.79 45.46 -55.50
CA ASN Q 259 92.09 46.33 -56.63
C ASN Q 259 91.47 47.71 -56.50
N GLY Q 260 90.13 47.79 -56.39
CA GLY Q 260 89.40 49.05 -56.46
C GLY Q 260 88.59 49.37 -55.22
N VAL Q 261 87.46 50.06 -55.36
CA VAL Q 261 86.74 50.57 -54.20
C VAL Q 261 85.34 50.01 -54.02
N LEU Q 262 84.74 49.32 -54.99
CA LEU Q 262 83.29 49.28 -55.15
C LEU Q 262 82.41 49.33 -53.91
N LEU Q 263 81.15 49.71 -54.10
CA LEU Q 263 80.24 50.00 -53.00
C LEU Q 263 79.36 48.80 -52.62
N THR Q 264 78.93 48.77 -51.36
CA THR Q 264 78.14 47.67 -50.85
C THR Q 264 76.67 47.83 -51.21
N ASP Q 265 75.90 46.76 -50.98
CA ASP Q 265 74.50 46.72 -51.40
C ASP Q 265 73.72 47.90 -50.82
N GLU Q 266 73.95 48.25 -49.55
CA GLU Q 266 73.26 49.40 -48.98
C GLU Q 266 73.60 50.67 -49.74
N GLY Q 267 74.84 50.77 -50.23
CA GLY Q 267 75.18 51.89 -51.09
C GLY Q 267 74.59 51.76 -52.47
N MET Q 268 74.77 50.58 -53.09
CA MET Q 268 74.27 50.38 -54.45
C MET Q 268 72.76 50.59 -54.51
N LYS Q 269 72.04 50.13 -53.49
CA LYS Q 269 70.60 50.35 -53.45
C LYS Q 269 70.27 51.83 -53.32
N ILE Q 270 71.12 52.61 -52.63
CA ILE Q 270 70.90 54.04 -52.55
C ILE Q 270 71.26 54.71 -53.86
N VAL Q 271 72.36 54.27 -54.49
CA VAL Q 271 72.74 54.85 -55.78
C VAL Q 271 71.74 54.46 -56.86
N THR Q 272 71.28 53.21 -56.84
CA THR Q 272 70.18 52.82 -57.71
C THR Q 272 68.98 53.73 -57.48
N LYS Q 273 68.59 53.90 -56.21
CA LYS Q 273 67.69 54.98 -55.86
C LYS Q 273 68.36 56.31 -56.18
N ALA Q 274 67.53 57.35 -56.34
CA ALA Q 274 68.01 58.68 -56.69
C ALA Q 274 68.46 58.75 -58.14
N TYR Q 275 68.56 57.59 -58.80
CA TYR Q 275 68.60 57.48 -60.24
C TYR Q 275 67.22 57.15 -60.79
N ASN Q 276 66.63 56.07 -60.28
CA ASN Q 276 65.23 55.77 -60.55
C ASN Q 276 64.33 56.89 -60.05
N GLN Q 277 64.76 57.58 -58.99
CA GLN Q 277 64.02 58.72 -58.48
C GLN Q 277 64.16 59.92 -59.41
N GLU Q 278 65.38 60.19 -59.87
CA GLU Q 278 65.66 61.37 -60.68
C GLU Q 278 65.52 61.12 -62.18
N LEU Q 279 65.49 59.86 -62.61
CA LEU Q 279 65.25 59.57 -64.02
C LEU Q 279 63.79 59.74 -64.40
N GLU Q 280 62.89 59.66 -63.43
CA GLU Q 280 61.47 59.92 -63.65
C GLU Q 280 61.08 61.33 -63.22
N LYS Q 281 62.06 62.24 -63.12
CA LYS Q 281 61.78 63.64 -62.88
C LYS Q 281 60.98 64.19 -64.05
N THR Q 282 60.59 65.46 -63.99
CA THR Q 282 59.61 66.00 -64.93
C THR Q 282 60.04 67.36 -65.42
N VAL Q 283 59.60 67.69 -66.63
CA VAL Q 283 59.92 68.96 -67.26
C VAL Q 283 58.68 69.50 -67.99
N VAL Q 292 56.48 64.15 -71.59
CA VAL Q 292 56.45 65.22 -70.59
C VAL Q 292 57.12 64.62 -69.33
N THR Q 293 58.26 63.98 -69.56
CA THR Q 293 58.98 63.23 -68.54
C THR Q 293 60.48 63.29 -68.83
N ARG Q 294 61.30 63.14 -67.78
CA ARG Q 294 62.75 63.16 -67.96
C ARG Q 294 63.23 61.94 -68.75
N ARG Q 295 62.59 60.78 -68.55
CA ARG Q 295 62.98 59.59 -69.30
C ARG Q 295 62.67 59.74 -70.78
N ARG Q 296 61.49 60.24 -71.11
CA ARG Q 296 61.10 60.36 -72.51
C ARG Q 296 62.12 61.17 -73.30
N LEU Q 297 62.73 62.17 -72.67
CA LEU Q 297 63.79 62.94 -73.32
C LEU Q 297 64.82 62.03 -73.97
N ILE Q 298 65.06 60.86 -73.38
CA ILE Q 298 65.99 59.90 -73.97
C ILE Q 298 65.52 59.51 -75.36
N ARG Q 299 64.22 59.21 -75.50
CA ARG Q 299 63.70 58.81 -76.80
C ARG Q 299 63.45 60.01 -77.70
N LEU Q 300 62.96 61.12 -77.14
CA LEU Q 300 62.76 62.31 -77.96
C LEU Q 300 64.07 62.76 -78.60
N GLU Q 301 65.17 62.69 -77.84
CA GLU Q 301 66.48 62.97 -78.42
C GLU Q 301 66.79 61.96 -79.52
N ALA Q 302 66.45 60.69 -79.31
CA ALA Q 302 66.65 59.69 -80.36
C ALA Q 302 65.83 60.04 -81.60
N TYR Q 303 64.62 60.56 -81.39
CA TYR Q 303 63.80 60.98 -82.53
C TYR Q 303 64.45 62.13 -83.29
N LYS Q 304 65.13 63.03 -82.57
CA LYS Q 304 65.84 64.12 -83.24
C LYS Q 304 66.80 63.59 -84.29
N ILE Q 305 67.34 62.38 -84.09
CA ILE Q 305 68.15 61.76 -85.13
C ILE Q 305 67.28 61.36 -86.32
N ILE Q 306 66.13 60.73 -86.04
CA ILE Q 306 65.20 60.39 -87.12
C ILE Q 306 64.80 61.66 -87.87
N LYS Q 307 64.49 62.72 -87.13
CA LYS Q 307 64.17 63.99 -87.77
C LYS Q 307 65.33 64.53 -88.58
N HIS Q 308 66.55 64.10 -88.28
CA HIS Q 308 67.74 64.47 -89.04
C HIS Q 308 68.02 63.51 -90.18
N LEU Q 309 67.79 62.21 -89.96
CA LEU Q 309 68.12 61.24 -91.00
C LEU Q 309 67.20 61.36 -92.21
N VAL Q 310 65.91 61.69 -92.00
CA VAL Q 310 65.03 61.84 -93.15
C VAL Q 310 65.28 63.18 -93.84
N GLY Q 311 65.61 64.22 -93.06
CA GLY Q 311 65.65 65.57 -93.56
C GLY Q 311 64.40 66.36 -93.22
N VAL Q 312 63.84 66.15 -92.03
CA VAL Q 312 62.79 67.03 -91.54
C VAL Q 312 63.39 68.32 -91.01
N GLU Q 313 64.23 68.21 -89.98
CA GLU Q 313 64.93 69.35 -89.41
C GLU Q 313 66.37 68.92 -89.11
N GLU Q 314 67.31 69.84 -89.31
CA GLU Q 314 68.70 69.56 -88.99
C GLU Q 314 68.83 69.19 -87.52
N TYR Q 315 69.86 68.40 -87.21
CA TYR Q 315 69.99 67.87 -85.86
C TYR Q 315 70.45 68.95 -84.90
N SER Q 316 69.69 69.15 -83.83
CA SER Q 316 70.08 70.02 -82.72
C SER Q 316 70.19 69.16 -81.47
N PRO Q 317 71.33 69.15 -80.77
CA PRO Q 317 71.43 68.33 -79.56
C PRO Q 317 70.61 68.91 -78.42
N LEU Q 318 70.57 68.23 -77.28
CA LEU Q 318 69.72 68.63 -76.16
C LEU Q 318 70.53 69.46 -75.15
N VAL Q 319 69.95 70.57 -74.72
CA VAL Q 319 70.51 71.40 -73.66
C VAL Q 319 69.65 71.23 -72.42
N ALA Q 320 70.18 71.64 -71.28
CA ALA Q 320 69.43 71.60 -70.03
C ALA Q 320 68.90 72.98 -69.67
N LYS R 4 84.23 26.26 -83.22
CA LYS R 4 83.57 27.41 -83.83
C LYS R 4 82.29 27.77 -83.07
N SER R 5 81.31 26.89 -83.12
CA SER R 5 80.01 27.13 -82.50
C SER R 5 79.61 25.94 -81.63
N LEU R 6 78.70 26.20 -80.70
CA LEU R 6 78.13 25.18 -79.83
C LEU R 6 76.61 25.18 -80.00
N THR R 7 76.02 23.98 -79.88
CA THR R 7 74.59 23.80 -80.07
C THR R 7 74.04 22.93 -78.96
N ILE R 8 73.02 23.43 -78.26
CA ILE R 8 72.34 22.70 -77.19
C ILE R 8 70.94 22.38 -77.68
N PHE R 9 70.70 21.10 -77.97
CA PHE R 9 69.36 20.64 -78.32
C PHE R 9 68.57 20.19 -77.10
N SER R 10 69.25 19.63 -76.10
CA SER R 10 68.57 19.14 -74.90
C SER R 10 68.03 20.30 -74.07
N ASP R 11 67.41 19.96 -72.94
CA ASP R 11 66.85 20.94 -72.03
C ASP R 11 67.35 20.65 -70.63
N GLY R 12 68.26 21.49 -70.14
CA GLY R 12 68.78 21.43 -68.79
C GLY R 12 68.81 22.79 -68.15
N THR R 13 69.79 23.01 -67.29
CA THR R 13 70.01 24.31 -66.67
C THR R 13 71.50 24.57 -66.63
N LEU R 14 71.93 25.64 -67.30
CA LEU R 14 73.33 26.03 -67.29
C LEU R 14 73.65 26.75 -65.99
N LEU R 15 74.80 26.44 -65.41
CA LEU R 15 75.21 27.06 -64.16
C LEU R 15 76.72 27.06 -64.04
N ARG R 16 77.20 27.68 -62.96
CA ARG R 16 78.61 27.77 -62.61
C ARG R 16 78.76 27.23 -61.20
N ARG R 17 79.36 26.05 -61.06
CA ARG R 17 79.40 25.40 -59.75
C ARG R 17 80.16 26.27 -58.76
N GLU R 18 81.47 26.35 -58.92
CA GLU R 18 82.27 27.31 -58.15
C GLU R 18 83.18 28.15 -59.03
N ASN R 19 83.87 27.52 -59.98
CA ASN R 19 84.50 28.27 -61.08
C ASN R 19 84.63 27.30 -62.26
N THR R 20 83.57 27.19 -63.05
CA THR R 20 83.56 26.47 -64.32
C THR R 20 82.12 26.52 -64.82
N LEU R 21 81.94 26.29 -66.12
CA LEU R 21 80.60 26.16 -66.69
C LEU R 21 80.13 24.73 -66.57
N TYR R 22 78.84 24.55 -66.24
CA TYR R 22 78.29 23.24 -65.98
C TYR R 22 76.87 23.14 -66.53
N PHE R 23 76.51 21.93 -66.95
CA PHE R 23 75.20 21.61 -67.50
C PHE R 23 74.50 20.65 -66.53
N GLU R 24 73.55 21.20 -65.76
CA GLU R 24 72.74 20.50 -64.76
C GLU R 24 71.58 19.82 -65.49
N ASN R 25 70.37 19.93 -64.99
CA ASN R 25 69.37 18.87 -64.91
C ASN R 25 69.48 17.58 -65.68
N VAL R 26 69.93 17.54 -66.94
CA VAL R 26 69.54 16.53 -67.94
C VAL R 26 69.67 15.06 -67.49
N ASN R 27 69.49 14.85 -66.17
CA ASN R 27 69.74 13.59 -65.41
C ASN R 27 71.23 13.43 -65.15
N GLY R 28 71.89 14.53 -64.81
CA GLY R 28 73.27 14.49 -64.37
C GLY R 28 73.85 15.88 -64.35
N ARG R 29 75.18 15.93 -64.25
CA ARG R 29 75.90 17.20 -64.32
C ARG R 29 77.21 16.96 -65.05
N LYS R 30 77.44 17.72 -66.12
CA LYS R 30 78.64 17.58 -66.93
C LYS R 30 79.12 18.96 -67.36
N PRO R 31 80.42 19.17 -67.44
CA PRO R 31 80.94 20.50 -67.80
C PRO R 31 80.82 20.78 -69.29
N LEU R 32 81.07 22.04 -69.64
CA LEU R 32 81.05 22.51 -71.02
C LEU R 32 82.39 23.17 -71.33
N ALA R 33 83.03 22.73 -72.40
CA ALA R 33 84.30 23.31 -72.84
C ALA R 33 84.01 24.39 -73.87
N ILE R 34 84.27 25.64 -73.50
CA ILE R 34 83.96 26.80 -74.33
C ILE R 34 85.21 27.42 -74.95
N GLU R 35 86.37 26.80 -74.77
CA GLU R 35 87.63 27.46 -75.10
C GLU R 35 87.67 27.96 -76.53
N GLY R 36 87.11 27.19 -77.47
CA GLY R 36 87.15 27.53 -78.88
C GLY R 36 85.88 28.09 -79.46
N ILE R 37 84.88 28.37 -78.64
CA ILE R 37 83.57 28.77 -79.12
C ILE R 37 83.50 30.29 -79.20
N TYR R 38 82.93 30.79 -80.31
CA TYR R 38 82.59 32.20 -80.45
C TYR R 38 81.10 32.46 -80.40
N ASP R 39 80.27 31.42 -80.57
CA ASP R 39 78.82 31.57 -80.56
C ASP R 39 78.20 30.34 -79.92
N ILE R 40 77.19 30.55 -79.08
CA ILE R 40 76.43 29.48 -78.45
C ILE R 40 74.99 29.62 -78.92
N TYR R 41 74.38 28.49 -79.29
CA TYR R 41 73.01 28.44 -79.79
C TYR R 41 72.18 27.58 -78.85
N ILE R 42 71.15 28.16 -78.27
CA ILE R 42 70.25 27.45 -77.35
C ILE R 42 68.93 27.23 -78.09
N TYR R 43 68.62 25.96 -78.37
CA TYR R 43 67.38 25.58 -79.03
C TYR R 43 66.36 25.02 -78.05
N GLY R 44 66.74 24.03 -77.26
CA GLY R 44 65.84 23.45 -76.29
C GLY R 44 65.45 24.42 -75.19
N HIS R 45 64.84 23.86 -74.15
CA HIS R 45 64.40 24.63 -72.99
C HIS R 45 65.52 24.60 -71.95
N VAL R 46 66.28 25.69 -71.86
CA VAL R 46 67.47 25.75 -71.02
C VAL R 46 67.32 26.92 -70.07
N ASN R 47 67.34 26.63 -68.77
CA ASN R 47 67.33 27.66 -67.75
C ASN R 47 68.74 28.19 -67.53
N ILE R 48 68.88 29.50 -67.41
CA ILE R 48 70.17 30.15 -67.31
C ILE R 48 70.32 30.75 -65.91
N THR R 49 71.55 30.74 -65.43
CA THR R 49 71.90 31.33 -64.14
C THR R 49 72.74 32.59 -64.38
N SER R 50 72.57 33.57 -63.49
CA SER R 50 73.32 34.82 -63.63
C SER R 50 74.82 34.62 -63.46
N GLN R 51 75.25 33.56 -62.78
CA GLN R 51 76.67 33.27 -62.67
C GLN R 51 77.22 32.80 -64.02
N ALA R 52 76.62 31.74 -64.58
CA ALA R 52 77.13 31.19 -65.83
C ALA R 52 76.99 32.17 -66.99
N LEU R 53 75.99 33.05 -66.93
CA LEU R 53 75.86 34.09 -67.95
C LEU R 53 76.86 35.22 -67.72
N HIS R 54 77.32 35.40 -66.48
CA HIS R 54 78.42 36.32 -66.22
C HIS R 54 79.76 35.72 -66.68
N TYR R 55 79.97 34.44 -66.38
CA TYR R 55 81.13 33.73 -66.93
C TYR R 55 81.12 33.82 -68.46
N ILE R 56 80.00 33.45 -69.07
CA ILE R 56 79.88 33.53 -70.53
C ILE R 56 80.10 34.97 -71.00
N ALA R 57 79.58 35.93 -70.25
CA ALA R 57 79.65 37.33 -70.68
C ALA R 57 81.11 37.81 -70.75
N GLN R 58 81.83 37.69 -69.63
CA GLN R 58 83.21 38.16 -69.59
C GLN R 58 84.10 37.39 -70.56
N LYS R 59 83.67 36.21 -71.02
CA LYS R 59 84.41 35.47 -72.02
C LYS R 59 84.20 36.00 -73.43
N GLY R 60 83.26 36.93 -73.62
CA GLY R 60 83.00 37.44 -74.96
C GLY R 60 82.23 36.50 -75.86
N ILE R 61 81.50 35.56 -75.28
CA ILE R 61 80.71 34.59 -76.04
C ILE R 61 79.33 35.18 -76.30
N LEU R 62 78.76 34.86 -77.45
CA LEU R 62 77.44 35.32 -77.85
C LEU R 62 76.46 34.16 -77.74
N ILE R 63 75.28 34.43 -77.18
CA ILE R 63 74.24 33.41 -77.01
C ILE R 63 73.04 33.80 -77.86
N HIS R 64 72.63 32.89 -78.75
CA HIS R 64 71.39 33.03 -79.52
C HIS R 64 70.37 32.04 -78.94
N PHE R 65 69.33 32.59 -78.31
CA PHE R 65 68.26 31.78 -77.74
C PHE R 65 67.18 31.52 -78.78
N PHE R 66 66.52 30.36 -78.67
CA PHE R 66 65.47 29.97 -79.60
C PHE R 66 64.31 29.36 -78.82
N ASN R 67 63.20 29.14 -79.53
CA ASN R 67 61.97 28.60 -78.99
C ASN R 67 61.96 27.07 -79.13
N HIS R 68 60.79 26.45 -78.98
CA HIS R 68 60.64 25.01 -79.14
C HIS R 68 61.42 24.50 -80.35
N TYR R 69 61.06 24.96 -81.55
CA TYR R 69 61.69 24.47 -82.76
C TYR R 69 62.46 25.55 -83.52
N GLY R 70 61.82 26.65 -83.91
CA GLY R 70 62.46 27.57 -84.83
C GLY R 70 62.22 29.04 -84.59
N TYR R 71 61.48 29.40 -83.56
CA TYR R 71 61.15 30.80 -83.30
C TYR R 71 62.31 31.50 -82.61
N TYR R 72 62.63 32.70 -83.08
CA TYR R 72 63.74 33.47 -82.52
C TYR R 72 63.31 34.23 -81.28
N ASP R 73 64.07 34.09 -80.19
CA ASP R 73 63.78 34.81 -78.96
C ASP R 73 64.63 36.07 -78.82
N GLY R 74 65.94 35.92 -78.75
CA GLY R 74 66.80 37.04 -78.45
C GLY R 74 68.27 36.66 -78.57
N THR R 75 69.12 37.57 -78.13
CA THR R 75 70.56 37.39 -78.21
C THR R 75 71.21 38.00 -76.98
N PHE R 76 72.23 37.34 -76.45
CA PHE R 76 73.00 37.88 -75.33
C PHE R 76 74.25 38.57 -75.88
N TYR R 77 74.25 39.90 -75.87
CA TYR R 77 75.41 40.68 -76.26
C TYR R 77 76.20 41.05 -75.00
N PRO R 78 77.37 40.47 -74.76
CA PRO R 78 78.19 40.94 -73.64
C PRO R 78 78.77 42.31 -73.95
N ARG R 79 79.31 42.95 -72.92
CA ARG R 79 79.95 44.25 -73.12
C ARG R 79 81.26 44.09 -73.87
N GLU R 80 82.14 43.21 -73.37
CA GLU R 80 83.47 43.03 -73.94
C GLU R 80 83.38 42.03 -75.08
N THR R 81 83.00 42.53 -76.25
CA THR R 81 82.97 41.71 -77.45
C THR R 81 84.39 41.50 -77.98
N LEU R 82 84.54 40.50 -78.84
CA LEU R 82 85.80 40.27 -79.54
C LEU R 82 85.78 41.09 -80.82
N LEU R 83 86.89 41.79 -81.09
CA LEU R 83 86.93 42.76 -82.18
C LEU R 83 86.34 42.19 -83.45
N SER R 84 85.72 43.07 -84.24
CA SER R 84 85.11 42.66 -85.50
C SER R 84 84.80 43.91 -86.31
N GLY R 85 84.75 43.73 -87.64
CA GLY R 85 84.22 44.77 -88.50
C GLY R 85 82.72 44.69 -88.60
N ASP R 86 82.10 45.79 -89.00
CA ASP R 86 80.65 45.91 -88.93
C ASP R 86 80.02 45.43 -90.24
N LEU R 87 79.17 44.41 -90.13
CA LEU R 87 78.56 43.77 -91.27
C LEU R 87 77.30 44.48 -91.73
N ILE R 88 76.44 44.87 -90.78
CA ILE R 88 75.20 45.54 -91.13
C ILE R 88 75.49 46.79 -91.97
N ILE R 89 76.60 47.48 -91.69
CA ILE R 89 77.01 48.58 -92.55
C ILE R 89 77.22 48.07 -93.98
N LYS R 90 78.04 47.02 -94.13
CA LYS R 90 78.30 46.44 -95.44
C LYS R 90 77.00 46.13 -96.18
N GLN R 91 76.14 45.31 -95.57
CA GLN R 91 74.84 44.96 -96.14
C GLN R 91 74.19 46.16 -96.79
N ALA R 92 74.30 47.32 -96.12
CA ALA R 92 73.79 48.57 -96.68
C ALA R 92 74.77 49.21 -97.64
N GLU R 93 76.07 48.99 -97.45
CA GLU R 93 77.06 49.52 -98.38
C GLU R 93 76.87 48.94 -99.77
N HIS R 94 76.55 47.65 -99.85
CA HIS R 94 76.32 47.05 -101.16
C HIS R 94 74.97 47.49 -101.75
N TYR R 95 74.00 47.77 -100.89
CA TYR R 95 72.75 48.36 -101.38
C TYR R 95 72.99 49.76 -101.95
N LEU R 96 73.88 50.52 -101.31
CA LEU R 96 74.05 51.93 -101.70
C LEU R 96 74.64 52.04 -103.10
N ASP R 97 75.86 51.51 -103.29
CA ASP R 97 76.44 51.50 -104.62
C ASP R 97 75.68 50.49 -105.49
N LYS R 98 75.18 50.95 -106.63
CA LYS R 98 74.16 50.22 -107.36
C LYS R 98 74.70 48.99 -108.10
N ASN R 99 76.00 48.94 -108.38
CA ASN R 99 76.56 47.83 -109.13
C ASN R 99 76.80 46.58 -108.28
N LYS R 100 76.50 46.66 -106.98
CA LYS R 100 76.55 45.52 -106.08
C LYS R 100 75.17 45.04 -105.67
N ARG R 101 74.22 45.96 -105.53
CA ARG R 101 72.82 45.59 -105.46
C ARG R 101 72.38 44.87 -106.73
N LEU R 102 72.55 45.52 -107.88
CA LEU R 102 72.18 44.91 -109.15
C LEU R 102 72.81 43.55 -109.35
N PHE R 103 73.95 43.29 -108.70
CA PHE R 103 74.57 41.98 -108.79
C PHE R 103 73.90 40.98 -107.86
N LEU R 104 73.69 41.37 -106.60
CA LEU R 104 72.98 40.49 -105.66
C LEU R 104 71.53 40.28 -106.11
N ALA R 105 70.85 41.37 -106.47
CA ALA R 105 69.71 41.24 -107.36
C ALA R 105 70.20 40.62 -108.66
N LYS R 106 69.31 39.86 -109.31
CA LYS R 106 69.64 39.03 -110.46
C LYS R 106 70.42 37.79 -110.09
N SER R 107 70.95 37.74 -108.86
CA SER R 107 71.53 36.51 -108.34
C SER R 107 70.44 35.74 -107.60
N PHE R 108 69.68 36.46 -106.77
CA PHE R 108 68.46 35.92 -106.20
C PHE R 108 67.53 35.43 -107.29
N VAL R 109 67.31 36.24 -108.33
CA VAL R 109 66.32 35.89 -109.35
C VAL R 109 66.80 34.70 -110.18
N VAL R 110 68.06 34.74 -110.64
CA VAL R 110 68.58 33.62 -111.42
C VAL R 110 68.51 32.33 -110.61
N GLY R 111 68.79 32.41 -109.31
CA GLY R 111 68.63 31.24 -108.46
C GLY R 111 67.18 30.79 -108.39
N GLY R 112 66.26 31.77 -108.29
CA GLY R 112 64.85 31.43 -108.28
C GLY R 112 64.41 30.72 -109.56
N ALA R 113 64.72 31.32 -110.72
CA ALA R 113 64.24 30.76 -111.99
C ALA R 113 65.02 29.53 -112.40
N LYS R 114 66.28 29.38 -111.95
CA LYS R 114 67.00 28.14 -112.22
C LYS R 114 66.45 27.00 -111.36
N ASN R 115 66.15 27.28 -110.10
CA ASN R 115 65.46 26.31 -109.26
C ASN R 115 64.11 25.96 -109.87
N MET R 116 63.36 26.96 -110.31
CA MET R 116 62.08 26.71 -110.97
C MET R 116 62.26 25.79 -112.17
N GLU R 117 63.28 26.04 -112.99
CA GLU R 117 63.54 25.18 -114.14
C GLU R 117 63.83 23.75 -113.69
N LYS R 118 64.75 23.59 -112.73
CA LYS R 118 65.05 22.24 -112.23
C LYS R 118 63.85 21.63 -111.53
N ASN R 119 62.97 22.46 -110.96
CA ASN R 119 61.74 21.93 -110.36
C ASN R 119 60.80 21.40 -111.44
N LEU R 120 60.54 22.21 -112.47
CA LEU R 120 59.69 21.77 -113.57
C LEU R 120 60.28 20.53 -114.25
N LYS R 121 61.60 20.48 -114.40
CA LYS R 121 62.22 19.36 -115.11
C LYS R 121 62.18 18.09 -114.26
N ASN R 122 62.37 18.23 -112.94
CA ASN R 122 62.23 17.07 -112.07
C ASN R 122 60.84 16.44 -112.17
N TRP R 123 59.85 17.21 -112.61
CA TRP R 123 58.49 16.70 -112.82
C TRP R 123 58.19 16.41 -114.28
N GLY R 124 59.11 16.71 -115.19
CA GLY R 124 58.94 16.37 -116.58
C GLY R 124 58.05 17.32 -117.37
N ILE R 125 58.12 18.62 -117.07
CA ILE R 125 57.32 19.62 -117.76
C ILE R 125 58.24 20.49 -118.61
N SER R 126 57.66 21.11 -119.64
CA SER R 126 58.40 22.05 -120.47
C SER R 126 58.80 23.27 -119.65
N SER R 127 60.09 23.62 -119.71
CA SER R 127 60.67 24.63 -118.83
C SER R 127 60.95 25.95 -119.55
N ASP R 128 61.79 25.92 -120.60
CA ASP R 128 62.06 27.08 -121.46
C ASP R 128 62.15 28.40 -120.69
N PHE R 129 63.00 28.43 -119.68
CA PHE R 129 63.21 29.66 -118.91
C PHE R 129 64.47 30.43 -119.32
N SER R 130 65.52 29.76 -119.80
CA SER R 130 66.72 30.47 -120.21
C SER R 130 66.42 31.57 -121.22
N ASN R 131 65.28 31.48 -121.91
CA ASN R 131 64.92 32.52 -122.88
C ASN R 131 64.77 33.88 -122.21
N HIS R 132 64.20 33.91 -121.01
CA HIS R 132 64.00 35.18 -120.32
C HIS R 132 65.27 35.68 -119.62
N LEU R 133 66.15 34.77 -119.21
CA LEU R 133 67.30 35.16 -118.41
C LEU R 133 68.10 36.31 -119.02
N LYS R 134 68.02 36.50 -120.34
CA LYS R 134 68.75 37.60 -120.96
C LYS R 134 68.22 38.95 -120.49
N GLU R 135 66.89 39.12 -120.52
CA GLU R 135 66.29 40.37 -120.05
C GLU R 135 66.78 40.74 -118.66
N LEU R 136 67.20 39.75 -117.87
CA LEU R 136 67.77 40.04 -116.56
C LEU R 136 69.18 40.61 -116.70
N GLN R 137 70.04 39.93 -117.45
CA GLN R 137 71.46 40.24 -117.45
C GLN R 137 71.77 41.60 -118.06
N GLY R 138 70.84 42.20 -118.82
CA GLY R 138 71.08 43.50 -119.40
C GLY R 138 70.36 44.61 -118.65
N ALA R 139 69.21 44.29 -118.06
CA ALA R 139 68.38 45.30 -117.42
C ALA R 139 69.12 45.97 -116.27
N LYS R 140 68.88 47.27 -116.11
CA LYS R 140 69.70 48.10 -115.24
C LYS R 140 69.01 48.58 -113.96
N LYS R 141 67.69 48.42 -113.82
CA LYS R 141 67.02 48.93 -112.64
C LYS R 141 65.96 47.96 -112.14
N VAL R 142 65.43 48.26 -110.96
CA VAL R 142 64.55 47.34 -110.25
C VAL R 142 63.29 47.04 -111.07
N THR R 143 62.61 48.08 -111.55
CA THR R 143 61.33 47.88 -112.24
C THR R 143 61.49 46.89 -113.39
N GLU R 144 62.64 46.87 -114.04
CA GLU R 144 62.88 45.94 -115.13
C GLU R 144 63.21 44.53 -114.62
N ILE R 145 63.94 44.45 -113.51
CA ILE R 145 64.34 43.16 -112.98
C ILE R 145 63.12 42.34 -112.56
N MET R 146 62.18 42.99 -111.86
CA MET R 146 61.05 42.26 -111.28
C MET R 146 59.95 42.02 -112.31
N ASN R 147 59.42 43.09 -112.91
CA ASN R 147 58.32 42.95 -113.85
C ASN R 147 58.57 41.85 -114.86
N VAL R 148 59.83 41.64 -115.25
CA VAL R 148 60.19 40.49 -116.06
C VAL R 148 60.15 39.22 -115.21
N GLU R 149 60.68 39.29 -113.98
CA GLU R 149 60.55 38.17 -113.06
C GLU R 149 59.09 37.85 -112.78
N GLY R 150 58.19 38.82 -112.96
CA GLY R 150 56.77 38.52 -112.91
C GLY R 150 56.33 37.63 -114.06
N ARG R 151 56.70 38.01 -115.28
CA ARG R 151 56.48 37.13 -116.42
C ARG R 151 57.00 35.73 -116.13
N ILE R 152 58.22 35.62 -115.61
CA ILE R 152 58.79 34.32 -115.28
C ILE R 152 57.91 33.60 -114.27
N ARG R 153 57.57 34.28 -113.17
CA ARG R 153 56.88 33.63 -112.07
C ARG R 153 55.46 33.22 -112.46
N GLN R 154 54.73 34.12 -113.11
CA GLN R 154 53.35 33.81 -113.50
C GLN R 154 53.29 32.90 -114.72
N GLU R 155 54.35 32.87 -115.54
CA GLU R 155 54.45 31.85 -116.58
C GLU R 155 54.79 30.50 -115.96
N TYR R 156 55.68 30.50 -114.96
CA TYR R 156 55.95 29.27 -114.22
C TYR R 156 54.65 28.66 -113.69
N TYR R 157 53.84 29.47 -113.00
CA TYR R 157 52.56 28.98 -112.51
C TYR R 157 51.65 28.58 -113.67
N ALA R 158 51.56 29.43 -114.70
CA ALA R 158 50.69 29.12 -115.83
C ALA R 158 51.06 27.79 -116.47
N ARG R 159 52.36 27.54 -116.66
CA ARG R 159 52.82 26.27 -117.21
C ARG R 159 52.97 25.19 -116.14
N TRP R 160 52.96 25.56 -114.86
CA TRP R 160 52.84 24.56 -113.81
C TRP R 160 51.45 23.94 -113.82
N ASP R 161 50.43 24.74 -114.09
CA ASP R 161 49.04 24.27 -114.06
C ASP R 161 48.78 23.12 -115.02
N GLU R 162 49.73 22.77 -115.88
CA GLU R 162 49.47 21.79 -116.92
C GLU R 162 49.38 20.37 -116.35
N SER R 163 50.06 20.10 -115.24
CA SER R 163 50.06 18.76 -114.64
C SER R 163 49.74 18.88 -113.14
N LEU R 164 48.45 18.83 -112.84
CA LEU R 164 47.86 18.80 -111.51
C LEU R 164 46.40 18.40 -111.74
N PRO R 165 45.63 18.05 -110.72
CA PRO R 165 44.18 17.95 -110.91
C PRO R 165 43.61 19.32 -111.27
N GLY R 166 42.68 19.34 -112.21
CA GLY R 166 42.16 20.58 -112.74
C GLY R 166 41.44 21.45 -111.73
N GLU R 167 41.39 21.00 -110.48
CA GLU R 167 40.73 21.74 -109.41
C GLU R 167 41.69 22.64 -108.64
N PHE R 168 42.95 22.24 -108.51
CA PHE R 168 43.94 22.97 -107.72
C PHE R 168 44.90 23.79 -108.58
N ARG R 169 44.43 24.32 -109.70
CA ARG R 169 45.31 25.08 -110.59
C ARG R 169 45.27 26.57 -110.24
N ILE R 170 46.35 27.26 -110.57
CA ILE R 170 46.57 28.65 -110.17
C ILE R 170 46.34 29.54 -111.38
N GLY R 171 45.32 30.39 -111.31
CA GLY R 171 44.97 31.23 -112.44
C GLY R 171 45.67 32.57 -112.52
N LYS R 172 45.49 33.42 -111.51
CA LYS R 172 45.99 34.79 -111.55
C LYS R 172 46.96 35.15 -110.43
N ARG R 173 47.32 34.19 -109.57
CA ARG R 173 48.22 34.46 -108.45
C ARG R 173 47.62 35.53 -107.53
N THR R 174 46.47 35.19 -106.96
CA THR R 174 45.70 36.14 -106.17
C THR R 174 46.23 36.21 -104.74
N PRO R 178 43.24 35.76 -100.96
CA PRO R 178 43.26 34.45 -101.62
C PRO R 178 41.93 34.10 -102.28
N LYS R 179 41.98 33.46 -103.45
CA LYS R 179 40.76 33.03 -104.13
C LYS R 179 40.70 31.52 -104.32
N ASN R 180 41.72 30.92 -104.95
CA ASN R 180 41.66 29.53 -105.32
C ASN R 180 42.05 28.65 -104.13
N GLU R 181 41.91 27.34 -104.32
CA GLU R 181 42.32 26.39 -103.28
C GLU R 181 43.83 26.22 -103.25
N MET R 182 44.46 26.14 -104.43
CA MET R 182 45.92 26.11 -104.48
C MET R 182 46.51 27.45 -104.06
N ASN R 183 45.80 28.55 -104.34
CA ASN R 183 46.21 29.86 -103.83
C ASN R 183 46.04 29.95 -102.32
N ALA R 184 45.27 29.03 -101.72
CA ALA R 184 45.17 28.98 -100.27
C ALA R 184 46.34 28.19 -99.68
N LEU R 185 46.54 26.95 -100.15
CA LEU R 185 47.69 26.16 -99.72
C LEU R 185 48.98 26.94 -99.94
N ILE R 186 49.21 27.39 -101.18
CA ILE R 186 50.25 28.38 -101.42
C ILE R 186 49.81 29.67 -100.71
N SER R 187 50.81 30.47 -100.31
CA SER R 187 50.66 31.68 -99.50
C SER R 187 50.43 31.34 -98.03
N PHE R 188 50.19 30.07 -97.68
CA PHE R 188 50.25 29.59 -96.31
C PHE R 188 51.60 28.98 -96.00
N LEU R 189 52.07 28.10 -96.87
CA LEU R 189 53.43 27.59 -96.78
C LEU R 189 54.45 28.70 -96.97
N ASN R 190 54.10 29.70 -97.78
CA ASN R 190 54.89 30.92 -97.84
C ASN R 190 54.97 31.58 -96.48
N SER R 191 53.84 31.74 -95.79
CA SER R 191 53.83 32.42 -94.50
C SER R 191 54.69 31.66 -93.49
N ARG R 192 54.49 30.36 -93.37
CA ARG R 192 55.31 29.57 -92.45
C ARG R 192 56.78 29.63 -92.86
N LEU R 193 57.06 29.58 -94.16
CA LEU R 193 58.45 29.68 -94.61
C LEU R 193 59.03 31.05 -94.28
N TYR R 194 58.21 32.10 -94.34
CA TYR R 194 58.68 33.43 -93.96
C TYR R 194 59.20 33.42 -92.52
N ALA R 195 58.43 32.84 -91.60
CA ALA R 195 58.89 32.70 -90.22
C ALA R 195 60.22 31.95 -90.16
N THR R 196 60.25 30.74 -90.72
CA THR R 196 61.48 29.96 -90.74
C THR R 196 62.64 30.77 -91.30
N MET R 197 62.36 31.62 -92.30
CA MET R 197 63.41 32.43 -92.91
C MET R 197 63.95 33.46 -91.92
N ILE R 198 63.06 34.31 -91.38
CA ILE R 198 63.49 35.34 -90.46
C ILE R 198 64.13 34.74 -89.21
N SER R 199 63.89 33.45 -88.95
CA SER R 199 64.54 32.77 -87.84
C SER R 199 65.95 32.33 -88.22
N GLU R 200 66.08 31.57 -89.31
CA GLU R 200 67.38 31.07 -89.71
C GLU R 200 68.33 32.18 -90.16
N ILE R 201 67.80 33.31 -90.61
CA ILE R 201 68.65 34.46 -90.89
C ILE R 201 69.19 35.03 -89.58
N TYR R 202 68.30 35.33 -88.64
CA TYR R 202 68.71 35.85 -87.33
C TYR R 202 69.76 34.98 -86.68
N ASN R 203 69.85 33.71 -87.07
CA ASN R 203 70.80 32.81 -86.43
C ASN R 203 72.25 33.21 -86.67
N THR R 204 72.55 33.99 -87.72
CA THR R 204 73.94 34.35 -87.90
C THR R 204 74.33 35.75 -87.43
N GLN R 205 74.16 36.78 -88.26
CA GLN R 205 74.16 38.16 -87.76
C GLN R 205 73.48 39.14 -88.71
N LEU R 206 72.99 38.67 -89.86
CA LEU R 206 72.58 39.61 -90.91
C LEU R 206 71.35 40.39 -90.46
N ALA R 207 71.36 41.69 -90.69
CA ALA R 207 70.19 42.52 -90.42
C ALA R 207 69.11 42.16 -91.43
N PRO R 208 67.98 41.60 -91.02
CA PRO R 208 67.02 41.07 -92.00
C PRO R 208 66.26 42.14 -92.76
N THR R 209 66.27 43.38 -92.28
CA THR R 209 65.49 44.45 -92.88
C THR R 209 66.24 45.19 -93.98
N ILE R 210 67.45 44.75 -94.34
CA ILE R 210 68.17 45.25 -95.51
C ILE R 210 68.07 44.20 -96.60
N SER R 211 67.66 44.63 -97.80
CA SER R 211 67.34 43.73 -98.90
C SER R 211 67.74 44.40 -100.20
N TYR R 212 67.76 43.61 -101.27
CA TYR R 212 68.23 44.08 -102.58
C TYR R 212 67.15 44.02 -103.64
N LEU R 213 66.58 42.85 -103.91
CA LEU R 213 65.57 42.74 -104.95
C LEU R 213 64.26 43.40 -104.52
N HIS R 214 63.99 43.40 -103.21
CA HIS R 214 62.89 44.16 -102.64
C HIS R 214 63.45 45.39 -101.96
N GLU R 215 62.80 46.54 -102.17
CA GLU R 215 63.24 47.77 -101.53
C GLU R 215 63.19 47.60 -100.01
N PRO R 216 64.33 47.65 -99.31
CA PRO R 216 64.30 47.40 -97.86
C PRO R 216 63.75 48.57 -97.06
N SER R 217 62.43 48.61 -96.92
CA SER R 217 61.77 49.70 -96.20
C SER R 217 60.41 49.20 -95.74
N GLU R 218 59.65 50.11 -95.12
CA GLU R 218 58.22 49.93 -94.91
C GLU R 218 57.91 48.83 -93.88
N ARG R 219 58.72 48.77 -92.83
CA ARG R 219 58.35 48.16 -91.55
C ARG R 219 58.29 46.63 -91.56
N ARG R 220 58.93 45.96 -92.50
CA ARG R 220 58.84 44.50 -92.53
C ARG R 220 60.15 43.89 -93.01
N PHE R 221 60.51 42.75 -92.43
CA PHE R 221 61.76 42.07 -92.76
C PHE R 221 61.83 41.81 -94.25
N SER R 222 62.87 42.33 -94.91
CA SER R 222 62.97 42.23 -96.37
C SER R 222 64.07 41.30 -96.86
N LEU R 223 64.95 40.81 -95.98
CA LEU R 223 65.96 39.86 -96.45
C LEU R 223 65.33 38.48 -96.70
N ALA R 224 64.41 38.06 -95.82
CA ALA R 224 63.66 36.85 -96.08
C ALA R 224 62.85 36.97 -97.36
N LEU R 225 62.34 38.16 -97.67
CA LEU R 225 61.63 38.36 -98.93
C LEU R 225 62.53 38.03 -100.11
N ASP R 226 63.70 38.67 -100.18
CA ASP R 226 64.64 38.39 -101.26
C ASP R 226 65.09 36.94 -101.23
N LEU R 227 65.46 36.45 -100.04
CA LEU R 227 66.02 35.11 -99.93
C LEU R 227 64.98 34.04 -100.24
N SER R 228 63.69 34.34 -100.03
CA SER R 228 62.64 33.38 -100.36
C SER R 228 62.60 33.10 -101.85
N GLU R 229 62.90 34.10 -102.69
CA GLU R 229 62.90 33.90 -104.14
C GLU R 229 63.70 32.66 -104.52
N ILE R 230 64.67 32.27 -103.70
CA ILE R 230 65.45 31.06 -103.98
C ILE R 230 64.75 29.83 -103.43
N PHE R 231 64.14 29.93 -102.24
CA PHE R 231 63.73 28.75 -101.50
C PHE R 231 62.26 28.40 -101.63
N LYS R 232 61.40 29.33 -102.06
CA LYS R 232 59.98 28.98 -102.16
C LYS R 232 59.72 27.88 -103.20
N PRO R 233 60.39 27.81 -104.35
CA PRO R 233 60.19 26.66 -105.23
C PRO R 233 60.82 25.39 -104.71
N ILE R 234 61.75 25.49 -103.76
CA ILE R 234 62.40 24.30 -103.20
C ILE R 234 61.54 23.69 -102.11
N ILE R 235 60.96 24.52 -101.25
CA ILE R 235 60.25 24.08 -100.05
C ILE R 235 58.74 24.20 -100.22
N ALA R 236 58.25 25.42 -100.47
CA ALA R 236 56.81 25.64 -100.59
C ALA R 236 56.24 24.87 -101.77
N ASP R 237 56.69 25.21 -102.98
CA ASP R 237 56.13 24.58 -104.18
C ASP R 237 56.33 23.08 -104.18
N ARG R 238 57.52 22.62 -103.79
CA ARG R 238 57.83 21.20 -103.91
C ARG R 238 56.82 20.35 -103.15
N ILE R 239 56.42 20.79 -101.96
CA ILE R 239 55.45 20.00 -101.21
C ILE R 239 54.03 20.29 -101.66
N ALA R 240 53.73 21.55 -101.95
CA ALA R 240 52.39 21.90 -102.41
C ALA R 240 51.98 21.08 -103.63
N ASN R 241 52.94 20.51 -104.35
CA ASN R 241 52.65 19.64 -105.50
C ASN R 241 52.49 18.19 -105.07
N ARG R 242 53.53 17.60 -104.45
CA ARG R 242 53.46 16.21 -104.04
C ARG R 242 52.45 15.97 -102.93
N LEU R 243 51.86 17.04 -102.36
CA LEU R 243 50.75 16.89 -101.42
C LEU R 243 49.42 16.78 -102.14
N VAL R 244 49.27 17.53 -103.23
CA VAL R 244 48.06 17.45 -104.04
C VAL R 244 48.00 16.12 -104.77
N LYS R 245 49.15 15.61 -105.20
CA LYS R 245 49.19 14.35 -105.96
C LYS R 245 49.00 13.16 -105.04
N LYS R 246 49.84 13.04 -104.00
CA LYS R 246 49.71 11.95 -103.04
C LYS R 246 48.28 11.85 -102.50
N GLY R 247 47.52 12.94 -102.57
CA GLY R 247 46.13 12.91 -102.16
C GLY R 247 45.87 13.22 -100.71
N ILE R 248 46.78 13.93 -100.05
CA ILE R 248 46.64 14.23 -98.62
C ILE R 248 45.76 15.44 -98.37
N ILE R 249 45.49 16.25 -99.38
CA ILE R 249 44.61 17.41 -99.26
C ILE R 249 43.54 17.32 -100.34
N LYS R 250 42.29 17.54 -99.95
CA LYS R 250 41.17 17.49 -100.87
C LYS R 250 40.29 18.71 -100.68
N LYS R 251 39.15 18.77 -101.36
CA LYS R 251 38.22 19.86 -101.17
C LYS R 251 37.59 19.84 -99.78
N ASP R 252 37.71 18.73 -99.05
CA ASP R 252 37.14 18.63 -97.71
C ASP R 252 38.00 19.34 -96.67
N HIS R 253 39.28 19.57 -96.95
CA HIS R 253 40.15 20.24 -95.99
C HIS R 253 40.04 21.76 -96.05
N PHE R 254 39.56 22.31 -97.17
CA PHE R 254 39.52 23.75 -97.36
C PHE R 254 38.13 24.29 -97.09
N ARG R 255 38.06 25.40 -96.37
CA ARG R 255 36.82 26.10 -96.10
C ARG R 255 36.87 27.50 -96.69
N GLU R 256 35.69 28.02 -97.01
CA GLU R 256 35.57 29.35 -97.63
C GLU R 256 35.26 30.39 -96.57
N ASP R 257 35.84 31.57 -96.72
CA ASP R 257 35.58 32.69 -95.84
C ASP R 257 34.56 33.60 -96.55
N LEU R 258 34.24 34.74 -95.93
CA LEU R 258 33.42 35.70 -96.66
C LEU R 258 34.20 36.28 -97.84
N ASN R 259 35.51 36.47 -97.69
CA ASN R 259 36.32 37.05 -98.76
C ASN R 259 36.80 35.98 -99.74
N GLY R 260 37.59 35.04 -99.23
CA GLY R 260 38.20 34.03 -100.07
C GLY R 260 38.16 32.65 -99.45
N VAL R 261 39.14 31.82 -99.81
CA VAL R 261 39.26 30.47 -99.32
C VAL R 261 40.43 30.42 -98.34
N LEU R 262 40.44 29.39 -97.52
CA LEU R 262 41.52 29.18 -96.55
C LEU R 262 41.37 27.77 -95.99
N LEU R 263 42.28 27.42 -95.08
CA LEU R 263 42.37 26.06 -94.56
C LEU R 263 41.49 25.86 -93.34
N THR R 264 40.94 24.65 -93.22
CA THR R 264 40.21 24.29 -92.01
C THR R 264 41.18 24.08 -90.85
N ASP R 265 40.65 24.16 -89.64
CA ASP R 265 41.48 24.04 -88.44
C ASP R 265 42.28 22.75 -88.45
N GLU R 266 41.77 21.69 -89.09
CA GLU R 266 42.48 20.42 -89.11
C GLU R 266 43.63 20.42 -90.12
N GLY R 267 43.49 21.14 -91.22
CA GLY R 267 44.48 21.05 -92.28
C GLY R 267 45.79 21.73 -91.94
N MET R 268 45.72 22.88 -91.27
CA MET R 268 46.93 23.63 -90.99
C MET R 268 47.96 22.80 -90.22
N LYS R 269 47.49 21.93 -89.32
CA LYS R 269 48.41 21.08 -88.58
C LYS R 269 49.04 20.03 -89.49
N ILE R 270 48.30 19.55 -90.49
CA ILE R 270 48.87 18.58 -91.43
C ILE R 270 49.95 19.25 -92.28
N VAL R 271 49.66 20.43 -92.81
CA VAL R 271 50.64 21.14 -93.63
C VAL R 271 51.89 21.44 -92.83
N THR R 272 51.72 21.99 -91.62
CA THR R 272 52.86 22.26 -90.76
C THR R 272 53.64 20.98 -90.47
N LYS R 273 52.95 19.86 -90.31
CA LYS R 273 53.62 18.58 -90.10
C LYS R 273 54.52 18.25 -91.29
N ALA R 274 53.91 18.08 -92.48
CA ALA R 274 54.69 17.80 -93.68
C ALA R 274 55.82 18.81 -93.85
N TYR R 275 55.56 20.08 -93.51
CA TYR R 275 56.58 21.10 -93.61
C TYR R 275 57.74 20.83 -92.66
N ASN R 276 57.44 20.65 -91.37
CA ASN R 276 58.49 20.35 -90.41
C ASN R 276 59.28 19.11 -90.81
N GLN R 277 58.61 18.13 -91.44
CA GLN R 277 59.33 16.96 -91.93
C GLN R 277 60.20 17.31 -93.12
N GLU R 278 59.79 18.30 -93.91
CA GLU R 278 60.53 18.65 -95.11
C GLU R 278 61.74 19.53 -94.81
N LEU R 279 61.71 20.30 -93.73
CA LEU R 279 62.89 21.09 -93.37
C LEU R 279 63.99 20.22 -92.79
N GLU R 280 63.67 19.02 -92.33
CA GLU R 280 64.66 18.06 -91.85
C GLU R 280 64.91 16.94 -92.84
N LYS R 281 64.41 17.06 -94.06
CA LYS R 281 64.63 16.03 -95.08
C LYS R 281 66.04 16.20 -95.66
N THR R 282 66.89 15.21 -95.42
CA THR R 282 68.30 15.32 -95.77
C THR R 282 68.53 14.99 -97.23
N VAL R 283 69.59 15.57 -97.79
CA VAL R 283 69.94 15.38 -99.18
C VAL R 283 71.11 14.41 -99.32
N VAL R 292 72.92 17.11 -93.55
CA VAL R 292 72.52 18.30 -94.31
C VAL R 292 71.01 18.47 -94.25
N THR R 293 70.45 18.86 -93.10
CA THR R 293 69.03 19.16 -93.06
C THR R 293 68.72 20.27 -94.04
N ARG R 294 67.62 20.13 -94.78
CA ARG R 294 67.24 21.15 -95.74
C ARG R 294 67.14 22.52 -95.08
N ARG R 295 66.85 22.54 -93.78
CA ARG R 295 66.81 23.81 -93.04
C ARG R 295 68.19 24.45 -93.01
N ARG R 296 69.24 23.65 -92.85
CA ARG R 296 70.60 24.20 -92.80
C ARG R 296 70.97 24.87 -94.11
N LEU R 297 70.57 24.27 -95.25
CA LEU R 297 70.77 24.92 -96.53
C LEU R 297 70.31 26.37 -96.50
N ILE R 298 69.28 26.67 -95.71
CA ILE R 298 68.86 28.05 -95.53
C ILE R 298 69.95 28.84 -94.82
N ARG R 299 70.60 28.23 -93.83
CA ARG R 299 71.68 28.91 -93.14
C ARG R 299 72.92 29.01 -94.03
N LEU R 300 73.14 28.02 -94.91
CA LEU R 300 74.24 28.10 -95.86
C LEU R 300 73.99 29.21 -96.88
N GLU R 301 72.79 29.23 -97.48
CA GLU R 301 72.45 30.33 -98.38
C GLU R 301 72.34 31.64 -97.61
N ALA R 302 71.96 31.59 -96.34
CA ALA R 302 72.09 32.76 -95.48
C ALA R 302 73.56 33.11 -95.29
N TYR R 303 74.42 32.09 -95.14
CA TYR R 303 75.84 32.27 -95.38
C TYR R 303 76.04 32.46 -96.89
N LYS R 304 77.31 32.61 -97.28
CA LYS R 304 77.70 32.85 -98.67
C LYS R 304 77.30 34.25 -99.14
N ILE R 305 76.42 34.88 -98.39
CA ILE R 305 76.19 36.32 -98.51
C ILE R 305 77.20 37.06 -97.65
N ILE R 306 77.40 36.55 -96.43
CA ILE R 306 78.47 37.05 -95.57
C ILE R 306 79.81 36.91 -96.28
N LYS R 307 80.08 35.74 -96.87
CA LYS R 307 81.34 35.53 -97.56
C LYS R 307 81.46 36.40 -98.81
N HIS R 308 80.34 36.90 -99.33
CA HIS R 308 80.40 37.83 -100.46
C HIS R 308 80.52 39.28 -100.00
N LEU R 309 79.71 39.70 -99.03
CA LEU R 309 79.74 41.10 -98.62
C LEU R 309 80.99 41.44 -97.83
N VAL R 310 81.64 40.45 -97.20
CA VAL R 310 82.96 40.68 -96.62
C VAL R 310 84.07 40.57 -97.65
N GLY R 311 83.77 40.03 -98.83
CA GLY R 311 84.74 39.98 -99.90
C GLY R 311 85.67 38.80 -99.89
N VAL R 312 85.20 37.62 -99.46
CA VAL R 312 86.03 36.42 -99.45
C VAL R 312 85.89 35.73 -100.79
N GLU R 313 84.67 35.30 -101.13
CA GLU R 313 84.38 34.66 -102.40
C GLU R 313 83.08 35.23 -102.95
N GLU R 314 83.01 35.35 -104.27
CA GLU R 314 81.84 35.92 -104.92
C GLU R 314 80.59 35.09 -104.61
N TYR R 315 79.43 35.73 -104.70
CA TYR R 315 78.18 35.09 -104.37
C TYR R 315 77.64 34.28 -105.54
N SER R 316 77.31 33.01 -105.29
CA SER R 316 76.64 32.17 -106.25
C SER R 316 75.29 31.74 -105.69
N PRO R 317 74.21 31.79 -106.47
CA PRO R 317 72.91 31.32 -105.97
C PRO R 317 72.94 29.83 -105.68
N LEU R 318 71.82 29.30 -105.19
CA LEU R 318 71.74 27.87 -104.91
C LEU R 318 71.47 27.11 -106.20
N VAL R 319 72.35 26.17 -106.53
CA VAL R 319 72.12 25.21 -107.61
C VAL R 319 71.41 24.02 -107.00
N ALA R 320 70.20 23.74 -107.47
CA ALA R 320 69.35 22.71 -106.90
C ALA R 320 69.51 21.42 -107.71
N TRP R 321 70.42 20.56 -107.26
CA TRP R 321 70.60 19.25 -107.86
C TRP R 321 69.45 18.31 -107.53
N PHE R 322 68.60 18.67 -106.58
CA PHE R 322 67.49 17.84 -106.13
C PHE R 322 66.80 17.12 -107.30
N LYS S 3 34.90 -72.01 7.37
CA LYS S 3 35.93 -71.63 8.33
C LYS S 3 37.17 -71.15 7.58
N LYS S 4 37.53 -69.88 7.79
CA LYS S 4 38.55 -69.24 6.97
C LYS S 4 39.95 -69.70 7.36
N SER S 5 40.88 -69.52 6.43
CA SER S 5 42.28 -69.84 6.65
C SER S 5 43.15 -68.64 6.29
N LEU S 6 44.32 -68.59 6.90
CA LEU S 6 45.23 -67.47 6.78
C LEU S 6 46.64 -67.99 6.48
N THR S 7 47.48 -67.10 5.96
CA THR S 7 48.90 -67.36 5.80
C THR S 7 49.64 -66.13 6.27
N ILE S 8 50.50 -66.29 7.27
CA ILE S 8 51.22 -65.16 7.85
C ILE S 8 52.52 -64.96 7.07
N PHE S 9 52.71 -63.74 6.57
CA PHE S 9 53.90 -63.36 5.82
C PHE S 9 54.86 -62.51 6.64
N SER S 10 54.36 -61.42 7.23
CA SER S 10 55.20 -60.53 8.00
C SER S 10 55.88 -61.28 9.14
N ASP S 11 57.13 -60.92 9.42
CA ASP S 11 57.93 -61.60 10.43
C ASP S 11 57.57 -61.03 11.80
N GLY S 12 56.78 -61.78 12.55
CA GLY S 12 56.34 -61.37 13.87
C GLY S 12 56.51 -62.50 14.87
N THR S 13 55.69 -62.44 15.91
CA THR S 13 55.57 -63.54 16.88
C THR S 13 54.10 -63.67 17.24
N LEU S 14 53.49 -64.79 16.87
CA LEU S 14 52.15 -65.09 17.33
C LEU S 14 52.22 -65.65 18.75
N LEU S 15 51.29 -65.21 19.59
CA LEU S 15 51.34 -65.56 21.00
C LEU S 15 49.95 -65.55 21.60
N ARG S 16 49.88 -65.83 22.90
CA ARG S 16 48.63 -65.91 23.65
C ARG S 16 48.81 -65.18 24.98
N ARG S 17 48.60 -63.86 24.97
CA ARG S 17 48.09 -63.12 26.12
C ARG S 17 46.63 -63.51 26.06
N GLU S 18 45.70 -62.81 26.70
CA GLU S 18 44.43 -63.35 27.20
C GLU S 18 43.92 -64.60 26.48
N ASN S 19 42.77 -65.14 26.84
CA ASN S 19 42.42 -66.34 26.09
C ASN S 19 42.11 -65.96 24.64
N THR S 20 43.15 -65.89 23.81
CA THR S 20 43.04 -65.74 22.36
C THR S 20 44.45 -65.79 21.79
N LEU S 21 44.55 -66.10 20.50
CA LEU S 21 45.80 -65.97 19.77
C LEU S 21 46.00 -64.51 19.34
N TYR S 22 47.24 -64.05 19.36
CA TYR S 22 47.58 -62.70 18.96
C TYR S 22 48.86 -62.72 18.14
N PHE S 23 48.87 -62.02 17.01
CA PHE S 23 50.04 -61.90 16.16
C PHE S 23 50.53 -60.46 16.19
N GLU S 24 51.67 -60.24 16.84
CA GLU S 24 52.33 -58.94 16.83
C GLU S 24 53.51 -59.01 15.87
N ASN S 25 53.33 -58.49 14.66
CA ASN S 25 54.45 -58.34 13.74
C ASN S 25 55.42 -57.30 14.28
N VAL S 26 56.56 -57.15 13.57
CA VAL S 26 57.60 -56.25 14.06
C VAL S 26 57.00 -54.93 14.45
N ASN S 27 56.38 -54.27 13.46
CA ASN S 27 55.64 -53.02 13.59
C ASN S 27 54.46 -53.22 14.53
N GLY S 28 54.52 -52.61 15.70
CA GLY S 28 53.63 -52.97 16.80
C GLY S 28 52.15 -52.85 16.56
N ARG S 29 51.48 -54.00 16.43
CA ARG S 29 50.02 -54.11 16.47
C ARG S 29 49.67 -55.60 16.44
N LYS S 30 48.62 -55.97 17.19
CA LYS S 30 48.37 -57.37 17.53
C LYS S 30 46.92 -57.79 17.36
N PRO S 31 46.50 -58.08 16.11
CA PRO S 31 45.17 -58.67 15.90
C PRO S 31 45.20 -60.17 15.64
N LEU S 32 44.25 -60.94 16.18
CA LEU S 32 43.97 -62.29 15.68
C LEU S 32 42.84 -62.90 16.50
N ALA S 33 42.19 -63.92 15.92
CA ALA S 33 41.08 -64.63 16.54
C ALA S 33 41.37 -66.12 16.55
N ILE S 34 41.21 -66.74 17.71
CA ILE S 34 41.55 -68.15 17.87
C ILE S 34 40.38 -69.06 17.46
N GLU S 35 39.15 -68.56 17.53
CA GLU S 35 37.97 -69.34 17.22
C GLU S 35 37.49 -69.12 15.78
N GLY S 36 38.32 -68.53 14.93
CA GLY S 36 37.91 -68.22 13.56
C GLY S 36 38.88 -68.69 12.51
N ILE S 37 39.80 -69.57 12.87
CA ILE S 37 40.83 -70.06 11.97
C ILE S 37 40.63 -71.55 11.75
N TYR S 38 41.18 -72.05 10.65
CA TYR S 38 41.16 -73.47 10.30
C TYR S 38 42.57 -74.06 10.35
N ASP S 39 43.50 -73.51 9.57
CA ASP S 39 44.88 -73.96 9.55
C ASP S 39 45.76 -72.79 9.18
N ILE S 40 46.98 -72.78 9.74
CA ILE S 40 47.90 -71.66 9.59
C ILE S 40 49.04 -72.08 8.68
N TYR S 41 49.47 -71.15 7.81
CA TYR S 41 50.55 -71.37 6.87
C TYR S 41 51.63 -70.32 7.12
N ILE S 42 52.84 -70.78 7.41
CA ILE S 42 53.95 -69.91 7.79
C ILE S 42 54.83 -69.70 6.56
N TYR S 43 54.96 -68.45 6.12
CA TYR S 43 55.89 -68.10 5.07
C TYR S 43 57.07 -67.26 5.55
N GLY S 44 57.00 -66.70 6.76
CA GLY S 44 58.03 -65.83 7.28
C GLY S 44 58.84 -66.45 8.40
N HIS S 45 59.64 -65.60 9.03
CA HIS S 45 60.38 -65.96 10.25
C HIS S 45 59.53 -65.50 11.42
N VAL S 46 58.75 -66.41 11.98
CA VAL S 46 57.75 -66.08 12.99
C VAL S 46 57.91 -67.03 14.17
N ASN S 47 58.14 -66.47 15.36
CA ASN S 47 58.27 -67.28 16.56
C ASN S 47 56.90 -67.69 17.06
N ILE S 48 56.82 -68.90 17.60
CA ILE S 48 55.63 -69.43 18.24
C ILE S 48 55.93 -69.58 19.73
N THR S 49 54.97 -69.24 20.56
CA THR S 49 55.15 -69.26 22.01
C THR S 49 54.65 -70.58 22.58
N SER S 50 55.38 -71.08 23.59
CA SER S 50 55.00 -72.34 24.24
C SER S 50 53.58 -72.27 24.78
N GLN S 51 53.08 -71.07 25.09
CA GLN S 51 51.69 -70.91 25.47
C GLN S 51 50.76 -71.01 24.26
N ALA S 52 51.26 -70.69 23.07
CA ALA S 52 50.47 -70.74 21.86
C ALA S 52 50.46 -72.15 21.25
N LEU S 53 51.65 -72.67 20.94
CA LEU S 53 51.73 -73.99 20.30
C LEU S 53 50.98 -75.04 21.11
N HIS S 54 50.95 -74.89 22.44
CA HIS S 54 50.15 -75.79 23.26
C HIS S 54 48.66 -75.54 23.05
N TYR S 55 48.26 -74.28 22.88
CA TYR S 55 46.86 -74.00 22.58
C TYR S 55 46.51 -74.43 21.17
N ILE S 56 47.28 -73.97 20.17
CA ILE S 56 46.99 -74.30 18.78
C ILE S 56 46.71 -75.79 18.63
N ALA S 57 47.43 -76.62 19.40
CA ALA S 57 47.11 -78.04 19.42
C ALA S 57 45.74 -78.30 20.05
N GLN S 58 45.40 -77.54 21.08
CA GLN S 58 44.17 -77.80 21.83
C GLN S 58 42.93 -77.58 20.96
N LYS S 59 42.98 -76.59 20.06
CA LYS S 59 41.86 -76.35 19.16
C LYS S 59 41.95 -77.17 17.88
N GLY S 60 43.03 -77.92 17.68
CA GLY S 60 43.15 -78.74 16.49
C GLY S 60 43.61 -78.00 15.25
N ILE S 61 44.33 -76.90 15.43
CA ILE S 61 44.85 -76.12 14.30
C ILE S 61 46.23 -76.64 13.94
N LEU S 62 46.49 -76.80 12.64
CA LEU S 62 47.78 -77.19 12.14
C LEU S 62 48.54 -75.97 11.63
N ILE S 63 49.87 -76.02 11.77
CA ILE S 63 50.75 -74.95 11.29
C ILE S 63 51.63 -75.55 10.21
N HIS S 64 51.47 -75.08 8.98
CA HIS S 64 52.26 -75.55 7.85
C HIS S 64 53.39 -74.56 7.59
N PHE S 65 54.63 -75.04 7.68
CA PHE S 65 55.81 -74.24 7.45
C PHE S 65 56.24 -74.34 5.99
N PHE S 66 57.02 -73.35 5.54
CA PHE S 66 57.41 -73.27 4.15
C PHE S 66 58.87 -72.82 4.04
N ASN S 67 59.40 -72.91 2.81
CA ASN S 67 60.78 -72.60 2.53
C ASN S 67 60.95 -71.12 2.16
N HIS S 68 62.19 -70.73 1.90
CA HIS S 68 62.46 -69.41 1.33
C HIS S 68 61.85 -69.28 -0.06
N TYR S 69 61.82 -70.38 -0.81
CA TYR S 69 61.36 -70.38 -2.20
C TYR S 69 59.86 -70.61 -2.33
N GLY S 70 59.14 -70.71 -1.22
CA GLY S 70 57.73 -71.04 -1.25
C GLY S 70 57.43 -72.53 -1.27
N TYR S 71 58.44 -73.37 -1.16
CA TYR S 71 58.24 -74.82 -1.21
C TYR S 71 57.84 -75.34 0.17
N TYR S 72 56.87 -76.25 0.18
CA TYR S 72 56.31 -76.75 1.43
C TYR S 72 57.34 -77.59 2.17
N ASP S 73 57.62 -77.22 3.43
CA ASP S 73 58.58 -77.97 4.23
C ASP S 73 57.95 -78.81 5.32
N GLY S 74 57.21 -78.21 6.27
CA GLY S 74 56.87 -78.89 7.50
C GLY S 74 55.39 -78.84 7.82
N THR S 75 55.05 -79.54 8.90
CA THR S 75 53.68 -79.56 9.40
C THR S 75 53.70 -79.74 10.91
N PHE S 76 52.90 -78.95 11.60
CA PHE S 76 52.63 -79.15 13.03
C PHE S 76 51.33 -79.93 13.13
N TYR S 77 51.44 -81.24 13.36
CA TYR S 77 50.27 -82.11 13.38
C TYR S 77 49.77 -82.24 14.82
N PRO S 78 48.64 -81.61 15.18
CA PRO S 78 48.13 -81.77 16.54
C PRO S 78 47.60 -83.18 16.78
N ARG S 79 47.20 -83.48 18.01
CA ARG S 79 46.58 -84.77 18.28
C ARG S 79 45.16 -84.78 17.72
N GLU S 80 44.70 -85.97 17.36
CA GLU S 80 43.52 -86.11 16.51
C GLU S 80 42.24 -85.85 17.31
N THR S 81 41.37 -85.00 16.74
CA THR S 81 40.12 -84.62 17.41
C THR S 81 39.09 -85.74 17.34
N LEU S 82 38.64 -86.08 16.12
CA LEU S 82 37.71 -87.17 15.90
C LEU S 82 38.52 -88.32 15.30
N LEU S 83 38.82 -89.33 16.11
CA LEU S 83 39.59 -90.47 15.64
C LEU S 83 38.70 -91.70 15.50
N SER S 84 39.18 -92.63 14.69
CA SER S 84 38.47 -93.88 14.46
C SER S 84 39.46 -94.92 13.94
N GLY S 85 39.45 -96.10 14.53
CA GLY S 85 40.31 -97.17 14.10
C GLY S 85 39.52 -98.23 13.36
N ASP S 86 38.20 -98.26 13.58
CA ASP S 86 37.35 -99.17 12.83
C ASP S 86 37.33 -98.82 11.34
N LEU S 87 37.58 -97.55 11.00
CA LEU S 87 37.86 -97.24 9.60
C LEU S 87 39.29 -97.63 9.25
N ILE S 88 40.24 -97.23 10.08
CA ILE S 88 41.65 -97.39 9.74
C ILE S 88 41.94 -98.85 9.40
N ILE S 89 41.30 -99.78 10.11
CA ILE S 89 41.45 -101.20 9.77
C ILE S 89 41.02 -101.43 8.32
N LYS S 90 39.83 -100.94 7.95
CA LYS S 90 39.39 -101.07 6.57
C LYS S 90 40.33 -100.36 5.62
N GLN S 91 40.78 -99.15 5.99
CA GLN S 91 41.74 -98.43 5.16
C GLN S 91 43.01 -99.25 4.95
N ALA S 92 43.50 -99.91 6.00
CA ALA S 92 44.69 -100.74 5.87
C ALA S 92 44.37 -102.05 5.17
N GLU S 93 43.21 -102.64 5.46
CA GLU S 93 42.86 -103.91 4.83
C GLU S 93 42.83 -103.78 3.32
N HIS S 94 42.35 -102.64 2.80
CA HIS S 94 42.37 -102.43 1.36
C HIS S 94 43.80 -102.27 0.85
N TYR S 95 44.70 -101.76 1.69
CA TYR S 95 46.10 -101.65 1.31
C TYR S 95 46.77 -103.02 1.30
N LEU S 96 46.57 -103.81 2.35
CA LEU S 96 47.38 -105.02 2.54
C LEU S 96 47.05 -106.07 1.48
N ASP S 97 45.82 -106.58 1.48
CA ASP S 97 45.43 -107.56 0.48
C ASP S 97 45.52 -106.91 -0.90
N LYS S 98 46.47 -107.36 -1.73
CA LYS S 98 46.74 -106.67 -2.98
C LYS S 98 45.57 -106.91 -3.92
N ASN S 99 44.47 -106.25 -3.60
CA ASN S 99 43.18 -106.25 -4.26
C ASN S 99 42.41 -105.07 -3.70
N LYS S 100 41.61 -104.42 -4.52
CA LYS S 100 40.86 -103.24 -4.11
C LYS S 100 41.79 -102.03 -3.97
N ARG S 101 43.09 -102.30 -3.98
CA ARG S 101 44.10 -101.26 -4.10
C ARG S 101 44.34 -100.92 -5.56
N LEU S 102 44.44 -101.95 -6.40
CA LEU S 102 44.46 -101.74 -7.84
C LEU S 102 43.35 -100.79 -8.27
N PHE S 103 42.17 -100.91 -7.66
CA PHE S 103 41.07 -100.02 -8.01
C PHE S 103 41.31 -98.61 -7.47
N LEU S 104 41.58 -98.51 -6.17
CA LEU S 104 41.88 -97.22 -5.55
C LEU S 104 42.93 -96.46 -6.34
N ALA S 105 44.05 -97.12 -6.65
CA ALA S 105 45.06 -96.50 -7.50
C ALA S 105 44.50 -96.16 -8.87
N LYS S 106 44.05 -97.16 -9.60
CA LYS S 106 43.42 -96.97 -10.91
C LYS S 106 42.43 -95.80 -10.89
N SER S 107 41.61 -95.73 -9.85
CA SER S 107 40.65 -94.63 -9.74
C SER S 107 41.36 -93.29 -9.64
N PHE S 108 42.31 -93.18 -8.69
CA PHE S 108 43.03 -91.92 -8.50
C PHE S 108 43.56 -91.37 -9.82
N VAL S 109 44.16 -92.22 -10.64
CA VAL S 109 44.78 -91.74 -11.87
C VAL S 109 43.72 -91.41 -12.91
N VAL S 110 42.78 -92.32 -13.13
CA VAL S 110 41.74 -92.08 -14.13
C VAL S 110 40.90 -90.87 -13.73
N GLY S 111 40.63 -90.73 -12.43
CA GLY S 111 40.04 -89.49 -11.94
C GLY S 111 41.03 -88.34 -11.98
N GLY S 112 42.28 -88.62 -11.65
CA GLY S 112 43.33 -87.62 -11.71
C GLY S 112 43.38 -86.92 -13.05
N ALA S 113 43.74 -87.63 -14.10
CA ALA S 113 43.78 -87.07 -15.45
C ALA S 113 42.49 -87.38 -16.21
N LYS S 114 41.42 -86.88 -15.62
CA LYS S 114 40.14 -86.66 -16.27
C LYS S 114 39.80 -85.18 -16.24
N ASN S 115 40.20 -84.52 -15.16
CA ASN S 115 40.34 -83.08 -15.13
C ASN S 115 41.11 -82.57 -16.34
N MET S 116 42.32 -83.10 -16.56
CA MET S 116 43.14 -82.63 -17.66
C MET S 116 42.34 -82.57 -18.95
N GLU S 117 41.63 -83.66 -19.26
CA GLU S 117 40.75 -83.68 -20.43
C GLU S 117 39.70 -82.58 -20.32
N LYS S 118 39.09 -82.43 -19.15
CA LYS S 118 38.09 -81.39 -18.96
C LYS S 118 38.72 -80.01 -18.88
N ASN S 119 39.97 -79.93 -18.46
CA ASN S 119 40.67 -78.65 -18.42
C ASN S 119 41.08 -78.21 -19.82
N LEU S 120 41.88 -79.03 -20.50
CA LEU S 120 42.31 -78.71 -21.86
C LEU S 120 41.13 -78.42 -22.76
N LYS S 121 40.04 -79.17 -22.60
CA LYS S 121 38.84 -78.93 -23.39
C LYS S 121 38.21 -77.59 -23.06
N ASN S 122 38.25 -77.20 -21.78
CA ASN S 122 37.69 -75.90 -21.39
C ASN S 122 38.49 -74.73 -21.92
N TRP S 123 39.78 -74.92 -22.21
CA TRP S 123 40.65 -73.86 -22.67
C TRP S 123 40.77 -73.80 -24.19
N GLY S 124 40.13 -74.71 -24.91
CA GLY S 124 40.26 -74.73 -26.35
C GLY S 124 41.46 -75.51 -26.86
N ILE S 125 42.02 -76.39 -26.05
CA ILE S 125 43.06 -77.30 -26.50
C ILE S 125 42.38 -78.61 -26.92
N SER S 126 43.10 -79.42 -27.70
CA SER S 126 42.60 -80.75 -27.99
C SER S 126 42.64 -81.60 -26.73
N SER S 127 42.04 -82.78 -26.80
CA SER S 127 42.05 -83.70 -25.66
C SER S 127 41.83 -85.12 -26.19
N ASP S 128 42.92 -85.89 -26.28
CA ASP S 128 42.86 -87.31 -26.64
C ASP S 128 43.68 -88.08 -25.60
N PHE S 129 43.05 -88.41 -24.48
CA PHE S 129 43.67 -89.20 -23.42
C PHE S 129 43.13 -90.61 -23.34
N SER S 130 41.94 -90.87 -23.89
CA SER S 130 41.33 -92.19 -23.84
C SER S 130 42.32 -93.32 -24.09
N ASN S 131 43.11 -93.20 -25.15
CA ASN S 131 43.96 -94.31 -25.58
C ASN S 131 44.86 -94.83 -24.46
N HIS S 132 45.22 -93.96 -23.51
CA HIS S 132 46.24 -94.34 -22.53
C HIS S 132 45.68 -95.23 -21.43
N LEU S 133 44.44 -95.00 -21.01
CA LEU S 133 43.92 -95.67 -19.83
C LEU S 133 44.02 -97.19 -19.93
N LYS S 134 44.10 -97.74 -21.14
CA LYS S 134 44.33 -99.17 -21.28
C LYS S 134 45.61 -99.59 -20.55
N GLU S 135 46.68 -98.81 -20.71
CA GLU S 135 47.93 -99.12 -20.03
C GLU S 135 47.76 -99.15 -18.52
N LEU S 136 46.87 -98.32 -17.97
CA LEU S 136 46.61 -98.34 -16.55
C LEU S 136 45.78 -99.56 -16.16
N GLN S 137 44.56 -99.65 -16.70
CA GLN S 137 43.63 -100.69 -16.27
C GLN S 137 44.19 -102.08 -16.49
N GLY S 138 45.11 -102.24 -17.43
CA GLY S 138 45.74 -103.52 -17.66
C GLY S 138 46.82 -103.82 -16.63
N ALA S 139 47.66 -102.82 -16.35
CA ALA S 139 48.74 -103.00 -15.37
C ALA S 139 48.16 -103.46 -14.04
N LYS S 140 48.80 -104.47 -13.45
CA LYS S 140 48.33 -105.05 -12.19
C LYS S 140 48.98 -104.39 -10.98
N LYS S 141 50.30 -104.41 -10.90
CA LYS S 141 50.99 -103.84 -9.76
C LYS S 141 51.11 -102.32 -9.90
N VAL S 142 51.37 -101.67 -8.77
CA VAL S 142 51.29 -100.22 -8.71
C VAL S 142 52.49 -99.58 -9.39
N THR S 143 53.69 -100.17 -9.23
CA THR S 143 54.89 -99.53 -9.75
C THR S 143 54.75 -99.15 -11.22
N GLU S 144 53.97 -99.92 -11.99
CA GLU S 144 53.67 -99.53 -13.35
C GLU S 144 52.58 -98.47 -13.39
N ILE S 145 51.54 -98.62 -12.57
CA ILE S 145 50.43 -97.66 -12.57
C ILE S 145 50.93 -96.25 -12.27
N MET S 146 52.06 -96.13 -11.58
CA MET S 146 52.57 -94.82 -11.22
C MET S 146 53.18 -94.11 -12.42
N ASN S 147 54.26 -94.68 -12.98
CA ASN S 147 54.95 -94.00 -14.08
C ASN S 147 54.09 -93.90 -15.33
N VAL S 148 53.05 -94.74 -15.46
CA VAL S 148 52.13 -94.58 -16.57
C VAL S 148 51.45 -93.22 -16.48
N GLU S 149 51.19 -92.73 -15.26
CA GLU S 149 50.67 -91.38 -15.10
C GLU S 149 51.72 -90.33 -15.43
N GLY S 150 53.01 -90.70 -15.46
CA GLY S 150 54.03 -89.76 -15.89
C GLY S 150 53.83 -89.34 -17.33
N ARG S 151 53.60 -90.33 -18.21
CA ARG S 151 53.12 -90.04 -19.56
C ARG S 151 52.04 -88.97 -19.51
N ILE S 152 51.04 -89.21 -18.67
CA ILE S 152 49.89 -88.31 -18.55
C ILE S 152 50.34 -86.90 -18.20
N ARG S 153 51.05 -86.76 -17.07
CA ARG S 153 51.43 -85.43 -16.61
C ARG S 153 52.30 -84.72 -17.63
N GLN S 154 53.26 -85.43 -18.23
CA GLN S 154 54.18 -84.81 -19.17
C GLN S 154 53.52 -84.57 -20.53
N GLU S 155 52.52 -85.37 -20.90
CA GLU S 155 51.73 -85.07 -22.10
C GLU S 155 50.89 -83.82 -21.88
N TYR S 156 50.23 -83.73 -20.72
CA TYR S 156 49.46 -82.54 -20.38
C TYR S 156 50.34 -81.29 -20.44
N TYR S 157 51.45 -81.30 -19.71
CA TYR S 157 52.33 -80.14 -19.69
C TYR S 157 52.85 -79.82 -21.10
N ALA S 158 53.42 -80.83 -21.78
CA ALA S 158 54.04 -80.59 -23.08
C ALA S 158 53.07 -79.93 -24.06
N ARG S 159 51.86 -80.46 -24.15
CA ARG S 159 50.86 -79.94 -25.07
C ARG S 159 50.00 -78.84 -24.46
N TRP S 160 50.17 -78.54 -23.17
CA TRP S 160 49.53 -77.36 -22.60
C TRP S 160 50.22 -76.09 -23.08
N ASP S 161 51.54 -76.14 -23.29
CA ASP S 161 52.31 -74.96 -23.68
C ASP S 161 51.88 -74.37 -25.01
N GLU S 162 50.98 -75.03 -25.74
CA GLU S 162 50.60 -74.55 -27.07
C GLU S 162 49.80 -73.27 -27.03
N SER S 163 49.17 -72.94 -25.89
CA SER S 163 48.31 -71.77 -25.79
C SER S 163 48.93 -70.63 -24.98
N LEU S 164 50.11 -70.81 -24.43
CA LEU S 164 50.69 -69.84 -23.51
C LEU S 164 51.84 -69.07 -24.15
N PRO S 165 52.14 -67.87 -23.64
CA PRO S 165 53.21 -67.05 -24.25
C PRO S 165 54.57 -67.72 -24.17
N GLY S 166 55.46 -67.26 -25.04
CA GLY S 166 56.82 -67.80 -25.05
C GLY S 166 57.49 -67.72 -23.69
N GLU S 167 57.37 -66.58 -23.01
CA GLU S 167 57.97 -66.42 -21.70
C GLU S 167 57.58 -67.55 -20.76
N PHE S 168 56.32 -67.94 -20.78
CA PHE S 168 55.78 -68.94 -19.87
C PHE S 168 55.55 -70.25 -20.62
N ARG S 169 56.32 -71.27 -20.27
CA ARG S 169 56.06 -72.61 -20.77
C ARG S 169 56.99 -73.58 -20.03
N ILE S 170 56.57 -74.83 -19.96
CA ILE S 170 57.23 -75.85 -19.17
C ILE S 170 57.79 -76.90 -20.13
N GLY S 171 59.11 -76.97 -20.23
CA GLY S 171 59.73 -78.02 -21.01
C GLY S 171 59.77 -79.33 -20.25
N LYS S 172 60.30 -79.28 -19.03
CA LYS S 172 60.25 -80.38 -18.08
C LYS S 172 59.59 -79.89 -16.79
N ARG S 173 59.12 -80.83 -15.98
CA ARG S 173 58.72 -80.51 -14.62
C ARG S 173 59.88 -80.80 -13.68
N THR S 174 60.22 -79.83 -12.83
CA THR S 174 61.28 -79.95 -11.85
C THR S 174 60.79 -79.31 -10.55
N ARG S 175 61.15 -79.89 -9.42
CA ARG S 175 60.52 -79.55 -8.15
C ARG S 175 61.48 -78.86 -7.18
N ARG S 176 62.58 -79.52 -6.79
CA ARG S 176 63.72 -78.79 -6.23
C ARG S 176 64.44 -78.16 -7.42
N PRO S 177 65.43 -77.32 -7.19
CA PRO S 177 65.42 -76.00 -7.85
C PRO S 177 64.88 -76.09 -9.27
N PRO S 178 63.75 -75.43 -9.55
CA PRO S 178 63.26 -75.37 -10.93
C PRO S 178 63.91 -74.22 -11.68
N LYS S 179 64.14 -74.46 -12.97
CA LYS S 179 64.82 -73.48 -13.82
C LYS S 179 63.88 -72.62 -14.65
N ASN S 180 62.74 -73.16 -15.06
CA ASN S 180 61.87 -72.45 -15.99
C ASN S 180 61.11 -71.32 -15.28
N GLU S 181 60.28 -70.63 -16.04
CA GLU S 181 59.51 -69.51 -15.52
C GLU S 181 58.26 -69.97 -14.78
N MET S 182 57.43 -70.78 -15.45
CA MET S 182 56.19 -71.23 -14.86
C MET S 182 56.39 -72.35 -13.84
N ASN S 183 57.49 -73.09 -13.94
CA ASN S 183 57.65 -74.27 -13.09
C ASN S 183 57.67 -73.89 -11.61
N ALA S 184 58.09 -72.66 -11.28
CA ALA S 184 58.05 -72.21 -9.90
C ALA S 184 56.61 -71.98 -9.45
N LEU S 185 55.88 -71.13 -10.16
CA LEU S 185 54.48 -70.86 -9.83
C LEU S 185 53.69 -72.15 -9.67
N ILE S 186 54.00 -73.17 -10.48
CA ILE S 186 53.31 -74.44 -10.37
C ILE S 186 53.73 -75.18 -9.11
N SER S 187 55.02 -75.49 -8.99
CA SER S 187 55.53 -76.14 -7.78
C SER S 187 55.10 -75.39 -6.52
N PHE S 188 54.78 -74.10 -6.64
CA PHE S 188 54.29 -73.33 -5.50
C PHE S 188 52.81 -73.56 -5.27
N LEU S 189 51.98 -73.30 -6.29
CA LEU S 189 50.55 -73.60 -6.15
C LEU S 189 50.34 -75.06 -5.79
N ASN S 190 51.10 -75.96 -6.42
CA ASN S 190 51.08 -77.36 -6.01
C ASN S 190 51.45 -77.51 -4.55
N SER S 191 52.51 -76.80 -4.12
CA SER S 191 52.89 -76.82 -2.71
C SER S 191 51.74 -76.36 -1.83
N ARG S 192 51.02 -75.31 -2.27
CA ARG S 192 49.84 -74.89 -1.52
C ARG S 192 48.72 -75.91 -1.61
N LEU S 193 48.64 -76.65 -2.71
CA LEU S 193 47.61 -77.68 -2.83
C LEU S 193 47.90 -78.85 -1.89
N TYR S 194 49.18 -79.21 -1.75
CA TYR S 194 49.57 -80.16 -0.71
C TYR S 194 49.20 -79.62 0.67
N ALA S 195 49.59 -78.38 0.94
CA ALA S 195 49.00 -77.64 2.05
C ALA S 195 47.49 -77.58 1.87
N THR S 196 46.77 -77.61 2.97
CA THR S 196 45.30 -77.65 2.96
C THR S 196 44.79 -79.01 2.51
N MET S 197 45.69 -79.84 1.99
CA MET S 197 45.38 -81.25 1.77
C MET S 197 45.62 -82.03 3.04
N ILE S 198 46.72 -81.71 3.72
CA ILE S 198 47.05 -82.30 5.00
C ILE S 198 46.06 -81.85 6.06
N SER S 199 45.34 -80.75 5.82
CA SER S 199 44.35 -80.27 6.77
C SER S 199 43.01 -80.99 6.60
N GLU S 200 42.46 -80.93 5.38
CA GLU S 200 41.14 -81.52 5.13
C GLU S 200 41.13 -83.03 5.37
N ILE S 201 42.31 -83.68 5.36
CA ILE S 201 42.38 -85.08 5.74
C ILE S 201 42.35 -85.23 7.26
N TYR S 202 43.16 -84.43 7.96
CA TYR S 202 43.14 -84.44 9.42
C TYR S 202 41.75 -84.17 9.95
N ASN S 203 40.99 -83.32 9.27
CA ASN S 203 39.63 -83.01 9.69
C ASN S 203 38.68 -84.18 9.56
N THR S 204 39.09 -85.25 8.89
CA THR S 204 38.29 -86.46 8.77
C THR S 204 38.84 -87.53 9.70
N GLN S 205 38.30 -88.75 9.60
CA GLN S 205 38.78 -89.87 10.39
C GLN S 205 39.83 -90.70 9.67
N LEU S 206 40.13 -90.36 8.42
CA LEU S 206 41.14 -91.11 7.66
C LEU S 206 42.51 -90.94 8.30
N ALA S 207 43.25 -92.03 8.40
CA ALA S 207 44.65 -91.97 8.80
C ALA S 207 45.48 -91.52 7.61
N PRO S 208 46.20 -90.38 7.72
CA PRO S 208 46.84 -89.82 6.52
C PRO S 208 48.07 -90.59 6.05
N THR S 209 48.56 -91.54 6.83
CA THR S 209 49.82 -92.22 6.54
C THR S 209 49.64 -93.52 5.77
N ILE S 210 48.40 -93.93 5.50
CA ILE S 210 48.11 -95.13 4.72
C ILE S 210 47.67 -94.71 3.33
N SER S 211 48.44 -95.11 2.32
CA SER S 211 48.22 -94.67 0.95
C SER S 211 48.29 -95.84 -0.01
N TYR S 212 47.87 -95.59 -1.25
CA TYR S 212 47.78 -96.62 -2.28
C TYR S 212 48.71 -96.36 -3.45
N LEU S 213 48.58 -95.22 -4.13
CA LEU S 213 49.42 -94.91 -5.27
C LEU S 213 50.86 -94.62 -4.85
N HIS S 214 51.07 -94.20 -3.60
CA HIS S 214 52.38 -93.85 -3.09
C HIS S 214 52.71 -94.72 -1.89
N GLU S 215 53.98 -95.13 -1.80
CA GLU S 215 54.40 -96.00 -0.71
C GLU S 215 54.41 -95.22 0.61
N PRO S 216 53.97 -95.83 1.71
CA PRO S 216 53.88 -95.09 2.97
C PRO S 216 55.21 -95.05 3.71
N SER S 217 55.59 -93.86 4.17
CA SER S 217 56.82 -93.65 4.93
C SER S 217 56.59 -93.14 6.34
N GLU S 218 55.35 -92.87 6.73
CA GLU S 218 54.91 -92.50 8.07
C GLU S 218 55.44 -91.16 8.56
N ARG S 219 56.31 -90.52 7.78
CA ARG S 219 56.74 -89.16 8.09
C ARG S 219 56.35 -88.18 7.00
N ARG S 220 55.64 -88.62 5.97
CA ARG S 220 55.04 -87.74 4.97
C ARG S 220 53.62 -88.19 4.76
N PHE S 221 52.67 -87.26 4.85
CA PHE S 221 51.27 -87.59 4.62
C PHE S 221 51.16 -88.01 3.16
N SER S 222 51.11 -89.31 2.92
CA SER S 222 51.13 -89.86 1.56
C SER S 222 49.74 -89.96 0.97
N LEU S 223 48.70 -89.73 1.75
CA LEU S 223 47.32 -89.72 1.24
C LEU S 223 47.02 -88.40 0.56
N ALA S 224 47.56 -87.29 1.08
CA ALA S 224 47.38 -86.00 0.44
C ALA S 224 47.90 -86.03 -0.99
N LEU S 225 49.02 -86.71 -1.23
CA LEU S 225 49.53 -86.86 -2.59
C LEU S 225 48.52 -87.59 -3.46
N ASP S 226 48.05 -88.75 -3.00
CA ASP S 226 47.02 -89.48 -3.73
C ASP S 226 45.83 -88.58 -4.07
N LEU S 227 45.28 -87.92 -3.06
CA LEU S 227 44.11 -87.07 -3.27
C LEU S 227 44.43 -85.85 -4.10
N SER S 228 45.67 -85.34 -4.01
CA SER S 228 46.04 -84.17 -4.79
C SER S 228 46.13 -84.49 -6.27
N GLU S 229 46.56 -85.71 -6.62
CA GLU S 229 46.59 -86.12 -8.01
C GLU S 229 45.27 -85.82 -8.72
N ILE S 230 44.18 -85.72 -7.96
CA ILE S 230 42.88 -85.40 -8.55
C ILE S 230 42.72 -83.90 -8.71
N PHE S 231 43.22 -83.12 -7.75
CA PHE S 231 42.91 -81.70 -7.68
C PHE S 231 43.99 -80.80 -8.29
N LYS S 232 45.18 -81.32 -8.57
CA LYS S 232 46.19 -80.50 -9.22
C LYS S 232 45.65 -79.75 -10.42
N PRO S 233 44.84 -80.36 -11.30
CA PRO S 233 44.30 -79.59 -12.44
C PRO S 233 43.12 -78.70 -12.07
N ILE S 234 42.44 -78.94 -10.94
CA ILE S 234 41.30 -78.11 -10.59
C ILE S 234 41.76 -76.77 -10.02
N ILE S 235 42.75 -76.79 -9.14
CA ILE S 235 43.14 -75.61 -8.37
C ILE S 235 44.46 -75.03 -8.88
N ALA S 236 45.54 -75.80 -8.79
CA ALA S 236 46.85 -75.28 -9.19
C ALA S 236 46.86 -74.88 -10.65
N ASP S 237 46.62 -75.84 -11.54
CA ASP S 237 46.64 -75.55 -12.97
C ASP S 237 45.63 -74.47 -13.33
N ARG S 238 44.39 -74.62 -12.86
CA ARG S 238 43.34 -73.67 -13.23
C ARG S 238 43.68 -72.26 -12.76
N ILE S 239 44.25 -72.12 -11.56
CA ILE S 239 44.67 -70.81 -11.09
C ILE S 239 45.84 -70.31 -11.93
N ALA S 240 46.94 -71.08 -11.96
CA ALA S 240 48.10 -70.69 -12.74
C ALA S 240 47.73 -70.34 -14.17
N ASN S 241 46.67 -70.95 -14.71
CA ASN S 241 46.23 -70.62 -16.05
C ASN S 241 45.55 -69.25 -16.09
N ARG S 242 44.46 -69.10 -15.35
CA ARG S 242 43.78 -67.81 -15.29
C ARG S 242 44.62 -66.74 -14.59
N LEU S 243 45.79 -67.08 -14.08
CA LEU S 243 46.76 -66.10 -13.61
C LEU S 243 47.73 -65.68 -14.71
N VAL S 244 48.17 -66.62 -15.55
CA VAL S 244 49.04 -66.26 -16.66
C VAL S 244 48.28 -65.36 -17.64
N LYS S 245 47.04 -65.71 -17.95
CA LYS S 245 46.19 -64.79 -18.70
C LYS S 245 45.68 -63.70 -17.77
N LYS S 246 45.18 -62.63 -18.38
CA LYS S 246 44.73 -61.43 -17.68
C LYS S 246 45.91 -60.63 -17.14
N GLY S 247 47.12 -61.16 -17.26
CA GLY S 247 48.33 -60.41 -16.95
C GLY S 247 48.53 -60.05 -15.50
N ILE S 248 48.16 -60.95 -14.57
CA ILE S 248 48.30 -60.64 -13.16
C ILE S 248 49.71 -60.90 -12.63
N ILE S 249 50.51 -61.69 -13.35
CA ILE S 249 51.91 -61.92 -13.00
C ILE S 249 52.74 -61.77 -14.27
N LYS S 250 53.94 -61.22 -14.11
CA LYS S 250 54.84 -60.99 -15.25
C LYS S 250 56.28 -61.19 -14.80
N LYS S 251 57.22 -60.83 -15.67
CA LYS S 251 58.64 -60.89 -15.35
C LYS S 251 59.01 -59.93 -14.23
N ASP S 252 58.15 -58.96 -13.92
CA ASP S 252 58.40 -58.09 -12.78
C ASP S 252 58.28 -58.83 -11.47
N HIS S 253 57.43 -59.85 -11.41
CA HIS S 253 57.23 -60.60 -10.18
C HIS S 253 58.27 -61.70 -10.00
N PHE S 254 58.68 -62.34 -11.09
CA PHE S 254 59.60 -63.46 -11.03
C PHE S 254 61.04 -62.96 -11.15
N ARG S 255 61.91 -63.44 -10.26
CA ARG S 255 63.34 -63.22 -10.37
C ARG S 255 64.06 -64.50 -9.98
N GLU S 256 65.25 -64.67 -10.54
CA GLU S 256 65.99 -65.90 -10.41
C GLU S 256 67.06 -65.78 -9.33
N ASP S 257 67.81 -66.86 -9.14
CA ASP S 257 68.94 -66.89 -8.23
C ASP S 257 70.05 -67.68 -8.91
N LEU S 258 71.07 -68.05 -8.13
CA LEU S 258 72.19 -68.80 -8.70
C LEU S 258 71.85 -70.26 -8.96
N ASN S 259 70.86 -70.81 -8.27
CA ASN S 259 70.43 -72.19 -8.48
C ASN S 259 69.22 -72.29 -9.40
N GLY S 260 68.09 -71.68 -9.01
CA GLY S 260 66.86 -71.84 -9.74
C GLY S 260 66.04 -70.57 -9.84
N VAL S 261 64.71 -70.71 -9.88
CA VAL S 261 63.80 -69.57 -9.89
C VAL S 261 62.95 -69.63 -8.64
N LEU S 262 62.31 -68.50 -8.33
CA LEU S 262 61.41 -68.40 -7.20
C LEU S 262 60.56 -67.16 -7.40
N LEU S 263 59.59 -66.96 -6.50
CA LEU S 263 58.69 -65.82 -6.58
C LEU S 263 59.05 -64.79 -5.52
N THR S 264 58.82 -63.53 -5.86
CA THR S 264 58.96 -62.45 -4.88
C THR S 264 57.74 -62.43 -3.97
N ASP S 265 57.94 -61.90 -2.75
CA ASP S 265 56.80 -61.68 -1.87
C ASP S 265 55.71 -60.90 -2.57
N GLU S 266 56.09 -60.02 -3.50
CA GLU S 266 55.12 -59.30 -4.31
C GLU S 266 54.29 -60.24 -5.15
N GLY S 267 54.91 -61.30 -5.69
CA GLY S 267 54.19 -62.29 -6.45
C GLY S 267 53.50 -63.30 -5.56
N MET S 268 54.19 -63.74 -4.51
CA MET S 268 53.63 -64.76 -3.62
C MET S 268 52.35 -64.26 -2.97
N LYS S 269 52.33 -63.01 -2.53
CA LYS S 269 51.11 -62.47 -1.92
C LYS S 269 49.96 -62.42 -2.92
N ILE S 270 50.27 -62.15 -4.19
CA ILE S 270 49.23 -62.16 -5.21
C ILE S 270 48.75 -63.58 -5.47
N VAL S 271 49.70 -64.52 -5.64
CA VAL S 271 49.33 -65.91 -5.86
C VAL S 271 48.52 -66.44 -4.68
N THR S 272 48.99 -66.17 -3.46
CA THR S 272 48.26 -66.60 -2.27
C THR S 272 46.84 -66.04 -2.28
N LYS S 273 46.67 -64.77 -2.66
CA LYS S 273 45.34 -64.19 -2.76
C LYS S 273 44.51 -64.94 -3.79
N ALA S 274 44.97 -64.96 -5.04
CA ALA S 274 44.25 -65.67 -6.10
C ALA S 274 43.92 -67.10 -5.67
N TYR S 275 44.84 -67.75 -4.95
CA TYR S 275 44.60 -69.09 -4.48
C TYR S 275 43.45 -69.12 -3.47
N ASN S 276 43.61 -68.40 -2.35
CA ASN S 276 42.55 -68.33 -1.36
C ASN S 276 41.26 -67.78 -1.96
N GLN S 277 41.37 -66.93 -2.98
CA GLN S 277 40.17 -66.35 -3.59
C GLN S 277 39.43 -67.39 -4.43
N GLU S 278 40.16 -68.19 -5.21
CA GLU S 278 39.54 -69.22 -6.02
C GLU S 278 39.28 -70.50 -5.23
N LEU S 279 39.97 -70.70 -4.10
CA LEU S 279 39.70 -71.85 -3.25
C LEU S 279 38.37 -71.70 -2.53
N GLU S 280 37.88 -70.48 -2.35
CA GLU S 280 36.53 -70.21 -1.86
C GLU S 280 35.75 -69.62 -3.03
N LYS S 281 34.97 -70.47 -3.69
CA LYS S 281 34.22 -70.15 -4.90
C LYS S 281 32.90 -70.91 -4.80
N THR S 282 32.11 -70.90 -5.88
CA THR S 282 30.79 -71.51 -5.84
C THR S 282 30.58 -72.53 -6.95
N VAL S 283 29.88 -73.61 -6.62
CA VAL S 283 29.46 -74.62 -7.57
C VAL S 283 28.22 -75.30 -7.00
N LYS S 284 27.34 -75.78 -7.88
CA LYS S 284 26.07 -76.39 -7.47
C LYS S 284 25.92 -77.77 -8.10
N HIS S 285 26.26 -78.82 -7.36
CA HIS S 285 26.04 -80.20 -7.77
C HIS S 285 26.54 -81.14 -6.68
N PRO S 286 26.25 -82.45 -6.76
CA PRO S 286 26.91 -83.37 -5.81
C PRO S 286 28.43 -83.39 -6.01
N THR S 293 29.44 -75.79 -2.59
CA THR S 293 30.54 -74.98 -2.07
C THR S 293 31.81 -75.41 -2.80
N ARG S 294 32.93 -74.79 -2.43
CA ARG S 294 34.21 -75.03 -3.09
C ARG S 294 35.26 -75.62 -2.17
N ARG S 295 35.50 -75.01 -1.01
CA ARG S 295 36.59 -75.47 -0.16
C ARG S 295 36.36 -76.90 0.30
N ARG S 296 35.23 -77.15 0.95
CA ARG S 296 34.99 -78.50 1.47
C ARG S 296 34.84 -79.53 0.37
N LEU S 297 34.70 -79.11 -0.89
CA LEU S 297 34.86 -80.04 -2.01
C LEU S 297 36.14 -80.84 -1.85
N ILE S 298 37.15 -80.26 -1.18
CA ILE S 298 38.37 -81.00 -0.90
C ILE S 298 38.07 -82.20 -0.01
N ARG S 299 37.24 -81.99 1.03
CA ARG S 299 36.90 -83.09 1.92
C ARG S 299 35.79 -83.96 1.33
N LEU S 300 34.85 -83.37 0.61
CA LEU S 300 33.78 -84.14 -0.02
C LEU S 300 34.37 -85.21 -0.93
N GLU S 301 35.31 -84.83 -1.80
CA GLU S 301 36.01 -85.82 -2.61
C GLU S 301 36.68 -86.86 -1.73
N ALA S 302 37.06 -86.48 -0.51
CA ALA S 302 37.60 -87.45 0.44
C ALA S 302 36.51 -88.23 1.15
N TYR S 303 35.34 -87.62 1.38
CA TYR S 303 34.23 -88.37 1.95
C TYR S 303 33.81 -89.51 1.03
N LYS S 304 33.74 -89.24 -0.28
CA LYS S 304 33.49 -90.28 -1.25
C LYS S 304 34.42 -91.47 -1.03
N ILE S 305 35.63 -91.23 -0.52
CA ILE S 305 36.53 -92.32 -0.19
C ILE S 305 36.01 -93.09 1.03
N ILE S 306 35.56 -92.37 2.06
CA ILE S 306 34.99 -93.04 3.22
C ILE S 306 33.83 -93.94 2.79
N LYS S 307 32.96 -93.43 1.91
CA LYS S 307 31.85 -94.22 1.42
C LYS S 307 32.31 -95.47 0.68
N HIS S 308 33.53 -95.45 0.14
CA HIS S 308 34.09 -96.61 -0.55
C HIS S 308 34.77 -97.58 0.40
N LEU S 309 35.44 -97.05 1.42
CA LEU S 309 36.16 -97.91 2.34
C LEU S 309 35.22 -98.81 3.13
N VAL S 310 33.99 -98.35 3.38
CA VAL S 310 33.03 -99.23 4.03
C VAL S 310 32.22 -99.99 2.98
N GLY S 311 31.99 -99.36 1.81
CA GLY S 311 31.15 -99.91 0.76
C GLY S 311 29.76 -99.31 0.64
N VAL S 312 29.62 -97.98 0.69
CA VAL S 312 28.37 -97.40 0.21
C VAL S 312 28.34 -97.35 -1.29
N GLU S 313 29.30 -96.60 -1.82
CA GLU S 313 29.34 -96.12 -3.19
C GLU S 313 30.81 -96.24 -3.57
N GLU S 314 31.17 -97.36 -4.22
CA GLU S 314 32.56 -97.61 -4.56
C GLU S 314 33.18 -96.34 -5.10
N TYR S 315 34.45 -96.12 -4.77
CA TYR S 315 35.03 -94.81 -5.03
C TYR S 315 35.13 -94.61 -6.54
N SER S 316 34.20 -93.85 -7.09
CA SER S 316 34.33 -93.29 -8.43
C SER S 316 34.63 -91.81 -8.26
N PRO S 317 35.84 -91.34 -8.58
CA PRO S 317 36.12 -89.91 -8.40
C PRO S 317 35.18 -89.08 -9.27
N LEU S 318 34.88 -87.88 -8.81
CA LEU S 318 33.97 -87.00 -9.53
C LEU S 318 34.72 -85.75 -9.96
N VAL S 319 34.99 -85.67 -11.27
CA VAL S 319 35.60 -84.51 -11.89
C VAL S 319 34.61 -83.98 -12.92
N ALA S 320 34.36 -82.67 -12.89
CA ALA S 320 33.23 -82.15 -13.64
C ALA S 320 33.39 -80.65 -13.89
N TRP S 321 32.27 -79.99 -14.17
CA TRP S 321 32.14 -78.61 -14.65
C TRP S 321 33.07 -77.60 -14.04
N PHE S 322 33.42 -76.59 -14.84
CA PHE S 322 34.22 -75.45 -14.39
C PHE S 322 33.59 -74.75 -13.19
N LYS T 4 69.11 -92.69 21.07
CA LYS T 4 69.62 -91.33 20.98
C LYS T 4 68.53 -90.36 20.58
N SER T 5 67.98 -89.63 21.56
CA SER T 5 66.95 -88.65 21.30
C SER T 5 66.98 -87.61 22.42
N LEU T 6 66.52 -86.40 22.09
CA LEU T 6 66.55 -85.28 23.03
C LEU T 6 65.26 -85.22 23.83
N THR T 7 65.40 -84.82 25.09
CA THR T 7 64.26 -84.68 26.00
C THR T 7 64.40 -83.36 26.75
N ILE T 8 63.43 -82.48 26.58
CA ILE T 8 63.45 -81.16 27.20
C ILE T 8 62.26 -81.07 28.16
N PHE T 9 62.55 -81.08 29.46
CA PHE T 9 61.54 -80.72 30.45
C PHE T 9 61.59 -79.24 30.81
N SER T 10 62.76 -78.63 30.71
CA SER T 10 62.95 -77.24 31.12
C SER T 10 62.28 -76.29 30.13
N ASP T 11 61.99 -75.09 30.62
CA ASP T 11 61.30 -74.06 29.84
C ASP T 11 62.35 -73.07 29.33
N GLY T 12 62.56 -73.07 28.01
CA GLY T 12 63.44 -72.11 27.38
C GLY T 12 62.91 -71.63 26.05
N THR T 13 63.81 -71.31 25.12
CA THR T 13 63.41 -70.88 23.77
C THR T 13 64.40 -71.48 22.78
N LEU T 14 63.90 -72.36 21.92
CA LEU T 14 64.71 -72.92 20.84
C LEU T 14 64.73 -71.94 19.67
N LEU T 15 65.93 -71.73 19.09
CA LEU T 15 66.04 -70.80 17.99
C LEU T 15 67.30 -71.08 17.18
N ARG T 16 67.34 -70.50 15.99
CA ARG T 16 68.51 -70.52 15.10
C ARG T 16 68.68 -69.09 14.60
N ARG T 17 69.61 -68.33 15.18
CA ARG T 17 69.84 -66.97 14.70
C ARG T 17 70.70 -66.98 13.45
N GLU T 18 71.86 -67.65 13.50
CA GLU T 18 72.71 -67.78 12.31
C GLU T 18 73.28 -69.20 12.27
N ASN T 19 72.61 -70.06 11.50
CA ASN T 19 73.11 -71.38 11.11
C ASN T 19 73.70 -72.16 12.28
N THR T 20 72.86 -72.41 13.27
CA THR T 20 73.11 -73.39 14.32
C THR T 20 71.90 -73.41 15.23
N LEU T 21 71.72 -74.50 15.95
CA LEU T 21 70.61 -74.63 16.90
C LEU T 21 71.04 -74.12 18.26
N TYR T 22 70.15 -73.38 18.91
CA TYR T 22 70.45 -72.76 20.20
C TYR T 22 69.25 -72.90 21.12
N PHE T 23 69.54 -73.08 22.41
CA PHE T 23 68.53 -73.20 23.46
C PHE T 23 68.68 -72.02 24.40
N GLU T 24 67.75 -71.08 24.34
CA GLU T 24 67.77 -69.90 25.19
C GLU T 24 66.82 -70.11 26.35
N ASN T 25 67.35 -70.05 27.57
CA ASN T 25 66.56 -70.20 28.78
C ASN T 25 66.96 -69.10 29.76
N VAL T 26 66.52 -69.22 31.01
CA VAL T 26 67.12 -68.44 32.08
C VAL T 26 68.63 -68.60 31.99
N ASN T 27 69.35 -67.49 31.96
CA ASN T 27 70.81 -67.49 31.93
C ASN T 27 71.39 -68.10 30.64
N GLY T 28 71.06 -67.46 29.51
CA GLY T 28 71.93 -67.50 28.35
C GLY T 28 71.64 -68.60 27.34
N ARG T 29 72.30 -68.48 26.19
CA ARG T 29 72.16 -69.40 25.08
C ARG T 29 73.16 -70.54 25.19
N LYS T 30 72.74 -71.73 24.76
CA LYS T 30 73.61 -72.91 24.68
C LYS T 30 73.27 -73.68 23.41
N PRO T 31 74.26 -74.19 22.69
CA PRO T 31 73.98 -74.91 21.45
C PRO T 31 73.54 -76.35 21.73
N LEU T 32 73.29 -77.08 20.64
CA LEU T 32 72.84 -78.47 20.73
C LEU T 32 73.33 -79.23 19.51
N ALA T 33 74.02 -80.33 19.74
CA ALA T 33 74.50 -81.21 18.67
C ALA T 33 73.45 -82.27 18.39
N ILE T 34 72.92 -82.29 17.17
CA ILE T 34 71.74 -83.08 16.84
C ILE T 34 72.06 -84.21 15.86
N GLU T 35 73.34 -84.43 15.54
CA GLU T 35 73.69 -85.40 14.50
C GLU T 35 72.98 -86.73 14.71
N GLY T 36 73.28 -87.40 15.82
CA GLY T 36 72.75 -88.73 16.06
C GLY T 36 71.29 -88.80 16.44
N ILE T 37 70.58 -87.66 16.40
CA ILE T 37 69.20 -87.58 16.88
C ILE T 37 68.25 -87.64 15.69
N TYR T 38 67.10 -88.27 15.91
CA TYR T 38 66.04 -88.36 14.92
C TYR T 38 64.72 -87.78 15.37
N ASP T 39 64.41 -87.81 16.67
CA ASP T 39 63.18 -87.27 17.21
C ASP T 39 63.49 -86.43 18.45
N ILE T 40 62.84 -85.27 18.54
CA ILE T 40 62.94 -84.39 19.70
C ILE T 40 61.62 -84.45 20.45
N TYR T 41 61.71 -84.56 21.79
CA TYR T 41 60.54 -84.63 22.65
C TYR T 41 60.59 -83.46 23.62
N ILE T 42 59.56 -82.62 23.60
CA ILE T 42 59.48 -81.44 24.44
C ILE T 42 58.45 -81.71 25.53
N TYR T 43 58.92 -81.81 26.76
CA TYR T 43 58.07 -82.03 27.93
C TYR T 43 57.82 -80.74 28.72
N GLY T 44 58.20 -79.58 28.18
CA GLY T 44 58.07 -78.34 28.88
C GLY T 44 57.60 -77.19 28.01
N HIS T 45 57.72 -75.96 28.51
CA HIS T 45 57.27 -74.77 27.80
C HIS T 45 58.47 -74.19 27.04
N VAL T 46 58.52 -74.45 25.74
CA VAL T 46 59.64 -74.04 24.89
C VAL T 46 59.10 -73.32 23.68
N ASN T 47 59.43 -72.04 23.55
CA ASN T 47 59.08 -71.27 22.36
C ASN T 47 60.02 -71.62 21.22
N ILE T 48 59.47 -71.76 20.02
CA ILE T 48 60.23 -72.19 18.85
C ILE T 48 60.10 -71.11 17.77
N THR T 49 61.20 -70.89 17.05
CA THR T 49 61.23 -69.95 15.94
C THR T 49 61.11 -70.71 14.62
N SER T 50 60.48 -70.05 13.64
CA SER T 50 60.32 -70.68 12.32
C SER T 50 61.65 -70.99 11.66
N GLN T 51 62.73 -70.29 12.05
CA GLN T 51 64.03 -70.58 11.49
C GLN T 51 64.54 -71.93 11.95
N ALA T 52 64.66 -72.11 13.27
CA ALA T 52 65.18 -73.37 13.81
C ALA T 52 64.20 -74.51 13.56
N LEU T 53 62.91 -74.21 13.47
CA LEU T 53 61.93 -75.24 13.13
C LEU T 53 62.01 -75.60 11.64
N HIS T 54 62.35 -74.61 10.80
CA HIS T 54 62.69 -74.89 9.42
C HIS T 54 64.06 -75.53 9.30
N TYR T 55 64.95 -75.24 10.25
CA TYR T 55 66.25 -75.90 10.28
C TYR T 55 66.10 -77.37 10.67
N ILE T 56 65.36 -77.63 11.76
CA ILE T 56 65.03 -79.01 12.11
C ILE T 56 64.34 -79.68 10.93
N ALA T 57 63.46 -78.94 10.25
CA ALA T 57 62.79 -79.49 9.07
C ALA T 57 63.80 -79.85 7.99
N GLN T 58 64.80 -78.98 7.78
CA GLN T 58 65.84 -79.28 6.80
C GLN T 58 66.61 -80.55 7.16
N LYS T 59 66.73 -80.84 8.45
CA LYS T 59 67.41 -82.04 8.92
C LYS T 59 66.51 -83.27 8.97
N GLY T 60 65.20 -83.09 8.82
CA GLY T 60 64.29 -84.22 8.81
C GLY T 60 64.00 -84.80 10.18
N ILE T 61 64.09 -83.98 11.22
CA ILE T 61 63.86 -84.44 12.59
C ILE T 61 62.39 -84.23 12.95
N LEU T 62 61.83 -85.19 13.68
CA LEU T 62 60.48 -85.09 14.20
C LEU T 62 60.51 -84.45 15.59
N ILE T 63 59.55 -83.58 15.87
CA ILE T 63 59.40 -82.96 17.18
C ILE T 63 58.03 -83.34 17.72
N HIS T 64 58.01 -84.07 18.84
CA HIS T 64 56.78 -84.41 19.55
C HIS T 64 56.64 -83.46 20.74
N PHE T 65 55.60 -82.63 20.70
CA PHE T 65 55.34 -81.68 21.77
C PHE T 65 54.40 -82.28 22.81
N PHE T 66 54.62 -81.89 24.07
CA PHE T 66 53.77 -82.29 25.17
C PHE T 66 53.47 -81.06 26.02
N ASN T 67 52.45 -81.19 26.87
CA ASN T 67 52.29 -80.28 28.00
C ASN T 67 53.39 -80.56 29.01
N HIS T 68 53.44 -79.78 30.09
CA HIS T 68 54.35 -80.11 31.16
C HIS T 68 54.03 -81.49 31.73
N TYR T 69 52.74 -81.85 31.81
CA TYR T 69 52.37 -83.02 32.56
C TYR T 69 52.13 -84.30 31.76
N GLY T 70 51.01 -84.36 31.03
CA GLY T 70 50.69 -85.55 30.26
C GLY T 70 49.87 -85.31 29.02
N TYR T 71 49.50 -84.06 28.77
CA TYR T 71 48.57 -83.74 27.69
C TYR T 71 49.34 -83.68 26.36
N TYR T 72 48.95 -84.54 25.42
CA TYR T 72 49.58 -84.56 24.11
C TYR T 72 49.09 -83.37 23.31
N ASP T 73 50.00 -82.54 22.84
CA ASP T 73 49.61 -81.37 22.04
C ASP T 73 49.71 -81.66 20.55
N GLY T 74 50.91 -81.92 20.05
CA GLY T 74 51.09 -82.04 18.62
C GLY T 74 52.47 -82.55 18.28
N THR T 75 52.73 -82.62 16.98
CA THR T 75 54.00 -83.12 16.47
C THR T 75 54.35 -82.36 15.21
N PHE T 76 55.64 -82.06 15.04
CA PHE T 76 56.13 -81.38 13.85
C PHE T 76 56.64 -82.44 12.86
N TYR T 77 55.89 -82.65 11.78
CA TYR T 77 56.27 -83.60 10.74
C TYR T 77 56.92 -82.83 9.60
N PRO T 78 58.21 -83.04 9.31
CA PRO T 78 58.84 -82.34 8.19
C PRO T 78 58.51 -82.99 6.84
N ARG T 79 58.89 -82.28 5.77
CA ARG T 79 58.83 -82.91 4.44
C ARG T 79 59.91 -83.97 4.30
N GLU T 80 60.99 -83.86 5.06
CA GLU T 80 62.19 -84.68 4.86
C GLU T 80 61.92 -86.06 5.42
N THR T 81 61.59 -87.01 4.54
CA THR T 81 61.31 -88.36 4.97
C THR T 81 62.62 -89.07 5.34
N LEU T 82 62.48 -90.35 5.66
CA LEU T 82 63.59 -91.22 5.99
C LEU T 82 63.17 -92.63 5.62
N LEU T 83 64.09 -93.58 5.78
CA LEU T 83 63.76 -94.99 5.50
C LEU T 83 63.00 -95.53 6.72
N SER T 84 61.69 -95.70 6.56
CA SER T 84 60.87 -96.28 7.62
C SER T 84 59.56 -96.76 7.01
N GLY T 85 59.01 -97.82 7.61
CA GLY T 85 57.69 -98.30 7.27
C GLY T 85 56.67 -97.85 8.31
N ASP T 86 55.40 -98.08 7.98
CA ASP T 86 54.31 -97.67 8.85
C ASP T 86 54.01 -98.78 9.85
N LEU T 87 54.23 -98.49 11.14
CA LEU T 87 53.87 -99.44 12.18
C LEU T 87 52.36 -99.61 12.27
N ILE T 88 51.60 -98.55 11.96
CA ILE T 88 50.15 -98.63 11.95
C ILE T 88 49.69 -99.75 11.02
N ILE T 89 50.39 -99.96 9.91
CA ILE T 89 50.10 -101.09 9.04
C ILE T 89 50.28 -102.39 9.80
N LYS T 90 51.39 -102.52 10.53
CA LYS T 90 51.64 -103.74 11.30
C LYS T 90 50.56 -103.96 12.35
N GLN T 91 50.15 -102.91 13.04
CA GLN T 91 49.05 -103.03 13.98
C GLN T 91 47.80 -103.55 13.28
N ALA T 92 47.53 -103.05 12.07
CA ALA T 92 46.38 -103.53 11.32
C ALA T 92 46.60 -104.95 10.81
N GLU T 93 47.83 -105.30 10.46
CA GLU T 93 48.13 -106.66 10.03
C GLU T 93 47.94 -107.66 11.17
N HIS T 94 48.36 -107.27 12.37
CA HIS T 94 48.20 -108.16 13.52
C HIS T 94 46.73 -108.25 13.94
N TYR T 95 45.98 -107.16 13.80
CA TYR T 95 44.54 -107.23 14.05
C TYR T 95 43.85 -108.11 13.03
N LEU T 96 44.27 -108.04 11.77
CA LEU T 96 43.56 -108.74 10.70
C LEU T 96 43.72 -110.25 10.82
N ASP T 97 44.96 -110.74 10.75
CA ASP T 97 45.20 -112.17 10.81
C ASP T 97 44.80 -112.71 12.18
N LYS T 98 43.85 -113.66 12.19
CA LYS T 98 43.27 -114.17 13.41
C LYS T 98 44.27 -114.90 14.30
N ASN T 99 45.49 -115.16 13.81
CA ASN T 99 46.50 -115.82 14.64
C ASN T 99 47.24 -114.80 15.50
N LYS T 100 47.63 -113.67 14.91
CA LYS T 100 48.34 -112.65 15.66
C LYS T 100 47.38 -111.89 16.57
N ARG T 101 46.16 -111.63 16.11
CA ARG T 101 45.05 -111.47 17.05
C ARG T 101 44.70 -112.84 17.60
N LEU T 102 44.06 -112.85 18.78
CA LEU T 102 43.85 -114.03 19.61
C LEU T 102 45.17 -114.43 20.27
N PHE T 103 46.27 -113.95 19.70
CA PHE T 103 47.54 -113.75 20.36
C PHE T 103 47.62 -112.27 20.66
N LEU T 104 48.38 -111.92 21.69
CA LEU T 104 48.44 -110.55 22.20
C LEU T 104 47.15 -110.17 22.92
N ALA T 105 46.10 -110.96 22.73
CA ALA T 105 44.86 -110.82 23.48
C ALA T 105 44.92 -111.73 24.71
N LYS T 106 45.08 -113.03 24.46
CA LYS T 106 45.35 -113.98 25.54
C LYS T 106 46.49 -113.49 26.43
N SER T 107 47.53 -112.92 25.81
CA SER T 107 48.64 -112.39 26.59
C SER T 107 48.19 -111.25 27.49
N PHE T 108 47.54 -110.23 26.91
CA PHE T 108 47.03 -109.12 27.72
C PHE T 108 46.24 -109.65 28.92
N VAL T 109 45.38 -110.64 28.70
CA VAL T 109 44.61 -111.21 29.79
C VAL T 109 45.53 -111.92 30.78
N VAL T 110 46.52 -112.65 30.27
CA VAL T 110 47.45 -113.35 31.16
C VAL T 110 48.19 -112.36 32.03
N GLY T 111 48.64 -111.25 31.46
CA GLY T 111 49.28 -110.21 32.26
C GLY T 111 48.34 -109.66 33.32
N GLY T 112 47.10 -109.36 32.93
CA GLY T 112 46.11 -108.91 33.88
C GLY T 112 45.95 -109.87 35.04
N ALA T 113 45.70 -111.15 34.74
CA ALA T 113 45.45 -112.12 35.80
C ALA T 113 46.72 -112.52 36.53
N LYS T 114 47.89 -112.42 35.89
CA LYS T 114 49.13 -112.73 36.59
C LYS T 114 49.48 -111.63 37.58
N ASN T 115 49.46 -110.37 37.12
CA ASN T 115 49.68 -109.25 38.04
C ASN T 115 48.61 -109.23 39.12
N MET T 116 47.35 -109.48 38.75
CA MET T 116 46.27 -109.49 39.72
C MET T 116 46.50 -110.58 40.77
N GLU T 117 46.96 -111.76 40.35
CA GLU T 117 47.31 -112.80 41.31
C GLU T 117 48.48 -112.35 42.17
N LYS T 118 49.53 -111.80 41.55
CA LYS T 118 50.66 -111.30 42.31
C LYS T 118 50.26 -110.14 43.22
N ASN T 119 49.20 -109.43 42.88
CA ASN T 119 48.66 -108.42 43.79
C ASN T 119 48.05 -109.08 45.02
N LEU T 120 47.14 -110.05 44.80
CA LEU T 120 46.57 -110.78 45.92
C LEU T 120 47.68 -111.43 46.76
N LYS T 121 48.73 -111.94 46.10
CA LYS T 121 49.83 -112.55 46.84
C LYS T 121 50.63 -111.52 47.60
N ASN T 122 50.86 -110.35 46.99
CA ASN T 122 51.61 -109.29 47.68
C ASN T 122 50.89 -108.80 48.92
N TRP T 123 49.59 -109.05 49.03
CA TRP T 123 48.83 -108.73 50.23
C TRP T 123 48.70 -109.91 51.18
N GLY T 124 49.08 -111.11 50.75
CA GLY T 124 49.00 -112.27 51.60
C GLY T 124 47.62 -112.89 51.71
N ILE T 125 46.81 -112.79 50.67
CA ILE T 125 45.48 -113.40 50.65
C ILE T 125 45.55 -114.64 49.77
N SER T 126 44.64 -115.59 50.03
CA SER T 126 44.52 -116.78 49.19
C SER T 126 44.36 -116.38 47.73
N SER T 127 45.34 -116.71 46.88
CA SER T 127 45.28 -116.19 45.51
C SER T 127 44.81 -117.19 44.47
N ASP T 128 45.62 -118.21 44.17
CA ASP T 128 45.23 -119.32 43.30
C ASP T 128 44.32 -118.94 42.14
N PHE T 129 44.82 -118.15 41.18
CA PHE T 129 43.99 -117.66 40.09
C PHE T 129 44.17 -118.43 38.78
N SER T 130 45.41 -118.60 38.33
CA SER T 130 45.68 -118.93 36.93
C SER T 130 44.98 -120.19 36.44
N ASN T 131 44.38 -121.01 37.31
CA ASN T 131 43.78 -122.24 36.82
C ASN T 131 42.75 -122.00 35.72
N HIS T 132 42.29 -120.75 35.57
CA HIS T 132 41.52 -120.39 34.37
C HIS T 132 42.42 -120.27 33.15
N LEU T 133 43.71 -119.99 33.36
CA LEU T 133 44.64 -119.75 32.26
C LEU T 133 44.53 -120.80 31.17
N LYS T 134 44.23 -122.05 31.53
CA LYS T 134 44.08 -123.09 30.51
C LYS T 134 42.87 -122.80 29.62
N GLU T 135 41.75 -122.39 30.22
CA GLU T 135 40.58 -122.02 29.43
C GLU T 135 40.91 -120.87 28.48
N LEU T 136 41.81 -119.97 28.90
CA LEU T 136 42.20 -118.85 28.06
C LEU T 136 43.03 -119.33 26.86
N GLN T 137 44.05 -120.16 27.12
CA GLN T 137 44.96 -120.58 26.07
C GLN T 137 44.25 -121.34 24.95
N GLY T 138 43.02 -121.80 25.17
CA GLY T 138 42.29 -122.54 24.16
C GLY T 138 41.22 -121.74 23.46
N ALA T 139 40.88 -120.58 24.02
CA ALA T 139 39.77 -119.78 23.51
C ALA T 139 39.87 -119.59 21.99
N LYS T 140 38.74 -119.83 21.32
CA LYS T 140 38.68 -119.69 19.86
C LYS T 140 38.36 -118.26 19.43
N LYS T 141 37.20 -117.75 19.85
CA LYS T 141 36.76 -116.41 19.44
C LYS T 141 37.02 -115.41 20.57
N VAL T 142 36.73 -114.14 20.29
CA VAL T 142 37.11 -113.07 21.22
C VAL T 142 36.23 -113.09 22.47
N THR T 143 34.93 -113.33 22.31
CA THR T 143 34.03 -113.25 23.45
C THR T 143 34.45 -114.19 24.57
N GLU T 144 35.11 -115.30 24.24
CA GLU T 144 35.56 -116.24 25.27
C GLU T 144 36.88 -115.80 25.89
N ILE T 145 37.77 -115.17 25.11
CA ILE T 145 38.91 -114.50 25.72
C ILE T 145 38.43 -113.49 26.74
N MET T 146 37.46 -112.68 26.36
CA MET T 146 36.67 -111.91 27.31
C MET T 146 35.75 -112.85 28.07
N ASN T 147 35.15 -112.32 29.14
CA ASN T 147 34.25 -113.07 30.02
C ASN T 147 35.00 -114.07 30.88
N VAL T 148 36.27 -114.30 30.56
CA VAL T 148 37.20 -114.94 31.48
C VAL T 148 37.90 -113.88 32.30
N GLU T 149 38.35 -112.82 31.65
CA GLU T 149 38.74 -111.60 32.34
C GLU T 149 37.58 -111.05 33.15
N GLY T 150 36.34 -111.37 32.79
CA GLY T 150 35.19 -111.01 33.60
C GLY T 150 35.19 -111.78 34.90
N ARG T 151 35.16 -113.11 34.82
CA ARG T 151 35.28 -113.93 36.02
C ARG T 151 36.50 -113.54 36.83
N ILE T 152 37.66 -113.47 36.19
CA ILE T 152 38.90 -113.13 36.87
C ILE T 152 38.76 -111.78 37.58
N ARG T 153 38.23 -110.78 36.85
CA ARG T 153 38.05 -109.46 37.45
C ARG T 153 36.96 -109.49 38.53
N GLN T 154 35.92 -110.29 38.32
CA GLN T 154 34.84 -110.38 39.31
C GLN T 154 35.27 -111.15 40.54
N GLU T 155 36.20 -112.11 40.39
CA GLU T 155 36.67 -112.88 41.53
C GLU T 155 37.79 -112.16 42.26
N TYR T 156 38.65 -111.43 41.54
CA TYR T 156 39.68 -110.64 42.18
C TYR T 156 39.08 -109.67 43.19
N TYR T 157 38.12 -108.85 42.74
CA TYR T 157 37.45 -107.93 43.66
C TYR T 157 36.71 -108.69 44.75
N ALA T 158 36.15 -109.86 44.42
CA ALA T 158 35.41 -110.63 45.41
C ALA T 158 36.31 -111.01 46.59
N ARG T 159 37.50 -111.51 46.31
CA ARG T 159 38.48 -111.83 47.35
C ARG T 159 39.34 -110.62 47.71
N TRP T 160 39.16 -109.49 47.02
CA TRP T 160 39.66 -108.22 47.52
C TRP T 160 38.84 -107.77 48.74
N ASP T 161 37.53 -107.99 48.69
CA ASP T 161 36.64 -107.59 49.78
C ASP T 161 37.05 -108.23 51.10
N PRO T 165 37.75 -102.78 54.49
CA PRO T 165 36.90 -102.44 55.64
C PRO T 165 35.45 -102.11 55.28
N GLY T 166 34.64 -103.15 55.07
CA GLY T 166 33.22 -102.96 54.90
C GLY T 166 32.84 -102.03 53.75
N GLU T 167 32.40 -100.83 54.09
CA GLU T 167 31.84 -99.91 53.11
C GLU T 167 32.74 -99.75 51.89
N PHE T 168 34.06 -99.86 52.06
CA PHE T 168 34.98 -99.75 50.94
C PHE T 168 35.17 -101.07 50.18
N ARG T 169 34.28 -102.04 50.39
CA ARG T 169 34.34 -103.29 49.67
C ARG T 169 33.74 -103.13 48.27
N ILE T 170 34.32 -103.85 47.32
CA ILE T 170 33.83 -103.84 45.94
C ILE T 170 33.04 -105.14 45.76
N GLY T 171 31.72 -105.05 45.94
CA GLY T 171 30.86 -106.21 45.78
C GLY T 171 30.60 -106.54 44.32
N LYS T 172 30.31 -105.50 43.53
CA LYS T 172 30.06 -105.64 42.10
C LYS T 172 30.85 -104.57 41.37
N ARG T 173 31.38 -104.93 40.20
CA ARG T 173 32.05 -103.96 39.33
C ARG T 173 30.99 -103.03 38.76
N THR T 174 31.02 -101.77 39.17
CA THR T 174 30.00 -100.82 38.73
C THR T 174 30.03 -100.69 37.22
N PRO T 178 28.93 -94.81 39.03
CA PRO T 178 29.36 -95.28 40.35
C PRO T 178 28.19 -95.51 41.31
N LYS T 179 28.33 -96.50 42.18
CA LYS T 179 27.33 -96.82 43.20
C LYS T 179 27.90 -96.79 44.61
N ASN T 180 29.11 -97.29 44.81
CA ASN T 180 29.75 -97.39 46.10
C ASN T 180 30.89 -96.38 46.19
N GLU T 181 31.53 -96.33 47.36
CA GLU T 181 32.67 -95.45 47.54
C GLU T 181 33.89 -95.95 46.79
N MET T 182 34.36 -97.15 47.15
CA MET T 182 35.53 -97.72 46.48
C MET T 182 35.31 -97.86 44.98
N ASN T 183 34.06 -98.06 44.55
CA ASN T 183 33.78 -98.18 43.12
C ASN T 183 33.96 -96.86 42.40
N ALA T 184 33.74 -95.74 43.09
CA ALA T 184 34.01 -94.43 42.50
C ALA T 184 35.50 -94.14 42.47
N LEU T 185 36.15 -94.18 43.64
CA LEU T 185 37.59 -93.96 43.72
C LEU T 185 38.33 -94.82 42.71
N ILE T 186 38.04 -96.12 42.67
CA ILE T 186 38.77 -97.00 41.76
C ILE T 186 38.49 -96.64 40.31
N SER T 187 37.28 -96.13 40.02
CA SER T 187 36.94 -95.74 38.66
C SER T 187 37.57 -94.39 38.29
N PHE T 188 37.81 -93.53 39.28
CA PHE T 188 38.42 -92.24 39.00
C PHE T 188 39.90 -92.39 38.65
N LEU T 189 40.62 -93.21 39.43
CA LEU T 189 42.02 -93.47 39.12
C LEU T 189 42.16 -94.26 37.82
N ASN T 190 41.17 -95.06 37.47
CA ASN T 190 41.14 -95.69 36.15
C ASN T 190 41.07 -94.63 35.05
N SER T 191 40.14 -93.67 35.21
CA SER T 191 40.01 -92.61 34.22
C SER T 191 41.29 -91.80 34.10
N ARG T 192 41.87 -91.40 35.25
CA ARG T 192 43.12 -90.65 35.21
C ARG T 192 44.25 -91.51 34.66
N LEU T 193 44.23 -92.82 34.96
CA LEU T 193 45.21 -93.72 34.33
C LEU T 193 45.03 -93.73 32.83
N TYR T 194 43.79 -93.75 32.36
CA TYR T 194 43.53 -93.65 30.91
C TYR T 194 44.17 -92.39 30.35
N ALA T 195 43.98 -91.25 31.02
CA ALA T 195 44.64 -90.01 30.62
C ALA T 195 46.15 -90.23 30.48
N THR T 196 46.77 -90.70 31.57
CA THR T 196 48.21 -90.97 31.52
C THR T 196 48.56 -91.92 30.38
N MET T 197 47.67 -92.86 30.06
CA MET T 197 47.97 -93.84 29.03
C MET T 197 48.07 -93.20 27.66
N ILE T 198 47.19 -92.24 27.36
CA ILE T 198 47.14 -91.67 26.01
C ILE T 198 48.52 -91.14 25.62
N SER T 199 49.20 -90.49 26.55
CA SER T 199 50.48 -89.86 26.24
C SER T 199 51.57 -90.92 26.07
N GLU T 200 51.73 -91.81 27.05
CA GLU T 200 52.81 -92.79 26.99
C GLU T 200 52.64 -93.73 25.80
N ILE T 201 51.43 -93.87 25.27
CA ILE T 201 51.27 -94.50 23.96
C ILE T 201 51.68 -93.53 22.86
N TYR T 202 51.22 -92.28 22.96
CA TYR T 202 51.53 -91.28 21.94
C TYR T 202 53.01 -90.93 21.90
N ASN T 203 53.75 -91.16 22.98
CA ASN T 203 55.18 -90.89 22.96
C ASN T 203 55.91 -91.78 21.96
N THR T 204 55.27 -92.85 21.49
CA THR T 204 55.77 -93.67 20.41
C THR T 204 55.07 -93.26 19.11
N GLN T 205 55.30 -94.02 18.05
CA GLN T 205 54.63 -93.80 16.78
C GLN T 205 53.39 -94.68 16.61
N LEU T 206 53.04 -95.45 17.64
CA LEU T 206 51.88 -96.33 17.55
C LEU T 206 50.58 -95.52 17.51
N ALA T 207 49.68 -95.91 16.62
CA ALA T 207 48.34 -95.34 16.61
C ALA T 207 47.52 -95.97 17.73
N PRO T 208 46.97 -95.18 18.65
CA PRO T 208 46.30 -95.78 19.83
C PRO T 208 44.93 -96.36 19.53
N THR T 209 44.39 -96.14 18.34
CA THR T 209 43.01 -96.52 18.03
C THR T 209 42.90 -97.91 17.41
N ILE T 210 44.00 -98.64 17.27
CA ILE T 210 43.99 -100.01 16.77
C ILE T 210 44.31 -100.94 17.94
N SER T 211 43.38 -101.83 18.27
CA SER T 211 43.44 -102.62 19.50
C SER T 211 43.20 -104.09 19.21
N TYR T 212 43.50 -104.94 20.20
CA TYR T 212 43.32 -106.38 20.05
C TYR T 212 42.30 -106.97 21.03
N LEU T 213 42.53 -106.86 22.34
CA LEU T 213 41.63 -107.51 23.29
C LEU T 213 40.31 -106.76 23.37
N HIS T 214 40.34 -105.45 23.11
CA HIS T 214 39.16 -104.62 23.01
C HIS T 214 38.94 -104.28 21.54
N GLU T 215 37.71 -104.40 21.08
CA GLU T 215 37.41 -104.11 19.69
C GLU T 215 37.81 -102.68 19.37
N PRO T 216 38.46 -102.43 18.23
CA PRO T 216 38.85 -101.05 17.90
C PRO T 216 37.61 -100.21 17.60
N SER T 217 36.90 -99.84 18.66
CA SER T 217 35.61 -99.18 18.55
C SER T 217 35.66 -97.98 17.63
N GLU T 218 34.50 -97.55 17.13
CA GLU T 218 34.45 -96.44 16.18
C GLU T 218 35.22 -95.23 16.68
N ARG T 219 34.94 -94.77 17.89
CA ARG T 219 35.58 -93.59 18.45
C ARG T 219 36.06 -93.84 19.88
N ARG T 220 37.30 -94.30 20.02
CA ARG T 220 38.00 -94.31 21.31
C ARG T 220 39.43 -94.78 21.08
N PHE T 221 40.36 -94.29 21.92
CA PHE T 221 41.66 -94.93 22.01
C PHE T 221 41.41 -96.34 22.54
N SER T 222 41.52 -97.37 21.70
CA SER T 222 41.22 -98.73 22.16
C SER T 222 42.47 -99.51 22.57
N LEU T 223 43.66 -98.98 22.31
CA LEU T 223 44.88 -99.65 22.73
C LEU T 223 45.20 -99.37 24.20
N ALA T 224 44.86 -98.17 24.68
CA ALA T 224 45.09 -97.85 26.08
C ALA T 224 44.30 -98.78 27.00
N LEU T 225 43.10 -99.17 26.59
CA LEU T 225 42.34 -100.15 27.36
C LEU T 225 43.10 -101.47 27.44
N ASP T 226 43.56 -101.97 26.30
CA ASP T 226 44.34 -103.21 26.29
C ASP T 226 45.52 -103.13 27.25
N LEU T 227 46.32 -102.07 27.15
CA LEU T 227 47.47 -101.94 28.02
C LEU T 227 47.07 -101.71 29.47
N SER T 228 45.94 -101.02 29.70
CA SER T 228 45.51 -100.78 31.07
C SER T 228 45.12 -102.08 31.77
N GLU T 229 44.58 -103.05 31.00
CA GLU T 229 44.26 -104.35 31.59
C GLU T 229 45.46 -104.92 32.35
N ILE T 230 46.67 -104.63 31.87
CA ILE T 230 47.87 -105.09 32.58
C ILE T 230 48.23 -104.13 33.70
N PHE T 231 48.13 -102.82 33.45
CA PHE T 231 48.61 -101.82 34.41
C PHE T 231 47.54 -101.38 35.40
N LYS T 232 46.27 -101.58 35.09
CA LYS T 232 45.21 -101.23 36.04
C LYS T 232 45.41 -101.89 37.40
N PRO T 233 45.72 -103.19 37.50
CA PRO T 233 46.01 -103.77 38.82
C PRO T 233 47.36 -103.37 39.38
N ILE T 234 48.30 -102.94 38.54
CA ILE T 234 49.62 -102.55 39.03
C ILE T 234 49.58 -101.15 39.62
N ILE T 235 48.93 -100.21 38.91
CA ILE T 235 48.96 -98.80 39.28
C ILE T 235 47.66 -98.36 39.94
N ALA T 236 46.54 -98.49 39.22
CA ALA T 236 45.27 -97.98 39.73
C ALA T 236 44.83 -98.71 40.99
N ASP T 237 44.76 -100.03 40.93
CA ASP T 237 44.26 -100.81 42.06
C ASP T 237 45.12 -100.60 43.30
N ARG T 238 46.44 -100.70 43.14
CA ARG T 238 47.33 -100.66 44.30
C ARG T 238 47.23 -99.33 45.04
N ILE T 239 47.30 -98.21 44.30
CA ILE T 239 47.25 -96.91 44.96
C ILE T 239 45.95 -96.76 45.74
N ALA T 240 44.83 -97.19 45.15
CA ALA T 240 43.58 -97.19 45.87
C ALA T 240 43.67 -98.00 47.16
N ASN T 241 44.61 -98.93 47.25
CA ASN T 241 44.77 -99.68 48.49
C ASN T 241 45.51 -98.88 49.55
N ARG T 242 46.76 -98.50 49.28
CA ARG T 242 47.54 -97.73 50.23
C ARG T 242 46.78 -96.47 50.67
N LEU T 243 45.74 -96.12 49.92
CA LEU T 243 44.84 -95.02 50.28
C LEU T 243 43.70 -95.47 51.18
N VAL T 244 43.10 -96.63 50.93
CA VAL T 244 41.94 -97.05 51.73
C VAL T 244 42.39 -97.67 53.04
N LYS T 245 43.45 -98.48 53.03
CA LYS T 245 43.85 -99.18 54.24
C LYS T 245 44.37 -98.22 55.29
N LYS T 246 45.44 -97.48 54.96
CA LYS T 246 46.01 -96.51 55.90
C LYS T 246 44.98 -95.48 56.33
N GLY T 247 43.92 -95.27 55.55
CA GLY T 247 42.88 -94.34 55.92
C GLY T 247 43.15 -92.90 55.55
N ILE T 248 43.96 -92.66 54.52
CA ILE T 248 44.19 -91.29 54.06
C ILE T 248 42.91 -90.67 53.51
N ILE T 249 41.95 -91.51 53.11
CA ILE T 249 40.64 -91.05 52.65
C ILE T 249 39.59 -91.60 53.61
N LYS T 250 38.88 -90.70 54.27
CA LYS T 250 37.79 -91.08 55.16
C LYS T 250 36.47 -91.04 54.37
N LYS T 251 35.40 -91.55 55.00
CA LYS T 251 34.12 -91.54 54.32
C LYS T 251 33.50 -90.14 54.27
N ASP T 252 34.11 -89.16 54.92
CA ASP T 252 33.65 -87.77 54.82
C ASP T 252 34.14 -87.08 53.55
N HIS T 253 34.95 -87.73 52.72
CA HIS T 253 35.45 -87.10 51.52
C HIS T 253 34.58 -87.35 50.30
N PHE T 254 33.66 -88.30 50.36
CA PHE T 254 32.87 -88.70 49.20
C PHE T 254 31.49 -88.07 49.25
N ARG T 255 31.03 -87.60 48.09
CA ARG T 255 29.73 -86.97 47.93
C ARG T 255 28.81 -87.87 47.11
N GLU T 256 27.51 -87.70 47.31
CA GLU T 256 26.49 -88.45 46.59
C GLU T 256 25.80 -87.55 45.57
N ASP T 257 25.59 -88.07 44.38
CA ASP T 257 24.88 -87.36 43.32
C ASP T 257 23.42 -87.78 43.37
N LEU T 258 22.62 -87.34 42.40
CA LEU T 258 21.28 -87.88 42.31
C LEU T 258 21.33 -89.35 41.91
N ASN T 259 22.27 -89.72 41.02
CA ASN T 259 22.38 -91.10 40.57
C ASN T 259 23.32 -91.92 41.45
N GLY T 260 24.57 -91.50 41.52
CA GLY T 260 25.58 -92.27 42.23
C GLY T 260 26.41 -91.45 43.18
N VAL T 261 27.62 -91.92 43.46
CA VAL T 261 28.55 -91.27 44.37
C VAL T 261 29.65 -90.63 43.52
N LEU T 262 30.47 -89.82 44.16
CA LEU T 262 31.58 -89.16 43.49
C LEU T 262 32.50 -88.57 44.55
N LEU T 263 33.57 -87.92 44.10
CA LEU T 263 34.59 -87.35 44.97
C LEU T 263 34.43 -85.84 45.06
N THR T 264 34.82 -85.30 46.22
CA THR T 264 34.88 -83.86 46.38
C THR T 264 36.09 -83.30 45.63
N ASP T 265 36.05 -81.99 45.37
CA ASP T 265 37.20 -81.33 44.77
C ASP T 265 38.47 -81.59 45.57
N GLU T 266 38.34 -81.81 46.88
CA GLU T 266 39.50 -82.08 47.73
C GLU T 266 39.97 -83.52 47.59
N GLY T 267 39.03 -84.48 47.60
CA GLY T 267 39.42 -85.87 47.43
C GLY T 267 40.11 -86.11 46.10
N MET T 268 39.58 -85.52 45.03
CA MET T 268 40.25 -85.61 43.73
C MET T 268 41.67 -85.07 43.80
N LYS T 269 41.89 -84.03 44.63
CA LYS T 269 43.24 -83.48 44.75
C LYS T 269 44.18 -84.49 45.41
N ILE T 270 43.78 -85.02 46.58
CA ILE T 270 44.65 -85.97 47.28
C ILE T 270 44.94 -87.17 46.38
N VAL T 271 43.90 -87.75 45.79
CA VAL T 271 44.09 -88.89 44.89
C VAL T 271 45.03 -88.51 43.76
N THR T 272 44.85 -87.32 43.20
CA THR T 272 45.75 -86.86 42.13
C THR T 272 47.19 -86.80 42.63
N LYS T 273 47.41 -86.22 43.82
CA LYS T 273 48.76 -86.15 44.37
C LYS T 273 49.34 -87.54 44.55
N ALA T 274 48.70 -88.37 45.39
CA ALA T 274 49.17 -89.73 45.59
C ALA T 274 49.40 -90.44 44.27
N TYR T 275 48.52 -90.20 43.29
CA TYR T 275 48.68 -90.83 41.98
C TYR T 275 49.96 -90.35 41.30
N ASN T 276 50.13 -89.03 41.17
CA ASN T 276 51.37 -88.51 40.60
C ASN T 276 52.59 -88.97 41.41
N GLN T 277 52.40 -89.24 42.70
CA GLN T 277 53.50 -89.76 43.51
C GLN T 277 53.76 -91.22 43.20
N GLU T 278 52.70 -92.01 42.98
CA GLU T 278 52.88 -93.41 42.66
C GLU T 278 53.41 -93.62 41.24
N LEU T 279 53.20 -92.65 40.35
CA LEU T 279 53.77 -92.72 39.01
C LEU T 279 55.23 -92.24 38.99
N GLU T 280 55.67 -91.55 40.02
CA GLU T 280 57.04 -91.08 40.14
C GLU T 280 57.88 -91.97 41.06
N LYS T 281 57.38 -93.15 41.41
CA LYS T 281 58.06 -94.04 42.33
C LYS T 281 59.00 -94.97 41.58
N THR T 282 60.10 -95.31 42.24
CA THR T 282 61.14 -96.14 41.64
C THR T 282 61.07 -97.57 42.16
N VAL T 283 61.50 -98.51 41.32
CA VAL T 283 61.49 -99.92 41.67
C VAL T 283 62.89 -100.34 42.11
N VAL T 292 64.80 -97.17 37.60
CA VAL T 292 63.56 -97.47 36.90
C VAL T 292 62.38 -96.95 37.71
N THR T 293 61.41 -96.35 37.03
CA THR T 293 60.23 -95.79 37.66
C THR T 293 58.98 -96.44 37.09
N ARG T 294 57.84 -96.11 37.72
CA ARG T 294 56.57 -96.72 37.33
C ARG T 294 56.07 -96.18 35.99
N ARG T 295 56.22 -94.88 35.77
CA ARG T 295 55.66 -94.27 34.56
C ARG T 295 56.34 -94.81 33.31
N ARG T 296 57.66 -94.95 33.34
CA ARG T 296 58.40 -95.38 32.15
C ARG T 296 57.96 -96.77 31.72
N LEU T 297 57.69 -97.66 32.69
CA LEU T 297 57.26 -99.01 32.36
C LEU T 297 56.19 -99.03 31.29
N ILE T 298 55.32 -98.02 31.29
CA ILE T 298 54.29 -97.92 30.24
C ILE T 298 54.95 -97.79 28.88
N ARG T 299 55.92 -96.88 28.76
CA ARG T 299 56.64 -96.74 27.51
C ARG T 299 57.44 -98.00 27.18
N LEU T 300 57.94 -98.70 28.21
CA LEU T 300 58.64 -99.95 27.97
C LEU T 300 57.70 -100.99 27.37
N GLU T 301 56.52 -101.17 27.98
CA GLU T 301 55.55 -102.12 27.44
C GLU T 301 55.14 -101.73 26.02
N ALA T 302 54.96 -100.43 25.78
CA ALA T 302 54.66 -99.98 24.43
C ALA T 302 55.77 -100.35 23.46
N TYR T 303 57.03 -100.25 23.91
CA TYR T 303 58.16 -100.64 23.07
C TYR T 303 58.12 -102.15 22.79
N LYS T 304 58.01 -102.96 23.84
CA LYS T 304 57.93 -104.41 23.65
C LYS T 304 56.83 -104.78 22.67
N ILE T 305 55.73 -104.02 22.65
CA ILE T 305 54.73 -104.21 21.60
C ILE T 305 55.33 -103.84 20.24
N ILE T 306 56.02 -102.70 20.17
CA ILE T 306 56.65 -102.31 18.91
C ILE T 306 57.62 -103.38 18.44
N LYS T 307 58.41 -103.94 19.35
CA LYS T 307 59.37 -104.98 18.97
C LYS T 307 58.68 -106.28 18.58
N HIS T 308 57.45 -106.49 19.02
CA HIS T 308 56.69 -107.66 18.56
C HIS T 308 56.03 -107.40 17.21
N LEU T 309 55.50 -106.18 17.02
CA LEU T 309 54.79 -105.88 15.78
C LEU T 309 55.67 -106.06 14.56
N VAL T 310 56.97 -105.78 14.68
CA VAL T 310 57.88 -105.87 13.55
C VAL T 310 58.46 -107.25 13.35
N GLY T 311 58.31 -108.14 14.34
CA GLY T 311 58.76 -109.51 14.18
C GLY T 311 60.21 -109.77 14.50
N VAL T 312 60.80 -109.01 15.42
CA VAL T 312 62.17 -109.26 15.85
C VAL T 312 62.15 -110.27 16.99
N GLU T 313 61.44 -109.94 18.06
CA GLU T 313 61.35 -110.80 19.24
C GLU T 313 59.89 -110.92 19.68
N GLU T 314 59.57 -112.09 20.22
CA GLU T 314 58.19 -112.39 20.62
C GLU T 314 57.76 -111.50 21.77
N TYR T 315 56.44 -111.37 21.93
CA TYR T 315 55.85 -110.52 22.94
C TYR T 315 55.72 -111.28 24.26
N SER T 316 56.12 -110.63 25.35
CA SER T 316 55.90 -111.14 26.70
C SER T 316 55.19 -110.07 27.51
N PRO T 317 54.14 -110.41 28.25
CA PRO T 317 53.49 -109.41 29.11
C PRO T 317 54.36 -109.11 30.32
N LEU T 318 53.93 -108.12 31.11
CA LEU T 318 54.67 -107.69 32.27
C LEU T 318 54.10 -108.32 33.53
N VAL T 319 54.97 -108.92 34.34
CA VAL T 319 54.64 -109.41 35.67
C VAL T 319 55.27 -108.48 36.69
N ALA T 320 54.50 -108.10 37.70
CA ALA T 320 55.00 -107.23 38.76
C ALA T 320 55.85 -108.05 39.72
N TRP T 321 57.17 -107.90 39.63
CA TRP T 321 58.06 -108.56 40.59
C TRP T 321 58.10 -107.84 41.93
N PHE T 322 57.64 -106.59 41.98
CA PHE T 322 57.68 -105.79 43.18
C PHE T 322 56.31 -105.74 43.85
N LYS U 3 -49.37 -40.93 80.69
CA LYS U 3 -50.48 -40.50 79.85
C LYS U 3 -50.98 -39.13 80.34
N LYS U 4 -50.63 -38.09 79.60
CA LYS U 4 -50.89 -36.72 80.03
C LYS U 4 -52.39 -36.41 79.87
N SER U 5 -52.74 -35.14 80.12
CA SER U 5 -54.08 -34.63 79.88
C SER U 5 -53.97 -33.31 79.12
N LEU U 6 -55.02 -32.97 78.40
CA LEU U 6 -55.07 -31.74 77.62
C LEU U 6 -56.17 -30.84 78.14
N THR U 7 -55.89 -29.54 78.17
CA THR U 7 -56.86 -28.52 78.55
C THR U 7 -56.71 -27.37 77.56
N ILE U 8 -57.75 -27.13 76.77
CA ILE U 8 -57.68 -26.17 75.68
C ILE U 8 -58.50 -24.94 76.08
N PHE U 9 -57.79 -23.87 76.44
CA PHE U 9 -58.42 -22.58 76.72
C PHE U 9 -58.55 -21.74 75.46
N SER U 10 -57.58 -21.83 74.56
CA SER U 10 -57.73 -21.21 73.25
C SER U 10 -58.91 -21.83 72.52
N ASP U 11 -59.69 -20.98 71.86
CA ASP U 11 -60.88 -21.42 71.12
C ASP U 11 -60.45 -21.80 69.72
N GLY U 12 -60.42 -23.10 69.43
CA GLY U 12 -59.93 -23.61 68.17
C GLY U 12 -60.90 -24.60 67.55
N THR U 13 -60.33 -25.54 66.79
CA THR U 13 -61.10 -26.56 66.09
C THR U 13 -60.35 -27.88 66.16
N LEU U 14 -61.01 -28.92 66.66
CA LEU U 14 -60.46 -30.27 66.64
C LEU U 14 -60.81 -30.93 65.31
N LEU U 15 -59.83 -31.57 64.69
CA LEU U 15 -60.02 -32.26 63.41
C LEU U 15 -58.99 -33.38 63.33
N ARG U 16 -58.99 -34.11 62.21
CA ARG U 16 -58.22 -35.35 62.12
C ARG U 16 -57.04 -35.28 61.17
N ARG U 17 -57.24 -35.14 59.86
CA ARG U 17 -56.04 -35.10 59.01
C ARG U 17 -55.19 -36.37 59.15
N GLU U 18 -55.18 -37.22 58.12
CA GLU U 18 -55.28 -38.67 58.10
C GLU U 18 -55.20 -39.55 59.32
N ASN U 19 -54.12 -39.58 60.08
CA ASN U 19 -54.17 -40.32 61.36
C ASN U 19 -53.32 -39.59 62.38
N THR U 20 -53.94 -38.61 63.04
CA THR U 20 -53.40 -37.76 64.09
C THR U 20 -54.53 -36.83 64.48
N LEU U 21 -54.43 -36.25 65.67
CA LEU U 21 -55.30 -35.16 66.06
C LEU U 21 -54.57 -33.84 65.86
N TYR U 22 -55.34 -32.80 65.53
CA TYR U 22 -54.78 -31.48 65.30
C TYR U 22 -55.73 -30.43 65.88
N PHE U 23 -55.17 -29.49 66.63
CA PHE U 23 -55.91 -28.38 67.20
C PHE U 23 -55.46 -27.10 66.49
N GLU U 24 -56.33 -26.55 65.64
CA GLU U 24 -56.02 -25.32 64.91
C GLU U 24 -56.64 -24.16 65.67
N ASN U 25 -55.82 -23.43 66.41
CA ASN U 25 -56.26 -22.19 67.03
C ASN U 25 -56.72 -21.23 65.93
N VAL U 26 -57.36 -20.12 66.33
CA VAL U 26 -57.83 -19.17 65.32
C VAL U 26 -56.62 -18.37 64.85
N ASN U 27 -55.44 -18.78 65.29
CA ASN U 27 -54.18 -18.46 64.62
C ASN U 27 -53.65 -19.73 63.99
N GLY U 28 -53.05 -19.62 62.80
CA GLY U 28 -52.69 -20.78 62.02
C GLY U 28 -51.60 -21.67 62.59
N ARG U 29 -51.96 -22.90 63.03
CA ARG U 29 -51.00 -24.00 63.27
C ARG U 29 -51.70 -25.23 63.85
N LYS U 30 -50.98 -26.38 64.07
CA LYS U 30 -51.64 -27.62 64.48
C LYS U 30 -50.79 -28.64 65.24
N PRO U 31 -50.98 -28.74 66.62
CA PRO U 31 -50.33 -29.78 67.46
C PRO U 31 -51.14 -31.04 67.82
N LEU U 32 -50.73 -31.68 68.95
CA LEU U 32 -51.49 -32.72 69.67
C LEU U 32 -51.46 -34.19 69.27
N ALA U 33 -50.42 -34.90 69.74
CA ALA U 33 -50.30 -36.34 69.64
C ALA U 33 -51.55 -37.13 70.02
N ILE U 34 -51.69 -38.34 69.48
CA ILE U 34 -52.85 -39.18 69.74
C ILE U 34 -52.65 -40.10 70.95
N GLU U 35 -51.48 -40.72 71.11
CA GLU U 35 -51.22 -41.54 72.28
C GLU U 35 -50.93 -40.72 73.53
N GLY U 36 -50.94 -39.39 73.43
CA GLY U 36 -50.53 -38.57 74.55
C GLY U 36 -51.54 -38.46 75.66
N ILE U 37 -52.79 -38.83 75.43
CA ILE U 37 -53.87 -38.53 76.37
C ILE U 37 -54.88 -39.66 76.45
N TYR U 38 -55.57 -39.70 77.60
CA TYR U 38 -56.83 -40.41 77.74
C TYR U 38 -57.99 -39.47 78.08
N ASP U 39 -57.73 -38.18 78.29
CA ASP U 39 -58.78 -37.24 78.66
C ASP U 39 -58.47 -35.85 78.10
N ILE U 40 -59.50 -35.18 77.60
CA ILE U 40 -59.42 -33.80 77.13
C ILE U 40 -60.38 -32.95 77.94
N TYR U 41 -59.96 -31.74 78.27
CA TYR U 41 -60.75 -30.80 79.06
C TYR U 41 -60.92 -29.51 78.26
N ILE U 42 -62.16 -29.16 77.94
CA ILE U 42 -62.46 -28.00 77.09
C ILE U 42 -62.98 -26.88 77.97
N TYR U 43 -62.26 -25.76 77.99
CA TYR U 43 -62.71 -24.55 78.66
C TYR U 43 -63.08 -23.43 77.71
N GLY U 44 -62.81 -23.58 76.41
CA GLY U 44 -63.06 -22.54 75.43
C GLY U 44 -64.22 -22.86 74.50
N HIS U 45 -64.29 -22.08 73.43
CA HIS U 45 -65.27 -22.28 72.36
C HIS U 45 -64.57 -23.04 71.25
N VAL U 46 -64.73 -24.36 71.24
CA VAL U 46 -63.97 -25.25 70.36
C VAL U 46 -64.94 -26.09 69.55
N ASN U 47 -64.88 -25.95 68.23
CA ASN U 47 -65.67 -26.80 67.34
C ASN U 47 -65.00 -28.16 67.21
N ILE U 48 -65.81 -29.21 67.27
CA ILE U 48 -65.37 -30.58 67.08
C ILE U 48 -65.93 -31.11 65.77
N THR U 49 -65.14 -31.86 65.04
CA THR U 49 -65.56 -32.46 63.79
C THR U 49 -65.98 -33.91 64.02
N SER U 50 -66.97 -34.34 63.24
CA SER U 50 -67.45 -35.72 63.35
C SER U 50 -66.34 -36.74 63.15
N GLN U 51 -65.26 -36.36 62.46
CA GLN U 51 -64.14 -37.27 62.27
C GLN U 51 -63.29 -37.37 63.52
N ALA U 52 -62.88 -36.22 64.07
CA ALA U 52 -62.08 -36.22 65.29
C ALA U 52 -62.88 -36.70 66.50
N LEU U 53 -64.20 -36.56 66.48
CA LEU U 53 -65.03 -37.07 67.57
C LEU U 53 -65.18 -38.58 67.46
N HIS U 54 -65.29 -39.10 66.23
CA HIS U 54 -65.29 -40.55 66.05
C HIS U 54 -63.91 -41.14 66.29
N TYR U 55 -62.85 -40.39 66.00
CA TYR U 55 -61.51 -40.85 66.34
C TYR U 55 -61.29 -40.81 67.86
N ILE U 56 -61.64 -39.68 68.48
CA ILE U 56 -61.61 -39.61 69.94
C ILE U 56 -62.39 -40.77 70.54
N ALA U 57 -63.53 -41.12 69.93
CA ALA U 57 -64.26 -42.30 70.34
C ALA U 57 -63.50 -43.58 70.02
N GLN U 58 -62.87 -43.63 68.84
CA GLN U 58 -62.14 -44.82 68.44
C GLN U 58 -61.01 -45.13 69.41
N LYS U 59 -60.31 -44.11 69.89
CA LYS U 59 -59.24 -44.29 70.85
C LYS U 59 -59.73 -44.30 72.30
N GLY U 60 -61.01 -44.02 72.54
CA GLY U 60 -61.55 -44.06 73.88
C GLY U 60 -61.24 -42.86 74.73
N ILE U 61 -60.99 -41.71 74.12
CA ILE U 61 -60.69 -40.47 74.83
C ILE U 61 -62.00 -39.77 75.18
N LEU U 62 -62.02 -39.09 76.32
CA LEU U 62 -63.19 -38.37 76.78
C LEU U 62 -62.98 -36.87 76.66
N ILE U 63 -64.07 -36.15 76.38
CA ILE U 63 -64.09 -34.69 76.35
C ILE U 63 -65.00 -34.22 77.48
N HIS U 64 -64.40 -33.64 78.52
CA HIS U 64 -65.08 -33.33 79.80
C HIS U 64 -65.51 -31.86 79.90
N PHE U 65 -66.32 -31.36 78.95
CA PHE U 65 -66.51 -29.91 78.76
C PHE U 65 -66.86 -29.18 80.07
N PHE U 66 -66.58 -27.88 80.06
CA PHE U 66 -66.71 -27.00 81.22
C PHE U 66 -67.61 -25.81 80.92
N ASN U 67 -67.94 -25.07 81.98
CA ASN U 67 -68.84 -23.93 81.90
C ASN U 67 -68.08 -22.68 81.44
N HIS U 68 -68.78 -21.53 81.46
CA HIS U 68 -68.11 -20.25 81.26
C HIS U 68 -67.17 -19.94 82.42
N TYR U 69 -67.52 -20.37 83.62
CA TYR U 69 -66.76 -20.06 84.83
C TYR U 69 -65.68 -21.09 85.12
N GLY U 70 -65.63 -22.18 84.35
CA GLY U 70 -64.76 -23.30 84.65
C GLY U 70 -65.46 -24.44 85.35
N TYR U 71 -66.78 -24.35 85.55
CA TYR U 71 -67.51 -25.37 86.26
C TYR U 71 -67.85 -26.53 85.34
N TYR U 72 -67.92 -27.73 85.92
CA TYR U 72 -68.14 -28.94 85.14
C TYR U 72 -69.49 -28.88 84.44
N ASP U 73 -69.48 -29.02 83.11
CA ASP U 73 -70.68 -28.91 82.30
C ASP U 73 -71.23 -30.27 81.86
N GLY U 74 -70.43 -31.05 81.12
CA GLY U 74 -70.89 -32.30 80.57
C GLY U 74 -69.78 -33.32 80.42
N THR U 75 -70.06 -34.43 79.73
CA THR U 75 -69.06 -35.45 79.49
C THR U 75 -69.42 -36.23 78.24
N PHE U 76 -68.43 -36.44 77.37
CA PHE U 76 -68.56 -37.34 76.23
C PHE U 76 -67.97 -38.68 76.64
N TYR U 77 -68.84 -39.65 76.92
CA TYR U 77 -68.39 -40.97 77.34
C TYR U 77 -68.35 -41.89 76.14
N PRO U 78 -67.16 -42.22 75.62
CA PRO U 78 -67.10 -43.10 74.44
C PRO U 78 -67.42 -44.55 74.78
N ARG U 79 -67.31 -45.42 73.78
CA ARG U 79 -67.59 -46.83 73.95
C ARG U 79 -66.54 -47.48 74.84
N GLU U 80 -66.96 -48.46 75.62
CA GLU U 80 -66.14 -49.02 76.70
C GLU U 80 -65.25 -50.11 76.13
N THR U 81 -63.94 -49.85 76.09
CA THR U 81 -63.00 -50.85 75.62
C THR U 81 -62.87 -52.00 76.61
N LEU U 82 -62.57 -51.69 77.87
CA LEU U 82 -62.46 -52.69 78.92
C LEU U 82 -63.76 -52.71 79.71
N LEU U 83 -64.41 -53.88 79.74
CA LEU U 83 -65.70 -54.00 80.40
C LEU U 83 -65.81 -55.39 81.02
N SER U 84 -66.72 -55.49 81.99
CA SER U 84 -67.01 -56.75 82.66
C SER U 84 -68.41 -56.64 83.24
N GLY U 85 -69.15 -57.74 83.19
CA GLY U 85 -70.49 -57.77 83.74
C GLY U 85 -70.51 -58.37 85.13
N ASP U 86 -69.64 -59.36 85.36
CA ASP U 86 -69.62 -60.04 86.66
C ASP U 86 -69.20 -59.10 87.77
N LEU U 87 -68.28 -58.17 87.48
CA LEU U 87 -67.97 -57.11 88.44
C LEU U 87 -69.16 -56.18 88.63
N ILE U 88 -69.83 -55.81 87.53
CA ILE U 88 -71.02 -54.98 87.61
C ILE U 88 -72.10 -55.69 88.41
N ILE U 89 -72.26 -57.01 88.20
CA ILE U 89 -73.22 -57.78 88.99
C ILE U 89 -72.92 -57.62 90.47
N LYS U 90 -71.72 -58.03 90.88
CA LYS U 90 -71.29 -57.86 92.26
C LYS U 90 -71.51 -56.43 92.73
N GLN U 91 -71.02 -55.46 91.95
CA GLN U 91 -71.22 -54.06 92.31
C GLN U 91 -72.70 -53.72 92.41
N ALA U 92 -73.57 -54.52 91.80
CA ALA U 92 -75.01 -54.40 92.01
C ALA U 92 -75.47 -55.18 93.25
N GLU U 93 -74.80 -56.30 93.55
CA GLU U 93 -75.13 -57.04 94.76
C GLU U 93 -74.82 -56.23 96.01
N HIS U 94 -73.74 -55.45 95.97
CA HIS U 94 -73.36 -54.66 97.14
C HIS U 94 -74.28 -53.46 97.32
N TYR U 95 -74.72 -52.84 96.22
CA TYR U 95 -75.71 -51.76 96.35
C TYR U 95 -77.07 -52.33 96.77
N LEU U 96 -77.50 -53.42 96.12
CA LEU U 96 -78.82 -53.97 96.41
C LEU U 96 -78.92 -54.42 97.86
N ASP U 97 -78.09 -55.39 98.25
CA ASP U 97 -78.05 -55.80 99.65
C ASP U 97 -77.70 -54.59 100.51
N LYS U 98 -78.64 -54.18 101.37
CA LYS U 98 -78.43 -52.94 102.10
C LYS U 98 -77.34 -53.05 103.15
N ASN U 99 -76.99 -54.25 103.57
CA ASN U 99 -75.70 -54.44 104.23
C ASN U 99 -74.67 -54.74 103.14
N LYS U 100 -73.39 -54.74 103.52
CA LYS U 100 -72.29 -54.84 102.58
C LYS U 100 -72.12 -53.53 101.80
N ARG U 101 -72.98 -52.54 102.03
CA ARG U 101 -72.90 -51.21 101.43
C ARG U 101 -72.49 -50.16 102.45
N LEU U 102 -73.21 -50.07 103.56
CA LEU U 102 -72.86 -49.11 104.61
C LEU U 102 -71.37 -49.18 104.93
N PHE U 103 -70.83 -50.41 105.04
CA PHE U 103 -69.41 -50.58 105.29
C PHE U 103 -68.56 -50.03 104.15
N LEU U 104 -69.16 -49.79 102.98
CA LEU U 104 -68.48 -49.07 101.91
C LEU U 104 -68.73 -47.57 101.99
N ALA U 105 -70.00 -47.17 102.14
CA ALA U 105 -70.31 -45.77 102.36
C ALA U 105 -69.55 -45.23 103.57
N LYS U 106 -69.72 -45.89 104.72
CA LYS U 106 -68.94 -45.57 105.90
C LYS U 106 -67.47 -45.41 105.55
N SER U 107 -66.93 -46.36 104.78
CA SER U 107 -65.52 -46.33 104.43
C SER U 107 -65.16 -45.07 103.66
N PHE U 108 -65.93 -44.76 102.62
CA PHE U 108 -65.68 -43.56 101.83
C PHE U 108 -65.51 -42.33 102.72
N VAL U 109 -66.40 -42.18 103.71
CA VAL U 109 -66.37 -40.98 104.54
C VAL U 109 -65.23 -41.05 105.54
N VAL U 110 -65.15 -42.13 106.33
CA VAL U 110 -64.08 -42.26 107.29
C VAL U 110 -62.72 -42.30 106.60
N GLY U 111 -62.70 -42.61 105.31
CA GLY U 111 -61.51 -42.38 104.53
C GLY U 111 -61.36 -40.90 104.18
N GLY U 112 -62.45 -40.29 103.71
CA GLY U 112 -62.40 -38.92 103.25
C GLY U 112 -62.02 -37.91 104.32
N ALA U 113 -62.88 -37.75 105.33
CA ALA U 113 -62.65 -36.75 106.37
C ALA U 113 -61.50 -37.11 107.30
N LYS U 114 -60.88 -38.28 107.11
CA LYS U 114 -59.69 -38.68 107.84
C LYS U 114 -58.44 -38.06 107.22
N ASN U 115 -58.47 -37.80 105.92
CA ASN U 115 -57.44 -36.97 105.29
C ASN U 115 -57.49 -35.55 105.85
N MET U 116 -58.70 -34.99 105.97
CA MET U 116 -58.87 -33.64 106.50
C MET U 116 -58.10 -33.46 107.80
N GLU U 117 -58.28 -34.37 108.75
CA GLU U 117 -57.50 -34.33 109.97
C GLU U 117 -56.01 -34.39 109.67
N LYS U 118 -55.62 -35.29 108.76
CA LYS U 118 -54.21 -35.35 108.34
C LYS U 118 -53.80 -34.06 107.64
N ASN U 119 -54.72 -33.40 106.95
CA ASN U 119 -54.39 -32.15 106.28
C ASN U 119 -54.18 -31.04 107.29
N LEU U 120 -55.17 -30.80 108.16
CA LEU U 120 -55.00 -29.84 109.23
C LEU U 120 -53.75 -30.12 110.05
N LYS U 121 -53.39 -31.40 110.18
CA LYS U 121 -52.17 -31.75 110.90
C LYS U 121 -50.93 -31.27 110.14
N ASN U 122 -50.88 -31.53 108.83
CA ASN U 122 -49.76 -31.05 108.03
C ASN U 122 -49.66 -29.53 108.03
N TRP U 123 -50.76 -28.84 108.31
CA TRP U 123 -50.79 -27.39 108.36
C TRP U 123 -50.68 -26.84 109.78
N GLY U 124 -50.68 -27.71 110.78
CA GLY U 124 -50.48 -27.27 112.16
C GLY U 124 -51.69 -26.66 112.80
N ILE U 125 -52.88 -27.17 112.50
CA ILE U 125 -54.13 -26.65 113.07
C ILE U 125 -54.71 -27.70 113.99
N SER U 126 -55.51 -27.24 114.96
CA SER U 126 -56.19 -28.14 115.88
C SER U 126 -56.90 -29.24 115.11
N SER U 127 -56.76 -30.47 115.58
CA SER U 127 -57.27 -31.65 114.88
C SER U 127 -58.00 -32.55 115.89
N ASP U 128 -59.34 -32.48 115.88
CA ASP U 128 -60.15 -33.42 116.65
C ASP U 128 -61.44 -33.69 115.87
N PHE U 129 -61.43 -34.77 115.08
CA PHE U 129 -62.64 -35.33 114.51
C PHE U 129 -62.87 -36.75 115.01
N SER U 130 -61.97 -37.29 115.83
CA SER U 130 -62.11 -38.65 116.35
C SER U 130 -63.38 -38.82 117.17
N ASN U 131 -64.00 -37.74 117.61
CA ASN U 131 -65.22 -37.83 118.42
C ASN U 131 -66.50 -37.74 117.60
N HIS U 132 -66.42 -37.26 116.36
CA HIS U 132 -67.58 -37.24 115.48
C HIS U 132 -67.84 -38.57 114.79
N LEU U 133 -66.83 -39.43 114.72
CA LEU U 133 -66.96 -40.65 113.93
C LEU U 133 -68.10 -41.54 114.44
N LYS U 134 -68.44 -41.45 115.72
CA LYS U 134 -69.50 -42.31 116.24
C LYS U 134 -70.88 -41.90 115.75
N GLU U 135 -71.09 -40.60 115.54
CA GLU U 135 -72.40 -40.10 115.14
C GLU U 135 -72.91 -40.78 113.87
N LEU U 136 -72.03 -41.39 113.09
CA LEU U 136 -72.41 -42.15 111.91
C LEU U 136 -72.04 -43.62 111.97
N GLN U 137 -71.02 -43.97 112.78
CA GLN U 137 -70.48 -45.33 112.79
C GLN U 137 -71.57 -46.39 112.86
N GLY U 138 -72.68 -46.11 113.53
CA GLY U 138 -73.75 -47.07 113.66
C GLY U 138 -74.96 -46.79 112.80
N ALA U 139 -75.01 -45.59 112.21
CA ALA U 139 -76.20 -45.14 111.48
C ALA U 139 -76.65 -46.19 110.47
N LYS U 140 -77.96 -46.23 110.23
CA LYS U 140 -78.54 -47.26 109.39
C LYS U 140 -78.48 -46.90 107.91
N LYS U 141 -79.13 -45.82 107.50
CA LYS U 141 -79.21 -45.44 106.10
C LYS U 141 -78.21 -44.34 105.77
N VAL U 142 -77.88 -44.23 104.49
CA VAL U 142 -76.86 -43.29 104.04
C VAL U 142 -77.30 -41.85 104.29
N THR U 143 -78.60 -41.59 104.29
CA THR U 143 -79.09 -40.23 104.51
C THR U 143 -78.50 -39.63 105.79
N GLU U 144 -78.17 -40.48 106.77
CA GLU U 144 -77.55 -40.01 107.99
C GLU U 144 -76.06 -39.69 107.78
N ILE U 145 -75.34 -40.61 107.13
CA ILE U 145 -73.91 -40.41 106.93
C ILE U 145 -73.65 -39.16 106.09
N MET U 146 -74.51 -38.90 105.11
CA MET U 146 -74.34 -37.72 104.27
C MET U 146 -74.60 -36.44 105.06
N ASN U 147 -75.79 -36.30 105.62
CA ASN U 147 -76.11 -35.14 106.45
C ASN U 147 -75.05 -34.92 107.53
N VAL U 148 -74.40 -35.99 107.99
CA VAL U 148 -73.29 -35.85 108.92
C VAL U 148 -72.06 -35.33 108.20
N GLU U 149 -71.76 -35.90 107.02
CA GLU U 149 -70.61 -35.43 106.24
C GLU U 149 -70.73 -33.95 105.94
N GLY U 150 -71.96 -33.42 105.89
CA GLY U 150 -72.13 -31.98 105.69
C GLY U 150 -71.61 -31.19 106.87
N ARG U 151 -72.08 -31.52 108.07
CA ARG U 151 -71.55 -30.88 109.28
C ARG U 151 -70.04 -31.04 109.36
N ILE U 152 -69.54 -32.25 109.13
CA ILE U 152 -68.09 -32.47 109.13
C ILE U 152 -67.43 -31.55 108.12
N ARG U 153 -67.97 -31.51 106.89
CA ARG U 153 -67.43 -30.61 105.88
C ARG U 153 -67.45 -29.16 106.36
N GLN U 154 -68.54 -28.75 107.00
CA GLN U 154 -68.68 -27.37 107.45
C GLN U 154 -67.75 -27.06 108.63
N GLU U 155 -67.34 -28.07 109.38
CA GLU U 155 -66.35 -27.85 110.43
C GLU U 155 -64.92 -27.92 109.91
N TYR U 156 -64.65 -28.75 108.91
CA TYR U 156 -63.32 -28.76 108.31
C TYR U 156 -63.02 -27.39 107.72
N TYR U 157 -63.87 -26.94 106.81
CA TYR U 157 -63.98 -25.50 106.59
C TYR U 157 -64.44 -24.87 107.90
N ALA U 158 -64.09 -23.61 108.10
CA ALA U 158 -64.40 -22.88 109.31
C ALA U 158 -63.46 -23.31 110.44
N ARG U 159 -62.72 -24.42 110.30
CA ARG U 159 -61.54 -24.75 111.08
C ARG U 159 -60.28 -24.51 110.27
N TRP U 160 -60.44 -24.07 109.04
CA TRP U 160 -59.37 -23.88 108.08
C TRP U 160 -59.17 -22.42 107.71
N ASP U 161 -60.29 -21.70 107.54
CA ASP U 161 -60.26 -20.27 107.33
C ASP U 161 -59.49 -19.55 108.43
N GLU U 162 -59.27 -20.21 109.57
CA GLU U 162 -58.51 -19.60 110.65
C GLU U 162 -57.03 -19.47 110.31
N SER U 163 -56.51 -20.37 109.47
CA SER U 163 -55.11 -20.31 109.05
C SER U 163 -54.91 -19.52 107.76
N LEU U 164 -55.99 -19.17 107.06
CA LEU U 164 -55.90 -18.45 105.80
C LEU U 164 -56.05 -16.95 106.03
N PRO U 165 -55.53 -16.12 105.13
CA PRO U 165 -55.72 -14.68 105.27
C PRO U 165 -57.20 -14.31 105.27
N GLY U 166 -57.52 -13.21 105.96
CA GLY U 166 -58.90 -12.79 106.06
C GLY U 166 -59.60 -12.71 104.71
N GLU U 167 -58.92 -12.16 103.70
CA GLU U 167 -59.54 -12.00 102.40
C GLU U 167 -60.08 -13.32 101.86
N PHE U 168 -59.29 -14.39 101.97
CA PHE U 168 -59.67 -15.69 101.45
C PHE U 168 -60.31 -16.48 102.58
N ARG U 169 -61.65 -16.53 102.60
CA ARG U 169 -62.39 -17.14 103.69
C ARG U 169 -63.65 -17.78 103.16
N ILE U 170 -64.03 -18.90 103.75
CA ILE U 170 -65.22 -19.65 103.38
C ILE U 170 -66.22 -19.52 104.53
N GLY U 171 -67.19 -18.63 104.38
CA GLY U 171 -68.28 -18.55 105.34
C GLY U 171 -69.22 -19.71 105.15
N LYS U 172 -69.70 -19.87 103.91
CA LYS U 172 -70.39 -21.06 103.44
C LYS U 172 -69.74 -21.47 102.12
N ARG U 173 -70.03 -22.69 101.67
CA ARG U 173 -69.53 -23.10 100.36
C ARG U 173 -70.30 -22.40 99.23
N THR U 174 -71.62 -22.46 99.27
CA THR U 174 -72.46 -21.77 98.29
C THR U 174 -72.25 -22.30 96.87
N ARG U 175 -72.10 -23.61 96.73
CA ARG U 175 -71.26 -24.15 95.66
C ARG U 175 -71.31 -23.34 94.36
N ARG U 176 -72.49 -23.29 93.75
CA ARG U 176 -72.70 -22.53 92.51
C ARG U 176 -73.89 -21.63 92.77
N PRO U 177 -73.73 -20.29 92.72
CA PRO U 177 -72.52 -19.50 92.51
C PRO U 177 -71.76 -19.16 93.78
N PRO U 178 -70.44 -19.01 93.69
CA PRO U 178 -69.67 -18.52 94.84
C PRO U 178 -69.77 -17.00 94.97
N LYS U 179 -69.97 -16.54 96.21
CA LYS U 179 -70.10 -15.12 96.48
C LYS U 179 -68.80 -14.49 96.97
N ASN U 180 -67.96 -15.25 97.66
CA ASN U 180 -66.69 -14.78 98.18
C ASN U 180 -65.55 -15.45 97.42
N GLU U 181 -64.33 -15.09 97.78
CA GLU U 181 -63.17 -15.78 97.24
C GLU U 181 -63.06 -17.18 97.85
N MET U 182 -62.20 -18.00 97.25
CA MET U 182 -61.85 -19.31 97.79
C MET U 182 -62.95 -20.35 97.59
N ASN U 183 -64.14 -19.91 97.18
CA ASN U 183 -65.20 -20.87 96.87
C ASN U 183 -65.23 -21.21 95.39
N ALA U 184 -64.77 -20.30 94.55
CA ALA U 184 -64.56 -20.60 93.14
C ALA U 184 -63.36 -21.53 92.96
N LEU U 185 -62.19 -21.10 93.45
CA LEU U 185 -60.99 -21.91 93.35
C LEU U 185 -61.22 -23.33 93.84
N ILE U 186 -62.04 -23.50 94.87
CA ILE U 186 -62.35 -24.84 95.39
C ILE U 186 -63.31 -25.56 94.46
N SER U 187 -64.52 -25.01 94.29
CA SER U 187 -65.51 -25.63 93.43
C SER U 187 -64.94 -25.91 92.04
N PHE U 188 -63.97 -25.10 91.61
CA PHE U 188 -63.29 -25.32 90.34
C PHE U 188 -62.36 -26.52 90.43
N LEU U 189 -61.41 -26.49 91.37
CA LEU U 189 -60.54 -27.65 91.56
C LEU U 189 -61.37 -28.90 91.82
N ASN U 190 -62.51 -28.77 92.51
CA ASN U 190 -63.40 -29.91 92.70
C ASN U 190 -63.91 -30.42 91.35
N SER U 191 -64.36 -29.52 90.48
CA SER U 191 -64.83 -29.92 89.17
C SER U 191 -63.74 -30.61 88.37
N ARG U 192 -62.53 -30.03 88.37
CA ARG U 192 -61.42 -30.66 87.66
C ARG U 192 -61.18 -32.07 88.18
N LEU U 193 -61.14 -32.23 89.51
CA LEU U 193 -60.98 -33.57 90.08
C LEU U 193 -62.14 -34.45 89.69
N TYR U 194 -63.37 -33.91 89.68
CA TYR U 194 -64.52 -34.65 89.19
C TYR U 194 -64.26 -35.20 87.79
N ALA U 195 -63.74 -34.35 86.90
CA ALA U 195 -63.37 -34.80 85.56
C ALA U 195 -62.35 -35.93 85.64
N THR U 196 -61.18 -35.65 86.23
CA THR U 196 -60.16 -36.68 86.35
C THR U 196 -60.73 -37.96 86.96
N MET U 197 -61.66 -37.82 87.91
CA MET U 197 -62.24 -39.00 88.54
C MET U 197 -63.02 -39.84 87.53
N ILE U 198 -63.92 -39.21 86.78
CA ILE U 198 -64.66 -39.97 85.76
C ILE U 198 -63.70 -40.61 84.78
N SER U 199 -62.56 -39.96 84.52
CA SER U 199 -61.58 -40.53 83.60
C SER U 199 -60.94 -41.78 84.18
N GLU U 200 -60.42 -41.68 85.41
CA GLU U 200 -59.78 -42.84 86.03
C GLU U 200 -60.79 -43.93 86.37
N ILE U 201 -62.09 -43.61 86.44
CA ILE U 201 -63.10 -44.64 86.63
C ILE U 201 -63.32 -45.42 85.34
N TYR U 202 -63.43 -44.72 84.21
CA TYR U 202 -63.54 -45.39 82.91
C TYR U 202 -62.48 -46.45 82.77
N ASN U 203 -61.22 -46.10 83.05
CA ASN U 203 -60.12 -47.01 82.79
C ASN U 203 -60.17 -48.29 83.62
N THR U 204 -61.12 -48.41 84.54
CA THR U 204 -61.31 -49.63 85.31
C THR U 204 -62.45 -50.45 84.69
N GLN U 205 -62.82 -51.53 85.37
CA GLN U 205 -63.95 -52.36 84.97
C GLN U 205 -65.24 -51.97 85.69
N LEU U 206 -65.17 -50.99 86.59
CA LEU U 206 -66.34 -50.58 87.36
C LEU U 206 -67.35 -49.89 86.45
N ALA U 207 -68.63 -50.19 86.67
CA ALA U 207 -69.69 -49.41 86.04
C ALA U 207 -69.80 -48.08 86.75
N PRO U 208 -69.63 -46.94 86.06
CA PRO U 208 -69.52 -45.66 86.77
C PRO U 208 -70.83 -45.13 87.32
N THR U 209 -71.97 -45.68 86.89
CA THR U 209 -73.26 -45.10 87.21
C THR U 209 -73.92 -45.72 88.44
N ILE U 210 -73.36 -46.77 89.01
CA ILE U 210 -73.94 -47.44 90.17
C ILE U 210 -72.99 -47.22 91.35
N SER U 211 -73.47 -46.49 92.36
CA SER U 211 -72.67 -46.01 93.48
C SER U 211 -73.38 -46.37 94.78
N TYR U 212 -72.73 -46.05 95.91
CA TYR U 212 -73.22 -46.50 97.22
C TYR U 212 -73.64 -45.35 98.13
N LEU U 213 -72.72 -44.44 98.48
CA LEU U 213 -73.08 -43.36 99.39
C LEU U 213 -74.02 -42.38 98.71
N HIS U 214 -73.93 -42.26 97.40
CA HIS U 214 -74.78 -41.38 96.61
C HIS U 214 -75.75 -42.22 95.80
N GLU U 215 -76.99 -41.77 95.74
CA GLU U 215 -78.00 -42.49 94.96
C GLU U 215 -77.60 -42.48 93.49
N PRO U 216 -77.58 -43.62 92.82
CA PRO U 216 -77.13 -43.64 91.42
C PRO U 216 -78.18 -43.08 90.48
N SER U 217 -77.79 -42.95 89.22
CA SER U 217 -78.69 -42.54 88.16
C SER U 217 -78.12 -43.01 86.85
N GLU U 218 -78.99 -43.49 85.96
CA GLU U 218 -78.54 -44.01 84.68
C GLU U 218 -77.81 -42.96 83.84
N ARG U 219 -77.92 -41.67 84.21
CA ARG U 219 -77.41 -40.61 83.37
C ARG U 219 -76.22 -39.84 83.95
N ARG U 220 -75.94 -39.98 85.25
CA ARG U 220 -74.83 -39.24 85.85
C ARG U 220 -73.92 -40.16 86.65
N PHE U 221 -72.62 -39.95 86.51
CA PHE U 221 -71.63 -40.69 87.29
C PHE U 221 -71.74 -40.27 88.75
N SER U 222 -72.26 -41.17 89.59
CA SER U 222 -72.29 -40.96 91.03
C SER U 222 -71.10 -41.61 91.73
N LEU U 223 -70.27 -42.37 90.99
CA LEU U 223 -69.11 -43.02 91.58
C LEU U 223 -67.97 -42.03 91.75
N ALA U 224 -67.76 -41.14 90.78
CA ALA U 224 -66.84 -40.03 90.98
C ALA U 224 -67.23 -39.22 92.20
N LEU U 225 -68.53 -39.00 92.39
CA LEU U 225 -69.00 -38.26 93.56
C LEU U 225 -68.71 -39.03 94.85
N ASP U 226 -69.01 -40.32 94.89
CA ASP U 226 -68.71 -41.12 96.07
C ASP U 226 -67.21 -41.13 96.35
N LEU U 227 -66.40 -41.45 95.32
CA LEU U 227 -64.97 -41.52 95.53
C LEU U 227 -64.33 -40.16 95.71
N SER U 228 -64.94 -39.10 95.16
CA SER U 228 -64.40 -37.76 95.37
C SER U 228 -64.40 -37.39 96.85
N GLU U 229 -65.34 -37.94 97.62
CA GLU U 229 -65.33 -37.73 99.07
C GLU U 229 -63.96 -38.04 99.66
N ILE U 230 -63.23 -38.98 99.04
CA ILE U 230 -61.89 -39.32 99.52
C ILE U 230 -60.87 -38.33 98.97
N PHE U 231 -60.95 -38.01 97.68
CA PHE U 231 -59.88 -37.30 96.99
C PHE U 231 -60.08 -35.80 96.92
N LYS U 232 -61.29 -35.30 97.13
CA LYS U 232 -61.49 -33.85 97.15
C LYS U 232 -60.60 -33.18 98.18
N PRO U 233 -60.54 -33.63 99.43
CA PRO U 233 -59.64 -32.97 100.40
C PRO U 233 -58.16 -33.27 100.17
N ILE U 234 -57.84 -34.29 99.37
CA ILE U 234 -56.44 -34.62 99.13
C ILE U 234 -55.83 -33.69 98.09
N ILE U 235 -56.54 -33.48 96.97
CA ILE U 235 -55.95 -32.80 95.83
C ILE U 235 -56.43 -31.35 95.77
N ALA U 236 -57.74 -31.15 95.66
CA ALA U 236 -58.28 -29.80 95.52
C ALA U 236 -57.84 -28.91 96.68
N ASP U 237 -58.19 -29.30 97.91
CA ASP U 237 -57.85 -28.50 99.07
C ASP U 237 -56.34 -28.24 99.15
N ARG U 238 -55.54 -29.29 99.03
CA ARG U 238 -54.09 -29.13 99.15
C ARG U 238 -53.57 -28.14 98.11
N ILE U 239 -54.03 -28.26 96.86
CA ILE U 239 -53.61 -27.31 95.83
C ILE U 239 -54.07 -25.92 96.17
N ALA U 240 -55.38 -25.74 96.33
CA ALA U 240 -55.93 -24.44 96.68
C ALA U 240 -55.27 -23.86 97.92
N ASN U 241 -54.75 -24.72 98.80
CA ASN U 241 -54.04 -24.25 99.97
C ASN U 241 -52.65 -23.75 99.61
N ARG U 242 -51.81 -24.64 99.06
CA ARG U 242 -50.48 -24.23 98.63
C ARG U 242 -50.51 -23.18 97.53
N LEU U 243 -51.69 -22.90 96.96
CA LEU U 243 -51.86 -21.78 96.04
C LEU U 243 -52.20 -20.50 96.79
N VAL U 244 -53.06 -20.58 97.80
CA VAL U 244 -53.44 -19.40 98.57
C VAL U 244 -52.31 -18.97 99.48
N LYS U 245 -51.55 -19.93 100.02
CA LYS U 245 -50.50 -19.61 100.97
C LYS U 245 -49.28 -19.01 100.27
N LYS U 246 -48.70 -19.76 99.31
CA LYS U 246 -47.54 -19.27 98.60
C LYS U 246 -47.78 -17.92 97.95
N GLY U 247 -49.05 -17.51 97.79
CA GLY U 247 -49.36 -16.20 97.27
C GLY U 247 -49.41 -16.13 95.76
N ILE U 248 -49.72 -17.24 95.09
CA ILE U 248 -49.68 -17.28 93.63
C ILE U 248 -50.93 -16.70 93.00
N ILE U 249 -52.01 -16.55 93.77
CA ILE U 249 -53.26 -16.00 93.26
C ILE U 249 -53.71 -14.87 94.18
N LYS U 250 -54.12 -13.74 93.59
CA LYS U 250 -54.52 -12.57 94.35
C LYS U 250 -55.83 -12.01 93.84
N LYS U 251 -56.20 -10.81 94.31
CA LYS U 251 -57.38 -10.12 93.80
C LYS U 251 -57.20 -9.68 92.34
N ASP U 252 -55.96 -9.59 91.86
CA ASP U 252 -55.75 -9.27 90.45
C ASP U 252 -56.30 -10.35 89.54
N HIS U 253 -56.36 -11.59 90.03
CA HIS U 253 -56.86 -12.71 89.23
C HIS U 253 -58.38 -12.83 89.35
N PHE U 254 -58.88 -13.00 90.57
CA PHE U 254 -60.32 -13.16 90.77
C PHE U 254 -61.05 -11.90 90.30
N ARG U 255 -62.13 -12.09 89.56
CA ARG U 255 -62.98 -11.00 89.11
C ARG U 255 -64.39 -11.19 89.64
N GLU U 256 -65.12 -10.08 89.72
CA GLU U 256 -66.48 -10.05 90.24
C GLU U 256 -67.45 -9.86 89.08
N ASP U 257 -68.23 -10.89 88.77
CA ASP U 257 -69.24 -10.78 87.74
C ASP U 257 -70.50 -10.19 88.37
N LEU U 258 -71.62 -10.24 87.63
CA LEU U 258 -72.84 -9.62 88.13
C LEU U 258 -73.52 -10.49 89.18
N ASN U 259 -73.31 -11.80 89.17
CA ASN U 259 -73.90 -12.69 90.17
C ASN U 259 -72.96 -13.01 91.32
N GLY U 260 -71.82 -13.65 91.04
CA GLY U 260 -70.94 -14.15 92.07
C GLY U 260 -69.50 -13.72 91.81
N VAL U 261 -68.58 -14.63 92.07
CA VAL U 261 -67.16 -14.42 91.80
C VAL U 261 -66.77 -15.34 90.64
N LEU U 262 -65.54 -15.16 90.17
CA LEU U 262 -65.03 -15.98 89.06
C LEU U 262 -63.51 -15.96 89.09
N LEU U 263 -62.93 -16.75 88.19
CA LEU U 263 -61.52 -16.69 87.88
C LEU U 263 -61.33 -16.05 86.50
N THR U 264 -60.21 -15.34 86.34
CA THR U 264 -59.79 -14.87 85.04
C THR U 264 -59.00 -15.97 84.34
N ASP U 265 -58.95 -15.89 83.01
CA ASP U 265 -58.16 -16.85 82.24
C ASP U 265 -56.75 -16.94 82.79
N GLU U 266 -56.21 -15.84 83.30
CA GLU U 266 -54.90 -15.88 83.94
C GLU U 266 -54.95 -16.69 85.23
N GLY U 267 -56.06 -16.61 85.96
CA GLY U 267 -56.23 -17.41 87.15
C GLY U 267 -56.55 -18.85 86.82
N MET U 268 -57.47 -19.06 85.87
CA MET U 268 -57.84 -20.41 85.50
C MET U 268 -56.64 -21.18 84.94
N LYS U 269 -55.85 -20.53 84.09
CA LYS U 269 -54.68 -21.20 83.53
C LYS U 269 -53.66 -21.54 84.60
N ILE U 270 -53.57 -20.73 85.66
CA ILE U 270 -52.64 -21.02 86.74
C ILE U 270 -53.18 -22.15 87.62
N VAL U 271 -54.47 -22.13 87.93
CA VAL U 271 -55.06 -23.20 88.73
C VAL U 271 -54.95 -24.53 87.97
N THR U 272 -55.34 -24.53 86.70
CA THR U 272 -55.20 -25.72 85.88
C THR U 272 -53.75 -26.18 85.83
N LYS U 273 -52.83 -25.23 85.58
CA LYS U 273 -51.41 -25.55 85.62
C LYS U 273 -51.02 -26.14 86.97
N ALA U 274 -51.25 -25.39 88.05
CA ALA U 274 -50.96 -25.89 89.39
C ALA U 274 -51.56 -27.27 89.61
N TYR U 275 -52.78 -27.48 89.09
CA TYR U 275 -53.45 -28.77 89.27
C TYR U 275 -52.68 -29.90 88.60
N ASN U 276 -52.49 -29.81 87.28
CA ASN U 276 -51.74 -30.84 86.59
C ASN U 276 -50.29 -30.88 87.03
N GLN U 277 -49.73 -29.75 87.45
CA GLN U 277 -48.38 -29.73 88.00
C GLN U 277 -48.32 -30.50 89.31
N GLU U 278 -49.35 -30.36 90.15
CA GLU U 278 -49.43 -31.05 91.42
C GLU U 278 -50.11 -32.41 91.32
N LEU U 279 -50.79 -32.70 90.20
CA LEU U 279 -51.45 -33.99 90.05
C LEU U 279 -50.44 -35.10 89.75
N GLU U 280 -49.47 -34.83 88.88
CA GLU U 280 -48.38 -35.79 88.68
C GLU U 280 -47.25 -35.39 89.63
N LYS U 281 -47.26 -36.03 90.80
CA LYS U 281 -46.32 -35.79 91.89
C LYS U 281 -45.76 -37.14 92.31
N THR U 282 -44.78 -37.13 93.21
CA THR U 282 -44.13 -38.36 93.64
C THR U 282 -44.68 -38.78 95.00
N VAL U 283 -45.18 -40.01 95.08
CA VAL U 283 -45.70 -40.57 96.32
C VAL U 283 -44.71 -41.57 96.89
N VAL U 292 -44.90 -43.54 93.02
CA VAL U 292 -45.81 -43.58 91.88
C VAL U 292 -46.53 -42.25 91.70
N THR U 293 -47.06 -42.02 90.51
CA THR U 293 -47.74 -40.76 90.22
C THR U 293 -49.03 -40.66 91.03
N ARG U 294 -49.35 -39.44 91.44
CA ARG U 294 -50.56 -39.23 92.23
C ARG U 294 -51.84 -39.45 91.42
N ARG U 295 -51.79 -39.33 90.10
CA ARG U 295 -52.93 -39.72 89.29
C ARG U 295 -53.23 -41.20 89.47
N ARG U 296 -52.18 -42.04 89.41
CA ARG U 296 -52.36 -43.47 89.56
C ARG U 296 -53.11 -43.81 90.84
N LEU U 297 -52.78 -43.13 91.94
CA LEU U 297 -53.47 -43.37 93.20
C LEU U 297 -54.98 -43.30 93.03
N ILE U 298 -55.45 -42.40 92.17
CA ILE U 298 -56.89 -42.30 91.93
C ILE U 298 -57.40 -43.58 91.28
N ARG U 299 -56.69 -44.08 90.27
CA ARG U 299 -57.05 -45.34 89.66
C ARG U 299 -56.77 -46.51 90.59
N LEU U 300 -55.70 -46.41 91.39
CA LEU U 300 -55.38 -47.48 92.34
C LEU U 300 -56.51 -47.66 93.35
N GLU U 301 -56.95 -46.55 93.96
CA GLU U 301 -58.08 -46.63 94.88
C GLU U 301 -59.31 -47.19 94.19
N ALA U 302 -59.50 -46.85 92.92
CA ALA U 302 -60.61 -47.44 92.16
C ALA U 302 -60.45 -48.95 92.03
N TYR U 303 -59.20 -49.43 92.03
CA TYR U 303 -58.97 -50.88 92.02
C TYR U 303 -59.28 -51.49 93.38
N LYS U 304 -58.96 -50.78 94.46
CA LYS U 304 -59.25 -51.28 95.80
C LYS U 304 -60.70 -51.76 95.89
N ILE U 305 -61.63 -51.03 95.27
CA ILE U 305 -63.03 -51.45 95.28
C ILE U 305 -63.17 -52.85 94.68
N ILE U 306 -62.50 -53.10 93.55
CA ILE U 306 -62.57 -54.42 92.94
C ILE U 306 -62.10 -55.48 93.92
N LYS U 307 -61.05 -55.19 94.69
CA LYS U 307 -60.54 -56.15 95.66
C LYS U 307 -61.54 -56.44 96.76
N HIS U 308 -62.48 -55.53 97.01
CA HIS U 308 -63.58 -55.83 97.90
C HIS U 308 -64.75 -56.51 97.17
N LEU U 309 -65.09 -56.03 95.97
CA LEU U 309 -66.22 -56.58 95.24
C LEU U 309 -66.04 -58.08 95.03
N VAL U 310 -64.88 -58.49 94.51
CA VAL U 310 -64.67 -59.90 94.18
C VAL U 310 -64.25 -60.73 95.38
N GLY U 311 -63.86 -60.12 96.48
CA GLY U 311 -63.58 -60.85 97.70
C GLY U 311 -62.15 -61.30 97.88
N VAL U 312 -61.19 -60.48 97.45
CA VAL U 312 -59.79 -60.76 97.75
C VAL U 312 -59.44 -60.25 99.14
N GLU U 313 -59.59 -58.95 99.36
CA GLU U 313 -59.25 -58.32 100.63
C GLU U 313 -60.29 -57.25 100.94
N GLU U 314 -60.58 -57.10 102.23
CA GLU U 314 -61.53 -56.10 102.68
C GLU U 314 -61.06 -54.70 102.29
N TYR U 315 -62.03 -53.80 102.10
CA TYR U 315 -61.72 -52.48 101.57
C TYR U 315 -61.16 -51.57 102.65
N SER U 316 -60.01 -50.94 102.37
CA SER U 316 -59.39 -49.96 103.24
C SER U 316 -58.96 -48.75 102.44
N PRO U 317 -59.22 -47.53 102.93
CA PRO U 317 -58.75 -46.33 102.22
C PRO U 317 -57.25 -46.10 102.38
N LEU U 318 -56.74 -45.11 101.63
CA LEU U 318 -55.30 -44.82 101.56
C LEU U 318 -54.87 -43.65 102.42
N VAL U 319 -55.76 -43.07 103.22
CA VAL U 319 -55.74 -41.69 103.68
C VAL U 319 -54.39 -41.12 104.12
N ALA U 320 -53.36 -41.96 104.20
CA ALA U 320 -52.03 -41.48 104.54
C ALA U 320 -51.51 -40.44 103.53
N TRP U 321 -50.36 -39.84 103.88
CA TRP U 321 -49.57 -39.00 102.99
C TRP U 321 -48.60 -39.79 102.12
N PHE U 322 -48.40 -41.07 102.43
CA PHE U 322 -47.46 -41.93 101.71
C PHE U 322 -48.16 -42.66 100.58
N LYS V 4 -90.65 -36.79 72.64
CA LYS V 4 -89.99 -37.85 71.87
C LYS V 4 -88.48 -37.61 71.81
N SER V 5 -87.82 -38.30 70.89
CA SER V 5 -86.40 -38.15 70.66
C SER V 5 -86.17 -37.80 69.19
N LEU V 6 -84.97 -37.31 68.89
CA LEU V 6 -84.62 -36.81 67.57
C LEU V 6 -83.50 -37.65 66.97
N THR V 7 -83.55 -37.81 65.65
CA THR V 7 -82.56 -38.58 64.90
C THR V 7 -82.12 -37.77 63.69
N ILE V 8 -80.82 -37.57 63.54
CA ILE V 8 -80.25 -36.82 62.42
C ILE V 8 -79.39 -37.77 61.61
N PHE V 9 -79.82 -38.05 60.38
CA PHE V 9 -78.99 -38.80 59.44
C PHE V 9 -78.11 -37.88 58.59
N SER V 10 -78.60 -36.68 58.29
CA SER V 10 -77.89 -35.77 57.41
C SER V 10 -76.58 -35.29 58.05
N ASP V 11 -75.62 -34.97 57.19
CA ASP V 11 -74.32 -34.45 57.62
C ASP V 11 -74.36 -32.93 57.57
N GLY V 12 -74.38 -32.31 58.75
CA GLY V 12 -74.35 -30.87 58.87
C GLY V 12 -73.42 -30.41 59.95
N THR V 13 -73.69 -29.24 60.51
CA THR V 13 -72.93 -28.69 61.62
C THR V 13 -73.90 -28.08 62.62
N LEU V 14 -73.93 -28.65 63.83
CA LEU V 14 -74.75 -28.10 64.90
C LEU V 14 -74.02 -26.93 65.55
N LEU V 15 -74.76 -25.84 65.78
CA LEU V 15 -74.15 -24.65 66.37
C LEU V 15 -75.23 -23.83 67.08
N ARG V 16 -74.79 -22.76 67.74
CA ARG V 16 -75.67 -21.82 68.42
C ARG V 16 -75.21 -20.42 68.03
N ARG V 17 -75.97 -19.75 67.16
CA ARG V 17 -75.57 -18.43 66.69
C ARG V 17 -75.84 -17.37 67.75
N GLU V 18 -77.12 -17.19 68.11
CA GLU V 18 -77.50 -16.25 69.17
C GLU V 18 -78.62 -16.90 69.99
N ASN V 19 -78.24 -17.52 71.10
CA ASN V 19 -79.17 -18.08 72.08
C ASN V 19 -80.32 -18.83 71.41
N THR V 20 -79.93 -19.86 70.66
CA THR V 20 -80.86 -20.83 70.09
C THR V 20 -80.02 -21.90 69.41
N LEU V 21 -80.54 -23.12 69.30
CA LEU V 21 -79.84 -24.17 68.59
C LEU V 21 -80.12 -24.05 67.10
N TYR V 22 -79.06 -24.16 66.30
CA TYR V 22 -79.14 -24.03 64.86
C TYR V 22 -78.40 -25.19 64.21
N PHE V 23 -79.00 -25.74 63.16
CA PHE V 23 -78.40 -26.84 62.40
C PHE V 23 -78.07 -26.32 61.01
N GLU V 24 -76.79 -26.12 60.74
CA GLU V 24 -76.32 -25.70 59.42
C GLU V 24 -75.93 -26.94 58.63
N ASN V 25 -76.77 -27.32 57.68
CA ASN V 25 -76.48 -28.39 56.75
C ASN V 25 -76.00 -27.77 55.44
N VAL V 26 -75.84 -28.60 54.40
CA VAL V 26 -75.50 -28.06 53.09
C VAL V 26 -76.55 -27.03 52.69
N ASN V 27 -76.11 -25.77 52.54
CA ASN V 27 -76.97 -24.70 52.04
C ASN V 27 -78.20 -24.49 52.94
N GLY V 28 -77.93 -24.02 54.15
CA GLY V 28 -79.00 -23.55 55.00
C GLY V 28 -78.65 -23.54 56.46
N ARG V 29 -79.60 -23.03 57.26
CA ARG V 29 -79.56 -23.08 58.71
C ARG V 29 -80.99 -23.27 59.21
N LYS V 30 -81.21 -24.31 60.01
CA LYS V 30 -82.54 -24.65 60.50
C LYS V 30 -82.52 -24.74 62.02
N PRO V 31 -83.31 -23.93 62.73
CA PRO V 31 -83.40 -24.11 64.19
C PRO V 31 -83.98 -25.47 64.54
N LEU V 32 -83.50 -26.03 65.66
CA LEU V 32 -83.98 -27.30 66.17
C LEU V 32 -84.69 -27.04 67.51
N ALA V 33 -85.97 -27.42 67.58
CA ALA V 33 -86.77 -27.22 68.78
C ALA V 33 -86.51 -28.38 69.73
N ILE V 34 -85.83 -28.09 70.84
CA ILE V 34 -85.43 -29.12 71.80
C ILE V 34 -86.35 -29.19 73.01
N GLU V 35 -87.35 -28.32 73.10
CA GLU V 35 -88.11 -28.22 74.34
C GLU V 35 -88.84 -29.50 74.69
N GLY V 36 -89.01 -30.41 73.73
CA GLY V 36 -89.73 -31.64 73.99
C GLY V 36 -88.86 -32.89 73.95
N ILE V 37 -87.56 -32.71 73.77
CA ILE V 37 -86.64 -33.81 73.52
C ILE V 37 -85.88 -34.14 74.80
N TYR V 38 -85.66 -35.44 75.02
CA TYR V 38 -84.76 -35.91 76.07
C TYR V 38 -83.51 -36.58 75.51
N ASP V 39 -83.51 -36.97 74.24
CA ASP V 39 -82.36 -37.64 73.64
C ASP V 39 -82.23 -37.22 72.18
N ILE V 40 -81.00 -36.97 71.76
CA ILE V 40 -80.67 -36.66 70.37
C ILE V 40 -79.75 -37.76 69.86
N TYR V 41 -80.02 -38.25 68.65
CA TYR V 41 -79.26 -39.33 68.04
C TYR V 41 -78.60 -38.81 66.77
N ILE V 42 -77.28 -38.91 66.70
CA ILE V 42 -76.51 -38.49 65.54
C ILE V 42 -76.08 -39.74 64.78
N TYR V 43 -76.71 -39.97 63.62
CA TYR V 43 -76.34 -41.08 62.74
C TYR V 43 -75.44 -40.63 61.59
N GLY V 44 -75.27 -39.33 61.40
CA GLY V 44 -74.48 -38.81 60.31
C GLY V 44 -73.15 -38.22 60.75
N HIS V 45 -72.56 -37.42 59.87
CA HIS V 45 -71.32 -36.70 60.15
C HIS V 45 -71.71 -35.28 60.53
N VAL V 46 -71.77 -35.00 61.83
CA VAL V 46 -72.26 -33.74 62.35
C VAL V 46 -71.18 -33.15 63.26
N ASN V 47 -70.65 -31.99 62.88
CA ASN V 47 -69.71 -31.27 63.73
C ASN V 47 -70.47 -30.51 64.79
N ILE V 48 -70.02 -30.60 66.03
CA ILE V 48 -70.65 -29.92 67.15
C ILE V 48 -69.68 -28.89 67.71
N THR V 49 -70.26 -27.79 68.19
CA THR V 49 -69.49 -26.74 68.85
C THR V 49 -69.68 -26.84 70.36
N SER V 50 -68.59 -26.61 71.10
CA SER V 50 -68.68 -26.61 72.55
C SER V 50 -69.62 -25.53 73.08
N GLN V 51 -69.86 -24.46 72.31
CA GLN V 51 -70.83 -23.47 72.73
C GLN V 51 -72.25 -24.02 72.59
N ALA V 52 -72.57 -24.53 71.40
CA ALA V 52 -73.90 -25.10 71.17
C ALA V 52 -74.11 -26.40 71.93
N LEU V 53 -73.02 -27.07 72.33
CA LEU V 53 -73.16 -28.27 73.15
C LEU V 53 -73.42 -27.90 74.61
N HIS V 54 -72.96 -26.73 75.05
CA HIS V 54 -73.32 -26.24 76.37
C HIS V 54 -74.80 -25.87 76.43
N TYR V 55 -75.38 -25.44 75.30
CA TYR V 55 -76.81 -25.20 75.25
C TYR V 55 -77.58 -26.50 75.43
N ILE V 56 -77.19 -27.55 74.69
CA ILE V 56 -77.78 -28.87 74.90
C ILE V 56 -77.51 -29.35 76.32
N ALA V 57 -76.28 -29.18 76.80
CA ALA V 57 -75.94 -29.62 78.15
C ALA V 57 -76.76 -28.87 79.18
N GLN V 58 -76.94 -27.55 78.99
CA GLN V 58 -77.72 -26.77 79.94
C GLN V 58 -79.13 -27.31 80.09
N LYS V 59 -79.68 -27.93 79.04
CA LYS V 59 -81.03 -28.47 79.07
C LYS V 59 -81.07 -29.92 79.53
N GLY V 60 -79.91 -30.56 79.75
CA GLY V 60 -79.89 -31.92 80.25
C GLY V 60 -80.28 -32.96 79.23
N ILE V 61 -80.05 -32.70 77.96
CA ILE V 61 -80.39 -33.63 76.88
C ILE V 61 -79.19 -34.52 76.60
N LEU V 62 -79.46 -35.78 76.26
CA LEU V 62 -78.41 -36.74 75.92
C LEU V 62 -78.19 -36.76 74.42
N ILE V 63 -76.93 -36.94 74.02
CA ILE V 63 -76.56 -37.09 72.62
C ILE V 63 -75.89 -38.44 72.45
N HIS V 64 -76.49 -39.32 71.66
CA HIS V 64 -75.90 -40.61 71.31
C HIS V 64 -75.30 -40.51 69.91
N PHE V 65 -73.99 -40.70 69.83
CA PHE V 65 -73.27 -40.62 68.56
C PHE V 65 -73.11 -42.00 67.94
N PHE V 66 -73.17 -42.06 66.61
CA PHE V 66 -73.01 -43.29 65.88
C PHE V 66 -72.08 -43.04 64.69
N ASN V 67 -71.61 -44.14 64.10
CA ASN V 67 -71.00 -44.09 62.78
C ASN V 67 -72.09 -43.73 61.78
N HIS V 68 -71.74 -43.68 60.49
CA HIS V 68 -72.76 -43.42 59.51
C HIS V 68 -73.83 -44.50 59.53
N TYR V 69 -73.41 -45.77 59.67
CA TYR V 69 -74.36 -46.85 59.54
C TYR V 69 -74.80 -47.49 60.85
N GLY V 70 -73.89 -48.13 61.58
CA GLY V 70 -74.33 -49.01 62.65
C GLY V 70 -73.46 -49.21 63.87
N TYR V 71 -72.51 -48.32 64.14
CA TYR V 71 -71.52 -48.57 65.18
C TYR V 71 -71.53 -47.44 66.21
N TYR V 72 -71.63 -47.83 67.48
CA TYR V 72 -71.71 -46.88 68.58
C TYR V 72 -70.34 -46.30 68.90
N ASP V 73 -70.25 -44.97 68.91
CA ASP V 73 -69.02 -44.28 69.28
C ASP V 73 -69.04 -43.84 70.75
N GLY V 74 -70.01 -43.00 71.12
CA GLY V 74 -70.05 -42.47 72.48
C GLY V 74 -71.39 -41.80 72.74
N THR V 75 -71.50 -41.24 73.93
CA THR V 75 -72.69 -40.53 74.37
C THR V 75 -72.30 -39.35 75.22
N PHE V 76 -73.02 -38.23 75.06
CA PHE V 76 -72.73 -37.00 75.79
C PHE V 76 -73.61 -36.97 77.04
N TYR V 77 -72.99 -37.11 78.20
CA TYR V 77 -73.71 -37.08 79.47
C TYR V 77 -73.58 -35.70 80.08
N PRO V 78 -74.65 -34.91 80.20
CA PRO V 78 -74.53 -33.62 80.90
C PRO V 78 -74.40 -33.83 82.40
N ARG V 79 -74.23 -32.73 83.15
CA ARG V 79 -74.02 -32.84 84.59
C ARG V 79 -75.33 -33.10 85.33
N GLU V 80 -76.43 -32.49 84.88
CA GLU V 80 -77.68 -32.55 85.64
C GLU V 80 -78.56 -33.74 85.24
N THR V 81 -78.84 -33.92 83.96
CA THR V 81 -79.52 -35.13 83.51
C THR V 81 -80.89 -35.33 84.17
N LEU V 82 -81.90 -34.61 83.68
CA LEU V 82 -83.21 -34.57 84.32
C LEU V 82 -83.57 -35.87 85.02
N LEU V 83 -84.12 -35.76 86.23
CA LEU V 83 -84.23 -36.88 87.15
C LEU V 83 -84.83 -38.11 86.49
N SER V 84 -84.44 -39.28 86.99
CA SER V 84 -84.91 -40.57 86.51
C SER V 84 -84.44 -41.62 87.51
N GLY V 85 -84.80 -42.87 87.23
CA GLY V 85 -84.32 -44.02 87.99
C GLY V 85 -83.10 -44.64 87.37
N ASP V 86 -82.96 -45.95 87.54
CA ASP V 86 -81.81 -46.68 87.03
C ASP V 86 -82.26 -47.99 86.42
N LEU V 87 -81.83 -48.24 85.18
CA LEU V 87 -82.14 -49.49 84.50
C LEU V 87 -81.13 -50.59 84.79
N ILE V 88 -79.84 -50.24 84.87
CA ILE V 88 -78.81 -51.25 85.05
C ILE V 88 -79.00 -51.96 86.38
N ILE V 89 -79.45 -51.24 87.41
CA ILE V 89 -79.78 -51.88 88.69
C ILE V 89 -80.83 -52.97 88.45
N LYS V 90 -81.93 -52.61 87.77
CA LYS V 90 -82.95 -53.59 87.45
C LYS V 90 -82.37 -54.75 86.65
N GLN V 91 -81.48 -54.46 85.69
CA GLN V 91 -80.87 -55.51 84.90
C GLN V 91 -80.14 -56.51 85.80
N ALA V 92 -79.34 -56.01 86.74
CA ALA V 92 -78.61 -56.89 87.64
C ALA V 92 -79.51 -57.50 88.70
N GLU V 93 -80.56 -56.78 89.12
CA GLU V 93 -81.48 -57.33 90.11
C GLU V 93 -82.19 -58.56 89.57
N HIS V 94 -82.56 -58.54 88.28
CA HIS V 94 -83.25 -59.69 87.70
C HIS V 94 -82.29 -60.86 87.50
N TYR V 95 -81.01 -60.58 87.25
CA TYR V 95 -80.03 -61.65 87.20
C TYR V 95 -79.90 -62.33 88.55
N LEU V 96 -79.87 -61.56 89.63
CA LEU V 96 -79.63 -62.13 90.95
C LEU V 96 -80.82 -62.97 91.41
N ASP V 97 -82.02 -62.39 91.38
CA ASP V 97 -83.21 -63.17 91.73
C ASP V 97 -83.37 -64.33 90.76
N LYS V 98 -83.30 -65.56 91.28
CA LYS V 98 -83.21 -66.73 90.41
C LYS V 98 -84.44 -66.84 89.51
N ASN V 99 -85.62 -66.46 90.02
CA ASN V 99 -86.84 -66.58 89.22
C ASN V 99 -86.76 -65.72 87.98
N LYS V 100 -86.67 -64.39 88.17
CA LYS V 100 -86.64 -63.46 87.06
C LYS V 100 -85.53 -63.77 86.07
N ARG V 101 -84.50 -64.49 86.51
CA ARG V 101 -83.49 -64.98 85.57
C ARG V 101 -83.98 -66.23 84.84
N LEU V 102 -84.54 -67.19 85.56
CA LEU V 102 -85.07 -68.38 84.92
C LEU V 102 -86.16 -67.99 83.91
N PHE V 103 -87.08 -67.13 84.31
CA PHE V 103 -87.85 -66.37 83.33
C PHE V 103 -86.90 -65.43 82.63
N LEU V 104 -87.21 -65.13 81.36
CA LEU V 104 -86.33 -64.37 80.46
C LEU V 104 -85.14 -65.20 80.00
N ALA V 105 -84.90 -66.34 80.64
CA ALA V 105 -84.01 -67.36 80.11
C ALA V 105 -84.83 -68.36 79.30
N LYS V 106 -85.87 -68.89 79.92
CA LYS V 106 -86.88 -69.66 79.21
C LYS V 106 -87.42 -68.89 78.01
N SER V 107 -87.66 -67.59 78.17
CA SER V 107 -88.25 -66.80 77.09
C SER V 107 -87.31 -66.75 75.89
N PHE V 108 -86.05 -66.35 76.11
CA PHE V 108 -85.09 -66.22 75.02
C PHE V 108 -85.09 -67.47 74.13
N VAL V 109 -84.93 -68.64 74.74
CA VAL V 109 -84.77 -69.87 73.97
C VAL V 109 -86.08 -70.24 73.28
N VAL V 110 -87.17 -70.33 74.04
CA VAL V 110 -88.45 -70.68 73.43
C VAL V 110 -88.87 -69.63 72.41
N GLY V 111 -88.43 -68.38 72.61
CA GLY V 111 -88.62 -67.38 71.57
C GLY V 111 -87.78 -67.68 70.34
N GLY V 112 -86.54 -68.13 70.55
CA GLY V 112 -85.71 -68.53 69.42
C GLY V 112 -86.27 -69.73 68.70
N ALA V 113 -86.67 -70.76 69.46
CA ALA V 113 -87.08 -72.02 68.85
C ALA V 113 -88.39 -71.89 68.07
N LYS V 114 -89.25 -70.94 68.45
CA LYS V 114 -90.48 -70.73 67.67
C LYS V 114 -90.20 -69.94 66.40
N ASN V 115 -89.26 -69.00 66.46
CA ASN V 115 -88.78 -68.36 65.24
C ASN V 115 -88.14 -69.40 64.32
N MET V 116 -87.25 -70.23 64.86
CA MET V 116 -86.67 -71.31 64.09
C MET V 116 -87.76 -72.19 63.48
N GLU V 117 -88.79 -72.50 64.28
CA GLU V 117 -89.92 -73.26 63.75
C GLU V 117 -90.57 -72.55 62.58
N LYS V 118 -90.95 -71.28 62.76
CA LYS V 118 -91.53 -70.52 61.67
C LYS V 118 -90.53 -70.30 60.54
N ASN V 119 -89.22 -70.35 60.84
CA ASN V 119 -88.22 -70.34 59.79
C ASN V 119 -88.31 -71.60 58.94
N LEU V 120 -88.39 -72.76 59.59
CA LEU V 120 -88.45 -74.03 58.86
C LEU V 120 -89.72 -74.14 58.05
N LYS V 121 -90.86 -73.78 58.63
CA LYS V 121 -92.14 -73.95 57.94
C LYS V 121 -92.21 -73.08 56.70
N ASN V 122 -91.66 -71.86 56.77
CA ASN V 122 -91.62 -71.01 55.58
C ASN V 122 -90.82 -71.64 54.45
N TRP V 123 -89.96 -72.62 54.76
CA TRP V 123 -89.16 -73.31 53.77
C TRP V 123 -89.72 -74.68 53.43
N GLY V 124 -90.82 -75.10 54.05
CA GLY V 124 -91.45 -76.36 53.73
C GLY V 124 -90.86 -77.56 54.44
N ILE V 125 -90.46 -77.39 55.69
CA ILE V 125 -89.88 -78.47 56.48
C ILE V 125 -90.89 -78.90 57.53
N SER V 126 -90.81 -80.16 57.94
CA SER V 126 -91.63 -80.67 59.04
C SER V 126 -91.09 -80.12 60.35
N SER V 127 -91.94 -79.44 61.12
CA SER V 127 -91.41 -78.86 62.33
C SER V 127 -91.35 -79.86 63.47
N ASP V 128 -92.47 -80.10 64.13
CA ASP V 128 -92.49 -80.90 65.36
C ASP V 128 -91.23 -80.67 66.22
N PHE V 129 -90.99 -79.41 66.57
CA PHE V 129 -89.96 -79.07 67.55
C PHE V 129 -90.55 -78.74 68.92
N SER V 130 -91.81 -78.33 68.98
CA SER V 130 -92.45 -77.95 70.24
C SER V 130 -92.34 -79.03 71.29
N ASN V 131 -92.15 -80.29 70.88
CA ASN V 131 -92.06 -81.38 71.85
C ASN V 131 -90.86 -81.26 72.78
N HIS V 132 -89.84 -80.50 72.37
CA HIS V 132 -88.70 -80.26 73.26
C HIS V 132 -89.00 -79.17 74.28
N LEU V 133 -89.86 -78.21 73.94
CA LEU V 133 -90.12 -77.09 74.83
C LEU V 133 -90.57 -77.57 76.21
N LYS V 134 -91.24 -78.72 76.29
CA LYS V 134 -91.67 -79.22 77.59
C LYS V 134 -90.48 -79.51 78.50
N GLU V 135 -89.34 -79.89 77.92
CA GLU V 135 -88.14 -80.08 78.74
C GLU V 135 -87.75 -78.78 79.43
N LEU V 136 -88.08 -77.63 78.84
CA LEU V 136 -87.81 -76.36 79.49
C LEU V 136 -88.86 -76.06 80.56
N GLN V 137 -90.13 -76.38 80.29
CA GLN V 137 -91.18 -76.27 81.30
C GLN V 137 -90.83 -77.17 82.50
N GLY V 138 -90.57 -76.55 83.65
CA GLY V 138 -90.14 -77.26 84.83
C GLY V 138 -88.64 -77.28 85.03
N ALA V 139 -87.86 -77.02 83.99
CA ALA V 139 -86.41 -77.00 84.10
C ALA V 139 -85.97 -76.07 85.21
N LYS V 140 -85.08 -76.56 86.07
CA LYS V 140 -84.64 -75.81 87.25
C LYS V 140 -83.41 -74.95 86.95
N LYS V 141 -82.33 -75.57 86.51
CA LYS V 141 -81.06 -74.87 86.34
C LYS V 141 -80.95 -74.26 84.94
N VAL V 142 -80.06 -73.28 84.83
CA VAL V 142 -79.81 -72.64 83.54
C VAL V 142 -79.05 -73.58 82.62
N THR V 143 -78.14 -74.38 83.18
CA THR V 143 -77.38 -75.31 82.36
C THR V 143 -78.28 -76.24 81.56
N GLU V 144 -79.45 -76.58 82.12
CA GLU V 144 -80.40 -77.41 81.39
C GLU V 144 -81.08 -76.64 80.29
N ILE V 145 -81.51 -75.41 80.58
CA ILE V 145 -82.14 -74.58 79.55
C ILE V 145 -81.20 -74.40 78.36
N MET V 146 -79.91 -74.29 78.63
CA MET V 146 -78.91 -74.04 77.60
C MET V 146 -78.41 -75.33 76.94
N ASN V 147 -78.28 -76.41 77.72
CA ASN V 147 -77.84 -77.68 77.14
C ASN V 147 -78.98 -78.40 76.44
N VAL V 148 -80.21 -78.31 76.98
CA VAL V 148 -81.36 -78.87 76.27
C VAL V 148 -81.57 -78.10 74.96
N GLU V 149 -81.25 -76.81 74.94
CA GLU V 149 -81.34 -76.02 73.71
C GLU V 149 -80.38 -76.51 72.65
N GLY V 150 -79.34 -77.25 73.02
CA GLY V 150 -78.45 -77.82 72.02
C GLY V 150 -79.16 -78.83 71.14
N ARG V 151 -79.84 -79.79 71.76
CA ARG V 151 -80.70 -80.70 71.01
C ARG V 151 -81.60 -79.93 70.04
N ILE V 152 -82.21 -78.85 70.53
CA ILE V 152 -83.11 -78.06 69.70
C ILE V 152 -82.36 -77.53 68.48
N ARG V 153 -81.21 -76.91 68.70
CA ARG V 153 -80.47 -76.31 67.59
C ARG V 153 -79.94 -77.37 66.63
N GLN V 154 -79.44 -78.49 67.16
CA GLN V 154 -78.89 -79.52 66.29
C GLN V 154 -80.00 -80.25 65.54
N GLU V 155 -81.20 -80.34 66.12
CA GLU V 155 -82.33 -80.88 65.37
C GLU V 155 -82.77 -79.90 64.29
N TYR V 156 -82.69 -78.60 64.57
CA TYR V 156 -82.93 -77.59 63.55
C TYR V 156 -81.98 -77.77 62.38
N TYR V 157 -80.67 -77.81 62.66
CA TYR V 157 -79.70 -78.00 61.59
C TYR V 157 -79.89 -79.35 60.90
N ALA V 158 -80.02 -80.42 61.69
CA ALA V 158 -80.20 -81.74 61.11
C ALA V 158 -81.39 -81.77 60.16
N ARG V 159 -82.50 -81.14 60.55
CA ARG V 159 -83.69 -81.08 59.71
C ARG V 159 -83.64 -79.90 58.74
N TRP V 160 -82.69 -78.98 58.88
CA TRP V 160 -82.49 -77.95 57.88
C TRP V 160 -81.70 -78.49 56.69
N ASP V 161 -80.77 -79.41 56.92
CA ASP V 161 -79.88 -79.90 55.89
C ASP V 161 -80.61 -80.58 54.74
N GLU V 162 -81.92 -80.85 54.87
CA GLU V 162 -82.64 -81.58 53.84
C GLU V 162 -83.00 -80.71 52.63
N SER V 163 -82.97 -79.39 52.77
CA SER V 163 -83.27 -78.48 51.68
C SER V 163 -82.02 -77.84 51.08
N LEU V 164 -80.83 -78.15 51.59
CA LEU V 164 -79.61 -77.50 51.14
C LEU V 164 -78.76 -78.45 50.30
N PRO V 165 -77.95 -77.90 49.39
CA PRO V 165 -77.10 -78.76 48.55
C PRO V 165 -75.97 -79.40 49.34
N GLY V 166 -75.46 -80.50 48.78
CA GLY V 166 -74.38 -81.22 49.44
C GLY V 166 -73.16 -80.35 49.71
N GLU V 167 -72.79 -79.50 48.75
CA GLU V 167 -71.58 -78.70 48.88
C GLU V 167 -71.54 -77.96 50.22
N PHE V 168 -72.61 -77.25 50.54
CA PHE V 168 -72.71 -76.53 51.82
C PHE V 168 -73.48 -77.45 52.79
N ARG V 169 -72.74 -78.10 53.69
CA ARG V 169 -73.34 -79.00 54.66
C ARG V 169 -73.06 -78.50 56.08
N ILE V 170 -74.11 -78.38 56.87
CA ILE V 170 -73.97 -78.20 58.32
C ILE V 170 -74.15 -79.60 58.91
N GLY V 171 -73.06 -80.34 58.98
CA GLY V 171 -73.10 -81.69 59.53
C GLY V 171 -72.95 -81.67 61.04
N LYS V 172 -71.98 -80.89 61.51
CA LYS V 172 -71.77 -80.68 62.94
C LYS V 172 -71.27 -79.26 63.16
N ARG V 173 -71.34 -78.82 64.41
CA ARG V 173 -70.92 -77.47 64.76
C ARG V 173 -69.88 -77.52 65.88
N PRO V 178 -66.73 -72.61 62.12
CA PRO V 178 -65.97 -71.84 61.13
C PRO V 178 -65.13 -72.73 60.22
N LYS V 179 -65.41 -74.03 60.20
CA LYS V 179 -64.49 -75.00 59.63
C LYS V 179 -64.98 -75.65 58.35
N ASN V 180 -66.21 -75.40 57.92
CA ASN V 180 -66.75 -76.01 56.72
C ASN V 180 -67.19 -74.93 55.73
N GLU V 181 -67.65 -75.39 54.56
CA GLU V 181 -68.16 -74.48 53.54
C GLU V 181 -69.20 -73.54 54.11
N MET V 182 -70.23 -74.08 54.75
CA MET V 182 -71.31 -73.26 55.30
C MET V 182 -70.96 -72.70 56.67
N ASN V 183 -70.18 -73.43 57.47
CA ASN V 183 -69.92 -73.00 58.84
C ASN V 183 -69.21 -71.66 58.89
N ALA V 184 -68.43 -71.33 57.87
CA ALA V 184 -67.84 -69.99 57.78
C ALA V 184 -68.89 -68.96 57.36
N LEU V 185 -69.50 -69.21 56.18
CA LEU V 185 -70.51 -68.31 55.64
C LEU V 185 -71.54 -67.89 56.67
N ILE V 186 -72.01 -68.83 57.50
CA ILE V 186 -73.03 -68.49 58.49
C ILE V 186 -72.40 -67.80 59.70
N SER V 187 -71.29 -68.34 60.21
CA SER V 187 -70.65 -67.75 61.37
C SER V 187 -70.22 -66.31 61.11
N PHE V 188 -69.92 -65.98 59.85
CA PHE V 188 -69.55 -64.60 59.52
C PHE V 188 -70.71 -63.65 59.76
N LEU V 189 -71.91 -64.03 59.32
CA LEU V 189 -73.08 -63.20 59.53
C LEU V 189 -73.48 -63.17 61.00
N ASN V 190 -73.19 -64.26 61.74
CA ASN V 190 -73.35 -64.23 63.19
C ASN V 190 -72.47 -63.15 63.81
N SER V 191 -71.21 -63.08 63.39
CA SER V 191 -70.30 -62.08 63.93
C SER V 191 -70.76 -60.67 63.55
N ARG V 192 -71.06 -60.44 62.26
CA ARG V 192 -71.51 -59.12 61.84
C ARG V 192 -72.86 -58.78 62.47
N LEU V 193 -73.73 -59.78 62.68
CA LEU V 193 -74.96 -59.52 63.42
C LEU V 193 -74.66 -59.12 64.85
N TYR V 194 -73.69 -59.80 65.48
CA TYR V 194 -73.24 -59.39 66.81
C TYR V 194 -72.89 -57.91 66.83
N ALA V 195 -72.13 -57.47 65.84
CA ALA V 195 -71.78 -56.05 65.73
C ALA V 195 -73.04 -55.18 65.68
N THR V 196 -73.90 -55.42 64.69
CA THR V 196 -75.12 -54.65 64.57
C THR V 196 -75.95 -54.71 65.85
N MET V 197 -75.90 -55.85 66.55
CA MET V 197 -76.71 -56.02 67.75
C MET V 197 -76.20 -55.15 68.88
N ILE V 198 -74.90 -55.21 69.17
CA ILE V 198 -74.33 -54.43 70.27
C ILE V 198 -74.52 -52.94 70.04
N SER V 199 -74.82 -52.53 68.80
CA SER V 199 -75.12 -51.12 68.53
C SER V 199 -76.57 -50.81 68.85
N GLU V 200 -77.50 -51.56 68.26
CA GLU V 200 -78.92 -51.34 68.53
C GLU V 200 -79.26 -51.49 70.00
N ILE V 201 -78.40 -52.18 70.76
CA ILE V 201 -78.55 -52.19 72.21
C ILE V 201 -78.09 -50.87 72.80
N TYR V 202 -76.92 -50.39 72.35
CA TYR V 202 -76.34 -49.18 72.94
C TYR V 202 -77.24 -47.96 72.75
N ASN V 203 -78.05 -47.94 71.70
CA ASN V 203 -78.95 -46.81 71.48
C ASN V 203 -79.96 -46.65 72.61
N THR V 204 -80.12 -47.67 73.44
CA THR V 204 -80.90 -47.59 74.66
C THR V 204 -79.97 -47.30 75.83
N GLN V 205 -80.51 -47.36 77.05
CA GLN V 205 -79.71 -47.24 78.26
C GLN V 205 -79.30 -48.61 78.82
N LEU V 206 -79.63 -49.70 78.13
CA LEU V 206 -79.28 -51.02 78.61
C LEU V 206 -77.76 -51.18 78.65
N ALA V 207 -77.26 -51.72 79.75
CA ALA V 207 -75.87 -52.15 79.81
C ALA V 207 -75.73 -53.47 79.06
N PRO V 208 -74.95 -53.53 77.98
CA PRO V 208 -74.95 -54.74 77.15
C PRO V 208 -74.26 -55.93 77.79
N THR V 209 -73.59 -55.74 78.93
CA THR V 209 -72.75 -56.79 79.52
C THR V 209 -73.44 -57.55 80.64
N ILE V 210 -74.71 -57.27 80.92
CA ILE V 210 -75.49 -58.02 81.91
C ILE V 210 -76.46 -58.91 81.15
N SER V 211 -76.38 -60.22 81.39
CA SER V 211 -77.07 -61.21 80.59
C SER V 211 -77.72 -62.27 81.48
N TYR V 212 -78.64 -63.03 80.88
CA TYR V 212 -79.35 -64.09 81.60
C TYR V 212 -79.08 -65.48 81.04
N LEU V 213 -79.39 -65.71 79.76
CA LEU V 213 -79.29 -67.07 79.21
C LEU V 213 -77.83 -67.50 79.10
N HIS V 214 -76.93 -66.57 78.81
CA HIS V 214 -75.50 -66.83 78.80
C HIS V 214 -74.86 -66.11 79.98
N GLU V 215 -73.93 -66.80 80.63
CA GLU V 215 -73.32 -66.24 81.83
C GLU V 215 -72.74 -64.86 81.53
N PRO V 216 -73.05 -63.83 82.34
CA PRO V 216 -72.50 -62.49 82.11
C PRO V 216 -71.03 -62.39 82.53
N SER V 217 -70.24 -63.38 82.14
CA SER V 217 -68.83 -63.41 82.51
C SER V 217 -68.13 -62.16 82.00
N GLU V 218 -67.02 -61.83 82.66
CA GLU V 218 -66.24 -60.66 82.29
C GLU V 218 -65.92 -60.67 80.82
N ARG V 219 -65.86 -59.48 80.23
CA ARG V 219 -65.29 -59.26 78.89
C ARG V 219 -66.10 -59.91 77.76
N ARG V 220 -67.34 -59.43 77.58
CA ARG V 220 -67.96 -59.35 76.25
C ARG V 220 -69.39 -58.85 76.45
N PHE V 221 -69.97 -58.29 75.39
CA PHE V 221 -71.37 -57.88 75.41
C PHE V 221 -72.23 -59.13 75.45
N SER V 222 -72.79 -59.43 76.63
CA SER V 222 -73.53 -60.66 76.83
C SER V 222 -75.04 -60.51 76.63
N LEU V 223 -75.55 -59.28 76.52
CA LEU V 223 -76.97 -59.09 76.24
C LEU V 223 -77.27 -59.35 74.77
N ALA V 224 -76.45 -58.79 73.87
CA ALA V 224 -76.53 -59.17 72.47
C ALA V 224 -76.28 -60.67 72.29
N LEU V 225 -75.41 -61.23 73.14
CA LEU V 225 -75.16 -62.67 73.11
C LEU V 225 -76.45 -63.46 73.36
N ASP V 226 -77.16 -63.13 74.44
CA ASP V 226 -78.44 -63.76 74.69
C ASP V 226 -79.45 -63.45 73.59
N LEU V 227 -79.63 -62.15 73.30
CA LEU V 227 -80.69 -61.75 72.37
C LEU V 227 -80.47 -62.36 70.99
N SER V 228 -79.23 -62.69 70.64
CA SER V 228 -78.96 -63.31 69.35
C SER V 228 -79.82 -64.55 69.12
N GLU V 229 -80.11 -65.29 70.19
CA GLU V 229 -80.91 -66.51 70.05
C GLU V 229 -82.22 -66.25 69.33
N ILE V 230 -82.80 -65.05 69.52
CA ILE V 230 -84.08 -64.75 68.90
C ILE V 230 -83.90 -64.33 67.45
N PHE V 231 -82.92 -63.47 67.18
CA PHE V 231 -82.77 -62.87 65.86
C PHE V 231 -81.83 -63.65 64.93
N LYS V 232 -81.00 -64.54 65.49
CA LYS V 232 -80.13 -65.35 64.64
C LYS V 232 -80.91 -66.12 63.57
N PRO V 233 -82.06 -66.74 63.87
CA PRO V 233 -82.85 -67.34 62.78
C PRO V 233 -83.56 -66.33 61.91
N ILE V 234 -83.69 -65.08 62.35
CA ILE V 234 -84.44 -64.08 61.59
C ILE V 234 -83.55 -63.35 60.59
N ILE V 235 -82.29 -63.09 60.95
CA ILE V 235 -81.39 -62.28 60.13
C ILE V 235 -80.26 -63.12 59.54
N ALA V 236 -79.44 -63.72 60.38
CA ALA V 236 -78.29 -64.48 59.90
C ALA V 236 -78.73 -65.66 59.04
N ASP V 237 -79.52 -66.56 59.62
CA ASP V 237 -79.90 -67.78 58.91
C ASP V 237 -80.63 -67.46 57.60
N ARG V 238 -81.53 -66.47 57.63
CA ARG V 238 -82.45 -66.30 56.50
C ARG V 238 -81.72 -65.92 55.23
N ILE V 239 -80.75 -65.00 55.31
CA ILE V 239 -80.01 -64.64 54.10
C ILE V 239 -79.00 -65.73 53.74
N ALA V 240 -78.31 -66.28 54.74
CA ALA V 240 -77.40 -67.39 54.49
C ALA V 240 -78.10 -68.53 53.78
N ASN V 241 -79.43 -68.58 53.83
CA ASN V 241 -80.19 -69.57 53.08
C ASN V 241 -80.40 -69.13 51.63
N ARG V 242 -81.08 -67.99 51.43
CA ARG V 242 -81.39 -67.55 50.08
C ARG V 242 -80.13 -67.20 49.29
N LEU V 243 -79.01 -66.95 49.97
CA LEU V 243 -77.74 -66.76 49.26
C LEU V 243 -77.22 -68.09 48.76
N VAL V 244 -77.36 -69.15 49.57
CA VAL V 244 -77.05 -70.49 49.12
C VAL V 244 -78.01 -70.93 48.01
N LYS V 245 -79.27 -70.54 48.12
CA LYS V 245 -80.28 -71.00 47.18
C LYS V 245 -80.21 -70.24 45.86
N LYS V 246 -80.40 -68.92 45.91
CA LYS V 246 -80.41 -68.12 44.68
C LYS V 246 -79.13 -68.30 43.88
N GLY V 247 -78.07 -68.82 44.50
CA GLY V 247 -76.84 -69.08 43.79
C GLY V 247 -75.86 -67.94 43.74
N ILE V 248 -75.98 -66.97 44.66
CA ILE V 248 -75.07 -65.83 44.67
C ILE V 248 -73.71 -66.19 45.26
N ILE V 249 -73.59 -67.34 45.91
CA ILE V 249 -72.32 -67.81 46.46
C ILE V 249 -72.11 -69.25 46.00
N LYS V 250 -70.90 -69.53 45.51
CA LYS V 250 -70.51 -70.86 45.07
C LYS V 250 -69.22 -71.26 45.78
N LYS V 251 -68.61 -72.37 45.35
CA LYS V 251 -67.31 -72.75 45.89
C LYS V 251 -66.21 -71.79 45.45
N ASP V 252 -66.42 -71.05 44.35
CA ASP V 252 -65.39 -70.15 43.85
C ASP V 252 -65.14 -68.97 44.77
N HIS V 253 -66.12 -68.60 45.60
CA HIS V 253 -65.96 -67.46 46.49
C HIS V 253 -65.19 -67.80 47.77
N PHE V 254 -65.09 -69.08 48.10
CA PHE V 254 -64.53 -69.48 49.40
C PHE V 254 -63.05 -69.79 49.27
N ARG V 255 -62.30 -69.39 50.29
CA ARG V 255 -60.84 -69.49 50.32
C ARG V 255 -60.44 -70.30 51.54
N GLU V 256 -59.91 -71.49 51.33
CA GLU V 256 -59.49 -72.34 52.44
C GLU V 256 -58.26 -71.74 53.11
N ASP V 257 -58.11 -72.00 54.40
CA ASP V 257 -56.98 -71.55 55.18
C ASP V 257 -56.16 -72.76 55.60
N LEU V 258 -55.11 -72.54 56.38
CA LEU V 258 -54.38 -73.68 56.93
C LEU V 258 -55.27 -74.43 57.93
N ASN V 259 -56.00 -73.69 58.77
CA ASN V 259 -56.83 -74.31 59.79
C ASN V 259 -58.19 -74.72 59.24
N GLY V 260 -58.97 -73.76 58.77
CA GLY V 260 -60.32 -74.00 58.30
C GLY V 260 -60.57 -73.34 56.96
N VAL V 261 -61.84 -72.98 56.75
CA VAL V 261 -62.27 -72.30 55.53
C VAL V 261 -62.53 -70.84 55.88
N LEU V 262 -62.62 -70.01 54.85
CA LEU V 262 -62.89 -68.60 55.02
C LEU V 262 -63.60 -68.08 53.76
N LEU V 263 -63.85 -66.78 53.74
CA LEU V 263 -64.36 -66.10 52.56
C LEU V 263 -63.22 -65.37 51.85
N THR V 264 -63.33 -65.28 50.53
CA THR V 264 -62.42 -64.44 49.76
C THR V 264 -62.82 -62.98 49.94
N ASP V 265 -61.84 -62.10 49.76
CA ASP V 265 -62.13 -60.66 49.81
C ASP V 265 -63.32 -60.30 48.95
N GLU V 266 -63.57 -61.08 47.90
CA GLU V 266 -64.72 -60.84 47.04
C GLU V 266 -66.03 -61.24 47.72
N GLY V 267 -66.01 -62.34 48.47
CA GLY V 267 -67.24 -62.85 49.05
C GLY V 267 -67.75 -62.01 50.21
N MET V 268 -66.84 -61.50 51.04
CA MET V 268 -67.26 -60.72 52.20
C MET V 268 -68.11 -59.52 51.78
N LYS V 269 -67.72 -58.86 50.69
CA LYS V 269 -68.51 -57.73 50.21
C LYS V 269 -69.89 -58.19 49.72
N ILE V 270 -69.96 -59.37 49.10
CA ILE V 270 -71.23 -59.90 48.63
C ILE V 270 -72.16 -60.15 49.81
N VAL V 271 -71.63 -60.75 50.88
CA VAL V 271 -72.43 -61.03 52.06
C VAL V 271 -72.92 -59.73 52.69
N THR V 272 -72.01 -58.77 52.88
CA THR V 272 -72.39 -57.50 53.50
C THR V 272 -73.46 -56.78 52.69
N LYS V 273 -73.27 -56.71 51.37
CA LYS V 273 -74.23 -56.00 50.52
C LYS V 273 -75.61 -56.60 50.65
N ALA V 274 -75.71 -57.92 50.80
CA ALA V 274 -77.01 -58.55 51.00
C ALA V 274 -77.53 -58.30 52.42
N TYR V 275 -76.64 -58.36 53.41
CA TYR V 275 -77.02 -58.07 54.78
C TYR V 275 -77.57 -56.65 54.90
N ASN V 276 -76.77 -55.66 54.48
CA ASN V 276 -77.22 -54.28 54.50
C ASN V 276 -78.52 -54.11 53.74
N GLN V 277 -78.76 -54.92 52.72
CA GLN V 277 -80.01 -54.83 51.98
C GLN V 277 -81.18 -55.34 52.81
N GLU V 278 -80.97 -56.38 53.61
CA GLU V 278 -82.04 -56.85 54.48
C GLU V 278 -82.55 -55.74 55.40
N LEU V 279 -81.64 -54.97 55.98
CA LEU V 279 -82.05 -54.00 56.99
C LEU V 279 -82.84 -52.85 56.38
N GLU V 280 -82.52 -52.46 55.13
CA GLU V 280 -83.34 -51.49 54.42
C GLU V 280 -84.60 -52.12 53.83
N LYS V 281 -84.68 -53.45 53.84
CA LYS V 281 -85.82 -54.19 53.28
C LYS V 281 -86.93 -54.29 54.31
N THR V 282 -87.60 -53.16 54.54
CA THR V 282 -88.66 -53.12 55.55
C THR V 282 -89.69 -54.20 55.28
N VAL V 283 -90.20 -54.78 56.37
CA VAL V 283 -91.20 -55.85 56.33
C VAL V 283 -92.11 -55.76 55.12
N VAL V 292 -91.40 -51.87 61.67
CA VAL V 292 -91.85 -51.02 60.56
C VAL V 292 -90.62 -50.77 59.66
N THR V 293 -89.45 -51.13 60.19
CA THR V 293 -88.26 -51.43 59.41
C THR V 293 -87.59 -52.64 60.05
N ARG V 294 -86.90 -53.45 59.23
CA ARG V 294 -86.39 -54.72 59.74
C ARG V 294 -85.31 -54.51 60.80
N ARG V 295 -84.45 -53.51 60.63
CA ARG V 295 -83.42 -53.25 61.63
C ARG V 295 -84.05 -52.78 62.94
N ARG V 296 -85.12 -52.00 62.85
CA ARG V 296 -85.73 -51.43 64.05
C ARG V 296 -86.20 -52.53 65.00
N LEU V 297 -86.75 -53.62 64.44
CA LEU V 297 -87.21 -54.73 65.27
C LEU V 297 -86.19 -55.11 66.33
N ILE V 298 -84.90 -54.95 66.02
CA ILE V 298 -83.87 -55.17 67.02
C ILE V 298 -84.04 -54.19 68.17
N ARG V 299 -84.29 -52.92 67.85
CA ARG V 299 -84.41 -51.90 68.89
C ARG V 299 -85.75 -52.00 69.61
N LEU V 300 -86.81 -52.36 68.90
CA LEU V 300 -88.10 -52.58 69.55
C LEU V 300 -88.02 -53.78 70.49
N GLU V 301 -87.46 -54.90 70.01
CA GLU V 301 -87.21 -56.04 70.89
C GLU V 301 -86.29 -55.65 72.04
N ALA V 302 -85.36 -54.72 71.80
CA ALA V 302 -84.52 -54.22 72.86
C ALA V 302 -85.31 -53.38 73.86
N TYR V 303 -86.32 -52.65 73.37
CA TYR V 303 -87.14 -51.83 74.26
C TYR V 303 -88.01 -52.70 75.16
N LYS V 304 -88.74 -53.65 74.57
CA LYS V 304 -89.66 -54.51 75.31
C LYS V 304 -89.02 -55.01 76.60
N ILE V 305 -87.74 -55.35 76.56
CA ILE V 305 -87.03 -55.71 77.79
C ILE V 305 -87.07 -54.55 78.77
N ILE V 306 -86.78 -53.34 78.30
CA ILE V 306 -86.84 -52.16 79.16
C ILE V 306 -88.22 -52.04 79.78
N LYS V 307 -89.27 -52.21 78.97
CA LYS V 307 -90.63 -52.14 79.49
C LYS V 307 -90.93 -53.29 80.44
N HIS V 308 -90.16 -54.37 80.39
CA HIS V 308 -90.33 -55.47 81.32
C HIS V 308 -89.50 -55.28 82.59
N LEU V 309 -88.27 -54.76 82.46
CA LEU V 309 -87.39 -54.67 83.61
C LEU V 309 -87.96 -53.78 84.70
N VAL V 310 -88.75 -52.77 84.33
CA VAL V 310 -89.34 -51.87 85.32
C VAL V 310 -90.69 -52.34 85.82
N GLY V 311 -91.27 -53.37 85.20
CA GLY V 311 -92.50 -53.94 85.70
C GLY V 311 -93.78 -53.34 85.18
N VAL V 312 -93.77 -52.79 83.96
CA VAL V 312 -95.01 -52.31 83.36
C VAL V 312 -95.75 -53.46 82.69
N GLU V 313 -95.12 -54.11 81.72
CA GLU V 313 -95.73 -55.21 80.99
C GLU V 313 -94.75 -56.38 80.93
N GLU V 314 -95.31 -57.59 80.98
CA GLU V 314 -94.50 -58.80 80.90
C GLU V 314 -93.74 -58.84 79.57
N TYR V 315 -92.63 -59.55 79.57
CA TYR V 315 -91.79 -59.67 78.38
C TYR V 315 -92.37 -60.74 77.45
N SER V 316 -92.64 -60.35 76.21
CA SER V 316 -93.06 -61.29 75.17
C SER V 316 -91.93 -61.44 74.16
N PRO V 317 -91.44 -62.64 73.87
CA PRO V 317 -90.39 -62.79 72.87
C PRO V 317 -90.93 -62.52 71.48
N LEU V 318 -90.01 -62.24 70.56
CA LEU V 318 -90.38 -61.93 69.18
C LEU V 318 -90.57 -63.22 68.41
N VAL V 319 -91.75 -63.36 67.80
CA VAL V 319 -92.07 -64.49 66.93
C VAL V 319 -92.22 -63.94 65.52
N ALA V 320 -91.43 -64.47 64.59
CA ALA V 320 -91.48 -64.00 63.21
C ALA V 320 -92.82 -64.39 62.59
N TRP V 321 -93.66 -63.39 62.30
CA TRP V 321 -94.85 -63.64 61.51
C TRP V 321 -94.54 -63.73 60.03
N PHE V 322 -93.38 -63.22 59.61
CA PHE V 322 -92.99 -63.17 58.21
C PHE V 322 -91.95 -64.24 57.89
N LYS W 3 -55.45 33.97 -47.07
CA LYS W 3 -55.96 35.12 -46.34
C LYS W 3 -57.28 34.78 -45.66
N LYS W 4 -57.24 34.65 -44.33
CA LYS W 4 -58.37 34.15 -43.57
C LYS W 4 -59.43 35.24 -43.41
N SER W 5 -60.47 34.91 -42.64
CA SER W 5 -61.57 35.80 -42.35
C SER W 5 -61.68 35.97 -40.84
N LEU W 6 -62.31 37.04 -40.40
CA LEU W 6 -62.31 37.41 -38.99
C LEU W 6 -63.73 37.64 -38.51
N THR W 7 -64.04 37.13 -37.32
CA THR W 7 -65.27 37.47 -36.59
C THR W 7 -64.88 37.98 -35.21
N ILE W 8 -65.31 39.19 -34.87
CA ILE W 8 -64.99 39.79 -33.57
C ILE W 8 -66.25 39.80 -32.72
N PHE W 9 -66.21 39.05 -31.62
CA PHE W 9 -67.32 38.99 -30.68
C PHE W 9 -67.20 40.06 -29.60
N SER W 10 -66.00 40.27 -29.08
CA SER W 10 -65.81 41.26 -28.03
C SER W 10 -66.15 42.66 -28.54
N ASP W 11 -66.69 43.48 -27.65
CA ASP W 11 -67.10 44.85 -27.99
C ASP W 11 -65.92 45.77 -27.76
N GLY W 12 -65.31 46.25 -28.84
CA GLY W 12 -64.18 47.15 -28.79
C GLY W 12 -64.36 48.31 -29.75
N THR W 13 -63.23 48.82 -30.23
CA THR W 13 -63.23 49.87 -31.25
C THR W 13 -62.09 49.60 -32.22
N LEU W 14 -62.42 49.48 -33.49
CA LEU W 14 -61.41 49.34 -34.54
C LEU W 14 -60.80 50.71 -34.82
N LEU W 15 -59.50 50.71 -35.14
CA LEU W 15 -58.80 51.96 -35.41
C LEU W 15 -57.68 51.72 -36.41
N ARG W 16 -57.00 52.82 -36.76
CA ARG W 16 -55.81 52.80 -37.62
C ARG W 16 -54.78 53.73 -36.98
N ARG W 17 -53.77 53.15 -36.31
CA ARG W 17 -52.63 53.93 -35.84
C ARG W 17 -51.41 53.59 -36.70
N GLU W 18 -51.14 54.49 -37.65
CA GLU W 18 -49.98 54.63 -38.50
C GLU W 18 -49.79 53.70 -39.70
N ASN W 19 -50.22 52.44 -39.63
CA ASN W 19 -50.33 51.67 -40.86
C ASN W 19 -51.24 50.45 -40.76
N THR W 20 -51.35 49.87 -39.58
CA THR W 20 -52.01 48.58 -39.40
C THR W 20 -53.20 48.72 -38.48
N LEU W 21 -54.25 47.95 -38.76
CA LEU W 21 -55.44 47.98 -37.93
C LEU W 21 -55.11 47.47 -36.52
N TYR W 22 -55.84 48.00 -35.55
CA TYR W 22 -55.71 47.58 -34.16
C TYR W 22 -57.10 47.56 -33.55
N PHE W 23 -57.40 46.49 -32.81
CA PHE W 23 -58.69 46.33 -32.15
C PHE W 23 -58.49 46.54 -30.66
N GLU W 24 -58.97 47.69 -30.16
CA GLU W 24 -58.94 47.95 -28.72
C GLU W 24 -60.28 47.51 -28.14
N ASN W 25 -60.38 46.23 -27.80
CA ASN W 25 -61.42 45.79 -26.88
C ASN W 25 -61.32 46.64 -25.62
N VAL W 26 -62.45 46.82 -24.92
CA VAL W 26 -62.46 47.81 -23.84
C VAL W 26 -61.27 47.55 -22.92
N ASN W 27 -61.07 46.30 -22.50
CA ASN W 27 -59.81 45.90 -21.88
C ASN W 27 -58.70 46.13 -22.90
N GLY W 28 -57.82 47.10 -22.63
CA GLY W 28 -57.05 47.76 -23.67
C GLY W 28 -55.80 47.08 -24.19
N ARG W 29 -55.87 46.57 -25.41
CA ARG W 29 -54.73 46.00 -26.13
C ARG W 29 -54.94 46.26 -27.62
N LYS W 30 -53.99 45.81 -28.45
CA LYS W 30 -54.04 46.09 -29.89
C LYS W 30 -53.42 44.96 -30.68
N PRO W 31 -54.22 43.92 -31.02
CA PRO W 31 -53.64 42.73 -31.67
C PRO W 31 -53.60 42.67 -33.20
N LEU W 32 -54.53 43.31 -33.91
CA LEU W 32 -54.86 42.86 -35.26
C LEU W 32 -53.66 42.94 -36.21
N ALA W 33 -53.55 41.96 -37.09
CA ALA W 33 -52.61 41.94 -38.21
C ALA W 33 -53.43 41.76 -39.48
N ILE W 34 -53.90 42.88 -40.02
CA ILE W 34 -54.85 42.86 -41.11
C ILE W 34 -54.25 42.32 -42.40
N GLU W 35 -52.96 42.55 -42.65
CA GLU W 35 -52.38 42.16 -43.93
C GLU W 35 -52.56 40.68 -44.24
N GLY W 36 -53.04 39.88 -43.27
CA GLY W 36 -53.38 38.50 -43.54
C GLY W 36 -54.84 38.17 -43.32
N ILE W 37 -55.74 39.11 -43.64
CA ILE W 37 -57.18 38.87 -43.56
C ILE W 37 -57.87 39.49 -44.76
N TYR W 38 -59.10 39.05 -45.02
CA TYR W 38 -59.86 39.43 -46.20
C TYR W 38 -61.22 40.05 -45.86
N ASP W 39 -61.99 39.45 -44.96
CA ASP W 39 -63.34 39.93 -44.66
C ASP W 39 -63.58 39.91 -43.17
N ILE W 40 -64.38 40.86 -42.70
CA ILE W 40 -64.66 41.05 -41.29
C ILE W 40 -66.14 40.79 -41.03
N TYR W 41 -66.44 40.11 -39.92
CA TYR W 41 -67.80 39.83 -39.49
C TYR W 41 -67.96 40.38 -38.08
N ILE W 42 -68.93 41.28 -37.89
CA ILE W 42 -69.15 41.94 -36.62
C ILE W 42 -70.34 41.27 -35.94
N TYR W 43 -70.08 40.56 -34.84
CA TYR W 43 -71.13 40.01 -34.01
C TYR W 43 -71.33 40.77 -32.71
N GLY W 44 -70.44 41.72 -32.38
CA GLY W 44 -70.56 42.51 -31.19
C GLY W 44 -70.87 43.96 -31.48
N HIS W 45 -70.76 44.79 -30.44
CA HIS W 45 -70.92 46.24 -30.56
C HIS W 45 -69.52 46.82 -30.73
N VAL W 46 -69.15 47.13 -31.97
CA VAL W 46 -67.79 47.51 -32.31
C VAL W 46 -67.83 48.84 -33.03
N ASN W 47 -67.23 49.86 -32.42
CA ASN W 47 -67.13 51.17 -33.04
C ASN W 47 -66.01 51.16 -34.07
N ILE W 48 -66.28 51.73 -35.24
CA ILE W 48 -65.30 51.84 -36.32
C ILE W 48 -64.97 53.31 -36.48
N THR W 49 -63.70 53.61 -36.75
CA THR W 49 -63.23 54.97 -36.94
C THR W 49 -63.09 55.30 -38.42
N SER W 50 -63.35 56.56 -38.76
CA SER W 50 -63.19 57.00 -40.14
C SER W 50 -61.74 56.87 -40.60
N GLN W 51 -60.79 56.89 -39.68
CA GLN W 51 -59.39 56.65 -40.05
C GLN W 51 -59.21 55.19 -40.48
N ALA W 52 -59.86 54.26 -39.80
CA ALA W 52 -59.78 52.86 -40.16
C ALA W 52 -60.66 52.55 -41.37
N LEU W 53 -61.93 52.92 -41.29
CA LEU W 53 -62.89 52.58 -42.35
C LEU W 53 -62.37 53.02 -43.72
N HIS W 54 -61.82 54.23 -43.80
CA HIS W 54 -61.29 54.69 -45.08
C HIS W 54 -60.08 53.90 -45.53
N TYR W 55 -59.36 53.29 -44.59
CA TYR W 55 -58.28 52.37 -44.95
C TYR W 55 -58.81 50.97 -45.19
N ILE W 56 -59.78 50.52 -44.39
CA ILE W 56 -60.33 49.18 -44.58
C ILE W 56 -60.87 49.03 -46.00
N ALA W 57 -61.65 50.02 -46.46
CA ALA W 57 -62.11 50.01 -47.83
C ALA W 57 -60.95 50.15 -48.81
N GLN W 58 -59.95 50.94 -48.45
CA GLN W 58 -58.80 51.13 -49.32
C GLN W 58 -58.07 49.82 -49.58
N LYS W 59 -58.08 48.90 -48.61
CA LYS W 59 -57.46 47.59 -48.80
C LYS W 59 -58.44 46.54 -49.32
N GLY W 60 -59.72 46.88 -49.45
CA GLY W 60 -60.67 45.98 -50.08
C GLY W 60 -61.30 44.94 -49.19
N ILE W 61 -61.39 45.20 -47.89
CA ILE W 61 -62.01 44.27 -46.95
C ILE W 61 -63.47 44.67 -46.75
N LEU W 62 -64.34 43.67 -46.68
CA LEU W 62 -65.75 43.89 -46.37
C LEU W 62 -65.98 43.75 -44.87
N ILE W 63 -66.95 44.51 -44.36
CA ILE W 63 -67.36 44.42 -42.97
C ILE W 63 -68.82 44.00 -42.95
N HIS W 64 -69.07 42.74 -42.57
CA HIS W 64 -70.42 42.20 -42.45
C HIS W 64 -70.87 42.32 -41.00
N PHE W 65 -71.97 43.02 -40.79
CA PHE W 65 -72.55 43.16 -39.45
C PHE W 65 -73.61 42.08 -39.23
N PHE W 66 -74.02 41.94 -37.97
CA PHE W 66 -74.97 40.90 -37.59
C PHE W 66 -75.89 41.41 -36.49
N ASN W 67 -76.97 40.66 -36.28
CA ASN W 67 -77.94 40.95 -35.22
C ASN W 67 -77.47 40.34 -33.90
N HIS W 68 -78.26 40.56 -32.85
CA HIS W 68 -78.05 39.83 -31.61
C HIS W 68 -78.27 38.34 -31.81
N TYR W 69 -79.09 37.97 -32.79
CA TYR W 69 -79.56 36.61 -32.98
C TYR W 69 -78.67 35.80 -33.91
N GLY W 70 -77.51 36.32 -34.27
CA GLY W 70 -76.71 35.73 -35.32
C GLY W 70 -77.20 36.06 -36.72
N TYR W 71 -78.23 36.90 -36.84
CA TYR W 71 -78.84 37.15 -38.13
C TYR W 71 -78.09 38.22 -38.89
N TYR W 72 -77.90 37.98 -40.19
CA TYR W 72 -77.21 38.92 -41.06
C TYR W 72 -77.91 40.27 -41.02
N ASP W 73 -77.13 41.33 -40.74
CA ASP W 73 -77.69 42.67 -40.64
C ASP W 73 -77.41 43.52 -41.86
N GLY W 74 -76.12 43.72 -42.19
CA GLY W 74 -75.75 44.58 -43.30
C GLY W 74 -74.40 44.22 -43.88
N THR W 75 -73.90 45.06 -44.79
CA THR W 75 -72.60 44.85 -45.40
C THR W 75 -72.01 46.19 -45.80
N PHE W 76 -70.72 46.36 -45.51
CA PHE W 76 -69.96 47.52 -45.96
C PHE W 76 -69.25 47.13 -47.25
N TYR W 77 -69.76 47.61 -48.38
CA TYR W 77 -69.23 47.24 -49.69
C TYR W 77 -68.22 48.28 -50.15
N PRO W 78 -66.91 47.98 -50.15
CA PRO W 78 -65.94 48.97 -50.60
C PRO W 78 -66.03 49.20 -52.11
N ARG W 79 -65.19 50.10 -52.61
CA ARG W 79 -65.15 50.36 -54.04
C ARG W 79 -64.48 49.19 -54.76
N GLU W 80 -64.89 48.98 -56.02
CA GLU W 80 -64.57 47.75 -56.72
C GLU W 80 -63.18 47.86 -57.35
N THR W 81 -62.23 47.09 -56.79
CA THR W 81 -60.88 47.07 -57.33
C THR W 81 -60.84 46.34 -58.66
N LEU W 82 -61.34 45.10 -58.68
CA LEU W 82 -61.41 44.29 -59.89
C LEU W 82 -62.79 44.45 -60.51
N LEU W 83 -62.84 44.81 -61.79
CA LEU W 83 -64.11 45.06 -62.43
C LEU W 83 -63.97 44.92 -63.94
N SER W 84 -65.11 44.81 -64.61
CA SER W 84 -65.19 44.78 -66.06
C SER W 84 -66.64 45.00 -66.46
N GLY W 85 -66.84 45.57 -67.64
CA GLY W 85 -68.18 45.84 -68.12
C GLY W 85 -68.65 44.81 -69.14
N ASP W 86 -67.69 44.22 -69.86
CA ASP W 86 -68.04 43.22 -70.86
C ASP W 86 -68.60 41.96 -70.23
N LEU W 87 -68.29 41.68 -68.97
CA LEU W 87 -68.92 40.56 -68.28
C LEU W 87 -70.29 40.95 -67.76
N ILE W 88 -70.42 42.15 -67.19
CA ILE W 88 -71.70 42.60 -66.67
C ILE W 88 -72.73 42.67 -67.79
N ILE W 89 -72.33 43.17 -68.96
CA ILE W 89 -73.23 43.17 -70.11
C ILE W 89 -73.73 41.75 -70.39
N LYS W 90 -72.80 40.78 -70.39
CA LYS W 90 -73.20 39.39 -70.57
C LYS W 90 -74.13 38.94 -69.45
N GLN W 91 -73.83 39.33 -68.21
CA GLN W 91 -74.74 39.02 -67.11
C GLN W 91 -76.13 39.54 -67.39
N ALA W 92 -76.23 40.78 -67.88
CA ALA W 92 -77.54 41.32 -68.25
C ALA W 92 -78.15 40.52 -69.39
N GLU W 93 -77.38 40.31 -70.46
CA GLU W 93 -77.91 39.57 -71.61
C GLU W 93 -78.45 38.21 -71.18
N HIS W 94 -77.80 37.57 -70.21
CA HIS W 94 -78.29 36.31 -69.68
C HIS W 94 -79.46 36.50 -68.72
N TYR W 95 -79.91 37.72 -68.49
CA TYR W 95 -81.08 38.00 -67.67
C TYR W 95 -82.27 38.49 -68.48
N LEU W 96 -82.07 39.50 -69.33
CA LEU W 96 -83.19 40.10 -70.05
C LEU W 96 -83.87 39.09 -70.98
N ASP W 97 -83.09 38.48 -71.87
CA ASP W 97 -83.65 37.46 -72.76
C ASP W 97 -84.17 36.29 -71.94
N LYS W 98 -85.44 35.95 -72.16
CA LYS W 98 -86.16 35.06 -71.27
C LYS W 98 -85.53 33.69 -71.11
N ASN W 99 -84.51 33.36 -71.89
CA ASN W 99 -83.85 32.06 -71.82
C ASN W 99 -82.36 32.24 -71.59
N LYS W 100 -81.68 31.12 -71.36
CA LYS W 100 -80.30 31.03 -70.91
C LYS W 100 -80.21 31.42 -69.44
N ARG W 101 -81.22 32.15 -68.98
CA ARG W 101 -81.52 32.30 -67.57
C ARG W 101 -82.30 31.09 -67.10
N LEU W 102 -83.29 30.69 -67.90
CA LEU W 102 -84.10 29.54 -67.52
C LEU W 102 -83.21 28.31 -67.37
N PHE W 103 -82.19 28.16 -68.21
CA PHE W 103 -81.21 27.09 -68.01
C PHE W 103 -80.39 27.36 -66.76
N LEU W 104 -79.89 28.59 -66.60
CA LEU W 104 -79.06 28.90 -65.44
C LEU W 104 -79.84 28.77 -64.14
N ALA W 105 -81.01 29.42 -64.08
CA ALA W 105 -81.85 29.32 -62.89
C ALA W 105 -82.17 27.87 -62.57
N LYS W 106 -82.56 27.09 -63.59
CA LYS W 106 -82.79 25.67 -63.36
C LYS W 106 -81.51 24.95 -62.98
N SER W 107 -80.38 25.41 -63.49
CA SER W 107 -79.10 24.80 -63.11
C SER W 107 -78.77 25.08 -61.65
N PHE W 108 -79.11 26.28 -61.17
CA PHE W 108 -78.87 26.60 -59.76
C PHE W 108 -79.65 25.67 -58.86
N VAL W 109 -80.90 25.35 -59.22
CA VAL W 109 -81.69 24.40 -58.43
C VAL W 109 -81.24 22.98 -58.70
N VAL W 110 -80.99 22.65 -59.97
CA VAL W 110 -80.59 21.29 -60.34
C VAL W 110 -79.29 20.92 -59.64
N GLY W 111 -78.37 21.88 -59.54
CA GLY W 111 -77.17 21.68 -58.75
C GLY W 111 -77.46 21.86 -57.28
N GLY W 112 -78.28 22.85 -56.95
CA GLY W 112 -78.64 23.13 -55.58
C GLY W 112 -79.10 21.91 -54.81
N ALA W 113 -80.23 21.33 -55.23
CA ALA W 113 -80.74 20.12 -54.58
C ALA W 113 -80.26 18.86 -55.34
N LYS W 114 -78.95 18.79 -55.46
CA LYS W 114 -78.20 17.62 -55.88
C LYS W 114 -77.18 17.22 -54.82
N ASN W 115 -76.54 18.22 -54.21
CA ASN W 115 -75.84 18.00 -52.95
C ASN W 115 -76.79 17.47 -51.89
N MET W 116 -77.99 18.04 -51.81
CA MET W 116 -79.00 17.54 -50.88
C MET W 116 -79.12 16.03 -50.97
N GLU W 117 -79.26 15.50 -52.19
CA GLU W 117 -79.30 14.05 -52.39
C GLU W 117 -77.97 13.42 -51.99
N LYS W 118 -76.87 13.90 -52.57
CA LYS W 118 -75.54 13.42 -52.21
C LYS W 118 -75.22 13.70 -50.74
N ASN W 119 -76.06 14.47 -50.05
CA ASN W 119 -75.90 14.71 -48.62
C ASN W 119 -76.65 13.65 -47.81
N LEU W 120 -77.96 13.52 -48.05
CA LEU W 120 -78.71 12.43 -47.46
C LEU W 120 -78.04 11.08 -47.69
N LYS W 121 -77.30 10.95 -48.80
CA LYS W 121 -76.64 9.69 -49.11
C LYS W 121 -75.53 9.40 -48.11
N ASN W 122 -74.76 10.42 -47.71
CA ASN W 122 -73.69 10.20 -46.74
C ASN W 122 -74.26 9.73 -45.40
N TRP W 123 -75.48 10.15 -45.07
CA TRP W 123 -76.09 9.86 -43.78
C TRP W 123 -76.99 8.63 -43.83
N GLY W 124 -77.18 8.02 -45.00
CA GLY W 124 -78.00 6.84 -45.12
C GLY W 124 -79.48 7.09 -45.26
N ILE W 125 -79.94 8.34 -45.11
CA ILE W 125 -81.36 8.62 -45.30
C ILE W 125 -81.75 8.26 -46.72
N SER W 126 -82.82 7.46 -46.86
CA SER W 126 -83.26 6.96 -48.15
C SER W 126 -84.36 7.87 -48.69
N SER W 127 -83.97 8.81 -49.53
CA SER W 127 -84.90 9.62 -50.30
C SER W 127 -84.18 10.04 -51.57
N ASP W 128 -84.77 9.76 -52.72
CA ASP W 128 -84.18 10.10 -54.01
C ASP W 128 -85.03 11.19 -54.68
N PHE W 129 -84.36 12.23 -55.16
CA PHE W 129 -85.01 13.39 -55.75
C PHE W 129 -85.19 13.26 -57.25
N SER W 130 -84.73 12.16 -57.85
CA SER W 130 -84.81 12.00 -59.31
C SER W 130 -86.24 12.18 -59.81
N ASN W 131 -87.22 11.67 -59.06
CA ASN W 131 -88.61 11.84 -59.46
C ASN W 131 -89.01 13.31 -59.47
N HIS W 132 -88.46 14.10 -58.55
CA HIS W 132 -88.83 15.51 -58.45
C HIS W 132 -88.10 16.37 -59.47
N LEU W 133 -86.88 15.97 -59.85
CA LEU W 133 -86.08 16.80 -60.75
C LEU W 133 -86.79 17.12 -62.05
N LYS W 134 -87.66 16.21 -62.52
CA LYS W 134 -88.32 16.41 -63.81
C LYS W 134 -89.29 17.58 -63.77
N GLU W 135 -89.88 17.88 -62.61
CA GLU W 135 -90.87 18.93 -62.53
C GLU W 135 -90.32 20.30 -62.88
N LEU W 136 -89.00 20.46 -62.97
CA LEU W 136 -88.41 21.78 -63.12
C LEU W 136 -88.36 22.21 -64.59
N GLN W 137 -87.90 21.33 -65.48
CA GLN W 137 -87.46 21.74 -66.81
C GLN W 137 -88.55 22.42 -67.64
N GLY W 138 -89.79 22.44 -67.18
CA GLY W 138 -90.84 23.09 -67.93
C GLY W 138 -91.12 24.52 -67.47
N ALA W 139 -90.97 24.76 -66.18
CA ALA W 139 -91.27 26.06 -65.59
C ALA W 139 -90.60 27.19 -66.38
N LYS W 140 -91.41 28.20 -66.73
CA LYS W 140 -90.91 29.30 -67.54
C LYS W 140 -90.25 30.39 -66.71
N LYS W 141 -91.02 31.05 -65.84
CA LYS W 141 -90.58 32.27 -65.16
C LYS W 141 -90.31 32.01 -63.68
N VAL W 142 -90.12 33.09 -62.94
CA VAL W 142 -89.65 32.99 -61.55
C VAL W 142 -90.59 32.12 -60.72
N THR W 143 -91.90 32.30 -60.88
CA THR W 143 -92.84 31.77 -59.89
C THR W 143 -92.76 30.25 -59.79
N GLU W 144 -92.66 29.55 -60.92
CA GLU W 144 -92.76 28.10 -60.89
C GLU W 144 -91.48 27.46 -60.35
N ILE W 145 -90.31 27.96 -60.77
CA ILE W 145 -89.06 27.42 -60.24
C ILE W 145 -89.04 27.54 -58.73
N MET W 146 -89.65 28.60 -58.19
CA MET W 146 -89.71 28.77 -56.74
C MET W 146 -90.71 27.80 -56.11
N ASN W 147 -91.98 27.87 -56.52
CA ASN W 147 -92.99 26.97 -55.99
C ASN W 147 -92.52 25.52 -56.04
N VAL W 148 -91.71 25.16 -57.03
CA VAL W 148 -91.06 23.85 -57.04
C VAL W 148 -89.95 23.81 -55.99
N GLU W 149 -89.16 24.88 -55.89
CA GLU W 149 -88.06 24.91 -54.95
C GLU W 149 -88.55 24.82 -53.51
N GLY W 150 -89.76 25.29 -53.24
CA GLY W 150 -90.33 25.14 -51.91
C GLY W 150 -90.61 23.69 -51.61
N ARG W 151 -91.40 23.06 -52.47
CA ARG W 151 -91.58 21.61 -52.40
C ARG W 151 -90.25 20.89 -52.23
N ILE W 152 -89.25 21.28 -53.02
CA ILE W 152 -87.94 20.63 -52.97
C ILE W 152 -87.28 20.86 -51.62
N ARG W 153 -87.28 22.12 -51.15
CA ARG W 153 -86.51 22.46 -49.96
C ARG W 153 -87.12 21.86 -48.70
N GLN W 154 -88.45 21.95 -48.56
CA GLN W 154 -89.09 21.49 -47.33
C GLN W 154 -89.10 19.97 -47.23
N GLU W 155 -88.91 19.25 -48.35
CA GLU W 155 -88.88 17.79 -48.28
C GLU W 155 -87.55 17.29 -47.75
N TYR W 156 -86.44 17.95 -48.13
CA TYR W 156 -85.14 17.60 -47.56
C TYR W 156 -85.17 17.72 -46.04
N TYR W 157 -85.58 18.88 -45.54
CA TYR W 157 -85.69 19.07 -44.09
C TYR W 157 -86.65 18.06 -43.48
N ALA W 158 -87.83 17.90 -44.10
CA ALA W 158 -88.81 16.98 -43.57
C ALA W 158 -88.24 15.58 -43.43
N ARG W 159 -87.54 15.11 -44.46
CA ARG W 159 -86.90 13.79 -44.42
C ARG W 159 -85.53 13.82 -43.76
N TRP W 160 -85.05 14.99 -43.34
CA TRP W 160 -83.82 15.04 -42.57
C TRP W 160 -84.04 14.69 -41.10
N ASP W 161 -85.21 15.02 -40.54
CA ASP W 161 -85.40 14.88 -39.11
C ASP W 161 -85.53 13.42 -38.72
N GLU W 162 -84.55 12.61 -39.07
CA GLU W 162 -84.50 11.21 -38.68
C GLU W 162 -83.22 10.87 -37.94
N SER W 163 -82.07 11.23 -38.48
CA SER W 163 -80.80 10.83 -37.89
C SER W 163 -80.51 11.61 -36.61
N LEU W 164 -81.02 12.82 -36.50
CA LEU W 164 -80.78 13.66 -35.35
C LEU W 164 -81.87 13.50 -34.31
N PRO W 165 -81.54 13.66 -33.02
CA PRO W 165 -82.53 13.36 -31.98
C PRO W 165 -83.71 14.32 -32.00
N GLY W 166 -84.82 13.84 -31.41
CA GLY W 166 -86.05 14.62 -31.42
C GLY W 166 -85.89 16.02 -30.86
N GLU W 167 -84.94 16.21 -29.94
CA GLU W 167 -84.67 17.54 -29.40
C GLU W 167 -84.50 18.58 -30.50
N PHE W 168 -84.01 18.15 -31.67
CA PHE W 168 -83.62 19.06 -32.74
C PHE W 168 -84.57 18.98 -33.94
N ARG W 169 -85.81 18.56 -33.72
CA ARG W 169 -86.77 18.46 -34.83
C ARG W 169 -86.92 19.80 -35.53
N ILE W 170 -86.81 19.79 -36.86
CA ILE W 170 -87.15 20.94 -37.68
C ILE W 170 -88.45 20.61 -38.41
N GLY W 171 -89.58 20.97 -37.79
CA GLY W 171 -90.87 20.68 -38.41
C GLY W 171 -91.15 21.61 -39.59
N LYS W 172 -90.97 22.91 -39.38
CA LYS W 172 -91.18 23.91 -40.41
C LYS W 172 -90.02 24.89 -40.40
N ARG W 173 -89.37 25.07 -41.55
CA ARG W 173 -88.39 26.14 -41.68
C ARG W 173 -89.07 27.47 -41.41
N THR W 174 -88.64 28.16 -40.36
CA THR W 174 -89.17 29.46 -39.97
C THR W 174 -87.98 30.42 -39.95
N ARG W 175 -87.71 31.03 -41.11
CA ARG W 175 -86.47 31.78 -41.31
C ARG W 175 -86.22 32.76 -40.18
N ARG W 176 -87.19 33.67 -39.94
CA ARG W 176 -87.13 34.53 -38.75
C ARG W 176 -88.16 34.04 -37.75
N PRO W 177 -88.25 34.63 -36.57
CA PRO W 177 -87.73 33.94 -35.40
C PRO W 177 -87.88 32.43 -35.57
N PRO W 178 -86.77 31.69 -35.50
CA PRO W 178 -86.87 30.23 -35.51
C PRO W 178 -87.60 29.76 -34.27
N LYS W 179 -88.55 28.85 -34.46
CA LYS W 179 -89.47 28.47 -33.39
C LYS W 179 -88.91 27.36 -32.50
N ASN W 180 -88.49 26.26 -33.11
CA ASN W 180 -87.94 25.13 -32.40
C ASN W 180 -86.41 25.17 -32.45
N GLU W 181 -85.77 24.19 -31.83
CA GLU W 181 -84.33 24.08 -31.94
C GLU W 181 -83.94 23.45 -33.28
N MET W 182 -82.71 23.74 -33.72
CA MET W 182 -82.17 23.29 -34.99
C MET W 182 -82.80 24.05 -36.14
N ASN W 183 -83.86 24.79 -35.87
CA ASN W 183 -84.27 25.88 -36.74
C ASN W 183 -83.35 27.07 -36.52
N ALA W 184 -82.88 27.23 -35.29
CA ALA W 184 -81.67 27.99 -35.01
C ALA W 184 -80.45 27.21 -35.46
N LEU W 185 -79.32 27.91 -35.57
CA LEU W 185 -78.04 27.35 -36.06
C LEU W 185 -78.12 27.09 -37.55
N ILE W 186 -79.34 27.07 -38.07
CA ILE W 186 -79.65 27.31 -39.48
C ILE W 186 -80.26 28.70 -39.50
N SER W 187 -80.14 29.38 -40.64
CA SER W 187 -80.41 30.81 -40.74
C SER W 187 -79.36 31.62 -39.98
N PHE W 188 -78.37 30.96 -39.38
CA PHE W 188 -77.20 31.58 -38.80
C PHE W 188 -75.93 31.13 -39.50
N LEU W 189 -75.70 29.82 -39.62
CA LEU W 189 -74.71 29.31 -40.56
C LEU W 189 -75.05 29.77 -41.97
N ASN W 190 -76.34 29.84 -42.30
CA ASN W 190 -76.76 30.39 -43.58
C ASN W 190 -76.33 31.84 -43.71
N SER W 191 -76.45 32.61 -42.62
CA SER W 191 -76.08 34.03 -42.67
C SER W 191 -74.60 34.19 -42.95
N ARG W 192 -73.75 33.44 -42.23
CA ARG W 192 -72.31 33.50 -42.50
C ARG W 192 -72.00 33.02 -43.91
N LEU W 193 -72.62 31.91 -44.33
CA LEU W 193 -72.43 31.42 -45.69
C LEU W 193 -72.85 32.46 -46.71
N TYR W 194 -73.96 33.16 -46.43
CA TYR W 194 -74.36 34.29 -47.27
C TYR W 194 -73.28 35.36 -47.30
N ALA W 195 -72.82 35.77 -46.13
CA ALA W 195 -71.76 36.77 -46.04
C ALA W 195 -70.52 36.33 -46.81
N THR W 196 -69.94 35.18 -46.43
CA THR W 196 -68.82 34.63 -47.18
C THR W 196 -69.12 34.58 -48.66
N MET W 197 -70.38 34.35 -49.03
CA MET W 197 -70.76 34.36 -50.43
C MET W 197 -70.49 35.72 -51.06
N ILE W 198 -70.98 36.79 -50.43
CA ILE W 198 -70.79 38.13 -51.00
C ILE W 198 -69.31 38.48 -51.05
N SER W 199 -68.51 37.90 -50.15
CA SER W 199 -67.08 38.19 -50.15
C SER W 199 -66.39 37.50 -51.32
N GLU W 200 -66.58 36.19 -51.47
CA GLU W 200 -66.01 35.47 -52.61
C GLU W 200 -66.58 35.97 -53.93
N ILE W 201 -67.73 36.65 -53.90
CA ILE W 201 -68.24 37.31 -55.09
C ILE W 201 -67.47 38.61 -55.35
N TYR W 202 -67.26 39.40 -54.29
CA TYR W 202 -66.60 40.70 -54.46
C TYR W 202 -65.28 40.57 -55.21
N ASN W 203 -64.55 39.49 -54.98
CA ASN W 203 -63.22 39.34 -55.56
C ASN W 203 -63.24 39.03 -57.05
N THR W 204 -64.42 38.79 -57.62
CA THR W 204 -64.54 38.48 -59.04
C THR W 204 -64.94 39.73 -59.81
N GLN W 205 -65.18 39.57 -61.11
CA GLN W 205 -65.68 40.64 -61.96
C GLN W 205 -67.21 40.66 -62.01
N LEU W 206 -67.87 39.67 -61.44
CA LEU W 206 -69.33 39.59 -61.50
C LEU W 206 -69.95 40.73 -60.71
N ALA W 207 -70.96 41.36 -61.29
CA ALA W 207 -71.76 42.33 -60.55
C ALA W 207 -72.73 41.59 -59.64
N PRO W 208 -72.71 41.83 -58.33
CA PRO W 208 -73.51 40.99 -57.42
C PRO W 208 -75.00 41.27 -57.48
N THR W 209 -75.42 42.36 -58.10
CA THR W 209 -76.81 42.80 -58.07
C THR W 209 -77.66 42.22 -59.19
N ILE W 210 -77.07 41.48 -60.12
CA ILE W 210 -77.80 40.83 -61.21
C ILE W 210 -77.82 39.34 -60.90
N SER W 211 -79.02 38.81 -60.67
CA SER W 211 -79.23 37.40 -60.35
C SER W 211 -80.23 36.80 -61.33
N TYR W 212 -80.35 35.47 -61.28
CA TYR W 212 -81.24 34.75 -62.20
C TYR W 212 -82.38 34.05 -61.46
N LEU W 213 -82.07 33.14 -60.52
CA LEU W 213 -83.11 32.45 -59.79
C LEU W 213 -83.89 33.40 -58.89
N HIS W 214 -83.23 34.45 -58.41
CA HIS W 214 -83.81 35.43 -57.51
C HIS W 214 -83.98 36.76 -58.21
N GLU W 215 -85.14 37.39 -58.01
CA GLU W 215 -85.40 38.67 -58.65
C GLU W 215 -84.38 39.69 -58.18
N PRO W 216 -83.83 40.50 -59.07
CA PRO W 216 -82.71 41.37 -58.71
C PRO W 216 -83.15 42.64 -58.00
N SER W 217 -82.17 43.44 -57.62
CA SER W 217 -82.33 44.76 -57.02
C SER W 217 -80.94 45.36 -56.87
N GLU W 218 -80.86 46.69 -56.94
CA GLU W 218 -79.55 47.33 -56.87
C GLU W 218 -79.08 47.58 -55.44
N ARG W 219 -79.91 47.32 -54.44
CA ARG W 219 -79.55 47.55 -53.06
C ARG W 219 -79.21 46.28 -52.29
N ARG W 220 -79.37 45.11 -52.90
CA ARG W 220 -79.06 43.84 -52.22
C ARG W 220 -78.37 42.89 -53.18
N PHE W 221 -77.32 42.23 -52.68
CA PHE W 221 -76.62 41.23 -53.46
C PHE W 221 -77.51 39.99 -53.61
N SER W 222 -78.05 39.79 -54.81
CA SER W 222 -78.92 38.66 -55.08
C SER W 222 -78.19 37.48 -55.71
N LEU W 223 -76.95 37.66 -56.17
CA LEU W 223 -76.19 36.54 -56.70
C LEU W 223 -75.64 35.68 -55.56
N ALA W 224 -75.23 36.30 -54.46
CA ALA W 224 -74.90 35.54 -53.26
C ALA W 224 -76.08 34.70 -52.81
N LEU W 225 -77.29 35.28 -52.82
CA LEU W 225 -78.49 34.50 -52.55
C LEU W 225 -78.61 33.35 -53.53
N ASP W 226 -78.44 33.63 -54.82
CA ASP W 226 -78.58 32.60 -55.84
C ASP W 226 -77.54 31.51 -55.66
N LEU W 227 -76.27 31.88 -55.49
CA LEU W 227 -75.23 30.88 -55.34
C LEU W 227 -75.42 30.07 -54.07
N SER W 228 -75.85 30.72 -52.98
CA SER W 228 -75.99 30.02 -51.71
C SER W 228 -76.88 28.79 -51.82
N GLU W 229 -77.88 28.83 -52.71
CA GLU W 229 -78.73 27.67 -52.92
C GLU W 229 -77.91 26.41 -53.17
N ILE W 230 -76.69 26.56 -53.68
CA ILE W 230 -75.83 25.41 -53.97
C ILE W 230 -75.04 25.00 -52.73
N PHE W 231 -74.58 25.95 -51.92
CA PHE W 231 -73.64 25.65 -50.85
C PHE W 231 -74.27 25.43 -49.49
N LYS W 232 -75.51 25.89 -49.27
CA LYS W 232 -76.17 25.61 -47.99
C LYS W 232 -76.02 24.16 -47.57
N PRO W 233 -76.36 23.16 -48.40
CA PRO W 233 -76.23 21.77 -47.97
C PRO W 233 -74.80 21.27 -47.94
N ILE W 234 -73.87 21.93 -48.65
CA ILE W 234 -72.48 21.49 -48.61
C ILE W 234 -71.82 21.90 -47.30
N ILE W 235 -72.13 23.10 -46.81
CA ILE W 235 -71.43 23.68 -45.66
C ILE W 235 -72.36 23.78 -44.44
N ALA W 236 -73.44 24.55 -44.55
CA ALA W 236 -74.27 24.86 -43.39
C ALA W 236 -74.85 23.59 -42.77
N ASP W 237 -75.71 22.89 -43.53
CA ASP W 237 -76.34 21.69 -43.01
C ASP W 237 -75.30 20.65 -42.59
N ARG W 238 -74.24 20.51 -43.39
CA ARG W 238 -73.22 19.52 -43.06
C ARG W 238 -72.53 19.86 -41.74
N ILE W 239 -72.30 21.14 -41.48
CA ILE W 239 -71.71 21.55 -40.21
C ILE W 239 -72.71 21.33 -39.07
N ALA W 240 -73.87 21.99 -39.16
CA ALA W 240 -74.89 21.84 -38.14
C ALA W 240 -75.20 20.38 -37.86
N ASN W 241 -74.99 19.50 -38.85
CA ASN W 241 -75.18 18.08 -38.62
C ASN W 241 -74.05 17.50 -37.78
N ARG W 242 -72.82 17.58 -38.27
CA ARG W 242 -71.68 17.03 -37.54
C ARG W 242 -71.38 17.81 -36.27
N LEU W 243 -72.07 18.92 -36.02
CA LEU W 243 -72.01 19.60 -34.73
C LEU W 243 -73.04 19.02 -33.76
N VAL W 244 -74.26 18.77 -34.23
CA VAL W 244 -75.29 18.21 -33.36
C VAL W 244 -75.03 16.73 -33.10
N LYS W 245 -74.38 16.05 -34.04
CA LYS W 245 -74.15 14.62 -33.88
C LYS W 245 -73.06 14.36 -32.84
N LYS W 246 -71.86 14.88 -33.06
CA LYS W 246 -70.76 14.65 -32.13
C LYS W 246 -71.11 15.09 -30.71
N GLY W 247 -72.17 15.87 -30.53
CA GLY W 247 -72.58 16.28 -29.21
C GLY W 247 -71.90 17.52 -28.69
N ILE W 248 -71.43 18.39 -29.58
CA ILE W 248 -70.68 19.57 -29.17
C ILE W 248 -71.56 20.70 -28.67
N ILE W 249 -72.87 20.63 -28.90
CA ILE W 249 -73.81 21.64 -28.44
C ILE W 249 -74.98 20.96 -27.76
N LYS W 250 -75.36 21.48 -26.59
CA LYS W 250 -76.45 20.91 -25.80
C LYS W 250 -77.41 22.01 -25.36
N LYS W 251 -78.35 21.67 -24.47
CA LYS W 251 -79.34 22.64 -24.01
C LYS W 251 -78.70 23.85 -23.34
N ASP W 252 -77.48 23.71 -22.81
CA ASP W 252 -76.82 24.85 -22.19
C ASP W 252 -76.41 25.90 -23.22
N HIS W 253 -76.16 25.48 -24.45
CA HIS W 253 -75.74 26.43 -25.48
C HIS W 253 -76.92 27.16 -26.10
N PHE W 254 -78.10 26.54 -26.10
CA PHE W 254 -79.29 27.16 -26.65
C PHE W 254 -80.02 27.94 -25.56
N ARG W 255 -80.36 29.18 -25.85
CA ARG W 255 -81.17 30.03 -24.98
C ARG W 255 -82.47 30.36 -25.72
N GLU W 256 -83.27 31.25 -25.13
CA GLU W 256 -84.57 31.58 -25.69
C GLU W 256 -85.07 32.87 -25.06
N ASP W 257 -85.77 33.66 -25.86
CA ASP W 257 -86.50 34.83 -25.40
C ASP W 257 -87.99 34.57 -25.59
N LEU W 258 -88.81 35.58 -25.29
CA LEU W 258 -90.25 35.38 -25.41
C LEU W 258 -90.73 35.38 -26.85
N ASN W 259 -89.90 35.80 -27.80
CA ASN W 259 -90.27 35.77 -29.22
C ASN W 259 -89.80 34.49 -29.90
N GLY W 260 -88.49 34.26 -29.94
CA GLY W 260 -87.93 33.14 -30.65
C GLY W 260 -86.73 32.53 -29.95
N VAL W 261 -85.81 31.95 -30.73
CA VAL W 261 -84.59 31.36 -30.19
C VAL W 261 -83.41 32.19 -30.66
N LEU W 262 -82.27 31.97 -29.99
CA LEU W 262 -80.99 32.57 -30.35
C LEU W 262 -79.93 31.87 -29.51
N LEU W 263 -78.66 32.09 -29.87
CA LEU W 263 -77.58 31.35 -29.24
C LEU W 263 -76.88 32.17 -28.17
N THR W 264 -75.91 31.56 -27.50
CA THR W 264 -75.04 32.24 -26.55
C THR W 264 -73.65 32.42 -27.16
N ASP W 265 -72.90 33.37 -26.60
CA ASP W 265 -71.56 33.64 -27.11
C ASP W 265 -70.73 32.36 -27.17
N GLU W 266 -70.97 31.41 -26.26
CA GLU W 266 -70.27 30.13 -26.33
C GLU W 266 -70.74 29.31 -27.52
N GLY W 267 -72.07 29.23 -27.71
CA GLY W 267 -72.58 28.52 -28.87
C GLY W 267 -72.19 29.19 -30.18
N MET W 268 -72.31 30.52 -30.24
CA MET W 268 -71.91 31.24 -31.44
C MET W 268 -70.43 31.07 -31.73
N LYS W 269 -69.60 31.05 -30.68
CA LYS W 269 -68.17 30.90 -30.88
C LYS W 269 -67.81 29.49 -31.31
N ILE W 270 -68.48 28.48 -30.76
CA ILE W 270 -68.22 27.11 -31.17
C ILE W 270 -68.72 26.87 -32.60
N VAL W 271 -69.95 27.32 -32.90
CA VAL W 271 -70.45 27.22 -34.27
C VAL W 271 -69.55 27.98 -35.21
N THR W 272 -69.13 29.19 -34.83
CA THR W 272 -68.24 29.97 -35.66
C THR W 272 -66.92 29.24 -35.89
N LYS W 273 -66.32 28.74 -34.82
CA LYS W 273 -65.08 27.98 -34.96
C LYS W 273 -65.28 26.78 -35.89
N ALA W 274 -66.18 25.88 -35.51
CA ALA W 274 -66.49 24.72 -36.35
C ALA W 274 -66.77 25.15 -37.79
N TYR W 275 -67.42 26.30 -37.97
CA TYR W 275 -67.73 26.77 -39.31
C TYR W 275 -66.45 27.10 -40.08
N ASN W 276 -65.66 28.05 -39.58
CA ASN W 276 -64.41 28.39 -40.24
C ASN W 276 -63.42 27.23 -40.22
N GLN W 277 -63.55 26.32 -39.25
CA GLN W 277 -62.74 25.11 -39.26
C GLN W 277 -63.10 24.21 -40.43
N GLU W 278 -64.41 24.08 -40.71
CA GLU W 278 -64.86 23.32 -41.86
C GLU W 278 -64.73 24.09 -43.16
N LEU W 279 -64.73 25.43 -43.10
CA LEU W 279 -64.63 26.25 -44.30
C LEU W 279 -63.20 26.41 -44.79
N GLU W 280 -62.20 26.23 -43.92
CA GLU W 280 -60.81 26.25 -44.30
C GLU W 280 -60.20 24.85 -44.34
N LYS W 281 -61.03 23.83 -44.48
CA LYS W 281 -60.58 22.47 -44.68
C LYS W 281 -60.19 22.25 -46.14
N THR W 282 -59.60 21.09 -46.41
CA THR W 282 -59.04 20.81 -47.72
C THR W 282 -59.93 19.86 -48.52
N VAL W 283 -59.80 19.94 -49.84
CA VAL W 283 -60.51 19.04 -50.75
C VAL W 283 -59.67 18.84 -52.02
N VAL W 292 -55.57 22.89 -52.36
CA VAL W 292 -56.77 23.70 -52.42
C VAL W 292 -57.48 23.66 -51.07
N THR W 293 -58.30 24.68 -50.80
CA THR W 293 -59.12 24.75 -49.60
C THR W 293 -60.59 24.81 -50.00
N ARG W 294 -61.46 24.74 -48.99
CA ARG W 294 -62.89 24.72 -49.27
C ARG W 294 -63.43 26.10 -49.60
N ARG W 295 -62.85 27.16 -49.04
CA ARG W 295 -63.29 28.51 -49.38
C ARG W 295 -63.06 28.79 -50.87
N ARG W 296 -61.93 28.32 -51.42
CA ARG W 296 -61.61 28.61 -52.80
C ARG W 296 -62.68 28.06 -53.74
N LEU W 297 -63.23 26.88 -53.42
CA LEU W 297 -64.34 26.34 -54.19
C LEU W 297 -65.41 27.39 -54.42
N ILE W 298 -65.67 28.23 -53.41
CA ILE W 298 -66.69 29.27 -53.54
C ILE W 298 -66.37 30.17 -54.72
N ARG W 299 -65.10 30.53 -54.88
CA ARG W 299 -64.70 31.30 -56.05
C ARG W 299 -64.83 30.46 -57.33
N LEU W 300 -64.43 29.20 -57.28
CA LEU W 300 -64.49 28.35 -58.46
C LEU W 300 -65.92 28.24 -58.98
N GLU W 301 -66.87 27.93 -58.09
CA GLU W 301 -68.27 27.90 -58.50
C GLU W 301 -68.72 29.26 -59.03
N ALA W 302 -68.06 30.33 -58.58
CA ALA W 302 -68.33 31.65 -59.16
C ALA W 302 -67.62 31.81 -60.50
N TYR W 303 -66.41 31.26 -60.63
CA TYR W 303 -65.73 31.30 -61.92
C TYR W 303 -66.51 30.51 -62.97
N LYS W 304 -66.99 29.32 -62.60
CA LYS W 304 -67.81 28.54 -63.52
C LYS W 304 -68.92 29.38 -64.14
N ILE W 305 -69.46 30.36 -63.41
CA ILE W 305 -70.41 31.28 -64.01
C ILE W 305 -69.73 32.12 -65.08
N ILE W 306 -68.59 32.73 -64.75
CA ILE W 306 -67.84 33.48 -65.75
C ILE W 306 -67.51 32.58 -66.94
N LYS W 307 -67.13 31.33 -66.68
CA LYS W 307 -66.88 30.39 -67.76
C LYS W 307 -68.14 30.14 -68.57
N HIS W 308 -69.31 30.34 -67.98
CA HIS W 308 -70.57 30.20 -68.70
C HIS W 308 -71.00 31.48 -69.39
N LEU W 309 -70.68 32.63 -68.80
CA LEU W 309 -71.12 33.90 -69.38
C LEU W 309 -70.37 34.21 -70.67
N VAL W 310 -69.06 33.95 -70.72
CA VAL W 310 -68.35 34.17 -71.98
C VAL W 310 -68.63 33.00 -72.94
N GLY W 311 -68.81 31.79 -72.40
CA GLY W 311 -68.88 30.60 -73.22
C GLY W 311 -67.58 29.84 -73.23
N VAL W 312 -66.95 29.65 -72.07
CA VAL W 312 -65.86 28.70 -71.95
C VAL W 312 -66.41 27.28 -71.86
N GLU W 313 -67.20 27.03 -70.82
CA GLU W 313 -67.88 25.76 -70.63
C GLU W 313 -69.29 26.03 -70.15
N GLU W 314 -70.23 25.18 -70.59
CA GLU W 314 -71.58 25.23 -70.04
C GLU W 314 -71.53 25.18 -68.53
N TYR W 315 -72.44 25.88 -67.86
CA TYR W 315 -72.43 25.91 -66.42
C TYR W 315 -72.87 24.54 -65.88
N SER W 316 -71.92 23.79 -65.35
CA SER W 316 -72.21 22.56 -64.63
C SER W 316 -72.02 22.83 -63.15
N PRO W 317 -73.05 22.72 -62.31
CA PRO W 317 -72.87 23.05 -60.90
C PRO W 317 -71.98 22.03 -60.18
N LEU W 318 -71.52 22.44 -59.01
CA LEU W 318 -70.70 21.57 -58.18
C LEU W 318 -71.58 20.53 -57.50
N VAL W 319 -71.17 19.26 -57.56
CA VAL W 319 -71.96 18.23 -56.89
C VAL W 319 -71.33 17.84 -55.57
N ALA W 320 -70.23 17.07 -55.62
CA ALA W 320 -69.45 16.74 -54.44
C ALA W 320 -68.36 15.74 -54.82
N TRP W 321 -67.37 15.57 -53.96
CA TRP W 321 -66.38 14.50 -54.13
C TRP W 321 -66.80 13.28 -53.32
N LYS X 4 -85.01 61.80 -49.88
CA LYS X 4 -84.30 62.98 -49.41
C LYS X 4 -83.00 62.58 -48.71
N SER X 5 -81.88 62.69 -49.41
CA SER X 5 -80.60 62.25 -48.88
C SER X 5 -80.03 63.30 -47.93
N LEU X 6 -79.10 62.86 -47.08
CA LEU X 6 -78.48 63.70 -46.07
C LEU X 6 -76.96 63.67 -46.25
N THR X 7 -76.32 64.77 -45.84
CA THR X 7 -74.88 64.94 -46.01
C THR X 7 -74.27 65.44 -44.72
N ILE X 8 -73.22 64.76 -44.26
CA ILE X 8 -72.47 65.14 -43.06
C ILE X 8 -71.07 65.52 -43.49
N PHE X 9 -70.72 66.79 -43.30
CA PHE X 9 -69.38 67.28 -43.63
C PHE X 9 -68.46 67.34 -42.42
N SER X 10 -68.95 67.82 -41.27
CA SER X 10 -68.12 67.94 -40.09
C SER X 10 -67.62 66.56 -39.64
N ASP X 11 -66.46 66.57 -39.00
CA ASP X 11 -65.84 65.34 -38.50
C ASP X 11 -66.37 65.05 -37.11
N GLY X 12 -67.24 64.04 -37.00
CA GLY X 12 -67.83 63.68 -35.74
C GLY X 12 -67.80 62.20 -35.49
N THR X 13 -68.73 61.72 -34.68
CA THR X 13 -68.89 60.30 -34.40
C THR X 13 -70.38 60.00 -34.39
N LEU X 14 -70.84 59.17 -35.32
CA LEU X 14 -72.23 58.74 -35.35
C LEU X 14 -72.43 57.63 -34.32
N LEU X 15 -73.50 57.75 -33.53
CA LEU X 15 -73.78 56.75 -32.51
C LEU X 15 -75.27 56.76 -32.20
N ARG X 16 -75.68 55.74 -31.44
CA ARG X 16 -77.05 55.61 -30.95
C ARG X 16 -76.96 55.43 -29.44
N ARG X 17 -77.26 56.49 -28.68
CA ARG X 17 -77.23 56.39 -27.23
C ARG X 17 -78.34 55.47 -26.73
N GLU X 18 -79.59 55.83 -27.03
CA GLU X 18 -80.72 54.92 -26.80
C GLU X 18 -81.81 55.21 -27.82
N ASN X 19 -81.99 54.28 -28.75
CA ASN X 19 -83.09 54.26 -29.71
C ASN X 19 -83.33 55.64 -30.32
N THR X 20 -82.29 56.17 -30.93
CA THR X 20 -82.36 57.37 -31.77
C THR X 20 -80.96 57.61 -32.32
N LEU X 21 -80.88 58.33 -33.44
CA LEU X 21 -79.59 58.73 -33.98
C LEU X 21 -79.04 59.91 -33.21
N TYR X 22 -77.72 59.89 -32.99
CA TYR X 22 -77.02 60.99 -32.35
C TYR X 22 -75.70 61.21 -33.05
N PHE X 23 -75.44 62.45 -33.45
CA PHE X 23 -74.20 62.82 -34.13
C PHE X 23 -73.28 63.46 -33.10
N GLU X 24 -72.16 62.80 -32.80
CA GLU X 24 -71.18 63.33 -31.86
C GLU X 24 -70.25 64.27 -32.60
N ASN X 25 -70.53 65.57 -32.50
CA ASN X 25 -69.66 66.63 -33.01
C ASN X 25 -68.93 67.23 -31.82
N VAL X 26 -67.67 67.67 -32.05
CA VAL X 26 -66.75 67.99 -30.97
C VAL X 26 -67.51 68.74 -29.88
N ASN X 27 -68.22 69.79 -30.28
CA ASN X 27 -68.82 70.72 -29.34
C ASN X 27 -69.90 70.04 -28.50
N GLY X 28 -70.82 69.33 -29.16
CA GLY X 28 -71.89 68.67 -28.45
C GLY X 28 -72.65 67.75 -29.37
N ARG X 29 -73.40 66.84 -28.75
CA ARG X 29 -74.22 65.90 -29.49
C ARG X 29 -75.47 66.57 -30.03
N LYS X 30 -76.21 65.83 -30.84
CA LYS X 30 -77.44 66.32 -31.45
C LYS X 30 -78.15 65.14 -32.12
N PRO X 31 -79.47 65.04 -32.03
CA PRO X 31 -80.18 64.00 -32.78
C PRO X 31 -80.30 64.35 -34.25
N LEU X 32 -80.52 63.31 -35.05
CA LEU X 32 -80.69 63.45 -36.50
C LEU X 32 -82.09 62.95 -36.86
N ALA X 33 -82.89 63.83 -37.44
CA ALA X 33 -84.23 63.48 -37.90
C ALA X 33 -84.10 62.78 -39.25
N ILE X 34 -84.14 61.44 -39.22
CA ILE X 34 -83.92 60.63 -40.42
C ILE X 34 -85.27 60.12 -40.91
N GLU X 35 -86.34 60.88 -40.64
CA GLU X 35 -87.69 60.44 -40.90
C GLU X 35 -87.86 59.74 -42.25
N GLY X 36 -87.56 60.45 -43.34
CA GLY X 36 -87.82 59.93 -44.67
C GLY X 36 -86.60 59.69 -45.53
N ILE X 37 -85.41 59.83 -44.94
CA ILE X 37 -84.18 59.70 -45.71
C ILE X 37 -84.06 58.29 -46.26
N TYR X 38 -83.47 58.18 -47.45
CA TYR X 38 -83.12 56.90 -48.04
C TYR X 38 -81.63 56.76 -48.34
N ASP X 39 -80.86 57.85 -48.25
CA ASP X 39 -79.43 57.81 -48.49
C ASP X 39 -78.73 58.79 -47.56
N ILE X 40 -77.63 58.35 -46.96
CA ILE X 40 -76.79 59.20 -46.12
C ILE X 40 -75.42 59.27 -46.77
N TYR X 41 -74.90 60.50 -46.92
CA TYR X 41 -73.60 60.73 -47.54
C TYR X 41 -72.65 61.31 -46.50
N ILE X 42 -71.54 60.61 -46.26
CA ILE X 42 -70.54 61.04 -45.30
C ILE X 42 -69.33 61.53 -46.09
N TYR X 43 -69.13 62.85 -46.10
CA TYR X 43 -67.98 63.45 -46.76
C TYR X 43 -66.86 63.84 -45.80
N GLY X 44 -67.09 63.74 -44.49
CA GLY X 44 -66.10 64.03 -43.50
C GLY X 44 -65.51 62.80 -42.86
N HIS X 45 -64.86 63.00 -41.72
CA HIS X 45 -64.30 61.92 -40.92
C HIS X 45 -65.27 61.65 -39.77
N VAL X 46 -66.15 60.67 -39.97
CA VAL X 46 -67.22 60.36 -39.02
C VAL X 46 -67.06 58.91 -38.58
N ASN X 47 -66.81 58.72 -37.28
CA ASN X 47 -66.74 57.38 -36.72
C ASN X 47 -68.15 56.88 -36.40
N ILE X 48 -68.41 55.62 -36.73
CA ILE X 48 -69.74 55.03 -36.56
C ILE X 48 -69.66 53.91 -35.54
N THR X 49 -70.71 53.77 -34.73
CA THR X 49 -70.86 52.68 -33.79
C THR X 49 -71.80 51.63 -34.36
N SER X 50 -71.63 50.38 -33.93
CA SER X 50 -72.48 49.30 -34.41
C SER X 50 -73.94 49.52 -34.03
N GLN X 51 -74.22 50.33 -33.00
CA GLN X 51 -75.60 50.60 -32.64
C GLN X 51 -76.31 51.42 -33.71
N ALA X 52 -75.79 52.62 -34.00
CA ALA X 52 -76.41 53.46 -35.01
C ALA X 52 -76.29 52.84 -36.40
N LEU X 53 -75.23 52.05 -36.63
CA LEU X 53 -75.10 51.37 -37.91
C LEU X 53 -76.07 50.21 -38.03
N HIS X 54 -76.36 49.53 -36.91
CA HIS X 54 -77.43 48.55 -36.87
C HIS X 54 -78.79 49.22 -36.86
N TYR X 55 -78.88 50.43 -36.30
CA TYR X 55 -80.13 51.16 -36.32
C TYR X 55 -80.47 51.65 -37.73
N ILE X 56 -79.47 52.21 -38.43
CA ILE X 56 -79.67 52.55 -39.84
C ILE X 56 -80.08 51.31 -40.62
N ALA X 57 -79.43 50.17 -40.35
CA ALA X 57 -79.74 48.95 -41.06
C ALA X 57 -81.17 48.48 -40.77
N GLN X 58 -81.59 48.56 -39.51
CA GLN X 58 -82.97 48.21 -39.17
C GLN X 58 -83.96 49.07 -39.92
N LYS X 59 -83.60 50.32 -40.22
CA LYS X 59 -84.46 51.21 -40.99
C LYS X 59 -84.25 51.09 -42.48
N GLY X 60 -83.25 50.33 -42.92
CA GLY X 60 -83.01 50.18 -44.35
C GLY X 60 -82.43 51.40 -45.02
N ILE X 61 -81.67 52.21 -44.29
CA ILE X 61 -81.06 53.41 -44.82
C ILE X 61 -79.69 53.06 -45.40
N LEU X 62 -79.30 53.75 -46.46
CA LEU X 62 -78.04 53.52 -47.13
C LEU X 62 -77.03 54.59 -46.72
N ILE X 63 -75.77 54.19 -46.57
CA ILE X 63 -74.69 55.08 -46.17
C ILE X 63 -73.58 54.99 -47.22
N HIS X 64 -73.27 56.11 -47.86
CA HIS X 64 -72.17 56.23 -48.80
C HIS X 64 -71.06 57.04 -48.15
N PHE X 65 -69.86 56.47 -48.11
CA PHE X 65 -68.72 57.12 -47.48
C PHE X 65 -67.82 57.80 -48.51
N PHE X 66 -67.14 58.85 -48.08
CA PHE X 66 -66.18 59.55 -48.92
C PHE X 66 -65.06 60.11 -48.06
N ASN X 67 -63.94 60.41 -48.71
CA ASN X 67 -62.83 61.15 -48.12
C ASN X 67 -63.08 62.65 -48.29
N HIS X 68 -62.25 63.45 -47.63
CA HIS X 68 -62.43 64.90 -47.69
C HIS X 68 -62.47 65.41 -49.13
N TYR X 69 -61.68 64.81 -50.01
CA TYR X 69 -61.51 65.33 -51.37
C TYR X 69 -62.43 64.68 -52.39
N GLY X 70 -63.31 63.77 -51.97
CA GLY X 70 -64.22 63.12 -52.88
C GLY X 70 -63.85 61.70 -53.27
N TYR X 71 -62.81 61.13 -52.67
CA TYR X 71 -62.41 59.77 -52.96
C TYR X 71 -63.44 58.80 -52.38
N TYR X 72 -64.09 58.04 -53.26
CA TYR X 72 -65.13 57.11 -52.84
C TYR X 72 -64.50 55.86 -52.25
N ASP X 73 -64.84 55.58 -50.99
CA ASP X 73 -64.29 54.41 -50.29
C ASP X 73 -65.23 53.21 -50.34
N GLY X 74 -66.44 53.34 -49.79
CA GLY X 74 -67.35 52.23 -49.72
C GLY X 74 -68.76 52.68 -49.43
N THR X 75 -69.66 51.70 -49.37
CA THR X 75 -71.08 51.95 -49.11
C THR X 75 -71.64 50.82 -48.27
N PHE X 76 -72.51 51.17 -47.33
CA PHE X 76 -73.11 50.20 -46.42
C PHE X 76 -74.46 49.75 -46.98
N TYR X 77 -74.51 48.53 -47.50
CA TYR X 77 -75.73 47.96 -48.04
C TYR X 77 -76.38 47.10 -46.96
N PRO X 78 -77.51 47.49 -46.37
CA PRO X 78 -78.18 46.64 -45.39
C PRO X 78 -78.89 45.47 -46.05
N ARG X 79 -79.32 44.51 -45.22
CA ARG X 79 -80.14 43.42 -45.74
C ARG X 79 -81.56 43.91 -46.02
N GLU X 80 -82.16 44.60 -45.05
CA GLU X 80 -83.54 45.07 -45.18
C GLU X 80 -83.54 46.32 -46.03
N THR X 81 -83.43 46.11 -47.34
CA THR X 81 -83.57 47.18 -48.30
C THR X 81 -85.05 47.47 -48.53
N LEU X 82 -85.34 48.69 -48.97
CA LEU X 82 -86.68 49.01 -49.42
C LEU X 82 -86.84 48.56 -50.88
N LEU X 83 -88.07 48.66 -51.38
CA LEU X 83 -88.36 48.14 -52.71
C LEU X 83 -87.91 49.11 -53.79
N SER X 84 -87.39 48.56 -54.89
CA SER X 84 -86.87 49.36 -56.00
C SER X 84 -86.65 48.41 -57.18
N GLY X 85 -86.08 48.97 -58.25
CA GLY X 85 -85.71 48.19 -59.41
C GLY X 85 -84.24 48.38 -59.74
N ASP X 86 -83.76 47.58 -60.70
CA ASP X 86 -82.35 47.56 -61.02
C ASP X 86 -82.01 48.59 -62.09
N LEU X 87 -81.02 49.43 -61.80
CA LEU X 87 -80.56 50.44 -62.74
C LEU X 87 -79.53 49.86 -63.72
N ILE X 88 -78.56 49.10 -63.19
CA ILE X 88 -77.49 48.59 -64.03
C ILE X 88 -78.03 47.67 -65.12
N ILE X 89 -79.10 46.94 -64.83
CA ILE X 89 -79.76 46.16 -65.89
C ILE X 89 -80.31 47.09 -66.96
N LYS X 90 -81.00 48.15 -66.53
CA LYS X 90 -81.50 49.12 -67.50
C LYS X 90 -80.36 49.73 -68.31
N GLN X 91 -79.26 50.07 -67.64
CA GLN X 91 -78.08 50.53 -68.36
C GLN X 91 -77.67 49.52 -69.43
N ALA X 92 -77.64 48.24 -69.07
CA ALA X 92 -77.26 47.20 -70.03
C ALA X 92 -78.33 46.99 -71.07
N GLU X 93 -79.60 47.19 -70.71
CA GLU X 93 -80.68 47.08 -71.68
C GLU X 93 -80.55 48.15 -72.75
N HIS X 94 -80.19 49.38 -72.34
CA HIS X 94 -80.02 50.47 -73.29
C HIS X 94 -78.70 50.35 -74.04
N TYR X 95 -77.69 49.74 -73.42
CA TYR X 95 -76.47 49.42 -74.14
C TYR X 95 -76.73 48.35 -75.21
N LEU X 96 -77.54 47.34 -74.87
CA LEU X 96 -77.73 46.21 -75.77
C LEU X 96 -78.51 46.63 -77.01
N ASP X 97 -79.73 47.15 -76.83
CA ASP X 97 -80.53 47.61 -77.95
C ASP X 97 -79.83 48.78 -78.62
N LYS X 98 -79.45 48.60 -79.89
CA LYS X 98 -78.54 49.51 -80.57
C LYS X 98 -79.14 50.88 -80.81
N ASN X 99 -80.45 51.04 -80.72
CA ASN X 99 -81.11 52.30 -81.06
C ASN X 99 -81.15 53.29 -79.91
N LYS X 100 -80.90 52.86 -78.68
CA LYS X 100 -80.74 53.76 -77.55
C LYS X 100 -79.28 54.08 -77.25
N ARG X 101 -78.40 53.08 -77.42
CA ARG X 101 -76.96 53.34 -77.36
C ARG X 101 -76.57 54.42 -78.35
N LEU X 102 -76.83 54.17 -79.64
CA LEU X 102 -76.49 55.14 -80.68
C LEU X 102 -77.03 56.52 -80.33
N PHE X 103 -78.23 56.59 -79.76
CA PHE X 103 -78.79 57.87 -79.33
C PHE X 103 -77.92 58.49 -78.25
N LEU X 104 -77.79 57.81 -77.11
CA LEU X 104 -76.96 58.32 -76.02
C LEU X 104 -75.57 58.72 -76.51
N ALA X 105 -75.00 57.93 -77.43
CA ALA X 105 -73.73 58.30 -78.04
C ALA X 105 -73.83 59.65 -78.72
N LYS X 106 -74.71 59.77 -79.72
CA LYS X 106 -74.95 61.04 -80.40
C LYS X 106 -75.02 62.19 -79.40
N SER X 107 -75.83 62.03 -78.35
CA SER X 107 -75.99 63.09 -77.36
C SER X 107 -74.64 63.47 -76.74
N PHE X 108 -73.94 62.49 -76.18
CA PHE X 108 -72.65 62.75 -75.57
C PHE X 108 -71.74 63.54 -76.51
N VAL X 109 -71.66 63.13 -77.77
CA VAL X 109 -70.82 63.84 -78.73
C VAL X 109 -71.36 65.24 -78.99
N VAL X 110 -72.68 65.37 -79.15
CA VAL X 110 -73.28 66.67 -79.37
C VAL X 110 -72.92 67.62 -78.23
N GLY X 111 -72.97 67.12 -77.00
CA GLY X 111 -72.54 67.93 -75.87
C GLY X 111 -71.08 68.34 -76.01
N GLY X 112 -70.22 67.39 -76.37
CA GLY X 112 -68.83 67.73 -76.59
C GLY X 112 -68.64 68.83 -77.61
N ALA X 113 -69.27 68.68 -78.78
CA ALA X 113 -69.02 69.62 -79.88
C ALA X 113 -69.70 70.96 -79.64
N LYS X 114 -70.85 70.98 -78.97
CA LYS X 114 -71.53 72.24 -78.72
C LYS X 114 -70.87 73.01 -77.59
N ASN X 115 -70.42 72.32 -76.53
CA ASN X 115 -69.63 72.98 -75.51
C ASN X 115 -68.31 73.50 -76.09
N MET X 116 -67.67 72.69 -76.94
CA MET X 116 -66.45 73.15 -77.61
C MET X 116 -66.70 74.42 -78.41
N GLU X 117 -67.87 74.51 -79.05
CA GLU X 117 -68.24 75.74 -79.74
C GLU X 117 -68.33 76.90 -78.76
N LYS X 118 -69.22 76.80 -77.78
CA LYS X 118 -69.37 77.85 -76.78
C LYS X 118 -68.03 78.27 -76.19
N ASN X 119 -67.09 77.33 -76.07
CA ASN X 119 -65.73 77.67 -75.65
C ASN X 119 -65.07 78.57 -76.69
N LEU X 120 -65.00 78.11 -77.94
CA LEU X 120 -64.39 78.91 -78.99
C LEU X 120 -65.09 80.25 -79.13
N LYS X 121 -66.42 80.28 -78.94
CA LYS X 121 -67.14 81.54 -79.05
C LYS X 121 -66.89 82.44 -77.85
N ASN X 122 -66.88 81.86 -76.64
CA ASN X 122 -66.61 82.66 -75.44
C ASN X 122 -65.24 83.31 -75.50
N TRP X 123 -64.31 82.73 -76.25
CA TRP X 123 -62.96 83.29 -76.41
C TRP X 123 -62.85 84.18 -77.65
N GLY X 124 -63.92 84.32 -78.43
CA GLY X 124 -63.90 85.22 -79.56
C GLY X 124 -63.24 84.67 -80.80
N ILE X 125 -63.26 83.35 -81.00
CA ILE X 125 -62.67 82.71 -82.16
C ILE X 125 -63.78 82.10 -83.00
N SER X 126 -63.51 81.98 -84.30
CA SER X 126 -64.48 81.41 -85.24
C SER X 126 -64.94 80.03 -84.78
N SER X 127 -66.25 79.88 -84.58
CA SER X 127 -66.75 78.59 -84.07
C SER X 127 -67.00 77.57 -85.17
N ASP X 128 -68.08 77.72 -85.92
CA ASP X 128 -68.40 76.90 -87.08
C ASP X 128 -68.13 75.41 -86.90
N PHE X 129 -68.60 74.83 -85.79
CA PHE X 129 -68.40 73.39 -85.61
C PHE X 129 -69.62 72.55 -85.98
N SER X 130 -70.83 73.00 -85.70
CA SER X 130 -72.00 72.14 -85.87
C SER X 130 -72.14 71.61 -87.30
N ASN X 131 -71.55 72.28 -88.28
CA ASN X 131 -71.67 71.81 -89.66
C ASN X 131 -70.95 70.49 -89.87
N HIS X 132 -69.95 70.18 -89.04
CA HIS X 132 -69.38 68.84 -89.05
C HIS X 132 -70.30 67.84 -88.37
N LEU X 133 -70.97 68.25 -87.29
CA LEU X 133 -71.88 67.34 -86.60
C LEU X 133 -72.91 66.76 -87.56
N LYS X 134 -73.36 67.55 -88.53
CA LYS X 134 -74.35 67.09 -89.49
C LYS X 134 -73.99 65.68 -89.99
N GLU X 135 -72.71 65.46 -90.25
CA GLU X 135 -72.26 64.16 -90.72
C GLU X 135 -72.51 63.07 -89.68
N LEU X 136 -72.58 63.44 -88.41
CA LEU X 136 -72.73 62.45 -87.34
C LEU X 136 -74.17 61.97 -87.21
N GLN X 137 -75.13 62.88 -87.39
CA GLN X 137 -76.53 62.54 -87.13
C GLN X 137 -77.03 61.39 -87.99
N GLY X 138 -76.33 61.05 -89.07
CA GLY X 138 -76.71 59.93 -89.90
C GLY X 138 -75.92 58.67 -89.62
N ALA X 139 -74.71 58.85 -89.10
CA ALA X 139 -73.82 57.72 -88.83
C ALA X 139 -74.52 56.67 -87.99
N LYS X 140 -74.43 55.42 -88.43
CA LYS X 140 -75.07 54.29 -87.75
C LYS X 140 -74.13 53.52 -86.85
N LYS X 141 -72.87 53.34 -87.25
CA LYS X 141 -71.93 52.53 -86.48
C LYS X 141 -71.25 53.38 -85.40
N VAL X 142 -70.79 52.70 -84.34
CA VAL X 142 -70.13 53.39 -83.24
C VAL X 142 -68.77 53.90 -83.67
N THR X 143 -68.02 53.11 -84.43
CA THR X 143 -66.68 53.52 -84.83
C THR X 143 -66.68 54.84 -85.59
N GLU X 144 -67.74 55.11 -86.35
CA GLU X 144 -67.82 56.36 -87.11
C GLU X 144 -68.12 57.54 -86.19
N ILE X 145 -69.04 57.35 -85.24
CA ILE X 145 -69.35 58.41 -84.28
C ILE X 145 -68.09 58.82 -83.51
N MET X 146 -67.22 57.84 -83.21
CA MET X 146 -65.98 58.15 -82.53
C MET X 146 -65.00 58.88 -83.45
N ASN X 147 -64.68 58.28 -84.59
CA ASN X 147 -63.79 58.92 -85.56
C ASN X 147 -64.26 60.33 -85.88
N VAL X 148 -65.57 60.56 -85.91
CA VAL X 148 -66.08 61.90 -86.16
C VAL X 148 -65.76 62.82 -84.99
N GLU X 149 -66.05 62.37 -83.76
CA GLU X 149 -65.66 63.15 -82.59
C GLU X 149 -64.15 63.32 -82.52
N GLY X 150 -63.39 62.44 -83.19
CA GLY X 150 -61.96 62.67 -83.30
C GLY X 150 -61.62 63.80 -84.24
N ARG X 151 -62.21 63.78 -85.44
CA ARG X 151 -62.07 64.92 -86.35
C ARG X 151 -62.44 66.22 -85.65
N ILE X 152 -63.53 66.21 -84.90
CA ILE X 152 -63.98 67.43 -84.21
C ILE X 152 -62.96 67.86 -83.17
N ARG X 153 -62.47 66.90 -82.37
CA ARG X 153 -61.53 67.27 -81.31
C ARG X 153 -60.24 67.84 -81.89
N GLN X 154 -59.77 67.26 -82.99
CA GLN X 154 -58.53 67.75 -83.61
C GLN X 154 -58.74 69.11 -84.27
N GLU X 155 -59.95 69.38 -84.77
CA GLU X 155 -60.23 70.71 -85.28
C GLU X 155 -60.36 71.72 -84.14
N TYR X 156 -60.97 71.30 -83.03
CA TYR X 156 -61.03 72.16 -81.85
C TYR X 156 -59.64 72.58 -81.41
N TYR X 157 -58.76 71.60 -81.21
CA TYR X 157 -57.40 71.91 -80.78
C TYR X 157 -56.65 72.69 -81.86
N ALA X 158 -56.76 72.27 -83.12
CA ALA X 158 -56.05 72.94 -84.20
C ALA X 158 -56.44 74.41 -84.28
N ARG X 159 -57.73 74.71 -84.18
CA ARG X 159 -58.20 76.09 -84.22
C ARG X 159 -58.21 76.74 -82.85
N TRP X 160 -58.01 75.97 -81.77
CA TRP X 160 -57.71 76.59 -80.48
C TRP X 160 -56.31 77.20 -80.48
N ASP X 161 -55.38 76.59 -81.19
CA ASP X 161 -53.99 77.02 -81.21
C ASP X 161 -53.80 78.45 -81.68
N GLU X 162 -54.84 79.09 -82.20
CA GLU X 162 -54.68 80.44 -82.73
C GLU X 162 -54.55 81.50 -81.65
N SER X 163 -54.95 81.19 -80.42
CA SER X 163 -54.87 82.15 -79.31
C SER X 163 -53.71 81.86 -78.36
N LEU X 164 -52.86 80.90 -78.69
CA LEU X 164 -51.86 80.41 -77.73
C LEU X 164 -50.44 80.77 -78.17
N PRO X 165 -49.51 80.85 -77.21
CA PRO X 165 -48.12 81.12 -77.57
C PRO X 165 -47.54 80.00 -78.43
N GLY X 166 -46.46 80.34 -79.14
CA GLY X 166 -45.83 79.37 -80.02
C GLY X 166 -45.46 78.08 -79.32
N GLU X 167 -44.90 78.18 -78.11
CA GLU X 167 -44.49 76.99 -77.38
C GLU X 167 -45.66 76.25 -76.75
N PHE X 168 -46.68 76.98 -76.31
CA PHE X 168 -47.82 76.40 -75.61
C PHE X 168 -48.96 76.08 -76.59
N ARG X 169 -48.66 75.24 -77.57
CA ARG X 169 -49.60 74.90 -78.61
C ARG X 169 -50.12 73.46 -78.46
N ILE X 170 -51.31 73.23 -79.00
CA ILE X 170 -51.86 71.89 -79.18
C ILE X 170 -51.88 71.68 -80.69
N GLY X 171 -52.36 70.53 -81.15
CA GLY X 171 -52.42 70.23 -82.57
C GLY X 171 -52.11 68.77 -82.79
N LYS X 172 -51.36 68.21 -81.84
CA LYS X 172 -51.07 66.78 -81.81
C LYS X 172 -51.34 66.28 -80.40
N ARG X 173 -51.81 65.03 -80.31
CA ARG X 173 -52.12 64.38 -79.05
C ARG X 173 -51.21 63.17 -78.91
N THR X 174 -50.53 63.06 -77.78
CA THR X 174 -49.60 61.96 -77.55
C THR X 174 -49.68 61.48 -76.11
N PRO X 178 -47.10 62.41 -74.07
CA PRO X 178 -46.84 63.86 -73.93
C PRO X 178 -45.72 64.35 -74.83
N LYS X 179 -46.06 65.17 -75.82
CA LYS X 179 -45.08 65.69 -76.77
C LYS X 179 -44.65 67.11 -76.41
N ASN X 180 -45.59 68.04 -76.38
CA ASN X 180 -45.33 69.43 -76.05
C ASN X 180 -45.76 69.68 -74.61
N GLU X 181 -45.76 70.95 -74.21
CA GLU X 181 -46.00 71.30 -72.82
C GLU X 181 -47.49 71.29 -72.49
N MET X 182 -48.31 71.98 -73.27
CA MET X 182 -49.74 72.01 -73.01
C MET X 182 -50.31 70.60 -72.89
N ASN X 183 -49.81 69.66 -73.70
CA ASN X 183 -50.34 68.30 -73.65
C ASN X 183 -50.16 67.68 -72.27
N ALA X 184 -49.15 68.13 -71.52
CA ALA X 184 -48.98 67.66 -70.14
C ALA X 184 -50.04 68.27 -69.23
N LEU X 185 -50.09 69.60 -69.19
CA LEU X 185 -51.11 70.29 -68.40
C LEU X 185 -52.49 69.70 -68.66
N ILE X 186 -52.80 69.43 -69.93
CA ILE X 186 -54.10 68.84 -70.27
C ILE X 186 -54.19 67.42 -69.73
N SER X 187 -53.26 66.55 -70.16
CA SER X 187 -53.33 65.15 -69.78
C SER X 187 -53.44 64.97 -68.27
N PHE X 188 -52.72 65.80 -67.49
CA PHE X 188 -52.80 65.67 -66.05
C PHE X 188 -54.14 66.18 -65.53
N LEU X 189 -54.52 67.39 -65.90
CA LEU X 189 -55.83 67.91 -65.57
C LEU X 189 -56.92 66.92 -65.95
N ASN X 190 -56.79 66.31 -67.14
CA ASN X 190 -57.73 65.28 -67.56
C ASN X 190 -57.75 64.13 -66.56
N SER X 191 -56.57 63.65 -66.16
CA SER X 191 -56.50 62.60 -65.15
C SER X 191 -57.23 63.02 -63.87
N ARG X 192 -57.03 64.27 -63.44
CA ARG X 192 -57.73 64.76 -62.26
C ARG X 192 -59.25 64.75 -62.49
N LEU X 193 -59.69 65.18 -63.68
CA LEU X 193 -61.12 65.15 -63.96
C LEU X 193 -61.65 63.72 -63.98
N TYR X 194 -60.84 62.77 -64.47
CA TYR X 194 -61.22 61.37 -64.40
C TYR X 194 -61.50 60.97 -62.96
N ALA X 195 -60.60 61.33 -62.04
CA ALA X 195 -60.81 61.08 -60.63
C ALA X 195 -62.14 61.66 -60.17
N THR X 196 -62.32 62.97 -60.36
CA THR X 196 -63.55 63.64 -59.95
C THR X 196 -64.77 62.95 -60.54
N MET X 197 -64.65 62.45 -61.77
CA MET X 197 -65.76 61.72 -62.38
C MET X 197 -66.05 60.44 -61.63
N ILE X 198 -65.00 59.68 -61.27
CA ILE X 198 -65.20 58.45 -60.50
C ILE X 198 -65.85 58.78 -59.16
N SER X 199 -65.64 60.00 -58.67
CA SER X 199 -66.26 60.42 -57.41
C SER X 199 -67.75 60.71 -57.60
N GLU X 200 -68.08 61.59 -58.54
CA GLU X 200 -69.45 62.06 -58.69
C GLU X 200 -70.36 61.01 -59.32
N ILE X 201 -69.81 60.04 -60.06
CA ILE X 201 -70.62 58.94 -60.53
C ILE X 201 -71.01 58.02 -59.37
N TYR X 202 -70.01 57.60 -58.58
CA TYR X 202 -70.26 56.68 -57.48
C TYR X 202 -71.27 57.25 -56.48
N ASN X 203 -71.42 58.57 -56.41
CA ASN X 203 -72.40 59.16 -55.50
C ASN X 203 -73.81 58.72 -55.83
N THR X 204 -74.04 58.18 -57.02
CA THR X 204 -75.30 57.57 -57.40
C THR X 204 -75.12 56.06 -57.43
N GLN X 205 -76.17 55.35 -57.87
CA GLN X 205 -76.10 53.91 -58.06
C GLN X 205 -75.77 53.52 -59.50
N LEU X 206 -75.43 54.50 -60.33
CA LEU X 206 -75.00 54.22 -61.69
C LEU X 206 -73.80 53.28 -61.69
N ALA X 207 -73.84 52.29 -62.56
CA ALA X 207 -72.71 51.38 -62.71
C ALA X 207 -71.61 52.08 -63.51
N PRO X 208 -70.38 52.16 -62.99
CA PRO X 208 -69.36 52.98 -63.67
C PRO X 208 -68.75 52.31 -64.88
N THR X 209 -68.84 50.99 -65.00
CA THR X 209 -68.15 50.26 -66.06
C THR X 209 -69.06 49.95 -67.26
N ILE X 210 -70.27 50.47 -67.27
CA ILE X 210 -71.18 50.35 -68.42
C ILE X 210 -71.17 51.68 -69.17
N SER X 211 -70.81 51.64 -70.45
CA SER X 211 -70.63 52.85 -71.26
C SER X 211 -71.29 52.67 -72.62
N TYR X 212 -71.46 53.79 -73.32
CA TYR X 212 -72.08 53.77 -74.65
C TYR X 212 -71.15 54.27 -75.75
N LEU X 213 -70.65 55.51 -75.66
CA LEU X 213 -69.79 56.03 -76.70
C LEU X 213 -68.43 55.35 -76.69
N HIS X 214 -67.97 54.95 -75.51
CA HIS X 214 -66.77 54.14 -75.34
C HIS X 214 -67.19 52.70 -75.06
N GLU X 215 -66.55 51.76 -75.73
CA GLU X 215 -66.86 50.36 -75.49
C GLU X 215 -66.55 50.00 -74.05
N PRO X 216 -67.54 49.54 -73.26
CA PRO X 216 -67.24 49.17 -71.87
C PRO X 216 -66.44 47.87 -71.81
N SER X 217 -65.14 47.98 -72.07
CA SER X 217 -64.28 46.81 -72.18
C SER X 217 -63.73 46.42 -70.82
N GLU X 218 -62.89 45.38 -70.81
CA GLU X 218 -62.37 44.86 -69.56
C GLU X 218 -61.48 45.88 -68.85
N ARG X 219 -61.67 45.98 -67.53
CA ARG X 219 -60.73 46.55 -66.57
C ARG X 219 -60.68 48.06 -66.40
N ARG X 220 -61.64 48.82 -66.91
CA ARG X 220 -61.61 50.27 -66.67
C ARG X 220 -63.00 50.87 -66.75
N PHE X 221 -63.27 51.84 -65.87
CA PHE X 221 -64.51 52.59 -65.96
C PHE X 221 -64.59 53.22 -67.35
N SER X 222 -65.64 52.89 -68.11
CA SER X 222 -65.84 53.49 -69.42
C SER X 222 -66.93 54.54 -69.44
N LEU X 223 -67.67 54.71 -68.34
CA LEU X 223 -68.72 55.73 -68.30
C LEU X 223 -68.13 57.11 -67.97
N ALA X 224 -67.16 57.16 -67.06
CA ALA X 224 -66.49 58.42 -66.78
C ALA X 224 -65.82 58.98 -68.02
N LEU X 225 -65.19 58.11 -68.82
CA LEU X 225 -64.65 58.55 -70.11
C LEU X 225 -65.77 59.12 -70.97
N ASP X 226 -66.90 58.41 -71.07
CA ASP X 226 -68.03 58.90 -71.84
C ASP X 226 -68.48 60.26 -71.33
N LEU X 227 -68.70 60.38 -70.02
CA LEU X 227 -69.20 61.63 -69.46
C LEU X 227 -68.20 62.77 -69.62
N SER X 228 -66.90 62.45 -69.60
CA SER X 228 -65.90 63.51 -69.71
C SER X 228 -66.03 64.27 -71.03
N GLU X 229 -66.49 63.60 -72.09
CA GLU X 229 -66.62 64.26 -73.38
C GLU X 229 -67.41 65.56 -73.28
N ILE X 230 -68.39 65.62 -72.38
CA ILE X 230 -69.16 66.84 -72.19
C ILE X 230 -68.46 67.80 -71.23
N PHE X 231 -67.92 67.28 -70.13
CA PHE X 231 -67.34 68.11 -69.09
C PHE X 231 -65.84 68.38 -69.31
N LYS X 232 -65.17 67.57 -70.12
CA LYS X 232 -63.77 67.83 -70.42
C LYS X 232 -63.54 69.22 -70.99
N PRO X 233 -64.33 69.71 -71.95
CA PRO X 233 -64.11 71.07 -72.46
C PRO X 233 -64.55 72.16 -71.50
N ILE X 234 -65.37 71.86 -70.50
CA ILE X 234 -65.81 72.88 -69.57
C ILE X 234 -64.79 73.10 -68.46
N ILE X 235 -64.26 72.01 -67.90
CA ILE X 235 -63.42 72.10 -66.71
C ILE X 235 -61.94 72.07 -67.09
N ALA X 236 -61.51 70.98 -67.73
CA ALA X 236 -60.10 70.84 -68.09
C ALA X 236 -59.65 72.01 -68.96
N ASP X 237 -60.31 72.20 -70.10
CA ASP X 237 -59.87 73.21 -71.05
C ASP X 237 -59.86 74.60 -70.44
N ARG X 238 -60.91 74.97 -69.70
CA ARG X 238 -61.09 76.37 -69.32
C ARG X 238 -59.95 76.86 -68.43
N ILE X 239 -59.61 76.12 -67.38
CA ILE X 239 -58.47 76.55 -66.57
C ILE X 239 -57.18 76.36 -67.35
N ALA X 240 -57.06 75.23 -68.07
CA ALA X 240 -55.93 75.04 -68.97
C ALA X 240 -55.83 76.16 -70.00
N ASN X 241 -56.93 76.89 -70.21
CA ASN X 241 -56.90 78.05 -71.09
C ASN X 241 -56.40 79.29 -70.36
N ARG X 242 -57.09 79.68 -69.29
CA ARG X 242 -56.74 80.90 -68.57
C ARG X 242 -55.42 80.79 -67.82
N LEU X 243 -54.89 79.57 -67.63
CA LEU X 243 -53.62 79.42 -66.93
C LEU X 243 -52.45 79.77 -67.85
N VAL X 244 -52.52 79.38 -69.11
CA VAL X 244 -51.51 79.78 -70.07
C VAL X 244 -51.52 81.28 -70.28
N LYS X 245 -52.71 81.88 -70.24
CA LYS X 245 -52.84 83.31 -70.52
C LYS X 245 -52.49 84.15 -69.31
N LYS X 246 -53.22 83.97 -68.20
CA LYS X 246 -52.98 84.78 -67.02
C LYS X 246 -51.53 84.70 -66.55
N GLY X 247 -50.79 83.67 -66.97
CA GLY X 247 -49.37 83.61 -66.71
C GLY X 247 -48.97 82.93 -65.42
N ILE X 248 -49.81 82.04 -64.89
CA ILE X 248 -49.48 81.35 -63.64
C ILE X 248 -48.55 80.17 -63.86
N ILE X 249 -48.35 79.74 -65.10
CA ILE X 249 -47.47 78.63 -65.44
C ILE X 249 -46.55 79.07 -66.57
N LYS X 250 -45.27 78.78 -66.45
CA LYS X 250 -44.27 79.10 -67.46
C LYS X 250 -43.53 77.83 -67.85
N LYS X 251 -42.45 77.99 -68.62
CA LYS X 251 -41.58 76.87 -68.93
C LYS X 251 -40.77 76.42 -67.72
N ASP X 252 -40.70 77.25 -66.68
CA ASP X 252 -39.94 76.90 -65.48
C ASP X 252 -40.69 75.94 -64.56
N HIS X 253 -41.97 75.66 -64.83
CA HIS X 253 -42.74 74.74 -64.02
C HIS X 253 -42.74 73.32 -64.59
N PHE X 254 -42.33 73.13 -65.83
CA PHE X 254 -42.43 71.84 -66.51
C PHE X 254 -41.07 71.16 -66.58
N ARG X 255 -41.08 69.84 -66.40
CA ARG X 255 -39.88 69.01 -66.47
C ARG X 255 -39.96 68.12 -67.70
N GLU X 256 -38.80 67.69 -68.18
CA GLU X 256 -38.69 66.83 -69.36
C GLU X 256 -38.08 65.49 -68.96
N ASP X 257 -38.89 64.43 -69.03
CA ASP X 257 -38.41 63.09 -68.69
C ASP X 257 -37.52 62.60 -69.83
N LEU X 258 -37.06 61.35 -69.75
CA LEU X 258 -36.41 60.78 -70.93
C LEU X 258 -37.41 60.64 -72.07
N ASN X 259 -38.67 60.35 -71.74
CA ASN X 259 -39.69 60.15 -72.77
C ASN X 259 -40.27 61.49 -73.24
N GLY X 260 -40.78 62.29 -72.31
CA GLY X 260 -41.36 63.56 -72.70
C GLY X 260 -41.58 64.45 -71.50
N VAL X 261 -42.36 65.51 -71.73
CA VAL X 261 -42.55 66.54 -70.72
C VAL X 261 -43.52 66.05 -69.65
N LEU X 262 -43.43 66.68 -68.48
CA LEU X 262 -44.37 66.46 -67.39
C LEU X 262 -44.28 67.67 -66.45
N LEU X 263 -45.01 67.61 -65.35
CA LEU X 263 -45.09 68.72 -64.41
C LEU X 263 -44.13 68.52 -63.24
N THR X 264 -43.61 69.63 -62.73
CA THR X 264 -42.84 69.59 -61.50
C THR X 264 -43.73 69.17 -60.33
N ASP X 265 -43.09 68.65 -59.28
CA ASP X 265 -43.81 68.39 -58.04
C ASP X 265 -44.56 69.62 -57.57
N GLU X 266 -44.06 70.81 -57.89
CA GLU X 266 -44.74 72.05 -57.51
C GLU X 266 -45.87 72.38 -58.47
N GLY X 267 -45.65 72.23 -59.77
CA GLY X 267 -46.67 72.60 -60.74
C GLY X 267 -47.97 71.84 -60.53
N MET X 268 -47.88 70.56 -60.19
CA MET X 268 -49.08 69.78 -59.93
C MET X 268 -49.87 70.36 -58.76
N LYS X 269 -49.19 70.96 -57.79
CA LYS X 269 -49.89 71.60 -56.68
C LYS X 269 -50.69 72.81 -57.18
N ILE X 270 -50.12 73.59 -58.09
CA ILE X 270 -50.82 74.75 -58.63
C ILE X 270 -52.02 74.31 -59.45
N VAL X 271 -51.82 73.33 -60.34
CA VAL X 271 -52.93 72.81 -61.14
C VAL X 271 -54.01 72.26 -60.22
N THR X 272 -53.62 71.51 -59.18
CA THR X 272 -54.58 70.98 -58.23
C THR X 272 -55.39 72.11 -57.59
N LYS X 273 -54.72 73.18 -57.16
CA LYS X 273 -55.42 74.32 -56.58
C LYS X 273 -56.37 74.94 -57.59
N ALA X 274 -55.84 75.42 -58.71
CA ALA X 274 -56.69 76.01 -59.74
C ALA X 274 -57.84 75.09 -60.10
N TYR X 275 -57.58 73.78 -60.13
CA TYR X 275 -58.64 72.81 -60.40
C TYR X 275 -59.70 72.85 -59.31
N ASN X 276 -59.28 72.66 -58.05
CA ASN X 276 -60.22 72.77 -56.94
C ASN X 276 -60.89 74.14 -56.91
N GLN X 277 -60.21 75.17 -57.41
CA GLN X 277 -60.83 76.49 -57.51
C GLN X 277 -61.89 76.51 -58.60
N GLU X 278 -61.66 75.79 -59.70
CA GLU X 278 -62.63 75.75 -60.78
C GLU X 278 -63.80 74.81 -60.51
N LEU X 279 -63.65 73.88 -59.56
CA LEU X 279 -64.75 72.99 -59.22
C LEU X 279 -65.71 73.61 -58.22
N GLU X 280 -65.30 74.66 -57.52
CA GLU X 280 -66.16 75.42 -56.62
C GLU X 280 -66.37 76.80 -57.25
N LYS X 281 -67.47 76.95 -57.98
CA LYS X 281 -67.77 78.20 -58.67
C LYS X 281 -69.20 78.20 -59.18
N VAL X 292 -74.01 76.23 -59.69
CA VAL X 292 -73.62 75.84 -58.34
C VAL X 292 -72.53 74.79 -58.46
N THR X 293 -71.35 75.07 -57.91
CA THR X 293 -70.37 74.03 -57.61
C THR X 293 -70.22 73.05 -58.78
N ARG X 294 -69.62 73.56 -59.86
CA ARG X 294 -69.55 72.83 -61.12
C ARG X 294 -69.31 71.35 -60.91
N ARG X 295 -68.67 70.99 -59.79
CA ARG X 295 -68.64 69.59 -59.36
C ARG X 295 -70.05 69.00 -59.29
N ARG X 296 -70.98 69.72 -58.64
CA ARG X 296 -72.31 69.16 -58.43
C ARG X 296 -73.04 68.91 -59.75
N LEU X 297 -72.83 69.79 -60.74
CA LEU X 297 -73.45 69.63 -62.05
C LEU X 297 -73.32 68.18 -62.53
N ILE X 298 -72.21 67.53 -62.17
CA ILE X 298 -71.97 66.16 -62.61
C ILE X 298 -73.08 65.24 -62.09
N ARG X 299 -73.50 65.43 -60.85
CA ARG X 299 -74.60 64.63 -60.32
C ARG X 299 -75.89 64.87 -61.10
N LEU X 300 -76.17 66.13 -61.44
CA LEU X 300 -77.39 66.41 -62.19
C LEU X 300 -77.33 65.82 -63.59
N GLU X 301 -76.16 65.92 -64.24
CA GLU X 301 -75.99 65.25 -65.53
C GLU X 301 -76.13 63.74 -65.37
N ALA X 302 -75.54 63.18 -64.31
CA ALA X 302 -75.77 61.77 -64.00
C ALA X 302 -77.23 61.51 -63.67
N TYR X 303 -77.91 62.49 -63.04
CA TYR X 303 -79.35 62.35 -62.83
C TYR X 303 -80.07 62.31 -64.17
N LYS X 304 -79.79 63.29 -65.05
CA LYS X 304 -80.38 63.29 -66.38
C LYS X 304 -80.28 61.92 -67.04
N ILE X 305 -79.16 61.23 -66.86
CA ILE X 305 -79.00 59.91 -67.47
C ILE X 305 -79.93 58.90 -66.81
N ILE X 306 -79.91 58.82 -65.47
CA ILE X 306 -80.81 57.87 -64.81
C ILE X 306 -82.27 58.23 -65.10
N LYS X 307 -82.58 59.54 -65.20
CA LYS X 307 -83.91 59.94 -65.60
C LYS X 307 -84.22 59.47 -67.02
N HIS X 308 -83.19 59.34 -67.86
CA HIS X 308 -83.39 58.81 -69.20
C HIS X 308 -83.45 57.28 -69.20
N LEU X 309 -82.64 56.64 -68.35
CA LEU X 309 -82.59 55.18 -68.35
C LEU X 309 -83.94 54.57 -68.01
N VAL X 310 -84.75 55.27 -67.22
CA VAL X 310 -86.08 54.77 -66.87
C VAL X 310 -87.12 55.17 -67.91
N GLY X 311 -86.82 56.10 -68.79
CA GLY X 311 -87.79 56.55 -69.78
C GLY X 311 -88.75 57.59 -69.27
N VAL X 312 -88.36 58.36 -68.27
CA VAL X 312 -89.20 59.47 -67.80
C VAL X 312 -89.07 60.67 -68.73
N GLU X 313 -87.84 61.07 -69.02
CA GLU X 313 -87.56 62.20 -69.90
C GLU X 313 -86.42 61.83 -70.83
N GLU X 314 -86.53 62.24 -72.09
CA GLU X 314 -85.48 61.99 -73.06
C GLU X 314 -84.19 62.68 -72.62
N TYR X 315 -83.06 62.11 -73.04
CA TYR X 315 -81.77 62.62 -72.61
C TYR X 315 -81.38 63.85 -73.43
N SER X 316 -80.98 64.91 -72.74
CA SER X 316 -80.41 66.09 -73.36
C SER X 316 -79.00 66.30 -72.82
N PRO X 317 -78.01 66.58 -73.68
CA PRO X 317 -76.68 66.90 -73.17
C PRO X 317 -76.68 68.26 -72.49
N LEU X 318 -75.58 68.56 -71.81
CA LEU X 318 -75.45 69.83 -71.10
C LEU X 318 -74.67 70.82 -71.96
N VAL X 319 -75.24 71.99 -72.15
CA VAL X 319 -74.61 73.10 -72.86
C VAL X 319 -74.28 74.19 -71.85
N ALA X 320 -73.04 74.65 -71.85
CA ALA X 320 -72.68 75.79 -71.01
C ALA X 320 -73.44 77.03 -71.47
N TRP X 321 -73.98 77.77 -70.51
CA TRP X 321 -74.54 79.09 -70.76
C TRP X 321 -73.64 80.19 -70.21
N PHE X 322 -72.56 79.83 -69.53
CA PHE X 322 -71.64 80.80 -68.94
C PHE X 322 -70.38 80.91 -69.80
#